data_1TZN
#
_entry.id   1TZN
#
_cell.length_a   158.800
_cell.length_b   158.846
_cell.length_c   214.084
_cell.angle_alpha   69.58
_cell.angle_beta   69.07
_cell.angle_gamma   65.58
#
_symmetry.space_group_name_H-M   'P 1'
#
loop_
_entity.id
_entity.type
_entity.pdbx_description
1 polymer 'Protective antigen'
2 polymer 'Anthrax toxin receptor 2'
3 non-polymer 'CALCIUM ION'
4 non-polymer 'MAGNESIUM ION'
#
loop_
_entity_poly.entity_id
_entity_poly.type
_entity_poly.pdbx_seq_one_letter_code
_entity_poly.pdbx_strand_id
1 'polypeptide(L)'
;TVPDRDNDGIPDSLEVEGYTVDVKNKRTFLSPWISNIHEKKGLTKYKSSPEKWSTASDPYSDFEKVTGRIDKNVSPEARH
PLVAAYPIVHVDMENIILSKNEDQSTQNTDSQTRTISKNTSTSRTHTSEVHGNAEVHASFFDIGGSVSAGFSNSNSSTVA
IDHSLSLAGERTWAETMGLNTADTARLNANIRYVNTGTAPIYNVLPTTSLVLGKNQTLATIKAKENQLSQILAPNNYYPS
KNLAPIALNAQDDFSSTPITMNYNQFLELEKTKQLRLDTDQVYGNIATYNFENGRVRVDTGSNWSEVLPQIQETTARIIF
NGKDLNLVERRIAAVNPSDPLETTKPDMTLKEALKIAFGFNEPNGNLQYQGKDITEFDFNFDQQTSQNIKNQLAELNATN
IYTVLDKIKLNAKMNILIRDKRFHYDRNNIAVGADESVVKEAHREVINSSTEGLLLNIDKDIRKILSGYIVEIEDTEGLK
EVINDRYDMLNISSLRQDGKTFIDFKKYNDKLPLYISNPNYKVNVYAVTKENTIINPSENGDTSTNGIKKILIFSKKGYE
IG
;
A,B,C,D,E,F,G,H,I,J,K,L,M,O
2 'polypeptide(L)'
;SCRRAFDLYFVLDKSGSVANNWIEIYNFVQQLAERFVSPEMRLSFIVFSSQATIILPLTGDRGKISKGLEDLKRVSPVGE
TYIHEGLKLANEQIQKAGGLKTSSIIIALTDGKLDGLVPSYAEKEAKISRSLGASVYCVGVLDFEQAQLERIADSKEQVF
PVKGGFQALKGIINSILAQSC
;
a,b,c,d,e,f,g,h,i,j,k,l,m,o
#
# COMPACT_ATOMS: atom_id res chain seq x y z
N THR A 1 -106.14 21.36 88.58
CA THR A 1 -105.71 22.62 89.24
C THR A 1 -106.26 22.72 90.65
N VAL A 2 -106.77 21.60 91.17
CA VAL A 2 -107.32 21.56 92.51
C VAL A 2 -106.28 21.99 93.54
N PRO A 3 -106.67 22.90 94.46
CA PRO A 3 -105.78 23.41 95.51
C PRO A 3 -105.21 22.32 96.42
N ASP A 4 -103.89 22.27 96.51
CA ASP A 4 -103.18 21.30 97.34
C ASP A 4 -101.73 21.73 97.54
N ARG A 5 -101.49 22.45 98.64
CA ARG A 5 -100.15 22.95 98.95
C ARG A 5 -99.23 21.78 99.32
N ASP A 6 -99.66 20.98 100.29
CA ASP A 6 -98.88 19.83 100.74
C ASP A 6 -98.35 19.03 99.56
N ASN A 7 -99.14 19.00 98.48
CA ASN A 7 -98.77 18.28 97.27
C ASN A 7 -98.79 16.77 97.49
N ASP A 8 -99.44 16.33 98.56
CA ASP A 8 -99.53 14.91 98.86
C ASP A 8 -100.53 14.18 97.98
N GLY A 9 -101.55 14.90 97.53
CA GLY A 9 -102.56 14.28 96.69
C GLY A 9 -103.96 14.33 97.27
N ILE A 10 -104.12 15.08 98.36
CA ILE A 10 -105.41 15.20 99.00
C ILE A 10 -105.79 16.68 99.06
N PRO A 11 -106.64 17.14 98.13
CA PRO A 11 -107.10 18.52 98.05
C PRO A 11 -107.39 19.15 99.40
N ASP A 12 -106.66 20.20 99.71
CA ASP A 12 -106.80 20.92 100.98
C ASP A 12 -108.10 20.63 101.70
N SER A 13 -109.17 21.25 101.23
CA SER A 13 -110.49 21.05 101.83
C SER A 13 -110.64 19.63 102.34
N LEU A 14 -110.66 18.67 101.43
CA LEU A 14 -110.81 17.27 101.78
C LEU A 14 -110.02 16.92 103.02
N GLU A 15 -108.74 17.27 103.02
CA GLU A 15 -107.85 16.97 104.13
C GLU A 15 -108.16 17.77 105.39
N VAL A 16 -108.87 18.89 105.24
CA VAL A 16 -109.19 19.72 106.38
C VAL A 16 -110.61 19.48 106.90
N GLU A 17 -111.56 19.44 105.98
CA GLU A 17 -112.97 19.24 106.31
C GLU A 17 -113.34 17.76 106.47
N GLY A 18 -112.35 16.89 106.33
CA GLY A 18 -112.60 15.47 106.47
C GLY A 18 -112.73 14.73 105.15
N TYR A 19 -112.22 13.51 105.12
CA TYR A 19 -112.27 12.69 103.93
C TYR A 19 -112.07 11.23 104.27
N THR A 20 -112.01 10.40 103.24
CA THR A 20 -111.82 8.98 103.40
C THR A 20 -111.80 8.39 101.99
N VAL A 21 -111.63 7.08 101.89
CA VAL A 21 -111.60 6.44 100.60
C VAL A 21 -112.29 5.10 100.58
N ASP A 22 -112.91 4.79 99.44
CA ASP A 22 -113.61 3.54 99.23
C ASP A 22 -113.30 3.05 97.82
N VAL A 23 -113.94 1.97 97.41
CA VAL A 23 -113.71 1.41 96.08
C VAL A 23 -114.99 1.11 95.31
N LYS A 24 -115.31 1.95 94.33
CA LYS A 24 -116.51 1.79 93.51
C LYS A 24 -116.42 0.45 92.80
N ASN A 25 -116.18 0.49 91.49
CA ASN A 25 -116.05 -0.75 90.73
C ASN A 25 -114.96 -1.53 91.45
N LYS A 26 -113.72 -1.22 91.11
CA LYS A 26 -112.58 -1.86 91.74
C LYS A 26 -111.50 -0.81 91.85
N ARG A 27 -111.90 0.44 91.75
CA ARG A 27 -110.97 1.56 91.82
C ARG A 27 -111.10 2.24 93.17
N THR A 28 -110.08 2.98 93.57
CA THR A 28 -110.08 3.67 94.85
C THR A 28 -110.42 5.14 94.66
N PHE A 29 -111.51 5.58 95.28
CA PHE A 29 -111.93 6.97 95.16
C PHE A 29 -111.74 7.74 96.46
N LEU A 30 -110.98 8.82 96.40
CA LEU A 30 -110.75 9.67 97.55
C LEU A 30 -111.86 10.72 97.53
N SER A 31 -112.82 10.58 98.45
CA SER A 31 -113.96 11.49 98.52
C SER A 31 -114.14 12.14 99.89
N PRO A 32 -114.81 13.31 99.91
CA PRO A 32 -115.06 14.03 101.17
C PRO A 32 -116.01 13.24 102.07
N TRP A 33 -116.11 13.67 103.32
CA TRP A 33 -116.95 12.99 104.30
C TRP A 33 -118.43 13.11 104.01
N ILE A 34 -119.17 12.06 104.32
CA ILE A 34 -120.62 12.02 104.13
C ILE A 34 -121.21 11.18 105.27
N SER A 35 -121.50 11.85 106.38
CA SER A 35 -122.06 11.19 107.57
C SER A 35 -123.07 10.11 107.19
N ASN A 36 -123.75 10.30 106.07
CA ASN A 36 -124.73 9.35 105.61
C ASN A 36 -124.06 8.07 105.09
N ILE A 37 -124.17 7.87 103.77
CA ILE A 37 -123.61 6.70 103.11
C ILE A 37 -122.25 6.23 103.61
N HIS A 38 -121.39 7.15 104.01
CA HIS A 38 -120.07 6.77 104.49
C HIS A 38 -120.06 6.08 105.85
N GLU A 39 -120.46 6.81 106.88
CA GLU A 39 -120.47 6.28 108.25
C GLU A 39 -121.18 4.93 108.35
N LYS A 40 -121.92 4.58 107.30
CA LYS A 40 -122.64 3.31 107.27
C LYS A 40 -121.75 2.16 106.83
N LYS A 41 -121.14 2.29 105.66
CA LYS A 41 -120.27 1.24 105.13
C LYS A 41 -119.12 0.86 106.06
N GLY A 42 -118.96 1.61 107.15
CA GLY A 42 -117.91 1.30 108.10
C GLY A 42 -116.59 2.04 107.95
N LEU A 43 -116.51 2.94 106.98
CA LEU A 43 -115.29 3.71 106.76
C LEU A 43 -114.97 4.59 107.96
N THR A 44 -114.00 5.49 107.80
CA THR A 44 -113.61 6.38 108.88
C THR A 44 -113.46 7.80 108.37
N LYS A 45 -113.42 8.76 109.30
CA LYS A 45 -113.26 10.16 108.94
C LYS A 45 -111.79 10.54 109.08
N TYR A 46 -111.06 10.51 107.96
CA TYR A 46 -109.65 10.84 107.98
C TYR A 46 -109.41 12.33 107.79
N LYS A 47 -109.36 13.07 108.88
CA LYS A 47 -109.12 14.49 108.83
C LYS A 47 -107.65 14.75 109.14
N SER A 48 -106.87 15.10 108.13
CA SER A 48 -105.46 15.35 108.32
C SER A 48 -105.08 16.82 108.15
N SER A 49 -103.82 17.09 107.80
CA SER A 49 -103.37 18.46 107.61
C SER A 49 -102.85 18.69 106.20
N PRO A 50 -103.25 19.80 105.60
CA PRO A 50 -102.88 20.21 104.24
C PRO A 50 -101.51 20.81 104.05
N GLU A 51 -100.83 21.20 105.12
CA GLU A 51 -99.51 21.79 104.92
C GLU A 51 -98.34 20.87 105.26
N LYS A 52 -98.62 19.60 105.50
CA LYS A 52 -97.58 18.64 105.83
C LYS A 52 -97.70 17.40 104.95
N TRP A 53 -96.59 16.98 104.37
CA TRP A 53 -96.57 15.81 103.50
C TRP A 53 -97.02 14.58 104.27
N SER A 54 -96.81 14.62 105.58
CA SER A 54 -97.19 13.53 106.46
C SER A 54 -97.38 14.16 107.83
N THR A 55 -98.62 14.53 108.14
CA THR A 55 -98.92 15.17 109.40
C THR A 55 -98.20 14.60 110.61
N ALA A 56 -97.90 13.31 110.58
CA ALA A 56 -97.20 12.67 111.68
C ALA A 56 -95.70 12.94 111.59
N SER A 57 -95.25 13.36 110.41
CA SER A 57 -93.85 13.67 110.13
C SER A 57 -93.13 12.45 109.57
N ASP A 58 -93.53 11.26 110.03
CA ASP A 58 -92.91 10.03 109.56
C ASP A 58 -92.88 10.01 108.04
N PRO A 59 -92.02 9.17 107.47
CA PRO A 59 -91.86 9.04 106.01
C PRO A 59 -93.01 8.37 105.29
N TYR A 60 -94.20 8.96 105.38
CA TYR A 60 -95.36 8.39 104.71
C TYR A 60 -96.45 9.44 104.47
N SER A 61 -96.56 9.90 103.23
CA SER A 61 -97.55 10.91 102.88
C SER A 61 -98.94 10.53 103.36
N ASP A 62 -99.62 11.48 103.98
CA ASP A 62 -100.97 11.25 104.48
C ASP A 62 -101.67 10.40 103.44
N PHE A 63 -101.59 10.85 102.19
CA PHE A 63 -102.21 10.12 101.11
C PHE A 63 -101.72 8.69 101.09
N GLU A 64 -100.41 8.53 100.92
CA GLU A 64 -99.80 7.21 100.87
C GLU A 64 -100.43 6.23 101.85
N LYS A 65 -100.78 6.72 103.04
CA LYS A 65 -101.38 5.85 104.05
C LYS A 65 -102.81 5.46 103.71
N VAL A 66 -103.73 6.41 103.81
CA VAL A 66 -105.13 6.15 103.54
C VAL A 66 -105.34 5.41 102.23
N THR A 67 -104.67 5.86 101.17
CA THR A 67 -104.80 5.23 99.86
C THR A 67 -104.34 3.79 99.90
N GLY A 68 -103.42 3.48 100.81
CA GLY A 68 -102.91 2.12 100.93
C GLY A 68 -101.65 1.89 100.11
N ARG A 69 -101.30 2.87 99.30
CA ARG A 69 -100.11 2.80 98.46
C ARG A 69 -98.89 3.10 99.33
N ILE A 70 -98.47 2.11 100.10
CA ILE A 70 -97.34 2.26 101.02
C ILE A 70 -96.76 0.89 101.40
N ASP A 71 -95.60 0.89 102.03
CA ASP A 71 -94.96 -0.35 102.46
C ASP A 71 -95.98 -1.14 103.27
N LYS A 72 -96.41 -2.27 102.73
CA LYS A 72 -97.42 -3.09 103.40
C LYS A 72 -97.10 -3.54 104.82
N ASN A 73 -95.88 -3.32 105.29
CA ASN A 73 -95.57 -3.74 106.64
C ASN A 73 -96.03 -2.77 107.70
N VAL A 74 -96.18 -1.50 107.32
CA VAL A 74 -96.61 -0.47 108.26
C VAL A 74 -97.83 -0.93 109.04
N SER A 75 -97.72 -0.87 110.37
CA SER A 75 -98.82 -1.27 111.24
C SER A 75 -100.14 -0.67 110.77
N PRO A 76 -101.24 -1.41 110.89
CA PRO A 76 -102.55 -0.91 110.47
C PRO A 76 -102.90 0.41 111.12
N GLU A 77 -103.01 0.42 112.44
CA GLU A 77 -103.36 1.63 113.18
C GLU A 77 -102.48 2.81 112.84
N ALA A 78 -101.42 2.58 112.07
CA ALA A 78 -100.52 3.66 111.68
C ALA A 78 -100.84 4.08 110.27
N ARG A 79 -101.70 3.32 109.61
CA ARG A 79 -102.09 3.62 108.25
C ARG A 79 -102.90 4.91 108.26
N HIS A 80 -103.21 5.39 109.45
CA HIS A 80 -104.00 6.62 109.65
C HIS A 80 -103.11 7.87 109.67
N PRO A 81 -103.56 8.94 109.01
CA PRO A 81 -102.84 10.21 108.92
C PRO A 81 -102.39 10.87 110.23
N LEU A 82 -102.96 10.45 111.35
CA LEU A 82 -102.57 11.06 112.62
C LEU A 82 -101.88 10.11 113.61
N VAL A 83 -101.48 8.94 113.15
CA VAL A 83 -100.81 7.99 114.01
C VAL A 83 -99.36 7.78 113.57
N ALA A 84 -98.43 8.12 114.45
CA ALA A 84 -97.02 7.99 114.14
C ALA A 84 -96.73 6.63 113.53
N ALA A 85 -95.85 6.61 112.54
CA ALA A 85 -95.49 5.36 111.89
C ALA A 85 -93.99 5.13 112.02
N TYR A 86 -93.47 5.19 113.25
CA TYR A 86 -92.05 4.99 113.47
C TYR A 86 -91.80 3.64 114.13
N PRO A 87 -90.56 3.13 114.00
CA PRO A 87 -90.19 1.85 114.59
C PRO A 87 -89.71 2.01 116.02
N ILE A 88 -89.98 1.00 116.85
CA ILE A 88 -89.56 1.03 118.23
C ILE A 88 -89.12 -0.38 118.58
N VAL A 89 -87.82 -0.55 118.80
CA VAL A 89 -87.26 -1.85 119.10
C VAL A 89 -86.57 -1.91 120.45
N HIS A 90 -86.74 -3.04 121.13
CA HIS A 90 -86.13 -3.27 122.42
C HIS A 90 -85.58 -4.69 122.39
N VAL A 91 -84.68 -5.03 123.30
CA VAL A 91 -84.10 -6.37 123.29
C VAL A 91 -84.63 -7.33 124.35
N ASP A 92 -84.98 -8.53 123.92
CA ASP A 92 -85.49 -9.55 124.82
C ASP A 92 -84.41 -10.62 124.99
N MET A 93 -84.20 -11.02 126.24
CA MET A 93 -83.21 -12.03 126.57
C MET A 93 -83.93 -13.24 127.15
N GLU A 94 -84.02 -14.31 126.36
CA GLU A 94 -84.72 -15.52 126.79
C GLU A 94 -84.05 -16.29 127.91
N ASN A 95 -82.74 -16.49 127.81
CA ASN A 95 -82.01 -17.22 128.83
C ASN A 95 -80.52 -16.93 128.81
N ILE A 96 -79.90 -16.92 129.98
CA ILE A 96 -78.47 -16.67 130.10
C ILE A 96 -77.77 -17.91 130.59
N ILE A 97 -76.45 -17.87 130.58
CA ILE A 97 -75.65 -19.01 131.01
C ILE A 97 -74.33 -18.54 131.59
N LEU A 98 -74.23 -18.59 132.91
CA LEU A 98 -73.03 -18.17 133.62
C LEU A 98 -72.10 -19.36 133.82
N SER A 99 -70.82 -19.14 133.53
CA SER A 99 -69.81 -20.19 133.69
C SER A 99 -68.48 -19.61 134.12
N LYS A 100 -67.65 -20.45 134.74
CA LYS A 100 -66.34 -20.02 135.21
C LYS A 100 -65.42 -19.89 134.00
N ASN A 101 -64.83 -18.71 133.83
CA ASN A 101 -63.95 -18.47 132.71
C ASN A 101 -62.88 -19.57 132.61
N GLU A 102 -62.73 -20.14 131.42
CA GLU A 102 -61.77 -21.21 131.19
C GLU A 102 -60.40 -20.88 131.78
N ASP A 110 -63.17 -30.85 131.79
CA ASP A 110 -63.79 -31.56 132.91
C ASP A 110 -64.93 -30.72 133.50
N SER A 111 -65.08 -29.50 133.00
CA SER A 111 -66.14 -28.60 133.46
C SER A 111 -67.42 -28.79 132.65
N GLN A 112 -68.45 -29.33 133.29
CA GLN A 112 -69.73 -29.57 132.64
C GLN A 112 -70.90 -29.18 133.54
N THR A 113 -70.74 -29.42 134.85
CA THR A 113 -71.78 -29.08 135.82
C THR A 113 -71.36 -27.86 136.65
N ARG A 114 -70.21 -27.30 136.31
CA ARG A 114 -69.71 -26.12 137.02
C ARG A 114 -70.32 -24.89 136.36
N THR A 115 -71.43 -25.08 135.65
CA THR A 115 -72.10 -23.98 134.96
C THR A 115 -73.58 -23.89 135.26
N ILE A 116 -74.04 -22.67 135.54
CA ILE A 116 -75.44 -22.44 135.85
C ILE A 116 -76.14 -21.88 134.61
N SER A 117 -77.35 -22.38 134.34
CA SER A 117 -78.11 -21.93 133.18
C SER A 117 -79.57 -21.71 133.53
N LYS A 118 -79.91 -20.46 133.84
CA LYS A 118 -81.28 -20.12 134.21
C LYS A 118 -81.99 -19.37 133.08
N ASN A 119 -83.31 -19.40 133.09
CA ASN A 119 -84.11 -18.72 132.08
C ASN A 119 -84.30 -17.27 132.51
N THR A 120 -84.89 -16.46 131.64
CA THR A 120 -85.09 -15.05 131.96
C THR A 120 -86.39 -14.49 131.41
N SER A 121 -86.87 -13.42 132.06
CA SER A 121 -88.11 -12.77 131.65
C SER A 121 -87.85 -11.30 131.36
N THR A 122 -87.89 -10.93 130.07
CA THR A 122 -87.64 -9.56 129.66
C THR A 122 -88.96 -8.83 129.41
N SER A 123 -88.93 -7.51 129.46
CA SER A 123 -90.13 -6.70 129.23
C SER A 123 -89.78 -5.21 129.13
N ARG A 124 -90.23 -4.56 128.05
CA ARG A 124 -89.94 -3.14 127.88
C ARG A 124 -90.27 -2.43 129.17
N THR A 125 -89.60 -1.31 129.42
CA THR A 125 -89.82 -0.56 130.64
C THR A 125 -90.15 0.89 130.33
N HIS A 126 -90.23 1.71 131.38
CA HIS A 126 -90.55 3.12 131.22
C HIS A 126 -90.31 3.86 132.53
N THR A 127 -89.20 3.52 133.19
CA THR A 127 -88.82 4.12 134.47
C THR A 127 -89.27 5.57 134.65
N SER A 128 -89.97 5.83 135.75
CA SER A 128 -90.46 7.17 136.06
C SER A 128 -89.55 7.77 137.12
N GLU A 129 -90.08 8.73 137.88
CA GLU A 129 -89.31 9.36 138.94
C GLU A 129 -89.44 8.61 140.26
N VAL A 130 -88.67 9.05 141.26
CA VAL A 130 -88.69 8.41 142.57
C VAL A 130 -89.85 8.92 143.41
N HIS A 131 -89.75 8.75 144.72
CA HIS A 131 -90.79 9.19 145.64
C HIS A 131 -90.68 10.69 145.90
N GLY A 132 -89.57 11.10 146.49
CA GLY A 132 -89.36 12.51 146.78
C GLY A 132 -88.33 12.74 147.86
N ASN A 133 -87.14 12.17 147.68
CA ASN A 133 -86.07 12.32 148.65
C ASN A 133 -84.70 11.97 148.07
N ALA A 134 -84.70 11.28 146.93
CA ALA A 134 -83.47 10.88 146.28
C ALA A 134 -82.59 12.11 146.00
N GLU A 135 -81.48 12.21 146.71
CA GLU A 135 -80.56 13.32 146.54
C GLU A 135 -80.11 13.47 145.09
N VAL A 136 -80.68 14.45 144.40
CA VAL A 136 -80.33 14.70 143.00
C VAL A 136 -79.49 15.98 142.90
N HIS A 137 -78.42 15.91 142.12
CA HIS A 137 -77.53 17.06 141.95
C HIS A 137 -78.29 18.34 141.64
N ALA A 138 -77.72 19.47 142.06
CA ALA A 138 -78.31 20.78 141.86
C ALA A 138 -78.76 21.03 140.43
N SER A 139 -78.10 20.38 139.48
CA SER A 139 -78.43 20.55 138.07
C SER A 139 -79.74 19.87 137.71
N PHE A 140 -80.61 19.67 138.70
CA PHE A 140 -81.89 19.02 138.47
C PHE A 140 -83.02 20.01 138.23
N PHE A 141 -82.94 21.17 138.86
CA PHE A 141 -83.97 22.19 138.71
C PHE A 141 -83.57 23.27 137.71
N ASP A 142 -82.88 22.86 136.64
CA ASP A 142 -82.45 23.78 135.60
C ASP A 142 -83.28 23.55 134.34
N ILE A 143 -82.97 24.29 133.29
CA ILE A 143 -83.69 24.15 132.03
C ILE A 143 -83.11 23.02 131.20
N GLY A 144 -83.91 21.97 131.02
CA GLY A 144 -83.47 20.81 130.26
C GLY A 144 -82.48 19.97 131.03
N GLY A 145 -81.71 20.61 131.89
CA GLY A 145 -80.73 19.91 132.68
C GLY A 145 -81.33 18.95 133.69
N SER A 146 -81.10 17.65 133.49
CA SER A 146 -81.59 16.61 134.37
C SER A 146 -83.11 16.51 134.44
N VAL A 147 -83.81 17.50 133.88
CA VAL A 147 -85.26 17.49 133.89
C VAL A 147 -85.77 16.49 132.85
N SER A 148 -85.61 15.21 133.16
CA SER A 148 -86.04 14.14 132.28
C SER A 148 -87.57 14.07 132.22
N ALA A 149 -88.22 14.92 133.01
CA ALA A 149 -89.68 14.97 133.05
C ALA A 149 -90.26 13.59 133.38
N GLY A 150 -89.50 12.82 134.17
CA GLY A 150 -89.96 11.49 134.55
C GLY A 150 -89.53 10.43 133.55
N PHE A 151 -90.01 10.56 132.32
CA PHE A 151 -89.69 9.62 131.26
C PHE A 151 -89.58 10.30 129.90
N SER A 152 -88.62 9.86 129.09
CA SER A 152 -88.42 10.45 127.77
C SER A 152 -88.15 9.39 126.69
N ASN A 153 -87.66 9.85 125.55
CA ASN A 153 -87.37 8.98 124.41
C ASN A 153 -86.10 8.16 124.56
N SER A 154 -86.27 6.84 124.59
CA SER A 154 -85.17 5.88 124.70
C SER A 154 -85.70 4.51 125.09
N ASN A 155 -85.26 3.50 124.35
CA ASN A 155 -85.68 2.13 124.62
C ASN A 155 -84.80 1.47 125.66
N SER A 156 -85.42 0.95 126.72
CA SER A 156 -84.67 0.28 127.78
C SER A 156 -85.46 -0.90 128.34
N SER A 157 -85.08 -2.10 127.95
CA SER A 157 -85.75 -3.31 128.42
C SER A 157 -85.14 -3.73 129.74
N THR A 158 -85.74 -4.74 130.37
CA THR A 158 -85.24 -5.23 131.64
C THR A 158 -85.50 -6.71 131.79
N VAL A 159 -84.45 -7.45 132.11
CA VAL A 159 -84.55 -8.90 132.29
C VAL A 159 -84.41 -9.26 133.75
N ALA A 160 -84.87 -10.46 134.09
CA ALA A 160 -84.81 -10.97 135.44
C ALA A 160 -84.40 -12.42 135.31
N ILE A 161 -83.49 -12.86 136.17
CA ILE A 161 -83.02 -14.24 136.10
C ILE A 161 -83.82 -15.17 136.99
N ASP A 162 -84.27 -16.29 136.40
CA ASP A 162 -85.05 -17.28 137.13
C ASP A 162 -84.37 -17.57 138.46
N HIS A 163 -85.03 -17.17 139.54
CA HIS A 163 -84.48 -17.37 140.89
C HIS A 163 -84.71 -18.78 141.41
N SER A 164 -85.47 -19.58 140.67
CA SER A 164 -85.76 -20.94 141.09
C SER A 164 -84.51 -21.84 141.05
N LEU A 165 -84.72 -23.15 141.11
CA LEU A 165 -83.62 -24.10 141.10
C LEU A 165 -83.34 -24.69 139.72
N SER A 166 -82.17 -25.30 139.58
CA SER A 166 -81.78 -25.92 138.32
C SER A 166 -81.29 -27.34 138.61
N LEU A 167 -80.71 -27.52 139.80
CA LEU A 167 -80.20 -28.81 140.21
C LEU A 167 -80.89 -29.26 141.50
N ALA A 168 -80.19 -30.08 142.29
CA ALA A 168 -80.75 -30.58 143.54
C ALA A 168 -80.69 -29.54 144.65
N GLY A 169 -79.89 -29.83 145.67
CA GLY A 169 -79.77 -28.92 146.79
C GLY A 169 -78.79 -27.79 146.56
N GLU A 170 -78.65 -27.34 145.32
CA GLU A 170 -77.73 -26.25 145.00
C GLU A 170 -77.90 -25.11 145.99
N ARG A 171 -76.85 -24.32 146.17
CA ARG A 171 -76.90 -23.20 147.09
C ARG A 171 -75.75 -22.23 146.79
N THR A 172 -76.08 -20.96 146.59
CA THR A 172 -75.09 -19.93 146.29
C THR A 172 -74.32 -20.31 145.04
N TRP A 173 -74.67 -19.69 143.91
CA TRP A 173 -74.01 -19.97 142.63
C TRP A 173 -72.53 -20.23 142.85
N ALA A 174 -71.94 -19.52 143.80
CA ALA A 174 -70.53 -19.67 144.11
C ALA A 174 -70.13 -21.15 144.17
N GLU A 175 -70.43 -21.80 145.29
CA GLU A 175 -70.11 -23.21 145.47
C GLU A 175 -70.56 -24.06 144.30
N THR A 176 -71.64 -23.63 143.65
CA THR A 176 -72.18 -24.36 142.50
C THR A 176 -71.18 -24.42 141.36
N MET A 177 -70.64 -23.26 141.00
CA MET A 177 -69.67 -23.16 139.92
C MET A 177 -68.26 -23.39 140.43
N GLY A 178 -67.90 -22.67 141.49
CA GLY A 178 -66.57 -22.78 142.06
C GLY A 178 -65.78 -21.53 141.79
N LEU A 179 -66.35 -20.38 142.10
CA LEU A 179 -65.69 -19.10 141.90
C LEU A 179 -65.11 -18.55 143.18
N ASN A 180 -63.82 -18.24 143.17
CA ASN A 180 -63.14 -17.69 144.33
C ASN A 180 -62.58 -16.31 143.98
N THR A 181 -62.48 -15.46 144.99
CA THR A 181 -61.98 -14.09 144.85
C THR A 181 -61.16 -13.80 143.59
N ALA A 182 -60.13 -14.62 143.35
CA ALA A 182 -59.26 -14.43 142.19
C ALA A 182 -59.72 -15.20 140.96
N ASP A 183 -61.01 -15.09 140.63
CA ASP A 183 -61.56 -15.78 139.48
C ASP A 183 -62.42 -14.88 138.61
N THR A 184 -62.59 -15.28 137.35
CA THR A 184 -63.41 -14.51 136.42
C THR A 184 -64.51 -15.40 135.84
N ALA A 185 -65.71 -14.83 135.76
CA ALA A 185 -66.86 -15.56 135.23
C ALA A 185 -67.28 -14.97 133.89
N ARG A 186 -67.47 -15.84 132.91
CA ARG A 186 -67.87 -15.41 131.58
C ARG A 186 -69.38 -15.56 131.41
N LEU A 187 -70.03 -14.50 130.96
CA LEU A 187 -71.47 -14.50 130.74
C LEU A 187 -71.76 -14.77 129.27
N ASN A 188 -72.93 -15.32 129.02
CA ASN A 188 -73.36 -15.64 127.66
C ASN A 188 -74.86 -15.76 127.70
N ALA A 189 -75.54 -15.44 126.61
CA ALA A 189 -76.99 -15.53 126.57
C ALA A 189 -77.55 -15.55 125.15
N ASN A 190 -78.84 -15.87 125.06
CA ASN A 190 -79.54 -15.91 123.78
C ASN A 190 -80.58 -14.80 123.81
N ILE A 191 -80.42 -13.82 122.94
CA ILE A 191 -81.35 -12.70 122.90
C ILE A 191 -81.91 -12.52 121.51
N ARG A 192 -83.04 -11.83 121.45
CA ARG A 192 -83.73 -11.55 120.19
C ARG A 192 -84.25 -10.12 120.13
N TYR A 193 -83.97 -9.45 119.02
CA TYR A 193 -84.44 -8.09 118.84
C TYR A 193 -85.92 -8.24 118.55
N VAL A 194 -86.72 -7.27 118.99
CA VAL A 194 -88.16 -7.33 118.74
C VAL A 194 -88.73 -5.92 118.62
N ASN A 195 -89.39 -5.68 117.50
CA ASN A 195 -89.99 -4.38 117.22
C ASN A 195 -91.36 -4.28 117.85
N THR A 196 -91.63 -3.12 118.47
CA THR A 196 -92.90 -2.91 119.14
C THR A 196 -93.66 -1.72 118.56
N GLY A 197 -92.99 -0.92 117.74
CA GLY A 197 -93.62 0.25 117.16
C GLY A 197 -94.73 0.06 116.15
N THR A 198 -94.62 0.82 115.05
CA THR A 198 -95.60 0.81 113.98
C THR A 198 -94.94 0.73 112.61
N ALA A 199 -93.62 0.84 112.57
CA ALA A 199 -92.88 0.79 111.31
C ALA A 199 -91.81 -0.30 111.38
N PRO A 200 -91.34 -0.78 110.23
CA PRO A 200 -90.32 -1.82 110.20
C PRO A 200 -88.92 -1.31 109.88
N ILE A 201 -87.90 -2.09 110.24
CA ILE A 201 -86.51 -1.73 109.95
C ILE A 201 -86.01 -2.78 108.97
N TYR A 202 -85.39 -2.35 107.88
CA TYR A 202 -84.93 -3.30 106.88
C TYR A 202 -83.47 -3.76 106.85
N ASN A 203 -82.61 -3.18 107.68
CA ASN A 203 -81.22 -3.60 107.66
C ASN A 203 -80.46 -3.50 108.98
N VAL A 204 -79.75 -2.40 109.19
CA VAL A 204 -78.97 -2.20 110.41
C VAL A 204 -79.81 -2.22 111.69
N LEU A 205 -79.53 -3.18 112.57
CA LEU A 205 -80.23 -3.28 113.84
C LEU A 205 -79.61 -2.32 114.83
N PRO A 206 -80.25 -2.10 115.98
CA PRO A 206 -79.76 -1.19 117.01
C PRO A 206 -78.53 -1.66 117.77
N THR A 207 -77.83 -0.71 118.38
CA THR A 207 -76.62 -0.98 119.15
C THR A 207 -76.99 -1.02 120.63
N THR A 208 -77.55 -2.12 121.08
CA THR A 208 -77.94 -2.25 122.48
C THR A 208 -76.79 -2.61 123.39
N SER A 209 -76.75 -1.98 124.56
CA SER A 209 -75.70 -2.20 125.54
C SER A 209 -76.25 -2.87 126.81
N LEU A 210 -75.61 -3.95 127.22
CA LEU A 210 -76.03 -4.70 128.41
C LEU A 210 -75.38 -4.12 129.66
N VAL A 211 -76.22 -3.70 130.60
CA VAL A 211 -75.73 -3.10 131.84
C VAL A 211 -76.09 -3.94 133.07
N LEU A 212 -75.33 -3.75 134.14
CA LEU A 212 -75.52 -4.46 135.39
C LEU A 212 -75.48 -3.47 136.54
N GLY A 213 -76.63 -3.21 137.15
CA GLY A 213 -76.66 -2.26 138.25
C GLY A 213 -77.02 -0.86 137.78
N LYS A 214 -76.27 0.13 138.23
CA LYS A 214 -76.55 1.52 137.86
C LYS A 214 -75.63 2.10 136.79
N ASN A 215 -74.53 1.41 136.49
CA ASN A 215 -73.62 1.92 135.47
C ASN A 215 -72.61 0.88 135.00
N GLN A 216 -72.50 -0.24 135.71
CA GLN A 216 -71.56 -1.28 135.31
C GLN A 216 -71.98 -1.98 134.02
N THR A 217 -71.38 -1.55 132.91
CA THR A 217 -71.69 -2.12 131.62
C THR A 217 -70.93 -3.43 131.45
N LEU A 218 -71.63 -4.50 131.12
CA LEU A 218 -71.00 -5.79 130.95
C LEU A 218 -70.58 -6.06 129.51
N ALA A 219 -71.12 -5.27 128.58
CA ALA A 219 -70.81 -5.40 127.17
C ALA A 219 -71.73 -4.51 126.35
N THR A 220 -71.48 -4.44 125.05
CA THR A 220 -72.29 -3.63 124.15
C THR A 220 -72.51 -4.40 122.85
N ILE A 221 -73.67 -5.02 122.73
CA ILE A 221 -73.99 -5.81 121.55
C ILE A 221 -74.52 -4.98 120.38
N LYS A 222 -73.88 -5.15 119.23
CA LYS A 222 -74.23 -4.44 118.01
C LYS A 222 -73.85 -5.28 116.78
N ALA A 223 -74.56 -6.38 116.56
CA ALA A 223 -74.29 -7.26 115.42
C ALA A 223 -74.05 -6.46 114.14
N LYS A 224 -73.16 -6.97 113.30
CA LYS A 224 -72.78 -6.32 112.03
C LYS A 224 -73.92 -5.68 111.25
N GLU A 225 -73.60 -4.59 110.55
CA GLU A 225 -74.57 -3.87 109.74
C GLU A 225 -74.66 -4.47 108.34
N ASN A 226 -75.84 -4.36 107.72
CA ASN A 226 -76.07 -4.89 106.39
C ASN A 226 -75.90 -6.40 106.37
N GLN A 227 -75.27 -6.92 107.42
CA GLN A 227 -75.03 -8.35 107.55
C GLN A 227 -76.33 -9.11 107.38
N LEU A 228 -77.43 -8.49 107.81
CA LEU A 228 -78.74 -9.11 107.72
C LEU A 228 -79.63 -8.37 106.74
N SER A 229 -80.48 -9.12 106.04
CA SER A 229 -81.42 -8.54 105.09
C SER A 229 -82.83 -8.85 105.58
N GLN A 230 -82.92 -9.56 106.69
CA GLN A 230 -84.20 -9.92 107.28
C GLN A 230 -84.91 -8.62 107.65
N ILE A 231 -86.22 -8.71 107.89
CA ILE A 231 -86.98 -7.52 108.22
C ILE A 231 -87.48 -7.55 109.66
N LEU A 232 -87.34 -6.42 110.34
CA LEU A 232 -87.78 -6.29 111.71
C LEU A 232 -89.15 -5.64 111.73
N ALA A 233 -90.14 -6.40 111.28
CA ALA A 233 -91.52 -5.92 111.21
C ALA A 233 -92.13 -5.66 112.58
N PRO A 234 -93.26 -4.95 112.63
CA PRO A 234 -93.94 -4.64 113.89
C PRO A 234 -94.35 -5.93 114.60
N ASN A 235 -94.65 -5.82 115.90
CA ASN A 235 -95.04 -6.98 116.69
C ASN A 235 -94.56 -8.25 116.03
N ASN A 236 -93.24 -8.39 115.98
CA ASN A 236 -92.61 -9.56 115.37
C ASN A 236 -91.14 -9.62 115.80
N TYR A 237 -90.82 -10.61 116.63
CA TYR A 237 -89.45 -10.78 117.12
C TYR A 237 -88.48 -10.94 115.95
N TYR A 238 -87.34 -10.25 116.03
CA TYR A 238 -86.35 -10.31 114.96
C TYR A 238 -86.06 -11.72 114.50
N PRO A 239 -85.28 -12.47 115.29
CA PRO A 239 -85.01 -13.83 114.84
C PRO A 239 -86.30 -14.62 114.95
N SER A 240 -87.14 -14.49 113.92
CA SER A 240 -88.44 -15.17 113.87
C SER A 240 -88.58 -16.25 114.93
N LYS A 241 -89.57 -16.08 115.80
CA LYS A 241 -89.83 -17.04 116.87
C LYS A 241 -89.67 -18.49 116.39
N ASN A 242 -89.78 -18.69 115.08
CA ASN A 242 -89.66 -20.02 114.49
C ASN A 242 -88.24 -20.27 113.98
N LEU A 243 -87.26 -19.65 114.63
CA LEU A 243 -85.87 -19.82 114.25
C LEU A 243 -84.96 -19.94 115.47
N ALA A 244 -83.66 -19.74 115.25
CA ALA A 244 -82.69 -19.83 116.32
C ALA A 244 -82.35 -18.46 116.91
N PRO A 245 -82.70 -18.23 118.18
CA PRO A 245 -82.43 -16.97 118.87
C PRO A 245 -80.95 -16.59 118.84
N ILE A 246 -80.66 -15.34 118.53
CA ILE A 246 -79.28 -14.86 118.49
C ILE A 246 -78.64 -15.07 119.84
N ALA A 247 -77.34 -15.38 119.85
CA ALA A 247 -76.59 -15.61 121.08
C ALA A 247 -75.42 -14.64 121.26
N LEU A 248 -75.35 -14.02 122.44
CA LEU A 248 -74.28 -13.08 122.75
C LEU A 248 -72.93 -13.77 122.64
N ASN A 249 -71.87 -12.97 122.51
CA ASN A 249 -70.50 -13.48 122.38
C ASN A 249 -70.40 -14.99 122.37
N ALA A 250 -70.77 -15.60 121.24
CA ALA A 250 -70.73 -17.04 121.09
C ALA A 250 -70.72 -17.45 119.61
N GLN A 251 -70.41 -16.51 118.74
CA GLN A 251 -70.36 -16.79 117.32
C GLN A 251 -69.82 -15.62 116.51
N SER A 255 -66.31 -13.58 117.41
CA SER A 255 -65.91 -12.93 118.65
C SER A 255 -64.53 -13.42 119.12
N SER A 256 -63.82 -12.56 119.87
CA SER A 256 -62.48 -12.88 120.38
C SER A 256 -62.37 -12.36 121.81
N THR A 257 -63.33 -11.54 122.22
CA THR A 257 -63.36 -11.00 123.57
C THR A 257 -64.75 -11.18 124.15
N PRO A 258 -64.94 -12.21 124.98
CA PRO A 258 -66.21 -12.54 125.64
C PRO A 258 -66.71 -11.49 126.61
N ILE A 259 -67.35 -11.94 127.68
CA ILE A 259 -67.90 -11.06 128.70
C ILE A 259 -67.23 -11.31 130.04
N THR A 260 -66.37 -10.38 130.44
CA THR A 260 -65.65 -10.49 131.70
C THR A 260 -66.52 -10.10 132.88
N MET A 261 -66.38 -10.85 133.97
CA MET A 261 -67.13 -10.60 135.18
C MET A 261 -66.36 -11.15 136.39
N ASN A 262 -65.90 -10.24 137.25
CA ASN A 262 -65.14 -10.62 138.43
C ASN A 262 -66.03 -11.07 139.58
N TYR A 263 -65.42 -11.69 140.58
CA TYR A 263 -66.13 -12.21 141.74
C TYR A 263 -67.11 -11.20 142.35
N ASN A 264 -66.65 -9.98 142.57
CA ASN A 264 -67.50 -8.94 143.15
C ASN A 264 -68.72 -8.70 142.27
N GLN A 265 -68.52 -8.68 140.96
CA GLN A 265 -69.62 -8.45 140.03
C GLN A 265 -70.54 -9.67 140.05
N PHE A 266 -69.98 -10.83 139.73
CA PHE A 266 -70.73 -12.07 139.72
C PHE A 266 -71.52 -12.18 141.00
N LEU A 267 -71.03 -11.54 142.05
CA LEU A 267 -71.71 -11.57 143.34
C LEU A 267 -72.98 -10.73 143.23
N GLU A 268 -72.85 -9.49 142.79
CA GLU A 268 -74.01 -8.60 142.63
C GLU A 268 -75.09 -9.27 141.81
N LEU A 269 -74.70 -9.80 140.65
CA LEU A 269 -75.64 -10.47 139.77
C LEU A 269 -76.56 -11.37 140.58
N GLU A 270 -75.97 -12.18 141.45
CA GLU A 270 -76.74 -13.08 142.29
C GLU A 270 -77.62 -12.31 143.27
N LYS A 271 -77.10 -11.21 143.79
CA LYS A 271 -77.85 -10.40 144.75
C LYS A 271 -79.15 -9.81 144.21
N THR A 272 -79.26 -9.67 142.89
CA THR A 272 -80.47 -9.11 142.28
C THR A 272 -81.05 -10.00 141.20
N LYS A 273 -80.20 -10.85 140.63
CA LYS A 273 -80.64 -11.76 139.58
C LYS A 273 -81.33 -11.02 138.44
N GLN A 274 -80.83 -9.81 138.14
CA GLN A 274 -81.41 -9.02 137.06
C GLN A 274 -80.40 -8.11 136.36
N LEU A 275 -80.53 -8.03 135.03
CA LEU A 275 -79.66 -7.20 134.21
C LEU A 275 -80.54 -6.19 133.49
N ARG A 276 -79.92 -5.18 132.87
CA ARG A 276 -80.66 -4.15 132.14
C ARG A 276 -80.20 -4.09 130.69
N LEU A 277 -81.12 -3.76 129.78
CA LEU A 277 -80.78 -3.67 128.37
C LEU A 277 -81.22 -2.35 127.76
N ASP A 278 -80.26 -1.50 127.44
CA ASP A 278 -80.54 -0.21 126.84
C ASP A 278 -80.25 -0.29 125.34
N THR A 279 -81.11 0.31 124.55
CA THR A 279 -80.95 0.27 123.10
C THR A 279 -81.03 1.65 122.47
N ASP A 280 -80.13 1.93 121.54
CA ASP A 280 -80.09 3.21 120.86
C ASP A 280 -81.27 3.33 119.90
N GLN A 281 -81.20 4.29 118.99
CA GLN A 281 -82.30 4.46 118.04
C GLN A 281 -81.83 4.47 116.59
N VAL A 282 -80.55 4.24 116.37
CA VAL A 282 -80.04 4.22 115.01
C VAL A 282 -80.60 3.00 114.29
N TYR A 283 -81.60 3.22 113.46
CA TYR A 283 -82.20 2.12 112.72
C TYR A 283 -81.78 2.25 111.26
N GLY A 284 -81.87 1.15 110.54
CA GLY A 284 -81.48 1.17 109.14
C GLY A 284 -82.27 2.19 108.35
N ASN A 285 -81.94 2.34 107.08
CA ASN A 285 -82.64 3.30 106.23
C ASN A 285 -84.12 2.91 106.16
N ILE A 286 -84.92 3.74 105.50
CA ILE A 286 -86.36 3.46 105.41
C ILE A 286 -86.84 2.99 104.05
N ALA A 287 -87.91 2.20 104.08
CA ALA A 287 -88.50 1.66 102.86
C ALA A 287 -89.67 2.52 102.44
N THR A 288 -89.58 3.14 101.25
CA THR A 288 -90.64 4.01 100.75
C THR A 288 -91.31 3.49 99.47
N TYR A 289 -92.41 4.16 99.10
CA TYR A 289 -93.18 3.80 97.91
C TYR A 289 -92.52 4.32 96.63
N ASN A 290 -93.22 4.21 95.52
CA ASN A 290 -92.72 4.67 94.23
C ASN A 290 -93.79 4.56 93.15
N PHE A 291 -94.71 5.53 93.15
CA PHE A 291 -95.83 5.59 92.21
C PHE A 291 -95.55 5.02 90.81
N GLU A 292 -94.43 5.41 90.22
CA GLU A 292 -94.05 4.96 88.88
C GLU A 292 -94.46 3.51 88.58
N ASN A 293 -93.80 2.57 89.25
CA ASN A 293 -94.09 1.16 89.05
C ASN A 293 -94.53 0.50 90.34
N GLY A 294 -95.12 1.31 91.22
CA GLY A 294 -95.60 0.80 92.50
C GLY A 294 -94.68 -0.21 93.15
N ARG A 295 -93.47 0.22 93.51
CA ARG A 295 -92.51 -0.67 94.14
C ARG A 295 -92.09 -0.16 95.52
N VAL A 296 -91.68 -1.10 96.37
CA VAL A 296 -91.24 -0.78 97.71
C VAL A 296 -89.72 -0.74 97.71
N ARG A 297 -89.15 0.45 97.81
CA ARG A 297 -87.70 0.58 97.80
C ARG A 297 -87.14 1.14 99.10
N VAL A 298 -85.87 0.84 99.35
CA VAL A 298 -85.20 1.31 100.55
C VAL A 298 -84.29 2.46 100.13
N ASP A 299 -84.75 3.69 100.37
CA ASP A 299 -83.97 4.86 99.99
C ASP A 299 -82.81 5.14 100.92
N THR A 300 -81.60 5.00 100.39
CA THR A 300 -80.40 5.25 101.16
C THR A 300 -80.37 6.72 101.58
N GLY A 301 -81.26 7.52 101.00
CA GLY A 301 -81.31 8.92 101.31
C GLY A 301 -82.16 9.31 102.51
N SER A 302 -82.96 8.36 103.01
CA SER A 302 -83.81 8.65 104.16
C SER A 302 -83.69 7.61 105.26
N ASN A 303 -83.06 8.02 106.36
CA ASN A 303 -82.87 7.15 107.51
C ASN A 303 -83.60 7.77 108.69
N TRP A 304 -84.26 6.93 109.49
CA TRP A 304 -85.02 7.41 110.64
C TRP A 304 -84.27 8.46 111.44
N SER A 305 -82.98 8.23 111.66
CA SER A 305 -82.15 9.16 112.42
C SER A 305 -82.35 10.60 111.99
N GLU A 306 -82.89 10.79 110.79
CA GLU A 306 -83.15 12.13 110.27
C GLU A 306 -84.60 12.49 110.54
N VAL A 307 -85.50 11.64 110.04
CA VAL A 307 -86.94 11.84 110.19
C VAL A 307 -87.53 10.96 111.26
N LEU A 308 -87.25 11.30 112.50
CA LEU A 308 -87.76 10.57 113.63
C LEU A 308 -87.88 11.53 114.81
N PRO A 309 -86.85 12.38 115.01
CA PRO A 309 -86.93 13.33 116.12
C PRO A 309 -88.19 14.16 115.97
N GLN A 310 -88.48 14.57 114.74
CA GLN A 310 -89.66 15.37 114.45
C GLN A 310 -90.89 14.76 115.11
N ILE A 311 -91.11 13.48 114.85
CA ILE A 311 -92.24 12.77 115.42
C ILE A 311 -92.33 13.05 116.91
N GLN A 312 -91.21 12.88 117.60
CA GLN A 312 -91.16 13.10 119.04
C GLN A 312 -91.28 14.58 119.42
N GLU A 313 -91.08 15.47 118.45
CA GLU A 313 -91.17 16.91 118.71
C GLU A 313 -92.47 17.53 118.22
N THR A 314 -93.35 16.71 117.66
CA THR A 314 -94.62 17.21 117.17
C THR A 314 -95.73 16.20 117.28
N THR A 315 -95.82 15.54 118.44
CA THR A 315 -96.87 14.55 118.66
C THR A 315 -97.16 14.36 120.14
N ALA A 316 -98.10 13.46 120.41
CA ALA A 316 -98.47 13.15 121.77
C ALA A 316 -98.12 11.69 121.98
N ARG A 317 -97.42 11.39 123.06
CA ARG A 317 -97.03 10.03 123.35
C ARG A 317 -97.94 9.41 124.39
N ILE A 318 -98.45 8.22 124.11
CA ILE A 318 -99.34 7.55 125.06
C ILE A 318 -98.89 6.12 125.28
N ILE A 319 -98.60 5.78 126.54
CA ILE A 319 -98.17 4.45 126.89
C ILE A 319 -99.34 3.68 127.49
N PHE A 320 -99.89 2.76 126.72
CA PHE A 320 -101.03 1.96 127.16
C PHE A 320 -100.64 0.49 127.21
N ASN A 321 -101.30 -0.27 128.08
CA ASN A 321 -101.00 -1.69 128.18
C ASN A 321 -102.28 -2.51 128.27
N GLY A 322 -102.97 -2.61 127.14
CA GLY A 322 -104.21 -3.37 127.11
C GLY A 322 -104.03 -4.69 126.40
N LYS A 323 -103.38 -4.65 125.24
CA LYS A 323 -103.13 -5.85 124.44
C LYS A 323 -102.50 -6.92 125.34
N ASP A 324 -101.83 -6.44 126.38
CA ASP A 324 -101.17 -7.29 127.37
C ASP A 324 -100.79 -6.37 128.51
N LEU A 325 -99.75 -6.73 129.25
CA LEU A 325 -99.31 -5.91 130.35
C LEU A 325 -98.00 -5.23 129.98
N ASN A 326 -97.57 -5.46 128.74
CA ASN A 326 -96.34 -4.88 128.22
C ASN A 326 -96.60 -3.48 127.66
N LEU A 327 -95.94 -2.48 128.27
CA LEU A 327 -96.09 -1.10 127.87
C LEU A 327 -95.97 -0.92 126.36
N VAL A 328 -97.06 -0.50 125.73
CA VAL A 328 -97.07 -0.27 124.29
C VAL A 328 -97.01 1.24 124.06
N GLU A 329 -96.16 1.66 123.12
CA GLU A 329 -96.04 3.09 122.84
C GLU A 329 -96.66 3.46 121.51
N ARG A 330 -97.14 4.68 121.41
CA ARG A 330 -97.76 5.20 120.20
C ARG A 330 -97.83 6.71 120.30
N ARG A 331 -97.62 7.38 119.18
CA ARG A 331 -97.68 8.84 119.17
C ARG A 331 -98.78 9.30 118.21
N ILE A 332 -99.56 10.28 118.65
CA ILE A 332 -100.64 10.80 117.82
C ILE A 332 -100.28 12.18 117.31
N ALA A 333 -100.78 12.51 116.13
CA ALA A 333 -100.52 13.79 115.51
C ALA A 333 -101.13 14.93 116.29
N ALA A 334 -100.49 15.30 117.39
CA ALA A 334 -100.98 16.40 118.22
C ALA A 334 -100.65 17.71 117.52
N VAL A 335 -100.89 18.82 118.20
CA VAL A 335 -100.61 20.13 117.62
C VAL A 335 -99.86 21.00 118.60
N ASN A 336 -99.11 21.96 118.07
CA ASN A 336 -98.35 22.87 118.90
C ASN A 336 -98.82 24.27 118.56
N PRO A 337 -99.11 25.09 119.58
CA PRO A 337 -99.57 26.47 119.37
C PRO A 337 -98.50 27.43 118.86
N SER A 338 -97.28 27.27 119.36
CA SER A 338 -96.18 28.13 118.98
C SER A 338 -95.72 27.91 117.54
N ASP A 339 -96.15 26.81 116.94
CA ASP A 339 -95.75 26.48 115.57
C ASP A 339 -96.85 26.69 114.53
N PRO A 340 -96.69 27.70 113.67
CA PRO A 340 -97.68 27.97 112.63
C PRO A 340 -98.05 26.68 111.93
N LEU A 341 -97.09 26.15 111.18
CA LEU A 341 -97.29 24.91 110.46
C LEU A 341 -98.02 23.88 111.31
N GLU A 342 -97.44 23.56 112.47
CA GLU A 342 -98.02 22.57 113.37
C GLU A 342 -99.40 22.94 113.90
N THR A 343 -100.02 23.93 113.28
CA THR A 343 -101.36 24.35 113.68
C THR A 343 -102.25 23.90 112.55
N THR A 344 -101.63 23.63 111.41
CA THR A 344 -102.33 23.18 110.23
C THR A 344 -102.86 21.78 110.50
N LYS A 345 -102.43 21.22 111.62
CA LYS A 345 -102.83 19.88 112.01
C LYS A 345 -104.24 19.86 112.59
N PRO A 346 -104.91 18.71 112.52
CA PRO A 346 -106.27 18.56 113.03
C PRO A 346 -106.24 18.55 114.56
N ASP A 347 -107.08 19.37 115.18
CA ASP A 347 -107.13 19.42 116.65
C ASP A 347 -107.33 18.01 117.20
N MET A 348 -106.60 17.67 118.27
CA MET A 348 -106.72 16.34 118.82
C MET A 348 -107.30 16.27 120.22
N THR A 349 -108.09 15.24 120.46
CA THR A 349 -108.74 15.01 121.74
C THR A 349 -108.26 13.69 122.33
N LEU A 350 -108.03 13.67 123.63
CA LEU A 350 -107.58 12.47 124.32
C LEU A 350 -108.44 11.28 123.92
N LYS A 351 -109.75 11.49 123.85
CA LYS A 351 -110.68 10.44 123.48
C LYS A 351 -110.32 9.92 122.09
N GLU A 352 -110.63 10.73 121.08
CA GLU A 352 -110.34 10.37 119.69
C GLU A 352 -108.99 9.66 119.62
N ALA A 353 -108.03 10.16 120.37
CA ALA A 353 -106.70 9.56 120.39
C ALA A 353 -106.77 8.08 120.74
N LEU A 354 -107.22 7.78 121.96
CA LEU A 354 -107.33 6.39 122.41
C LEU A 354 -108.15 5.50 121.49
N LYS A 355 -108.82 6.10 120.52
CA LYS A 355 -109.62 5.33 119.58
C LYS A 355 -108.77 4.80 118.44
N ILE A 356 -107.96 5.68 117.85
CA ILE A 356 -107.09 5.29 116.74
C ILE A 356 -105.73 4.80 117.21
N ALA A 357 -105.22 5.43 118.26
CA ALA A 357 -103.92 5.06 118.81
C ALA A 357 -103.82 3.58 119.18
N PHE A 358 -104.81 3.09 119.92
CA PHE A 358 -104.79 1.69 120.34
C PHE A 358 -106.01 0.91 119.87
N GLY A 359 -107.16 1.56 119.80
CA GLY A 359 -108.36 0.88 119.35
C GLY A 359 -109.58 0.94 120.24
N PHE A 360 -109.59 1.84 121.23
CA PHE A 360 -110.74 1.96 122.12
C PHE A 360 -111.98 2.24 121.28
N ASN A 361 -113.12 1.71 121.70
CA ASN A 361 -114.36 1.90 120.97
C ASN A 361 -115.54 2.26 121.87
N GLU A 362 -116.65 2.65 121.24
CA GLU A 362 -117.86 3.01 121.97
C GLU A 362 -118.99 2.04 121.62
N PRO A 363 -119.03 0.88 122.30
CA PRO A 363 -120.05 -0.14 122.07
C PRO A 363 -121.47 0.38 122.31
N ASN A 364 -121.75 0.74 123.56
CA ASN A 364 -123.06 1.26 123.93
C ASN A 364 -122.97 2.68 124.46
N GLY A 365 -121.95 3.41 124.04
CA GLY A 365 -121.78 4.78 124.48
C GLY A 365 -120.70 4.94 125.54
N ASN A 366 -120.03 3.84 125.87
CA ASN A 366 -118.97 3.87 126.86
C ASN A 366 -117.63 3.57 126.22
N LEU A 367 -116.71 4.55 126.30
CA LEU A 367 -115.39 4.41 125.72
C LEU A 367 -114.60 3.32 126.42
N GLN A 368 -114.73 2.08 125.95
CA GLN A 368 -114.03 0.97 126.56
C GLN A 368 -112.98 0.38 125.61
N TYR A 369 -112.24 -0.60 126.10
CA TYR A 369 -111.20 -1.25 125.32
C TYR A 369 -111.39 -2.76 125.29
N GLN A 370 -111.88 -3.28 124.17
CA GLN A 370 -112.10 -4.70 124.01
C GLN A 370 -112.82 -5.30 125.21
N GLY A 371 -113.56 -4.47 125.94
CA GLY A 371 -114.27 -4.94 127.11
C GLY A 371 -114.07 -4.08 128.34
N LYS A 372 -112.83 -3.79 128.68
CA LYS A 372 -112.52 -2.97 129.83
C LYS A 372 -112.97 -1.53 129.59
N ASP A 373 -113.48 -0.88 130.64
CA ASP A 373 -113.94 0.49 130.55
C ASP A 373 -112.80 1.47 130.81
N ILE A 374 -112.74 2.54 130.03
CA ILE A 374 -111.69 3.55 130.16
C ILE A 374 -111.46 3.97 131.61
N THR A 375 -112.42 3.66 132.49
CA THR A 375 -112.29 4.01 133.89
C THR A 375 -111.49 2.98 134.68
N GLU A 376 -111.12 1.89 134.03
CA GLU A 376 -110.34 0.85 134.69
C GLU A 376 -108.84 1.06 134.54
N PHE A 377 -108.45 2.22 134.01
CA PHE A 377 -107.04 2.53 133.82
C PHE A 377 -106.68 3.86 134.44
N ASP A 378 -105.50 3.92 135.05
CA ASP A 378 -105.03 5.14 135.70
C ASP A 378 -104.32 6.06 134.69
N PHE A 379 -104.63 7.35 134.78
CA PHE A 379 -104.02 8.34 133.90
C PHE A 379 -102.87 9.04 134.63
N ASN A 380 -101.66 8.90 134.11
CA ASN A 380 -100.50 9.54 134.72
C ASN A 380 -99.78 10.41 133.70
N PHE A 381 -99.61 11.69 134.03
CA PHE A 381 -98.95 12.64 133.15
C PHE A 381 -97.62 13.08 133.70
N ASP A 382 -96.85 13.79 132.89
CA ASP A 382 -95.55 14.29 133.31
C ASP A 382 -95.69 15.70 133.85
N GLN A 383 -94.63 16.21 134.46
CA GLN A 383 -94.62 17.54 135.04
C GLN A 383 -95.31 18.55 134.13
N GLN A 384 -95.02 18.48 132.84
CA GLN A 384 -95.61 19.38 131.85
C GLN A 384 -97.06 19.03 131.59
N THR A 385 -97.28 17.95 130.83
CA THR A 385 -98.62 17.49 130.48
C THR A 385 -99.62 17.64 131.62
N SER A 386 -99.14 17.49 132.85
CA SER A 386 -100.01 17.63 134.02
C SER A 386 -100.75 18.96 133.97
N GLN A 387 -99.99 20.04 133.98
CA GLN A 387 -100.55 21.39 133.92
C GLN A 387 -101.44 21.57 132.70
N ASN A 388 -100.86 21.38 131.52
CA ASN A 388 -101.57 21.54 130.25
C ASN A 388 -102.96 20.92 130.25
N ILE A 389 -103.15 19.90 131.09
CA ILE A 389 -104.45 19.25 131.18
C ILE A 389 -105.23 19.81 132.38
N LYS A 390 -104.51 20.13 133.45
CA LYS A 390 -105.15 20.69 134.63
C LYS A 390 -105.84 21.99 134.24
N ASN A 391 -105.15 22.81 133.46
CA ASN A 391 -105.69 24.09 133.01
C ASN A 391 -106.95 23.91 132.17
N GLN A 392 -107.10 22.73 131.57
CA GLN A 392 -108.27 22.44 130.77
C GLN A 392 -109.42 22.01 131.67
N LEU A 393 -109.12 21.14 132.62
CA LEU A 393 -110.14 20.67 133.57
C LEU A 393 -110.64 21.85 134.38
N ALA A 394 -109.88 22.94 134.35
CA ALA A 394 -110.23 24.15 135.09
C ALA A 394 -111.26 24.95 134.29
N GLU A 395 -110.88 25.35 133.08
CA GLU A 395 -111.78 26.12 132.23
C GLU A 395 -112.91 25.25 131.68
N LEU A 396 -113.12 24.09 132.30
CA LEU A 396 -114.17 23.17 131.90
C LEU A 396 -114.96 22.71 133.13
N ASN A 397 -114.64 23.30 134.28
CA ASN A 397 -115.29 22.98 135.54
C ASN A 397 -115.64 21.50 135.67
N ALA A 398 -114.70 20.74 136.21
CA ALA A 398 -114.89 19.31 136.42
C ALA A 398 -113.73 18.75 137.23
N THR A 399 -113.99 17.65 137.94
CA THR A 399 -112.97 17.01 138.75
C THR A 399 -112.64 15.63 138.20
N ASN A 400 -113.54 15.10 137.39
CA ASN A 400 -113.34 13.78 136.79
C ASN A 400 -113.01 13.92 135.32
N ILE A 401 -111.79 13.54 134.94
CA ILE A 401 -111.34 13.64 133.57
C ILE A 401 -112.07 12.64 132.65
N TYR A 402 -112.43 11.49 133.19
CA TYR A 402 -113.12 10.46 132.42
C TYR A 402 -114.40 11.02 131.79
N THR A 403 -114.88 12.12 132.34
CA THR A 403 -116.09 12.77 131.83
C THR A 403 -115.73 13.71 130.68
N VAL A 404 -115.01 14.78 131.00
CA VAL A 404 -114.58 15.76 130.01
C VAL A 404 -113.48 15.17 129.13
N LEU A 405 -113.37 13.85 129.15
CA LEU A 405 -112.37 13.13 128.38
C LEU A 405 -112.36 13.62 126.94
N ASP A 406 -113.50 13.50 126.28
CA ASP A 406 -113.65 13.92 124.88
C ASP A 406 -113.57 15.42 124.70
N LYS A 407 -112.86 16.10 125.61
CA LYS A 407 -112.71 17.54 125.51
C LYS A 407 -111.33 17.98 125.98
N ILE A 408 -110.37 17.07 125.95
CA ILE A 408 -109.01 17.38 126.36
C ILE A 408 -108.12 17.54 125.13
N LYS A 409 -107.56 18.73 124.95
CA LYS A 409 -106.71 19.02 123.82
C LYS A 409 -105.30 18.50 124.02
N LEU A 410 -104.86 17.60 123.15
CA LEU A 410 -103.52 17.03 123.25
C LEU A 410 -102.53 17.89 122.45
N ASN A 411 -101.54 18.45 123.13
CA ASN A 411 -100.54 19.28 122.47
C ASN A 411 -99.25 18.50 122.28
N ALA A 412 -98.51 18.81 121.22
CA ALA A 412 -97.26 18.12 120.94
C ALA A 412 -96.37 18.10 122.18
N LYS A 413 -95.54 17.06 122.27
CA LYS A 413 -94.63 16.90 123.40
C LYS A 413 -95.38 16.44 124.65
N MET A 414 -96.66 16.17 124.51
CA MET A 414 -97.46 15.71 125.63
C MET A 414 -97.19 14.23 125.85
N ASN A 415 -97.10 13.81 127.10
CA ASN A 415 -96.84 12.41 127.43
C ASN A 415 -97.93 11.89 128.37
N ILE A 416 -98.46 10.71 128.06
CA ILE A 416 -99.52 10.13 128.87
C ILE A 416 -99.31 8.63 129.09
N LEU A 417 -99.54 8.19 130.33
CA LEU A 417 -99.37 6.77 130.67
C LEU A 417 -100.66 6.10 131.13
N ILE A 418 -101.30 5.37 130.22
CA ILE A 418 -102.53 4.67 130.52
C ILE A 418 -102.23 3.23 130.86
N ARG A 419 -102.35 2.89 132.15
CA ARG A 419 -102.08 1.53 132.60
C ARG A 419 -103.27 0.95 133.35
N ASP A 420 -103.48 -0.35 133.19
CA ASP A 420 -104.59 -1.04 133.86
C ASP A 420 -104.52 -0.74 135.35
N LYS A 421 -105.65 -0.34 135.92
CA LYS A 421 -105.72 0.01 137.34
C LYS A 421 -105.78 -1.20 138.27
N ARG A 422 -105.99 -2.39 137.69
CA ARG A 422 -106.08 -3.61 138.48
C ARG A 422 -104.82 -3.98 139.27
N PHE A 423 -103.76 -4.33 138.56
CA PHE A 423 -102.50 -4.72 139.20
C PHE A 423 -101.68 -3.55 139.74
N HIS A 424 -100.74 -3.86 140.62
CA HIS A 424 -99.86 -2.85 141.19
C HIS A 424 -98.73 -2.63 140.19
N TYR A 425 -97.97 -1.55 140.37
CA TYR A 425 -96.87 -1.27 139.47
C TYR A 425 -95.61 -0.89 140.22
N ASP A 426 -94.47 -1.20 139.61
CA ASP A 426 -93.16 -0.93 140.20
C ASP A 426 -92.57 0.42 139.78
N ARG A 427 -91.25 0.45 139.70
CA ARG A 427 -90.52 1.65 139.32
C ARG A 427 -90.40 1.75 137.80
N ASN A 428 -90.43 0.61 137.13
CA ASN A 428 -90.32 0.57 135.67
C ASN A 428 -91.67 0.46 134.97
N ASN A 429 -92.75 0.55 135.75
CA ASN A 429 -94.10 0.44 135.21
C ASN A 429 -94.35 -0.93 134.61
N ILE A 430 -94.14 -1.97 135.41
CA ILE A 430 -94.35 -3.32 134.94
C ILE A 430 -95.42 -4.05 135.72
N ALA A 431 -96.03 -5.05 135.08
CA ALA A 431 -97.06 -5.85 135.71
C ALA A 431 -96.44 -6.55 136.90
N VAL A 432 -96.59 -5.96 138.07
CA VAL A 432 -96.02 -6.53 139.28
C VAL A 432 -96.94 -7.55 139.93
N GLY A 433 -97.99 -7.06 140.59
CA GLY A 433 -98.94 -7.95 141.25
C GLY A 433 -100.15 -7.18 141.77
N ALA A 434 -101.34 -7.69 141.49
CA ALA A 434 -102.57 -7.04 141.92
C ALA A 434 -102.92 -7.34 143.37
N ASP A 435 -104.20 -7.15 143.71
CA ASP A 435 -104.70 -7.39 145.06
C ASP A 435 -105.21 -8.82 145.19
N GLU A 436 -105.16 -9.35 146.41
CA GLU A 436 -105.60 -10.72 146.69
C GLU A 436 -106.92 -11.03 146.00
N SER A 437 -107.83 -10.05 146.04
CA SER A 437 -109.13 -10.20 145.42
C SER A 437 -108.99 -10.73 144.00
N VAL A 438 -108.61 -9.84 143.09
CA VAL A 438 -108.44 -10.19 141.68
C VAL A 438 -107.66 -11.50 141.54
N VAL A 439 -106.63 -11.67 142.36
CA VAL A 439 -105.82 -12.88 142.31
C VAL A 439 -106.68 -14.12 142.51
N LYS A 440 -107.30 -14.23 143.68
CA LYS A 440 -108.14 -15.38 143.98
C LYS A 440 -109.12 -15.66 142.84
N GLU A 441 -109.83 -14.62 142.43
CA GLU A 441 -110.81 -14.74 141.35
C GLU A 441 -110.28 -15.58 140.18
N ALA A 442 -109.15 -15.17 139.63
CA ALA A 442 -108.54 -15.86 138.49
C ALA A 442 -108.36 -17.36 138.70
N HIS A 443 -108.31 -17.79 139.95
CA HIS A 443 -108.12 -19.20 140.24
C HIS A 443 -109.42 -19.93 140.61
N ARG A 444 -110.49 -19.16 140.82
CA ARG A 444 -111.78 -19.74 141.19
C ARG A 444 -112.13 -20.95 140.32
N GLU A 445 -111.59 -21.01 139.11
CA GLU A 445 -111.87 -22.11 138.21
C GLU A 445 -110.94 -23.31 138.43
N VAL A 446 -111.52 -24.50 138.38
CA VAL A 446 -110.78 -25.74 138.57
C VAL A 446 -111.15 -26.70 137.43
N ILE A 447 -110.19 -27.51 136.98
CA ILE A 447 -110.45 -28.45 135.90
C ILE A 447 -110.15 -29.89 136.30
N ASN A 448 -109.11 -30.08 137.10
CA ASN A 448 -108.73 -31.43 137.52
C ASN A 448 -107.86 -31.43 138.77
N SER A 449 -108.38 -32.00 139.85
CA SER A 449 -107.65 -32.09 141.10
C SER A 449 -107.03 -33.49 141.20
N SER A 450 -105.75 -33.55 141.51
CA SER A 450 -105.06 -34.83 141.62
C SER A 450 -103.94 -34.80 142.66
N THR A 451 -103.50 -35.98 143.07
CA THR A 451 -102.43 -36.10 144.04
C THR A 451 -101.11 -35.80 143.35
N GLU A 452 -101.20 -35.47 142.06
CA GLU A 452 -100.03 -35.16 141.26
C GLU A 452 -99.90 -33.65 141.04
N GLY A 453 -100.98 -33.04 140.55
CA GLY A 453 -100.96 -31.61 140.30
C GLY A 453 -102.29 -31.08 139.82
N LEU A 454 -102.60 -29.85 140.22
CA LEU A 454 -103.86 -29.21 139.83
C LEU A 454 -103.79 -28.65 138.42
N LEU A 455 -104.92 -28.73 137.71
CA LEU A 455 -105.02 -28.21 136.36
C LEU A 455 -106.09 -27.14 136.36
N LEU A 456 -105.68 -25.89 136.14
CA LEU A 456 -106.62 -24.78 136.13
C LEU A 456 -106.56 -23.99 134.82
N ASN A 457 -107.51 -23.08 134.66
CA ASN A 457 -107.60 -22.23 133.48
C ASN A 457 -107.39 -20.79 133.94
N ILE A 458 -106.37 -20.59 134.75
CA ILE A 458 -106.04 -19.27 135.29
C ILE A 458 -105.93 -18.20 134.20
N ASP A 459 -106.37 -16.99 134.54
CA ASP A 459 -106.34 -15.87 133.60
C ASP A 459 -104.91 -15.46 133.25
N LYS A 460 -104.66 -15.25 131.97
CA LYS A 460 -103.34 -14.86 131.48
C LYS A 460 -102.87 -13.56 132.12
N ASP A 461 -103.69 -12.52 131.99
CA ASP A 461 -103.38 -11.21 132.56
C ASP A 461 -102.95 -11.31 134.02
N ILE A 462 -103.50 -12.29 134.73
CA ILE A 462 -103.17 -12.47 136.14
C ILE A 462 -101.89 -13.28 136.29
N ARG A 463 -101.95 -14.53 135.83
CA ARG A 463 -100.82 -15.43 135.92
C ARG A 463 -99.49 -14.73 135.72
N LYS A 464 -99.49 -13.68 134.90
CA LYS A 464 -98.28 -12.94 134.61
C LYS A 464 -97.73 -12.15 135.80
N ILE A 465 -98.51 -12.03 136.88
CA ILE A 465 -98.04 -11.31 138.06
C ILE A 465 -97.76 -12.28 139.20
N LEU A 466 -97.62 -13.55 138.87
CA LEU A 466 -97.36 -14.58 139.88
C LEU A 466 -95.97 -15.19 139.76
N SER A 467 -95.26 -15.21 140.88
CA SER A 467 -93.92 -15.77 140.94
C SER A 467 -94.01 -17.29 141.03
N GLY A 468 -94.84 -17.78 141.95
CA GLY A 468 -95.00 -19.21 142.12
C GLY A 468 -96.07 -19.60 143.12
N TYR A 469 -96.12 -20.89 143.45
CA TYR A 469 -97.09 -21.40 144.40
C TYR A 469 -96.43 -22.23 145.49
N ILE A 470 -96.94 -22.10 146.72
CA ILE A 470 -96.41 -22.84 147.86
C ILE A 470 -97.36 -23.97 148.22
N VAL A 471 -96.90 -25.21 148.03
CA VAL A 471 -97.73 -26.38 148.34
C VAL A 471 -97.52 -26.81 149.78
N GLU A 472 -98.60 -26.88 150.56
CA GLU A 472 -98.51 -27.29 151.95
C GLU A 472 -99.68 -28.18 152.34
N ILE A 473 -99.76 -28.50 153.63
CA ILE A 473 -100.82 -29.35 154.15
C ILE A 473 -101.18 -28.96 155.59
N GLU A 474 -102.43 -28.58 155.80
CA GLU A 474 -102.91 -28.18 157.12
C GLU A 474 -103.60 -29.34 157.82
N ASP A 475 -103.12 -29.69 159.00
CA ASP A 475 -103.69 -30.77 159.78
C ASP A 475 -105.08 -30.39 160.27
N THR A 476 -105.92 -31.39 160.53
CA THR A 476 -107.27 -31.15 161.01
C THR A 476 -107.29 -30.31 162.28
N GLU A 477 -106.13 -30.10 162.87
CA GLU A 477 -106.02 -29.31 164.10
C GLU A 477 -105.60 -27.87 163.79
N GLY A 478 -104.51 -27.71 163.06
CA GLY A 478 -104.03 -26.38 162.71
C GLY A 478 -102.54 -26.34 162.44
N LEU A 479 -102.05 -27.35 161.73
CA LEU A 479 -100.63 -27.43 161.39
C LEU A 479 -100.33 -26.77 160.05
N LYS A 480 -99.12 -26.24 159.91
CA LYS A 480 -98.72 -25.59 158.68
C LYS A 480 -97.54 -26.31 158.01
N GLU A 481 -97.74 -27.59 157.69
CA GLU A 481 -96.71 -28.38 157.03
C GLU A 481 -96.65 -27.97 155.56
N VAL A 482 -95.47 -27.55 155.11
CA VAL A 482 -95.30 -27.11 153.72
C VAL A 482 -94.38 -28.03 152.94
N ILE A 483 -94.74 -28.32 151.69
CA ILE A 483 -93.93 -29.17 150.83
C ILE A 483 -92.69 -28.37 150.44
N ASN A 484 -92.71 -27.80 149.23
CA ASN A 484 -91.60 -26.98 148.76
C ASN A 484 -91.51 -25.76 149.65
N ASP A 485 -90.73 -25.87 150.72
CA ASP A 485 -90.59 -24.79 151.69
C ASP A 485 -89.45 -23.83 151.42
N ARG A 486 -88.68 -24.06 150.35
CA ARG A 486 -87.56 -23.17 150.03
C ARG A 486 -87.94 -22.15 148.97
N TYR A 487 -87.54 -20.91 149.19
CA TYR A 487 -87.86 -19.82 148.26
C TYR A 487 -87.61 -20.20 146.81
N ASP A 488 -86.63 -21.05 146.59
CA ASP A 488 -86.29 -21.48 145.24
C ASP A 488 -87.09 -22.70 144.78
N MET A 489 -88.09 -23.07 145.56
CA MET A 489 -88.93 -24.21 145.21
C MET A 489 -90.33 -23.77 144.84
N LEU A 490 -90.44 -22.54 144.33
CA LEU A 490 -91.73 -21.99 143.93
C LEU A 490 -92.00 -22.33 142.47
N ASN A 491 -90.94 -22.68 141.75
CA ASN A 491 -91.04 -23.04 140.34
C ASN A 491 -91.82 -24.34 140.13
N ILE A 492 -93.13 -24.22 139.99
CA ILE A 492 -93.98 -25.38 139.78
C ILE A 492 -95.00 -25.18 138.65
N SER A 493 -95.72 -24.06 138.71
CA SER A 493 -96.75 -23.75 137.72
C SER A 493 -96.24 -23.92 136.29
N SER A 494 -96.83 -24.87 135.57
CA SER A 494 -96.48 -25.11 134.18
C SER A 494 -97.56 -24.47 133.31
N LEU A 495 -97.63 -24.86 132.04
CA LEU A 495 -98.63 -24.28 131.15
C LEU A 495 -98.77 -25.03 129.84
N ARG A 496 -99.87 -25.77 129.69
CA ARG A 496 -100.13 -26.53 128.48
C ARG A 496 -100.46 -25.56 127.36
N GLN A 497 -100.16 -25.94 126.12
CA GLN A 497 -100.43 -25.08 124.98
C GLN A 497 -101.94 -24.95 124.74
N ASP A 498 -102.73 -25.53 125.62
CA ASP A 498 -104.19 -25.47 125.50
C ASP A 498 -104.70 -24.26 126.27
N GLY A 499 -103.80 -23.56 126.93
CA GLY A 499 -104.19 -22.38 127.69
C GLY A 499 -104.53 -22.63 129.14
N LYS A 500 -104.21 -23.83 129.64
CA LYS A 500 -104.50 -24.18 131.02
C LYS A 500 -103.22 -24.36 131.84
N THR A 501 -103.15 -23.63 132.95
CA THR A 501 -102.00 -23.70 133.85
C THR A 501 -101.99 -25.02 134.62
N PHE A 502 -100.94 -25.81 134.42
CA PHE A 502 -100.83 -27.10 135.10
C PHE A 502 -99.84 -27.07 136.24
N ILE A 503 -100.36 -27.21 137.46
CA ILE A 503 -99.51 -27.21 138.66
C ILE A 503 -99.07 -28.65 138.94
N ASP A 504 -97.95 -28.79 139.63
CA ASP A 504 -97.43 -30.11 139.98
C ASP A 504 -96.77 -30.07 141.34
N PHE A 505 -97.21 -30.94 142.23
CA PHE A 505 -96.65 -31.02 143.58
C PHE A 505 -95.44 -31.93 143.53
N LYS A 506 -95.47 -32.88 142.59
CA LYS A 506 -94.40 -33.86 142.42
C LYS A 506 -93.02 -33.27 142.11
N LYS A 507 -92.99 -32.15 141.41
CA LYS A 507 -91.72 -31.51 141.05
C LYS A 507 -90.89 -31.23 142.30
N TYR A 508 -91.52 -31.28 143.46
CA TYR A 508 -90.84 -31.05 144.73
C TYR A 508 -91.30 -31.99 145.83
N ASN A 509 -91.17 -33.29 145.58
CA ASN A 509 -91.55 -34.34 146.53
C ASN A 509 -91.08 -35.70 146.03
N ASP A 510 -89.77 -35.83 145.81
CA ASP A 510 -89.19 -37.07 145.34
C ASP A 510 -89.88 -37.62 144.09
N LYS A 511 -90.33 -36.71 143.22
CA LYS A 511 -91.00 -37.11 141.98
C LYS A 511 -92.20 -38.01 142.25
N LEU A 512 -92.61 -38.11 143.50
CA LEU A 512 -93.75 -38.95 143.87
C LEU A 512 -94.96 -38.10 144.25
N PRO A 513 -96.16 -38.57 143.89
CA PRO A 513 -97.41 -37.84 144.19
C PRO A 513 -97.61 -37.57 145.67
N LEU A 514 -98.66 -36.82 145.99
CA LEU A 514 -98.99 -36.46 147.36
C LEU A 514 -99.05 -37.65 148.31
N TYR A 515 -98.90 -37.36 149.59
CA TYR A 515 -98.95 -38.36 150.64
C TYR A 515 -100.08 -37.99 151.60
N ILE A 516 -101.20 -38.69 151.49
CA ILE A 516 -102.35 -38.43 152.35
C ILE A 516 -102.55 -39.51 153.39
N SER A 517 -101.93 -39.32 154.56
CA SER A 517 -102.05 -40.28 155.64
C SER A 517 -103.47 -40.25 156.18
N ASN A 518 -104.11 -39.09 156.07
CA ASN A 518 -105.47 -38.90 156.54
C ASN A 518 -106.23 -38.04 155.53
N PRO A 519 -107.09 -38.66 154.71
CA PRO A 519 -107.88 -37.95 153.70
C PRO A 519 -108.93 -37.01 154.28
N ASN A 520 -108.50 -36.17 155.21
CA ASN A 520 -109.40 -35.19 155.85
C ASN A 520 -108.64 -33.90 156.12
N TYR A 521 -107.42 -33.82 155.59
CA TYR A 521 -106.58 -32.64 155.76
C TYR A 521 -107.01 -31.52 154.81
N LYS A 522 -106.10 -30.60 154.54
CA LYS A 522 -106.38 -29.49 153.65
C LYS A 522 -105.16 -29.11 152.81
N VAL A 523 -105.11 -29.60 151.57
CA VAL A 523 -103.99 -29.29 150.69
C VAL A 523 -104.02 -27.81 150.35
N ASN A 524 -103.30 -27.01 151.12
CA ASN A 524 -103.25 -25.57 150.90
C ASN A 524 -102.15 -25.15 149.94
N VAL A 525 -102.56 -24.75 148.74
CA VAL A 525 -101.65 -24.29 147.70
C VAL A 525 -101.83 -22.79 147.54
N TYR A 526 -100.83 -22.02 147.96
CA TYR A 526 -100.89 -20.58 147.87
C TYR A 526 -100.26 -20.05 146.59
N ALA A 527 -100.40 -18.74 146.39
CA ALA A 527 -99.84 -18.08 145.22
C ALA A 527 -99.00 -16.91 145.70
N VAL A 528 -97.88 -16.65 145.04
CA VAL A 528 -97.01 -15.54 145.42
C VAL A 528 -96.77 -14.59 144.26
N THR A 529 -97.31 -13.38 144.39
CA THR A 529 -97.14 -12.37 143.35
C THR A 529 -95.67 -11.97 143.27
N LYS A 530 -95.25 -11.49 142.11
CA LYS A 530 -93.87 -11.08 141.93
C LYS A 530 -93.46 -10.07 143.00
N GLU A 531 -94.25 -9.02 143.15
CA GLU A 531 -93.95 -7.98 144.15
C GLU A 531 -93.57 -8.54 145.51
N ASN A 532 -94.16 -9.68 145.88
CA ASN A 532 -93.89 -10.29 147.17
C ASN A 532 -92.74 -11.28 147.18
N THR A 533 -92.72 -12.18 146.20
CA THR A 533 -91.70 -13.21 146.11
C THR A 533 -90.28 -12.78 146.47
N ILE A 534 -89.53 -13.70 147.06
CA ILE A 534 -88.16 -13.46 147.46
C ILE A 534 -87.24 -14.23 146.51
N ILE A 535 -85.97 -13.82 146.44
CA ILE A 535 -85.01 -14.45 145.56
C ILE A 535 -83.73 -14.92 146.24
N ASN A 536 -83.50 -14.48 147.47
CA ASN A 536 -82.30 -14.86 148.20
C ASN A 536 -82.57 -15.04 149.68
N PRO A 537 -81.78 -15.90 150.35
CA PRO A 537 -81.90 -16.17 151.79
C PRO A 537 -81.84 -14.90 152.63
N SER A 538 -82.29 -14.99 153.88
CA SER A 538 -82.29 -13.84 154.78
C SER A 538 -80.90 -13.58 155.32
N GLU A 539 -80.75 -12.51 156.10
CA GLU A 539 -79.47 -12.14 156.69
C GLU A 539 -78.70 -13.36 157.17
N ASN A 540 -79.44 -14.40 157.54
CA ASN A 540 -78.86 -15.65 158.00
C ASN A 540 -78.80 -16.64 156.86
N GLY A 541 -79.60 -17.70 156.96
CA GLY A 541 -79.65 -18.71 155.92
C GLY A 541 -81.05 -19.28 155.81
N ASP A 542 -82.03 -18.43 156.10
CA ASP A 542 -83.43 -18.84 156.05
C ASP A 542 -83.89 -19.10 154.62
N THR A 543 -83.70 -20.34 154.17
CA THR A 543 -84.11 -20.71 152.81
C THR A 543 -85.56 -21.17 152.85
N SER A 544 -86.27 -20.80 153.92
CA SER A 544 -87.66 -21.18 154.08
C SER A 544 -88.65 -20.17 153.55
N THR A 545 -89.92 -20.58 153.51
CA THR A 545 -91.01 -19.73 153.03
C THR A 545 -91.66 -19.02 154.21
N ASN A 546 -90.94 -18.93 155.32
CA ASN A 546 -91.43 -18.29 156.53
C ASN A 546 -91.89 -16.86 156.25
N GLY A 547 -90.94 -15.96 156.02
CA GLY A 547 -91.27 -14.58 155.76
C GLY A 547 -91.72 -14.30 154.34
N ILE A 548 -92.98 -14.62 154.04
CA ILE A 548 -93.54 -14.40 152.72
C ILE A 548 -94.98 -13.91 152.83
N LYS A 549 -95.49 -13.31 151.76
CA LYS A 549 -96.85 -12.82 151.74
C LYS A 549 -97.60 -13.55 150.64
N LYS A 550 -97.92 -14.82 150.87
CA LYS A 550 -98.62 -15.61 149.86
C LYS A 550 -100.13 -15.36 149.93
N ILE A 551 -100.86 -15.95 148.99
CA ILE A 551 -102.30 -15.78 148.93
C ILE A 551 -102.99 -17.13 148.72
N LEU A 552 -104.02 -17.39 149.51
CA LEU A 552 -104.78 -18.64 149.43
C LEU A 552 -105.46 -18.78 148.07
N ILE A 553 -105.09 -19.81 147.33
CA ILE A 553 -105.67 -20.06 146.01
C ILE A 553 -106.41 -21.39 145.98
N PHE A 554 -106.01 -22.33 146.83
CA PHE A 554 -106.64 -23.63 146.88
C PHE A 554 -106.78 -24.10 148.32
N SER A 555 -107.68 -25.05 148.55
CA SER A 555 -107.91 -25.59 149.89
C SER A 555 -109.00 -26.66 149.92
N LYS A 556 -108.72 -27.79 149.28
CA LYS A 556 -109.69 -28.89 149.24
C LYS A 556 -109.30 -29.98 150.23
N LYS A 557 -110.28 -30.82 150.59
CA LYS A 557 -110.05 -31.90 151.54
C LYS A 557 -109.41 -33.11 150.87
N GLY A 558 -108.90 -34.02 151.69
CA GLY A 558 -108.27 -35.23 151.17
C GLY A 558 -109.21 -36.09 150.34
N TYR A 559 -110.47 -36.12 150.74
CA TYR A 559 -111.46 -36.92 150.02
C TYR A 559 -112.08 -36.14 148.87
N GLU A 560 -111.77 -34.85 148.80
CA GLU A 560 -112.30 -33.99 147.74
C GLU A 560 -111.28 -33.84 146.61
N ILE A 561 -110.47 -34.87 146.41
CA ILE A 561 -109.46 -34.86 145.37
C ILE A 561 -109.34 -36.25 144.72
N GLY A 562 -108.75 -37.18 145.46
CA GLY A 562 -108.59 -38.53 144.95
C GLY A 562 -107.51 -39.31 145.69
N SER B 1 -59.93 -44.82 174.76
CA SER B 1 -60.29 -46.05 175.46
C SER B 1 -61.80 -46.25 175.50
N CYS B 2 -62.35 -46.36 176.70
CA CYS B 2 -63.78 -46.53 176.88
C CYS B 2 -64.44 -45.25 177.40
N ARG B 3 -65.74 -45.13 177.20
CA ARG B 3 -66.49 -43.96 177.63
C ARG B 3 -67.84 -44.36 178.22
N ARG B 4 -68.56 -43.38 178.76
CA ARG B 4 -69.87 -43.65 179.36
C ARG B 4 -70.94 -42.69 178.83
N ALA B 5 -70.53 -41.47 178.53
CA ALA B 5 -71.45 -40.44 178.03
C ALA B 5 -71.53 -40.39 176.51
N PHE B 6 -72.66 -40.83 175.97
CA PHE B 6 -72.88 -40.83 174.52
C PHE B 6 -74.02 -39.89 174.17
N ASP B 7 -73.91 -39.24 173.02
CA ASP B 7 -74.93 -38.32 172.54
C ASP B 7 -75.44 -38.84 171.21
N LEU B 8 -76.67 -39.36 171.20
CA LEU B 8 -77.24 -39.91 169.98
C LEU B 8 -78.07 -38.88 169.21
N TYR B 9 -77.75 -38.73 167.94
CA TYR B 9 -78.46 -37.80 167.06
C TYR B 9 -79.34 -38.59 166.11
N PHE B 10 -80.64 -38.27 166.09
CA PHE B 10 -81.57 -38.99 165.23
C PHE B 10 -82.06 -38.18 164.04
N VAL B 11 -81.26 -38.17 162.98
CA VAL B 11 -81.60 -37.47 161.76
C VAL B 11 -82.58 -38.38 161.01
N LEU B 12 -83.81 -37.90 160.83
CA LEU B 12 -84.84 -38.68 160.17
C LEU B 12 -85.31 -38.12 158.83
N ASP B 13 -85.32 -38.99 157.82
CA ASP B 13 -85.76 -38.62 156.48
C ASP B 13 -87.27 -38.64 156.43
N LYS B 14 -87.90 -37.46 156.45
CA LYS B 14 -89.35 -37.41 156.40
C LYS B 14 -89.81 -37.00 154.99
N SER B 15 -89.13 -37.53 153.97
CA SER B 15 -89.48 -37.22 152.58
C SER B 15 -90.58 -38.14 152.08
N GLY B 16 -91.27 -37.70 151.04
CA GLY B 16 -92.35 -38.50 150.48
C GLY B 16 -91.95 -39.90 150.07
N SER B 17 -90.71 -40.05 149.61
CA SER B 17 -90.20 -41.34 149.19
C SER B 17 -90.30 -42.39 150.28
N VAL B 18 -90.16 -41.94 151.53
CA VAL B 18 -90.22 -42.84 152.69
C VAL B 18 -91.46 -42.53 153.52
N ALA B 19 -92.55 -42.15 152.86
CA ALA B 19 -93.79 -41.83 153.54
C ALA B 19 -94.55 -43.09 153.94
N ASN B 20 -94.17 -44.22 153.35
CA ASN B 20 -94.81 -45.49 153.63
C ASN B 20 -94.26 -46.16 154.88
N ASN B 21 -92.94 -46.30 154.93
CA ASN B 21 -92.27 -46.94 156.06
C ASN B 21 -91.77 -45.96 157.11
N TRP B 22 -92.60 -44.99 157.48
CA TRP B 22 -92.20 -44.03 158.51
C TRP B 22 -92.22 -44.67 159.89
N ILE B 23 -93.23 -45.49 160.13
CA ILE B 23 -93.36 -46.16 161.42
C ILE B 23 -92.09 -46.93 161.79
N GLU B 24 -91.55 -47.69 160.83
CA GLU B 24 -90.34 -48.47 161.06
C GLU B 24 -89.24 -47.55 161.58
N ILE B 25 -89.13 -46.38 160.97
CA ILE B 25 -88.14 -45.39 161.35
C ILE B 25 -88.43 -44.91 162.77
N TYR B 26 -89.70 -44.69 163.08
CA TYR B 26 -90.09 -44.26 164.41
C TYR B 26 -89.82 -45.36 165.42
N ASN B 27 -90.11 -46.60 165.02
CA ASN B 27 -89.89 -47.73 165.90
C ASN B 27 -88.40 -47.85 166.22
N PHE B 28 -87.57 -47.72 165.20
CA PHE B 28 -86.13 -47.80 165.38
C PHE B 28 -85.64 -46.69 166.31
N VAL B 29 -86.31 -45.54 166.24
CA VAL B 29 -85.96 -44.39 167.06
C VAL B 29 -86.63 -44.51 168.43
N GLN B 30 -87.58 -45.43 168.54
CA GLN B 30 -88.29 -45.65 169.79
C GLN B 30 -87.66 -46.83 170.52
N GLN B 31 -87.29 -47.87 169.76
CA GLN B 31 -86.66 -49.06 170.31
C GLN B 31 -85.22 -48.77 170.72
N LEU B 32 -84.70 -47.65 170.22
CA LEU B 32 -83.33 -47.25 170.53
C LEU B 32 -83.33 -46.32 171.74
N ALA B 33 -84.31 -45.45 171.82
CA ALA B 33 -84.43 -44.52 172.94
C ALA B 33 -84.92 -45.29 174.15
N GLU B 34 -85.46 -46.48 173.88
CA GLU B 34 -85.97 -47.38 174.91
C GLU B 34 -84.81 -48.14 175.54
N ARG B 35 -83.76 -48.35 174.75
CA ARG B 35 -82.57 -49.05 175.20
C ARG B 35 -81.68 -48.17 176.08
N PHE B 36 -80.91 -47.29 175.43
CA PHE B 36 -80.02 -46.39 176.14
C PHE B 36 -80.81 -45.45 177.03
N VAL B 37 -80.87 -45.78 178.32
CA VAL B 37 -81.61 -44.97 179.28
C VAL B 37 -80.69 -44.42 180.37
N SER B 38 -79.44 -44.15 180.00
CA SER B 38 -78.47 -43.62 180.94
C SER B 38 -78.54 -42.09 180.91
N PRO B 39 -78.54 -41.45 182.10
CA PRO B 39 -78.60 -39.99 182.21
C PRO B 39 -77.52 -39.27 181.40
N GLU B 40 -76.54 -40.04 180.94
CA GLU B 40 -75.44 -39.49 180.15
C GLU B 40 -75.71 -39.71 178.67
N MET B 41 -76.81 -40.40 178.37
CA MET B 41 -77.21 -40.68 177.00
C MET B 41 -78.16 -39.60 176.46
N ARG B 42 -77.64 -38.40 176.30
CA ARG B 42 -78.45 -37.29 175.79
C ARG B 42 -78.86 -37.56 174.34
N LEU B 43 -80.17 -37.60 174.10
CA LEU B 43 -80.68 -37.84 172.76
C LEU B 43 -81.12 -36.56 172.09
N SER B 44 -81.21 -36.60 170.76
CA SER B 44 -81.62 -35.44 169.97
C SER B 44 -82.32 -35.95 168.71
N PHE B 45 -83.47 -35.37 168.41
CA PHE B 45 -84.21 -35.78 167.22
C PHE B 45 -84.18 -34.72 166.12
N ILE B 46 -84.08 -35.17 164.88
CA ILE B 46 -84.05 -34.29 163.73
C ILE B 46 -84.74 -34.95 162.54
N VAL B 47 -85.50 -34.15 161.79
CA VAL B 47 -86.21 -34.67 160.62
C VAL B 47 -86.00 -33.75 159.42
N PHE B 48 -85.50 -34.31 158.33
CA PHE B 48 -85.25 -33.52 157.14
C PHE B 48 -86.15 -33.95 155.97
N SER B 49 -86.14 -33.12 154.93
CA SER B 49 -86.92 -33.36 153.72
C SER B 49 -86.61 -32.19 152.79
N SER B 50 -87.52 -31.22 152.76
CA SER B 50 -87.34 -30.03 151.95
C SER B 50 -86.46 -29.13 152.81
N GLN B 51 -86.36 -29.50 154.08
CA GLN B 51 -85.57 -28.76 155.04
C GLN B 51 -85.71 -29.46 156.38
N ALA B 52 -84.59 -29.64 157.08
CA ALA B 52 -84.61 -30.33 158.37
C ALA B 52 -84.98 -29.43 159.54
N THR B 53 -85.43 -30.07 160.62
CA THR B 53 -85.82 -29.36 161.82
C THR B 53 -85.37 -30.09 163.09
N ILE B 54 -85.09 -29.33 164.14
CA ILE B 54 -84.65 -29.88 165.41
C ILE B 54 -85.87 -30.24 166.27
N ILE B 55 -86.33 -31.48 166.12
CA ILE B 55 -87.48 -31.95 166.89
C ILE B 55 -87.13 -31.99 168.38
N LEU B 56 -86.06 -32.71 168.70
CA LEU B 56 -85.60 -32.84 170.07
C LEU B 56 -84.15 -32.42 170.22
N PRO B 57 -83.88 -31.37 171.02
CA PRO B 57 -82.50 -30.89 171.22
C PRO B 57 -81.65 -32.00 171.83
N LEU B 58 -80.41 -31.68 172.17
CA LEU B 58 -79.52 -32.66 172.75
C LEU B 58 -79.62 -32.60 174.27
N THR B 59 -80.29 -33.58 174.87
CA THR B 59 -80.47 -33.63 176.31
C THR B 59 -80.87 -35.03 176.78
N GLY B 60 -80.72 -35.28 178.08
CA GLY B 60 -81.07 -36.58 178.63
C GLY B 60 -82.21 -36.50 179.62
N ASP B 61 -83.33 -35.92 179.19
CA ASP B 61 -84.51 -35.77 180.03
C ASP B 61 -85.72 -36.40 179.34
N ARG B 62 -86.06 -37.62 179.73
CA ARG B 62 -87.19 -38.34 179.14
C ARG B 62 -88.47 -37.52 179.12
N GLY B 63 -88.52 -36.48 179.96
CA GLY B 63 -89.70 -35.64 180.00
C GLY B 63 -89.92 -35.01 178.64
N LYS B 64 -88.82 -34.62 178.01
CA LYS B 64 -88.87 -34.01 176.67
C LYS B 64 -88.57 -35.07 175.62
N ILE B 65 -87.87 -36.12 176.02
CA ILE B 65 -87.53 -37.21 175.11
C ILE B 65 -88.81 -37.90 174.65
N SER B 66 -89.65 -38.27 175.61
CA SER B 66 -90.92 -38.91 175.29
C SER B 66 -91.71 -37.92 174.44
N LYS B 67 -91.60 -36.65 174.80
CA LYS B 67 -92.28 -35.58 174.08
C LYS B 67 -91.90 -35.65 172.61
N GLY B 68 -90.61 -35.84 172.36
CA GLY B 68 -90.12 -35.94 171.00
C GLY B 68 -90.69 -37.16 170.31
N LEU B 69 -90.62 -38.30 171.00
CA LEU B 69 -91.13 -39.55 170.45
C LEU B 69 -92.62 -39.42 170.11
N GLU B 70 -93.31 -38.56 170.84
CA GLU B 70 -94.74 -38.33 170.59
C GLU B 70 -94.92 -37.52 169.32
N ASP B 71 -93.97 -36.62 169.06
CA ASP B 71 -94.02 -35.78 167.87
C ASP B 71 -93.61 -36.56 166.63
N LEU B 72 -92.52 -37.32 166.76
CA LEU B 72 -92.03 -38.12 165.63
C LEU B 72 -93.09 -39.13 165.21
N LYS B 73 -93.95 -39.49 166.16
CA LYS B 73 -95.02 -40.44 165.91
C LYS B 73 -96.04 -39.79 164.98
N ARG B 74 -96.36 -38.54 165.26
CA ARG B 74 -97.32 -37.77 164.47
C ARG B 74 -96.62 -36.96 163.38
N VAL B 75 -95.95 -37.65 162.47
CA VAL B 75 -95.25 -37.00 161.37
C VAL B 75 -95.74 -37.50 160.03
N SER B 76 -95.85 -36.58 159.06
CA SER B 76 -96.31 -36.92 157.73
C SER B 76 -95.14 -36.79 156.74
N PRO B 77 -94.46 -37.92 156.47
CA PRO B 77 -93.32 -37.95 155.54
C PRO B 77 -93.64 -37.40 154.16
N VAL B 78 -93.14 -36.20 153.88
CA VAL B 78 -93.37 -35.57 152.59
C VAL B 78 -92.37 -34.44 152.34
N GLY B 79 -91.98 -34.27 151.08
CA GLY B 79 -91.02 -33.24 150.73
C GLY B 79 -89.80 -33.83 150.06
N GLU B 80 -88.93 -32.97 149.56
CA GLU B 80 -87.71 -33.43 148.90
C GLU B 80 -86.82 -34.24 149.85
N THR B 81 -85.63 -34.60 149.36
CA THR B 81 -84.71 -35.38 150.17
C THR B 81 -83.40 -34.62 150.37
N TYR B 82 -83.42 -33.64 151.26
CA TYR B 82 -82.22 -32.85 151.55
C TYR B 82 -81.57 -33.33 152.84
N ILE B 83 -81.05 -34.55 152.78
CA ILE B 83 -80.39 -35.18 153.93
C ILE B 83 -79.25 -34.35 154.49
N HIS B 84 -78.38 -33.88 153.61
CA HIS B 84 -77.23 -33.07 154.04
C HIS B 84 -77.65 -32.03 155.06
N GLU B 85 -78.72 -31.31 154.77
CA GLU B 85 -79.21 -30.28 155.68
C GLU B 85 -79.42 -30.87 157.07
N GLY B 86 -79.96 -32.08 157.11
CA GLY B 86 -80.19 -32.73 158.38
C GLY B 86 -78.90 -33.04 159.11
N LEU B 87 -78.00 -33.74 158.44
CA LEU B 87 -76.71 -34.09 159.02
C LEU B 87 -76.04 -32.83 159.55
N LYS B 88 -76.37 -31.69 158.93
CA LYS B 88 -75.79 -30.41 159.35
C LYS B 88 -76.32 -30.01 160.72
N LEU B 89 -77.64 -29.99 160.86
CA LEU B 89 -78.25 -29.62 162.12
C LEU B 89 -77.73 -30.53 163.23
N ALA B 90 -77.07 -31.61 162.84
CA ALA B 90 -76.50 -32.55 163.78
C ALA B 90 -75.15 -32.03 164.25
N ASN B 91 -74.28 -31.71 163.29
CA ASN B 91 -72.95 -31.20 163.61
C ASN B 91 -73.04 -29.85 164.32
N GLU B 92 -74.05 -29.06 163.97
CA GLU B 92 -74.24 -27.77 164.59
C GLU B 92 -74.38 -27.94 166.10
N GLN B 93 -75.07 -29.01 166.50
CA GLN B 93 -75.28 -29.32 167.92
C GLN B 93 -73.98 -29.80 168.56
N ILE B 94 -73.26 -30.63 167.83
CA ILE B 94 -72.00 -31.19 168.31
C ILE B 94 -70.98 -30.08 168.55
N GLN B 95 -70.63 -29.36 167.49
CA GLN B 95 -69.64 -28.28 167.59
C GLN B 95 -69.99 -27.25 168.65
N LYS B 96 -71.26 -27.22 169.07
CA LYS B 96 -71.69 -26.29 170.10
C LYS B 96 -71.54 -26.93 171.47
N ALA B 97 -71.28 -28.24 171.48
CA ALA B 97 -71.10 -28.99 172.71
C ALA B 97 -69.63 -29.09 173.10
N GLY B 98 -68.76 -29.04 172.10
CA GLY B 98 -67.33 -29.12 172.36
C GLY B 98 -66.53 -29.65 171.18
N GLY B 99 -67.23 -30.04 170.12
CA GLY B 99 -66.56 -30.56 168.95
C GLY B 99 -65.97 -31.93 169.21
N LEU B 100 -64.65 -32.02 169.22
CA LEU B 100 -63.97 -33.28 169.47
C LEU B 100 -64.21 -33.68 170.92
N LYS B 101 -64.39 -32.66 171.77
CA LYS B 101 -64.64 -32.86 173.19
C LYS B 101 -65.97 -33.55 173.46
N THR B 102 -66.56 -34.13 172.41
CA THR B 102 -67.84 -34.81 172.55
C THR B 102 -67.89 -36.10 171.75
N SER B 103 -68.35 -37.18 172.40
CA SER B 103 -68.48 -38.47 171.76
C SER B 103 -69.91 -38.57 171.27
N SER B 104 -70.14 -38.26 170.00
CA SER B 104 -71.47 -38.30 169.42
C SER B 104 -71.68 -39.46 168.46
N ILE B 105 -72.94 -39.85 168.27
CA ILE B 105 -73.30 -40.94 167.38
C ILE B 105 -74.48 -40.52 166.50
N ILE B 106 -74.16 -39.96 165.34
CA ILE B 106 -75.19 -39.51 164.41
C ILE B 106 -75.85 -40.70 163.71
N ILE B 107 -77.16 -40.81 163.86
CA ILE B 107 -77.92 -41.90 163.27
C ILE B 107 -78.94 -41.32 162.27
N ALA B 108 -78.62 -41.42 160.99
CA ALA B 108 -79.50 -40.90 159.95
C ALA B 108 -80.38 -41.97 159.33
N LEU B 109 -81.69 -41.74 159.38
CA LEU B 109 -82.66 -42.66 158.81
C LEU B 109 -83.11 -42.10 157.46
N THR B 110 -82.86 -42.86 156.40
CA THR B 110 -83.24 -42.41 155.07
C THR B 110 -83.22 -43.56 154.06
N ASP B 111 -83.74 -43.27 152.88
CA ASP B 111 -83.78 -44.27 151.81
C ASP B 111 -82.48 -44.26 151.02
N GLY B 112 -81.61 -43.30 151.30
CA GLY B 112 -80.34 -43.20 150.61
C GLY B 112 -80.49 -42.85 149.14
N LYS B 113 -81.72 -42.60 148.70
CA LYS B 113 -82.00 -42.25 147.32
C LYS B 113 -81.88 -40.73 147.14
N LEU B 114 -80.65 -40.23 147.16
CA LEU B 114 -80.41 -38.80 147.01
C LEU B 114 -80.33 -38.45 145.52
N ASP B 115 -80.47 -37.16 145.20
CA ASP B 115 -80.41 -36.72 143.82
C ASP B 115 -79.68 -35.39 143.64
N GLY B 116 -79.14 -35.18 142.44
CA GLY B 116 -78.42 -33.96 142.14
C GLY B 116 -77.21 -33.68 143.00
N LEU B 117 -77.20 -32.52 143.64
CA LEU B 117 -76.09 -32.13 144.50
C LEU B 117 -76.18 -32.74 145.88
N VAL B 118 -77.39 -33.14 146.27
CA VAL B 118 -77.59 -33.75 147.58
C VAL B 118 -76.49 -34.77 147.89
N PRO B 119 -76.20 -35.68 146.93
CA PRO B 119 -75.17 -36.69 147.14
C PRO B 119 -73.83 -36.05 147.51
N SER B 120 -73.36 -35.17 146.63
CA SER B 120 -72.10 -34.48 146.84
C SER B 120 -72.06 -33.82 148.23
N TYR B 121 -73.05 -32.98 148.51
CA TYR B 121 -73.13 -32.28 149.78
C TYR B 121 -73.32 -33.22 150.96
N ALA B 122 -74.15 -34.25 150.78
CA ALA B 122 -74.40 -35.21 151.84
C ALA B 122 -73.08 -35.87 152.23
N GLU B 123 -72.41 -36.46 151.24
CA GLU B 123 -71.14 -37.12 151.46
C GLU B 123 -70.17 -36.16 152.15
N LYS B 124 -70.13 -34.92 151.68
CA LYS B 124 -69.24 -33.92 152.26
C LYS B 124 -69.69 -33.53 153.67
N GLU B 125 -70.97 -33.18 153.80
CA GLU B 125 -71.50 -32.78 155.10
C GLU B 125 -71.33 -33.91 156.11
N ALA B 126 -71.27 -35.14 155.60
CA ALA B 126 -71.10 -36.32 156.45
C ALA B 126 -69.68 -36.37 156.99
N LYS B 127 -68.71 -36.10 156.12
CA LYS B 127 -67.32 -36.11 156.53
C LYS B 127 -67.10 -34.96 157.51
N ILE B 128 -67.95 -33.95 157.41
CA ILE B 128 -67.89 -32.80 158.30
C ILE B 128 -68.27 -33.27 159.69
N SER B 129 -68.93 -34.43 159.74
CA SER B 129 -69.35 -35.01 161.00
C SER B 129 -68.17 -35.75 161.63
N ARG B 130 -67.61 -36.68 160.85
CA ARG B 130 -66.47 -37.46 161.32
C ARG B 130 -65.27 -36.56 161.59
N SER B 131 -65.40 -35.29 161.24
CA SER B 131 -64.33 -34.33 161.46
C SER B 131 -64.57 -33.59 162.77
N LEU B 132 -65.53 -34.10 163.55
CA LEU B 132 -65.86 -33.51 164.83
C LEU B 132 -65.90 -34.58 165.92
N GLY B 133 -65.11 -35.62 165.74
CA GLY B 133 -65.08 -36.69 166.70
C GLY B 133 -66.44 -37.34 166.86
N ALA B 134 -67.04 -37.73 165.75
CA ALA B 134 -68.35 -38.35 165.76
C ALA B 134 -68.44 -39.51 164.77
N SER B 135 -69.43 -40.38 164.98
CA SER B 135 -69.63 -41.53 164.11
C SER B 135 -70.99 -41.41 163.42
N VAL B 136 -71.02 -41.70 162.13
CA VAL B 136 -72.25 -41.62 161.34
C VAL B 136 -72.87 -42.99 161.08
N TYR B 137 -74.17 -43.10 161.30
CA TYR B 137 -74.90 -44.34 161.07
C TYR B 137 -76.05 -44.16 160.10
N CYS B 138 -75.99 -44.85 158.97
CA CYS B 138 -77.03 -44.78 157.95
C CYS B 138 -77.99 -45.95 158.04
N VAL B 139 -79.04 -45.80 158.83
CA VAL B 139 -80.04 -46.86 158.97
C VAL B 139 -81.09 -46.67 157.88
N GLY B 140 -80.76 -47.13 156.68
CA GLY B 140 -81.66 -46.99 155.56
C GLY B 140 -82.98 -47.74 155.65
N VAL B 141 -83.90 -47.35 154.77
CA VAL B 141 -85.23 -47.97 154.70
C VAL B 141 -85.48 -48.41 153.27
N LEU B 142 -86.37 -49.38 153.09
CA LEU B 142 -86.70 -49.90 151.77
C LEU B 142 -85.41 -50.33 151.06
N ASP B 143 -85.51 -50.56 149.75
CA ASP B 143 -84.33 -50.95 148.97
C ASP B 143 -83.38 -49.77 148.81
N PHE B 144 -83.02 -49.19 149.95
CA PHE B 144 -82.12 -48.04 149.99
C PHE B 144 -80.83 -48.23 149.18
N GLU B 145 -80.09 -47.15 149.02
CA GLU B 145 -78.84 -47.17 148.27
C GLU B 145 -77.66 -47.50 149.17
N GLN B 146 -77.37 -48.79 149.30
CA GLN B 146 -76.26 -49.24 150.13
C GLN B 146 -75.04 -48.41 149.79
N ALA B 147 -74.78 -48.26 148.49
CA ALA B 147 -73.65 -47.50 147.99
C ALA B 147 -73.54 -46.13 148.67
N GLN B 148 -74.53 -45.28 148.43
CA GLN B 148 -74.56 -43.94 148.99
C GLN B 148 -74.34 -43.95 150.51
N LEU B 149 -75.15 -44.75 151.21
CA LEU B 149 -75.04 -44.84 152.66
C LEU B 149 -73.60 -45.07 153.08
N GLU B 150 -72.90 -45.94 152.35
CA GLU B 150 -71.50 -46.24 152.65
C GLU B 150 -70.69 -44.96 152.62
N ARG B 151 -70.86 -44.17 151.57
CA ARG B 151 -70.13 -42.92 151.42
C ARG B 151 -70.63 -41.86 152.39
N ILE B 152 -71.74 -42.13 153.05
CA ILE B 152 -72.30 -41.18 154.00
C ILE B 152 -71.81 -41.44 155.43
N ALA B 153 -71.85 -42.70 155.85
CA ALA B 153 -71.41 -43.05 157.19
C ALA B 153 -69.90 -43.30 157.21
N ASP B 154 -69.41 -43.92 158.28
CA ASP B 154 -67.99 -44.21 158.42
C ASP B 154 -67.56 -45.27 157.41
N SER B 155 -68.14 -46.46 157.53
CA SER B 155 -67.84 -47.57 156.64
C SER B 155 -69.11 -48.35 156.33
N LYS B 156 -69.00 -49.38 155.50
CA LYS B 156 -70.16 -50.18 155.14
C LYS B 156 -70.73 -50.92 156.36
N GLU B 157 -70.05 -50.80 157.48
CA GLU B 157 -70.49 -51.44 158.71
C GLU B 157 -71.58 -50.63 159.40
N GLN B 158 -71.36 -49.32 159.52
CA GLN B 158 -72.33 -48.44 160.16
C GLN B 158 -73.61 -48.32 159.32
N VAL B 159 -73.79 -49.27 158.41
CA VAL B 159 -74.96 -49.31 157.54
C VAL B 159 -75.80 -50.53 157.88
N PHE B 160 -76.79 -50.34 158.73
CA PHE B 160 -77.66 -51.43 159.15
C PHE B 160 -79.10 -51.24 158.66
N PRO B 161 -79.63 -52.25 157.94
CA PRO B 161 -81.00 -52.18 157.42
C PRO B 161 -82.01 -52.40 158.55
N VAL B 162 -82.86 -51.41 158.80
CA VAL B 162 -83.86 -51.51 159.85
C VAL B 162 -84.58 -52.85 159.81
N LYS B 163 -84.83 -53.35 158.61
CA LYS B 163 -85.51 -54.63 158.44
C LYS B 163 -84.55 -55.79 158.68
N GLY B 164 -84.87 -56.63 159.65
CA GLY B 164 -84.04 -57.76 159.98
C GLY B 164 -84.18 -58.15 161.43
N GLY B 165 -83.58 -59.27 161.82
CA GLY B 165 -83.66 -59.71 163.19
C GLY B 165 -82.87 -58.82 164.13
N PHE B 166 -83.36 -57.59 164.33
CA PHE B 166 -82.71 -56.62 165.20
C PHE B 166 -81.28 -56.39 164.77
N GLN B 167 -80.93 -56.88 163.58
CA GLN B 167 -79.59 -56.73 163.04
C GLN B 167 -79.10 -55.31 163.27
N ALA B 168 -80.02 -54.35 163.15
CA ALA B 168 -79.71 -52.95 163.36
C ALA B 168 -79.53 -52.67 164.84
N LEU B 169 -80.62 -52.82 165.60
CA LEU B 169 -80.59 -52.60 167.04
C LEU B 169 -79.40 -53.31 167.66
N LYS B 170 -79.26 -54.60 167.37
CA LYS B 170 -78.17 -55.39 167.89
C LYS B 170 -76.82 -54.83 167.41
N GLY B 171 -76.52 -55.06 166.14
CA GLY B 171 -75.27 -54.59 165.57
C GLY B 171 -74.88 -53.17 165.97
N ILE B 172 -75.87 -52.30 166.14
CA ILE B 172 -75.61 -50.91 166.52
C ILE B 172 -75.38 -50.74 168.01
N ILE B 173 -76.39 -51.08 168.81
CA ILE B 173 -76.28 -50.95 170.26
C ILE B 173 -75.03 -51.66 170.77
N ASN B 174 -74.69 -52.77 170.13
CA ASN B 174 -73.51 -53.55 170.52
C ASN B 174 -72.23 -52.93 169.95
N SER B 175 -72.39 -52.05 168.97
CA SER B 175 -71.24 -51.38 168.37
C SER B 175 -70.99 -50.08 169.12
N ILE B 176 -72.00 -49.64 169.85
CA ILE B 176 -71.92 -48.41 170.64
C ILE B 176 -71.40 -48.76 172.03
N LEU B 177 -71.82 -49.91 172.54
CA LEU B 177 -71.38 -50.36 173.86
C LEU B 177 -69.97 -50.92 173.77
N ALA B 178 -69.51 -51.12 172.53
CA ALA B 178 -68.16 -51.63 172.29
C ALA B 178 -67.16 -50.50 172.52
N GLN B 179 -67.67 -49.37 173.00
CA GLN B 179 -66.86 -48.21 173.27
C GLN B 179 -67.03 -47.79 174.72
N SER B 180 -67.98 -48.42 175.41
CA SER B 180 -68.26 -48.13 176.80
C SER B 180 -67.36 -48.97 177.70
N CYS B 181 -67.28 -48.61 178.98
CA CYS B 181 -66.45 -49.35 179.93
C CYS B 181 -67.25 -50.52 180.52
N THR C 1 -95.63 37.80 90.97
CA THR C 1 -94.55 38.75 90.58
C THR C 1 -94.21 39.69 91.72
N VAL C 2 -94.68 39.37 92.92
CA VAL C 2 -94.43 40.18 94.10
C VAL C 2 -92.93 40.34 94.34
N PRO C 3 -92.48 41.58 94.57
CA PRO C 3 -91.06 41.88 94.81
C PRO C 3 -90.46 41.14 96.00
N ASP C 4 -89.38 40.41 95.74
CA ASP C 4 -88.68 39.65 96.77
C ASP C 4 -87.29 39.25 96.29
N ARG C 5 -86.30 40.07 96.59
CA ARG C 5 -84.93 39.82 96.18
C ARG C 5 -84.36 38.61 96.92
N ASP C 6 -84.43 38.65 98.25
CA ASP C 6 -83.94 37.57 99.09
C ASP C 6 -84.39 36.22 98.55
N ASN C 7 -85.58 36.19 97.98
CA ASN C 7 -86.15 34.98 97.41
C ASN C 7 -86.53 33.97 98.51
N ASP C 8 -86.61 34.44 99.74
CA ASP C 8 -86.94 33.57 100.86
C ASP C 8 -88.43 33.25 100.92
N GLY C 9 -89.26 34.15 100.40
CA GLY C 9 -90.69 33.92 100.41
C GLY C 9 -91.48 34.97 101.18
N ILE C 10 -90.80 36.03 101.59
CA ILE C 10 -91.44 37.10 102.33
C ILE C 10 -91.25 38.42 101.58
N PRO C 11 -92.28 38.84 100.82
CA PRO C 11 -92.27 40.08 100.03
C PRO C 11 -91.59 41.24 100.74
N ASP C 12 -90.51 41.74 100.13
CA ASP C 12 -89.73 42.84 100.67
C ASP C 12 -90.47 43.64 101.73
N SER C 13 -91.38 44.49 101.28
CA SER C 13 -92.17 45.32 102.18
C SER C 13 -92.44 44.58 103.49
N LEU C 14 -93.24 43.52 103.39
CA LEU C 14 -93.60 42.72 104.55
C LEU C 14 -92.42 42.53 105.49
N GLU C 15 -91.31 42.07 104.93
CA GLU C 15 -90.11 41.81 105.72
C GLU C 15 -89.44 43.08 106.24
N VAL C 16 -89.74 44.22 105.64
CA VAL C 16 -89.13 45.47 106.07
C VAL C 16 -90.06 46.27 106.98
N GLU C 17 -91.31 46.41 106.56
CA GLU C 17 -92.31 47.18 107.29
C GLU C 17 -92.97 46.37 108.41
N GLY C 18 -92.52 45.13 108.59
CA GLY C 18 -93.09 44.29 109.63
C GLY C 18 -94.12 43.29 109.12
N TYR C 19 -94.10 42.10 109.72
CA TYR C 19 -95.03 41.05 109.34
C TYR C 19 -95.14 40.01 110.44
N THR C 20 -95.91 38.96 110.16
CA THR C 20 -96.10 37.88 111.09
C THR C 20 -97.01 36.88 110.40
N VAL C 21 -97.33 35.79 111.09
CA VAL C 21 -98.19 34.79 110.50
C VAL C 21 -99.16 34.17 111.49
N ASP C 22 -100.34 33.84 110.98
CA ASP C 22 -101.39 33.24 111.78
C ASP C 22 -102.04 32.14 110.94
N VAL C 23 -103.10 31.52 111.46
CA VAL C 23 -103.79 30.46 110.75
C VAL C 23 -105.31 30.65 110.70
N LYS C 24 -105.80 31.04 109.53
CA LYS C 24 -107.24 31.26 109.32
C LYS C 24 -107.97 29.95 109.59
N ASN C 25 -108.45 29.30 108.53
CA ASN C 25 -109.14 28.02 108.69
C ASN C 25 -108.14 27.15 109.41
N LYS C 26 -107.24 26.55 108.65
CA LYS C 26 -106.20 25.72 109.21
C LYS C 26 -104.97 25.91 108.37
N ARG C 27 -104.95 27.02 107.63
CA ARG C 27 -103.83 27.34 106.76
C ARG C 27 -103.01 28.45 107.39
N THR C 28 -101.77 28.58 106.96
CA THR C 28 -100.88 29.61 107.50
C THR C 28 -100.79 30.80 106.55
N PHE C 29 -101.20 31.97 107.03
CA PHE C 29 -101.16 33.16 106.20
C PHE C 29 -100.09 34.15 106.65
N LEU C 30 -99.19 34.48 105.74
CA LEU C 30 -98.13 35.44 106.03
C LEU C 30 -98.69 36.81 105.67
N SER C 31 -99.01 37.61 106.68
CA SER C 31 -99.59 38.93 106.47
C SER C 31 -98.82 40.06 107.14
N PRO C 32 -98.97 41.29 106.63
CA PRO C 32 -98.29 42.46 107.18
C PRO C 32 -98.80 42.78 108.59
N TRP C 33 -98.08 43.65 109.29
CA TRP C 33 -98.45 44.00 110.65
C TRP C 33 -99.74 44.80 110.75
N ILE C 34 -100.48 44.56 111.83
CA ILE C 34 -101.73 45.26 112.09
C ILE C 34 -101.86 45.44 113.60
N SER C 35 -101.30 46.54 114.10
CA SER C 35 -101.32 46.85 115.54
C SER C 35 -102.63 46.46 116.18
N ASN C 36 -103.71 46.53 115.41
CA ASN C 36 -105.03 46.19 115.90
C ASN C 36 -105.17 44.68 116.11
N ILE C 37 -106.00 44.06 115.29
CA ILE C 37 -106.28 42.63 115.36
C ILE C 37 -105.09 41.74 115.67
N HIS C 38 -103.90 42.09 115.17
CA HIS C 38 -102.73 41.28 115.41
C HIS C 38 -102.21 41.31 116.85
N GLU C 39 -101.75 42.49 117.29
CA GLU C 39 -101.22 42.65 118.64
C GLU C 39 -102.13 42.10 119.72
N LYS C 40 -103.38 41.83 119.35
CA LYS C 40 -104.36 41.30 120.28
C LYS C 40 -104.24 39.79 120.44
N LYS C 41 -104.32 39.07 119.32
CA LYS C 41 -104.24 37.61 119.32
C LYS C 41 -102.96 37.07 119.96
N GLY C 42 -102.03 37.96 120.27
CA GLY C 42 -100.79 37.54 120.90
C GLY C 42 -99.60 37.31 119.99
N LEU C 43 -99.77 37.51 118.68
CA LEU C 43 -98.69 37.31 117.73
C LEU C 43 -97.53 38.26 118.02
N THR C 44 -96.57 38.32 117.09
CA THR C 44 -95.41 39.19 117.25
C THR C 44 -95.12 39.94 115.95
N LYS C 45 -94.30 40.99 116.05
CA LYS C 45 -93.94 41.78 114.89
C LYS C 45 -92.59 41.29 114.38
N TYR C 46 -92.61 40.42 113.38
CA TYR C 46 -91.39 39.88 112.81
C TYR C 46 -90.84 40.76 111.68
N LYS C 47 -89.99 41.72 112.05
CA LYS C 47 -89.39 42.60 111.07
C LYS C 47 -87.99 42.09 110.77
N SER C 48 -87.80 41.52 109.59
CA SER C 48 -86.50 40.99 109.20
C SER C 48 -85.84 41.78 108.09
N SER C 49 -84.95 41.15 107.33
CA SER C 49 -84.27 41.82 106.24
C SER C 49 -84.54 41.13 104.91
N PRO C 50 -84.83 41.92 103.87
CA PRO C 50 -85.12 41.47 102.52
C PRO C 50 -83.96 41.07 101.64
N GLU C 51 -82.73 41.40 102.03
CA GLU C 51 -81.62 41.03 101.18
C GLU C 51 -80.80 39.85 101.69
N LYS C 52 -81.28 39.18 102.73
CA LYS C 52 -80.58 38.03 103.27
C LYS C 52 -81.52 36.84 103.42
N TRP C 53 -81.08 35.69 102.94
CA TRP C 53 -81.88 34.47 103.00
C TRP C 53 -82.21 34.14 104.45
N SER C 54 -81.33 34.57 105.35
CA SER C 54 -81.51 34.35 106.77
C SER C 54 -80.74 35.46 107.46
N THR C 55 -81.45 36.54 107.79
CA THR C 55 -80.82 37.69 108.43
C THR C 55 -79.78 37.35 109.48
N ALA C 56 -79.96 36.22 110.16
CA ALA C 56 -79.02 35.81 111.20
C ALA C 56 -77.80 35.16 110.58
N SER C 57 -77.93 34.74 109.32
CA SER C 57 -76.88 34.06 108.55
C SER C 57 -76.98 32.56 108.70
N ASP C 58 -77.42 32.10 109.86
CA ASP C 58 -77.56 30.67 110.11
C ASP C 58 -78.34 30.02 108.97
N PRO C 59 -78.23 28.70 108.84
CA PRO C 59 -78.91 27.94 107.79
C PRO C 59 -80.41 27.80 107.96
N TYR C 60 -81.12 28.93 107.98
CA TYR C 60 -82.57 28.88 108.12
C TYR C 60 -83.23 30.15 107.59
N SER C 61 -83.84 30.04 106.41
CA SER C 61 -84.49 31.19 105.79
C SER C 61 -85.45 31.87 106.75
N ASP C 62 -85.37 33.19 106.81
CA ASP C 62 -86.24 33.97 107.68
C ASP C 62 -87.61 33.32 107.60
N PHE C 63 -88.07 33.11 106.38
CA PHE C 63 -89.37 32.48 106.17
C PHE C 63 -89.41 31.15 106.90
N GLU C 64 -88.52 30.24 106.52
CA GLU C 64 -88.47 28.92 107.14
C GLU C 64 -88.75 28.96 108.64
N LYS C 65 -88.25 29.98 109.32
CA LYS C 65 -88.46 30.10 110.76
C LYS C 65 -89.89 30.46 111.12
N VAL C 66 -90.27 31.71 110.86
CA VAL C 66 -91.61 32.18 111.18
C VAL C 66 -92.69 31.22 110.71
N THR C 67 -92.58 30.76 109.47
CA THR C 67 -93.57 29.85 108.91
C THR C 67 -93.63 28.55 109.70
N GLY C 68 -92.51 28.19 110.33
CA GLY C 68 -92.47 26.96 111.11
C GLY C 68 -91.98 25.77 110.31
N ARG C 69 -91.82 25.97 109.00
CA ARG C 69 -91.36 24.90 108.13
C ARG C 69 -89.84 24.80 108.27
N ILE C 70 -89.39 24.15 109.34
CA ILE C 70 -87.98 24.02 109.63
C ILE C 70 -87.74 22.86 110.60
N ASP C 71 -86.49 22.46 110.77
CA ASP C 71 -86.14 21.37 111.69
C ASP C 71 -86.75 21.69 113.04
N LYS C 72 -87.72 20.89 113.45
CA LYS C 72 -88.41 21.11 114.70
C LYS C 72 -87.56 21.20 115.95
N ASN C 73 -86.28 20.86 115.85
CA ASN C 73 -85.45 20.93 117.04
C ASN C 73 -84.95 22.32 117.35
N VAL C 74 -84.87 23.17 116.34
CA VAL C 74 -84.40 24.54 116.52
C VAL C 74 -85.09 25.20 117.70
N SER C 75 -84.30 25.71 118.62
CA SER C 75 -84.82 26.38 119.82
C SER C 75 -85.93 27.36 119.44
N PRO C 76 -86.96 27.47 120.28
CA PRO C 76 -88.07 28.39 120.00
C PRO C 76 -87.59 29.82 119.76
N GLU C 77 -86.99 30.41 120.78
CA GLU C 77 -86.50 31.78 120.68
C GLU C 77 -85.61 32.02 119.47
N ALA C 78 -85.25 30.97 118.76
CA ALA C 78 -84.42 31.09 117.58
C ALA C 78 -85.29 31.00 116.34
N ARG C 79 -86.55 30.67 116.56
CA ARG C 79 -87.48 30.55 115.45
C ARG C 79 -87.72 31.94 114.87
N HIS C 80 -87.19 32.95 115.56
CA HIS C 80 -87.34 34.35 115.15
C HIS C 80 -86.23 34.78 114.18
N PRO C 81 -86.60 35.55 113.15
CA PRO C 81 -85.70 36.05 112.11
C PRO C 81 -84.45 36.80 112.58
N LEU C 82 -84.42 37.26 113.82
CA LEU C 82 -83.27 37.99 114.30
C LEU C 82 -82.48 37.33 115.42
N VAL C 83 -82.78 36.06 115.69
CA VAL C 83 -82.08 35.35 116.74
C VAL C 83 -81.24 34.21 116.16
N ALA C 84 -79.94 34.30 116.37
CA ALA C 84 -79.01 33.30 115.86
C ALA C 84 -79.53 31.91 116.16
N ALA C 85 -79.36 31.00 115.19
CA ALA C 85 -79.80 29.63 115.38
C ALA C 85 -78.62 28.69 115.21
N TYR C 86 -77.55 28.94 115.97
CA TYR C 86 -76.36 28.10 115.89
C TYR C 86 -76.23 27.24 117.13
N PRO C 87 -75.47 26.14 117.03
CA PRO C 87 -75.26 25.23 118.15
C PRO C 87 -74.08 25.66 119.00
N ILE C 88 -74.17 25.40 120.30
CA ILE C 88 -73.09 25.74 121.21
C ILE C 88 -73.00 24.62 122.22
N VAL C 89 -71.90 23.86 122.14
CA VAL C 89 -71.70 22.72 123.02
C VAL C 89 -70.46 22.84 123.88
N HIS C 90 -70.58 22.39 125.13
CA HIS C 90 -69.48 22.40 126.06
C HIS C 90 -69.51 21.05 126.77
N VAL C 91 -68.41 20.67 127.43
CA VAL C 91 -68.38 19.37 128.09
C VAL C 91 -68.52 19.39 129.60
N ASP C 92 -69.41 18.53 130.09
CA ASP C 92 -69.64 18.43 131.53
C ASP C 92 -69.04 17.14 132.03
N MET C 93 -68.33 17.23 133.15
CA MET C 93 -67.68 16.08 133.76
C MET C 93 -68.33 15.82 135.12
N GLU C 94 -69.13 14.78 135.20
CA GLU C 94 -69.83 14.47 136.45
C GLU C 94 -68.94 13.98 137.58
N ASN C 95 -68.02 13.06 137.28
CA ASN C 95 -67.13 12.54 138.31
C ASN C 95 -65.88 11.91 137.72
N ILE C 96 -64.76 12.05 138.44
CA ILE C 96 -63.50 11.49 137.99
C ILE C 96 -63.07 10.39 138.93
N ILE C 97 -62.01 9.68 138.55
CA ILE C 97 -61.50 8.60 139.36
C ILE C 97 -60.00 8.45 139.16
N LEU C 98 -59.25 8.88 140.16
CA LEU C 98 -57.80 8.81 140.11
C LEU C 98 -57.32 7.50 140.74
N SER C 99 -56.38 6.84 140.06
CA SER C 99 -55.84 5.58 140.56
C SER C 99 -54.36 5.44 140.19
N LYS C 100 -53.65 4.62 140.94
CA LYS C 100 -52.23 4.39 140.68
C LYS C 100 -52.10 3.50 139.46
N ASN C 101 -51.36 3.96 138.46
CA ASN C 101 -51.19 3.19 137.23
C ASN C 101 -50.72 1.77 137.56
N GLU C 102 -51.41 0.79 136.98
CA GLU C 102 -51.10 -0.63 137.20
C GLU C 102 -49.61 -0.90 137.08
N ASP C 110 -54.87 -6.62 143.93
CA ASP C 110 -54.98 -6.34 145.35
C ASP C 110 -55.32 -4.88 145.57
N SER C 111 -55.33 -4.10 144.50
CA SER C 111 -55.63 -2.68 144.57
C SER C 111 -57.13 -2.44 144.41
N GLN C 112 -57.78 -2.00 145.49
CA GLN C 112 -59.21 -1.72 145.48
C GLN C 112 -59.53 -0.42 146.22
N THR C 113 -58.79 -0.17 147.30
CA THR C 113 -58.99 1.04 148.10
C THR C 113 -57.86 2.04 147.86
N ARG C 114 -56.94 1.68 146.97
CA ARG C 114 -55.82 2.54 146.64
C ARG C 114 -56.26 3.52 145.55
N THR C 115 -57.57 3.71 145.44
CA THR C 115 -58.13 4.59 144.41
C THR C 115 -59.12 5.61 144.98
N ILE C 116 -58.96 6.86 144.57
CA ILE C 116 -59.83 7.93 145.01
C ILE C 116 -60.87 8.22 143.93
N SER C 117 -62.12 8.42 144.35
CA SER C 117 -63.19 8.70 143.40
C SER C 117 -64.09 9.81 143.93
N LYS C 118 -63.82 11.04 143.48
CA LYS C 118 -64.61 12.19 143.90
C LYS C 118 -65.53 12.67 142.78
N ASN C 119 -66.59 13.38 143.15
CA ASN C 119 -67.54 13.92 142.19
C ASN C 119 -67.02 15.25 141.69
N THR C 120 -67.68 15.82 140.69
CA THR C 120 -67.25 17.08 140.12
C THR C 120 -68.39 18.00 139.71
N SER C 121 -68.11 19.30 139.67
CA SER C 121 -69.09 20.29 139.29
C SER C 121 -68.59 21.11 138.09
N THR C 122 -69.19 20.88 136.93
CA THR C 122 -68.78 21.57 135.72
C THR C 122 -69.74 22.73 135.44
N SER C 123 -69.28 23.71 134.65
CA SER C 123 -70.10 24.86 134.29
C SER C 123 -69.43 25.71 133.22
N ARG C 124 -70.15 26.01 132.15
CA ARG C 124 -69.58 26.80 131.07
C ARG C 124 -68.93 28.03 131.69
N THR C 125 -67.93 28.57 131.00
CA THR C 125 -67.22 29.74 131.52
C THR C 125 -67.20 30.86 130.49
N HIS C 126 -66.46 31.92 130.79
CA HIS C 126 -66.36 33.06 129.88
C HIS C 126 -65.24 33.99 130.35
N THR C 127 -64.14 33.40 130.76
CA THR C 127 -62.97 34.14 131.25
C THR C 127 -62.78 35.51 130.62
N SER C 128 -62.68 36.53 131.46
CA SER C 128 -62.48 37.91 131.01
C SER C 128 -61.02 38.27 131.20
N GLU C 129 -60.73 39.57 131.32
CA GLU C 129 -59.37 40.04 131.52
C GLU C 129 -59.00 40.09 133.00
N VAL C 130 -57.74 40.38 133.27
CA VAL C 130 -57.25 40.45 134.64
C VAL C 130 -57.58 41.80 135.27
N HIS C 131 -56.85 42.16 136.33
CA HIS C 131 -57.06 43.43 137.02
C HIS C 131 -56.38 44.56 136.26
N GLY C 132 -55.06 44.48 136.16
CA GLY C 132 -54.31 45.51 135.46
C GLY C 132 -52.84 45.54 135.86
N ASN C 133 -52.17 44.40 135.75
CA ASN C 133 -50.77 44.31 136.11
C ASN C 133 -50.10 43.07 135.54
N ALA C 134 -50.91 42.10 135.11
CA ALA C 134 -50.41 40.86 134.53
C ALA C 134 -49.49 41.16 133.35
N GLU C 135 -48.20 40.91 133.53
CA GLU C 135 -47.21 41.14 132.48
C GLU C 135 -47.58 40.42 131.19
N VAL C 136 -48.10 41.16 130.23
CA VAL C 136 -48.49 40.59 128.93
C VAL C 136 -47.48 41.02 127.87
N HIS C 137 -47.06 40.06 127.04
CA HIS C 137 -46.10 40.34 125.98
C HIS C 137 -46.47 41.57 125.16
N ALA C 138 -45.45 42.24 124.64
CA ALA C 138 -45.63 43.46 123.85
C ALA C 138 -46.65 43.31 122.73
N SER C 139 -46.83 42.08 122.25
CA SER C 139 -47.79 41.82 121.18
C SER C 139 -49.23 41.90 121.67
N PHE C 140 -49.45 42.63 122.76
CA PHE C 140 -50.79 42.78 123.33
C PHE C 140 -51.51 44.03 122.83
N PHE C 141 -50.75 45.08 122.56
CA PHE C 141 -51.33 46.33 122.09
C PHE C 141 -51.22 46.49 120.59
N ASP C 142 -51.36 45.39 119.87
CA ASP C 142 -51.29 45.41 118.41
C ASP C 142 -52.67 45.19 117.82
N ILE C 143 -52.76 45.13 116.51
CA ILE C 143 -54.04 44.92 115.84
C ILE C 143 -54.37 43.44 115.76
N GLY C 144 -55.42 43.04 116.48
CA GLY C 144 -55.83 41.65 116.50
C GLY C 144 -54.90 40.80 117.34
N GLY C 145 -53.63 41.19 117.38
CA GLY C 145 -52.66 40.44 118.15
C GLY C 145 -52.89 40.49 119.65
N SER C 146 -53.22 39.33 120.22
CA SER C 146 -53.46 39.21 121.66
C SER C 146 -54.66 40.00 122.16
N VAL C 147 -55.19 40.88 121.32
CA VAL C 147 -56.35 41.69 121.70
C VAL C 147 -57.60 40.82 121.69
N SER C 148 -57.70 39.92 122.66
CA SER C 148 -58.84 39.03 122.77
C SER C 148 -60.10 39.79 123.17
N ALA C 149 -59.95 41.09 123.39
CA ALA C 149 -61.06 41.95 123.79
C ALA C 149 -61.76 41.41 125.03
N GLY C 150 -60.99 40.74 125.89
CA GLY C 150 -61.56 40.17 127.10
C GLY C 150 -62.07 38.76 126.88
N PHE C 151 -63.08 38.62 126.03
CA PHE C 151 -63.66 37.33 125.72
C PHE C 151 -64.08 37.23 124.26
N SER C 152 -63.89 36.05 123.67
CA SER C 152 -64.25 35.82 122.28
C SER C 152 -64.93 34.48 122.05
N ASN C 153 -65.01 34.08 120.79
CA ASN C 153 -65.65 32.83 120.39
C ASN C 153 -64.82 31.58 120.68
N SER C 154 -65.35 30.72 121.54
CA SER C 154 -64.70 29.47 121.92
C SER C 154 -65.34 28.91 123.19
N ASN C 155 -65.70 27.63 123.15
CA ASN C 155 -66.31 26.98 124.29
C ASN C 155 -65.26 26.43 125.24
N SER C 156 -65.35 26.82 126.51
CA SER C 156 -64.41 26.35 127.52
C SER C 156 -65.09 26.15 128.87
N SER C 157 -65.37 24.90 129.20
CA SER C 157 -66.02 24.58 130.47
C SER C 157 -64.98 24.47 131.56
N THR C 158 -65.43 24.32 132.80
CA THR C 158 -64.51 24.20 133.92
C THR C 158 -65.10 23.33 135.00
N VAL C 159 -64.32 22.32 135.42
CA VAL C 159 -64.75 21.41 136.47
C VAL C 159 -63.98 21.65 137.74
N ALA C 160 -64.54 21.18 138.85
CA ALA C 160 -63.92 21.30 140.16
C ALA C 160 -64.11 19.96 140.83
N ILE C 161 -63.08 19.49 141.51
CA ILE C 161 -63.17 18.20 142.18
C ILE C 161 -63.63 18.32 143.62
N ASP C 162 -64.63 17.52 143.98
CA ASP C 162 -65.16 17.52 145.33
C ASP C 162 -64.01 17.47 146.33
N HIS C 163 -63.84 18.57 147.07
CA HIS C 163 -62.76 18.65 148.04
C HIS C 163 -63.09 17.96 149.36
N SER C 164 -64.33 17.50 149.50
CA SER C 164 -64.75 16.84 150.72
C SER C 164 -64.07 15.48 150.90
N LEU C 165 -64.61 14.66 151.81
CA LEU C 165 -64.04 13.35 152.09
C LEU C 165 -64.73 12.22 151.35
N SER C 166 -64.07 11.07 151.31
CA SER C 166 -64.61 9.89 150.65
C SER C 166 -64.50 8.71 151.60
N LEU C 167 -63.48 8.73 152.45
CA LEU C 167 -63.25 7.67 153.42
C LEU C 167 -63.24 8.25 154.83
N ALA C 168 -62.55 7.58 155.74
CA ALA C 168 -62.47 8.03 157.12
C ALA C 168 -61.52 9.19 157.30
N GLY C 169 -60.43 8.96 158.04
CA GLY C 169 -59.47 10.01 158.28
C GLY C 169 -58.46 10.20 157.17
N GLU C 170 -58.87 9.94 155.93
CA GLU C 170 -57.97 10.09 154.79
C GLU C 170 -57.24 11.43 154.87
N ARG C 171 -56.07 11.49 154.24
CA ARG C 171 -55.27 12.71 154.26
C ARG C 171 -54.23 12.66 153.15
N THR C 172 -54.21 13.69 152.31
CA THR C 172 -53.26 13.76 151.19
C THR C 172 -53.43 12.56 150.29
N TRP C 173 -54.11 12.75 149.16
CA TRP C 173 -54.35 11.67 148.20
C TRP C 173 -53.15 10.74 148.14
N ALA C 174 -51.96 11.32 148.26
CA ALA C 174 -50.72 10.55 148.21
C ALA C 174 -50.84 9.28 149.05
N GLU C 175 -50.68 9.43 150.37
CA GLU C 175 -50.76 8.30 151.28
C GLU C 175 -52.00 7.45 151.05
N THR C 176 -53.07 8.09 150.58
CA THR C 176 -54.32 7.40 150.32
C THR C 176 -54.15 6.34 149.23
N MET C 177 -53.57 6.75 148.11
CA MET C 177 -53.33 5.85 146.99
C MET C 177 -52.02 5.10 147.15
N GLY C 178 -50.96 5.87 147.40
CA GLY C 178 -49.64 5.27 147.55
C GLY C 178 -48.77 5.63 146.36
N LEU C 179 -48.70 6.93 146.05
CA LEU C 179 -47.90 7.40 144.94
C LEU C 179 -46.59 8.01 145.42
N ASN C 180 -45.48 7.51 144.87
CA ASN C 180 -44.15 7.99 145.23
C ASN C 180 -43.48 8.56 143.98
N THR C 181 -42.60 9.53 144.19
CA THR C 181 -41.87 10.20 143.11
C THR C 181 -41.79 9.43 141.79
N ALA C 182 -41.34 8.18 141.83
CA ALA C 182 -41.22 7.37 140.62
C ALA C 182 -42.47 6.57 140.29
N ASP C 183 -43.62 7.22 140.32
CA ASP C 183 -44.88 6.56 140.03
C ASP C 183 -45.75 7.35 139.05
N THR C 184 -46.67 6.65 138.40
CA THR C 184 -47.57 7.28 137.44
C THR C 184 -49.01 7.01 137.85
N ALA C 185 -49.84 8.05 137.75
CA ALA C 185 -51.25 7.94 138.10
C ALA C 185 -52.11 8.07 136.85
N ARG C 186 -53.05 7.14 136.70
CA ARG C 186 -53.94 7.15 135.56
C ARG C 186 -55.27 7.80 135.92
N LEU C 187 -55.69 8.75 135.10
CA LEU C 187 -56.95 9.45 135.31
C LEU C 187 -58.04 8.83 134.45
N ASN C 188 -59.27 8.97 134.90
CA ASN C 188 -60.42 8.42 134.20
C ASN C 188 -61.63 9.19 134.71
N ALA C 189 -62.64 9.36 133.86
CA ALA C 189 -63.84 10.08 134.27
C ALA C 189 -65.04 9.82 133.38
N ASN C 190 -66.20 10.25 133.84
CA ASN C 190 -67.44 10.10 133.09
C ASN C 190 -67.91 11.49 132.70
N ILE C 191 -67.94 11.76 131.40
CA ILE C 191 -68.36 13.06 130.94
C ILE C 191 -69.48 12.96 129.94
N ARG C 192 -70.19 14.07 129.76
CA ARG C 192 -71.31 14.14 128.83
C ARG C 192 -71.32 15.44 128.06
N TYR C 193 -71.48 15.34 126.74
CA TYR C 193 -71.53 16.52 125.90
C TYR C 193 -72.90 17.11 126.16
N VAL C 194 -73.01 18.43 126.10
CA VAL C 194 -74.28 19.09 126.33
C VAL C 194 -74.38 20.38 125.52
N ASN C 195 -75.42 20.47 124.71
CA ASN C 195 -75.64 21.63 123.88
C ASN C 195 -76.35 22.73 124.64
N THR C 196 -75.88 23.96 124.47
CA THR C 196 -76.47 25.09 125.16
C THR C 196 -77.01 26.15 124.21
N GLY C 197 -76.66 26.04 122.94
CA GLY C 197 -77.10 27.00 121.95
C GLY C 197 -78.58 27.06 121.59
N THR C 198 -78.84 27.12 120.29
CA THR C 198 -80.19 27.21 119.75
C THR C 198 -80.42 26.25 118.60
N ALA C 199 -79.36 25.58 118.16
CA ALA C 199 -79.46 24.63 117.05
C ALA C 199 -78.91 23.27 117.50
N PRO C 200 -79.29 22.19 116.80
CA PRO C 200 -78.82 20.85 117.15
C PRO C 200 -77.72 20.32 116.23
N ILE C 201 -76.96 19.33 116.71
CA ILE C 201 -75.91 18.71 115.91
C ILE C 201 -76.36 17.28 115.70
N TYR C 202 -76.31 16.81 114.46
CA TYR C 202 -76.78 15.46 114.16
C TYR C 202 -75.78 14.31 114.04
N ASN C 203 -74.48 14.59 114.08
CA ASN C 203 -73.51 13.50 113.97
C ASN C 203 -72.18 13.69 114.69
N VAL C 204 -71.18 14.19 113.98
CA VAL C 204 -69.86 14.38 114.57
C VAL C 204 -69.84 15.35 115.75
N LEU C 205 -69.45 14.85 116.93
CA LEU C 205 -69.37 15.69 118.12
C LEU C 205 -68.05 16.44 118.11
N PRO C 206 -67.89 17.41 119.00
CA PRO C 206 -66.67 18.22 119.09
C PRO C 206 -65.45 17.50 119.62
N THR C 207 -64.28 18.05 119.31
CA THR C 207 -63.00 17.51 119.74
C THR C 207 -62.51 18.26 120.96
N THR C 208 -63.06 17.96 122.12
CA THR C 208 -62.68 18.64 123.34
C THR C 208 -61.39 18.11 123.94
N SER C 209 -60.55 19.02 124.41
CA SER C 209 -59.26 18.67 125.02
C SER C 209 -59.23 19.01 126.51
N LEU C 210 -58.84 18.03 127.32
CA LEU C 210 -58.77 18.18 128.77
C LEU C 210 -57.42 18.75 129.18
N VAL C 211 -57.45 19.90 129.84
CA VAL C 211 -56.23 20.57 130.28
C VAL C 211 -56.12 20.65 131.80
N LEU C 212 -54.89 20.79 132.29
CA LEU C 212 -54.60 20.90 133.71
C LEU C 212 -53.65 22.06 133.95
N GLY C 213 -54.16 23.13 134.55
CA GLY C 213 -53.31 24.28 134.80
C GLY C 213 -53.41 25.31 133.69
N LYS C 214 -52.28 25.80 133.22
CA LYS C 214 -52.28 26.82 132.17
C LYS C 214 -51.94 26.30 130.77
N ASN C 215 -51.43 25.07 130.68
CA ASN C 215 -51.09 24.52 129.38
C ASN C 215 -50.87 23.02 129.39
N GLN C 216 -50.75 22.43 130.57
CA GLN C 216 -50.54 20.98 130.68
C GLN C 216 -51.76 20.19 130.23
N THR C 217 -51.74 19.73 128.99
CA THR C 217 -52.85 18.96 128.45
C THR C 217 -52.74 17.52 128.94
N LEU C 218 -53.81 17.00 129.52
CA LEU C 218 -53.78 15.63 130.02
C LEU C 218 -54.30 14.63 129.00
N ALA C 219 -54.97 15.13 127.97
CA ALA C 219 -55.52 14.30 126.91
C ALA C 219 -56.40 15.12 125.99
N THR C 220 -56.87 14.51 124.91
CA THR C 220 -57.74 15.18 123.95
C THR C 220 -58.83 14.22 123.52
N ILE C 221 -60.01 14.36 124.11
CA ILE C 221 -61.14 13.49 123.79
C ILE C 221 -61.91 13.91 122.55
N LYS C 222 -62.07 12.96 121.63
CA LYS C 222 -62.77 13.18 120.38
C LYS C 222 -63.38 11.87 119.86
N ALA C 223 -64.39 11.38 120.56
CA ALA C 223 -65.06 10.13 120.18
C ALA C 223 -65.30 10.06 118.67
N LYS C 224 -65.19 8.86 118.12
CA LYS C 224 -65.37 8.61 116.69
C LYS C 224 -66.48 9.39 116.00
N GLU C 225 -66.26 9.72 114.73
CA GLU C 225 -67.24 10.46 113.94
C GLU C 225 -68.24 9.51 113.28
N ASN C 226 -69.46 10.00 113.06
CA ASN C 226 -70.51 9.20 112.45
C ASN C 226 -70.85 7.99 113.31
N GLN C 227 -69.96 7.70 114.26
CA GLN C 227 -70.14 6.57 115.16
C GLN C 227 -71.49 6.67 115.85
N LEU C 228 -71.94 7.90 116.07
CA LEU C 228 -73.22 8.13 116.72
C LEU C 228 -74.22 8.78 115.77
N SER C 229 -75.48 8.42 115.94
CA SER C 229 -76.55 8.97 115.12
C SER C 229 -77.51 9.73 116.03
N GLN C 230 -77.21 9.70 117.32
CA GLN C 230 -78.02 10.39 118.32
C GLN C 230 -77.99 11.87 117.99
N ILE C 231 -78.92 12.63 118.56
CA ILE C 231 -78.98 14.05 118.29
C ILE C 231 -78.63 14.90 119.51
N LEU C 232 -77.80 15.91 119.28
CA LEU C 232 -77.38 16.80 120.35
C LEU C 232 -78.26 18.04 120.32
N ALA C 233 -79.52 17.86 120.71
CA ALA C 233 -80.50 18.95 120.73
C ALA C 233 -80.18 20.02 121.75
N PRO C 234 -80.82 21.19 121.65
CA PRO C 234 -80.60 22.29 122.58
C PRO C 234 -80.95 21.86 124.00
N ASN C 235 -80.46 22.62 124.98
CA ASN C 235 -80.71 22.33 126.38
C ASN C 235 -81.07 20.86 126.54
N ASN C 236 -80.09 20.01 126.25
CA ASN C 236 -80.28 18.56 126.34
C ASN C 236 -78.91 17.88 126.31
N TYR C 237 -78.52 17.31 127.45
CA TYR C 237 -77.23 16.63 127.57
C TYR C 237 -77.12 15.51 126.54
N TYR C 238 -75.98 15.42 125.86
CA TYR C 238 -75.78 14.38 124.85
C TYR C 238 -76.22 13.02 125.30
N PRO C 239 -75.42 12.36 126.15
CA PRO C 239 -75.87 11.03 126.56
C PRO C 239 -77.07 11.21 127.47
N SER C 240 -78.24 11.36 126.85
CA SER C 240 -79.50 11.56 127.55
C SER C 240 -79.39 11.28 129.04
N LYS C 241 -79.66 12.31 129.86
CA LYS C 241 -79.59 12.17 131.30
C LYS C 241 -80.16 10.84 131.79
N ASN C 242 -81.01 10.23 130.97
CA ASN C 242 -81.63 8.95 131.30
C ASN C 242 -80.86 7.79 130.71
N LEU C 243 -79.55 7.95 130.57
CA LEU C 243 -78.70 6.90 130.01
C LEU C 243 -77.37 6.80 130.75
N ALA C 244 -76.40 6.14 130.13
CA ALA C 244 -75.08 5.98 130.74
C ALA C 244 -74.09 7.02 130.25
N PRO C 245 -73.62 7.89 131.15
CA PRO C 245 -72.66 8.94 130.82
C PRO C 245 -71.39 8.38 130.19
N ILE C 246 -70.94 9.01 129.11
CA ILE C 246 -69.73 8.58 128.42
C ILE C 246 -68.55 8.62 129.39
N ALA C 247 -67.63 7.67 129.25
CA ALA C 247 -66.45 7.59 130.12
C ALA C 247 -65.14 7.72 129.36
N LEU C 248 -64.26 8.61 129.84
CA LEU C 248 -62.96 8.83 129.21
C LEU C 248 -62.17 7.54 129.19
N ASN C 249 -61.15 7.48 128.33
CA ASN C 249 -60.29 6.30 128.19
C ASN C 249 -60.70 5.13 129.08
N ALA C 250 -61.76 4.45 128.70
CA ALA C 250 -62.26 3.31 129.47
C ALA C 250 -63.15 2.41 128.61
N GLN C 251 -63.07 2.58 127.29
CA GLN C 251 -63.88 1.77 126.39
C GLN C 251 -63.52 1.99 124.94
N SER C 255 -59.63 1.89 123.44
CA SER C 255 -58.46 2.65 123.88
C SER C 255 -57.27 1.72 124.16
N SER C 256 -56.06 2.25 124.01
CA SER C 256 -54.82 1.49 124.23
C SER C 256 -53.81 2.39 124.95
N THR C 257 -54.12 3.68 125.01
CA THR C 257 -53.26 4.65 125.69
C THR C 257 -54.11 5.51 126.60
N PRO C 258 -54.13 5.19 127.90
CA PRO C 258 -54.89 5.92 128.92
C PRO C 258 -54.43 7.35 129.13
N ILE C 259 -54.53 7.81 130.39
CA ILE C 259 -54.15 9.16 130.75
C ILE C 259 -52.98 9.16 131.73
N THR C 260 -51.82 9.52 131.23
CA THR C 260 -50.61 9.56 132.05
C THR C 260 -50.54 10.79 132.92
N MET C 261 -50.09 10.60 134.16
CA MET C 261 -49.97 11.70 135.11
C MET C 261 -48.88 11.36 136.14
N ASN C 262 -47.79 12.12 136.11
CA ASN C 262 -46.68 11.88 137.03
C ASN C 262 -46.92 12.52 138.39
N TYR C 263 -46.10 12.12 139.36
CA TYR C 263 -46.19 12.61 140.73
C TYR C 263 -46.34 14.13 140.83
N ASN C 264 -45.49 14.85 140.12
CA ASN C 264 -45.53 16.31 140.14
C ASN C 264 -46.90 16.82 139.66
N GLN C 265 -47.42 16.20 138.61
CA GLN C 265 -48.72 16.59 138.07
C GLN C 265 -49.80 16.22 139.07
N PHE C 266 -49.89 14.94 139.39
CA PHE C 266 -50.87 14.43 140.34
C PHE C 266 -50.85 15.31 141.58
N LEU C 267 -49.70 15.93 141.84
CA LEU C 267 -49.57 16.80 142.99
C LEU C 267 -50.38 18.07 142.74
N GLU C 268 -50.13 18.74 141.60
CA GLU C 268 -50.85 19.95 141.25
C GLU C 268 -52.35 19.73 141.33
N LEU C 269 -52.81 18.67 140.69
CA LEU C 269 -54.24 18.34 140.67
C LEU C 269 -54.80 18.51 142.08
N GLU C 270 -54.13 17.95 143.06
CA GLU C 270 -54.57 18.06 144.44
C GLU C 270 -54.52 19.50 144.93
N LYS C 271 -53.49 20.24 144.52
CA LYS C 271 -53.32 21.63 144.94
C LYS C 271 -54.45 22.56 144.51
N THR C 272 -55.20 22.19 143.46
CA THR C 272 -56.31 23.02 142.99
C THR C 272 -57.61 22.25 142.88
N LYS C 273 -57.51 20.93 142.76
CA LYS C 273 -58.68 20.09 142.64
C LYS C 273 -59.59 20.55 141.51
N GLN C 274 -59.00 21.03 140.42
CA GLN C 274 -59.78 21.51 139.28
C GLN C 274 -59.08 21.32 137.93
N LEU C 275 -59.85 20.92 136.93
CA LEU C 275 -59.35 20.71 135.58
C LEU C 275 -60.12 21.64 134.65
N ARG C 276 -59.64 21.78 133.41
CA ARG C 276 -60.29 22.66 132.45
C ARG C 276 -60.68 21.86 131.19
N LEU C 277 -61.79 22.24 130.56
CA LEU C 277 -62.24 21.55 129.35
C LEU C 277 -62.50 22.51 128.21
N ASP C 278 -61.64 22.47 127.20
CA ASP C 278 -61.79 23.33 126.03
C ASP C 278 -62.37 22.49 124.89
N THR C 279 -63.30 23.09 124.16
CA THR C 279 -63.94 22.39 123.06
C THR C 279 -63.91 23.20 121.77
N ASP C 280 -63.60 22.51 120.66
CA ASP C 280 -63.54 23.16 119.35
C ASP C 280 -64.95 23.51 118.89
N GLN C 281 -65.09 23.81 117.60
CA GLN C 281 -66.39 24.16 117.06
C GLN C 281 -66.79 23.32 115.85
N VAL C 282 -65.97 22.35 115.49
CA VAL C 282 -66.29 21.52 114.35
C VAL C 282 -67.49 20.65 114.71
N TYR C 283 -68.65 21.02 114.22
CA TYR C 283 -69.86 20.26 114.49
C TYR C 283 -70.25 19.52 113.23
N GLY C 284 -71.05 18.47 113.37
CA GLY C 284 -71.47 17.71 112.22
C GLY C 284 -72.19 18.58 111.21
N ASN C 285 -72.57 18.00 110.08
CA ASN C 285 -73.26 18.75 109.05
C ASN C 285 -74.59 19.25 109.62
N ILE C 286 -75.33 20.04 108.84
CA ILE C 286 -76.59 20.59 109.30
C ILE C 286 -77.84 19.96 108.71
N ALA C 287 -78.92 19.98 109.48
CA ALA C 287 -80.20 19.43 109.07
C ALA C 287 -81.07 20.54 108.53
N THR C 288 -81.44 20.45 107.25
CA THR C 288 -82.28 21.47 106.62
C THR C 288 -83.64 20.97 106.14
N TYR C 289 -84.51 21.89 105.76
CA TYR C 289 -85.85 21.59 105.28
C TYR C 289 -85.85 21.09 103.84
N ASN C 290 -87.03 20.94 103.25
CA ASN C 290 -87.17 20.48 101.87
C ASN C 290 -88.63 20.57 101.42
N PHE C 291 -89.04 21.78 101.07
CA PHE C 291 -90.41 22.05 100.62
C PHE C 291 -91.11 20.93 99.86
N GLU C 292 -90.41 20.35 98.88
CA GLU C 292 -90.97 19.27 98.06
C GLU C 292 -91.89 18.32 98.83
N ASN C 293 -91.31 17.54 99.73
CA ASN C 293 -92.08 16.59 100.52
C ASN C 293 -91.94 16.88 102.00
N GLY C 294 -91.69 18.15 102.32
CA GLY C 294 -91.55 18.55 103.70
C GLY C 294 -90.79 17.57 104.58
N ARG C 295 -89.52 17.36 104.26
CA ARG C 295 -88.69 16.44 105.03
C ARG C 295 -87.47 17.12 105.63
N VAL C 296 -87.00 16.56 106.74
CA VAL C 296 -85.83 17.09 107.43
C VAL C 296 -84.62 16.28 107.00
N ARG C 297 -83.75 16.86 106.20
CA ARG C 297 -82.57 16.16 105.73
C ARG C 297 -81.28 16.78 106.23
N VAL C 298 -80.23 15.97 106.26
CA VAL C 298 -78.91 16.41 106.69
C VAL C 298 -78.06 16.59 105.44
N ASP C 299 -77.92 17.83 104.99
CA ASP C 299 -77.14 18.10 103.78
C ASP C 299 -75.65 18.04 104.01
N THR C 300 -75.02 17.06 103.37
CA THR C 300 -73.58 16.89 103.49
C THR C 300 -72.89 18.11 102.89
N GLY C 301 -73.65 18.94 102.20
CA GLY C 301 -73.09 20.13 101.58
C GLY C 301 -73.02 21.36 102.47
N SER C 302 -73.67 21.32 103.62
CA SER C 302 -73.65 22.46 104.54
C SER C 302 -73.29 22.07 105.96
N ASN C 303 -72.09 22.47 106.37
CA ASN C 303 -71.59 22.19 107.71
C ASN C 303 -71.35 23.52 108.40
N TRP C 304 -71.71 23.60 109.68
CA TRP C 304 -71.56 24.84 110.44
C TRP C 304 -70.22 25.51 110.20
N SER C 305 -69.14 24.72 110.18
CA SER C 305 -67.80 25.23 109.97
C SER C 305 -67.75 26.23 108.80
N GLU C 306 -68.75 26.18 107.94
CA GLU C 306 -68.83 27.09 106.79
C GLU C 306 -69.71 28.26 107.16
N VAL C 307 -70.95 27.95 107.54
CA VAL C 307 -71.94 28.94 107.90
C VAL C 307 -72.12 29.06 109.39
N LEU C 308 -71.13 29.65 110.04
CA LEU C 308 -71.16 29.86 111.48
C LEU C 308 -70.34 31.09 111.79
N PRO C 309 -69.17 31.23 111.16
CA PRO C 309 -68.34 32.41 111.42
C PRO C 309 -69.16 33.66 111.13
N GLN C 310 -69.92 33.62 110.04
CA GLN C 310 -70.76 34.74 109.65
C GLN C 310 -71.57 35.23 110.84
N ILE C 311 -72.29 34.32 111.48
CA ILE C 311 -73.09 34.66 112.64
C ILE C 311 -72.28 35.52 113.60
N GLN C 312 -71.08 35.06 113.92
CA GLN C 312 -70.21 35.77 114.85
C GLN C 312 -69.66 37.06 114.26
N GLU C 313 -69.73 37.22 112.95
CA GLU C 313 -69.22 38.41 112.28
C GLU C 313 -70.32 39.38 111.87
N THR C 314 -71.57 39.05 112.20
CA THR C 314 -72.68 39.92 111.84
C THR C 314 -73.81 39.84 112.84
N THR C 315 -73.47 39.89 114.13
CA THR C 315 -74.48 39.83 115.18
C THR C 315 -73.99 40.45 116.47
N ALA C 316 -74.86 40.42 117.48
CA ALA C 316 -74.54 40.95 118.78
C ALA C 316 -74.60 39.77 119.73
N ARG C 317 -73.57 39.60 120.54
CA ARG C 317 -73.52 38.50 121.48
C ARG C 317 -73.88 38.98 122.88
N ILE C 318 -74.80 38.28 123.53
CA ILE C 318 -75.21 38.67 124.88
C ILE C 318 -75.17 37.46 125.81
N ILE C 319 -74.38 37.57 126.87
CA ILE C 319 -74.27 36.49 127.84
C ILE C 319 -75.11 36.82 129.06
N PHE C 320 -76.25 36.14 129.19
CA PHE C 320 -77.15 36.37 130.31
C PHE C 320 -77.27 35.11 131.14
N ASN C 321 -77.57 35.26 132.42
CA ASN C 321 -77.72 34.10 133.30
C ASN C 321 -78.94 34.25 134.19
N GLY C 322 -80.12 34.10 133.60
CA GLY C 322 -81.33 34.22 134.37
C GLY C 322 -81.98 32.87 134.60
N LYS C 323 -82.07 32.07 133.53
CA LYS C 323 -82.66 30.75 133.61
C LYS C 323 -82.01 29.98 134.76
N ASP C 324 -80.79 30.37 135.07
CA ASP C 324 -80.01 29.79 136.16
C ASP C 324 -78.82 30.71 136.36
N LEU C 325 -77.72 30.16 136.84
CA LEU C 325 -76.53 30.97 137.05
C LEU C 325 -75.48 30.59 136.01
N ASN C 326 -75.86 29.69 135.11
CA ASN C 326 -74.99 29.22 134.05
C ASN C 326 -75.05 30.16 132.85
N LEU C 327 -73.91 30.76 132.52
CA LEU C 327 -73.83 31.69 131.41
C LEU C 327 -74.46 31.15 130.14
N VAL C 328 -75.53 31.81 129.70
CA VAL C 328 -76.23 31.40 128.50
C VAL C 328 -75.84 32.38 127.38
N GLU C 329 -75.53 31.83 126.21
CA GLU C 329 -75.15 32.69 125.09
C GLU C 329 -76.23 32.76 124.03
N ARG C 330 -76.28 33.89 123.33
CA ARG C 330 -77.25 34.12 122.27
C ARG C 330 -76.79 35.30 121.44
N ARG C 331 -77.02 35.23 120.15
CA ARG C 331 -76.62 36.31 119.26
C ARG C 331 -77.84 36.87 118.55
N ILE C 332 -77.95 38.20 118.48
CA ILE C 332 -79.07 38.84 117.82
C ILE C 332 -78.62 39.44 116.51
N ALA C 333 -79.55 39.48 115.56
CA ALA C 333 -79.28 40.02 114.24
C ALA C 333 -79.00 41.51 114.28
N ALA C 334 -77.80 41.86 114.71
CA ALA C 334 -77.40 43.26 114.80
C ALA C 334 -77.11 43.75 113.38
N VAL C 335 -76.60 44.98 113.27
CA VAL C 335 -76.28 45.55 111.97
C VAL C 335 -74.89 46.16 111.97
N ASN C 336 -74.29 46.23 110.79
CA ASN C 336 -72.97 46.81 110.66
C ASN C 336 -73.09 47.95 109.66
N PRO C 337 -72.53 49.12 110.01
CA PRO C 337 -72.58 50.29 109.13
C PRO C 337 -71.71 50.19 107.88
N SER C 338 -70.52 49.62 108.04
CA SER C 338 -69.59 49.47 106.93
C SER C 338 -70.06 48.48 105.87
N ASP C 339 -71.05 47.67 106.20
CA ASP C 339 -71.56 46.66 105.28
C ASP C 339 -72.92 47.00 104.66
N PRO C 340 -72.94 47.30 103.36
CA PRO C 340 -74.18 47.63 102.68
C PRO C 340 -75.24 46.60 103.04
N LEU C 341 -75.05 45.39 102.56
CA LEU C 341 -75.97 44.31 102.83
C LEU C 341 -76.41 44.29 104.29
N GLU C 342 -75.44 44.21 105.19
CA GLU C 342 -75.72 44.17 106.62
C GLU C 342 -76.43 45.42 107.15
N THR C 343 -76.94 46.24 106.25
CA THR C 343 -77.65 47.44 106.64
C THR C 343 -79.10 47.17 106.30
N THR C 344 -79.30 46.16 105.46
CA THR C 344 -80.61 45.74 105.03
C THR C 344 -81.31 45.12 106.23
N LYS C 345 -80.56 44.93 107.29
CA LYS C 345 -81.07 44.33 108.52
C LYS C 345 -81.89 45.33 109.32
N PRO C 346 -82.81 44.83 110.15
CA PRO C 346 -83.66 45.68 110.98
C PRO C 346 -82.84 46.27 112.12
N ASP C 347 -82.91 47.59 112.31
CA ASP C 347 -82.17 48.25 113.39
C ASP C 347 -82.46 47.54 114.70
N MET C 348 -81.43 47.32 115.52
CA MET C 348 -81.63 46.64 116.78
C MET C 348 -81.37 47.48 118.02
N THR C 349 -82.20 47.26 119.04
CA THR C 349 -82.10 47.97 120.30
C THR C 349 -81.82 46.97 121.42
N LEU C 350 -80.95 47.36 122.34
CA LEU C 350 -80.60 46.51 123.48
C LEU C 350 -81.87 45.96 124.12
N LYS C 351 -82.87 46.82 124.30
CA LYS C 351 -84.12 46.41 124.90
C LYS C 351 -84.74 45.28 124.09
N GLU C 352 -85.27 45.63 122.92
CA GLU C 352 -85.89 44.64 122.03
C GLU C 352 -85.08 43.35 122.05
N ALA C 353 -83.75 43.48 122.06
CA ALA C 353 -82.88 42.32 122.08
C ALA C 353 -83.21 41.43 123.28
N LEU C 354 -83.01 41.94 124.49
CA LEU C 354 -83.28 41.18 125.71
C LEU C 354 -84.70 40.61 125.76
N LYS C 355 -85.55 41.03 124.85
CA LYS C 355 -86.92 40.53 124.83
C LYS C 355 -87.01 39.21 124.08
N ILE C 356 -86.42 39.17 122.90
CA ILE C 356 -86.43 37.96 122.08
C ILE C 356 -85.26 37.04 122.38
N ALA C 357 -84.10 37.63 122.64
CA ALA C 357 -82.90 36.87 122.94
C ALA C 357 -83.08 35.88 124.09
N PHE C 358 -83.63 36.36 125.20
CA PHE C 358 -83.82 35.52 126.36
C PHE C 358 -85.27 35.42 126.81
N GLY C 359 -86.02 36.51 126.66
CA GLY C 359 -87.42 36.49 127.05
C GLY C 359 -87.89 37.57 128.00
N PHE C 360 -87.09 38.63 128.19
CA PHE C 360 -87.50 39.71 129.08
C PHE C 360 -88.84 40.25 128.61
N ASN C 361 -89.68 40.68 129.55
CA ASN C 361 -90.99 41.21 129.22
C ASN C 361 -91.35 42.48 129.98
N GLU C 362 -92.43 43.13 129.56
CA GLU C 362 -92.89 44.36 130.19
C GLU C 362 -94.26 44.13 130.82
N PRO C 363 -94.29 43.58 132.04
CA PRO C 363 -95.54 43.32 132.77
C PRO C 363 -96.37 44.57 133.00
N ASN C 364 -95.82 45.50 133.79
CA ASN C 364 -96.50 46.75 134.10
C ASN C 364 -95.72 47.95 133.59
N GLY C 365 -94.91 47.74 132.56
CA GLY C 365 -94.11 48.83 132.02
C GLY C 365 -92.66 48.77 132.42
N ASN C 366 -92.29 47.74 133.16
CA ASN C 366 -90.92 47.57 133.61
C ASN C 366 -90.28 46.35 132.96
N LEU C 367 -89.22 46.59 132.19
CA LEU C 367 -88.52 45.52 131.49
C LEU C 367 -87.85 44.57 132.48
N GLN C 368 -88.59 43.56 132.92
CA GLN C 368 -88.06 42.59 133.87
C GLN C 368 -87.91 41.21 133.24
N TYR C 369 -87.37 40.28 134.02
CA TYR C 369 -87.16 38.92 133.55
C TYR C 369 -87.80 37.91 134.51
N GLN C 370 -88.93 37.35 134.11
CA GLN C 370 -89.63 36.36 134.93
C GLN C 370 -89.75 36.82 136.38
N GLY C 371 -89.68 38.13 136.60
CA GLY C 371 -89.78 38.64 137.96
C GLY C 371 -88.71 39.67 138.29
N LYS C 372 -87.45 39.31 138.05
CA LYS C 372 -86.35 40.21 138.34
C LYS C 372 -86.39 41.41 137.38
N ASP C 373 -86.03 42.59 137.91
CA ASP C 373 -86.02 43.81 137.12
C ASP C 373 -84.68 43.99 136.42
N ILE C 374 -84.73 44.43 135.17
CA ILE C 374 -83.51 44.64 134.37
C ILE C 374 -82.42 45.40 135.14
N THR C 375 -82.82 46.06 136.23
CA THR C 375 -81.87 46.81 137.03
C THR C 375 -81.14 45.94 138.04
N GLU C 376 -81.52 44.66 138.12
CA GLU C 376 -80.87 43.74 139.05
C GLU C 376 -79.70 43.01 138.41
N PHE C 377 -79.33 43.42 137.21
CA PHE C 377 -78.21 42.80 136.51
C PHE C 377 -77.18 43.81 136.06
N ASP C 378 -75.91 43.45 136.18
CA ASP C 378 -74.82 44.34 135.79
C ASP C 378 -74.52 44.21 134.30
N PHE C 379 -74.30 45.36 133.65
CA PHE C 379 -73.99 45.40 132.23
C PHE C 379 -72.48 45.56 132.04
N ASN C 380 -71.84 44.58 131.43
CA ASN C 380 -70.40 44.64 131.19
C ASN C 380 -70.10 44.47 129.70
N PHE C 381 -69.41 45.45 129.13
CA PHE C 381 -69.06 45.42 127.71
C PHE C 381 -67.57 45.23 127.51
N ASP C 382 -67.18 44.99 126.26
CA ASP C 382 -65.78 44.80 125.93
C ASP C 382 -65.16 46.13 125.52
N GLN C 383 -63.84 46.16 125.38
CA GLN C 383 -63.12 47.36 125.00
C GLN C 383 -63.84 48.12 123.88
N GLN C 384 -64.31 47.38 122.89
CA GLN C 384 -65.03 47.96 121.75
C GLN C 384 -66.42 48.40 122.14
N THR C 385 -67.32 47.44 122.29
CA THR C 385 -68.71 47.70 122.66
C THR C 385 -68.85 48.82 123.69
N SER C 386 -67.87 48.95 124.58
CA SER C 386 -67.89 49.99 125.59
C SER C 386 -68.10 51.35 124.92
N GLN C 387 -67.16 51.73 124.07
CA GLN C 387 -67.22 53.00 123.36
C GLN C 387 -68.52 53.13 122.57
N ASN C 388 -68.74 52.19 121.66
CA ASN C 388 -69.92 52.19 120.80
C ASN C 388 -71.21 52.50 121.54
N ILE C 389 -71.24 52.22 122.83
CA ILE C 389 -72.41 52.49 123.65
C ILE C 389 -72.22 53.80 124.39
N LYS C 390 -71.00 54.08 124.81
CA LYS C 390 -70.70 55.32 125.52
C LYS C 390 -71.05 56.49 124.62
N ASN C 391 -70.67 56.39 123.35
CA ASN C 391 -70.94 57.44 122.37
C ASN C 391 -72.42 57.67 122.19
N GLN C 392 -73.23 56.64 122.50
CA GLN C 392 -74.67 56.76 122.38
C GLN C 392 -75.24 57.45 123.61
N LEU C 393 -74.76 57.04 124.79
CA LEU C 393 -75.22 57.63 126.04
C LEU C 393 -74.81 59.10 126.06
N ALA C 394 -73.89 59.46 125.17
CA ALA C 394 -73.41 60.83 125.07
C ALA C 394 -74.40 61.67 124.26
N GLU C 395 -74.62 61.26 123.03
CA GLU C 395 -75.54 61.98 122.14
C GLU C 395 -76.99 61.76 122.56
N LEU C 396 -77.18 61.27 123.78
CA LEU C 396 -78.51 61.02 124.32
C LEU C 396 -78.63 61.61 125.72
N ASN C 397 -77.58 62.32 126.14
CA ASN C 397 -77.54 62.97 127.45
C ASN C 397 -78.19 62.14 128.54
N ALA C 398 -77.40 61.27 129.17
CA ALA C 398 -77.87 60.42 130.25
C ALA C 398 -76.71 59.69 130.90
N THR C 399 -76.88 59.32 132.16
CA THR C 399 -75.83 58.63 132.89
C THR C 399 -76.29 57.22 133.24
N ASN C 400 -77.59 56.99 133.19
CA ASN C 400 -78.15 55.68 133.50
C ASN C 400 -78.63 55.01 132.22
N ILE C 401 -77.99 53.91 131.87
CA ILE C 401 -78.33 53.17 130.65
C ILE C 401 -79.68 52.48 130.77
N TYR C 402 -80.04 52.05 131.98
CA TYR C 402 -81.32 51.38 132.21
C TYR C 402 -82.49 52.23 131.72
N THR C 403 -82.25 53.54 131.59
CA THR C 403 -83.27 54.46 131.13
C THR C 403 -83.31 54.49 129.60
N VAL C 404 -82.23 55.00 129.00
CA VAL C 404 -82.12 55.08 127.55
C VAL C 404 -81.90 53.69 126.96
N LEU C 405 -82.20 52.67 127.76
CA LEU C 405 -82.05 51.28 127.37
C LEU C 405 -82.64 51.05 125.98
N ASP C 406 -83.94 51.32 125.86
CA ASP C 406 -84.65 51.15 124.61
C ASP C 406 -84.23 52.13 123.52
N LYS C 407 -82.99 52.59 123.60
CA LYS C 407 -82.47 53.53 122.62
C LYS C 407 -81.00 53.29 122.34
N ILE C 408 -80.53 52.07 122.61
CA ILE C 408 -79.14 51.70 122.38
C ILE C 408 -79.05 50.84 121.12
N LYS C 409 -78.33 51.33 120.12
CA LYS C 409 -78.16 50.61 118.87
C LYS C 409 -77.10 49.52 118.97
N LEU C 410 -77.50 48.27 118.76
CA LEU C 410 -76.55 47.16 118.83
C LEU C 410 -75.94 46.92 117.45
N ASN C 411 -74.62 47.05 117.35
CA ASN C 411 -73.92 46.84 116.09
C ASN C 411 -73.24 45.48 116.09
N ALA C 412 -73.12 44.88 114.92
CA ALA C 412 -72.49 43.56 114.79
C ALA C 412 -71.14 43.54 115.51
N LYS C 413 -70.76 42.37 115.99
CA LYS C 413 -69.49 42.21 116.70
C LYS C 413 -69.54 42.79 118.10
N MET C 414 -70.73 43.24 118.50
CA MET C 414 -70.92 43.81 119.82
C MET C 414 -71.04 42.66 120.83
N ASN C 415 -70.42 42.82 121.99
CA ASN C 415 -70.48 41.79 123.03
C ASN C 415 -71.01 42.38 124.33
N ILE C 416 -71.95 41.70 124.96
CA ILE C 416 -72.54 42.17 126.20
C ILE C 416 -72.73 41.06 127.22
N LEU C 417 -72.39 41.36 128.48
CA LEU C 417 -72.51 40.37 129.56
C LEU C 417 -73.50 40.79 130.64
N ILE C 418 -74.70 40.24 130.57
CA ILE C 418 -75.73 40.54 131.56
C ILE C 418 -75.76 39.45 132.62
N ARG C 419 -75.28 39.78 133.81
CA ARG C 419 -75.25 38.83 134.90
C ARG C 419 -75.97 39.37 136.13
N ASP C 420 -76.62 38.47 136.87
CA ASP C 420 -77.35 38.85 138.08
C ASP C 420 -76.42 39.64 139.00
N LYS C 421 -76.88 40.79 139.47
CA LYS C 421 -76.08 41.65 140.33
C LYS C 421 -76.02 41.17 141.79
N ARG C 422 -76.85 40.18 142.13
CA ARG C 422 -76.88 39.66 143.50
C ARG C 422 -75.58 39.03 143.97
N PHE C 423 -75.22 37.89 143.38
CA PHE C 423 -74.01 37.17 143.77
C PHE C 423 -72.72 37.78 143.24
N HIS C 424 -71.60 37.39 143.85
CA HIS C 424 -70.28 37.87 143.43
C HIS C 424 -69.85 37.00 142.25
N TYR C 425 -68.83 37.45 141.53
CA TYR C 425 -68.35 36.68 140.39
C TYR C 425 -66.84 36.55 140.39
N ASP C 426 -66.36 35.45 139.82
CA ASP C 426 -64.93 35.17 139.75
C ASP C 426 -64.27 35.65 138.47
N ARG C 427 -63.25 34.91 138.04
CA ARG C 427 -62.50 35.23 136.84
C ARG C 427 -63.18 34.63 135.61
N ASN C 428 -63.92 33.55 135.81
CA ASN C 428 -64.61 32.86 134.71
C ASN C 428 -66.08 33.24 134.61
N ASN C 429 -66.50 34.22 135.43
CA ASN C 429 -67.88 34.67 135.43
C ASN C 429 -68.82 33.57 135.89
N ILE C 430 -68.56 33.02 137.07
CA ILE C 430 -69.38 31.96 137.60
C ILE C 430 -70.04 32.34 138.91
N ALA C 431 -71.17 31.69 139.19
CA ALA C 431 -71.90 31.93 140.43
C ALA C 431 -71.00 31.55 141.59
N VAL C 432 -70.30 32.54 142.13
CA VAL C 432 -69.40 32.30 143.24
C VAL C 432 -70.10 32.32 144.60
N GLY C 433 -70.42 33.52 145.06
CA GLY C 433 -71.10 33.67 146.35
C GLY C 433 -71.54 35.11 146.58
N ALA C 434 -72.79 35.28 146.99
CA ALA C 434 -73.34 36.61 147.24
C ALA C 434 -72.94 37.17 148.60
N ASP C 435 -73.71 38.15 149.06
CA ASP C 435 -73.47 38.80 150.35
C ASP C 435 -74.24 38.09 151.46
N GLU C 436 -73.71 38.16 152.68
CA GLU C 436 -74.34 37.53 153.84
C GLU C 436 -75.84 37.75 153.86
N SER C 437 -76.24 38.98 153.53
CA SER C 437 -77.65 39.34 153.50
C SER C 437 -78.45 38.30 152.72
N VAL C 438 -78.36 38.38 151.40
CA VAL C 438 -79.07 37.46 150.52
C VAL C 438 -78.94 36.02 151.01
N VAL C 439 -77.75 35.66 151.46
CA VAL C 439 -77.49 34.31 151.95
C VAL C 439 -78.46 33.95 153.08
N LYS C 440 -78.36 34.69 154.18
CA LYS C 440 -79.22 34.44 155.33
C LYS C 440 -80.68 34.31 154.90
N GLU C 441 -81.15 35.30 154.15
CA GLU C 441 -82.53 35.33 153.67
C GLU C 441 -82.98 33.95 153.17
N ALA C 442 -82.25 33.40 152.21
CA ALA C 442 -82.58 32.10 151.63
C ALA C 442 -82.80 30.99 152.65
N HIS C 443 -82.23 31.15 153.84
CA HIS C 443 -82.36 30.14 154.87
C HIS C 443 -83.42 30.47 155.92
N ARG C 444 -83.92 31.71 155.90
CA ARG C 444 -84.92 32.14 156.86
C ARG C 444 -86.02 31.11 157.06
N GLU C 445 -86.25 30.28 156.04
CA GLU C 445 -87.29 29.26 156.11
C GLU C 445 -86.81 27.97 156.76
N VAL C 446 -87.66 27.40 157.61
CA VAL C 446 -87.36 26.15 158.32
C VAL C 446 -88.55 25.22 158.16
N ILE C 447 -88.28 23.92 158.06
CA ILE C 447 -89.34 22.94 157.90
C ILE C 447 -89.33 21.88 158.99
N ASN C 448 -88.15 21.49 159.44
CA ASN C 448 -88.04 20.47 160.48
C ASN C 448 -86.69 20.49 161.17
N SER C 449 -86.70 20.79 162.47
CA SER C 449 -85.49 20.82 163.26
C SER C 449 -85.39 19.51 164.03
N SER C 450 -84.22 18.87 163.97
CA SER C 450 -84.01 17.60 164.66
C SER C 450 -82.58 17.42 165.11
N THR C 451 -82.37 16.49 166.04
CA THR C 451 -81.04 16.19 166.55
C THR C 451 -80.28 15.41 165.50
N GLU C 452 -80.93 15.17 164.36
CA GLU C 452 -80.33 14.43 163.27
C GLU C 452 -79.88 15.37 162.16
N GLY C 453 -80.80 16.21 161.69
CA GLY C 453 -80.48 17.14 160.63
C GLY C 453 -81.62 18.09 160.29
N LEU C 454 -81.28 19.31 159.92
CA LEU C 454 -82.28 20.31 159.56
C LEU C 454 -82.81 20.12 158.16
N LEU C 455 -84.09 20.40 157.97
CA LEU C 455 -84.73 20.29 156.67
C LEU C 455 -85.25 21.66 156.29
N LEU C 456 -84.66 22.26 155.26
CA LEU C 456 -85.06 23.58 154.81
C LEU C 456 -85.47 23.60 153.34
N ASN C 457 -86.02 24.73 152.92
CA ASN C 457 -86.45 24.91 151.54
C ASN C 457 -85.61 26.03 150.95
N ILE C 458 -84.29 25.95 151.16
CA ILE C 458 -83.35 26.95 150.67
C ILE C 458 -83.52 27.22 149.17
N ASP C 459 -83.31 28.48 148.79
CA ASP C 459 -83.43 28.90 147.41
C ASP C 459 -82.36 28.28 146.52
N LYS C 460 -82.79 27.77 145.37
CA LYS C 460 -81.87 27.12 144.42
C LYS C 460 -80.77 28.08 143.98
N ASP C 461 -81.16 29.23 143.47
CA ASP C 461 -80.22 30.25 143.01
C ASP C 461 -79.14 30.53 144.05
N ILE C 462 -79.49 30.40 145.32
CA ILE C 462 -78.54 30.65 146.39
C ILE C 462 -77.70 29.42 146.67
N ARG C 463 -78.37 28.35 147.11
CA ARG C 463 -77.70 27.11 147.44
C ARG C 463 -76.55 26.79 146.50
N LYS C 464 -76.66 27.23 145.24
CA LYS C 464 -75.62 26.99 144.26
C LYS C 464 -74.32 27.74 144.52
N ILE C 465 -74.33 28.68 145.47
CA ILE C 465 -73.11 29.43 145.78
C ILE C 465 -72.57 29.03 147.15
N LEU C 466 -73.04 27.89 147.65
CA LEU C 466 -72.61 27.41 148.96
C LEU C 466 -71.77 26.15 148.87
N SER C 467 -70.61 26.19 149.55
CA SER C 467 -69.71 25.06 149.57
C SER C 467 -70.20 24.04 150.60
N GLY C 468 -70.51 24.51 151.80
CA GLY C 468 -70.99 23.62 152.84
C GLY C 468 -71.42 24.34 154.11
N TYR C 469 -71.68 23.56 155.15
CA TYR C 469 -72.12 24.11 156.44
C TYR C 469 -71.27 23.57 157.58
N ILE C 470 -70.98 24.44 158.56
CA ILE C 470 -70.18 24.07 159.72
C ILE C 470 -71.10 23.92 160.93
N VAL C 471 -71.22 22.69 161.43
CA VAL C 471 -72.06 22.42 162.58
C VAL C 471 -71.27 22.57 163.88
N GLU C 472 -71.73 23.43 164.78
CA GLU C 472 -71.05 23.64 166.04
C GLU C 472 -72.05 23.79 167.19
N ILE C 473 -71.52 24.12 168.36
CA ILE C 473 -72.35 24.31 169.55
C ILE C 473 -71.75 25.36 170.48
N GLU C 474 -72.51 26.42 170.73
CA GLU C 474 -72.06 27.51 171.60
C GLU C 474 -72.61 27.33 173.02
N ASP C 475 -71.70 27.29 173.98
CA ASP C 475 -72.08 27.12 175.38
C ASP C 475 -72.80 28.37 175.88
N THR C 476 -73.63 28.21 176.90
CA THR C 476 -74.39 29.32 177.47
C THR C 476 -73.47 30.46 177.91
N GLU C 477 -72.16 30.20 177.91
CA GLU C 477 -71.18 31.21 178.32
C GLU C 477 -70.58 31.91 177.11
N GLY C 478 -70.05 31.12 176.17
CA GLY C 478 -69.44 31.70 174.97
C GLY C 478 -68.40 30.79 174.35
N LEU C 479 -68.69 29.49 174.32
CA LEU C 479 -67.77 28.52 173.74
C LEU C 479 -68.05 28.29 172.26
N LYS C 480 -67.01 27.94 171.51
CA LYS C 480 -67.13 27.70 170.08
C LYS C 480 -66.78 26.26 169.72
N GLU C 481 -67.50 25.31 170.31
CA GLU C 481 -67.28 23.89 170.03
C GLU C 481 -67.87 23.57 168.67
N VAL C 482 -67.05 23.04 167.77
CA VAL C 482 -67.53 22.71 166.42
C VAL C 482 -67.49 21.21 166.16
N ILE C 483 -68.53 20.71 165.49
CA ILE C 483 -68.60 19.28 165.17
C ILE C 483 -67.58 19.02 164.05
N ASN C 484 -68.06 18.97 162.81
CA ASN C 484 -67.18 18.75 161.67
C ASN C 484 -66.26 19.96 161.56
N ASP C 485 -65.11 19.88 162.23
CA ASP C 485 -64.16 20.98 162.25
C ASP C 485 -63.09 20.93 161.16
N ARG C 486 -63.13 19.91 160.31
CA ARG C 486 -62.14 19.81 159.23
C ARG C 486 -62.68 20.33 157.91
N TYR C 487 -61.87 21.11 157.20
CA TYR C 487 -62.27 21.71 155.93
C TYR C 487 -62.96 20.72 155.02
N ASP C 488 -62.58 19.45 155.12
CA ASP C 488 -63.15 18.41 154.28
C ASP C 488 -64.40 17.78 154.89
N MET C 489 -64.90 18.38 155.97
CA MET C 489 -66.09 17.87 156.63
C MET C 489 -67.26 18.82 156.44
N LEU C 490 -67.23 19.56 155.34
CA LEU C 490 -68.30 20.51 155.04
C LEU C 490 -69.40 19.83 154.23
N ASN C 491 -69.05 18.70 153.63
CA ASN C 491 -69.98 17.93 152.82
C ASN C 491 -71.10 17.33 153.66
N ILE C 492 -72.18 18.08 153.83
CA ILE C 492 -73.33 17.62 154.61
C ILE C 492 -74.66 17.88 153.91
N SER C 493 -74.86 19.12 153.46
CA SER C 493 -76.10 19.51 152.79
C SER C 493 -76.50 18.54 151.69
N SER C 494 -77.65 17.88 151.89
CA SER C 494 -78.19 16.94 150.91
C SER C 494 -79.28 17.66 150.15
N LEU C 495 -80.14 16.91 149.46
CA LEU C 495 -81.23 17.52 148.70
C LEU C 495 -82.26 16.51 148.22
N ARG C 496 -83.44 16.53 148.86
CA ARG C 496 -84.51 15.63 148.47
C ARG C 496 -85.07 16.08 147.13
N GLN C 497 -85.61 15.13 146.37
CA GLN C 497 -86.16 15.45 145.05
C GLN C 497 -87.43 16.28 145.18
N ASP C 498 -87.78 16.64 146.42
CA ASP C 498 -88.96 17.45 146.66
C ASP C 498 -88.61 18.93 146.64
N GLY C 499 -87.32 19.21 146.46
CA GLY C 499 -86.87 20.59 146.40
C GLY C 499 -86.45 21.17 147.75
N LYS C 500 -86.30 20.32 148.75
CA LYS C 500 -85.90 20.79 150.07
C LYS C 500 -84.51 20.29 150.47
N THR C 501 -83.65 21.22 150.84
CA THR C 501 -82.28 20.90 151.25
C THR C 501 -82.28 20.24 152.63
N PHE C 502 -81.80 19.00 152.68
CA PHE C 502 -81.74 18.27 153.94
C PHE C 502 -80.35 18.21 154.52
N ILE C 503 -80.15 18.88 155.66
CA ILE C 503 -78.86 18.90 156.32
C ILE C 503 -78.80 17.72 157.30
N ASP C 504 -77.58 17.27 157.62
CA ASP C 504 -77.40 16.16 158.54
C ASP C 504 -76.14 16.37 159.36
N PHE C 505 -76.29 16.34 160.68
CA PHE C 505 -75.16 16.52 161.59
C PHE C 505 -74.50 15.16 161.79
N LYS C 506 -75.31 14.11 161.68
CA LYS C 506 -74.86 12.73 161.87
C LYS C 506 -73.75 12.27 160.92
N LYS C 507 -73.76 12.80 159.70
CA LYS C 507 -72.75 12.42 158.71
C LYS C 507 -71.34 12.65 159.24
N TYR C 508 -71.24 13.44 160.31
CA TYR C 508 -69.96 13.74 160.94
C TYR C 508 -70.04 13.76 162.46
N ASN C 509 -70.46 12.63 163.04
CA ASN C 509 -70.58 12.47 164.49
C ASN C 509 -70.90 11.01 164.82
N ASP C 510 -70.01 10.11 164.40
CA ASP C 510 -70.19 8.68 164.64
C ASP C 510 -71.56 8.17 164.24
N LYS C 511 -72.10 8.72 163.15
CA LYS C 511 -73.40 8.31 162.64
C LYS C 511 -74.49 8.42 163.70
N LEU C 512 -74.18 9.08 164.81
CA LEU C 512 -75.15 9.24 165.89
C LEU C 512 -75.64 10.68 165.97
N PRO C 513 -76.93 10.88 166.31
CA PRO C 513 -77.53 12.21 166.41
C PRO C 513 -76.82 13.12 167.41
N LEU C 514 -77.25 14.37 167.45
CA LEU C 514 -76.68 15.36 168.35
C LEU C 514 -76.60 14.92 169.81
N TYR C 515 -75.71 15.57 170.54
CA TYR C 515 -75.50 15.28 171.96
C TYR C 515 -75.77 16.57 172.74
N ILE C 516 -76.93 16.63 173.39
CA ILE C 516 -77.31 17.80 174.15
C ILE C 516 -77.24 17.55 175.65
N SER C 517 -76.08 17.80 176.24
CA SER C 517 -75.89 17.61 177.68
C SER C 517 -76.72 18.64 178.43
N ASN C 518 -76.93 19.79 177.80
CA ASN C 518 -77.70 20.88 178.40
C ASN C 518 -78.56 21.51 177.32
N PRO C 519 -79.88 21.20 177.31
CA PRO C 519 -80.82 21.75 176.33
C PRO C 519 -81.05 23.26 176.46
N ASN C 520 -79.97 24.01 176.52
CA ASN C 520 -80.03 25.47 176.64
C ASN C 520 -78.90 26.10 175.85
N TYR C 521 -78.18 25.28 175.09
CA TYR C 521 -77.06 25.75 174.27
C TYR C 521 -77.57 26.41 172.99
N LYS C 522 -76.70 26.47 171.99
CA LYS C 522 -77.06 27.08 170.71
C LYS C 522 -76.42 26.33 169.54
N VAL C 523 -77.18 25.45 168.91
CA VAL C 523 -76.67 24.70 167.77
C VAL C 523 -76.42 25.66 166.61
N ASN C 524 -75.20 26.15 166.52
CA ASN C 524 -74.83 27.09 165.45
C ASN C 524 -74.34 26.41 164.19
N VAL C 525 -75.17 26.44 163.15
CA VAL C 525 -74.86 25.84 161.86
C VAL C 525 -74.62 26.98 160.87
N TYR C 526 -73.38 27.15 160.46
CA TYR C 526 -73.02 28.21 159.52
C TYR C 526 -73.04 27.73 158.07
N ALA C 527 -72.85 28.67 157.16
CA ALA C 527 -72.83 28.37 155.73
C ALA C 527 -71.55 28.96 155.17
N VAL C 528 -70.95 28.27 154.21
CA VAL C 528 -69.71 28.75 153.60
C VAL C 528 -69.84 28.85 152.09
N THR C 529 -69.82 30.07 151.58
CA THR C 529 -69.93 30.30 150.14
C THR C 529 -68.68 29.74 149.46
N LYS C 530 -68.81 29.39 148.18
CA LYS C 530 -67.69 28.86 147.43
C LYS C 530 -66.49 29.79 147.52
N GLU C 531 -66.70 31.06 147.19
CA GLU C 531 -65.64 32.05 147.21
C GLU C 531 -64.79 31.98 148.48
N ASN C 532 -65.40 31.63 149.61
CA ASN C 532 -64.69 31.55 150.87
C ASN C 532 -64.08 30.19 151.19
N THR C 533 -64.86 29.14 151.00
CA THR C 533 -64.42 27.78 151.30
C THR C 533 -62.98 27.45 150.93
N ILE C 534 -62.36 26.60 151.75
CA ILE C 534 -60.99 26.18 151.52
C ILE C 534 -61.00 24.73 151.05
N ILE C 535 -59.91 24.32 150.42
CA ILE C 535 -59.80 22.96 149.89
C ILE C 535 -58.58 22.18 150.36
N ASN C 536 -57.61 22.87 150.93
CA ASN C 536 -56.39 22.22 151.41
C ASN C 536 -55.87 22.83 152.69
N PRO C 537 -55.15 22.04 153.50
CA PRO C 537 -54.58 22.49 154.78
C PRO C 537 -53.70 23.73 154.61
N SER C 538 -53.43 24.41 155.72
CA SER C 538 -52.59 25.61 155.69
C SER C 538 -51.12 25.24 155.58
N GLU C 539 -50.26 26.26 155.46
CA GLU C 539 -48.82 26.07 155.34
C GLU C 539 -48.34 24.94 156.24
N ASN C 540 -49.05 24.74 157.35
CA ASN C 540 -48.72 23.70 158.31
C ASN C 540 -49.60 22.47 158.04
N GLY C 541 -50.50 22.19 158.98
CA GLY C 541 -51.39 21.06 158.83
C GLY C 541 -52.73 21.37 159.46
N ASP C 542 -53.09 22.65 159.42
CA ASP C 542 -54.35 23.11 160.00
C ASP C 542 -55.56 22.59 159.20
N THR C 543 -56.03 21.42 159.57
CA THR C 543 -57.18 20.81 158.91
C THR C 543 -58.45 21.29 159.59
N SER C 544 -58.33 22.39 160.33
CA SER C 544 -59.47 22.95 161.07
C SER C 544 -60.22 24.03 160.30
N THR C 545 -61.37 24.41 160.86
CA THR C 545 -62.22 25.44 160.26
C THR C 545 -61.89 26.80 160.89
N ASN C 546 -60.71 26.90 161.47
CA ASN C 546 -60.26 28.13 162.11
C ASN C 546 -60.34 29.31 161.15
N GLY C 547 -59.43 29.34 160.18
CA GLY C 547 -59.40 30.43 159.22
C GLY C 547 -60.42 30.32 158.12
N ILE C 548 -61.67 30.66 158.41
CA ILE C 548 -62.76 30.60 157.44
C ILE C 548 -63.67 31.80 157.60
N LYS C 549 -64.45 32.09 156.57
CA LYS C 549 -65.39 33.19 156.61
C LYS C 549 -66.79 32.62 156.43
N LYS C 550 -67.32 31.97 157.46
CA LYS C 550 -68.65 31.39 157.37
C LYS C 550 -69.73 32.42 157.67
N ILE C 551 -70.98 32.02 157.51
CA ILE C 551 -72.10 32.91 157.75
C ILE C 551 -73.18 32.22 158.60
N LEU C 552 -73.65 32.92 159.62
CA LEU C 552 -74.68 32.40 160.51
C LEU C 552 -75.98 32.13 159.77
N ILE C 553 -76.39 30.87 159.74
CA ILE C 553 -77.62 30.48 159.06
C ILE C 553 -78.64 29.91 160.05
N PHE C 554 -78.16 29.35 161.16
CA PHE C 554 -79.04 28.76 162.16
C PHE C 554 -78.53 29.08 163.56
N SER C 555 -79.42 28.98 164.55
CA SER C 555 -79.05 29.26 165.93
C SER C 555 -80.23 29.08 166.88
N LYS C 556 -80.69 27.85 167.03
CA LYS C 556 -81.81 27.56 167.92
C LYS C 556 -81.33 26.96 169.23
N LYS C 557 -82.16 27.03 170.26
CA LYS C 557 -81.81 26.49 171.57
C LYS C 557 -82.04 24.99 171.65
N GLY C 558 -81.48 24.38 172.69
CA GLY C 558 -81.62 22.94 172.86
C GLY C 558 -83.07 22.50 173.02
N TYR C 559 -83.88 23.33 173.67
CA TYR C 559 -85.28 23.01 173.89
C TYR C 559 -86.14 23.45 172.71
N GLU C 560 -85.54 24.20 171.78
CA GLU C 560 -86.24 24.68 170.60
C GLU C 560 -86.00 23.78 169.41
N ILE C 561 -85.77 22.50 169.67
CA ILE C 561 -85.53 21.52 168.62
C ILE C 561 -86.20 20.19 168.95
N GLY C 562 -85.63 19.48 169.92
CA GLY C 562 -86.18 18.20 170.33
C GLY C 562 -85.18 17.33 171.06
N SER D 1 -33.87 -1.29 183.70
CA SER D 1 -34.16 -1.72 185.07
C SER D 1 -35.40 -1.00 185.61
N CYS D 2 -35.23 -0.29 186.73
CA CYS D 2 -36.32 0.44 187.34
C CYS D 2 -36.17 1.94 187.12
N ARG D 3 -37.27 2.67 187.23
CA ARG D 3 -37.28 4.12 187.04
C ARG D 3 -38.15 4.82 188.07
N ARG D 4 -38.14 6.14 188.07
CA ARG D 4 -38.94 6.90 189.02
C ARG D 4 -39.77 7.99 188.32
N ALA D 5 -39.23 8.53 187.24
CA ALA D 5 -39.91 9.59 186.49
C ALA D 5 -40.75 9.06 185.35
N PHE D 6 -42.07 9.14 185.50
CA PHE D 6 -43.00 8.68 184.48
C PHE D 6 -43.81 9.86 183.94
N ASP D 7 -44.12 9.81 182.65
CA ASP D 7 -44.91 10.85 182.00
C ASP D 7 -46.18 10.21 181.46
N LEU D 8 -47.31 10.52 182.08
CA LEU D 8 -48.57 9.95 181.66
C LEU D 8 -49.33 10.84 180.68
N TYR D 9 -49.69 10.26 179.54
CA TYR D 9 -50.44 10.98 178.51
C TYR D 9 -51.88 10.50 178.51
N PHE D 10 -52.81 11.44 178.65
CA PHE D 10 -54.23 11.09 178.68
C PHE D 10 -55.00 11.47 177.43
N VAL D 11 -54.92 10.60 176.42
CA VAL D 11 -55.63 10.81 175.17
C VAL D 11 -57.08 10.39 175.42
N LEU D 12 -57.98 11.35 175.31
CA LEU D 12 -59.40 11.08 175.57
C LEU D 12 -60.31 11.22 174.35
N ASP D 13 -61.11 10.18 174.13
CA ASP D 13 -62.06 10.15 173.02
C ASP D 13 -63.29 10.95 173.39
N LYS D 14 -63.41 12.16 172.85
CA LYS D 14 -64.57 12.98 173.15
C LYS D 14 -65.55 12.96 171.98
N SER D 15 -65.72 11.80 171.37
CA SER D 15 -66.62 11.65 170.22
C SER D 15 -68.05 11.40 170.71
N GLY D 16 -69.02 11.68 169.84
CA GLY D 16 -70.41 11.47 170.19
C GLY D 16 -70.74 10.06 170.63
N SER D 17 -70.05 9.08 170.05
CA SER D 17 -70.27 7.68 170.39
C SER D 17 -70.08 7.41 171.88
N VAL D 18 -69.17 8.16 172.50
CA VAL D 18 -68.90 8.02 173.92
C VAL D 18 -69.34 9.26 174.69
N ALA D 19 -70.42 9.87 174.25
CA ALA D 19 -70.95 11.07 174.89
C ALA D 19 -71.73 10.73 176.15
N ASN D 20 -72.08 9.46 176.30
CA ASN D 20 -72.84 9.00 177.45
C ASN D 20 -71.94 8.71 178.66
N ASN D 21 -70.91 7.90 178.44
CA ASN D 21 -69.99 7.51 179.49
C ASN D 21 -68.73 8.37 179.55
N TRP D 22 -68.90 9.69 179.46
CA TRP D 22 -67.75 10.58 179.52
C TRP D 22 -67.23 10.68 180.95
N ILE D 23 -68.14 10.74 181.91
CA ILE D 23 -67.78 10.84 183.31
C ILE D 23 -66.82 9.72 183.72
N GLU D 24 -67.13 8.49 183.33
CA GLU D 24 -66.29 7.34 183.66
C GLU D 24 -64.87 7.63 183.20
N ILE D 25 -64.75 8.16 182.00
CA ILE D 25 -63.45 8.50 181.42
C ILE D 25 -62.78 9.57 182.27
N TYR D 26 -63.56 10.56 182.69
CA TYR D 26 -63.02 11.63 183.52
C TYR D 26 -62.61 11.09 184.88
N ASN D 27 -63.43 10.18 185.42
CA ASN D 27 -63.14 9.58 186.70
C ASN D 27 -61.84 8.82 186.63
N PHE D 28 -61.68 8.02 185.58
CA PHE D 28 -60.47 7.24 185.39
C PHE D 28 -59.25 8.17 185.26
N VAL D 29 -59.46 9.34 184.69
CA VAL D 29 -58.39 10.32 184.51
C VAL D 29 -58.24 11.15 185.77
N GLN D 30 -59.22 11.05 186.67
CA GLN D 30 -59.18 11.79 187.92
C GLN D 30 -58.66 10.87 189.02
N GLN D 31 -59.09 9.61 188.99
CA GLN D 31 -58.68 8.61 189.97
C GLN D 31 -57.23 8.19 189.72
N LEU D 32 -56.73 8.52 188.54
CA LEU D 32 -55.37 8.18 188.15
C LEU D 32 -54.43 9.33 188.50
N ALA D 33 -54.90 10.57 188.27
CA ALA D 33 -54.11 11.75 188.57
C ALA D 33 -54.10 11.94 190.08
N GLU D 34 -55.04 11.26 190.74
CA GLU D 34 -55.17 11.31 192.19
C GLU D 34 -54.15 10.37 192.82
N ARG D 35 -53.81 9.31 192.08
CA ARG D 35 -52.84 8.32 192.54
C ARG D 35 -51.41 8.83 192.42
N PHE D 36 -50.88 8.78 191.21
CA PHE D 36 -49.51 9.23 190.95
C PHE D 36 -49.38 10.71 191.26
N VAL D 37 -48.84 11.03 192.44
CA VAL D 37 -48.67 12.42 192.84
C VAL D 37 -47.19 12.74 193.08
N SER D 38 -46.32 12.10 192.31
CA SER D 38 -44.89 12.33 192.44
C SER D 38 -44.48 13.47 191.51
N PRO D 39 -43.67 14.41 191.99
CA PRO D 39 -43.21 15.56 191.21
C PRO D 39 -42.56 15.15 189.87
N GLU D 40 -42.26 13.87 189.75
CA GLU D 40 -41.65 13.34 188.53
C GLU D 40 -42.72 12.73 187.62
N MET D 41 -43.95 12.73 188.11
CA MET D 41 -45.09 12.19 187.37
C MET D 41 -45.78 13.28 186.56
N ARG D 42 -45.09 13.81 185.56
CA ARG D 42 -45.66 14.86 184.71
C ARG D 42 -46.82 14.30 183.91
N LEU D 43 -48.00 14.90 184.10
CA LEU D 43 -49.20 14.47 183.38
C LEU D 43 -49.51 15.38 182.20
N SER D 44 -50.28 14.86 181.27
CA SER D 44 -50.67 15.61 180.07
C SER D 44 -52.04 15.13 179.62
N PHE D 45 -52.94 16.06 179.34
CA PHE D 45 -54.28 15.69 178.89
C PHE D 45 -54.50 16.01 177.42
N ILE D 46 -55.23 15.12 176.75
CA ILE D 46 -55.54 15.28 175.34
C ILE D 46 -56.91 14.71 175.03
N VAL D 47 -57.67 15.39 174.19
CA VAL D 47 -59.01 14.94 173.82
C VAL D 47 -59.20 15.02 172.31
N PHE D 48 -59.55 13.89 171.70
CA PHE D 48 -59.74 13.85 170.26
C PHE D 48 -61.19 13.57 169.88
N SER D 49 -61.49 13.74 168.60
CA SER D 49 -62.81 13.51 168.04
C SER D 49 -62.72 13.83 166.55
N SER D 50 -63.14 15.02 166.19
CA SER D 50 -63.06 15.46 164.80
C SER D 50 -61.63 15.97 164.66
N GLN D 51 -61.00 16.17 165.81
CA GLN D 51 -59.64 16.65 165.87
C GLN D 51 -59.26 16.76 167.34
N ALA D 52 -58.06 16.29 167.67
CA ALA D 52 -57.60 16.31 169.06
C ALA D 52 -57.00 17.65 169.48
N THR D 53 -56.97 17.86 170.80
CA THR D 53 -56.42 19.09 171.37
C THR D 53 -55.64 18.81 172.65
N ILE D 54 -54.62 19.64 172.88
CA ILE D 54 -53.78 19.51 174.05
C ILE D 54 -54.39 20.26 175.23
N ILE D 55 -55.21 19.56 176.01
CA ILE D 55 -55.87 20.17 177.16
C ILE D 55 -54.82 20.53 178.21
N LEU D 56 -54.01 19.55 178.60
CA LEU D 56 -52.96 19.75 179.59
C LEU D 56 -51.60 19.31 179.07
N PRO D 57 -50.66 20.25 178.96
CA PRO D 57 -49.31 19.92 178.46
C PRO D 57 -48.65 18.89 179.36
N LEU D 58 -47.40 18.57 179.09
CA LEU D 58 -46.68 17.60 179.90
C LEU D 58 -45.93 18.31 181.03
N THR D 59 -46.46 18.21 182.24
CA THR D 59 -45.84 18.85 183.40
C THR D 59 -46.35 18.25 184.71
N GLY D 60 -45.61 18.50 185.78
CA GLY D 60 -46.00 17.97 187.09
C GLY D 60 -46.36 19.06 188.08
N ASP D 61 -47.29 19.93 187.68
CA ASP D 61 -47.74 21.02 188.54
C ASP D 61 -49.26 20.95 188.72
N ARG D 62 -49.69 20.41 189.85
CA ARG D 62 -51.11 20.27 190.14
C ARG D 62 -51.89 21.57 189.97
N GLY D 63 -51.17 22.69 189.98
CA GLY D 63 -51.82 23.98 189.80
C GLY D 63 -52.51 24.01 188.45
N LYS D 64 -51.86 23.43 187.45
CA LYS D 64 -52.41 23.37 186.11
C LYS D 64 -53.06 22.01 185.87
N ILE D 65 -52.62 21.01 186.63
CA ILE D 65 -53.18 19.66 186.53
C ILE D 65 -54.64 19.68 186.94
N SER D 66 -54.90 20.27 188.11
CA SER D 66 -56.28 20.37 188.60
C SER D 66 -57.05 21.18 187.56
N LYS D 67 -56.39 22.20 187.02
CA LYS D 67 -56.97 23.07 186.01
C LYS D 67 -57.47 22.21 184.87
N GLY D 68 -56.63 21.26 184.45
CA GLY D 68 -57.01 20.37 183.36
C GLY D 68 -58.19 19.51 183.75
N LEU D 69 -58.13 18.92 184.94
CA LEU D 69 -59.21 18.07 185.44
C LEU D 69 -60.52 18.85 185.48
N GLU D 70 -60.42 20.16 185.69
CA GLU D 70 -61.60 21.02 185.74
C GLU D 70 -62.17 21.19 184.33
N ASP D 71 -61.28 21.22 183.34
CA ASP D 71 -61.69 21.38 181.96
C ASP D 71 -62.25 20.08 181.40
N LEU D 72 -61.57 18.97 181.66
CA LEU D 72 -62.02 17.67 181.19
C LEU D 72 -63.40 17.35 181.78
N LYS D 73 -63.69 17.94 182.93
CA LYS D 73 -64.96 17.74 183.60
C LYS D 73 -66.06 18.41 182.77
N ARG D 74 -65.78 19.62 182.31
CA ARG D 74 -66.72 20.37 181.49
C ARG D 74 -66.49 20.14 180.00
N VAL D 75 -66.65 18.90 179.57
CA VAL D 75 -66.47 18.56 178.17
C VAL D 75 -67.73 17.92 177.59
N SER D 76 -68.04 18.27 176.34
CA SER D 76 -69.22 17.73 175.67
C SER D 76 -68.78 16.77 174.56
N PRO D 77 -68.73 15.47 174.86
CA PRO D 77 -68.33 14.44 173.89
C PRO D 77 -69.15 14.46 172.60
N VAL D 78 -68.53 14.95 171.53
CA VAL D 78 -69.20 15.02 170.24
C VAL D 78 -68.18 15.19 169.11
N GLY D 79 -68.49 14.58 167.96
CA GLY D 79 -67.61 14.67 166.81
C GLY D 79 -67.17 13.29 166.36
N GLU D 80 -66.48 13.22 165.23
CA GLU D 80 -66.01 11.96 164.69
C GLU D 80 -65.05 11.26 165.66
N THR D 81 -64.49 10.14 165.22
CA THR D 81 -63.57 9.38 166.05
C THR D 81 -62.19 9.29 165.39
N TYR D 82 -61.43 10.38 165.46
CA TYR D 82 -60.10 10.41 164.88
C TYR D 82 -59.05 10.22 165.97
N ILE D 83 -59.04 9.02 166.54
CA ILE D 83 -58.11 8.66 167.61
C ILE D 83 -56.64 8.86 167.22
N HIS D 84 -56.27 8.37 166.04
CA HIS D 84 -54.90 8.49 165.58
C HIS D 84 -54.36 9.90 165.81
N GLU D 85 -55.15 10.90 165.43
CA GLU D 85 -54.74 12.28 165.61
C GLU D 85 -54.35 12.53 167.07
N GLY D 86 -55.12 11.96 167.99
CA GLY D 86 -54.83 12.13 169.39
C GLY D 86 -53.52 11.48 169.77
N LEU D 87 -53.39 10.19 169.47
CA LEU D 87 -52.17 9.47 169.78
C LEU D 87 -50.97 10.23 169.22
N LYS D 88 -51.20 11.00 168.16
CA LYS D 88 -50.13 11.77 167.53
C LYS D 88 -49.70 12.91 168.45
N LEU D 89 -50.66 13.71 168.90
CA LEU D 89 -50.37 14.83 169.77
C LEU D 89 -49.65 14.33 171.02
N ALA D 90 -49.67 13.01 171.20
CA ALA D 90 -49.01 12.39 172.35
C ALA D 90 -47.53 12.21 172.01
N ASN D 91 -47.24 11.58 170.89
CA ASN D 91 -45.88 11.35 170.45
C ASN D 91 -45.16 12.67 170.19
N GLU D 92 -45.90 13.65 169.71
CA GLU D 92 -45.32 14.96 169.43
C GLU D 92 -44.69 15.52 170.70
N GLN D 93 -45.34 15.28 171.83
CA GLN D 93 -44.86 15.74 173.14
C GLN D 93 -43.64 14.93 173.57
N ILE D 94 -43.71 13.62 173.34
CA ILE D 94 -42.63 12.72 173.70
C ILE D 94 -41.36 13.06 172.95
N GLN D 95 -41.42 12.96 171.62
CA GLN D 95 -40.25 13.24 170.77
C GLN D 95 -39.65 14.62 171.04
N LYS D 96 -40.43 15.51 171.66
CA LYS D 96 -39.94 16.85 171.97
C LYS D 96 -39.29 16.84 173.35
N ALA D 97 -39.48 15.75 174.08
CA ALA D 97 -38.92 15.61 175.42
C ALA D 97 -37.58 14.88 175.39
N GLY D 98 -37.40 14.02 174.37
CA GLY D 98 -36.15 13.28 174.25
C GLY D 98 -36.31 11.97 173.49
N GLY D 99 -37.54 11.65 173.12
CA GLY D 99 -37.80 10.42 172.38
C GLY D 99 -37.62 9.20 173.26
N LEU D 100 -36.59 8.41 172.97
CA LEU D 100 -36.31 7.22 173.76
C LEU D 100 -35.85 7.65 175.15
N LYS D 101 -35.25 8.83 175.21
CA LYS D 101 -34.74 9.40 176.46
C LYS D 101 -35.87 9.74 177.42
N THR D 102 -37.07 9.22 177.15
CA THR D 102 -38.21 9.49 178.01
C THR D 102 -39.08 8.25 178.21
N SER D 103 -39.42 7.99 179.47
CA SER D 103 -40.26 6.86 179.81
C SER D 103 -41.69 7.37 179.89
N SER D 104 -42.44 7.22 178.81
CA SER D 104 -43.81 7.69 178.75
C SER D 104 -44.85 6.57 178.79
N ILE D 105 -46.06 6.92 179.22
CA ILE D 105 -47.16 5.97 179.32
C ILE D 105 -48.42 6.56 178.71
N ILE D 106 -48.61 6.33 177.42
CA ILE D 106 -49.78 6.85 176.72
C ILE D 106 -51.04 6.06 177.10
N ILE D 107 -52.02 6.76 177.63
CA ILE D 107 -53.28 6.15 178.04
C ILE D 107 -54.43 6.74 177.22
N ALA D 108 -54.89 5.97 176.23
CA ALA D 108 -55.97 6.42 175.36
C ALA D 108 -57.33 5.88 175.78
N LEU D 109 -58.26 6.79 176.03
CA LEU D 109 -59.62 6.43 176.43
C LEU D 109 -60.52 6.54 175.20
N THR D 110 -61.12 5.43 174.80
CA THR D 110 -61.98 5.41 173.62
C THR D 110 -62.85 4.18 173.57
N ASP D 111 -63.80 4.18 172.64
CA ASP D 111 -64.70 3.06 172.46
C ASP D 111 -64.09 2.02 171.52
N GLY D 112 -62.95 2.36 170.93
CA GLY D 112 -62.29 1.44 170.01
C GLY D 112 -63.07 1.20 168.74
N LYS D 113 -64.21 1.88 168.59
CA LYS D 113 -65.05 1.74 167.41
C LYS D 113 -64.58 2.71 166.32
N LEU D 114 -63.45 2.39 165.71
CA LEU D 114 -62.90 3.24 164.65
C LEU D 114 -63.52 2.85 163.32
N ASP D 115 -63.39 3.74 162.32
CA ASP D 115 -63.95 3.48 161.00
C ASP D 115 -63.05 3.96 159.87
N GLY D 116 -63.20 3.34 158.70
CA GLY D 116 -62.41 3.72 157.53
C GLY D 116 -60.91 3.58 157.70
N LEU D 117 -60.20 4.69 157.46
CA LEU D 117 -58.74 4.70 157.57
C LEU D 117 -58.27 4.87 159.01
N VAL D 118 -59.15 5.40 159.86
CA VAL D 118 -58.80 5.60 161.26
C VAL D 118 -58.10 4.37 161.82
N PRO D 119 -58.64 3.16 161.58
CA PRO D 119 -58.03 1.93 162.09
C PRO D 119 -56.58 1.81 161.63
N SER D 120 -56.40 1.83 160.31
CA SER D 120 -55.07 1.73 159.72
C SER D 120 -54.12 2.74 160.34
N TYR D 121 -54.49 4.02 160.29
CA TYR D 121 -53.66 5.08 160.83
C TYR D 121 -53.48 4.98 162.35
N ALA D 122 -54.56 4.62 163.05
CA ALA D 122 -54.48 4.48 164.51
C ALA D 122 -53.44 3.43 164.85
N GLU D 123 -53.61 2.23 164.29
CA GLU D 123 -52.69 1.13 164.53
C GLU D 123 -51.27 1.58 164.21
N LYS D 124 -51.10 2.26 163.10
CA LYS D 124 -49.78 2.74 162.68
C LYS D 124 -49.27 3.83 163.60
N GLU D 125 -50.11 4.85 163.81
CA GLU D 125 -49.71 5.96 164.68
C GLU D 125 -49.40 5.45 166.08
N ALA D 126 -50.00 4.32 166.44
CA ALA D 126 -49.78 3.71 167.75
C ALA D 126 -48.38 3.10 167.82
N LYS D 127 -47.99 2.41 166.75
CA LYS D 127 -46.67 1.79 166.69
C LYS D 127 -45.64 2.91 166.68
N ILE D 128 -46.05 4.07 166.20
CA ILE D 128 -45.17 5.23 166.14
C ILE D 128 -44.88 5.67 167.57
N SER D 129 -45.73 5.21 168.49
CA SER D 129 -45.58 5.53 169.90
C SER D 129 -44.55 4.58 170.51
N ARG D 130 -44.79 3.29 170.35
CA ARG D 130 -43.89 2.27 170.88
C ARG D 130 -42.52 2.38 170.22
N SER D 131 -42.41 3.23 169.20
CA SER D 131 -41.16 3.43 168.51
C SER D 131 -40.43 4.63 169.09
N LEU D 132 -40.93 5.10 170.24
CA LEU D 132 -40.34 6.24 170.93
C LEU D 132 -40.11 5.92 172.40
N GLY D 133 -39.92 4.63 172.69
CA GLY D 133 -39.70 4.23 174.07
C GLY D 133 -40.89 4.58 174.93
N ALA D 134 -42.08 4.18 174.49
CA ALA D 134 -43.30 4.46 175.23
C ALA D 134 -44.25 3.27 175.22
N SER D 135 -45.18 3.25 176.17
CA SER D 135 -46.16 2.18 176.28
C SER D 135 -47.56 2.73 176.04
N VAL D 136 -48.37 2.02 175.26
CA VAL D 136 -49.72 2.44 174.95
C VAL D 136 -50.77 1.69 175.75
N TYR D 137 -51.73 2.41 176.32
CA TYR D 137 -52.80 1.82 177.11
C TYR D 137 -54.17 2.20 176.58
N CYS D 138 -54.92 1.20 176.13
CA CYS D 138 -56.27 1.43 175.59
C CYS D 138 -57.35 1.13 176.63
N VAL D 139 -57.71 2.14 177.41
CA VAL D 139 -58.75 1.98 178.42
C VAL D 139 -60.10 2.26 177.77
N GLY D 140 -60.61 1.27 177.06
CA GLY D 140 -61.89 1.40 176.37
C GLY D 140 -63.10 1.63 177.24
N VAL D 141 -64.18 2.07 176.59
CA VAL D 141 -65.46 2.34 177.26
C VAL D 141 -66.56 1.57 176.54
N LEU D 142 -67.65 1.27 177.23
CA LEU D 142 -68.77 0.54 176.64
C LEU D 142 -68.26 -0.77 176.03
N ASP D 143 -69.09 -1.40 175.22
CA ASP D 143 -68.70 -2.66 174.58
C ASP D 143 -67.67 -2.39 173.49
N PHE D 144 -66.60 -1.70 173.89
CA PHE D 144 -65.52 -1.34 172.99
C PHE D 144 -64.98 -2.52 172.17
N GLU D 145 -64.15 -2.21 171.17
CA GLU D 145 -63.57 -3.22 170.31
C GLU D 145 -62.26 -3.75 170.88
N GLN D 146 -62.35 -4.81 171.69
CA GLN D 146 -61.17 -5.42 172.28
C GLN D 146 -60.13 -5.61 171.20
N ALA D 147 -60.57 -6.17 170.07
CA ALA D 147 -59.70 -6.44 168.93
C ALA D 147 -58.84 -5.23 168.58
N GLN D 148 -59.49 -4.16 168.14
CA GLN D 148 -58.79 -2.94 167.74
C GLN D 148 -57.83 -2.47 168.83
N LEU D 149 -58.34 -2.31 170.04
CA LEU D 149 -57.52 -1.86 171.17
C LEU D 149 -56.22 -2.65 171.23
N GLU D 150 -56.33 -3.96 171.05
CA GLU D 150 -55.16 -4.84 171.08
C GLU D 150 -54.13 -4.36 170.07
N ARG D 151 -54.59 -4.12 168.84
CA ARG D 151 -53.70 -3.67 167.78
C ARG D 151 -53.25 -2.23 167.98
N ILE D 152 -53.87 -1.54 168.94
CA ILE D 152 -53.51 -0.15 169.22
C ILE D 152 -52.45 -0.04 170.30
N ALA D 153 -52.65 -0.77 171.40
CA ALA D 153 -51.70 -0.74 172.51
C ALA D 153 -50.56 -1.74 172.27
N ASP D 154 -49.82 -2.03 173.32
CA ASP D 154 -48.70 -2.97 173.23
C ASP D 154 -49.22 -4.39 173.01
N SER D 155 -49.98 -4.89 173.98
CA SER D 155 -50.56 -6.23 173.92
C SER D 155 -51.96 -6.21 174.51
N LYS D 156 -52.64 -7.36 174.48
CA LYS D 156 -53.99 -7.45 175.00
C LYS D 156 -54.03 -7.18 176.51
N GLU D 157 -52.85 -7.02 177.10
CA GLU D 157 -52.76 -6.75 178.53
C GLU D 157 -52.99 -5.27 178.83
N GLN D 158 -52.36 -4.39 178.06
CA GLN D 158 -52.53 -2.96 178.25
C GLN D 158 -53.94 -2.50 177.88
N VAL D 159 -54.85 -3.47 177.84
CA VAL D 159 -56.25 -3.20 177.51
C VAL D 159 -57.11 -3.49 178.74
N PHE D 160 -57.39 -2.45 179.52
CA PHE D 160 -58.19 -2.59 180.73
C PHE D 160 -59.53 -1.87 180.62
N PRO D 161 -60.63 -2.60 180.84
CA PRO D 161 -61.96 -1.99 180.76
C PRO D 161 -62.24 -1.14 182.00
N VAL D 162 -62.47 0.15 181.81
CA VAL D 162 -62.74 1.06 182.92
C VAL D 162 -63.75 0.46 183.90
N LYS D 163 -64.74 -0.25 183.37
CA LYS D 163 -65.75 -0.88 184.21
C LYS D 163 -65.22 -2.15 184.84
N GLY D 164 -65.23 -2.19 186.17
CA GLY D 164 -64.75 -3.35 186.89
C GLY D 164 -64.20 -2.96 188.24
N GLY D 165 -63.86 -3.96 189.05
CA GLY D 165 -63.33 -3.69 190.38
C GLY D 165 -61.94 -3.09 190.32
N PHE D 166 -61.85 -1.85 189.85
CA PHE D 166 -60.58 -1.15 189.75
C PHE D 166 -59.60 -1.95 188.89
N GLN D 167 -60.11 -2.97 188.22
CA GLN D 167 -59.28 -3.83 187.37
C GLN D 167 -58.34 -2.97 186.55
N ALA D 168 -58.84 -1.81 186.11
CA ALA D 168 -58.05 -0.87 185.33
C ALA D 168 -57.04 -0.17 186.22
N LEU D 169 -57.55 0.62 187.17
CA LEU D 169 -56.70 1.36 188.09
C LEU D 169 -55.64 0.43 188.68
N LYS D 170 -56.09 -0.71 189.21
CA LYS D 170 -55.18 -1.69 189.80
C LYS D 170 -54.20 -2.22 188.75
N GLY D 171 -54.71 -3.05 187.86
CA GLY D 171 -53.87 -3.64 186.82
C GLY D 171 -52.92 -2.66 186.16
N ILE D 172 -53.34 -1.41 186.00
CA ILE D 172 -52.51 -0.39 185.37
C ILE D 172 -51.48 0.21 186.32
N ILE D 173 -51.96 0.85 187.39
CA ILE D 173 -51.07 1.47 188.37
C ILE D 173 -50.03 0.46 188.85
N ASN D 174 -50.43 -0.80 188.97
CA ASN D 174 -49.54 -1.85 189.43
C ASN D 174 -48.64 -2.34 188.29
N SER D 175 -49.01 -2.00 187.07
CA SER D 175 -48.22 -2.40 185.90
C SER D 175 -47.21 -1.29 185.60
N ILE D 176 -47.50 -0.11 186.14
CA ILE D 176 -46.63 1.05 185.96
C ILE D 176 -45.59 1.08 187.07
N LEU D 177 -46.01 0.68 188.27
CA LEU D 177 -45.11 0.64 189.41
C LEU D 177 -44.21 -0.58 189.31
N ALA D 178 -44.56 -1.49 188.40
CA ALA D 178 -43.79 -2.71 188.17
C ALA D 178 -42.53 -2.35 187.40
N GLN D 179 -42.33 -1.05 187.20
CA GLN D 179 -41.17 -0.53 186.47
C GLN D 179 -40.41 0.45 187.35
N SER D 180 -41.00 0.80 188.49
CA SER D 180 -40.39 1.72 189.43
C SER D 180 -39.47 0.97 190.39
N CYS D 181 -38.62 1.71 191.10
CA CYS D 181 -37.70 1.10 192.05
C CYS D 181 -38.36 0.92 193.40
N THR E 1 -82.24 43.59 79.86
CA THR E 1 -81.35 43.46 78.68
C THR E 1 -80.18 44.44 78.77
N VAL E 2 -79.98 45.01 79.95
CA VAL E 2 -78.90 45.97 80.18
C VAL E 2 -77.55 45.34 79.85
N PRO E 3 -76.71 46.06 79.08
CA PRO E 3 -75.39 45.58 78.68
C PRO E 3 -74.47 45.26 79.85
N ASP E 4 -73.96 44.03 79.87
CA ASP E 4 -73.05 43.57 80.92
C ASP E 4 -72.35 42.28 80.48
N ARG E 5 -71.16 42.44 79.89
CA ARG E 5 -70.39 41.32 79.41
C ARG E 5 -69.87 40.49 80.58
N ASP E 6 -69.18 41.15 81.51
CA ASP E 6 -68.63 40.49 82.69
C ASP E 6 -69.66 39.55 83.32
N ASN E 7 -70.93 39.95 83.24
CA ASN E 7 -72.02 39.17 83.79
C ASN E 7 -71.99 39.17 85.32
N ASP E 8 -71.24 40.09 85.90
CA ASP E 8 -71.14 40.17 87.36
C ASP E 8 -72.37 40.80 88.00
N GLY E 9 -73.04 41.67 87.24
CA GLY E 9 -74.23 42.32 87.78
C GLY E 9 -74.13 43.83 87.85
N ILE E 10 -73.07 44.38 87.25
CA ILE E 10 -72.88 45.82 87.23
C ILE E 10 -72.77 46.28 85.79
N PRO E 11 -73.88 46.82 85.24
CA PRO E 11 -73.95 47.33 83.86
C PRO E 11 -72.72 48.07 83.43
N ASP E 12 -72.07 47.55 82.39
CA ASP E 12 -70.84 48.12 81.84
C ASP E 12 -70.61 49.56 82.25
N SER E 13 -71.34 50.47 81.61
CA SER E 13 -71.22 51.89 81.91
C SER E 13 -70.94 52.10 83.39
N LEU E 14 -71.92 51.77 84.23
CA LEU E 14 -71.78 51.93 85.67
C LEU E 14 -70.40 51.56 86.14
N GLU E 15 -69.95 50.36 85.76
CA GLU E 15 -68.65 49.87 86.18
C GLU E 15 -67.48 50.60 85.54
N VAL E 16 -67.73 51.30 84.44
CA VAL E 16 -66.66 52.03 83.76
C VAL E 16 -66.66 53.50 84.10
N GLU E 17 -67.83 54.12 84.04
CA GLU E 17 -68.00 55.54 84.33
C GLU E 17 -68.14 55.85 85.81
N GLY E 18 -68.03 54.80 86.65
CA GLY E 18 -68.14 55.00 88.08
C GLY E 18 -69.50 54.65 88.65
N TYR E 19 -69.50 54.09 89.84
CA TYR E 19 -70.73 53.70 90.51
C TYR E 19 -70.50 53.52 92.00
N THR E 20 -71.54 53.10 92.69
CA THR E 20 -71.48 52.87 94.12
C THR E 20 -72.86 52.37 94.53
N VAL E 21 -73.05 52.10 95.81
CA VAL E 21 -74.33 51.61 96.28
C VAL E 21 -74.72 52.16 97.63
N ASP E 22 -76.01 52.37 97.81
CA ASP E 22 -76.57 52.89 99.04
C ASP E 22 -77.84 52.12 99.35
N VAL E 23 -78.56 52.53 100.39
CA VAL E 23 -79.80 51.84 100.77
C VAL E 23 -80.96 52.80 101.01
N LYS E 24 -81.89 52.84 100.05
CA LYS E 24 -83.07 53.70 100.14
C LYS E 24 -83.86 53.31 101.39
N ASN E 25 -85.01 52.66 101.19
CA ASN E 25 -85.81 52.23 102.31
C ASN E 25 -84.87 51.38 103.15
N LYS E 26 -84.75 50.12 102.76
CA LYS E 26 -83.86 49.20 103.45
C LYS E 26 -83.30 48.27 102.39
N ARG E 27 -83.39 48.70 101.14
CA ARG E 27 -82.90 47.92 100.03
C ARG E 27 -81.59 48.51 99.52
N THR E 28 -80.81 47.71 98.81
CA THR E 28 -79.54 48.17 98.28
C THR E 28 -79.67 48.52 96.80
N PHE E 29 -79.39 49.78 96.48
CA PHE E 29 -79.49 50.22 95.09
C PHE E 29 -78.11 50.52 94.49
N LEU E 30 -77.81 49.84 93.39
CA LEU E 30 -76.56 50.05 92.68
C LEU E 30 -76.82 51.16 91.67
N SER E 31 -76.29 52.34 91.95
CA SER E 31 -76.49 53.50 91.08
C SER E 31 -75.20 54.16 90.61
N PRO E 32 -75.25 54.87 89.47
CA PRO E 32 -74.08 55.55 88.91
C PRO E 32 -73.62 56.68 89.82
N TRP E 33 -72.43 57.19 89.57
CA TRP E 33 -71.86 58.26 90.38
C TRP E 33 -72.60 59.58 90.27
N ILE E 34 -72.66 60.32 91.37
CA ILE E 34 -73.30 61.62 91.43
C ILE E 34 -72.52 62.49 92.41
N SER E 35 -71.49 63.16 91.89
CA SER E 35 -70.63 64.03 92.70
C SER E 35 -71.42 64.78 93.75
N ASN E 36 -72.68 65.09 93.44
CA ASN E 36 -73.54 65.81 94.36
C ASN E 36 -73.95 64.93 95.54
N ILE E 37 -75.24 64.60 95.58
CA ILE E 37 -75.81 63.79 96.65
C ILE E 37 -74.95 62.63 97.15
N HIS E 38 -74.20 62.00 96.26
CA HIS E 38 -73.36 60.88 96.66
C HIS E 38 -72.15 61.25 97.51
N GLU E 39 -71.22 62.00 96.93
CA GLU E 39 -70.01 62.43 97.62
C GLU E 39 -70.29 63.04 99.00
N LYS E 40 -71.55 63.38 99.23
CA LYS E 40 -71.96 63.97 100.50
C LYS E 40 -72.20 62.91 101.57
N LYS E 41 -73.09 61.98 101.28
CA LYS E 41 -73.43 60.92 102.22
C LYS E 41 -72.22 60.10 102.69
N GLY E 42 -71.07 60.34 102.08
CA GLY E 42 -69.86 59.63 102.48
C GLY E 42 -69.49 58.39 101.68
N LEU E 43 -70.28 58.06 100.67
CA LEU E 43 -70.02 56.89 99.85
C LEU E 43 -68.69 57.02 99.12
N THR E 44 -68.42 56.11 98.18
CA THR E 44 -67.18 56.14 97.42
C THR E 44 -67.46 55.93 95.94
N LYS E 45 -66.47 56.24 95.10
CA LYS E 45 -66.61 56.07 93.67
C LYS E 45 -65.96 54.75 93.27
N TYR E 46 -66.78 53.71 93.15
CA TYR E 46 -66.28 52.39 92.78
C TYR E 46 -66.22 52.19 91.27
N LYS E 47 -65.08 52.55 90.68
CA LYS E 47 -64.91 52.39 89.24
C LYS E 47 -64.11 51.12 89.00
N SER E 48 -64.78 50.09 88.50
CA SER E 48 -64.11 48.81 88.23
C SER E 48 -63.98 48.50 86.74
N SER E 49 -63.88 47.22 86.41
CA SER E 49 -63.77 46.83 85.01
C SER E 49 -64.90 45.90 84.60
N PRO E 50 -65.49 46.15 83.42
CA PRO E 50 -66.59 45.40 82.85
C PRO E 50 -66.26 44.08 82.19
N GLU E 51 -65.00 43.81 81.92
CA GLU E 51 -64.69 42.53 81.29
C GLU E 51 -64.09 41.48 82.20
N LYS E 52 -64.09 41.74 83.50
CA LYS E 52 -63.55 40.79 84.46
C LYS E 52 -64.55 40.55 85.59
N TRP E 53 -64.78 39.28 85.90
CA TRP E 53 -65.72 38.91 86.96
C TRP E 53 -65.28 39.51 88.28
N SER E 54 -63.98 39.72 88.40
CA SER E 54 -63.38 40.31 89.60
C SER E 54 -62.10 40.96 89.14
N THR E 55 -62.16 42.24 88.86
CA THR E 55 -61.00 42.98 88.38
C THR E 55 -59.70 42.63 89.08
N ALA E 56 -59.78 42.25 90.35
CA ALA E 56 -58.59 41.89 91.10
C ALA E 56 -58.14 40.47 90.78
N SER E 57 -59.06 39.70 90.21
CA SER E 57 -58.85 38.30 89.83
C SER E 57 -59.27 37.37 90.95
N ASP E 58 -59.10 37.82 92.19
CA ASP E 58 -59.47 37.01 93.34
C ASP E 58 -60.89 36.48 93.18
N PRO E 59 -61.25 35.44 93.92
CA PRO E 59 -62.57 34.82 93.87
C PRO E 59 -63.70 35.64 94.47
N TYR E 60 -63.93 36.82 93.92
CA TYR E 60 -65.00 37.67 94.43
C TYR E 60 -65.46 38.70 93.40
N SER E 61 -66.62 38.45 92.79
CA SER E 61 -67.16 39.33 91.76
C SER E 61 -67.20 40.76 92.24
N ASP E 62 -66.72 41.68 91.39
CA ASP E 62 -66.72 43.09 91.72
C ASP E 62 -68.02 43.37 92.45
N PHE E 63 -69.11 42.93 91.85
CA PHE E 63 -70.42 43.13 92.45
C PHE E 63 -70.43 42.55 93.85
N GLU E 64 -70.18 41.25 93.96
CA GLU E 64 -70.18 40.58 95.25
C GLU E 64 -69.55 41.42 96.36
N LYS E 65 -68.50 42.17 96.02
CA LYS E 65 -67.84 43.00 97.03
C LYS E 65 -68.67 44.23 97.41
N VAL E 66 -68.76 45.18 96.51
CA VAL E 66 -69.50 46.40 96.77
C VAL E 66 -70.88 46.14 97.34
N THR E 67 -71.60 45.20 96.75
CA THR E 67 -72.94 44.87 97.21
C THR E 67 -72.92 44.35 98.64
N GLY E 68 -71.80 43.75 99.04
CA GLY E 68 -71.67 43.22 100.39
C GLY E 68 -72.06 41.76 100.48
N ARG E 69 -72.60 41.22 99.39
CA ARG E 69 -73.02 39.83 99.34
C ARG E 69 -71.78 38.97 99.11
N ILE E 70 -71.01 38.75 100.18
CA ILE E 70 -69.77 37.99 100.12
C ILE E 70 -69.38 37.47 101.50
N ASP E 71 -68.42 36.56 101.55
CA ASP E 71 -67.94 36.03 102.82
C ASP E 71 -67.58 37.20 103.73
N LYS E 72 -68.35 37.36 104.79
CA LYS E 72 -68.14 38.46 105.72
C LYS E 72 -66.76 38.60 106.33
N ASN E 73 -65.90 37.61 106.14
CA ASN E 73 -64.57 37.70 106.72
C ASN E 73 -63.62 38.54 105.89
N VAL E 74 -63.88 38.64 104.59
CA VAL E 74 -63.03 39.41 103.70
C VAL E 74 -62.73 40.78 104.27
N SER E 75 -61.45 41.11 104.38
CA SER E 75 -61.03 42.39 104.91
C SER E 75 -61.83 43.54 104.29
N PRO E 76 -62.15 44.57 105.08
CA PRO E 76 -62.92 45.71 104.57
C PRO E 76 -62.28 46.33 103.33
N GLU E 77 -61.06 46.86 103.50
CA GLU E 77 -60.35 47.49 102.40
C GLU E 77 -60.26 46.63 101.16
N ALA E 78 -60.67 45.38 101.26
CA ALA E 78 -60.62 44.47 100.12
C ALA E 78 -62.02 44.35 99.54
N ARG E 79 -62.98 44.91 100.24
CA ARG E 79 -64.36 44.85 99.78
C ARG E 79 -64.47 45.71 98.52
N HIS E 80 -63.40 46.42 98.19
CA HIS E 80 -63.34 47.30 97.03
C HIS E 80 -62.89 46.55 95.77
N PRO E 81 -63.54 46.83 94.63
CA PRO E 81 -63.26 46.21 93.34
C PRO E 81 -61.82 46.24 92.85
N LEU E 82 -60.98 47.10 93.41
CA LEU E 82 -59.60 47.18 92.96
C LEU E 82 -58.55 46.78 93.99
N VAL E 83 -58.99 46.18 95.10
CA VAL E 83 -58.05 45.75 96.13
C VAL E 83 -58.04 44.24 96.24
N ALA E 84 -56.88 43.65 95.98
CA ALA E 84 -56.71 42.21 96.04
C ALA E 84 -57.34 41.66 97.31
N ALA E 85 -57.99 40.51 97.19
CA ALA E 85 -58.62 39.88 98.33
C ALA E 85 -58.04 38.48 98.54
N TYR E 86 -56.72 38.39 98.61
CA TYR E 86 -56.06 37.11 98.80
C TYR E 86 -55.51 36.99 100.21
N PRO E 87 -55.29 35.74 100.67
CA PRO E 87 -54.75 35.51 102.01
C PRO E 87 -53.24 35.52 102.01
N ILE E 88 -52.66 35.96 103.12
CA ILE E 88 -51.22 36.01 103.26
C ILE E 88 -50.90 35.61 104.69
N VAL E 89 -50.29 34.44 104.84
CA VAL E 89 -49.96 33.92 106.16
C VAL E 89 -48.48 33.69 106.37
N HIS E 90 -48.02 33.99 107.58
CA HIS E 90 -46.63 33.81 107.95
C HIS E 90 -46.65 33.19 109.34
N VAL E 91 -45.52 32.61 109.77
CA VAL E 91 -45.49 31.97 111.08
C VAL E 91 -44.78 32.74 112.18
N ASP E 92 -45.43 32.86 113.32
CA ASP E 92 -44.85 33.56 114.46
C ASP E 92 -44.46 32.53 115.51
N MET E 93 -43.26 32.71 116.06
CA MET E 93 -42.74 31.81 117.08
C MET E 93 -42.57 32.60 118.37
N GLU E 94 -43.45 32.36 119.34
CA GLU E 94 -43.40 33.09 120.60
C GLU E 94 -42.21 32.75 121.49
N ASN E 95 -41.91 31.47 121.63
CA ASN E 95 -40.79 31.05 122.47
C ASN E 95 -40.31 29.65 122.14
N ILE E 96 -39.00 29.44 122.26
CA ILE E 96 -38.40 28.14 121.99
C ILE E 96 -37.84 27.56 123.27
N ILE E 97 -37.43 26.30 123.19
CA ILE E 97 -36.89 25.62 124.35
C ILE E 97 -35.86 24.58 123.91
N LEU E 98 -34.60 24.91 124.14
CA LEU E 98 -33.50 24.02 123.78
C LEU E 98 -33.14 23.12 124.95
N SER E 99 -32.97 21.83 124.67
CA SER E 99 -32.61 20.87 125.70
C SER E 99 -31.70 19.78 125.15
N LYS E 100 -30.95 19.14 126.03
CA LYS E 100 -30.05 18.07 125.64
C LYS E 100 -30.87 16.83 125.33
N ASN E 101 -30.71 16.29 124.13
CA ASN E 101 -31.46 15.11 123.73
C ASN E 101 -31.31 14.01 124.78
N GLU E 102 -32.46 13.46 125.20
CA GLU E 102 -32.48 12.39 126.20
C GLU E 102 -31.45 11.31 125.90
N ASP E 110 -33.40 13.30 135.87
CA ASP E 110 -32.63 14.19 136.73
C ASP E 110 -32.36 15.52 136.00
N SER E 111 -32.75 15.58 134.73
CA SER E 111 -32.55 16.78 133.93
C SER E 111 -33.75 17.72 134.04
N GLN E 112 -33.53 18.86 134.68
CA GLN E 112 -34.60 19.86 134.87
C GLN E 112 -34.07 21.27 134.62
N THR E 113 -32.83 21.51 135.02
CA THR E 113 -32.20 22.82 134.84
C THR E 113 -31.17 22.78 133.71
N ARG E 114 -31.04 21.62 133.09
CA ARG E 114 -30.09 21.45 131.99
C ARG E 114 -30.77 21.89 130.70
N THR E 115 -31.81 22.70 130.84
CA THR E 115 -32.57 23.18 129.69
C THR E 115 -32.75 24.70 129.66
N ILE E 116 -32.49 25.30 128.50
CA ILE E 116 -32.65 26.74 128.34
C ILE E 116 -33.97 27.03 127.66
N SER E 117 -34.67 28.05 128.15
CA SER E 117 -35.96 28.43 127.58
C SER E 117 -36.06 29.95 127.44
N LYS E 118 -35.76 30.46 126.25
CA LYS E 118 -35.82 31.89 125.99
C LYS E 118 -37.03 32.24 125.13
N ASN E 119 -37.45 33.49 125.20
CA ASN E 119 -38.59 33.97 124.42
C ASN E 119 -38.08 34.38 123.04
N THR E 120 -39.00 34.71 122.14
CA THR E 120 -38.61 35.11 120.79
C THR E 120 -39.48 36.19 120.19
N SER E 121 -38.92 36.92 119.23
CA SER E 121 -39.63 38.00 118.56
C SER E 121 -39.66 37.76 117.06
N THR E 122 -40.84 37.41 116.55
CA THR E 122 -40.99 37.14 115.13
C THR E 122 -41.58 38.36 114.40
N SER E 123 -41.37 38.43 113.09
CA SER E 123 -41.90 39.53 112.29
C SER E 123 -41.72 39.27 110.80
N ARG E 124 -42.80 39.40 110.04
CA ARG E 124 -42.73 39.17 108.60
C ARG E 124 -41.52 39.93 108.05
N THR E 125 -40.96 39.44 106.95
CA THR E 125 -39.80 40.08 106.36
C THR E 125 -40.04 40.40 104.91
N HIS E 126 -39.00 40.86 104.22
CA HIS E 126 -39.10 41.20 102.80
C HIS E 126 -37.71 41.43 102.23
N THR E 127 -36.77 40.58 102.62
CA THR E 127 -35.37 40.66 102.18
C THR E 127 -35.20 41.23 100.77
N SER E 128 -34.36 42.27 100.67
CA SER E 128 -34.08 42.91 99.38
C SER E 128 -32.72 42.43 98.90
N GLU E 129 -32.07 43.23 98.06
CA GLU E 129 -30.76 42.88 97.53
C GLU E 129 -29.64 43.37 98.45
N VAL E 130 -28.41 42.98 98.13
CA VAL E 130 -27.25 43.38 98.92
C VAL E 130 -26.78 44.78 98.55
N HIS E 131 -25.53 45.08 98.86
CA HIS E 131 -24.96 46.39 98.57
C HIS E 131 -24.52 46.47 97.12
N GLY E 132 -23.56 45.62 96.76
CA GLY E 132 -23.06 45.62 95.38
C GLY E 132 -21.69 45.00 95.26
N ASN E 133 -21.54 43.78 95.77
CA ASN E 133 -20.26 43.08 95.72
C ASN E 133 -20.41 41.58 95.96
N ALA E 134 -21.55 41.18 96.51
CA ALA E 134 -21.81 39.77 96.78
C ALA E 134 -21.67 38.94 95.52
N GLU E 135 -20.62 38.11 95.47
CA GLU E 135 -20.36 37.27 94.32
C GLU E 135 -21.56 36.39 93.98
N VAL E 136 -22.29 36.77 92.95
CA VAL E 136 -23.46 36.01 92.51
C VAL E 136 -23.14 35.28 91.21
N HIS E 137 -23.54 34.00 91.14
CA HIS E 137 -23.29 33.18 89.97
C HIS E 137 -23.69 33.89 88.67
N ALA E 138 -22.98 33.55 87.60
CA ALA E 138 -23.22 34.14 86.28
C ALA E 138 -24.69 34.11 85.87
N SER E 139 -25.43 33.15 86.38
CA SER E 139 -26.85 33.03 86.05
C SER E 139 -27.68 34.11 86.72
N PHE E 140 -27.05 35.23 87.06
CA PHE E 140 -27.76 36.33 87.71
C PHE E 140 -28.24 37.38 86.72
N PHE E 141 -27.49 37.58 85.65
CA PHE E 141 -27.86 38.57 84.64
C PHE E 141 -28.56 37.94 83.44
N ASP E 142 -29.38 36.93 83.70
CA ASP E 142 -30.12 36.25 82.64
C ASP E 142 -31.59 36.63 82.74
N ILE E 143 -32.41 36.04 81.87
CA ILE E 143 -33.84 36.32 81.87
C ILE E 143 -34.55 35.43 82.89
N GLY E 144 -35.10 36.06 83.92
CA GLY E 144 -35.80 35.34 84.95
C GLY E 144 -34.85 34.60 85.87
N GLY E 145 -33.72 34.17 85.31
CA GLY E 145 -32.73 33.45 86.09
C GLY E 145 -32.08 34.27 87.18
N SER E 146 -32.34 33.91 88.43
CA SER E 146 -31.78 34.59 89.59
C SER E 146 -32.22 36.04 89.73
N VAL E 147 -32.85 36.58 88.70
CA VAL E 147 -33.32 37.96 88.75
C VAL E 147 -34.56 38.06 89.62
N SER E 148 -34.35 37.91 90.93
CA SER E 148 -35.44 37.98 91.89
C SER E 148 -36.00 39.39 91.99
N ALA E 149 -35.39 40.32 91.26
CA ALA E 149 -35.80 41.71 91.26
C ALA E 149 -35.82 42.28 92.68
N GLY E 150 -34.93 41.77 93.52
CA GLY E 150 -34.87 42.23 94.90
C GLY E 150 -35.78 41.44 95.81
N PHE E 151 -37.08 41.53 95.56
CA PHE E 151 -38.07 40.82 96.35
C PHE E 151 -39.25 40.33 95.50
N SER E 152 -39.74 39.14 95.81
CA SER E 152 -40.85 38.56 95.06
C SER E 152 -41.90 37.90 95.97
N ASN E 153 -42.76 37.10 95.36
CA ASN E 153 -43.83 36.41 96.07
C ASN E 153 -43.38 35.20 96.88
N SER E 154 -43.55 35.29 98.20
CA SER E 154 -43.18 34.22 99.12
C SER E 154 -43.14 34.75 100.54
N ASN E 155 -43.80 34.04 101.45
CA ASN E 155 -43.84 34.44 102.85
C ASN E 155 -42.64 33.89 103.61
N SER E 156 -41.90 34.77 104.28
CA SER E 156 -40.74 34.36 105.05
C SER E 156 -40.60 35.21 106.31
N SER E 157 -40.97 34.64 107.44
CA SER E 157 -40.88 35.35 108.71
C SER E 157 -39.48 35.17 109.29
N THR E 158 -39.20 35.87 110.38
CA THR E 158 -37.90 35.78 111.01
C THR E 158 -38.00 35.98 112.50
N VAL E 159 -37.44 35.02 113.25
CA VAL E 159 -37.46 35.09 114.71
C VAL E 159 -36.08 35.40 115.25
N ALA E 160 -36.05 35.87 116.48
CA ALA E 160 -34.79 36.20 117.16
C ALA E 160 -34.95 35.67 118.57
N ILE E 161 -33.90 35.06 119.10
CA ILE E 161 -33.96 34.50 120.44
C ILE E 161 -33.49 35.49 121.50
N ASP E 162 -34.30 35.66 122.54
CA ASP E 162 -33.98 36.55 123.63
C ASP E 162 -32.54 36.33 124.07
N HIS E 163 -31.68 37.32 123.83
CA HIS E 163 -30.27 37.21 124.17
C HIS E 163 -30.00 37.50 125.64
N SER E 164 -31.03 37.94 126.36
CA SER E 164 -30.88 38.25 127.78
C SER E 164 -30.62 37.00 128.62
N LEU E 165 -30.77 37.13 129.94
CA LEU E 165 -30.53 36.03 130.86
C LEU E 165 -31.79 35.30 131.26
N SER E 166 -31.62 34.10 131.82
CA SER E 166 -32.75 33.29 132.27
C SER E 166 -32.46 32.82 133.69
N LEU E 167 -31.18 32.64 134.00
CA LEU E 167 -30.76 32.21 135.33
C LEU E 167 -29.82 33.24 135.94
N ALA E 168 -28.95 32.78 136.84
CA ALA E 168 -28.02 33.67 137.51
C ALA E 168 -26.83 34.03 136.61
N GLY E 169 -25.65 33.59 137.01
CA GLY E 169 -24.46 33.88 136.23
C GLY E 169 -24.23 32.95 135.05
N GLU E 170 -25.31 32.46 134.46
CA GLU E 170 -25.19 31.55 133.32
C GLU E 170 -24.20 32.11 132.31
N ARG E 171 -23.60 31.22 131.52
CA ARG E 171 -22.63 31.62 130.52
C ARG E 171 -22.43 30.51 129.50
N THR E 172 -22.58 30.85 128.22
CA THR E 172 -22.44 29.88 127.14
C THR E 172 -23.41 28.72 127.35
N TRP E 173 -24.52 28.73 126.60
CA TRP E 173 -25.53 27.69 126.70
C TRP E 173 -24.88 26.34 126.95
N ALA E 174 -23.72 26.12 126.35
CA ALA E 174 -22.99 24.88 126.49
C ALA E 174 -22.97 24.43 127.95
N GLU E 175 -22.08 25.03 128.75
CA GLU E 175 -21.96 24.69 130.15
C GLU E 175 -23.30 24.69 130.87
N THR E 176 -24.21 25.53 130.40
CA THR E 176 -25.54 25.64 131.00
C THR E 176 -26.30 24.32 130.88
N MET E 177 -26.34 23.77 129.67
CA MET E 177 -27.03 22.51 129.42
C MET E 177 -26.11 21.33 129.67
N GLY E 178 -24.93 21.37 129.06
CA GLY E 178 -23.97 20.29 129.23
C GLY E 178 -23.84 19.53 127.93
N LEU E 179 -23.60 20.25 126.84
CA LEU E 179 -23.45 19.64 125.53
C LEU E 179 -21.98 19.55 125.12
N ASN E 180 -21.56 18.33 124.78
CA ASN E 180 -20.18 18.08 124.37
C ASN E 180 -20.18 17.54 122.94
N THR E 181 -19.10 17.82 122.21
CA THR E 181 -18.94 17.39 120.83
C THR E 181 -19.82 16.22 120.36
N ALA E 182 -19.80 15.12 121.12
CA ALA E 182 -20.59 13.95 120.76
C ALA E 182 -21.98 13.94 121.38
N ASP E 183 -22.69 15.06 121.27
CA ASP E 183 -24.03 15.17 121.83
C ASP E 183 -25.02 15.77 120.85
N THR E 184 -26.30 15.52 121.09
CA THR E 184 -27.36 16.03 120.24
C THR E 184 -28.35 16.83 121.07
N ALA E 185 -28.76 17.98 120.54
CA ALA E 185 -29.71 18.85 121.23
C ALA E 185 -31.03 18.87 120.47
N ARG E 186 -32.11 18.68 121.22
CA ARG E 186 -33.45 18.68 120.65
C ARG E 186 -34.11 20.03 120.82
N LEU E 187 -34.63 20.57 119.72
CA LEU E 187 -35.30 21.86 119.73
C LEU E 187 -36.80 21.65 119.83
N ASN E 188 -37.49 22.65 120.38
CA ASN E 188 -38.93 22.60 120.53
C ASN E 188 -39.39 24.03 120.70
N ALA E 189 -40.61 24.34 120.26
CA ALA E 189 -41.12 25.70 120.39
C ALA E 189 -42.63 25.77 120.24
N ASN E 190 -43.17 26.94 120.58
CA ASN E 190 -44.60 27.20 120.48
C ASN E 190 -44.79 28.26 119.41
N ILE E 191 -45.45 27.89 118.33
CA ILE E 191 -45.67 28.83 117.25
C ILE E 191 -47.13 28.94 116.91
N ARG E 192 -47.48 30.03 116.23
CA ARG E 192 -48.86 30.29 115.82
C ARG E 192 -48.92 30.87 114.41
N TYR E 193 -49.80 30.30 113.60
CA TYR E 193 -49.98 30.77 112.24
C TYR E 193 -50.75 32.07 112.39
N VAL E 194 -50.49 33.02 111.51
CA VAL E 194 -51.19 34.30 111.57
C VAL E 194 -51.34 34.90 110.18
N ASN E 195 -52.58 35.18 109.81
CA ASN E 195 -52.89 35.74 108.51
C ASN E 195 -52.72 37.25 108.51
N THR E 196 -52.12 37.77 107.46
CA THR E 196 -51.87 39.20 107.36
C THR E 196 -52.53 39.82 106.13
N GLY E 197 -52.99 38.97 105.22
CA GLY E 197 -53.61 39.46 104.00
C GLY E 197 -54.96 40.17 104.09
N THR E 198 -55.86 39.77 103.20
CA THR E 198 -57.19 40.35 103.11
C THR E 198 -58.28 39.29 103.00
N ALA E 199 -57.87 38.04 102.85
CA ALA E 199 -58.82 36.94 102.73
C ALA E 199 -58.53 35.88 103.79
N PRO E 200 -59.51 35.03 104.10
CA PRO E 200 -59.32 33.99 105.11
C PRO E 200 -59.11 32.59 104.53
N ILE E 201 -58.53 31.69 105.32
CA ILE E 201 -58.32 30.32 104.90
C ILE E 201 -59.18 29.46 105.81
N TYR E 202 -59.97 28.55 105.22
CA TYR E 202 -60.87 27.75 106.03
C TYR E 202 -60.48 26.33 106.45
N ASN E 203 -59.35 25.82 105.94
CA ASN E 203 -58.96 24.46 106.32
C ASN E 203 -57.47 24.17 106.37
N VAL E 204 -56.92 23.65 105.29
CA VAL E 204 -55.51 23.30 105.22
C VAL E 204 -54.57 24.49 105.42
N LEU E 205 -53.76 24.45 106.47
CA LEU E 205 -52.80 25.51 106.74
C LEU E 205 -51.56 25.29 105.89
N PRO E 206 -50.67 26.29 105.83
CA PRO E 206 -49.44 26.21 105.05
C PRO E 206 -48.38 25.26 105.58
N THR E 207 -47.48 24.85 104.69
CA THR E 207 -46.40 23.93 105.03
C THR E 207 -45.13 24.74 105.26
N THR E 208 -45.00 25.34 106.43
CA THR E 208 -43.83 26.15 106.73
C THR E 208 -42.64 25.33 107.17
N SER E 209 -41.47 25.70 106.68
CA SER E 209 -40.22 25.01 107.01
C SER E 209 -39.28 25.88 107.83
N LEU E 210 -38.80 25.35 108.95
CA LEU E 210 -37.90 26.07 109.84
C LEU E 210 -36.45 25.88 109.41
N VAL E 211 -35.80 27.00 109.12
CA VAL E 211 -34.40 26.97 108.68
C VAL E 211 -33.46 27.65 109.68
N LEU E 212 -32.19 27.28 109.60
CA LEU E 212 -31.15 27.82 110.45
C LEU E 212 -29.94 28.20 109.61
N GLY E 213 -29.71 29.50 109.45
CA GLY E 213 -28.58 29.94 108.66
C GLY E 213 -28.99 30.23 107.23
N LYS E 214 -28.21 29.72 106.27
CA LYS E 214 -28.51 29.96 104.86
C LYS E 214 -29.16 28.79 104.13
N ASN E 215 -29.15 27.61 104.74
CA ASN E 215 -29.76 26.45 104.10
C ASN E 215 -30.00 25.28 105.03
N GLN E 216 -29.42 25.33 106.23
CA GLN E 216 -29.59 24.25 107.19
C GLN E 216 -31.01 24.19 107.73
N THR E 217 -31.82 23.31 107.15
CA THR E 217 -33.21 23.15 107.57
C THR E 217 -33.26 22.29 108.83
N LEU E 218 -33.91 22.78 109.86
CA LEU E 218 -34.01 22.04 111.11
C LEU E 218 -35.26 21.17 111.18
N ALA E 219 -36.21 21.44 110.30
CA ALA E 219 -37.46 20.69 110.25
C ALA E 219 -38.43 21.36 109.29
N THR E 220 -39.56 20.71 109.06
CA THR E 220 -40.59 21.24 108.16
C THR E 220 -41.95 20.98 108.77
N ILE E 221 -42.52 22.01 109.40
CA ILE E 221 -43.82 21.89 110.04
C ILE E 221 -44.99 22.07 109.09
N LYS E 222 -45.89 21.09 109.11
CA LYS E 222 -47.07 21.07 108.26
C LYS E 222 -48.20 20.28 108.93
N ALA E 223 -48.75 20.80 110.01
CA ALA E 223 -49.83 20.14 110.73
C ALA E 223 -50.87 19.55 109.78
N LYS E 224 -51.43 18.41 110.15
CA LYS E 224 -52.42 17.69 109.35
C LYS E 224 -53.46 18.57 108.65
N GLU E 225 -53.90 18.11 107.47
CA GLU E 225 -54.89 18.81 106.67
C GLU E 225 -56.30 18.41 107.10
N ASN E 226 -57.25 19.34 106.95
CA ASN E 226 -58.64 19.10 107.32
C ASN E 226 -58.77 18.83 108.81
N GLN E 227 -57.63 18.55 109.44
CA GLN E 227 -57.59 18.27 110.86
C GLN E 227 -58.24 19.40 111.63
N LEU E 228 -58.13 20.61 111.10
CA LEU E 228 -58.71 21.78 111.74
C LEU E 228 -59.83 22.37 110.90
N SER E 229 -60.84 22.90 111.58
CA SER E 229 -61.98 23.51 110.92
C SER E 229 -62.01 24.98 111.32
N GLN E 230 -61.08 25.38 112.17
CA GLN E 230 -60.97 26.75 112.62
C GLN E 230 -60.71 27.63 111.41
N ILE E 231 -60.92 28.93 111.56
CA ILE E 231 -60.72 29.84 110.44
C ILE E 231 -59.54 30.78 110.66
N LEU E 232 -58.72 30.92 109.61
CA LEU E 232 -57.56 31.78 109.66
C LEU E 232 -57.92 33.13 109.06
N ALA E 233 -58.75 33.88 109.78
CA ALA E 233 -59.21 35.19 109.33
C ALA E 233 -58.08 36.22 109.26
N PRO E 234 -58.33 37.35 108.59
CA PRO E 234 -57.33 38.41 108.46
C PRO E 234 -56.93 38.94 109.84
N ASN E 235 -55.80 39.63 109.90
CA ASN E 235 -55.31 40.19 111.15
C ASN E 235 -55.90 39.43 112.32
N ASN E 236 -55.55 38.16 112.43
CA ASN E 236 -56.04 37.30 113.49
C ASN E 236 -55.17 36.05 113.56
N TYR E 237 -54.39 35.94 114.63
CA TYR E 237 -53.51 34.80 114.83
C TYR E 237 -54.30 33.50 114.82
N TYR E 238 -53.80 32.48 114.10
CA TYR E 238 -54.49 31.20 114.02
C TYR E 238 -54.97 30.69 115.36
N PRO E 239 -54.06 30.15 116.18
CA PRO E 239 -54.55 29.66 117.46
C PRO E 239 -54.95 30.87 118.29
N SER E 240 -56.17 31.35 118.06
CA SER E 240 -56.71 32.52 118.75
C SER E 240 -55.88 32.92 119.95
N LYS E 241 -55.37 34.15 119.93
CA LYS E 241 -54.54 34.67 121.02
C LYS E 241 -55.10 34.27 122.40
N ASN E 242 -56.39 33.95 122.44
CA ASN E 242 -57.05 33.56 123.68
C ASN E 242 -57.10 32.04 123.82
N LEU E 243 -56.10 31.36 123.27
CA LEU E 243 -56.03 29.91 123.35
C LEU E 243 -54.61 29.43 123.60
N ALA E 244 -54.37 28.14 123.33
CA ALA E 244 -53.06 27.56 123.53
C ALA E 244 -52.25 27.51 122.24
N PRO E 245 -51.14 28.27 122.18
CA PRO E 245 -50.27 28.30 121.00
C PRO E 245 -49.78 26.92 120.59
N ILE E 246 -49.84 26.63 119.30
CA ILE E 246 -49.39 25.35 118.78
C ILE E 246 -47.92 25.14 119.14
N ALA E 247 -47.54 23.90 119.41
CA ALA E 247 -46.16 23.57 119.78
C ALA E 247 -45.50 22.59 118.81
N LEU E 248 -44.30 22.93 118.34
CA LEU E 248 -43.57 22.08 117.41
C LEU E 248 -43.32 20.72 118.05
N ASN E 249 -43.00 19.73 117.21
CA ASN E 249 -42.73 18.36 117.66
C ASN E 249 -42.88 18.17 119.17
N ALA E 250 -44.13 18.12 119.63
CA ALA E 250 -44.42 17.94 121.04
C ALA E 250 -45.83 17.44 121.27
N GLN E 251 -46.45 16.92 120.21
CA GLN E 251 -47.81 16.41 120.32
C GLN E 251 -48.27 15.71 119.05
N SER E 255 -46.07 12.80 117.05
CA SER E 255 -44.69 12.87 116.55
C SER E 255 -43.86 11.68 117.05
N SER E 256 -42.85 11.30 116.28
CA SER E 256 -41.97 10.18 116.61
C SER E 256 -40.52 10.56 116.28
N THR E 257 -40.37 11.65 115.54
CA THR E 257 -39.05 12.15 115.16
C THR E 257 -38.97 13.63 115.45
N PRO E 258 -38.36 14.00 116.59
CA PRO E 258 -38.19 15.39 117.03
C PRO E 258 -37.31 16.23 116.12
N ILE E 259 -36.57 17.16 116.72
CA ILE E 259 -35.69 18.06 115.98
C ILE E 259 -34.24 17.83 116.38
N THR E 260 -33.49 17.21 115.48
CA THR E 260 -32.09 16.91 115.71
C THR E 260 -31.20 18.14 115.51
N MET E 261 -30.22 18.30 116.38
CA MET E 261 -29.30 19.42 116.31
C MET E 261 -27.98 19.03 116.96
N ASN E 262 -26.92 18.93 116.16
CA ASN E 262 -25.60 18.56 116.68
C ASN E 262 -24.86 19.75 117.28
N TYR E 263 -23.79 19.44 118.01
CA TYR E 263 -22.97 20.45 118.68
C TYR E 263 -22.61 21.64 117.79
N ASN E 264 -22.14 21.34 116.58
CA ASN E 264 -21.75 22.40 115.65
C ASN E 264 -22.94 23.30 115.34
N GLN E 265 -24.11 22.70 115.14
CA GLN E 265 -25.31 23.45 114.84
C GLN E 265 -25.72 24.25 116.07
N PHE E 266 -25.97 23.54 117.16
CA PHE E 266 -26.36 24.17 118.42
C PHE E 266 -25.41 25.32 118.71
N LEU E 267 -24.19 25.23 118.18
CA LEU E 267 -23.22 26.28 118.39
C LEU E 267 -23.64 27.51 117.59
N GLU E 268 -23.88 27.31 116.29
CA GLU E 268 -24.30 28.42 115.42
C GLU E 268 -25.50 29.14 116.01
N LEU E 269 -26.51 28.37 116.38
CA LEU E 269 -27.72 28.93 116.95
C LEU E 269 -27.35 29.99 117.99
N GLU E 270 -26.42 29.66 118.87
CA GLU E 270 -25.99 30.61 119.89
C GLU E 270 -25.28 31.80 119.27
N LYS E 271 -24.50 31.55 118.23
CA LYS E 271 -23.74 32.61 117.56
C LYS E 271 -24.61 33.71 116.94
N THR E 272 -25.87 33.40 116.65
CA THR E 272 -26.77 34.38 116.05
C THR E 272 -28.07 34.53 116.82
N LYS E 273 -28.42 33.50 117.57
CA LYS E 273 -29.65 33.51 118.35
C LYS E 273 -30.86 33.85 117.49
N GLN E 274 -30.86 33.37 116.24
CA GLN E 274 -31.97 33.62 115.34
C GLN E 274 -32.22 32.50 114.33
N LEU E 275 -33.49 32.21 114.08
CA LEU E 275 -33.90 31.18 113.13
C LEU E 275 -34.75 31.85 112.06
N ARG E 276 -35.01 31.14 110.97
CA ARG E 276 -35.82 31.67 109.89
C ARG E 276 -37.04 30.78 109.63
N LEU E 277 -38.15 31.38 109.22
CA LEU E 277 -39.36 30.62 108.94
C LEU E 277 -39.93 30.92 107.56
N ASP E 278 -39.83 29.96 106.66
CA ASP E 278 -40.34 30.12 105.31
C ASP E 278 -41.66 29.37 105.21
N THR E 279 -42.64 29.97 104.54
CA THR E 279 -43.93 29.35 104.39
C THR E 279 -44.41 29.32 102.95
N ASP E 280 -44.96 28.19 102.53
CA ASP E 280 -45.45 28.03 101.16
C ASP E 280 -46.71 28.84 100.96
N GLN E 281 -47.45 28.55 99.91
CA GLN E 281 -48.68 29.29 99.64
C GLN E 281 -49.89 28.40 99.43
N VAL E 282 -49.71 27.09 99.60
CA VAL E 282 -50.83 26.18 99.45
C VAL E 282 -51.81 26.41 100.58
N TYR E 283 -52.90 27.10 100.28
CA TYR E 283 -53.91 27.36 101.29
C TYR E 283 -55.12 26.51 100.99
N GLY E 284 -55.96 26.30 101.99
CA GLY E 284 -57.15 25.49 101.79
C GLY E 284 -58.02 26.04 100.70
N ASN E 285 -59.11 25.34 100.38
CA ASN E 285 -60.02 25.79 99.34
C ASN E 285 -60.60 27.15 99.75
N ILE E 286 -61.40 27.76 98.88
CA ILE E 286 -61.97 29.06 99.17
C ILE E 286 -63.46 29.06 99.50
N ALA E 287 -63.87 30.03 100.30
CA ALA E 287 -65.26 30.17 100.71
C ALA E 287 -65.94 31.20 99.82
N THR E 288 -66.95 30.77 99.08
CA THR E 288 -67.67 31.67 98.17
C THR E 288 -69.14 31.86 98.54
N TYR E 289 -69.78 32.83 97.87
CA TYR E 289 -71.18 33.16 98.09
C TYR E 289 -72.12 32.16 97.40
N ASN E 290 -73.41 32.47 97.39
CA ASN E 290 -74.41 31.61 96.76
C ASN E 290 -75.77 32.28 96.76
N PHE E 291 -75.96 33.21 95.83
CA PHE E 291 -77.21 33.97 95.69
C PHE E 291 -78.50 33.23 96.07
N GLU E 292 -78.65 32.01 95.58
CA GLU E 292 -79.84 31.18 95.86
C GLU E 292 -80.41 31.39 97.26
N ASN E 293 -79.67 30.93 98.26
CA ASN E 293 -80.11 31.04 99.65
C ASN E 293 -79.09 31.83 100.46
N GLY E 294 -78.37 32.72 99.79
CA GLY E 294 -77.38 33.53 100.46
C GLY E 294 -76.58 32.81 101.53
N ARG E 295 -75.81 31.80 101.11
CA ARG E 295 -75.00 31.05 102.05
C ARG E 295 -73.52 31.11 101.70
N VAL E 296 -72.68 30.95 102.73
CA VAL E 296 -71.24 30.96 102.56
C VAL E 296 -70.76 29.53 102.49
N ARG E 297 -70.35 29.10 101.30
CA ARG E 297 -69.87 27.73 101.13
C ARG E 297 -68.41 27.66 100.73
N VAL E 298 -67.80 26.51 101.02
CA VAL E 298 -66.40 26.28 100.69
C VAL E 298 -66.37 25.37 99.47
N ASP E 299 -66.17 25.96 98.29
CA ASP E 299 -66.15 25.18 97.06
C ASP E 299 -64.86 24.39 96.87
N THR E 300 -64.99 23.08 96.90
CA THR E 300 -63.85 22.20 96.73
C THR E 300 -63.29 22.39 95.32
N GLY E 301 -64.04 23.11 94.48
CA GLY E 301 -63.61 23.34 93.12
C GLY E 301 -62.71 24.55 92.91
N SER E 302 -62.60 25.40 93.93
CA SER E 302 -61.77 26.59 93.81
C SER E 302 -60.80 26.75 94.97
N ASN E 303 -59.52 26.53 94.69
CA ASN E 303 -58.47 26.66 95.69
C ASN E 303 -57.53 27.77 95.23
N TRP E 304 -57.08 28.60 96.18
CA TRP E 304 -56.20 29.71 95.86
C TRP E 304 -55.09 29.32 94.90
N SER E 305 -54.48 28.16 95.13
CA SER E 305 -53.40 27.68 94.28
C SER E 305 -53.72 27.83 92.80
N GLU E 306 -55.00 27.96 92.48
CA GLU E 306 -55.43 28.13 91.09
C GLU E 306 -55.60 29.61 90.81
N VAL E 307 -56.45 30.25 91.61
CA VAL E 307 -56.76 31.66 91.47
C VAL E 307 -56.04 32.51 92.49
N LEU E 308 -54.74 32.66 92.30
CA LEU E 308 -53.92 33.46 93.19
C LEU E 308 -52.76 33.99 92.38
N PRO E 309 -52.14 33.15 91.53
CA PRO E 309 -51.02 33.63 90.72
C PRO E 309 -51.47 34.84 89.91
N GLN E 310 -52.68 34.75 89.37
CA GLN E 310 -53.25 35.83 88.57
C GLN E 310 -53.08 37.16 89.29
N ILE E 311 -53.55 37.21 90.53
CA ILE E 311 -53.45 38.41 91.33
C ILE E 311 -52.04 38.98 91.24
N GLN E 312 -51.06 38.13 91.47
CA GLN E 312 -49.66 38.55 91.41
C GLN E 312 -49.18 38.89 90.00
N GLU E 313 -49.93 38.45 88.99
CA GLU E 313 -49.56 38.70 87.61
C GLU E 313 -50.38 39.81 86.97
N THR E 314 -51.27 40.42 87.74
CA THR E 314 -52.10 41.49 87.20
C THR E 314 -52.45 42.52 88.26
N THR E 315 -51.46 42.94 89.04
CA THR E 315 -51.70 43.93 90.08
C THR E 315 -50.43 44.66 90.45
N ALA E 316 -50.57 45.57 91.41
CA ALA E 316 -49.44 46.35 91.89
C ALA E 316 -49.30 45.98 93.36
N ARG E 317 -48.09 45.65 93.78
CA ARG E 317 -47.85 45.27 95.16
C ARG E 317 -47.21 46.43 95.92
N ILE E 318 -47.78 46.75 97.08
CA ILE E 318 -47.25 47.85 97.88
C ILE E 318 -47.04 47.39 99.32
N ILE E 319 -45.81 47.51 99.80
CA ILE E 319 -45.49 47.12 101.16
C ILE E 319 -45.38 48.36 102.02
N PHE E 320 -46.39 48.59 102.85
CA PHE E 320 -46.42 49.75 103.73
C PHE E 320 -46.41 49.31 105.19
N ASN E 321 -45.89 50.15 106.06
CA ASN E 321 -45.84 49.82 107.48
C ASN E 321 -46.27 50.99 108.34
N GLY E 322 -47.56 51.29 108.31
CA GLY E 322 -48.07 52.40 109.10
C GLY E 322 -48.82 51.92 110.32
N LYS E 323 -49.70 50.94 110.11
CA LYS E 323 -50.50 50.38 111.20
C LYS E 323 -49.57 50.00 112.35
N ASP E 324 -48.33 49.72 111.99
CA ASP E 324 -47.28 49.36 112.94
C ASP E 324 -45.98 49.42 112.16
N LEU E 325 -44.99 48.65 112.59
CA LEU E 325 -43.71 48.63 111.89
C LEU E 325 -43.58 47.32 111.13
N ASN E 326 -44.63 46.50 111.20
CA ASN E 326 -44.65 45.21 110.52
C ASN E 326 -45.11 45.36 109.07
N LEU E 327 -44.22 45.01 108.15
CA LEU E 327 -44.50 45.11 106.73
C LEU E 327 -45.85 44.52 106.35
N VAL E 328 -46.75 45.39 105.89
CA VAL E 328 -48.08 44.95 105.47
C VAL E 328 -48.11 44.92 103.96
N GLU E 329 -48.67 43.85 103.40
CA GLU E 329 -48.75 43.73 101.96
C GLU E 329 -50.17 43.92 101.44
N ARG E 330 -50.27 44.42 100.22
CA ARG E 330 -51.56 44.66 99.57
C ARG E 330 -51.32 44.85 98.09
N ARG E 331 -52.24 44.35 97.27
CA ARG E 331 -52.11 44.49 95.84
C ARG E 331 -53.31 45.25 95.28
N ILE E 332 -53.05 46.20 94.39
CA ILE E 332 -54.12 46.98 93.80
C ILE E 332 -54.33 46.58 92.36
N ALA E 333 -55.57 46.69 91.90
CA ALA E 333 -55.93 46.33 90.54
C ALA E 333 -55.27 47.23 89.52
N ALA E 334 -53.99 47.00 89.28
CA ALA E 334 -53.25 47.79 88.31
C ALA E 334 -53.66 47.34 86.92
N VAL E 335 -52.97 47.85 85.90
CA VAL E 335 -53.28 47.50 84.52
C VAL E 335 -52.02 47.15 83.76
N ASN E 336 -52.18 46.34 82.72
CA ASN E 336 -51.06 45.94 81.90
C ASN E 336 -51.37 46.36 80.48
N PRO E 337 -50.41 47.01 79.80
CA PRO E 337 -50.62 47.47 78.42
C PRO E 337 -50.65 46.35 77.38
N SER E 338 -49.79 45.36 77.57
CA SER E 338 -49.71 44.24 76.64
C SER E 338 -50.94 43.34 76.66
N ASP E 339 -51.76 43.49 77.69
CA ASP E 339 -52.95 42.66 77.84
C ASP E 339 -54.26 43.38 77.54
N PRO E 340 -54.91 43.02 76.42
CA PRO E 340 -56.18 43.65 76.04
C PRO E 340 -57.10 43.68 77.26
N LEU E 341 -57.55 42.51 77.66
CA LEU E 341 -58.43 42.39 78.81
C LEU E 341 -57.97 43.28 79.96
N GLU E 342 -56.73 43.08 80.40
CA GLU E 342 -56.18 43.85 81.51
C GLU E 342 -56.09 45.35 81.24
N THR E 343 -56.77 45.80 80.19
CA THR E 343 -56.77 47.22 79.86
C THR E 343 -58.18 47.68 80.20
N THR E 344 -59.07 46.72 80.30
CA THR E 344 -60.46 46.97 80.63
C THR E 344 -60.53 47.47 82.07
N LYS E 345 -59.39 47.38 82.75
CA LYS E 345 -59.29 47.80 84.13
C LYS E 345 -59.21 49.31 84.26
N PRO E 346 -59.63 49.84 85.41
CA PRO E 346 -59.59 51.29 85.65
C PRO E 346 -58.15 51.75 85.85
N ASP E 347 -57.74 52.79 85.14
CA ASP E 347 -56.38 53.32 85.27
C ASP E 347 -56.08 53.57 86.74
N MET E 348 -54.87 53.21 87.19
CA MET E 348 -54.54 53.41 88.58
C MET E 348 -53.41 54.40 88.84
N THR E 349 -53.56 55.16 89.92
CA THR E 349 -52.59 56.17 90.32
C THR E 349 -52.03 55.81 91.69
N LEU E 350 -50.73 56.01 91.86
CA LEU E 350 -50.07 55.72 93.12
C LEU E 350 -50.85 56.33 94.28
N LYS E 351 -51.30 57.57 94.09
CA LYS E 351 -52.08 58.26 95.11
C LYS E 351 -53.32 57.45 95.45
N GLU E 352 -54.29 57.46 94.54
CA GLU E 352 -55.53 56.73 94.71
C GLU E 352 -55.25 55.38 95.37
N ALA E 353 -54.17 54.74 94.94
CA ALA E 353 -53.79 53.46 95.50
C ALA E 353 -53.64 53.54 97.02
N LEU E 354 -52.68 54.33 97.48
CA LEU E 354 -52.44 54.49 98.91
C LEU E 354 -53.67 54.91 99.70
N LYS E 355 -54.74 55.28 99.00
CA LYS E 355 -55.96 55.69 99.68
C LYS E 355 -56.81 54.48 100.04
N ILE E 356 -57.01 53.59 99.08
CA ILE E 356 -57.81 52.39 99.30
C ILE E 356 -56.98 51.23 99.81
N ALA E 357 -55.76 51.11 99.30
CA ALA E 357 -54.87 50.03 99.70
C ALA E 357 -54.65 49.97 101.21
N PHE E 358 -54.33 51.10 101.81
CA PHE E 358 -54.07 51.14 103.25
C PHE E 358 -54.99 52.08 104.01
N GLY E 359 -55.36 53.19 103.38
CA GLY E 359 -56.25 54.14 104.03
C GLY E 359 -55.80 55.59 104.11
N PHE E 360 -54.77 55.95 103.34
CA PHE E 360 -54.30 57.34 103.36
C PHE E 360 -55.46 58.26 103.02
N ASN E 361 -55.48 59.44 103.62
CA ASN E 361 -56.55 60.40 103.37
C ASN E 361 -56.05 61.82 103.16
N GLU E 362 -56.95 62.70 102.72
CA GLU E 362 -56.62 64.09 102.49
C GLU E 362 -57.41 64.99 103.44
N PRO E 363 -56.92 65.16 104.67
CA PRO E 363 -57.58 65.99 105.68
C PRO E 363 -57.74 67.44 105.23
N ASN E 364 -56.62 68.13 105.03
CA ASN E 364 -56.65 69.52 104.61
C ASN E 364 -55.97 69.71 103.25
N GLY E 365 -55.95 68.64 102.45
CA GLY E 365 -55.33 68.72 101.14
C GLY E 365 -53.98 68.04 101.08
N ASN E 366 -53.56 67.44 102.20
CA ASN E 366 -52.29 66.75 102.26
C ASN E 366 -52.49 65.25 102.44
N LEU E 367 -52.02 64.48 101.47
CA LEU E 367 -52.15 63.03 101.50
C LEU E 367 -51.34 62.44 102.65
N GLN E 368 -51.97 62.34 103.82
CA GLN E 368 -51.30 61.79 104.98
C GLN E 368 -51.91 60.46 105.42
N TYR E 369 -51.31 59.85 106.44
CA TYR E 369 -51.78 58.58 106.95
C TYR E 369 -52.03 58.66 108.46
N GLN E 370 -53.31 58.73 108.83
CA GLN E 370 -53.68 58.80 110.24
C GLN E 370 -52.85 59.83 111.00
N GLY E 371 -52.31 60.80 110.29
CA GLY E 371 -51.49 61.82 110.92
C GLY E 371 -50.19 62.08 110.20
N LYS E 372 -49.43 61.03 109.94
CA LYS E 372 -48.15 61.16 109.25
C LYS E 372 -48.36 61.60 107.80
N ASP E 373 -47.48 62.45 107.31
CA ASP E 373 -47.56 62.95 105.95
C ASP E 373 -46.84 62.00 104.98
N ILE E 374 -47.44 61.79 103.81
CA ILE E 374 -46.87 60.90 102.80
C ILE E 374 -45.38 61.16 102.56
N THR E 375 -44.91 62.32 103.00
CA THR E 375 -43.50 62.68 102.83
C THR E 375 -42.61 62.10 103.92
N GLU E 376 -43.22 61.47 104.91
CA GLU E 376 -42.47 60.88 106.01
C GLU E 376 -42.10 59.43 105.74
N PHE E 377 -42.35 58.97 104.51
CA PHE E 377 -42.04 57.59 104.15
C PHE E 377 -41.19 57.52 102.89
N ASP E 378 -40.23 56.61 102.88
CA ASP E 378 -39.34 56.45 101.74
C ASP E 378 -39.96 55.53 100.69
N PHE E 379 -39.84 55.92 99.43
CA PHE E 379 -40.35 55.12 98.31
C PHE E 379 -39.22 54.32 97.67
N ASN E 380 -39.33 53.00 97.72
CA ASN E 380 -38.32 52.13 97.13
C ASN E 380 -38.94 51.18 96.13
N PHE E 381 -38.45 51.22 94.90
CA PHE E 381 -38.96 50.37 93.83
C PHE E 381 -37.96 49.31 93.42
N ASP E 382 -38.40 48.37 92.60
CA ASP E 382 -37.53 47.31 92.12
C ASP E 382 -36.92 47.71 90.79
N GLN E 383 -35.94 46.93 90.34
CA GLN E 383 -35.25 47.19 89.09
C GLN E 383 -36.22 47.62 87.99
N GLN E 384 -37.35 46.93 87.89
CA GLN E 384 -38.36 47.23 86.89
C GLN E 384 -39.13 48.50 87.24
N THR E 385 -40.02 48.39 88.23
CA THR E 385 -40.84 49.52 88.67
C THR E 385 -40.07 50.84 88.69
N SER E 386 -38.77 50.77 88.98
CA SER E 386 -37.94 51.97 89.01
C SER E 386 -38.09 52.74 87.70
N GLN E 387 -37.71 52.10 86.61
CA GLN E 387 -37.79 52.70 85.28
C GLN E 387 -39.22 53.16 84.98
N ASN E 388 -40.16 52.23 85.00
CA ASN E 388 -41.56 52.50 84.71
C ASN E 388 -42.08 53.77 85.36
N ILE E 389 -41.46 54.17 86.47
CA ILE E 389 -41.87 55.38 87.17
C ILE E 389 -40.94 56.52 86.78
N LYS E 390 -39.66 56.21 86.58
CA LYS E 390 -38.69 57.23 86.18
C LYS E 390 -39.14 57.84 84.86
N ASN E 391 -39.57 56.99 83.93
CA ASN E 391 -40.02 57.43 82.63
C ASN E 391 -41.23 58.35 82.73
N GLN E 392 -41.97 58.22 83.83
CA GLN E 392 -43.14 59.06 84.05
C GLN E 392 -42.72 60.41 84.62
N LEU E 393 -41.81 60.38 85.59
CA LEU E 393 -41.31 61.60 86.20
C LEU E 393 -40.58 62.42 85.14
N ALA E 394 -40.24 61.75 84.04
CA ALA E 394 -39.53 62.41 82.94
C ALA E 394 -40.52 63.17 82.08
N GLU E 395 -41.49 62.46 81.52
CA GLU E 395 -42.50 63.08 80.67
C GLU E 395 -43.48 63.92 81.49
N LEU E 396 -43.09 64.25 82.72
CA LEU E 396 -43.90 65.05 83.61
C LEU E 396 -43.05 66.15 84.25
N ASN E 397 -41.81 66.26 83.79
CA ASN E 397 -40.87 67.25 84.28
C ASN E 397 -41.00 67.53 85.77
N ALA E 398 -40.29 66.76 86.58
CA ALA E 398 -40.31 66.92 88.02
C ALA E 398 -39.23 66.05 88.65
N THR E 399 -38.77 66.44 89.84
CA THR E 399 -37.74 65.70 90.54
C THR E 399 -38.30 65.12 91.84
N ASN E 400 -39.42 65.68 92.28
CA ASN E 400 -40.05 65.21 93.51
C ASN E 400 -41.32 64.44 93.18
N ILE E 401 -41.31 63.15 93.48
CA ILE E 401 -42.45 62.29 93.21
C ILE E 401 -43.66 62.62 94.09
N TYR E 402 -43.39 63.05 95.32
CA TYR E 402 -44.46 63.40 96.27
C TYR E 402 -45.40 64.44 95.66
N THR E 403 -44.93 65.15 94.64
CA THR E 403 -45.72 66.17 93.97
C THR E 403 -46.58 65.53 92.89
N VAL E 404 -45.93 65.02 91.85
CA VAL E 404 -46.62 64.37 90.75
C VAL E 404 -47.15 63.00 91.20
N LEU E 405 -47.24 62.83 92.50
CA LEU E 405 -47.73 61.59 93.10
C LEU E 405 -49.02 61.15 92.44
N ASP E 406 -50.03 62.02 92.51
CA ASP E 406 -51.34 61.74 91.93
C ASP E 406 -51.32 61.69 90.40
N LYS E 407 -50.17 61.36 89.83
CA LYS E 407 -50.05 61.28 88.38
C LYS E 407 -49.11 60.15 87.96
N ILE E 408 -48.93 59.17 88.85
CA ILE E 408 -48.07 58.03 88.54
C ILE E 408 -48.93 56.82 88.21
N LYS E 409 -48.78 56.32 87.00
CA LYS E 409 -49.54 55.16 86.53
C LYS E 409 -48.95 53.85 87.05
N LEU E 410 -49.73 53.11 87.83
CA LEU E 410 -49.26 51.83 88.37
C LEU E 410 -49.61 50.70 87.39
N ASN E 411 -48.58 50.02 86.89
CA ASN E 411 -48.79 48.92 85.96
C ASN E 411 -48.64 47.58 86.67
N ALA E 412 -49.37 46.57 86.22
CA ALA E 412 -49.30 45.24 86.83
C ALA E 412 -47.86 44.81 86.99
N LYS E 413 -47.60 43.98 88.00
CA LYS E 413 -46.27 43.46 88.28
C LYS E 413 -45.38 44.54 88.91
N MET E 414 -45.96 45.69 89.20
CA MET E 414 -45.22 46.77 89.81
C MET E 414 -45.09 46.49 91.30
N ASN E 415 -43.91 46.77 91.86
CA ASN E 415 -43.68 46.55 93.28
C ASN E 415 -43.20 47.83 93.95
N ILE E 416 -43.80 48.16 95.10
CA ILE E 416 -43.44 49.39 95.80
C ILE E 416 -43.33 49.17 97.31
N LEU E 417 -42.29 49.74 97.92
CA LEU E 417 -42.07 49.61 99.35
C LEU E 417 -42.13 50.93 100.10
N ILE E 418 -43.26 51.20 100.73
CA ILE E 418 -43.45 52.42 101.50
C ILE E 418 -43.18 52.14 102.96
N ARG E 419 -42.06 52.64 103.45
CA ARG E 419 -41.69 52.45 104.85
C ARG E 419 -41.44 53.77 105.56
N ASP E 420 -41.79 53.83 106.84
CA ASP E 420 -41.60 55.06 107.63
C ASP E 420 -40.14 55.48 107.51
N LYS E 421 -39.92 56.76 107.21
CA LYS E 421 -38.58 57.29 107.05
C LYS E 421 -37.86 57.57 108.37
N ARG E 422 -38.59 57.51 109.48
CA ARG E 422 -38.01 57.77 110.79
C ARG E 422 -36.90 56.80 111.21
N PHE E 423 -37.27 55.55 111.44
CA PHE E 423 -36.30 54.54 111.88
C PHE E 423 -35.41 54.01 110.77
N HIS E 424 -34.30 53.37 111.16
CA HIS E 424 -33.37 52.78 110.20
C HIS E 424 -33.92 51.42 109.83
N TYR E 425 -33.39 50.83 108.77
CA TYR E 425 -33.86 49.52 108.34
C TYR E 425 -32.70 48.58 108.03
N ASP E 426 -32.95 47.29 108.23
CA ASP E 426 -31.94 46.26 108.00
C ASP E 426 -31.99 45.66 106.60
N ARG E 427 -31.64 44.38 106.53
CA ARG E 427 -31.62 43.65 105.27
C ARG E 427 -33.00 43.06 104.98
N ASN E 428 -33.78 42.80 106.03
CA ASN E 428 -35.11 42.22 105.89
C ASN E 428 -36.22 43.28 105.95
N ASN E 429 -35.83 44.55 105.99
CA ASN E 429 -36.78 45.65 106.05
C ASN E 429 -37.57 45.60 107.34
N ILE E 430 -36.87 45.61 108.47
CA ILE E 430 -37.53 45.56 109.77
C ILE E 430 -37.22 46.77 110.61
N ALA E 431 -38.12 47.08 111.53
CA ALA E 431 -37.95 48.21 112.43
C ALA E 431 -36.70 47.95 113.26
N VAL E 432 -35.59 48.50 112.81
CA VAL E 432 -34.33 48.31 113.52
C VAL E 432 -34.13 49.32 114.64
N GLY E 433 -33.80 50.56 114.26
CA GLY E 433 -33.57 51.61 115.24
C GLY E 433 -33.40 52.97 114.58
N ALA E 434 -34.09 53.97 115.08
CA ALA E 434 -34.02 55.32 114.53
C ALA E 434 -32.80 56.09 115.01
N ASP E 435 -32.88 57.42 114.89
CA ASP E 435 -31.79 58.30 115.31
C ASP E 435 -31.98 58.73 116.76
N GLU E 436 -30.88 59.04 117.43
CA GLU E 436 -30.91 59.46 118.83
C GLU E 436 -32.01 60.47 119.09
N SER E 437 -32.17 61.40 118.16
CA SER E 437 -33.19 62.43 118.26
C SER E 437 -34.54 61.81 118.61
N VAL E 438 -35.17 61.22 117.60
CA VAL E 438 -36.47 60.58 117.77
C VAL E 438 -36.51 59.73 119.03
N VAL E 439 -35.42 59.00 119.27
CA VAL E 439 -35.33 58.14 120.45
C VAL E 439 -35.55 58.93 121.73
N LYS E 440 -34.68 59.89 121.99
CA LYS E 440 -34.78 60.71 123.19
C LYS E 440 -36.20 61.25 123.35
N GLU E 441 -36.71 61.86 122.30
CA GLU E 441 -38.05 62.44 122.30
C GLU E 441 -39.06 61.51 122.98
N ALA E 442 -39.17 60.29 122.47
CA ALA E 442 -40.13 59.31 123.00
C ALA E 442 -40.04 59.11 124.51
N HIS E 443 -38.90 59.43 125.09
CA HIS E 443 -38.71 59.26 126.53
C HIS E 443 -38.86 60.55 127.32
N ARG E 444 -38.93 61.68 126.62
CA ARG E 444 -39.06 62.97 127.27
C ARG E 444 -40.11 62.96 128.38
N GLU E 445 -41.09 62.06 128.26
CA GLU E 445 -42.14 61.95 129.27
C GLU E 445 -41.77 61.07 130.45
N VAL E 446 -42.13 61.54 131.64
CA VAL E 446 -41.86 60.81 132.88
C VAL E 446 -43.14 60.75 133.70
N ILE E 447 -43.34 59.65 134.42
CA ILE E 447 -44.54 59.49 135.22
C ILE E 447 -44.24 59.23 136.70
N ASN E 448 -43.15 58.50 136.96
CA ASN E 448 -42.78 58.19 138.34
C ASN E 448 -41.33 57.75 138.47
N SER E 449 -40.54 58.55 139.18
CA SER E 449 -39.15 58.24 139.40
C SER E 449 -39.01 57.62 140.79
N SER E 450 -38.30 56.49 140.86
CA SER E 450 -38.12 55.79 142.12
C SER E 450 -36.78 55.06 142.19
N THR E 451 -36.38 54.71 143.39
CA THR E 451 -35.13 53.99 143.61
C THR E 451 -35.33 52.54 143.19
N GLU E 452 -36.53 52.24 142.70
CA GLU E 452 -36.87 50.89 142.27
C GLU E 452 -36.87 50.80 140.75
N GLY E 453 -37.61 51.70 140.10
CA GLY E 453 -37.68 51.69 138.66
C GLY E 453 -38.50 52.84 138.10
N LEU E 454 -38.10 53.34 136.94
CA LEU E 454 -38.80 54.45 136.29
C LEU E 454 -40.05 53.97 135.56
N LEU E 455 -41.08 54.81 135.58
CA LEU E 455 -42.33 54.51 134.90
C LEU E 455 -42.57 55.59 133.86
N LEU E 456 -42.51 55.22 132.59
CA LEU E 456 -42.70 56.16 131.51
C LEU E 456 -43.82 55.76 130.56
N ASN E 457 -44.18 56.66 129.67
CA ASN E 457 -45.22 56.41 128.69
C ASN E 457 -44.57 56.46 127.30
N ILE E 458 -43.45 55.76 127.17
CA ILE E 458 -42.70 55.71 125.93
C ILE E 458 -43.57 55.33 124.73
N ASP E 459 -43.26 55.92 123.58
CA ASP E 459 -44.01 55.68 122.35
C ASP E 459 -43.84 54.24 121.86
N LYS E 460 -44.95 53.60 121.49
CA LYS E 460 -44.93 52.23 121.01
C LYS E 460 -44.03 52.08 119.79
N ASP E 461 -44.31 52.88 118.77
CA ASP E 461 -43.54 52.85 117.53
C ASP E 461 -42.04 52.90 117.79
N ILE E 462 -41.64 53.58 118.86
CA ILE E 462 -40.23 53.70 119.21
C ILE E 462 -39.77 52.49 120.00
N ARG E 463 -40.35 52.32 121.18
CA ARG E 463 -40.00 51.22 122.06
C ARG E 463 -39.69 49.93 121.31
N LYS E 464 -40.35 49.75 120.16
CA LYS E 464 -40.14 48.55 119.36
C LYS E 464 -38.76 48.47 118.71
N ILE E 465 -37.99 49.55 118.76
CA ILE E 465 -36.65 49.53 118.17
C ILE E 465 -35.59 49.55 119.26
N LEU E 466 -35.99 49.25 120.48
CA LEU E 466 -35.07 49.25 121.61
C LEU E 466 -34.79 47.86 122.16
N SER E 467 -33.51 47.54 122.31
CA SER E 467 -33.10 46.25 122.84
C SER E 467 -33.21 46.27 124.37
N GLY E 468 -32.66 47.32 124.97
CA GLY E 468 -32.71 47.43 126.42
C GLY E 468 -32.16 48.74 126.96
N TYR E 469 -31.99 48.80 128.28
CA TYR E 469 -31.48 49.99 128.94
C TYR E 469 -30.32 49.66 129.88
N ILE E 470 -29.32 50.53 129.91
CA ILE E 470 -28.16 50.36 130.76
C ILE E 470 -28.25 51.30 131.96
N VAL E 471 -28.42 50.73 133.16
CA VAL E 471 -28.52 51.53 134.37
C VAL E 471 -27.14 51.76 134.98
N GLU E 472 -26.77 53.03 135.16
CA GLU E 472 -25.47 53.36 135.74
C GLU E 472 -25.58 54.53 136.72
N ILE E 473 -24.44 54.99 137.18
CA ILE E 473 -24.37 56.12 138.12
C ILE E 473 -23.10 56.93 137.93
N GLU E 474 -23.26 58.20 137.60
CA GLU E 474 -22.12 59.10 137.38
C GLU E 474 -21.82 59.90 138.63
N ASP E 475 -20.59 59.80 139.11
CA ASP E 475 -20.16 60.52 140.31
C ASP E 475 -20.11 62.01 140.01
N THR E 476 -20.24 62.83 141.06
CA THR E 476 -20.20 64.28 140.92
C THR E 476 -18.93 64.75 140.24
N GLU E 477 -17.97 63.85 140.08
CA GLU E 477 -16.70 64.18 139.45
C GLU E 477 -16.69 63.79 137.96
N GLY E 478 -17.02 62.53 137.68
CA GLY E 478 -17.03 62.06 136.31
C GLY E 478 -16.81 60.56 136.20
N LEU E 479 -17.43 59.80 137.11
CA LEU E 479 -17.29 58.34 137.10
C LEU E 479 -18.40 57.68 136.28
N LYS E 480 -18.08 56.53 135.71
CA LYS E 480 -19.03 55.80 134.89
C LYS E 480 -19.37 54.42 135.49
N GLU E 481 -19.87 54.43 136.73
CA GLU E 481 -20.23 53.19 137.40
C GLU E 481 -21.55 52.70 136.82
N VAL E 482 -21.55 51.47 136.31
CA VAL E 482 -22.75 50.89 135.70
C VAL E 482 -23.29 49.71 136.50
N ILE E 483 -24.62 49.65 136.63
CA ILE E 483 -25.25 48.55 137.35
C ILE E 483 -25.14 47.30 136.47
N ASN E 484 -26.22 46.98 135.77
CA ASN E 484 -26.21 45.82 134.87
C ASN E 484 -25.21 46.11 133.76
N ASP E 485 -23.97 45.70 133.98
CA ASP E 485 -22.90 45.94 133.02
C ASP E 485 -22.67 44.83 132.01
N ARG E 486 -23.46 43.76 132.08
CA ARG E 486 -23.30 42.65 131.14
C ARG E 486 -24.32 42.73 130.00
N TYR E 487 -23.84 42.51 128.78
CA TYR E 487 -24.69 42.58 127.59
C TYR E 487 -26.02 41.87 127.79
N ASP E 488 -26.01 40.81 128.59
CA ASP E 488 -27.21 40.04 128.84
C ASP E 488 -28.03 40.57 130.01
N MET E 489 -27.67 41.74 130.50
CA MET E 489 -28.38 42.35 131.61
C MET E 489 -29.14 43.59 131.15
N LEU E 490 -29.52 43.60 129.89
CA LEU E 490 -30.25 44.73 129.33
C LEU E 490 -31.75 44.51 129.49
N ASN E 491 -32.13 43.25 129.72
CA ASN E 491 -33.52 42.87 129.90
C ASN E 491 -34.10 43.46 131.18
N ILE E 492 -34.66 44.67 131.08
CA ILE E 492 -35.25 45.34 132.23
C ILE E 492 -36.61 45.95 131.91
N SER E 493 -36.67 46.73 130.84
CA SER E 493 -37.91 47.39 130.43
C SER E 493 -39.11 46.47 130.40
N SER E 494 -40.08 46.73 131.27
CA SER E 494 -41.30 45.94 131.34
C SER E 494 -42.39 46.72 130.62
N LEU E 495 -43.64 46.37 130.85
CA LEU E 495 -44.74 47.07 130.20
C LEU E 495 -46.11 46.73 130.79
N ARG E 496 -46.67 47.68 131.54
CA ARG E 496 -47.98 47.49 132.14
C ARG E 496 -49.04 47.51 131.04
N GLN E 497 -50.15 46.81 131.26
CA GLN E 497 -51.21 46.76 130.27
C GLN E 497 -51.91 48.11 130.15
N ASP E 498 -51.41 49.11 130.86
CA ASP E 498 -51.98 50.44 130.82
C ASP E 498 -51.29 51.27 129.74
N GLY E 499 -50.30 50.66 129.09
CA GLY E 499 -49.58 51.34 128.02
C GLY E 499 -48.36 52.11 128.47
N LYS E 500 -47.92 51.88 129.70
CA LYS E 500 -46.75 52.57 130.23
C LYS E 500 -45.59 51.62 130.47
N THR E 501 -44.43 51.95 129.90
CA THR E 501 -43.23 51.14 130.04
C THR E 501 -42.65 51.30 131.44
N PHE E 502 -42.59 50.19 132.18
CA PHE E 502 -42.05 50.22 133.53
C PHE E 502 -40.65 49.65 133.62
N ILE E 503 -39.68 50.51 133.93
CA ILE E 503 -38.30 50.09 134.05
C ILE E 503 -38.04 49.67 135.49
N ASP E 504 -37.04 48.81 135.70
CA ASP E 504 -36.69 48.36 137.04
C ASP E 504 -35.18 48.16 137.14
N PHE E 505 -34.59 48.80 138.14
CA PHE E 505 -33.16 48.70 138.36
C PHE E 505 -32.90 47.48 139.23
N LYS E 506 -33.89 47.14 140.05
CA LYS E 506 -33.83 46.01 140.98
C LYS E 506 -33.60 44.66 140.32
N LYS E 507 -34.13 44.48 139.12
CA LYS E 507 -33.99 43.20 138.41
C LYS E 507 -32.52 42.82 138.26
N TYR E 508 -31.64 43.79 138.47
CA TYR E 508 -30.19 43.56 138.38
C TYR E 508 -29.41 44.30 139.46
N ASN E 509 -29.75 44.00 140.72
CA ASN E 509 -29.09 44.60 141.88
C ASN E 509 -29.56 43.91 143.16
N ASP E 510 -29.35 42.60 143.23
CA ASP E 510 -29.74 41.81 144.39
C ASP E 510 -31.20 42.03 144.80
N LYS E 511 -32.07 42.24 143.81
CA LYS E 511 -33.49 42.46 144.06
C LYS E 511 -33.73 43.62 145.02
N LEU E 512 -32.69 44.40 145.29
CA LEU E 512 -32.81 45.53 146.20
C LEU E 512 -32.75 46.85 145.43
N PRO E 513 -33.52 47.85 145.88
CA PRO E 513 -33.56 49.17 145.22
C PRO E 513 -32.20 49.85 145.14
N LEU E 514 -32.16 50.99 144.46
CA LEU E 514 -30.94 51.75 144.29
C LEU E 514 -30.20 52.05 145.59
N TYR E 515 -28.91 52.33 145.45
CA TYR E 515 -28.04 52.65 146.58
C TYR E 515 -27.47 54.05 146.35
N ILE E 516 -28.00 55.03 147.07
CA ILE E 516 -27.56 56.40 146.94
C ILE E 516 -26.75 56.86 148.14
N SER E 517 -25.43 56.65 148.09
CA SER E 517 -24.55 57.04 149.18
C SER E 517 -24.49 58.56 149.26
N ASN E 518 -24.69 59.20 148.10
CA ASN E 518 -24.67 60.66 148.01
C ASN E 518 -25.76 61.11 147.05
N PRO E 519 -26.88 61.62 147.60
CA PRO E 519 -28.01 62.09 146.77
C PRO E 519 -27.70 63.33 145.95
N ASN E 520 -26.60 63.28 145.21
CA ASN E 520 -26.18 64.38 144.35
C ASN E 520 -25.54 63.84 143.08
N TYR E 521 -25.64 62.53 142.89
CA TYR E 521 -25.08 61.86 141.73
C TYR E 521 -25.98 62.04 140.52
N LYS E 522 -25.85 61.14 139.54
CA LYS E 522 -26.65 61.20 138.33
C LYS E 522 -27.01 59.80 137.83
N VAL E 523 -28.20 59.33 138.16
CA VAL E 523 -28.64 58.01 137.72
C VAL E 523 -28.82 58.03 136.21
N ASN E 524 -27.77 57.64 135.49
CA ASN E 524 -27.80 57.62 134.03
C ASN E 524 -28.31 56.30 133.47
N VAL E 525 -29.52 56.34 132.93
CA VAL E 525 -30.15 55.17 132.33
C VAL E 525 -30.20 55.39 130.82
N TYR E 526 -29.40 54.62 130.09
CA TYR E 526 -29.35 54.74 128.65
C TYR E 526 -30.28 53.78 127.94
N ALA E 527 -30.38 53.92 126.62
CA ALA E 527 -31.24 53.06 125.81
C ALA E 527 -30.38 52.51 124.69
N VAL E 528 -30.63 51.25 124.31
CA VAL E 528 -29.86 50.62 123.24
C VAL E 528 -30.77 50.10 122.14
N THR E 529 -30.68 50.71 120.98
CA THR E 529 -31.50 50.29 119.85
C THR E 529 -31.05 48.91 119.41
N LYS E 530 -31.96 48.16 118.78
CA LYS E 530 -31.64 46.82 118.30
C LYS E 530 -30.39 46.84 117.43
N GLU E 531 -30.38 47.71 116.42
CA GLU E 531 -29.25 47.80 115.51
C GLU E 531 -27.90 47.85 116.22
N ASN E 532 -27.87 48.44 117.40
CA ASN E 532 -26.63 48.56 118.16
C ASN E 532 -26.35 47.41 119.12
N THR E 533 -27.37 47.03 119.89
CA THR E 533 -27.24 45.96 120.88
C THR E 533 -26.39 44.76 120.45
N ILE E 534 -25.69 44.18 121.43
CA ILE E 534 -24.86 43.02 121.20
C ILE E 534 -25.53 41.81 121.83
N ILE E 535 -25.14 40.62 121.37
CA ILE E 535 -25.73 39.39 121.86
C ILE E 535 -24.74 38.36 122.39
N ASN E 536 -23.45 38.55 122.09
CA ASN E 536 -22.43 37.63 122.53
C ASN E 536 -21.13 38.34 122.90
N PRO E 537 -20.34 37.75 123.81
CA PRO E 537 -19.06 38.31 124.26
C PRO E 537 -18.12 38.60 123.10
N SER E 538 -17.10 39.42 123.36
CA SER E 538 -16.12 39.78 122.33
C SER E 538 -15.13 38.64 122.11
N GLU E 539 -14.24 38.82 121.13
CA GLU E 539 -13.23 37.82 120.81
C GLU E 539 -12.67 37.16 122.06
N ASN E 540 -12.66 37.92 123.15
CA ASN E 540 -12.18 37.43 124.43
C ASN E 540 -13.35 36.95 125.28
N GLY E 541 -13.62 37.67 126.36
CA GLY E 541 -14.72 37.32 127.23
C GLY E 541 -15.33 38.57 127.82
N ASP E 542 -15.30 39.65 127.04
CA ASP E 542 -15.84 40.93 127.47
C ASP E 542 -17.36 40.90 127.57
N THR E 543 -17.86 40.49 128.73
CA THR E 543 -19.30 40.42 128.96
C THR E 543 -19.78 41.78 129.45
N SER E 544 -18.97 42.81 129.23
CA SER E 544 -19.31 44.16 129.67
C SER E 544 -20.02 45.00 128.62
N THR E 545 -20.51 46.15 129.05
CA THR E 545 -21.21 47.08 128.18
C THR E 545 -20.24 48.13 127.64
N ASN E 546 -18.96 47.79 127.67
CA ASN E 546 -17.92 48.69 127.20
C ASN E 546 -18.17 49.13 125.75
N GLY E 547 -17.97 48.21 124.82
CA GLY E 547 -18.18 48.53 123.41
C GLY E 547 -19.63 48.53 122.98
N ILE E 548 -20.35 49.60 123.29
CA ILE E 548 -21.76 49.72 122.92
C ILE E 548 -22.05 51.15 122.49
N LYS E 549 -23.15 51.33 121.77
CA LYS E 549 -23.56 52.65 121.32
C LYS E 549 -24.93 52.95 121.93
N LYS E 550 -24.95 53.25 123.22
CA LYS E 550 -26.21 53.56 123.90
C LYS E 550 -26.60 55.02 123.70
N ILE E 551 -27.79 55.37 124.18
CA ILE E 551 -28.28 56.73 124.06
C ILE E 551 -28.86 57.22 125.38
N LEU E 552 -28.47 58.43 125.76
CA LEU E 552 -28.93 59.04 127.01
C LEU E 552 -30.44 59.25 127.00
N ILE E 553 -31.13 58.60 127.92
CA ILE E 553 -32.58 58.71 128.03
C ILE E 553 -33.00 59.31 129.36
N PHE E 554 -32.17 59.15 130.38
CA PHE E 554 -32.47 59.68 131.70
C PHE E 554 -31.21 60.24 132.34
N SER E 555 -31.39 61.10 133.34
CA SER E 555 -30.26 61.71 134.05
C SER E 555 -30.71 62.67 135.14
N LYS E 556 -31.33 62.13 136.18
CA LYS E 556 -31.80 62.97 137.29
C LYS E 556 -30.86 62.86 138.48
N LYS E 557 -30.94 63.83 139.38
CA LYS E 557 -30.09 63.84 140.56
C LYS E 557 -30.65 62.95 141.67
N GLY E 558 -29.80 62.67 142.67
CA GLY E 558 -30.22 61.83 143.77
C GLY E 558 -31.39 62.41 144.55
N TYR E 559 -31.44 63.73 144.67
CA TYR E 559 -32.52 64.38 145.39
C TYR E 559 -33.71 64.65 144.49
N GLU E 560 -33.54 64.42 143.20
CA GLU E 560 -34.62 64.63 142.24
C GLU E 560 -35.32 63.33 141.91
N ILE E 561 -35.36 62.42 142.89
CA ILE E 561 -36.02 61.14 142.73
C ILE E 561 -36.74 60.73 144.01
N GLY E 562 -35.96 60.36 145.03
CA GLY E 562 -36.53 59.94 146.29
C GLY E 562 -35.58 59.10 147.12
N SER F 1 6.52 22.96 154.95
CA SER F 1 6.92 23.44 156.27
C SER F 1 6.46 24.88 156.50
N CYS F 2 7.41 25.77 156.77
CA CYS F 2 7.08 27.17 157.01
C CYS F 2 7.50 28.03 155.82
N ARG F 3 6.90 29.21 155.71
CA ARG F 3 7.19 30.14 154.62
C ARG F 3 7.27 31.58 155.12
N ARG F 4 7.66 32.50 154.24
CA ARG F 4 7.76 33.90 154.61
C ARG F 4 7.03 34.81 153.62
N ALA F 5 7.01 34.41 152.36
CA ALA F 5 6.36 35.19 151.31
C ALA F 5 4.91 34.79 151.07
N PHE F 6 3.98 35.65 151.47
CA PHE F 6 2.56 35.40 151.29
C PHE F 6 1.95 36.43 150.35
N ASP F 7 0.98 36.00 149.56
CA ASP F 7 0.30 36.88 148.61
C ASP F 7 -1.17 36.90 148.99
N LEU F 8 -1.63 38.02 149.53
CA LEU F 8 -3.02 38.15 149.93
C LEU F 8 -3.90 38.76 148.85
N TYR F 9 -4.99 38.05 148.52
CA TYR F 9 -5.94 38.51 147.51
C TYR F 9 -7.20 38.99 148.20
N PHE F 10 -7.60 40.22 147.92
CA PHE F 10 -8.79 40.80 148.54
C PHE F 10 -9.98 40.93 147.61
N VAL F 11 -10.72 39.83 147.45
CA VAL F 11 -11.90 39.82 146.61
C VAL F 11 -13.02 40.44 147.44
N LEU F 12 -13.53 41.58 146.98
CA LEU F 12 -14.57 42.30 147.70
C LEU F 12 -15.92 42.36 146.99
N ASP F 13 -16.97 41.99 147.72
CA ASP F 13 -18.33 42.00 147.21
C ASP F 13 -18.87 43.42 147.26
N LYS F 14 -18.93 44.09 146.12
CA LYS F 14 -19.44 45.45 146.10
C LYS F 14 -20.86 45.47 145.53
N SER F 15 -21.65 44.46 145.91
CA SER F 15 -23.04 44.37 145.44
C SER F 15 -23.97 45.20 146.32
N GLY F 16 -25.12 45.55 145.78
CA GLY F 16 -26.08 46.35 146.52
C GLY F 16 -26.50 45.75 147.85
N SER F 17 -26.53 44.41 147.90
CA SER F 17 -26.92 43.71 149.13
C SER F 17 -26.03 44.08 150.30
N VAL F 18 -24.76 44.37 150.01
CA VAL F 18 -23.79 44.75 151.04
C VAL F 18 -23.38 46.21 150.87
N ALA F 19 -24.32 47.05 150.44
CA ALA F 19 -24.03 48.46 150.24
C ALA F 19 -24.04 49.23 151.55
N ASN F 20 -24.60 48.60 152.59
CA ASN F 20 -24.67 49.22 153.91
C ASN F 20 -23.39 49.05 154.71
N ASN F 21 -22.93 47.81 154.83
CA ASN F 21 -21.73 47.49 155.58
C ASN F 21 -20.46 47.42 154.73
N TRP F 22 -20.28 48.38 153.84
CA TRP F 22 -19.09 48.40 153.00
C TRP F 22 -17.87 48.80 153.80
N ILE F 23 -18.05 49.79 154.68
CA ILE F 23 -16.95 50.27 155.50
C ILE F 23 -16.29 49.14 156.28
N GLU F 24 -17.09 48.28 156.90
CA GLU F 24 -16.57 47.15 157.67
C GLU F 24 -15.62 46.35 156.79
N ILE F 25 -16.04 46.12 155.55
CA ILE F 25 -15.26 45.37 154.59
C ILE F 25 -13.96 46.12 154.30
N TYR F 26 -14.06 47.44 154.15
CA TYR F 26 -12.88 48.25 153.89
C TYR F 26 -11.96 48.25 155.10
N ASN F 27 -12.56 48.32 156.29
CA ASN F 27 -11.80 48.32 157.53
C ASN F 27 -11.02 47.01 157.63
N PHE F 28 -11.71 45.90 157.37
CA PHE F 28 -11.07 44.59 157.43
C PHE F 28 -9.93 44.50 156.43
N VAL F 29 -10.09 45.18 155.29
CA VAL F 29 -9.07 45.18 154.26
C VAL F 29 -8.01 46.24 154.55
N GLN F 30 -8.32 47.12 155.51
CA GLN F 30 -7.39 48.17 155.90
C GLN F 30 -6.63 47.72 157.14
N GLN F 31 -7.34 47.07 158.06
CA GLN F 31 -6.74 46.58 159.31
C GLN F 31 -5.88 45.37 159.03
N LEU F 32 -6.04 44.79 157.83
CA LEU F 32 -5.27 43.62 157.45
C LEU F 32 -4.03 44.05 156.67
N ALA F 33 -4.18 45.06 155.83
CA ALA F 33 -3.07 45.59 155.05
C ALA F 33 -2.16 46.39 156.00
N GLU F 34 -2.72 46.74 157.15
CA GLU F 34 -2.02 47.49 158.18
C GLU F 34 -1.14 46.54 158.97
N ARG F 35 -1.57 45.28 159.06
CA ARG F 35 -0.83 44.25 159.79
C ARG F 35 0.37 43.75 159.00
N PHE F 36 0.11 42.87 158.03
CA PHE F 36 1.16 42.30 157.20
C PHE F 36 1.85 43.41 156.39
N VAL F 37 3.01 43.85 156.88
CA VAL F 37 3.76 44.90 156.22
C VAL F 37 5.14 44.41 155.78
N SER F 38 5.22 43.13 155.43
CA SER F 38 6.48 42.55 155.00
C SER F 38 6.61 42.70 153.48
N PRO F 39 7.77 43.13 153.00
CA PRO F 39 8.02 43.31 151.56
C PRO F 39 7.69 42.08 150.73
N GLU F 40 7.49 40.95 151.40
CA GLU F 40 7.16 39.69 150.73
C GLU F 40 5.65 39.47 150.77
N MET F 41 4.94 40.37 151.44
CA MET F 41 3.49 40.30 151.56
C MET F 41 2.80 41.09 150.45
N ARG F 42 2.95 40.63 149.22
CA ARG F 42 2.33 41.31 148.09
C ARG F 42 0.81 41.21 148.19
N LEU F 43 0.15 42.37 148.22
CA LEU F 43 -1.30 42.42 148.32
C LEU F 43 -1.93 42.70 146.97
N SER F 44 -3.21 42.36 146.86
CA SER F 44 -3.97 42.58 145.63
C SER F 44 -5.43 42.80 145.98
N PHE F 45 -6.03 43.83 145.40
CA PHE F 45 -7.42 44.12 145.68
C PHE F 45 -8.33 43.82 144.49
N ILE F 46 -9.52 43.31 144.79
CA ILE F 46 -10.49 42.95 143.76
C ILE F 46 -11.90 43.20 144.28
N VAL F 47 -12.77 43.73 143.44
CA VAL F 47 -14.15 43.99 143.83
C VAL F 47 -15.11 43.48 142.76
N PHE F 48 -16.04 42.62 143.16
CA PHE F 48 -17.00 42.06 142.22
C PHE F 48 -18.43 42.50 142.52
N SER F 49 -19.31 42.21 141.58
CA SER F 49 -20.73 42.56 141.68
C SER F 49 -21.38 42.06 140.40
N SER F 50 -21.60 42.97 139.46
CA SER F 50 -22.16 42.61 138.18
C SER F 50 -20.98 42.11 137.37
N GLN F 51 -19.80 42.40 137.88
CA GLN F 51 -18.56 42.01 137.25
C GLN F 51 -17.42 42.51 138.12
N ALA F 52 -16.41 41.66 138.35
CA ALA F 52 -15.29 42.04 139.19
C ALA F 52 -14.21 42.83 138.46
N THR F 53 -13.40 43.54 139.23
CA THR F 53 -12.32 44.35 138.69
C THR F 53 -11.07 44.29 139.57
N ILE F 54 -9.91 44.39 138.92
CA ILE F 54 -8.63 44.35 139.61
C ILE F 54 -8.25 45.75 140.11
N ILE F 55 -8.68 46.07 141.33
CA ILE F 55 -8.37 47.36 141.92
C ILE F 55 -6.87 47.50 142.14
N LEU F 56 -6.30 46.54 142.85
CA LEU F 56 -4.87 46.54 143.16
C LEU F 56 -4.21 45.23 142.72
N PRO F 57 -3.27 45.31 141.76
CA PRO F 57 -2.57 44.10 141.28
C PRO F 57 -1.85 43.42 142.44
N LEU F 58 -1.10 42.37 142.12
CA LEU F 58 -0.36 41.65 143.15
C LEU F 58 1.04 42.22 143.28
N THR F 59 1.27 42.99 144.34
CA THR F 59 2.57 43.61 144.58
C THR F 59 2.73 44.05 146.03
N GLY F 60 3.97 44.30 146.44
CA GLY F 60 4.23 44.73 147.79
C GLY F 60 4.80 46.13 147.87
N ASP F 61 4.10 47.08 147.27
CA ASP F 61 4.52 48.47 147.26
C ASP F 61 3.41 49.36 147.83
N ARG F 62 3.54 49.73 149.10
CA ARG F 62 2.55 50.56 149.77
C ARG F 62 2.21 51.83 148.99
N GLY F 63 3.09 52.21 148.06
CA GLY F 63 2.84 53.39 147.26
C GLY F 63 1.56 53.20 146.47
N LYS F 64 1.35 51.98 145.98
CA LYS F 64 0.16 51.65 145.21
C LYS F 64 -0.85 50.97 146.12
N ILE F 65 -0.37 50.36 147.20
CA ILE F 65 -1.24 49.67 148.15
C ILE F 65 -2.15 50.70 148.82
N SER F 66 -1.57 51.78 149.32
CA SER F 66 -2.33 52.83 149.95
C SER F 66 -3.29 53.37 148.89
N LYS F 67 -2.77 53.47 147.67
CA LYS F 67 -3.55 53.96 146.53
C LYS F 67 -4.83 53.12 146.42
N GLY F 68 -4.66 51.81 146.54
CA GLY F 68 -5.80 50.92 146.46
C GLY F 68 -6.76 51.15 147.60
N LEU F 69 -6.22 51.24 148.82
CA LEU F 69 -7.03 51.46 150.00
C LEU F 69 -7.82 52.76 149.87
N GLU F 70 -7.26 53.71 149.12
CA GLU F 70 -7.92 54.99 148.90
C GLU F 70 -9.09 54.81 147.94
N ASP F 71 -8.93 53.90 146.99
CA ASP F 71 -9.97 53.62 146.01
C ASP F 71 -11.09 52.78 146.62
N LEU F 72 -10.71 51.74 147.37
CA LEU F 72 -11.70 50.87 148.01
C LEU F 72 -12.54 51.68 148.99
N LYS F 73 -11.96 52.77 149.49
CA LYS F 73 -12.66 53.64 150.42
C LYS F 73 -13.79 54.35 149.70
N ARG F 74 -13.49 54.83 148.49
CA ARG F 74 -14.46 55.53 147.66
C ARG F 74 -15.16 54.57 146.70
N VAL F 75 -15.89 53.61 147.26
CA VAL F 75 -16.61 52.63 146.46
C VAL F 75 -18.10 52.64 146.79
N SER F 76 -18.93 52.50 145.76
CA SER F 76 -20.37 52.49 145.95
C SER F 76 -20.91 51.08 145.67
N PRO F 77 -21.08 50.27 146.74
CA PRO F 77 -21.58 48.90 146.62
C PRO F 77 -22.93 48.80 145.92
N VAL F 78 -22.90 48.32 144.68
CA VAL F 78 -24.12 48.17 143.90
C VAL F 78 -23.90 47.21 142.72
N GLY F 79 -24.94 46.45 142.39
CA GLY F 79 -24.86 45.51 141.31
C GLY F 79 -25.15 44.09 141.77
N GLU F 80 -25.24 43.16 140.84
CA GLU F 80 -25.53 41.77 141.17
C GLU F 80 -24.43 41.18 142.06
N THR F 81 -24.54 39.89 142.35
CA THR F 81 -23.57 39.21 143.20
C THR F 81 -22.89 38.09 142.43
N TYR F 82 -21.95 38.45 141.56
CA TYR F 82 -21.20 37.45 140.79
C TYR F 82 -19.83 37.22 141.41
N ILE F 83 -19.85 36.63 142.60
CA ILE F 83 -18.63 36.34 143.35
C ILE F 83 -17.63 35.49 142.56
N HIS F 84 -18.12 34.41 141.96
CA HIS F 84 -17.27 33.51 141.19
C HIS F 84 -16.33 34.30 140.29
N GLU F 85 -16.88 35.27 139.56
CA GLU F 85 -16.06 36.09 138.67
C GLU F 85 -14.88 36.69 139.43
N GLY F 86 -15.15 37.14 140.65
CA GLY F 86 -14.10 37.72 141.47
C GLY F 86 -13.03 36.70 141.82
N LEU F 87 -13.45 35.60 142.42
CA LEU F 87 -12.53 34.54 142.79
C LEU F 87 -11.69 34.15 141.60
N LYS F 88 -12.23 34.34 140.40
CA LYS F 88 -11.52 34.01 139.17
C LYS F 88 -10.37 34.96 138.94
N LEU F 89 -10.66 36.26 138.98
CA LEU F 89 -9.62 37.27 138.78
C LEU F 89 -8.51 37.07 139.81
N ALA F 90 -8.79 36.25 140.82
CA ALA F 90 -7.82 35.95 141.86
C ALA F 90 -6.89 34.85 141.36
N ASN F 91 -7.47 33.75 140.90
CA ASN F 91 -6.69 32.62 140.39
C ASN F 91 -5.90 33.02 139.16
N GLU F 92 -6.47 33.92 138.36
CA GLU F 92 -5.81 34.38 137.15
C GLU F 92 -4.46 34.98 137.51
N GLN F 93 -4.41 35.69 138.64
CA GLN F 93 -3.18 36.31 139.13
C GLN F 93 -2.22 35.26 139.64
N ILE F 94 -2.76 34.29 140.37
CA ILE F 94 -1.96 33.21 140.94
C ILE F 94 -1.28 32.40 139.85
N GLN F 95 -2.09 31.77 138.99
CA GLN F 95 -1.56 30.95 137.90
C GLN F 95 -0.56 31.68 137.03
N LYS F 96 -0.58 33.01 137.08
CA LYS F 96 0.35 33.80 136.29
C LYS F 96 1.62 34.06 137.10
N ALA F 97 1.56 33.72 138.39
CA ALA F 97 2.71 33.90 139.28
C ALA F 97 3.53 32.63 139.39
N GLY F 98 2.89 31.49 139.19
CA GLY F 98 3.59 30.22 139.27
C GLY F 98 2.68 29.05 139.63
N GLY F 99 1.41 29.35 139.90
CA GLY F 99 0.47 28.30 140.26
C GLY F 99 0.74 27.74 141.64
N LEU F 100 1.18 26.49 141.69
CA LEU F 100 1.49 25.85 142.96
C LEU F 100 2.74 26.52 143.53
N LYS F 101 3.59 27.02 142.64
CA LYS F 101 4.83 27.70 143.02
C LYS F 101 4.56 28.99 143.76
N THR F 102 3.33 29.18 144.23
CA THR F 102 2.98 30.39 144.95
C THR F 102 2.07 30.10 146.14
N SER F 103 2.42 30.68 147.29
CA SER F 103 1.62 30.51 148.50
C SER F 103 0.70 31.71 148.58
N SER F 104 -0.54 31.53 148.12
CA SER F 104 -1.51 32.61 148.12
C SER F 104 -2.62 32.43 149.16
N ILE F 105 -3.23 33.54 149.55
CA ILE F 105 -4.31 33.53 150.54
C ILE F 105 -5.47 34.38 150.05
N ILE F 106 -6.41 33.76 149.33
CA ILE F 106 -7.56 34.46 148.80
C ILE F 106 -8.56 34.78 149.91
N ILE F 107 -8.85 36.07 150.07
CA ILE F 107 -9.78 36.53 151.09
C ILE F 107 -10.97 37.22 150.44
N ALA F 108 -12.09 36.50 150.36
CA ALA F 108 -13.29 37.04 149.74
C ALA F 108 -14.28 37.61 150.74
N LEU F 109 -14.62 38.87 150.56
CA LEU F 109 -15.58 39.56 151.43
C LEU F 109 -16.93 39.59 150.72
N THR F 110 -17.93 38.97 151.33
CA THR F 110 -19.25 38.92 150.74
C THR F 110 -20.32 38.51 151.74
N ASP F 111 -21.58 38.65 151.33
CA ASP F 111 -22.70 38.28 152.19
C ASP F 111 -23.02 36.80 152.05
N GLY F 112 -22.37 36.13 151.10
CA GLY F 112 -22.60 34.72 150.90
C GLY F 112 -23.99 34.42 150.36
N LYS F 113 -24.77 35.46 150.10
CA LYS F 113 -26.12 35.32 149.58
C LYS F 113 -26.09 35.24 148.05
N LEU F 114 -25.62 34.11 147.53
CA LEU F 114 -25.53 33.92 146.08
C LEU F 114 -26.87 33.40 145.56
N ASP F 115 -27.07 33.51 144.24
CA ASP F 115 -28.30 33.06 143.63
C ASP F 115 -28.09 32.38 142.27
N GLY F 116 -29.02 31.51 141.89
CA GLY F 116 -28.94 30.81 140.62
C GLY F 116 -27.72 29.95 140.43
N LEU F 117 -26.97 30.21 139.36
CA LEU F 117 -25.76 29.46 139.04
C LEU F 117 -24.56 29.96 139.82
N VAL F 118 -24.64 31.19 140.30
CA VAL F 118 -23.53 31.76 141.07
C VAL F 118 -23.01 30.76 142.09
N PRO F 119 -23.91 30.12 142.86
CA PRO F 119 -23.47 29.14 143.87
C PRO F 119 -22.64 28.04 143.24
N SER F 120 -23.22 27.37 142.25
CA SER F 120 -22.53 26.28 141.56
C SER F 120 -21.15 26.73 141.09
N TYR F 121 -21.11 27.80 140.30
CA TYR F 121 -19.85 28.33 139.77
C TYR F 121 -18.91 28.84 140.86
N ALA F 122 -19.47 29.49 141.87
CA ALA F 122 -18.66 30.01 142.96
C ALA F 122 -17.94 28.84 143.63
N GLU F 123 -18.72 27.85 144.07
CA GLU F 123 -18.17 26.67 144.72
C GLU F 123 -17.10 26.04 143.84
N LYS F 124 -17.40 25.93 142.55
CA LYS F 124 -16.46 25.34 141.60
C LYS F 124 -15.24 26.23 141.40
N GLU F 125 -15.49 27.50 141.10
CA GLU F 125 -14.39 28.45 140.88
C GLU F 125 -13.52 28.53 142.12
N ALA F 126 -14.11 28.24 143.28
CA ALA F 126 -13.38 28.27 144.54
C ALA F 126 -12.41 27.09 144.62
N LYS F 127 -12.89 25.92 144.22
CA LYS F 127 -12.06 24.72 144.24
C LYS F 127 -10.94 24.91 143.23
N ILE F 128 -11.20 25.74 142.23
CA ILE F 128 -10.23 26.04 141.20
C ILE F 128 -9.08 26.81 141.85
N SER F 129 -9.37 27.38 143.01
CA SER F 129 -8.39 28.15 143.77
C SER F 129 -7.50 27.18 144.55
N ARG F 130 -8.15 26.34 145.36
CA ARG F 130 -7.42 25.36 146.16
C ARG F 130 -6.69 24.37 145.28
N SER F 131 -6.93 24.47 143.96
CA SER F 131 -6.27 23.58 143.01
C SER F 131 -5.03 24.28 142.45
N LEU F 132 -4.66 25.39 143.08
CA LEU F 132 -3.50 26.16 142.65
C LEU F 132 -2.61 26.48 143.85
N GLY F 133 -2.64 25.59 144.85
CA GLY F 133 -1.84 25.80 146.03
C GLY F 133 -2.19 27.11 146.71
N ALA F 134 -3.48 27.29 146.98
CA ALA F 134 -3.96 28.50 147.63
C ALA F 134 -5.04 28.19 148.67
N SER F 135 -5.25 29.13 149.58
CA SER F 135 -6.27 28.97 150.62
C SER F 135 -7.34 30.05 150.46
N VAL F 136 -8.60 29.65 150.59
CA VAL F 136 -9.72 30.57 150.44
C VAL F 136 -10.32 30.98 151.78
N TYR F 137 -10.55 32.28 151.95
CA TYR F 137 -11.12 32.81 153.17
C TYR F 137 -12.39 33.62 152.91
N CYS F 138 -13.51 33.15 153.45
CA CYS F 138 -14.79 33.81 153.27
C CYS F 138 -15.15 34.67 154.47
N VAL F 139 -14.74 35.93 154.45
CA VAL F 139 -15.03 36.84 155.54
C VAL F 139 -16.37 37.51 155.25
N GLY F 140 -17.44 36.79 155.54
CA GLY F 140 -18.79 37.29 155.30
C GLY F 140 -19.21 38.52 156.08
N VAL F 141 -20.29 39.15 155.61
CA VAL F 141 -20.84 40.34 156.25
C VAL F 141 -22.33 40.09 156.52
N LEU F 142 -22.88 40.81 157.50
CA LEU F 142 -24.29 40.67 157.86
C LEU F 142 -24.59 39.20 158.15
N ASP F 143 -25.86 38.86 158.21
CA ASP F 143 -26.26 37.48 158.48
C ASP F 143 -25.97 36.61 157.27
N PHE F 144 -24.73 36.66 156.82
CA PHE F 144 -24.28 35.90 155.66
C PHE F 144 -24.64 34.42 155.72
N GLU F 145 -24.45 33.72 154.60
CA GLU F 145 -24.75 32.31 154.50
C GLU F 145 -23.54 31.46 154.91
N GLN F 146 -23.48 31.13 156.21
CA GLN F 146 -22.38 30.32 156.72
C GLN F 146 -22.23 29.11 155.81
N ALA F 147 -23.35 28.46 155.50
CA ALA F 147 -23.36 27.28 154.66
C ALA F 147 -22.55 27.48 153.38
N GLN F 148 -23.01 28.40 152.53
CA GLN F 148 -22.33 28.68 151.27
C GLN F 148 -20.85 28.95 151.47
N LEU F 149 -20.52 29.90 152.36
CA LEU F 149 -19.14 30.25 152.63
C LEU F 149 -18.30 29.00 152.87
N GLU F 150 -18.85 28.06 153.64
CA GLU F 150 -18.16 26.81 153.92
C GLU F 150 -17.78 26.11 152.63
N ARG F 151 -18.74 25.99 151.73
CA ARG F 151 -18.51 25.33 150.45
C ARG F 151 -17.64 26.18 149.53
N ILE F 152 -17.41 27.43 149.91
CA ILE F 152 -16.59 28.32 149.09
C ILE F 152 -15.12 28.29 149.52
N ALA F 153 -14.88 28.38 150.82
CA ALA F 153 -13.51 28.36 151.33
C ALA F 153 -13.03 26.92 151.52
N ASP F 154 -11.94 26.76 152.27
CA ASP F 154 -11.38 25.44 152.53
C ASP F 154 -12.30 24.65 153.45
N SER F 155 -12.51 25.17 154.67
CA SER F 155 -13.38 24.52 155.64
C SER F 155 -14.14 25.58 156.42
N LYS F 156 -15.01 25.14 157.32
CA LYS F 156 -15.81 26.08 158.12
C LYS F 156 -14.94 26.96 159.00
N GLU F 157 -13.64 26.68 159.01
CA GLU F 157 -12.69 27.45 159.81
C GLU F 157 -12.31 28.74 159.12
N GLN F 158 -11.98 28.66 157.82
CA GLN F 158 -11.61 29.84 157.06
C GLN F 158 -12.80 30.78 156.87
N VAL F 159 -13.81 30.60 157.71
CA VAL F 159 -15.01 31.43 157.67
C VAL F 159 -15.10 32.26 158.94
N PHE F 160 -14.58 33.49 158.88
CA PHE F 160 -14.59 34.37 160.03
C PHE F 160 -15.51 35.58 159.84
N PRO F 161 -16.46 35.79 160.76
CA PRO F 161 -17.38 36.92 160.65
C PRO F 161 -16.67 38.23 161.04
N VAL F 162 -16.60 39.17 160.11
CA VAL F 162 -15.95 40.45 160.37
C VAL F 162 -16.37 41.03 161.71
N LYS F 163 -17.63 40.86 162.07
CA LYS F 163 -18.14 41.37 163.34
C LYS F 163 -17.73 40.45 164.49
N GLY F 164 -17.02 41.02 165.45
CA GLY F 164 -16.57 40.26 166.60
C GLY F 164 -15.28 40.82 167.15
N GLY F 165 -14.84 40.30 168.29
CA GLY F 165 -13.63 40.79 168.91
C GLY F 165 -12.40 40.40 168.12
N PHE F 166 -12.24 41.01 166.94
CA PHE F 166 -11.10 40.73 166.07
C PHE F 166 -11.02 39.25 165.74
N GLN F 167 -12.09 38.51 166.08
CA GLN F 167 -12.14 37.08 165.83
C GLN F 167 -11.61 36.78 164.43
N ALA F 168 -11.92 37.68 163.49
CA ALA F 168 -11.46 37.54 162.11
C ALA F 168 -9.98 37.86 162.03
N LEU F 169 -9.65 39.13 162.29
CA LEU F 169 -8.25 39.57 162.24
C LEU F 169 -7.36 38.59 162.99
N LYS F 170 -7.74 38.28 164.24
CA LYS F 170 -6.97 37.36 165.06
C LYS F 170 -6.93 35.97 164.42
N GLY F 171 -8.06 35.28 164.47
CA GLY F 171 -8.13 33.94 163.90
C GLY F 171 -7.48 33.78 162.54
N ILE F 172 -7.54 34.83 161.73
CA ILE F 172 -6.95 34.79 160.38
C ILE F 172 -5.46 35.06 160.38
N ILE F 173 -5.06 36.24 160.85
CA ILE F 173 -3.65 36.61 160.89
C ILE F 173 -2.85 35.55 161.63
N ASN F 174 -3.46 34.95 162.65
CA ASN F 174 -2.80 33.91 163.43
C ASN F 174 -2.85 32.57 162.73
N SER F 175 -3.72 32.46 161.73
CA SER F 175 -3.86 31.22 160.96
C SER F 175 -2.92 31.30 159.76
N ILE F 176 -2.51 32.52 159.43
CA ILE F 176 -1.61 32.77 158.32
C ILE F 176 -0.17 32.70 158.81
N LEU F 177 0.05 33.18 160.03
CA LEU F 177 1.38 33.17 160.63
C LEU F 177 1.69 31.75 161.13
N ALA F 178 0.66 30.92 161.17
CA ALA F 178 0.81 29.54 161.62
C ALA F 178 1.46 28.74 160.50
N GLN F 179 1.87 29.44 159.45
CA GLN F 179 2.52 28.83 158.31
C GLN F 179 3.88 29.48 158.07
N SER F 180 4.14 30.56 158.80
CA SER F 180 5.40 31.28 158.69
C SER F 180 6.44 30.66 159.63
N CYS F 181 7.71 31.02 159.43
CA CYS F 181 8.79 30.50 160.25
C CYS F 181 8.96 31.35 161.50
N THR G 1 -80.81 18.96 55.27
CA THR G 1 -81.61 17.70 55.16
C THR G 1 -81.00 16.74 54.16
N VAL G 2 -79.75 17.02 53.75
CA VAL G 2 -79.05 16.18 52.80
C VAL G 2 -78.95 14.74 53.29
N PRO G 3 -79.28 13.77 52.43
CA PRO G 3 -79.25 12.35 52.76
C PRO G 3 -77.87 11.86 53.21
N ASP G 4 -77.83 11.27 54.41
CA ASP G 4 -76.60 10.72 54.98
C ASP G 4 -76.91 9.78 56.13
N ARG G 5 -77.02 8.50 55.82
CA ARG G 5 -77.34 7.49 56.82
C ARG G 5 -76.17 7.32 57.79
N ASP G 6 -74.99 7.06 57.24
CA ASP G 6 -73.78 6.88 58.05
C ASP G 6 -73.67 7.96 59.11
N ASN G 7 -74.14 9.17 58.78
CA ASN G 7 -74.10 10.30 59.69
C ASN G 7 -72.68 10.79 59.93
N ASP G 8 -71.76 10.38 59.06
CA ASP G 8 -70.37 10.79 59.19
C ASP G 8 -70.14 12.21 58.74
N GLY G 9 -70.95 12.69 57.79
CA GLY G 9 -70.79 14.04 57.31
C GLY G 9 -70.51 14.11 55.82
N ILE G 10 -70.63 12.98 55.14
CA ILE G 10 -70.40 12.94 53.70
C ILE G 10 -71.64 12.40 53.01
N PRO G 11 -72.47 13.30 52.45
CA PRO G 11 -73.71 12.96 51.76
C PRO G 11 -73.59 11.71 50.88
N ASP G 12 -74.39 10.71 51.22
CA ASP G 12 -74.40 9.43 50.51
C ASP G 12 -73.76 9.51 49.13
N SER G 13 -74.50 10.06 48.18
CA SER G 13 -74.01 10.20 46.82
C SER G 13 -72.50 10.46 46.81
N LEU G 14 -72.11 11.62 47.31
CA LEU G 14 -70.70 12.00 47.36
C LEU G 14 -69.82 10.83 47.73
N GLU G 15 -70.17 10.16 48.83
CA GLU G 15 -69.39 9.04 49.32
C GLU G 15 -69.48 7.80 48.43
N VAL G 16 -70.50 7.74 47.59
CA VAL G 16 -70.66 6.57 46.73
C VAL G 16 -70.16 6.85 45.31
N GLU G 17 -70.56 7.99 44.76
CA GLU G 17 -70.18 8.38 43.41
C GLU G 17 -68.79 9.05 43.33
N GLY G 18 -68.12 9.12 44.48
CA GLY G 18 -66.81 9.73 44.51
C GLY G 18 -66.81 11.16 45.01
N TYR G 19 -65.76 11.51 45.75
CA TYR G 19 -65.62 12.86 46.29
C TYR G 19 -64.18 13.12 46.69
N THR G 20 -63.96 14.30 47.27
CA THR G 20 -62.65 14.70 47.71
C THR G 20 -62.81 16.07 48.33
N VAL G 21 -61.71 16.66 48.80
CA VAL G 21 -61.80 17.96 49.42
C VAL G 21 -60.60 18.85 49.10
N ASP G 22 -60.88 20.15 48.99
CA ASP G 22 -59.86 21.14 48.69
C ASP G 22 -60.13 22.36 49.57
N VAL G 23 -59.36 23.42 49.36
CA VAL G 23 -59.52 24.63 50.15
C VAL G 23 -59.60 25.90 49.31
N LYS G 24 -60.81 26.45 49.18
CA LYS G 24 -61.03 27.67 48.40
C LYS G 24 -60.20 28.79 49.02
N ASN G 25 -60.88 29.73 49.69
CA ASN G 25 -60.16 30.82 50.33
C ASN G 25 -59.16 30.15 51.24
N LYS G 26 -59.63 29.77 52.42
CA LYS G 26 -58.80 29.08 53.39
C LYS G 26 -59.69 28.11 54.12
N ARG G 27 -60.83 27.81 53.50
CA ARG G 27 -61.80 26.88 54.08
C ARG G 27 -61.73 25.55 53.35
N THR G 28 -62.22 24.50 54.00
CA THR G 28 -62.19 23.17 53.39
C THR G 28 -63.57 22.82 52.83
N PHE G 29 -63.62 22.59 51.52
CA PHE G 29 -64.88 22.24 50.88
C PHE G 29 -64.93 20.79 50.43
N LEU G 30 -65.93 20.07 50.91
CA LEU G 30 -66.10 18.67 50.54
C LEU G 30 -67.01 18.69 49.31
N SER G 31 -66.41 18.40 48.14
CA SER G 31 -67.15 18.42 46.88
C SER G 31 -67.06 17.11 46.10
N PRO G 32 -68.03 16.85 45.22
CA PRO G 32 -68.06 15.63 44.41
C PRO G 32 -66.90 15.63 43.41
N TRP G 33 -66.67 14.47 42.79
CA TRP G 33 -65.58 14.33 41.84
C TRP G 33 -65.78 15.11 40.55
N ILE G 34 -64.68 15.61 40.00
CA ILE G 34 -64.70 16.37 38.75
C ILE G 34 -63.41 16.07 38.00
N SER G 35 -63.44 14.99 37.21
CA SER G 35 -62.29 14.55 36.43
C SER G 35 -61.49 15.73 35.88
N ASN G 36 -62.18 16.83 35.60
CA ASN G 36 -61.54 18.02 35.08
C ASN G 36 -60.71 18.71 36.14
N ILE G 37 -61.15 19.90 36.54
CA ILE G 37 -60.47 20.72 37.53
C ILE G 37 -59.84 19.97 38.71
N HIS G 38 -60.49 18.90 39.16
CA HIS G 38 -59.96 18.14 40.28
C HIS G 38 -58.70 17.34 39.98
N GLU G 39 -58.82 16.35 39.10
CA GLU G 39 -57.69 15.49 38.73
C GLU G 39 -56.45 16.28 38.34
N LYS G 40 -56.62 17.58 38.11
CA LYS G 40 -55.52 18.45 37.73
C LYS G 40 -54.73 18.93 38.95
N LYS G 41 -55.44 19.57 39.88
CA LYS G 41 -54.81 20.10 41.09
C LYS G 41 -54.06 19.05 41.90
N GLY G 42 -54.19 17.78 41.51
CA GLY G 42 -53.48 16.73 42.22
C GLY G 42 -54.24 15.97 43.29
N LEU G 43 -55.50 16.35 43.52
CA LEU G 43 -56.31 15.69 44.53
C LEU G 43 -56.51 14.22 44.22
N THR G 44 -57.40 13.56 44.96
CA THR G 44 -57.67 12.14 44.75
C THR G 44 -59.16 11.87 44.75
N LYS G 45 -59.55 10.70 44.27
CA LYS G 45 -60.95 10.32 44.23
C LYS G 45 -61.25 9.44 45.44
N TYR G 46 -61.79 10.06 46.49
CA TYR G 46 -62.12 9.33 47.71
C TYR G 46 -63.52 8.74 47.67
N LYS G 47 -63.63 7.52 47.17
CA LYS G 47 -64.92 6.85 47.09
C LYS G 47 -65.02 5.89 48.27
N SER G 48 -65.84 6.24 49.25
CA SER G 48 -66.02 5.40 50.43
C SER G 48 -67.39 4.74 50.51
N SER G 49 -67.82 4.40 51.72
CA SER G 49 -69.13 3.78 51.89
C SER G 49 -70.02 4.60 52.80
N PRO G 50 -71.28 4.76 52.41
CA PRO G 50 -72.31 5.53 53.12
C PRO G 50 -72.96 4.86 54.30
N GLU G 51 -72.80 3.56 54.47
CA GLU G 51 -73.44 2.93 55.62
C GLU G 51 -72.52 2.57 56.76
N LYS G 52 -71.27 3.05 56.70
CA LYS G 52 -70.31 2.78 57.76
C LYS G 52 -69.64 4.06 58.22
N TRP G 53 -69.59 4.26 59.53
CA TRP G 53 -68.99 5.46 60.10
C TRP G 53 -67.53 5.55 59.68
N SER G 54 -66.93 4.40 59.43
CA SER G 54 -65.55 4.32 59.01
C SER G 54 -65.43 3.02 58.23
N THR G 55 -65.56 3.12 56.91
CA THR G 55 -65.50 1.94 56.05
C THR G 55 -64.44 0.92 56.44
N ALA G 56 -63.34 1.39 57.00
CA ALA G 56 -62.26 0.50 57.41
C ALA G 56 -62.58 -0.16 58.75
N SER G 57 -63.53 0.42 59.46
CA SER G 57 -63.98 -0.05 60.77
C SER G 57 -63.20 0.63 61.89
N ASP G 58 -61.94 0.94 61.63
CA ASP G 58 -61.10 1.60 62.62
C ASP G 58 -61.82 2.82 63.19
N PRO G 59 -61.38 3.30 64.35
CA PRO G 59 -61.98 4.46 65.02
C PRO G 59 -61.72 5.80 64.36
N TYR G 60 -62.15 5.96 63.12
CA TYR G 60 -61.95 7.21 62.42
C TYR G 60 -62.95 7.38 61.27
N SER G 61 -63.96 8.23 61.49
CA SER G 61 -64.99 8.48 60.49
C SER G 61 -64.38 8.83 59.15
N ASP G 62 -64.88 8.19 58.09
CA ASP G 62 -64.41 8.43 56.75
C ASP G 62 -64.15 9.93 56.65
N PHE G 63 -65.15 10.70 57.05
CA PHE G 63 -65.02 12.15 57.01
C PHE G 63 -63.79 12.58 57.79
N GLU G 64 -63.77 12.25 59.08
CA GLU G 64 -62.66 12.61 59.94
C GLU G 64 -61.31 12.50 59.25
N LYS G 65 -61.15 11.47 58.40
CA LYS G 65 -59.89 11.28 57.70
C LYS G 65 -59.66 12.30 56.59
N VAL G 66 -60.42 12.18 55.51
CA VAL G 66 -60.29 13.10 54.38
C VAL G 66 -60.28 14.55 54.81
N THR G 67 -61.20 14.93 55.69
CA THR G 67 -61.27 16.31 56.15
C THR G 67 -60.00 16.72 56.88
N GLY G 68 -59.32 15.74 57.47
CA GLY G 68 -58.10 16.04 58.19
C GLY G 68 -58.33 16.28 59.67
N ARG G 69 -59.59 16.36 60.06
CA ARG G 69 -59.96 16.59 61.45
C ARG G 69 -59.83 15.26 62.19
N ILE G 70 -58.60 14.90 62.53
CA ILE G 70 -58.33 13.64 63.21
C ILE G 70 -56.96 13.69 63.91
N ASP G 71 -56.68 12.71 64.76
CA ASP G 71 -55.40 12.65 65.46
C ASP G 71 -54.29 12.74 64.43
N LYS G 72 -53.55 13.84 64.47
CA LYS G 72 -52.49 14.07 63.51
C LYS G 72 -51.42 12.99 63.40
N ASN G 73 -51.41 12.02 64.30
CA ASN G 73 -50.40 10.99 64.22
C ASN G 73 -50.73 9.90 63.22
N VAL G 74 -52.01 9.72 62.94
CA VAL G 74 -52.45 8.70 62.00
C VAL G 74 -51.63 8.76 60.72
N SER G 75 -51.05 7.62 60.34
CA SER G 75 -50.24 7.55 59.13
C SER G 75 -50.97 8.19 57.95
N PRO G 76 -50.22 8.87 57.07
CA PRO G 76 -50.82 9.52 55.91
C PRO G 76 -51.67 8.57 55.08
N GLU G 77 -51.03 7.55 54.52
CA GLU G 77 -51.71 6.57 53.68
C GLU G 77 -52.94 5.98 54.34
N ALA G 78 -53.14 6.27 55.62
CA ALA G 78 -54.29 5.75 56.34
C ALA G 78 -55.33 6.83 56.44
N ARG G 79 -54.97 8.03 56.04
CA ARG G 79 -55.87 9.16 56.10
C ARG G 79 -56.98 8.92 55.08
N HIS G 80 -56.81 7.88 54.27
CA HIS G 80 -57.77 7.51 53.22
C HIS G 80 -58.87 6.59 53.74
N PRO G 81 -60.12 6.84 53.33
CA PRO G 81 -61.30 6.07 53.73
C PRO G 81 -61.24 4.56 53.55
N LEU G 82 -60.32 4.06 52.74
CA LEU G 82 -60.24 2.62 52.53
C LEU G 82 -58.97 1.95 53.03
N VAL G 83 -58.17 2.67 53.79
CA VAL G 83 -56.94 2.11 54.34
C VAL G 83 -57.01 1.98 55.85
N ALA G 84 -56.91 0.75 56.32
CA ALA G 84 -56.98 0.47 57.75
C ALA G 84 -56.09 1.43 58.52
N ALA G 85 -56.58 1.88 59.67
CA ALA G 85 -55.82 2.80 60.49
C ALA G 85 -55.60 2.17 61.87
N TYR G 86 -55.07 0.96 61.91
CA TYR G 86 -54.82 0.29 63.17
C TYR G 86 -53.34 0.23 63.47
N PRO G 87 -52.98 0.05 64.76
CA PRO G 87 -51.59 -0.01 65.17
C PRO G 87 -51.04 -1.43 65.08
N ILE G 88 -49.76 -1.54 64.77
CA ILE G 88 -49.12 -2.84 64.68
C ILE G 88 -47.73 -2.69 65.27
N VAL G 89 -47.51 -3.32 66.42
CA VAL G 89 -46.24 -3.23 67.11
C VAL G 89 -45.55 -4.57 67.29
N HIS G 90 -44.24 -4.56 67.14
CA HIS G 90 -43.42 -5.75 67.31
C HIS G 90 -42.21 -5.33 68.14
N VAL G 91 -41.49 -6.28 68.72
CA VAL G 91 -40.35 -5.93 69.54
C VAL G 91 -38.98 -6.16 68.92
N ASP G 92 -38.13 -5.14 69.00
CA ASP G 92 -36.78 -5.22 68.45
C ASP G 92 -35.81 -5.33 69.60
N MET G 93 -34.85 -6.25 69.46
CA MET G 93 -33.83 -6.48 70.47
C MET G 93 -32.48 -6.12 69.89
N GLU G 94 -31.92 -4.99 70.31
CA GLU G 94 -30.64 -4.53 69.77
C GLU G 94 -29.44 -5.38 70.18
N ASN G 95 -29.36 -5.74 71.46
CA ASN G 95 -28.24 -6.54 71.93
C ASN G 95 -28.55 -7.26 73.24
N ILE G 96 -28.00 -8.45 73.39
CA ILE G 96 -28.21 -9.23 74.60
C ILE G 96 -26.89 -9.37 75.35
N ILE G 97 -26.97 -9.92 76.55
CA ILE G 97 -25.80 -10.10 77.38
C ILE G 97 -25.97 -11.31 78.29
N LEU G 98 -25.28 -12.39 77.93
CA LEU G 98 -25.34 -13.62 78.69
C LEU G 98 -24.23 -13.65 79.73
N SER G 99 -24.59 -14.03 80.96
CA SER G 99 -23.62 -14.11 82.04
C SER G 99 -23.95 -15.26 82.99
N LYS G 100 -22.94 -15.73 83.71
CA LYS G 100 -23.13 -16.83 84.67
C LYS G 100 -23.85 -16.29 85.88
N ASN G 101 -24.98 -16.90 86.23
CA ASN G 101 -25.76 -16.46 87.37
C ASN G 101 -24.88 -16.35 88.61
N GLU G 102 -24.96 -15.20 89.28
CA GLU G 102 -24.17 -14.94 90.49
C GLU G 102 -24.21 -16.12 91.45
N ASP G 110 -15.40 -10.68 91.09
CA ASP G 110 -14.23 -11.03 90.30
C ASP G 110 -14.63 -11.39 88.88
N SER G 111 -15.95 -11.45 88.65
CA SER G 111 -16.48 -11.79 87.33
C SER G 111 -16.68 -10.53 86.47
N GLN G 112 -15.86 -10.39 85.43
CA GLN G 112 -15.94 -9.25 84.54
C GLN G 112 -15.81 -9.67 83.07
N THR G 113 -14.97 -10.68 82.83
CA THR G 113 -14.76 -11.18 81.48
C THR G 113 -15.44 -12.55 81.30
N ARG G 114 -16.13 -13.00 82.34
CA ARG G 114 -16.83 -14.27 82.30
C ARG G 114 -18.21 -14.03 81.71
N THR G 115 -18.35 -12.94 80.97
CA THR G 115 -19.63 -12.56 80.36
C THR G 115 -19.52 -12.25 78.87
N ILE G 116 -20.44 -12.82 78.09
CA ILE G 116 -20.46 -12.60 76.65
C ILE G 116 -21.53 -11.55 76.32
N SER G 117 -21.19 -10.64 75.43
CA SER G 117 -22.12 -9.58 75.03
C SER G 117 -22.10 -9.38 73.53
N LYS G 118 -23.03 -10.02 72.83
CA LYS G 118 -23.12 -9.91 71.38
C LYS G 118 -24.30 -9.03 70.97
N ASN G 119 -24.23 -8.48 69.76
CA ASN G 119 -25.30 -7.64 69.23
C ASN G 119 -26.34 -8.54 68.59
N THR G 120 -27.47 -7.96 68.18
CA THR G 120 -28.53 -8.74 67.56
C THR G 120 -29.26 -8.02 66.44
N SER G 121 -29.86 -8.80 65.55
CA SER G 121 -30.60 -8.25 64.42
C SER G 121 -32.04 -8.76 64.43
N THR G 122 -32.97 -7.87 64.76
CA THR G 122 -34.37 -8.24 64.82
C THR G 122 -35.09 -7.81 63.55
N SER G 123 -36.23 -8.44 63.26
CA SER G 123 -37.03 -8.12 62.07
C SER G 123 -38.38 -8.82 62.10
N ARG G 124 -39.45 -8.06 61.91
CA ARG G 124 -40.79 -8.63 61.92
C ARG G 124 -40.77 -9.86 61.03
N THR G 125 -41.66 -10.81 61.32
CA THR G 125 -41.71 -12.03 60.53
C THR G 125 -43.11 -12.28 60.00
N HIS G 126 -43.33 -13.44 59.39
CA HIS G 126 -44.63 -13.80 58.86
C HIS G 126 -44.65 -15.26 58.46
N THR G 127 -44.06 -16.10 59.32
CA THR G 127 -43.98 -17.54 59.09
C THR G 127 -45.15 -18.14 58.31
N SER G 128 -44.82 -18.84 57.23
CA SER G 128 -45.83 -19.48 56.38
C SER G 128 -45.87 -20.97 56.71
N GLU G 129 -46.31 -21.78 55.76
CA GLU G 129 -46.39 -23.22 55.96
C GLU G 129 -45.08 -23.90 55.55
N VAL G 130 -44.99 -25.20 55.83
CA VAL G 130 -43.80 -25.98 55.49
C VAL G 130 -43.81 -26.39 54.03
N HIS G 131 -43.03 -27.42 53.71
CA HIS G 131 -42.94 -27.92 52.34
C HIS G 131 -44.13 -28.83 52.02
N GLY G 132 -44.24 -29.93 52.75
CA GLY G 132 -45.33 -30.85 52.53
C GLY G 132 -45.04 -32.25 53.05
N ASN G 133 -44.67 -32.34 54.32
CA ASN G 133 -44.35 -33.63 54.94
C ASN G 133 -44.36 -33.56 56.46
N ALA G 134 -44.31 -32.35 57.00
CA ALA G 134 -44.32 -32.15 58.45
C ALA G 134 -45.55 -32.81 59.07
N GLU G 135 -45.32 -33.87 59.82
CA GLU G 135 -46.40 -34.60 60.47
C GLU G 135 -47.25 -33.69 61.36
N VAL G 136 -48.42 -33.31 60.85
CA VAL G 136 -49.33 -32.45 61.59
C VAL G 136 -50.51 -33.25 62.11
N HIS G 137 -50.87 -33.04 63.38
CA HIS G 137 -51.98 -33.75 63.99
C HIS G 137 -53.23 -33.76 63.12
N ALA G 138 -54.02 -34.82 63.26
CA ALA G 138 -55.25 -34.98 62.49
C ALA G 138 -56.15 -33.75 62.53
N SER G 139 -56.06 -32.97 63.60
CA SER G 139 -56.88 -31.78 63.74
C SER G 139 -56.43 -30.65 62.82
N PHE G 140 -55.75 -31.02 61.73
CA PHE G 140 -55.25 -30.02 60.78
C PHE G 140 -56.21 -29.80 59.62
N PHE G 141 -56.92 -30.85 59.22
CA PHE G 141 -57.86 -30.75 58.11
C PHE G 141 -59.30 -30.57 58.58
N ASP G 142 -59.47 -29.82 59.66
CA ASP G 142 -60.80 -29.56 60.21
C ASP G 142 -61.18 -28.11 59.94
N ILE G 143 -62.35 -27.71 60.43
CA ILE G 143 -62.82 -26.34 60.22
C ILE G 143 -62.24 -25.41 61.29
N GLY G 144 -61.39 -24.49 60.85
CA GLY G 144 -60.76 -23.55 61.76
C GLY G 144 -59.67 -24.21 62.58
N GLY G 145 -59.85 -25.50 62.86
CA GLY G 145 -58.87 -26.23 63.64
C GLY G 145 -57.52 -26.39 62.95
N SER G 146 -56.50 -25.75 63.52
CA SER G 146 -55.15 -25.82 63.00
C SER G 146 -54.99 -25.21 61.60
N VAL G 147 -56.10 -24.91 60.95
CA VAL G 147 -56.06 -24.31 59.61
C VAL G 147 -55.66 -22.85 59.73
N SER G 148 -54.39 -22.61 60.05
CA SER G 148 -53.88 -21.26 60.19
C SER G 148 -53.80 -20.56 58.84
N ALA G 149 -54.15 -21.29 57.78
CA ALA G 149 -54.13 -20.76 56.42
C ALA G 149 -52.75 -20.19 56.08
N GLY G 150 -51.71 -20.79 56.67
CA GLY G 150 -50.35 -20.33 56.41
C GLY G 150 -49.92 -19.25 57.38
N PHE G 151 -50.61 -18.12 57.33
CA PHE G 151 -50.31 -16.98 58.20
C PHE G 151 -51.57 -16.24 58.61
N SER G 152 -51.61 -15.78 59.86
CA SER G 152 -52.76 -15.06 60.37
C SER G 152 -52.37 -13.85 61.22
N ASN G 153 -53.34 -13.32 61.97
CA ASN G 153 -53.14 -12.14 62.80
C ASN G 153 -52.38 -12.43 64.09
N SER G 154 -51.21 -11.80 64.22
CA SER G 154 -50.36 -11.94 65.40
C SER G 154 -48.95 -11.43 65.09
N ASN G 155 -48.42 -10.58 65.96
CA ASN G 155 -47.10 -10.03 65.78
C ASN G 155 -46.04 -10.95 66.38
N SER G 156 -45.05 -11.32 65.56
CA SER G 156 -43.98 -12.19 66.02
C SER G 156 -42.65 -11.82 65.37
N SER G 157 -41.80 -11.12 66.12
CA SER G 157 -40.51 -10.71 65.61
C SER G 157 -39.50 -11.84 65.80
N THR G 158 -38.31 -11.66 65.26
CA THR G 158 -37.27 -12.67 65.38
C THR G 158 -35.89 -12.05 65.42
N VAL G 159 -35.12 -12.41 66.43
CA VAL G 159 -33.77 -11.89 66.60
C VAL G 159 -32.75 -12.96 66.30
N ALA G 160 -31.53 -12.53 66.02
CA ALA G 160 -30.42 -13.44 65.73
C ALA G 160 -29.23 -12.85 66.48
N ILE G 161 -28.45 -13.73 67.10
CA ILE G 161 -27.30 -13.27 67.86
C ILE G 161 -26.03 -13.25 67.02
N ASP G 162 -25.33 -12.12 67.07
CA ASP G 162 -24.09 -11.95 66.32
C ASP G 162 -23.20 -13.18 66.54
N HIS G 163 -23.00 -13.95 65.48
CA HIS G 163 -22.20 -15.17 65.56
C HIS G 163 -20.71 -14.89 65.49
N SER G 164 -20.35 -13.64 65.22
CA SER G 164 -18.94 -13.26 65.12
C SER G 164 -18.22 -13.35 66.46
N LEU G 165 -17.04 -12.75 66.53
CA LEU G 165 -16.24 -12.76 67.76
C LEU G 165 -16.40 -11.52 68.61
N SER G 166 -15.97 -11.62 69.86
CA SER G 166 -16.04 -10.50 70.79
C SER G 166 -14.68 -10.32 71.44
N LEU G 167 -13.96 -11.43 71.60
CA LEU G 167 -12.64 -11.41 72.21
C LEU G 167 -11.60 -11.97 71.24
N ALA G 168 -10.53 -12.52 71.78
CA ALA G 168 -9.47 -13.09 70.95
C ALA G 168 -9.83 -14.46 70.40
N GLY G 169 -9.11 -15.48 70.84
CA GLY G 169 -9.38 -16.83 70.37
C GLY G 169 -10.50 -17.54 71.09
N GLU G 170 -11.49 -16.79 71.56
CA GLU G 170 -12.62 -17.37 72.26
C GLU G 170 -13.14 -18.59 71.52
N ARG G 171 -13.77 -19.51 72.24
CA ARG G 171 -14.31 -20.71 71.63
C ARG G 171 -15.32 -21.36 72.57
N THR G 172 -16.53 -21.62 72.06
CA THR G 172 -17.60 -22.22 72.84
C THR G 172 -17.90 -21.36 74.06
N TRP G 173 -18.97 -20.58 73.99
CA TRP G 173 -19.36 -19.70 75.10
C TRP G 173 -19.07 -20.36 76.43
N ALA G 174 -19.25 -21.67 76.49
CA ALA G 174 -19.01 -22.43 77.70
C ALA G 174 -17.70 -22.00 78.37
N GLU G 175 -16.59 -22.50 77.84
CA GLU G 175 -15.27 -22.17 78.39
C GLU G 175 -15.07 -20.67 78.56
N THR G 176 -15.74 -19.90 77.71
CA THR G 176 -15.63 -18.44 77.77
C THR G 176 -16.16 -17.90 79.09
N MET G 177 -17.37 -18.33 79.45
CA MET G 177 -18.01 -17.91 80.69
C MET G 177 -17.61 -18.80 81.85
N GLY G 178 -17.74 -20.10 81.66
CA GLY G 178 -17.40 -21.05 82.70
C GLY G 178 -18.64 -21.70 83.25
N LEU G 179 -19.48 -22.22 82.35
CA LEU G 179 -20.72 -22.86 82.75
C LEU G 179 -20.59 -24.39 82.71
N ASN G 180 -20.90 -25.03 83.84
CA ASN G 180 -20.84 -26.48 83.95
C ASN G 180 -22.22 -27.02 84.27
N THR G 181 -22.48 -28.24 83.82
CA THR G 181 -23.77 -28.91 84.02
C THR G 181 -24.64 -28.36 85.15
N ALA G 182 -24.09 -28.24 86.35
CA ALA G 182 -24.83 -27.75 87.50
C ALA G 182 -24.74 -26.23 87.67
N ASP G 183 -24.96 -25.50 86.58
CA ASP G 183 -24.90 -24.04 86.63
C ASP G 183 -26.09 -23.38 85.94
N THR G 184 -26.35 -22.13 86.30
CA THR G 184 -27.45 -21.38 85.72
C THR G 184 -26.92 -20.09 85.11
N ALA G 185 -27.42 -19.77 83.91
CA ALA G 185 -27.01 -18.56 83.21
C ALA G 185 -28.16 -17.57 83.15
N ARG G 186 -27.87 -16.34 83.51
CA ARG G 186 -28.88 -15.28 83.49
C ARG G 186 -28.79 -14.47 82.21
N LEU G 187 -29.92 -14.31 81.54
CA LEU G 187 -29.99 -13.54 80.31
C LEU G 187 -30.45 -12.13 80.60
N ASN G 188 -30.06 -11.20 79.74
CA ASN G 188 -30.43 -9.79 79.89
C ASN G 188 -30.25 -9.17 78.52
N ALA G 189 -31.05 -8.15 78.21
CA ALA G 189 -30.95 -7.49 76.92
C ALA G 189 -31.60 -6.12 76.90
N ASN G 190 -31.34 -5.38 75.83
CA ASN G 190 -31.89 -4.05 75.63
C ASN G 190 -32.83 -4.13 74.43
N ILE G 191 -34.11 -3.92 74.66
CA ILE G 191 -35.08 -3.99 73.59
C ILE G 191 -35.90 -2.72 73.51
N ARG G 192 -36.51 -2.51 72.34
CA ARG G 192 -37.34 -1.35 72.09
C ARG G 192 -38.60 -1.70 71.32
N TYR G 193 -39.73 -1.22 71.81
CA TYR G 193 -40.99 -1.47 71.14
C TYR G 193 -40.96 -0.57 69.93
N VAL G 194 -41.57 -1.01 68.83
CA VAL G 194 -41.61 -0.21 67.62
C VAL G 194 -42.88 -0.48 66.83
N ASN G 195 -43.62 0.58 66.56
CA ASN G 195 -44.86 0.49 65.82
C ASN G 195 -44.62 0.50 64.32
N THR G 196 -45.32 -0.39 63.61
CA THR G 196 -45.15 -0.50 62.18
C THR G 196 -46.45 -0.25 61.41
N GLY G 197 -47.56 -0.21 62.15
CA GLY G 197 -48.85 0.01 61.51
C GLY G 197 -49.15 1.36 60.89
N THR G 198 -50.34 1.86 61.19
CA THR G 198 -50.82 3.14 60.68
C THR G 198 -51.44 4.00 61.76
N ALA G 199 -51.60 3.45 62.95
CA ALA G 199 -52.18 4.18 64.08
C ALA G 199 -51.22 4.16 65.27
N PRO G 200 -51.37 5.11 66.20
CA PRO G 200 -50.50 5.16 67.37
C PRO G 200 -51.15 4.62 68.65
N ILE G 201 -50.31 4.25 69.62
CA ILE G 201 -50.80 3.77 70.91
C ILE G 201 -50.37 4.81 71.93
N TYR G 202 -51.30 5.25 72.78
CA TYR G 202 -50.96 6.29 73.75
C TYR G 202 -50.62 5.91 75.19
N ASN G 203 -50.75 4.64 75.57
CA ASN G 203 -50.42 4.27 76.94
C ASN G 203 -49.89 2.86 77.16
N VAL G 204 -50.78 1.92 77.49
CA VAL G 204 -50.37 0.55 77.74
C VAL G 204 -49.72 -0.14 76.55
N LEU G 205 -48.47 -0.54 76.70
CA LEU G 205 -47.74 -1.24 75.64
C LEU G 205 -48.12 -2.71 75.66
N PRO G 206 -47.74 -3.46 74.63
CA PRO G 206 -48.04 -4.88 74.53
C PRO G 206 -47.30 -5.79 75.49
N THR G 207 -47.85 -6.97 75.71
CA THR G 207 -47.27 -7.97 76.61
C THR G 207 -46.52 -9.00 75.78
N THR G 208 -45.32 -8.65 75.35
CA THR G 208 -44.52 -9.55 74.55
C THR G 208 -43.79 -10.61 75.37
N SER G 209 -43.78 -11.83 74.86
CA SER G 209 -43.13 -12.96 75.53
C SER G 209 -41.93 -13.47 74.74
N LEU G 210 -40.79 -13.59 75.42
CA LEU G 210 -39.55 -14.05 74.79
C LEU G 210 -39.47 -15.57 74.83
N VAL G 211 -39.36 -16.17 73.65
CA VAL G 211 -39.29 -17.63 73.54
C VAL G 211 -37.96 -18.11 72.97
N LEU G 212 -37.63 -19.35 73.26
CA LEU G 212 -36.39 -19.98 72.80
C LEU G 212 -36.71 -21.36 72.24
N GLY G 213 -36.61 -21.49 70.92
CA GLY G 213 -36.89 -22.77 70.30
C GLY G 213 -38.33 -22.85 69.82
N LYS G 214 -39.02 -23.95 70.14
CA LYS G 214 -40.39 -24.13 69.71
C LYS G 214 -41.44 -23.89 70.78
N ASN G 215 -41.02 -23.81 72.04
CA ASN G 215 -41.98 -23.58 73.12
C ASN G 215 -41.34 -23.15 74.43
N GLN G 216 -40.01 -23.29 74.53
CA GLN G 216 -39.32 -22.91 75.75
C GLN G 216 -39.33 -21.39 75.96
N THR G 217 -40.26 -20.93 76.79
CA THR G 217 -40.37 -19.51 77.09
C THR G 217 -39.34 -19.13 78.12
N LEU G 218 -38.54 -18.10 77.83
CA LEU G 218 -37.51 -17.66 78.75
C LEU G 218 -37.99 -16.56 79.68
N ALA G 219 -39.12 -15.95 79.33
CA ALA G 219 -39.69 -14.88 80.13
C ALA G 219 -40.84 -14.23 79.38
N THR G 220 -41.53 -13.31 80.05
CA THR G 220 -42.66 -12.61 79.44
C THR G 220 -42.61 -11.14 79.85
N ILE G 221 -42.09 -10.30 78.97
CA ILE G 221 -41.97 -8.89 79.25
C ILE G 221 -43.24 -8.08 79.00
N LYS G 222 -43.66 -7.34 80.02
CA LYS G 222 -44.87 -6.53 79.96
C LYS G 222 -44.75 -5.33 80.90
N ALA G 223 -43.87 -4.39 80.57
CA ALA G 223 -43.66 -3.20 81.40
C ALA G 223 -44.99 -2.61 81.89
N LYS G 224 -44.97 -2.08 83.10
CA LYS G 224 -46.16 -1.50 83.74
C LYS G 224 -47.07 -0.68 82.83
N GLU G 225 -48.37 -0.71 83.12
CA GLU G 225 -49.37 0.01 82.36
C GLU G 225 -49.52 1.43 82.89
N ASN G 226 -49.89 2.36 82.00
CA ASN G 226 -50.06 3.76 82.36
C ASN G 226 -48.75 4.36 82.87
N GLN G 227 -47.80 3.50 83.19
CA GLN G 227 -46.50 3.90 83.68
C GLN G 227 -45.87 4.90 82.71
N LEU G 228 -46.18 4.72 81.43
CA LEU G 228 -45.65 5.61 80.40
C LEU G 228 -46.75 6.44 79.75
N SER G 229 -46.41 7.66 79.38
CA SER G 229 -47.34 8.56 78.73
C SER G 229 -46.81 8.88 77.34
N GLN G 230 -45.63 8.34 77.03
CA GLN G 230 -45.01 8.53 75.73
C GLN G 230 -45.94 7.97 74.67
N ILE G 231 -45.71 8.34 73.42
CA ILE G 231 -46.56 7.86 72.34
C ILE G 231 -45.83 6.93 71.40
N LEU G 232 -46.50 5.83 71.05
CA LEU G 232 -45.93 4.85 70.15
C LEU G 232 -46.45 5.11 68.74
N ALA G 233 -45.98 6.21 68.16
CA ALA G 233 -46.39 6.61 66.82
C ALA G 233 -45.93 5.64 65.74
N PRO G 234 -46.51 5.76 64.53
CA PRO G 234 -46.14 4.89 63.41
C PRO G 234 -44.66 5.04 63.07
N ASN G 235 -44.12 4.08 62.35
CA ASN G 235 -42.72 4.09 61.95
C ASN G 235 -41.93 4.98 62.90
N ASN G 236 -41.87 4.55 64.16
CA ASN G 236 -41.17 5.28 65.19
C ASN G 236 -40.94 4.37 66.40
N TYR G 237 -39.69 4.00 66.63
CA TYR G 237 -39.34 3.13 67.74
C TYR G 237 -39.79 3.72 69.07
N TYR G 238 -40.40 2.91 69.93
CA TYR G 238 -40.89 3.40 71.22
C TYR G 238 -39.87 4.25 71.95
N PRO G 239 -38.86 3.63 72.56
CA PRO G 239 -37.90 4.47 73.26
C PRO G 239 -37.12 5.25 72.21
N SER G 240 -37.71 6.36 71.77
CA SER G 240 -37.11 7.22 70.75
C SER G 240 -35.64 6.90 70.49
N LYS G 241 -35.34 6.52 69.25
CA LYS G 241 -33.98 6.19 68.87
C LYS G 241 -32.95 7.13 69.49
N ASN G 242 -33.40 8.32 69.88
CA ASN G 242 -32.53 9.32 70.48
C ASN G 242 -32.60 9.26 72.01
N LEU G 243 -32.84 8.07 72.54
CA LEU G 243 -32.92 7.89 73.99
C LEU G 243 -32.26 6.59 74.42
N ALA G 244 -32.57 6.15 75.64
CA ALA G 244 -32.00 4.93 76.17
C ALA G 244 -32.92 3.72 75.99
N PRO G 245 -32.49 2.75 75.18
CA PRO G 245 -33.27 1.54 74.91
C PRO G 245 -33.66 0.80 76.19
N ILE G 246 -34.92 0.39 76.29
CA ILE G 246 -35.39 -0.35 77.46
C ILE G 246 -34.57 -1.62 77.63
N ALA G 247 -34.33 -2.01 78.88
CA ALA G 247 -33.55 -3.20 79.18
C ALA G 247 -34.34 -4.25 79.98
N LEU G 248 -34.31 -5.49 79.51
CA LEU G 248 -35.02 -6.58 80.16
C LEU G 248 -34.51 -6.74 81.59
N ASN G 249 -35.30 -7.42 82.43
CA ASN G 249 -34.96 -7.65 83.83
C ASN G 249 -33.63 -7.02 84.26
N ALA G 250 -33.65 -5.71 84.45
CA ALA G 250 -32.45 -4.97 84.85
C ALA G 250 -32.81 -3.62 85.46
N GLN G 251 -34.08 -3.45 85.83
CA GLN G 251 -34.51 -2.21 86.43
C GLN G 251 -35.93 -2.28 86.95
N SER G 255 -37.39 -5.31 89.40
CA SER G 255 -37.36 -6.76 89.19
C SER G 255 -36.74 -7.49 90.39
N SER G 256 -37.15 -8.74 90.60
CA SER G 256 -36.67 -9.56 91.71
C SER G 256 -36.42 -10.98 91.22
N THR G 257 -36.92 -11.26 90.01
CA THR G 257 -36.75 -12.58 89.40
C THR G 257 -36.27 -12.41 87.97
N PRO G 258 -34.95 -12.55 87.74
CA PRO G 258 -34.31 -12.42 86.43
C PRO G 258 -34.74 -13.46 85.42
N ILE G 259 -33.81 -13.86 84.55
CA ILE G 259 -34.08 -14.84 83.51
C ILE G 259 -33.23 -16.08 83.71
N THR G 260 -33.87 -17.15 84.16
CA THR G 260 -33.19 -18.42 84.41
C THR G 260 -32.92 -19.18 83.13
N MET G 261 -31.74 -19.78 83.04
CA MET G 261 -31.36 -20.56 81.88
C MET G 261 -30.32 -21.62 82.29
N ASN G 262 -30.71 -22.89 82.21
CA ASN G 262 -29.82 -23.98 82.59
C ASN G 262 -28.85 -24.34 81.47
N TYR G 263 -27.84 -25.13 81.84
CA TYR G 263 -26.80 -25.56 80.90
C TYR G 263 -27.36 -26.09 79.58
N ASN G 264 -28.34 -26.98 79.65
CA ASN G 264 -28.94 -27.54 78.44
C ASN G 264 -29.54 -26.45 77.57
N GLN G 265 -30.21 -25.48 78.20
CA GLN G 265 -30.82 -24.38 77.47
C GLN G 265 -29.72 -23.50 76.89
N PHE G 266 -28.88 -22.97 77.77
CA PHE G 266 -27.77 -22.12 77.37
C PHE G 266 -27.03 -22.77 76.22
N LEU G 267 -27.10 -24.10 76.17
CA LEU G 267 -26.44 -24.85 75.11
C LEU G 267 -27.18 -24.59 73.80
N GLU G 268 -28.49 -24.83 73.80
CA GLU G 268 -29.30 -24.63 72.60
C GLU G 268 -29.09 -23.23 72.04
N LEU G 269 -29.20 -22.24 72.91
CA LEU G 269 -29.02 -20.85 72.51
C LEU G 269 -27.81 -20.74 71.59
N GLU G 270 -26.70 -21.33 72.01
CA GLU G 270 -25.48 -21.30 71.21
C GLU G 270 -25.66 -22.05 69.90
N LYS G 271 -26.39 -23.17 69.95
CA LYS G 271 -26.60 -23.99 68.76
C LYS G 271 -27.35 -23.28 67.63
N THR G 272 -28.10 -22.23 67.96
CA THR G 272 -28.85 -21.50 66.94
C THR G 272 -28.57 -20.00 66.97
N LYS G 273 -28.14 -19.52 68.12
CA LYS G 273 -27.84 -18.10 68.29
C LYS G 273 -29.02 -17.23 67.90
N GLN G 274 -30.23 -17.71 68.19
CA GLN G 274 -31.44 -16.95 67.85
C GLN G 274 -32.60 -17.19 68.82
N LEU G 275 -33.31 -16.10 69.13
CA LEU G 275 -34.46 -16.16 70.03
C LEU G 275 -35.67 -15.66 69.25
N ARG G 276 -36.86 -15.85 69.81
CA ARG G 276 -38.10 -15.41 69.16
C ARG G 276 -38.87 -14.45 70.06
N LEU G 277 -39.56 -13.49 69.46
CA LEU G 277 -40.34 -12.53 70.24
C LEU G 277 -41.78 -12.43 69.75
N ASP G 278 -42.70 -12.94 70.56
CA ASP G 278 -44.12 -12.90 70.23
C ASP G 278 -44.77 -11.79 71.03
N THR G 279 -45.67 -11.04 70.38
CA THR G 279 -46.34 -9.93 71.04
C THR G 279 -47.85 -9.99 70.87
N ASP G 280 -48.57 -9.73 71.96
CA ASP G 280 -50.02 -9.75 71.94
C ASP G 280 -50.55 -8.56 71.17
N GLN G 281 -51.84 -8.26 71.33
CA GLN G 281 -52.42 -7.13 70.63
C GLN G 281 -53.14 -6.15 71.55
N VAL G 282 -53.08 -6.40 72.85
CA VAL G 282 -53.74 -5.51 73.78
C VAL G 282 -53.00 -4.17 73.78
N TYR G 283 -53.57 -3.19 73.10
CA TYR G 283 -52.96 -1.88 73.05
C TYR G 283 -53.77 -0.94 73.91
N GLY G 284 -53.17 0.17 74.32
CA GLY G 284 -53.86 1.14 75.15
C GLY G 284 -55.12 1.63 74.48
N ASN G 285 -55.89 2.47 75.18
CA ASN G 285 -57.11 3.01 74.62
C ASN G 285 -56.77 3.83 73.39
N ILE G 286 -57.79 4.34 72.69
CA ILE G 286 -57.55 5.11 71.47
C ILE G 286 -57.79 6.61 71.61
N ALA G 287 -57.05 7.37 70.79
CA ALA G 287 -57.14 8.82 70.79
C ALA G 287 -58.08 9.27 69.67
N THR G 288 -59.19 9.91 70.04
CA THR G 288 -60.16 10.37 69.05
C THR G 288 -60.32 11.89 68.99
N TYR G 289 -61.05 12.35 67.97
CA TYR G 289 -61.29 13.78 67.75
C TYR G 289 -62.38 14.31 68.67
N ASN G 290 -62.81 15.55 68.44
CA ASN G 290 -63.86 16.17 69.25
C ASN G 290 -64.25 17.52 68.65
N PHE G 291 -65.07 17.48 67.60
CA PHE G 291 -65.54 18.67 66.89
C PHE G 291 -65.73 19.92 67.76
N GLU G 292 -66.39 19.78 68.90
CA GLU G 292 -66.65 20.89 69.81
C GLU G 292 -65.52 21.93 69.85
N ASN G 293 -64.39 21.53 70.43
CA ASN G 293 -63.25 22.42 70.54
C ASN G 293 -62.04 21.85 69.83
N GLY G 294 -62.30 21.03 68.82
CA GLY G 294 -61.22 20.41 68.06
C GLY G 294 -60.05 19.95 68.90
N ARG G 295 -60.29 18.99 69.78
CA ARG G 295 -59.23 18.47 70.63
C ARG G 295 -59.01 16.97 70.43
N VAL G 296 -57.79 16.52 70.72
CA VAL G 296 -57.43 15.13 70.59
C VAL G 296 -57.51 14.50 71.98
N ARG G 297 -58.52 13.67 72.20
CA ARG G 297 -58.68 13.04 73.50
C ARG G 297 -58.55 11.52 73.44
N VAL G 298 -58.20 10.93 74.58
CA VAL G 298 -58.05 9.49 74.68
C VAL G 298 -59.28 8.96 75.39
N ASP G 299 -60.24 8.42 74.63
CA ASP G 299 -61.46 7.90 75.21
C ASP G 299 -61.28 6.56 75.88
N THR G 300 -61.46 6.55 77.20
CA THR G 300 -61.33 5.33 77.98
C THR G 300 -62.42 4.36 77.54
N GLY G 301 -63.37 4.84 76.75
CA GLY G 301 -64.46 4.00 76.29
C GLY G 301 -64.18 3.22 75.02
N SER G 302 -63.10 3.54 74.33
CA SER G 302 -62.76 2.85 73.09
C SER G 302 -61.32 2.35 73.06
N ASN G 303 -61.17 1.04 73.17
CA ASN G 303 -59.85 0.42 73.13
C ASN G 303 -59.81 -0.51 71.92
N TRP G 304 -58.67 -0.52 71.22
CA TRP G 304 -58.51 -1.34 70.03
C TRP G 304 -59.06 -2.75 70.21
N SER G 305 -58.79 -3.36 71.37
CA SER G 305 -59.24 -4.71 71.66
C SER G 305 -60.72 -4.90 71.30
N GLU G 306 -61.45 -3.79 71.19
CA GLU G 306 -62.86 -3.85 70.84
C GLU G 306 -63.00 -3.63 69.33
N VAL G 307 -62.49 -2.50 68.87
CA VAL G 307 -62.55 -2.12 67.47
C VAL G 307 -61.24 -2.36 66.75
N LEU G 308 -60.94 -3.63 66.51
CA LEU G 308 -59.73 -4.01 65.80
C LEU G 308 -60.00 -5.32 65.09
N PRO G 309 -60.68 -6.26 65.77
CA PRO G 309 -60.98 -7.54 65.11
C PRO G 309 -61.74 -7.26 63.82
N GLN G 310 -62.68 -6.33 63.89
CA GLN G 310 -63.49 -5.97 62.74
C GLN G 310 -62.60 -5.74 61.52
N ILE G 311 -61.60 -4.88 61.69
CA ILE G 311 -60.67 -4.57 60.62
C ILE G 311 -60.20 -5.86 59.97
N GLN G 312 -59.75 -6.79 60.79
CA GLN G 312 -59.25 -8.07 60.29
C GLN G 312 -60.35 -8.96 59.72
N GLU G 313 -61.60 -8.66 60.04
CA GLU G 313 -62.73 -9.46 59.56
C GLU G 313 -63.46 -8.79 58.41
N THR G 314 -62.99 -7.63 57.98
CA THR G 314 -63.65 -6.93 56.87
C THR G 314 -62.66 -6.13 56.04
N THR G 315 -61.54 -6.75 55.70
CA THR G 315 -60.53 -6.07 54.89
C THR G 315 -59.65 -7.06 54.15
N ALA G 316 -58.70 -6.52 53.41
CA ALA G 316 -57.75 -7.32 52.66
C ALA G 316 -56.39 -6.99 53.23
N ARG G 317 -55.62 -8.01 53.56
CA ARG G 317 -54.31 -7.81 54.13
C ARG G 317 -53.23 -8.03 53.07
N ILE G 318 -52.32 -7.07 52.96
CA ILE G 318 -51.25 -7.18 51.97
C ILE G 318 -49.90 -6.93 52.62
N ILE G 319 -49.00 -7.91 52.53
CA ILE G 319 -47.67 -7.78 53.10
C ILE G 319 -46.68 -7.47 51.99
N PHE G 320 -46.24 -6.21 51.94
CA PHE G 320 -45.29 -5.77 50.93
C PHE G 320 -44.00 -5.32 51.59
N ASN G 321 -42.89 -5.43 50.86
CA ASN G 321 -41.61 -5.01 51.41
C ASN G 321 -40.81 -4.21 50.39
N GLY G 322 -41.26 -2.97 50.16
CA GLY G 322 -40.56 -2.13 49.21
C GLY G 322 -39.76 -1.05 49.91
N LYS G 323 -40.39 -0.40 50.89
CA LYS G 323 -39.72 0.65 51.66
C LYS G 323 -38.38 0.15 52.16
N ASP G 324 -38.31 -1.17 52.31
CA ASP G 324 -37.10 -1.86 52.76
C ASP G 324 -37.36 -3.34 52.51
N LEU G 325 -36.72 -4.19 53.29
CA LEU G 325 -36.91 -5.62 53.13
C LEU G 325 -37.73 -6.14 54.30
N ASN G 326 -38.14 -5.23 55.17
CA ASN G 326 -38.94 -5.57 56.35
C ASN G 326 -40.42 -5.62 56.01
N LEU G 327 -41.01 -6.80 56.17
CA LEU G 327 -42.41 -7.01 55.86
C LEU G 327 -43.31 -5.93 56.46
N VAL G 328 -43.95 -5.16 55.59
CA VAL G 328 -44.85 -4.11 56.01
C VAL G 328 -46.28 -4.59 55.83
N GLU G 329 -47.13 -4.37 56.83
CA GLU G 329 -48.51 -4.80 56.73
C GLU G 329 -49.46 -3.63 56.53
N ARG G 330 -50.58 -3.90 55.87
CA ARG G 330 -51.59 -2.90 55.60
C ARG G 330 -52.86 -3.61 55.18
N ARG G 331 -54.00 -3.08 55.59
CA ARG G 331 -55.27 -3.67 55.22
C ARG G 331 -56.11 -2.66 54.45
N ILE G 332 -56.73 -3.11 53.37
CA ILE G 332 -57.56 -2.24 52.56
C ILE G 332 -59.02 -2.57 52.76
N ALA G 333 -59.86 -1.56 52.64
CA ALA G 333 -61.30 -1.71 52.81
C ALA G 333 -61.90 -2.60 51.73
N ALA G 334 -61.71 -3.89 51.86
CA ALA G 334 -62.25 -4.84 50.89
C ALA G 334 -63.75 -4.98 51.14
N VAL G 335 -64.39 -5.91 50.45
CA VAL G 335 -65.81 -6.13 50.60
C VAL G 335 -66.12 -7.60 50.76
N ASN G 336 -67.23 -7.89 51.43
CA ASN G 336 -67.65 -9.27 51.63
C ASN G 336 -69.04 -9.40 51.01
N PRO G 337 -69.25 -10.47 50.21
CA PRO G 337 -70.54 -10.69 49.56
C PRO G 337 -71.65 -11.14 50.51
N SER G 338 -71.30 -11.97 51.48
CA SER G 338 -72.28 -12.49 52.44
C SER G 338 -72.79 -11.42 53.39
N ASP G 339 -72.12 -10.28 53.45
CA ASP G 339 -72.50 -9.21 54.36
C ASP G 339 -73.15 -8.01 53.67
N PRO G 340 -74.45 -7.82 53.89
CA PRO G 340 -75.17 -6.70 53.28
C PRO G 340 -74.37 -5.43 53.47
N LEU G 341 -74.29 -4.98 54.72
CA LEU G 341 -73.55 -3.78 55.05
C LEU G 341 -72.22 -3.73 54.33
N GLU G 342 -71.40 -4.76 54.52
CA GLU G 342 -70.08 -4.81 53.90
C GLU G 342 -70.11 -4.84 52.37
N THR G 343 -71.26 -4.52 51.80
CA THR G 343 -71.40 -4.48 50.35
C THR G 343 -71.53 -3.01 50.03
N THR G 344 -71.85 -2.22 51.05
CA THR G 344 -72.01 -0.79 50.91
C THR G 344 -70.65 -0.20 50.64
N LYS G 345 -69.63 -1.03 50.77
CA LYS G 345 -68.25 -0.61 50.56
C LYS G 345 -67.92 -0.49 49.09
N PRO G 346 -66.92 0.34 48.75
CA PRO G 346 -66.51 0.54 47.36
C PRO G 346 -65.76 -0.69 46.87
N ASP G 347 -66.15 -1.21 45.71
CA ASP G 347 -65.48 -2.39 45.13
C ASP G 347 -63.98 -2.14 45.09
N MET G 348 -63.19 -3.14 45.45
CA MET G 348 -61.75 -2.96 45.45
C MET G 348 -61.00 -3.83 44.45
N THR G 349 -59.96 -3.25 43.87
CA THR G 349 -59.12 -3.92 42.89
C THR G 349 -57.69 -4.01 43.41
N LEU G 350 -57.05 -5.15 43.18
CA LEU G 350 -55.69 -5.37 43.62
C LEU G 350 -54.81 -4.17 43.23
N LYS G 351 -54.99 -3.69 42.01
CA LYS G 351 -54.23 -2.54 41.53
C LYS G 351 -54.45 -1.36 42.45
N GLU G 352 -55.64 -0.76 42.33
CA GLU G 352 -56.00 0.40 43.15
C GLU G 352 -55.46 0.21 44.56
N ALA G 353 -55.55 -1.01 45.08
CA ALA G 353 -55.06 -1.31 46.41
C ALA G 353 -53.60 -0.91 46.54
N LEU G 354 -52.73 -1.58 45.79
CA LEU G 354 -51.30 -1.30 45.84
C LEU G 354 -50.95 0.16 45.60
N LYS G 355 -51.92 0.96 45.19
CA LYS G 355 -51.67 2.37 44.95
C LYS G 355 -51.79 3.17 46.25
N ILE G 356 -52.86 2.93 46.99
CA ILE G 356 -53.09 3.64 48.25
C ILE G 356 -52.46 2.92 49.44
N ALA G 357 -52.52 1.59 49.41
CA ALA G 357 -51.97 0.79 50.48
C ALA G 357 -50.50 1.09 50.77
N PHE G 358 -49.69 1.11 49.72
CA PHE G 358 -48.26 1.36 49.89
C PHE G 358 -47.77 2.59 49.12
N GLY G 359 -48.34 2.82 47.94
CA GLY G 359 -47.94 3.97 47.16
C GLY G 359 -47.52 3.72 45.73
N PHE G 360 -47.82 2.54 45.19
CA PHE G 360 -47.47 2.23 43.80
C PHE G 360 -48.08 3.31 42.90
N ASN G 361 -47.38 3.65 41.83
CA ASN G 361 -47.87 4.67 40.90
C ASN G 361 -47.71 4.27 39.43
N GLU G 362 -48.33 5.06 38.55
CA GLU G 362 -48.27 4.80 37.12
C GLU G 362 -47.56 5.96 36.42
N PRO G 363 -46.21 5.94 36.41
CA PRO G 363 -45.41 6.98 35.77
C PRO G 363 -45.70 7.13 34.28
N ASN G 364 -45.40 6.09 33.52
CA ASN G 364 -45.63 6.09 32.08
C ASN G 364 -46.63 5.03 31.66
N GLY G 365 -47.50 4.63 32.59
CA GLY G 365 -48.48 3.61 32.28
C GLY G 365 -48.15 2.25 32.87
N ASN G 366 -47.04 2.19 33.61
CA ASN G 366 -46.61 0.94 34.24
C ASN G 366 -46.71 1.05 35.75
N LEU G 367 -47.54 0.20 36.33
CA LEU G 367 -47.74 0.18 37.78
C LEU G 367 -46.46 -0.24 38.51
N GLN G 368 -45.61 0.73 38.80
CA GLN G 368 -44.36 0.44 39.49
C GLN G 368 -44.33 1.02 40.90
N TYR G 369 -43.26 0.76 41.62
CA TYR G 369 -43.10 1.24 42.99
C TYR G 369 -41.79 2.00 43.15
N GLN G 370 -41.87 3.32 43.20
CA GLN G 370 -40.69 4.16 43.36
C GLN G 370 -39.56 3.74 42.42
N GLY G 371 -39.92 3.09 41.33
CA GLY G 371 -38.91 2.65 40.37
C GLY G 371 -39.09 1.21 39.94
N LYS G 372 -39.20 0.31 40.90
CA LYS G 372 -39.37 -1.11 40.60
C LYS G 372 -40.73 -1.36 39.95
N ASP G 373 -40.77 -2.27 39.00
CA ASP G 373 -42.00 -2.60 38.30
C ASP G 373 -42.77 -3.70 39.04
N ILE G 374 -44.08 -3.56 39.12
CA ILE G 374 -44.93 -4.53 39.80
C ILE G 374 -44.60 -5.98 39.44
N THR G 375 -43.89 -6.15 38.32
CA THR G 375 -43.51 -7.49 37.88
C THR G 375 -42.25 -8.00 38.57
N GLU G 376 -41.63 -7.16 39.37
CA GLU G 376 -40.41 -7.55 40.08
C GLU G 376 -40.72 -8.14 41.46
N PHE G 377 -42.00 -8.37 41.75
CA PHE G 377 -42.40 -8.92 43.03
C PHE G 377 -43.27 -10.16 42.86
N ASP G 378 -43.05 -11.14 43.71
CA ASP G 378 -43.82 -12.38 43.64
C ASP G 378 -45.13 -12.25 44.43
N PHE G 379 -46.21 -12.76 43.85
CA PHE G 379 -47.52 -12.74 44.49
C PHE G 379 -47.82 -14.09 45.13
N ASN G 380 -47.97 -14.11 46.45
CA ASN G 380 -48.27 -15.34 47.17
C ASN G 380 -49.55 -15.19 47.98
N PHE G 381 -50.50 -16.08 47.73
CA PHE G 381 -51.78 -16.05 48.43
C PHE G 381 -51.94 -17.23 49.36
N ASP G 382 -52.97 -17.19 50.19
CA ASP G 382 -53.24 -18.27 51.12
C ASP G 382 -54.21 -19.27 50.49
N GLN G 383 -54.39 -20.41 51.14
CA GLN G 383 -55.27 -21.46 50.66
C GLN G 383 -56.58 -20.88 50.12
N GLN G 384 -57.14 -19.93 50.85
CA GLN G 384 -58.39 -19.29 50.46
C GLN G 384 -58.18 -18.32 49.29
N THR G 385 -57.60 -17.16 49.59
CA THR G 385 -57.34 -16.14 48.59
C THR G 385 -56.88 -16.71 47.25
N SER G 386 -56.16 -17.84 47.30
CA SER G 386 -55.70 -18.49 46.07
C SER G 386 -56.87 -18.71 45.12
N GLN G 387 -57.83 -19.51 45.58
CA GLN G 387 -59.02 -19.81 44.78
C GLN G 387 -59.74 -18.54 44.35
N ASN G 388 -60.16 -17.75 45.32
CA ASN G 388 -60.89 -16.50 45.09
C ASN G 388 -60.32 -15.67 43.95
N ILE G 389 -59.02 -15.83 43.70
CA ILE G 389 -58.37 -15.09 42.62
C ILE G 389 -58.25 -15.98 41.40
N LYS G 390 -58.03 -17.27 41.61
CA LYS G 390 -57.93 -18.20 40.49
C LYS G 390 -59.25 -18.17 39.71
N ASN G 391 -60.36 -18.18 40.44
CA ASN G 391 -61.68 -18.15 39.81
C ASN G 391 -61.89 -16.89 39.00
N GLN G 392 -61.14 -15.83 39.32
CA GLN G 392 -61.25 -14.59 38.59
C GLN G 392 -60.41 -14.66 37.32
N LEU G 393 -59.19 -15.17 37.45
CA LEU G 393 -58.29 -15.31 36.31
C LEU G 393 -58.92 -16.27 35.31
N ALA G 394 -59.90 -17.04 35.78
CA ALA G 394 -60.59 -18.00 34.94
C ALA G 394 -61.65 -17.30 34.09
N GLU G 395 -62.59 -16.65 34.76
CA GLU G 395 -63.66 -15.93 34.07
C GLU G 395 -63.15 -14.65 33.42
N LEU G 396 -61.82 -14.57 33.28
CA LEU G 396 -61.18 -13.42 32.65
C LEU G 396 -60.17 -13.88 31.62
N ASN G 397 -60.13 -15.19 31.38
CA ASN G 397 -59.22 -15.80 30.42
C ASN G 397 -57.85 -15.13 30.37
N ALA G 398 -56.94 -15.62 31.22
CA ALA G 398 -55.59 -15.09 31.29
C ALA G 398 -54.73 -15.97 32.19
N THR G 399 -53.43 -15.95 31.95
CA THR G 399 -52.51 -16.75 32.75
C THR G 399 -51.58 -15.85 33.54
N ASN G 400 -51.48 -14.59 33.11
CA ASN G 400 -50.62 -13.63 33.79
C ASN G 400 -51.47 -12.64 34.56
N ILE G 401 -51.34 -12.66 35.89
CA ILE G 401 -52.11 -11.78 36.76
C ILE G 401 -51.67 -10.32 36.63
N TYR G 402 -50.38 -10.11 36.37
CA TYR G 402 -49.84 -8.76 36.22
C TYR G 402 -50.60 -7.97 35.16
N THR G 403 -51.29 -8.70 34.27
CA THR G 403 -52.07 -8.07 33.21
C THR G 403 -53.46 -7.70 33.72
N VAL G 404 -54.25 -8.72 34.03
CA VAL G 404 -55.60 -8.52 34.54
C VAL G 404 -55.54 -8.01 35.99
N LEU G 405 -54.37 -7.50 36.37
CA LEU G 405 -54.15 -6.97 37.71
C LEU G 405 -55.28 -6.03 38.10
N ASP G 406 -55.47 -4.97 37.32
CA ASP G 406 -56.50 -3.98 37.58
C ASP G 406 -57.91 -4.51 37.38
N LYS G 407 -58.08 -5.82 37.56
CA LYS G 407 -59.39 -6.43 37.41
C LYS G 407 -59.59 -7.56 38.41
N ILE G 408 -58.83 -7.53 39.51
CA ILE G 408 -58.94 -8.56 40.54
C ILE G 408 -59.70 -7.99 41.74
N LYS G 409 -60.85 -8.60 42.04
CA LYS G 409 -61.68 -8.15 43.15
C LYS G 409 -61.16 -8.67 44.49
N LEU G 410 -60.80 -7.75 45.38
CA LEU G 410 -60.30 -8.13 46.70
C LEU G 410 -61.45 -8.26 47.68
N ASN G 411 -61.65 -9.45 48.23
CA ASN G 411 -62.73 -9.69 49.19
C ASN G 411 -62.17 -9.72 50.60
N ALA G 412 -62.97 -9.31 51.57
CA ALA G 412 -62.55 -9.29 52.97
C ALA G 412 -61.95 -10.63 53.36
N LYS G 413 -61.02 -10.60 54.32
CA LYS G 413 -60.36 -11.81 54.80
C LYS G 413 -59.33 -12.31 53.78
N MET G 414 -59.13 -11.55 52.73
CA MET G 414 -58.16 -11.94 51.70
C MET G 414 -56.76 -11.58 52.20
N ASN G 415 -55.80 -12.46 51.94
CA ASN G 415 -54.42 -12.21 52.36
C ASN G 415 -53.48 -12.30 51.17
N ILE G 416 -52.58 -11.32 51.05
CA ILE G 416 -51.65 -11.28 49.94
C ILE G 416 -50.23 -10.91 50.37
N LEU G 417 -49.24 -11.61 49.83
CA LEU G 417 -47.85 -11.34 50.19
C LEU G 417 -47.00 -10.90 48.99
N ILE G 418 -46.78 -9.59 48.89
CA ILE G 418 -45.99 -9.03 47.80
C ILE G 418 -44.57 -8.81 48.28
N ARG G 419 -43.65 -9.64 47.81
CA ARG G 419 -42.26 -9.53 48.20
C ARG G 419 -41.35 -9.39 46.98
N ASP G 420 -40.28 -8.62 47.12
CA ASP G 420 -39.33 -8.40 46.04
C ASP G 420 -38.86 -9.77 45.51
N LYS G 421 -38.91 -9.94 44.20
CA LYS G 421 -38.53 -11.20 43.58
C LYS G 421 -37.02 -11.39 43.46
N ARG G 422 -36.25 -10.34 43.73
CA ARG G 422 -34.80 -10.41 43.64
C ARG G 422 -34.14 -11.39 44.60
N PHE G 423 -34.20 -11.10 45.90
CA PHE G 423 -33.58 -11.96 46.91
C PHE G 423 -34.36 -13.22 47.22
N HIS G 424 -33.69 -14.18 47.85
CA HIS G 424 -34.32 -15.44 48.23
C HIS G 424 -35.02 -15.20 49.56
N TYR G 425 -35.90 -16.12 49.95
CA TYR G 425 -36.62 -15.96 51.20
C TYR G 425 -36.63 -17.24 52.02
N ASP G 426 -36.68 -17.07 53.34
CA ASP G 426 -36.68 -18.20 54.27
C ASP G 426 -38.07 -18.68 54.65
N ARG G 427 -38.16 -19.17 55.88
CA ARG G 427 -39.42 -19.69 56.42
C ARG G 427 -40.25 -18.56 57.02
N ASN G 428 -39.57 -17.50 57.47
CA ASN G 428 -40.25 -16.36 58.09
C ASN G 428 -40.46 -15.21 57.12
N ASN G 429 -40.12 -15.43 55.85
CA ASN G 429 -40.26 -14.40 54.83
C ASN G 429 -39.34 -13.22 55.10
N ILE G 430 -38.05 -13.50 55.24
CA ILE G 430 -37.09 -12.45 55.52
C ILE G 430 -36.04 -12.33 54.43
N ALA G 431 -35.47 -11.14 54.32
CA ALA G 431 -34.43 -10.87 53.32
C ALA G 431 -33.25 -11.78 53.64
N VAL G 432 -33.21 -12.92 52.97
CA VAL G 432 -32.14 -13.88 53.20
C VAL G 432 -30.90 -13.58 52.36
N GLY G 433 -30.98 -13.89 51.07
CA GLY G 433 -29.86 -13.66 50.17
C GLY G 433 -30.25 -13.91 48.72
N ALA G 434 -29.91 -12.99 47.84
CA ALA G 434 -30.22 -13.11 46.42
C ALA G 434 -29.26 -14.01 45.66
N ASP G 435 -29.23 -13.84 44.35
CA ASP G 435 -28.34 -14.62 43.48
C ASP G 435 -27.01 -13.90 43.28
N GLU G 436 -25.96 -14.68 43.03
CA GLU G 436 -24.62 -14.13 42.83
C GLU G 436 -24.65 -12.91 41.92
N SER G 437 -25.45 -12.98 40.87
CA SER G 437 -25.59 -11.89 39.92
C SER G 437 -25.82 -10.58 40.65
N VAL G 438 -27.05 -10.38 41.12
CA VAL G 438 -27.43 -9.18 41.84
C VAL G 438 -26.38 -8.80 42.88
N VAL G 439 -25.86 -9.81 43.58
CA VAL G 439 -24.84 -9.58 44.60
C VAL G 439 -23.64 -8.84 44.02
N LYS G 440 -22.96 -9.48 43.07
CA LYS G 440 -21.79 -8.89 42.46
C LYS G 440 -22.07 -7.46 42.02
N GLU G 441 -23.16 -7.28 41.27
CA GLU G 441 -23.55 -5.98 40.78
C GLU G 441 -23.39 -4.88 41.85
N ALA G 442 -24.05 -5.07 42.99
CA ALA G 442 -24.01 -4.11 44.08
C ALA G 442 -22.61 -3.70 44.51
N HIS G 443 -21.63 -4.53 44.22
CA HIS G 443 -20.25 -4.24 44.60
C HIS G 443 -19.41 -3.70 43.44
N ARG G 444 -19.94 -3.75 42.23
CA ARG G 444 -19.24 -3.27 41.05
C ARG G 444 -18.57 -1.92 41.29
N GLU G 445 -19.13 -1.14 42.22
CA GLU G 445 -18.59 0.18 42.53
C GLU G 445 -17.46 0.15 43.55
N VAL G 446 -16.43 0.93 43.29
CA VAL G 446 -15.27 1.03 44.18
C VAL G 446 -14.97 2.50 44.44
N ILE G 447 -14.52 2.82 45.64
CA ILE G 447 -14.21 4.21 45.98
C ILE G 447 -12.76 4.39 46.45
N ASN G 448 -12.23 3.40 47.15
CA ASN G 448 -10.87 3.49 47.64
C ASN G 448 -10.29 2.13 48.02
N SER G 449 -9.25 1.72 47.31
CA SER G 449 -8.58 0.45 47.56
C SER G 449 -7.33 0.73 48.39
N SER G 450 -7.16 -0.02 49.48
CA SER G 450 -6.00 0.17 50.35
C SER G 450 -5.57 -1.12 51.00
N THR G 451 -4.34 -1.13 51.52
CA THR G 451 -3.79 -2.30 52.20
C THR G 451 -4.44 -2.40 53.57
N GLU G 452 -5.35 -1.47 53.86
CA GLU G 452 -6.04 -1.44 55.14
C GLU G 452 -7.46 -1.97 55.00
N GLY G 453 -8.20 -1.40 54.06
CA GLY G 453 -9.58 -1.83 53.84
C GLY G 453 -10.24 -1.14 52.67
N LEU G 454 -11.11 -1.85 51.98
CA LEU G 454 -11.82 -1.32 50.83
C LEU G 454 -12.99 -0.44 51.25
N LEU G 455 -13.24 0.61 50.48
CA LEU G 455 -14.34 1.52 50.75
C LEU G 455 -15.26 1.50 49.53
N LEU G 456 -16.46 0.97 49.71
CA LEU G 456 -17.42 0.87 48.61
C LEU G 456 -18.74 1.56 48.93
N ASN G 457 -19.59 1.68 47.92
CA ASN G 457 -20.89 2.30 48.07
C ASN G 457 -21.94 1.23 47.78
N ILE G 458 -21.76 0.06 48.39
CA ILE G 458 -22.66 -1.07 48.21
C ILE G 458 -24.11 -0.70 48.45
N ASP G 459 -25.01 -1.32 47.68
CA ASP G 459 -26.44 -1.07 47.78
C ASP G 459 -27.00 -1.55 49.10
N LYS G 460 -27.82 -0.71 49.73
CA LYS G 460 -28.43 -1.01 51.03
C LYS G 460 -29.27 -2.28 50.95
N ASP G 461 -30.22 -2.30 50.02
CA ASP G 461 -31.09 -3.44 49.81
C ASP G 461 -30.32 -4.75 49.73
N ILE G 462 -29.10 -4.69 49.19
CA ILE G 462 -28.27 -5.87 49.05
C ILE G 462 -27.52 -6.15 50.34
N ARG G 463 -26.65 -5.22 50.72
CA ARG G 463 -25.84 -5.37 51.93
C ARG G 463 -26.59 -6.05 53.06
N LYS G 464 -27.91 -5.84 53.11
CA LYS G 464 -28.73 -6.42 54.15
C LYS G 464 -28.85 -7.95 54.06
N ILE G 465 -28.41 -8.55 52.96
CA ILE G 465 -28.49 -9.99 52.83
C ILE G 465 -27.10 -10.62 52.91
N LEU G 466 -26.14 -9.85 53.42
CA LEU G 466 -24.78 -10.32 53.54
C LEU G 466 -24.34 -10.54 54.98
N SER G 467 -23.79 -11.71 55.24
CA SER G 467 -23.31 -12.05 56.58
C SER G 467 -21.93 -11.43 56.80
N GLY G 468 -21.04 -11.63 55.84
CA GLY G 468 -19.70 -11.08 55.94
C GLY G 468 -18.85 -11.29 54.70
N TYR G 469 -17.56 -10.97 54.83
CA TYR G 469 -16.62 -11.12 53.72
C TYR G 469 -15.38 -11.91 54.14
N ILE G 470 -14.89 -12.74 53.23
CA ILE G 470 -13.71 -13.56 53.47
C ILE G 470 -12.51 -12.97 52.73
N VAL G 471 -11.54 -12.46 53.48
CA VAL G 471 -10.35 -11.87 52.88
C VAL G 471 -9.27 -12.94 52.67
N GLU G 472 -8.82 -13.09 51.43
CA GLU G 472 -7.77 -14.07 51.12
C GLU G 472 -6.77 -13.51 50.12
N ILE G 473 -5.87 -14.38 49.67
CA ILE G 473 -4.84 -14.00 48.71
C ILE G 473 -4.48 -15.19 47.81
N GLU G 474 -4.68 -15.01 46.50
CA GLU G 474 -4.37 -16.05 45.53
C GLU G 474 -3.00 -15.82 44.91
N ASP G 475 -2.14 -16.83 45.02
CA ASP G 475 -0.79 -16.75 44.47
C ASP G 475 -0.86 -16.75 42.95
N THR G 476 0.17 -16.18 42.31
CA THR G 476 0.23 -16.12 40.86
C THR G 476 0.11 -17.50 40.22
N GLU G 477 0.19 -18.54 41.03
CA GLU G 477 0.09 -19.91 40.55
C GLU G 477 -1.34 -20.46 40.71
N GLY G 478 -1.87 -20.38 41.93
CA GLY G 478 -3.21 -20.87 42.18
C GLY G 478 -3.42 -21.27 43.63
N LEU G 479 -2.89 -20.48 44.55
CA LEU G 479 -3.02 -20.74 45.98
C LEU G 479 -4.25 -20.07 46.56
N LYS G 480 -4.81 -20.67 47.60
CA LYS G 480 -6.00 -20.13 48.26
C LYS G 480 -5.73 -19.76 49.71
N GLU G 481 -4.76 -18.86 49.92
CA GLU G 481 -4.42 -18.41 51.26
C GLU G 481 -5.48 -17.44 51.73
N VAL G 482 -6.11 -17.74 52.87
CA VAL G 482 -7.16 -16.87 53.40
C VAL G 482 -6.76 -16.22 54.72
N ILE G 483 -7.11 -14.95 54.88
CA ILE G 483 -6.80 -14.22 56.10
C ILE G 483 -7.73 -14.75 57.20
N ASN G 484 -8.81 -14.01 57.46
CA ASN G 484 -9.78 -14.43 58.46
C ASN G 484 -10.42 -15.73 57.97
N ASP G 485 -9.83 -16.86 58.34
CA ASP G 485 -10.31 -18.15 57.90
C ASP G 485 -11.31 -18.83 58.83
N ARG G 486 -11.65 -18.18 59.94
CA ARG G 486 -12.60 -18.76 60.88
C ARG G 486 -14.01 -18.18 60.69
N TYR G 487 -15.00 -19.07 60.69
CA TYR G 487 -16.39 -18.67 60.49
C TYR G 487 -16.77 -17.44 61.28
N ASP G 488 -16.16 -17.28 62.45
CA ASP G 488 -16.45 -16.15 63.32
C ASP G 488 -15.59 -14.93 63.01
N MET G 489 -14.85 -14.98 61.91
CA MET G 489 -13.99 -13.87 61.51
C MET G 489 -14.53 -13.19 60.26
N LEU G 490 -15.84 -13.27 60.08
CA LEU G 490 -16.48 -12.67 58.91
C LEU G 490 -16.88 -11.24 59.24
N ASN G 491 -16.95 -10.93 60.53
CA ASN G 491 -17.32 -9.60 61.01
C ASN G 491 -16.27 -8.56 60.65
N ILE G 492 -16.41 -7.96 59.47
CA ILE G 492 -15.47 -6.94 59.02
C ILE G 492 -16.16 -5.71 58.44
N SER G 493 -17.09 -5.95 57.51
CA SER G 493 -17.81 -4.86 56.85
C SER G 493 -18.39 -3.85 57.83
N SER G 494 -17.88 -2.62 57.75
CA SER G 494 -18.34 -1.53 58.61
C SER G 494 -19.30 -0.68 57.78
N LEU G 495 -19.58 0.54 58.23
CA LEU G 495 -20.48 1.42 57.50
C LEU G 495 -20.45 2.86 57.99
N ARG G 496 -19.85 3.73 57.20
CA ARG G 496 -19.77 5.14 57.55
C ARG G 496 -21.15 5.75 57.41
N GLN G 497 -21.42 6.80 58.20
CA GLN G 497 -22.72 7.46 58.15
C GLN G 497 -22.92 8.21 56.84
N ASP G 498 -21.96 8.07 55.94
CA ASP G 498 -22.03 8.73 54.64
C ASP G 498 -22.69 7.80 53.62
N GLY G 499 -23.02 6.60 54.07
CA GLY G 499 -23.67 5.64 53.20
C GLY G 499 -22.73 4.72 52.44
N LYS G 500 -21.46 4.70 52.83
CA LYS G 500 -20.48 3.85 52.18
C LYS G 500 -19.95 2.76 53.09
N THR G 501 -20.05 1.52 52.62
CA THR G 501 -19.59 0.36 53.37
C THR G 501 -18.07 0.31 53.41
N PHE G 502 -17.50 0.40 54.59
CA PHE G 502 -16.04 0.36 54.76
C PHE G 502 -15.55 -0.99 55.26
N ILE G 503 -14.81 -1.70 54.41
CA ILE G 503 -14.26 -3.00 54.76
C ILE G 503 -12.89 -2.78 55.38
N ASP G 504 -12.45 -3.73 56.20
CA ASP G 504 -11.14 -3.64 56.84
C ASP G 504 -10.53 -5.04 56.97
N PHE G 505 -9.33 -5.20 56.46
CA PHE G 505 -8.62 -6.47 56.52
C PHE G 505 -7.88 -6.53 57.85
N LYS G 506 -7.51 -5.36 58.35
CA LYS G 506 -6.77 -5.23 59.60
C LYS G 506 -7.47 -5.80 60.83
N LYS G 507 -8.79 -5.73 60.86
CA LYS G 507 -9.55 -6.23 62.00
C LYS G 507 -9.23 -7.70 62.27
N TYR G 508 -8.59 -8.35 61.30
CA TYR G 508 -8.21 -9.75 61.44
C TYR G 508 -6.83 -10.04 60.84
N ASN G 509 -5.82 -9.33 61.33
CA ASN G 509 -4.44 -9.49 60.89
C ASN G 509 -3.50 -8.68 61.78
N ASP G 510 -3.52 -8.98 63.08
CA ASP G 510 -2.69 -8.30 64.05
C ASP G 510 -2.79 -6.78 63.97
N LYS G 511 -3.99 -6.29 63.67
CA LYS G 511 -4.22 -4.86 63.56
C LYS G 511 -3.28 -4.17 62.58
N LEU G 512 -2.56 -4.98 61.79
CA LEU G 512 -1.63 -4.45 60.81
C LEU G 512 -2.16 -4.63 59.39
N PRO G 513 -1.89 -3.65 58.51
CA PRO G 513 -2.34 -3.70 57.11
C PRO G 513 -1.86 -4.93 56.36
N LEU G 514 -2.32 -5.08 55.13
CA LEU G 514 -1.97 -6.21 54.29
C LEU G 514 -0.46 -6.44 54.15
N TYR G 515 -0.10 -7.66 53.78
CA TYR G 515 1.29 -8.04 53.59
C TYR G 515 1.45 -8.52 52.15
N ILE G 516 2.05 -7.67 51.32
CA ILE G 516 2.25 -7.99 49.93
C ILE G 516 3.72 -8.29 49.62
N SER G 517 4.10 -9.56 49.74
CA SER G 517 5.47 -9.97 49.47
C SER G 517 5.75 -9.84 47.98
N ASN G 518 4.70 -10.00 47.18
CA ASN G 518 4.80 -9.90 45.74
C ASN G 518 3.58 -9.15 45.20
N PRO G 519 3.75 -7.87 44.84
CA PRO G 519 2.65 -7.04 44.30
C PRO G 519 2.14 -7.49 42.94
N ASN G 520 1.84 -8.78 42.82
CA ASN G 520 1.32 -9.35 41.58
C ASN G 520 0.31 -10.44 41.89
N TYR G 521 -0.07 -10.55 43.16
CA TYR G 521 -1.03 -11.54 43.62
C TYR G 521 -2.45 -11.08 43.31
N LYS G 522 -3.42 -11.63 44.03
CA LYS G 522 -4.82 -11.28 43.84
C LYS G 522 -5.58 -11.27 45.16
N VAL G 523 -5.75 -10.09 45.74
CA VAL G 523 -6.48 -9.95 46.99
C VAL G 523 -7.94 -10.30 46.76
N ASN G 524 -8.29 -11.57 46.98
CA ASN G 524 -9.65 -12.04 46.78
C ASN G 524 -10.52 -11.89 48.02
N VAL G 525 -11.44 -10.93 47.97
CA VAL G 525 -12.37 -10.67 49.06
C VAL G 525 -13.76 -11.12 48.62
N TYR G 526 -14.24 -12.19 49.23
CA TYR G 526 -15.56 -12.72 48.88
C TYR G 526 -16.66 -12.19 49.78
N ALA G 527 -17.90 -12.53 49.44
CA ALA G 527 -19.05 -12.10 50.22
C ALA G 527 -19.87 -13.34 50.55
N VAL G 528 -20.45 -13.36 51.74
CA VAL G 528 -21.25 -14.51 52.16
C VAL G 528 -22.66 -14.08 52.56
N THR G 529 -23.64 -14.50 51.77
CA THR G 529 -25.03 -14.16 52.06
C THR G 529 -25.45 -14.87 53.34
N LYS G 530 -26.44 -14.31 54.02
CA LYS G 530 -26.93 -14.91 55.25
C LYS G 530 -27.30 -16.38 55.04
N GLU G 531 -28.14 -16.64 54.04
CA GLU G 531 -28.57 -18.00 53.74
C GLU G 531 -27.43 -19.02 53.74
N ASN G 532 -26.25 -18.58 53.32
CA ASN G 532 -25.08 -19.47 53.26
C ASN G 532 -24.24 -19.51 54.53
N THR G 533 -23.94 -18.34 55.07
CA THR G 533 -23.10 -18.23 56.26
C THR G 533 -23.34 -19.29 57.34
N ILE G 534 -22.27 -19.66 58.02
CA ILE G 534 -22.33 -20.65 59.10
C ILE G 534 -22.14 -19.92 60.42
N ILE G 535 -22.57 -20.57 61.50
CA ILE G 535 -22.47 -19.97 62.83
C ILE G 535 -21.76 -20.84 63.88
N ASN G 536 -21.57 -22.11 63.57
CA ASN G 536 -20.91 -23.02 64.50
C ASN G 536 -20.03 -24.03 63.77
N PRO G 537 -18.97 -24.52 64.46
CA PRO G 537 -18.03 -25.50 63.91
C PRO G 537 -18.74 -26.76 63.39
N SER G 538 -18.04 -27.53 62.58
CA SER G 538 -18.61 -28.76 62.01
C SER G 538 -18.61 -29.88 63.05
N GLU G 539 -19.18 -31.03 62.68
CA GLU G 539 -19.26 -32.18 63.57
C GLU G 539 -17.97 -32.34 64.37
N ASN G 540 -16.87 -31.90 63.80
CA ASN G 540 -15.57 -31.97 64.44
C ASN G 540 -15.25 -30.64 65.10
N GLY G 541 -14.26 -29.94 64.57
CA GLY G 541 -13.87 -28.65 65.10
C GLY G 541 -13.39 -27.74 63.99
N ASP G 542 -13.96 -27.94 62.80
CA ASP G 542 -13.59 -27.16 61.64
C ASP G 542 -14.05 -25.70 61.76
N THR G 543 -13.19 -24.88 62.36
CA THR G 543 -13.50 -23.47 62.54
C THR G 543 -13.04 -22.71 61.30
N SER G 544 -12.85 -23.44 60.21
CA SER G 544 -12.38 -22.83 58.97
C SER G 544 -13.50 -22.44 58.01
N THR G 545 -13.14 -21.72 56.96
CA THR G 545 -14.07 -21.26 55.94
C THR G 545 -14.11 -22.25 54.79
N ASN G 546 -13.66 -23.47 55.05
CA ASN G 546 -13.62 -24.52 54.04
C ASN G 546 -14.99 -24.74 53.40
N GLY G 547 -15.91 -25.32 54.16
CA GLY G 547 -17.24 -25.58 53.64
C GLY G 547 -18.17 -24.37 53.66
N ILE G 548 -17.99 -23.48 52.68
CA ILE G 548 -18.81 -22.28 52.58
C ILE G 548 -19.15 -22.01 51.11
N LYS G 549 -20.18 -21.20 50.88
CA LYS G 549 -20.57 -20.84 49.54
C LYS G 549 -20.46 -19.33 49.41
N LYS G 550 -19.22 -18.83 49.30
CA LYS G 550 -19.00 -17.40 49.17
C LYS G 550 -19.15 -16.95 47.72
N ILE G 551 -19.07 -15.64 47.51
CA ILE G 551 -19.19 -15.08 46.18
C ILE G 551 -18.11 -14.04 45.92
N LEU G 552 -17.46 -14.15 44.76
CA LEU G 552 -16.40 -13.24 44.37
C LEU G 552 -16.91 -11.80 44.25
N ILE G 553 -16.37 -10.91 45.07
CA ILE G 553 -16.77 -9.51 45.06
C ILE G 553 -15.60 -8.61 44.67
N PHE G 554 -14.39 -9.06 44.95
CA PHE G 554 -13.21 -8.26 44.64
C PHE G 554 -12.10 -9.16 44.12
N SER G 555 -11.12 -8.57 43.43
CA SER G 555 -10.00 -9.32 42.87
C SER G 555 -9.02 -8.44 42.11
N LYS G 556 -8.34 -7.55 42.83
CA LYS G 556 -7.39 -6.64 42.20
C LYS G 556 -5.96 -7.13 42.44
N LYS G 557 -5.03 -6.66 41.62
CA LYS G 557 -3.63 -7.05 41.74
C LYS G 557 -2.91 -6.24 42.82
N GLY G 558 -1.72 -6.71 43.20
CA GLY G 558 -0.95 -6.03 44.22
C GLY G 558 -0.56 -4.62 43.84
N TYR G 559 -0.31 -4.39 42.55
CA TYR G 559 0.07 -3.07 42.07
C TYR G 559 -1.16 -2.23 41.73
N GLU G 560 -2.33 -2.87 41.76
CA GLU G 560 -3.57 -2.17 41.45
C GLU G 560 -4.28 -1.74 42.73
N ILE G 561 -3.50 -1.46 43.77
CA ILE G 561 -4.05 -1.04 45.06
C ILE G 561 -3.15 0.03 45.68
N GLY G 562 -1.98 -0.40 46.17
CA GLY G 562 -1.06 0.53 46.80
C GLY G 562 -0.06 -0.16 47.70
N SER H 1 17.54 -40.52 82.36
CA SER H 1 18.97 -40.39 82.07
C SER H 1 19.20 -39.74 80.71
N CYS H 2 19.89 -40.44 79.82
CA CYS H 2 20.17 -39.91 78.49
C CYS H 2 19.32 -40.62 77.44
N ARG H 3 19.15 -39.97 76.29
CA ARG H 3 18.35 -40.53 75.19
C ARG H 3 19.03 -40.29 73.85
N ARG H 4 18.45 -40.84 72.78
CA ARG H 4 19.02 -40.67 71.45
C ARG H 4 17.95 -40.24 70.45
N ALA H 5 16.72 -40.69 70.65
CA ALA H 5 15.61 -40.36 69.75
C ALA H 5 14.83 -39.12 70.19
N PHE H 6 14.99 -38.04 69.44
CA PHE H 6 14.29 -36.79 69.74
C PHE H 6 13.34 -36.44 68.62
N ASP H 7 12.19 -35.85 68.97
CA ASP H 7 11.20 -35.44 68.00
C ASP H 7 11.03 -33.93 68.10
N LEU H 8 11.50 -33.21 67.10
CA LEU H 8 11.40 -31.76 67.12
C LEU H 8 10.16 -31.24 66.39
N TYR H 9 9.39 -30.42 67.10
CA TYR H 9 8.18 -29.83 66.54
C TYR H 9 8.43 -28.36 66.24
N PHE H 10 8.19 -27.96 65.00
CA PHE H 10 8.42 -26.57 64.59
C PHE H 10 7.14 -25.77 64.37
N VAL H 11 6.60 -25.25 65.48
CA VAL H 11 5.41 -24.42 65.43
C VAL H 11 5.86 -23.03 64.99
N LEU H 12 5.40 -22.60 63.82
CA LEU H 12 5.78 -21.30 63.28
C LEU H 12 4.66 -20.27 63.19
N ASP H 13 4.93 -19.09 63.72
CA ASP H 13 3.97 -17.99 63.70
C ASP H 13 4.01 -17.33 62.33
N LYS H 14 3.01 -17.60 61.50
CA LYS H 14 2.98 -16.98 60.18
C LYS H 14 1.96 -15.85 60.16
N SER H 15 1.90 -15.07 61.24
CA SER H 15 0.96 -13.95 61.34
C SER H 15 1.56 -12.70 60.70
N GLY H 16 0.69 -11.77 60.33
CA GLY H 16 1.14 -10.53 59.71
C GLY H 16 2.15 -9.75 60.53
N SER H 17 2.03 -9.83 61.85
CA SER H 17 2.95 -9.13 62.75
C SER H 17 4.39 -9.53 62.51
N VAL H 18 4.60 -10.79 62.11
CA VAL H 18 5.95 -11.30 61.84
C VAL H 18 6.11 -11.60 60.36
N ALA H 19 5.49 -10.79 59.52
CA ALA H 19 5.57 -10.97 58.08
C ALA H 19 6.89 -10.44 57.52
N ASN H 20 7.58 -9.63 58.33
CA ASN H 20 8.85 -9.04 57.91
C ASN H 20 10.02 -9.98 58.13
N ASN H 21 10.13 -10.51 59.36
CA ASN H 21 11.23 -11.40 59.72
C ASN H 21 10.87 -12.88 59.60
N TRP H 22 10.22 -13.26 58.50
CA TRP H 22 9.86 -14.66 58.30
C TRP H 22 11.09 -15.48 57.96
N ILE H 23 11.96 -14.92 57.13
CA ILE H 23 13.17 -15.61 56.72
C ILE H 23 13.99 -16.08 57.91
N GLU H 24 14.17 -15.21 58.91
CA GLU H 24 14.93 -15.55 60.10
C GLU H 24 14.35 -16.81 60.72
N ILE H 25 13.03 -16.86 60.77
CA ILE H 25 12.32 -18.00 61.33
C ILE H 25 12.60 -19.24 60.48
N TYR H 26 12.59 -19.06 59.16
CA TYR H 26 12.86 -20.17 58.26
C TYR H 26 14.31 -20.61 58.39
N ASN H 27 15.21 -19.64 58.53
CA ASN H 27 16.62 -19.94 58.69
C ASN H 27 16.83 -20.76 59.96
N PHE H 28 16.21 -20.32 61.04
CA PHE H 28 16.33 -21.02 62.32
C PHE H 28 15.79 -22.45 62.18
N VAL H 29 14.77 -22.62 61.36
CA VAL H 29 14.16 -23.92 61.14
C VAL H 29 14.94 -24.70 60.08
N GLN H 30 15.82 -24.00 59.38
CA GLN H 30 16.64 -24.63 58.35
C GLN H 30 18.01 -24.96 58.94
N GLN H 31 18.54 -24.05 59.76
CA GLN H 31 19.83 -24.23 60.41
C GLN H 31 19.72 -25.27 61.51
N LEU H 32 18.50 -25.57 61.91
CA LEU H 32 18.26 -26.54 62.97
C LEU H 32 18.04 -27.92 62.36
N ALA H 33 17.33 -27.97 61.24
CA ALA H 33 17.06 -29.22 60.55
C ALA H 33 18.35 -29.65 59.85
N GLU H 34 19.27 -28.70 59.71
CA GLU H 34 20.56 -28.94 59.10
C GLU H 34 21.50 -29.59 60.11
N ARG H 35 21.26 -29.29 61.38
CA ARG H 35 22.08 -29.83 62.46
C ARG H 35 21.70 -31.27 62.78
N PHE H 36 20.61 -31.45 63.51
CA PHE H 36 20.14 -32.78 63.89
C PHE H 36 19.77 -33.58 62.64
N VAL H 37 20.68 -34.45 62.22
CA VAL H 37 20.45 -35.27 61.04
C VAL H 37 20.47 -36.76 61.39
N SER H 38 20.02 -37.08 62.59
CA SER H 38 19.99 -38.47 63.04
C SER H 38 18.65 -39.08 62.66
N PRO H 39 18.66 -40.31 62.10
CA PRO H 39 17.44 -41.01 61.69
C PRO H 39 16.39 -41.10 62.80
N GLU H 40 16.81 -40.80 64.03
CA GLU H 40 15.92 -40.85 65.17
C GLU H 40 15.39 -39.45 65.49
N MET H 41 15.88 -38.46 64.73
CA MET H 41 15.47 -37.07 64.90
C MET H 41 14.31 -36.73 63.99
N ARG H 42 13.15 -37.33 64.25
CA ARG H 42 11.96 -37.07 63.44
C ARG H 42 11.51 -35.63 63.62
N LEU H 43 11.46 -34.89 62.52
CA LEU H 43 11.05 -33.49 62.56
C LEU H 43 9.60 -33.33 62.11
N SER H 44 9.01 -32.21 62.50
CA SER H 44 7.63 -31.90 62.14
C SER H 44 7.47 -30.39 62.05
N PHE H 45 6.85 -29.92 60.97
CA PHE H 45 6.65 -28.49 60.80
C PHE H 45 5.18 -28.09 60.97
N ILE H 46 4.98 -26.92 61.58
CA ILE H 46 3.64 -26.39 61.82
C ILE H 46 3.67 -24.87 61.73
N VAL H 47 2.64 -24.29 61.13
CA VAL H 47 2.55 -22.85 61.00
C VAL H 47 1.15 -22.37 61.40
N PHE H 48 1.09 -21.45 62.35
CA PHE H 48 -0.18 -20.93 62.81
C PHE H 48 -0.35 -19.45 62.49
N SER H 49 -1.57 -18.97 62.68
CA SER H 49 -1.93 -17.57 62.43
C SER H 49 -3.42 -17.45 62.77
N SER H 50 -4.25 -17.49 61.74
CA SER H 50 -5.68 -17.42 61.93
C SER H 50 -6.08 -18.85 62.24
N GLN H 51 -5.15 -19.76 61.97
CA GLN H 51 -5.35 -21.17 62.20
C GLN H 51 -4.08 -21.88 61.77
N ALA H 52 -3.62 -22.83 62.59
CA ALA H 52 -2.39 -23.56 62.29
C ALA H 52 -2.60 -24.74 61.34
N THR H 53 -1.51 -25.16 60.70
CA THR H 53 -1.54 -26.27 59.78
C THR H 53 -0.29 -27.15 59.90
N ILE H 54 -0.46 -28.44 59.64
CA ILE H 54 0.62 -29.41 59.72
C ILE H 54 1.39 -29.45 58.40
N ILE H 55 2.41 -28.61 58.29
CA ILE H 55 3.23 -28.56 57.08
C ILE H 55 3.98 -29.87 56.90
N LEU H 56 4.73 -30.25 57.93
CA LEU H 56 5.50 -31.49 57.91
C LEU H 56 5.16 -32.39 59.09
N PRO H 57 4.63 -33.59 58.82
CA PRO H 57 4.28 -34.52 59.90
C PRO H 57 5.51 -34.87 60.72
N LEU H 58 5.35 -35.79 61.67
CA LEU H 58 6.48 -36.20 62.50
C LEU H 58 7.16 -37.41 61.87
N THR H 59 8.32 -37.18 61.26
CA THR H 59 9.07 -38.26 60.62
C THR H 59 10.53 -37.86 60.40
N GLY H 60 11.38 -38.87 60.15
CA GLY H 60 12.79 -38.60 59.92
C GLY H 60 13.24 -38.97 58.52
N ASP H 61 12.54 -38.41 57.52
CA ASP H 61 12.86 -38.67 56.12
C ASP H 61 13.10 -37.35 55.40
N ARG H 62 14.38 -37.00 55.22
CA ARG H 62 14.74 -35.76 54.54
C ARG H 62 14.06 -35.59 53.19
N GLY H 63 13.56 -36.67 52.64
CA GLY H 63 12.88 -36.60 51.36
C GLY H 63 11.66 -35.69 51.49
N LYS H 64 10.99 -35.79 52.63
CA LYS H 64 9.82 -34.97 52.90
C LYS H 64 10.22 -33.78 53.77
N ILE H 65 11.31 -33.93 54.51
CA ILE H 65 11.81 -32.86 55.37
C ILE H 65 12.23 -31.68 54.51
N SER H 66 13.03 -31.95 53.49
CA SER H 66 13.49 -30.90 52.59
C SER H 66 12.23 -30.33 51.94
N LYS H 67 11.28 -31.20 51.63
CA LYS H 67 10.02 -30.81 51.02
C LYS H 67 9.37 -29.76 51.90
N GLY H 68 9.37 -30.00 53.20
CA GLY H 68 8.78 -29.05 54.13
C GLY H 68 9.53 -27.74 54.12
N LEU H 69 10.87 -27.82 54.20
CA LEU H 69 11.70 -26.64 54.19
C LEU H 69 11.46 -25.82 52.92
N GLU H 70 11.09 -26.49 51.85
CA GLU H 70 10.81 -25.82 50.58
C GLU H 70 9.49 -25.07 50.68
N ASP H 71 8.55 -25.64 51.44
CA ASP H 71 7.24 -25.02 51.61
C ASP H 71 7.31 -23.87 52.59
N LEU H 72 8.00 -24.07 53.71
CA LEU H 72 8.14 -23.01 54.71
C LEU H 72 8.86 -21.82 54.12
N LYS H 73 9.66 -22.07 53.09
CA LYS H 73 10.39 -21.02 52.39
C LYS H 73 9.40 -20.14 51.64
N ARG H 74 8.45 -20.78 50.97
CA ARG H 74 7.43 -20.08 50.21
C ARG H 74 6.17 -19.84 51.04
N VAL H 75 6.31 -19.07 52.12
CA VAL H 75 5.19 -18.77 53.00
C VAL H 75 4.98 -17.27 53.11
N SER H 76 3.71 -16.85 53.15
CA SER H 76 3.37 -15.44 53.26
C SER H 76 2.77 -15.18 54.64
N PRO H 77 3.60 -14.74 55.60
CA PRO H 77 3.14 -14.45 56.96
C PRO H 77 2.00 -13.44 57.02
N VAL H 78 0.80 -13.93 57.32
CA VAL H 78 -0.37 -13.08 57.41
C VAL H 78 -1.50 -13.78 58.16
N GLY H 79 -2.27 -13.00 58.92
CA GLY H 79 -3.37 -13.55 59.68
C GLY H 79 -3.21 -13.25 61.16
N GLU H 80 -4.23 -13.58 61.95
CA GLU H 80 -4.18 -13.35 63.39
C GLU H 80 -3.05 -14.12 64.05
N THR H 81 -2.98 -14.05 65.38
CA THR H 81 -1.95 -14.74 66.13
C THR H 81 -2.55 -15.76 67.08
N TYR H 82 -2.98 -16.89 66.54
CA TYR H 82 -3.56 -17.95 67.35
C TYR H 82 -2.53 -19.05 67.62
N ILE H 83 -1.50 -18.70 68.38
CA ILE H 83 -0.42 -19.60 68.72
C ILE H 83 -0.90 -20.89 69.39
N HIS H 84 -1.77 -20.74 70.38
CA HIS H 84 -2.29 -21.89 71.10
C HIS H 84 -2.71 -23.01 70.15
N GLU H 85 -3.45 -22.64 69.10
CA GLU H 85 -3.89 -23.62 68.12
C GLU H 85 -2.69 -24.39 67.58
N GLY H 86 -1.59 -23.69 67.34
CA GLY H 86 -0.40 -24.34 66.84
C GLY H 86 0.18 -25.32 67.84
N LEU H 87 0.44 -24.83 69.04
CA LEU H 87 0.99 -25.67 70.09
C LEU H 87 0.12 -26.92 70.25
N LYS H 88 -1.16 -26.78 69.91
CA LYS H 88 -2.09 -27.90 70.02
C LYS H 88 -1.77 -28.97 68.98
N LEU H 89 -1.68 -28.55 67.72
CA LEU H 89 -1.37 -29.48 66.64
C LEU H 89 -0.06 -30.19 66.94
N ALA H 90 0.68 -29.67 67.91
CA ALA H 90 1.95 -30.25 68.31
C ALA H 90 1.68 -31.41 69.27
N ASN H 91 0.92 -31.13 70.33
CA ASN H 91 0.58 -32.14 71.32
C ASN H 91 -0.24 -33.26 70.70
N GLU H 92 -1.07 -32.91 69.72
CA GLU H 92 -1.90 -33.90 69.05
C GLU H 92 -1.02 -34.98 68.43
N GLN H 93 0.13 -34.56 67.90
CA GLN H 93 1.09 -35.48 67.29
C GLN H 93 1.79 -36.31 68.37
N ILE H 94 2.15 -35.66 69.46
CA ILE H 94 2.82 -36.31 70.57
C ILE H 94 1.94 -37.41 71.17
N GLN H 95 0.80 -37.02 71.70
CA GLN H 95 -0.13 -37.95 72.33
C GLN H 95 -0.50 -39.12 71.42
N LYS H 96 -0.29 -38.94 70.12
CA LYS H 96 -0.60 -40.00 69.16
C LYS H 96 0.62 -40.89 68.97
N ALA H 97 1.76 -40.44 69.50
CA ALA H 97 3.02 -41.17 69.39
C ALA H 97 3.25 -42.04 70.62
N GLY H 98 2.69 -41.62 71.76
CA GLY H 98 2.85 -42.37 72.98
C GLY H 98 2.73 -41.53 74.23
N GLY H 99 2.57 -40.22 74.05
CA GLY H 99 2.44 -39.32 75.18
C GLY H 99 3.75 -39.17 75.93
N LEU H 100 3.79 -39.68 77.15
CA LEU H 100 5.00 -39.61 77.96
C LEU H 100 6.05 -40.52 77.32
N LYS H 101 5.59 -41.56 76.65
CA LYS H 101 6.45 -42.51 75.98
C LYS H 101 7.21 -41.89 74.83
N THR H 102 7.24 -40.56 74.77
CA THR H 102 7.93 -39.85 73.70
C THR H 102 8.68 -38.62 74.21
N SER H 103 9.94 -38.51 73.80
CA SER H 103 10.76 -37.36 74.19
C SER H 103 10.66 -36.35 73.08
N SER H 104 9.78 -35.38 73.24
CA SER H 104 9.57 -34.35 72.22
C SER H 104 10.12 -32.99 72.63
N ILE H 105 10.40 -32.16 71.61
CA ILE H 105 10.94 -30.82 71.83
C ILE H 105 10.19 -29.81 70.97
N ILE H 106 9.12 -29.26 71.53
CA ILE H 106 8.31 -28.28 70.82
C ILE H 106 9.02 -26.93 70.73
N ILE H 107 9.23 -26.48 69.49
CA ILE H 107 9.91 -25.21 69.24
C ILE H 107 8.96 -24.25 68.52
N ALA H 108 8.41 -23.31 69.28
CA ALA H 108 7.48 -22.34 68.72
C ALA H 108 8.13 -21.02 68.37
N LEU H 109 8.00 -20.63 67.10
CA LEU H 109 8.55 -19.38 66.61
C LEU H 109 7.42 -18.35 66.54
N THR H 110 7.56 -17.27 67.30
CA THR H 110 6.53 -16.24 67.32
C THR H 110 7.04 -14.94 67.92
N ASP H 111 6.24 -13.89 67.80
CA ASP H 111 6.59 -12.60 68.34
C ASP H 111 6.17 -12.49 69.80
N GLY H 112 5.44 -13.49 70.29
CA GLY H 112 4.98 -13.48 71.67
C GLY H 112 3.96 -12.40 71.96
N LYS H 113 3.57 -11.65 70.92
CA LYS H 113 2.60 -10.59 71.07
C LYS H 113 1.18 -11.14 70.90
N LEU H 114 0.73 -11.87 71.91
CA LEU H 114 -0.61 -12.46 71.88
C LEU H 114 -1.63 -11.45 72.38
N ASP H 115 -2.91 -11.70 72.09
CA ASP H 115 -3.97 -10.80 72.51
C ASP H 115 -5.24 -11.53 72.96
N GLY H 116 -6.01 -10.87 73.81
CA GLY H 116 -7.25 -11.45 74.30
C GLY H 116 -7.12 -12.76 75.05
N LEU H 117 -7.82 -13.79 74.59
CA LEU H 117 -7.77 -15.10 75.23
C LEU H 117 -6.56 -15.90 74.79
N VAL H 118 -6.00 -15.55 73.65
CA VAL H 118 -4.82 -16.26 73.15
C VAL H 118 -3.81 -16.51 74.26
N PRO H 119 -3.50 -15.47 75.06
CA PRO H 119 -2.53 -15.62 76.16
C PRO H 119 -2.95 -16.73 77.10
N SER H 120 -4.16 -16.60 77.65
CA SER H 120 -4.69 -17.59 78.57
C SER H 120 -4.60 -19.00 77.99
N TYR H 121 -5.18 -19.18 76.81
CA TYR H 121 -5.16 -20.49 76.14
C TYR H 121 -3.75 -20.95 75.76
N ALA H 122 -2.93 -20.01 75.30
CA ALA H 122 -1.56 -20.35 74.91
C ALA H 122 -0.83 -20.91 76.12
N GLU H 123 -0.83 -20.14 77.21
CA GLU H 123 -0.18 -20.55 78.44
C GLU H 123 -0.70 -21.91 78.88
N LYS H 124 -2.01 -22.08 78.80
CA LYS H 124 -2.64 -23.34 79.20
C LYS H 124 -2.29 -24.46 78.23
N GLU H 125 -2.49 -24.20 76.93
CA GLU H 125 -2.20 -25.21 75.91
C GLU H 125 -0.73 -25.59 75.97
N ALA H 126 0.10 -24.68 76.47
CA ALA H 126 1.54 -24.93 76.59
C ALA H 126 1.81 -25.91 77.72
N LYS H 127 1.12 -25.72 78.84
CA LYS H 127 1.28 -26.62 79.98
C LYS H 127 0.76 -27.98 79.57
N ILE H 128 -0.15 -28.00 78.61
CA ILE H 128 -0.74 -29.24 78.12
C ILE H 128 0.37 -30.00 77.39
N SER H 129 1.42 -29.27 77.02
CA SER H 129 2.55 -29.87 76.33
C SER H 129 3.47 -30.52 77.36
N ARG H 130 3.90 -29.73 78.34
CA ARG H 130 4.78 -30.23 79.39
C ARG H 130 4.08 -31.33 80.20
N SER H 131 2.80 -31.54 79.92
CA SER H 131 2.04 -32.57 80.61
C SER H 131 2.05 -33.84 79.78
N LEU H 132 2.89 -33.86 78.76
CA LEU H 132 3.00 -35.02 77.87
C LEU H 132 4.46 -35.41 77.70
N GLY H 133 5.27 -35.13 78.71
CA GLY H 133 6.68 -35.46 78.65
C GLY H 133 7.35 -34.75 77.49
N ALA H 134 7.16 -33.45 77.40
CA ALA H 134 7.75 -32.65 76.33
C ALA H 134 8.29 -31.32 76.85
N SER H 135 9.18 -30.71 76.07
CA SER H 135 9.77 -29.43 76.44
C SER H 135 9.37 -28.37 75.42
N VAL H 136 9.00 -27.20 75.89
CA VAL H 136 8.58 -26.10 75.02
C VAL H 136 9.67 -25.04 74.85
N TYR H 137 9.90 -24.64 73.60
CA TYR H 137 10.90 -23.63 73.30
C TYR H 137 10.30 -22.45 72.53
N CYS H 138 10.36 -21.27 73.14
CA CYS H 138 9.83 -20.06 72.52
C CYS H 138 10.92 -19.23 71.87
N VAL H 139 11.21 -19.50 70.60
CA VAL H 139 12.23 -18.76 69.87
C VAL H 139 11.57 -17.54 69.24
N GLY H 140 11.37 -16.50 70.06
CA GLY H 140 10.73 -15.29 69.60
C GLY H 140 11.46 -14.50 68.52
N VAL H 141 10.73 -13.58 67.89
CA VAL H 141 11.26 -12.73 66.84
C VAL H 141 10.97 -11.28 67.19
N LEU H 142 11.76 -10.35 66.66
CA LEU H 142 11.59 -8.93 66.94
C LEU H 142 11.58 -8.70 68.45
N ASP H 143 11.14 -7.51 68.86
CA ASP H 143 11.08 -7.19 70.29
C ASP H 143 9.95 -7.96 70.94
N PHE H 144 9.98 -9.27 70.76
CA PHE H 144 8.97 -10.18 71.31
C PHE H 144 8.71 -9.96 72.80
N GLU H 145 7.65 -10.60 73.30
CA GLU H 145 7.29 -10.50 74.70
C GLU H 145 7.98 -11.56 75.54
N GLN H 146 9.16 -11.22 76.05
CA GLN H 146 9.92 -12.15 76.88
C GLN H 146 8.99 -12.73 77.94
N ALA H 147 8.23 -11.85 78.58
CA ALA H 147 7.28 -12.24 79.62
C ALA H 147 6.41 -13.42 79.19
N GLN H 148 5.58 -13.19 78.17
CA GLN H 148 4.69 -14.22 77.67
C GLN H 148 5.43 -15.51 77.35
N LEU H 149 6.47 -15.41 76.54
CA LEU H 149 7.27 -16.58 76.17
C LEU H 149 7.62 -17.41 77.39
N GLU H 150 8.02 -16.73 78.46
CA GLU H 150 8.38 -17.41 79.71
C GLU H 150 7.23 -18.27 80.17
N ARG H 151 6.03 -17.69 80.21
CA ARG H 151 4.85 -18.41 80.65
C ARG H 151 4.40 -19.45 79.63
N ILE H 152 4.99 -19.42 78.44
CA ILE H 152 4.64 -20.36 77.40
C ILE H 152 5.54 -21.60 77.41
N ALA H 153 6.85 -21.37 77.50
CA ALA H 153 7.80 -22.48 77.54
C ALA H 153 7.97 -23.01 78.96
N ASP H 154 9.03 -23.78 79.17
CA ASP H 154 9.31 -24.35 80.48
C ASP H 154 9.74 -23.26 81.45
N SER H 155 10.86 -22.60 81.14
CA SER H 155 11.38 -21.53 81.97
C SER H 155 11.96 -20.43 81.08
N LYS H 156 12.44 -19.35 81.69
CA LYS H 156 13.01 -18.25 80.94
C LYS H 156 14.25 -18.68 80.16
N GLU H 157 14.67 -19.91 80.37
CA GLU H 157 15.84 -20.44 79.68
C GLU H 157 15.49 -20.90 78.27
N GLN H 158 14.40 -21.66 78.14
CA GLN H 158 13.97 -22.15 76.84
C GLN H 158 13.49 -21.01 75.95
N VAL H 159 13.89 -19.79 76.30
CA VAL H 159 13.53 -18.60 75.54
C VAL H 159 14.79 -18.01 74.92
N PHE H 160 15.07 -18.37 73.68
CA PHE H 160 16.24 -17.89 72.98
C PHE H 160 15.88 -16.97 71.80
N PRO H 161 16.43 -15.76 71.78
CA PRO H 161 16.15 -14.81 70.69
C PRO H 161 16.93 -15.21 69.43
N VAL H 162 16.20 -15.49 68.35
CA VAL H 162 16.82 -15.89 67.10
C VAL H 162 18.00 -14.99 66.74
N LYS H 163 17.86 -13.70 67.04
CA LYS H 163 18.92 -12.73 66.76
C LYS H 163 20.02 -12.82 67.81
N GLY H 164 21.23 -13.10 67.36
CA GLY H 164 22.36 -13.21 68.27
C GLY H 164 23.40 -14.16 67.72
N GLY H 165 24.55 -14.23 68.38
CA GLY H 165 25.61 -15.12 67.93
C GLY H 165 25.25 -16.58 68.13
N PHE H 166 24.30 -17.06 67.34
CA PHE H 166 23.85 -18.45 67.43
C PHE H 166 23.40 -18.78 68.84
N GLN H 167 23.24 -17.76 69.67
CA GLN H 167 22.81 -17.93 71.05
C GLN H 167 21.66 -18.94 71.10
N ALA H 168 20.80 -18.87 70.10
CA ALA H 168 19.66 -19.78 70.00
C ALA H 168 20.15 -21.16 69.59
N LEU H 169 20.66 -21.26 68.36
CA LEU H 169 21.17 -22.53 67.85
C LEU H 169 22.06 -23.22 68.88
N LYS H 170 23.03 -22.47 69.39
CA LYS H 170 23.95 -23.00 70.39
C LYS H 170 23.20 -23.39 71.65
N GLY H 171 22.77 -22.39 72.42
CA GLY H 171 22.05 -22.65 73.65
C GLY H 171 21.00 -23.74 73.56
N ILE H 172 20.34 -23.86 72.41
CA ILE H 172 19.31 -24.87 72.22
C ILE H 172 19.87 -26.24 71.87
N ILE H 173 20.58 -26.32 70.75
CA ILE H 173 21.16 -27.58 70.31
C ILE H 173 22.00 -28.21 71.44
N ASN H 174 22.66 -27.34 72.22
CA ASN H 174 23.49 -27.81 73.33
C ASN H 174 22.65 -28.13 74.56
N SER H 175 21.41 -27.67 74.55
CA SER H 175 20.49 -27.92 75.67
C SER H 175 19.71 -29.20 75.35
N ILE H 176 19.71 -29.57 74.08
CA ILE H 176 19.01 -30.77 73.62
C ILE H 176 19.97 -31.95 73.70
N LEU H 177 21.23 -31.70 73.38
CA LEU H 177 22.26 -32.73 73.42
C LEU H 177 22.67 -32.99 74.88
N ALA H 178 22.23 -32.11 75.76
CA ALA H 178 22.53 -32.23 77.19
C ALA H 178 21.62 -33.30 77.78
N GLN H 179 20.88 -33.98 76.89
CA GLN H 179 19.97 -35.03 77.30
C GLN H 179 20.30 -36.32 76.54
N SER H 180 21.22 -36.20 75.58
CA SER H 180 21.65 -37.35 74.78
C SER H 180 22.80 -38.06 75.47
N CYS H 181 23.10 -39.28 75.03
CA CYS H 181 24.19 -40.06 75.61
C CYS H 181 25.52 -39.71 74.95
N THR I 1 -94.09 6.58 60.58
CA THR I 1 -95.15 6.09 61.50
C THR I 1 -95.48 4.62 61.22
N VAL I 2 -94.62 3.96 60.44
CA VAL I 2 -94.82 2.56 60.10
C VAL I 2 -94.90 1.70 61.35
N PRO I 3 -95.90 0.82 61.42
CA PRO I 3 -96.11 -0.07 62.56
C PRO I 3 -94.93 -0.99 62.86
N ASP I 4 -94.44 -0.92 64.09
CA ASP I 4 -93.31 -1.74 64.54
C ASP I 4 -93.22 -1.74 66.06
N ARG I 5 -93.86 -2.73 66.68
CA ARG I 5 -93.87 -2.84 68.14
C ARG I 5 -92.48 -3.18 68.66
N ASP I 6 -91.90 -4.26 68.13
CA ASP I 6 -90.57 -4.70 68.53
C ASP I 6 -89.60 -3.53 68.59
N ASN I 7 -89.80 -2.56 67.70
CA ASN I 7 -88.96 -1.37 67.63
C ASN I 7 -87.56 -1.71 67.13
N ASP I 8 -87.41 -2.89 66.53
CA ASP I 8 -86.10 -3.31 66.02
C ASP I 8 -85.75 -2.62 64.71
N GLY I 9 -86.75 -2.23 63.94
CA GLY I 9 -86.49 -1.57 62.67
C GLY I 9 -87.03 -2.31 61.47
N ILE I 10 -87.83 -3.35 61.72
CA ILE I 10 -88.41 -4.13 60.65
C ILE I 10 -89.93 -4.12 60.80
N PRO I 11 -90.61 -3.27 60.03
CA PRO I 11 -92.07 -3.12 60.05
C PRO I 11 -92.80 -4.45 60.18
N ASP I 12 -93.56 -4.60 61.26
CA ASP I 12 -94.31 -5.80 61.55
C ASP I 12 -94.52 -6.69 60.35
N SER I 13 -95.45 -6.31 59.49
CA SER I 13 -95.74 -7.07 58.28
C SER I 13 -94.47 -7.72 57.74
N LEU I 14 -93.55 -6.88 57.26
CA LEU I 14 -92.29 -7.37 56.70
C LEU I 14 -91.74 -8.53 57.49
N GLU I 15 -91.63 -8.34 58.81
CA GLU I 15 -91.07 -9.36 59.69
C GLU I 15 -91.99 -10.58 59.84
N VAL I 16 -93.26 -10.44 59.53
CA VAL I 16 -94.20 -11.53 59.67
C VAL I 16 -94.46 -12.24 58.35
N GLU I 17 -94.73 -11.44 57.32
CA GLU I 17 -95.03 -11.96 55.99
C GLU I 17 -93.78 -12.27 55.16
N GLY I 18 -92.62 -12.09 55.78
CA GLY I 18 -91.38 -12.37 55.09
C GLY I 18 -90.68 -11.14 54.54
N TYR I 19 -89.36 -11.14 54.60
CA TYR I 19 -88.57 -10.03 54.11
C TYR I 19 -87.14 -10.46 53.85
N THR I 20 -86.31 -9.50 53.47
CA THR I 20 -84.91 -9.75 53.21
C THR I 20 -84.31 -8.40 52.83
N VAL I 21 -83.02 -8.39 52.52
CA VAL I 21 -82.36 -7.14 52.17
C VAL I 21 -81.33 -7.31 51.06
N ASP I 22 -81.23 -6.28 50.23
CA ASP I 22 -80.29 -6.26 49.12
C ASP I 22 -79.67 -4.87 49.05
N VAL I 23 -78.85 -4.63 48.04
CA VAL I 23 -78.22 -3.33 47.88
C VAL I 23 -78.34 -2.75 46.48
N LYS I 24 -79.22 -1.75 46.34
CA LYS I 24 -79.45 -1.10 45.05
C LYS I 24 -78.14 -0.48 44.58
N ASN I 25 -78.04 0.85 44.63
CA ASN I 25 -76.81 1.52 44.23
C ASN I 25 -75.73 0.87 45.08
N LYS I 26 -75.59 1.38 46.29
CA LYS I 26 -74.62 0.84 47.23
C LYS I 26 -75.23 0.95 48.60
N ARG I 27 -76.55 1.10 48.64
CA ARG I 27 -77.27 1.22 49.89
C ARG I 27 -78.00 -0.07 50.18
N THR I 28 -78.35 -0.28 51.44
CA THR I 28 -79.05 -1.49 51.85
C THR I 28 -80.54 -1.23 52.00
N PHE I 29 -81.34 -1.94 51.22
CA PHE I 29 -82.79 -1.76 51.28
C PHE I 29 -83.49 -2.96 51.89
N LEU I 30 -84.25 -2.72 52.95
CA LEU I 30 -84.99 -3.78 53.61
C LEU I 30 -86.36 -3.81 52.93
N SER I 31 -86.58 -4.83 52.12
CA SER I 31 -87.84 -4.96 51.38
C SER I 31 -88.56 -6.29 51.61
N PRO I 32 -89.89 -6.31 51.39
CA PRO I 32 -90.69 -7.52 51.57
C PRO I 32 -90.31 -8.59 50.56
N TRP I 33 -90.78 -9.81 50.78
CA TRP I 33 -90.47 -10.92 49.90
C TRP I 33 -91.08 -10.81 48.51
N ILE I 34 -90.35 -11.29 47.52
CA ILE I 34 -90.81 -11.29 46.13
C ILE I 34 -90.26 -12.55 45.45
N SER I 35 -91.02 -13.63 45.57
CA SER I 35 -90.65 -14.93 44.98
C SER I 35 -89.96 -14.76 43.64
N ASN I 36 -90.34 -13.72 42.91
CA ASN I 36 -89.76 -13.45 41.60
C ASN I 36 -88.32 -12.95 41.73
N ILE I 37 -88.12 -11.69 41.38
CA ILE I 37 -86.81 -11.05 41.41
C ILE I 37 -85.91 -11.42 42.59
N HIS I 38 -86.50 -11.64 43.76
CA HIS I 38 -85.70 -11.98 44.93
C HIS I 38 -85.10 -13.39 44.90
N GLU I 39 -85.95 -14.41 44.91
CA GLU I 39 -85.50 -15.80 44.91
C GLU I 39 -84.49 -16.09 43.81
N LYS I 40 -84.38 -15.17 42.86
CA LYS I 40 -83.43 -15.32 41.75
C LYS I 40 -82.03 -14.88 42.15
N LYS I 41 -81.90 -13.63 42.60
CA LYS I 41 -80.61 -13.09 42.98
C LYS I 41 -79.88 -13.89 44.05
N GLY I 42 -80.57 -14.89 44.61
CA GLY I 42 -79.95 -15.73 45.61
C GLY I 42 -80.20 -15.38 47.06
N LEU I 43 -80.97 -14.33 47.31
CA LEU I 43 -81.27 -13.90 48.67
C LEU I 43 -82.02 -14.98 49.43
N THR I 44 -82.53 -14.64 50.61
CA THR I 44 -83.27 -15.60 51.43
C THR I 44 -84.54 -14.96 51.98
N LYS I 45 -85.45 -15.79 52.47
CA LYS I 45 -86.70 -15.31 53.04
C LYS I 45 -86.55 -15.25 54.56
N TYR I 46 -86.24 -14.05 55.06
CA TYR I 46 -86.07 -13.87 56.49
C TYR I 46 -87.38 -13.53 57.20
N LYS I 47 -88.09 -14.56 57.64
CA LYS I 47 -89.35 -14.36 58.34
C LYS I 47 -89.08 -14.47 59.82
N SER I 48 -89.12 -13.35 60.53
CA SER I 48 -88.87 -13.34 61.96
C SER I 48 -90.12 -13.02 62.78
N SER I 49 -89.92 -12.50 63.99
CA SER I 49 -91.05 -12.15 64.84
C SER I 49 -91.04 -10.68 65.21
N PRO I 50 -92.21 -10.03 65.12
CA PRO I 50 -92.42 -8.61 65.42
C PRO I 50 -92.50 -8.22 66.88
N GLU I 51 -92.67 -9.16 67.78
CA GLU I 51 -92.76 -8.76 69.18
C GLU I 51 -91.51 -9.04 70.01
N LYS I 52 -90.42 -9.41 69.35
CA LYS I 52 -89.17 -9.68 70.05
C LYS I 52 -88.03 -8.93 69.40
N TRP I 53 -87.22 -8.25 70.21
CA TRP I 53 -86.10 -7.48 69.72
C TRP I 53 -85.12 -8.39 68.99
N SER I 54 -85.13 -9.65 69.38
CA SER I 54 -84.27 -10.67 68.78
C SER I 54 -84.97 -11.99 69.02
N THR I 55 -85.75 -12.42 68.03
CA THR I 55 -86.50 -13.66 68.13
C THR I 55 -85.75 -14.80 68.79
N ALA I 56 -84.44 -14.83 68.63
CA ALA I 56 -83.63 -15.88 69.23
C ALA I 56 -83.37 -15.61 70.70
N SER I 57 -83.57 -14.35 71.10
CA SER I 57 -83.37 -13.88 72.46
C SER I 57 -81.96 -13.33 72.65
N ASP I 58 -81.00 -13.93 71.93
CA ASP I 58 -79.62 -13.50 72.04
C ASP I 58 -79.54 -11.98 71.85
N PRO I 59 -78.43 -11.38 72.28
CA PRO I 59 -78.20 -9.93 72.18
C PRO I 59 -77.95 -9.41 70.79
N TYR I 60 -78.91 -9.59 69.89
CA TYR I 60 -78.75 -9.11 68.53
C TYR I 60 -80.10 -8.93 67.83
N SER I 61 -80.53 -7.67 67.70
CA SER I 61 -81.81 -7.36 67.07
C SER I 61 -81.95 -8.04 65.72
N ASP I 62 -83.10 -8.67 65.49
CA ASP I 62 -83.36 -9.33 64.23
C ASP I 62 -82.76 -8.46 63.14
N PHE I 63 -83.11 -7.18 63.19
CA PHE I 63 -82.62 -6.24 62.21
C PHE I 63 -81.10 -6.27 62.20
N GLU I 64 -80.49 -5.95 63.35
CA GLU I 64 -79.04 -5.94 63.45
C GLU I 64 -78.37 -7.07 62.69
N LYS I 65 -78.99 -8.24 62.68
CA LYS I 65 -78.42 -9.38 61.97
C LYS I 65 -78.53 -9.26 60.46
N VAL I 66 -79.74 -9.39 59.94
CA VAL I 66 -79.96 -9.31 58.50
C VAL I 66 -79.30 -8.09 57.88
N THR I 67 -79.46 -6.93 58.51
CA THR I 67 -78.87 -5.70 57.99
C THR I 67 -77.35 -5.79 57.94
N GLY I 68 -76.78 -6.61 58.82
CA GLY I 68 -75.34 -6.77 58.85
C GLY I 68 -74.66 -5.83 59.83
N ARG I 69 -75.43 -4.91 60.39
CA ARG I 69 -74.92 -3.94 61.35
C ARG I 69 -74.82 -4.63 62.71
N ILE I 70 -73.77 -5.43 62.88
CA ILE I 70 -73.56 -6.19 64.11
C ILE I 70 -72.09 -6.60 64.24
N ASP I 71 -71.70 -7.08 65.41
CA ASP I 71 -70.34 -7.53 65.64
C ASP I 71 -69.98 -8.53 64.55
N LYS I 72 -69.04 -8.13 63.69
CA LYS I 72 -68.64 -8.97 62.58
C LYS I 72 -68.16 -10.38 62.91
N ASN I 73 -67.96 -10.68 64.19
CA ASN I 73 -67.50 -12.01 64.53
C ASN I 73 -68.61 -13.04 64.57
N VAL I 74 -69.84 -12.58 64.82
CA VAL I 74 -70.99 -13.48 64.88
C VAL I 74 -71.00 -14.43 63.71
N SER I 75 -71.07 -15.72 64.00
CA SER I 75 -71.09 -16.76 62.97
C SER I 75 -72.10 -16.40 61.88
N PRO I 76 -71.78 -16.72 60.62
CA PRO I 76 -72.68 -16.42 59.51
C PRO I 76 -74.07 -16.99 59.73
N GLU I 77 -74.16 -18.31 59.80
CA GLU I 77 -75.43 -19.00 59.99
C GLU I 77 -76.24 -18.45 61.16
N ALA I 78 -75.63 -17.58 61.95
CA ALA I 78 -76.31 -17.01 63.10
C ALA I 78 -76.77 -15.61 62.75
N ARG I 79 -76.34 -15.13 61.60
CA ARG I 79 -76.70 -13.80 61.15
C ARG I 79 -78.20 -13.81 60.84
N HIS I 80 -78.80 -14.99 60.87
CA HIS I 80 -80.22 -15.18 60.57
C HIS I 80 -81.09 -15.00 61.82
N PRO I 81 -82.23 -14.31 61.67
CA PRO I 81 -83.18 -14.04 62.75
C PRO I 81 -83.67 -15.23 63.58
N LEU I 82 -83.51 -16.44 63.07
CA LEU I 82 -83.99 -17.60 63.80
C LEU I 82 -82.91 -18.57 64.28
N VAL I 83 -81.65 -18.16 64.18
CA VAL I 83 -80.56 -19.01 64.62
C VAL I 83 -79.85 -18.41 65.82
N ALA I 84 -79.88 -19.13 66.93
CA ALA I 84 -79.26 -18.69 68.16
C ALA I 84 -77.86 -18.15 67.89
N ALA I 85 -77.52 -17.07 68.56
CA ALA I 85 -76.19 -16.48 68.39
C ALA I 85 -75.47 -16.43 69.73
N TYR I 86 -75.40 -17.59 70.39
CA TYR I 86 -74.72 -17.66 71.68
C TYR I 86 -73.40 -18.39 71.57
N PRO I 87 -72.48 -18.15 72.52
CA PRO I 87 -71.17 -18.80 72.52
C PRO I 87 -71.21 -20.14 73.22
N ILE I 88 -70.38 -21.06 72.75
CA ILE I 88 -70.30 -22.38 73.35
C ILE I 88 -68.84 -22.79 73.33
N VAL I 89 -68.25 -22.86 74.51
CA VAL I 89 -66.84 -23.20 74.65
C VAL I 89 -66.59 -24.45 75.46
N HIS I 90 -65.61 -25.24 75.01
CA HIS I 90 -65.23 -26.46 75.69
C HIS I 90 -63.71 -26.47 75.72
N VAL I 91 -63.11 -27.30 76.56
CA VAL I 91 -61.65 -27.33 76.66
C VAL I 91 -60.97 -28.51 75.99
N ASP I 92 -59.94 -28.21 75.20
CA ASP I 92 -59.19 -29.25 74.51
C ASP I 92 -57.83 -29.37 75.18
N MET I 93 -57.43 -30.61 75.41
CA MET I 93 -56.14 -30.91 76.04
C MET I 93 -55.27 -31.65 75.04
N GLU I 94 -54.28 -30.97 74.49
CA GLU I 94 -53.40 -31.58 73.49
C GLU I 94 -52.49 -32.67 74.03
N ASN I 95 -51.84 -32.42 75.16
CA ASN I 95 -50.94 -33.41 75.74
C ASN I 95 -50.70 -33.18 77.22
N ILE I 96 -50.53 -34.28 77.96
CA ILE I 96 -50.29 -34.19 79.39
C ILE I 96 -48.89 -34.70 79.69
N ILE I 97 -48.47 -34.52 80.94
CA ILE I 97 -47.15 -34.94 81.36
C ILE I 97 -47.17 -35.32 82.84
N LEU I 98 -47.11 -36.62 83.08
CA LEU I 98 -47.12 -37.15 84.44
C LEU I 98 -45.70 -37.32 84.94
N SER I 99 -45.45 -36.88 86.17
CA SER I 99 -44.13 -36.99 86.77
C SER I 99 -44.23 -37.21 88.27
N LYS I 100 -43.17 -37.80 88.85
CA LYS I 100 -43.14 -38.07 90.28
C LYS I 100 -42.91 -36.75 91.02
N ASN I 101 -43.81 -36.41 91.94
CA ASN I 101 -43.69 -35.17 92.69
C ASN I 101 -42.30 -35.04 93.29
N GLU I 102 -41.67 -33.90 93.07
CA GLU I 102 -40.32 -33.63 93.58
C GLU I 102 -40.19 -34.03 95.05
N ASP I 110 -31.78 -35.17 89.12
CA ASP I 110 -31.37 -36.39 88.46
C ASP I 110 -32.56 -37.05 87.76
N SER I 111 -33.74 -36.48 87.96
CA SER I 111 -34.96 -37.00 87.34
C SER I 111 -35.19 -36.35 85.98
N GLN I 112 -35.07 -37.15 84.93
CA GLN I 112 -35.26 -36.68 83.56
C GLN I 112 -36.07 -37.68 82.74
N THR I 113 -35.82 -38.97 82.99
CA THR I 113 -36.52 -40.04 82.27
C THR I 113 -37.55 -40.70 83.17
N ARG I 114 -37.68 -40.20 84.39
CA ARG I 114 -38.64 -40.74 85.35
C ARG I 114 -39.99 -40.06 85.11
N THR I 115 -40.16 -39.51 83.91
CA THR I 115 -41.39 -38.82 83.55
C THR I 115 -42.01 -39.29 82.25
N ILE I 116 -43.31 -39.53 82.26
CA ILE I 116 -44.03 -39.98 81.08
C ILE I 116 -44.74 -38.79 80.45
N SER I 117 -44.68 -38.70 79.12
CA SER I 117 -45.32 -37.62 78.40
C SER I 117 -46.05 -38.13 77.16
N LYS I 118 -47.35 -38.37 77.30
CA LYS I 118 -48.15 -38.87 76.19
C LYS I 118 -49.05 -37.78 75.63
N ASN I 119 -49.48 -37.95 74.38
CA ASN I 119 -50.36 -36.99 73.73
C ASN I 119 -51.79 -37.33 74.10
N THR I 120 -52.73 -36.47 73.71
CA THR I 120 -54.13 -36.71 74.03
C THR I 120 -55.10 -36.27 72.93
N SER I 121 -56.28 -36.89 72.93
CA SER I 121 -57.30 -36.58 71.94
C SER I 121 -58.59 -36.14 72.63
N THR I 122 -58.90 -34.85 72.55
CA THR I 122 -60.09 -34.31 73.18
C THR I 122 -61.21 -34.16 72.16
N SER I 123 -62.45 -34.10 72.64
CA SER I 123 -63.61 -33.95 71.76
C SER I 123 -64.89 -33.68 72.57
N ARG I 124 -65.62 -32.63 72.22
CA ARG I 124 -66.84 -32.30 72.93
C ARG I 124 -67.67 -33.57 73.06
N THR I 125 -68.49 -33.64 74.08
CA THR I 125 -69.32 -34.82 74.31
C THR I 125 -70.78 -34.44 74.43
N HIS I 126 -71.61 -35.43 74.78
CA HIS I 126 -73.04 -35.19 74.94
C HIS I 126 -73.70 -36.39 75.60
N THR I 127 -73.02 -36.95 76.60
CA THR I 127 -73.50 -38.11 77.35
C THR I 127 -75.02 -38.23 77.44
N SER I 128 -75.53 -39.38 77.02
CA SER I 128 -76.97 -39.64 77.06
C SER I 128 -77.26 -40.55 78.26
N GLU I 129 -78.37 -41.29 78.20
CA GLU I 129 -78.74 -42.19 79.27
C GLU I 129 -78.12 -43.57 79.09
N VAL I 130 -78.29 -44.43 80.08
CA VAL I 130 -77.75 -45.78 80.04
C VAL I 130 -78.65 -46.71 79.23
N HIS I 131 -78.51 -48.01 79.46
CA HIS I 131 -79.31 -49.01 78.77
C HIS I 131 -80.68 -49.13 79.40
N GLY I 132 -80.71 -49.55 80.67
CA GLY I 132 -81.96 -49.70 81.37
C GLY I 132 -81.87 -50.63 82.56
N ASN I 133 -80.93 -50.36 83.46
CA ASN I 133 -80.73 -51.18 84.64
C ASN I 133 -79.91 -50.46 85.71
N ALA I 134 -79.22 -49.39 85.31
CA ALA I 134 -78.40 -48.62 86.25
C ALA I 134 -79.23 -48.15 87.43
N GLU I 135 -78.97 -48.71 88.60
CA GLU I 135 -79.70 -48.35 89.81
C GLU I 135 -79.65 -46.85 90.08
N VAL I 136 -80.73 -46.15 89.78
CA VAL I 136 -80.80 -44.71 90.00
C VAL I 136 -81.70 -44.41 91.19
N HIS I 137 -81.26 -43.51 92.05
CA HIS I 137 -82.02 -43.15 93.24
C HIS I 137 -83.47 -42.83 92.93
N ALA I 138 -84.34 -43.09 93.89
CA ALA I 138 -85.78 -42.87 93.75
C ALA I 138 -86.12 -41.47 93.22
N SER I 139 -85.25 -40.51 93.49
CA SER I 139 -85.47 -39.14 93.04
C SER I 139 -85.26 -38.99 91.54
N PHE I 140 -85.41 -40.10 90.80
CA PHE I 140 -85.24 -40.07 89.35
C PHE I 140 -86.55 -39.89 88.61
N PHE I 141 -87.63 -40.41 89.16
CA PHE I 141 -88.93 -40.30 88.52
C PHE I 141 -89.77 -39.17 89.11
N ASP I 142 -89.12 -38.07 89.47
CA ASP I 142 -89.81 -36.92 90.03
C ASP I 142 -89.84 -35.79 89.01
N ILE I 143 -90.38 -34.65 89.40
CA ILE I 143 -90.46 -33.50 88.50
C ILE I 143 -89.16 -32.71 88.54
N GLY I 144 -88.45 -32.70 87.42
CA GLY I 144 -87.19 -31.98 87.34
C GLY I 144 -86.08 -32.70 88.08
N GLY I 145 -86.45 -33.40 89.14
CA GLY I 145 -85.47 -34.13 89.93
C GLY I 145 -84.81 -35.28 89.19
N SER I 146 -83.52 -35.14 88.94
CA SER I 146 -82.73 -36.17 88.25
C SER I 146 -83.17 -36.42 86.82
N VAL I 147 -84.32 -35.87 86.43
CA VAL I 147 -84.81 -36.05 85.07
C VAL I 147 -84.01 -35.17 84.11
N SER I 148 -82.76 -35.57 83.87
CA SER I 148 -81.87 -34.83 82.99
C SER I 148 -82.33 -34.96 81.54
N ALA I 149 -83.38 -35.75 81.32
CA ALA I 149 -83.93 -35.96 79.99
C ALA I 149 -82.85 -36.47 79.03
N GLY I 150 -81.89 -37.22 79.58
CA GLY I 150 -80.80 -37.75 78.76
C GLY I 150 -79.64 -36.79 78.68
N PHE I 151 -79.88 -35.63 78.08
CA PHE I 151 -78.85 -34.61 77.92
C PHE I 151 -79.41 -33.21 78.07
N SER I 152 -78.63 -32.32 78.70
CA SER I 152 -79.07 -30.95 78.90
C SER I 152 -77.95 -29.93 78.65
N ASN I 153 -78.18 -28.70 79.10
CA ASN I 153 -77.23 -27.61 78.91
C ASN I 153 -76.02 -27.67 79.84
N SER I 154 -74.84 -27.81 79.24
CA SER I 154 -73.57 -27.88 79.97
C SER I 154 -72.48 -28.43 79.08
N ASN I 155 -71.35 -27.73 79.04
CA ASN I 155 -70.22 -28.15 78.22
C ASN I 155 -69.33 -29.13 78.97
N SER I 156 -69.09 -30.29 78.37
CA SER I 156 -68.25 -31.31 78.98
C SER I 156 -67.43 -32.05 77.93
N SER I 157 -66.15 -31.70 77.83
CA SER I 157 -65.27 -32.34 76.87
C SER I 157 -64.69 -33.61 77.47
N THR I 158 -63.99 -34.39 76.66
CA THR I 158 -63.40 -35.63 77.14
C THR I 158 -62.10 -35.93 76.42
N VAL I 159 -61.05 -36.17 77.20
CA VAL I 159 -59.74 -36.48 76.64
C VAL I 159 -59.40 -37.94 76.86
N ALA I 160 -58.45 -38.42 76.07
CA ALA I 160 -57.99 -39.80 76.15
C ALA I 160 -56.48 -39.72 76.03
N ILE I 161 -55.78 -40.50 76.84
CA ILE I 161 -54.32 -40.49 76.81
C ILE I 161 -53.75 -41.53 75.87
N ASP I 162 -52.85 -41.10 75.00
CA ASP I 162 -52.20 -41.98 74.05
C ASP I 162 -51.74 -43.25 74.76
N HIS I 163 -52.37 -44.37 74.43
CA HIS I 163 -52.05 -45.64 75.07
C HIS I 163 -50.82 -46.30 74.46
N SER I 164 -50.30 -45.73 73.38
CA SER I 164 -49.14 -46.28 72.71
C SER I 164 -47.87 -46.16 73.56
N LEU I 165 -46.72 -46.35 72.94
CA LEU I 165 -45.44 -46.28 73.64
C LEU I 165 -44.75 -44.94 73.51
N SER I 166 -43.77 -44.71 74.38
CA SER I 166 -43.01 -43.46 74.36
C SER I 166 -41.53 -43.80 74.38
N LEU I 167 -41.20 -44.91 75.02
CA LEU I 167 -39.82 -45.37 75.12
C LEU I 167 -39.68 -46.77 74.52
N ALA I 168 -38.69 -47.52 74.99
CA ALA I 168 -38.45 -48.87 74.48
C ALA I 168 -39.45 -49.88 75.03
N GLY I 169 -38.93 -50.82 75.83
CA GLY I 169 -39.79 -51.84 76.40
C GLY I 169 -40.51 -51.40 77.67
N GLU I 170 -40.83 -50.12 77.77
CA GLU I 170 -41.53 -49.61 78.96
C GLU I 170 -42.70 -50.52 79.31
N ARG I 171 -43.08 -50.50 80.58
CA ARG I 171 -44.19 -51.34 81.05
C ARG I 171 -44.68 -50.83 82.39
N THR I 172 -45.98 -50.57 82.48
CA THR I 172 -46.60 -50.07 83.70
C THR I 172 -45.94 -48.76 84.13
N TRP I 173 -46.60 -47.65 83.85
CA TRP I 173 -46.07 -46.34 84.19
C TRP I 173 -45.32 -46.39 85.51
N ALA I 174 -45.82 -47.19 86.44
CA ALA I 174 -45.20 -47.35 87.74
C ALA I 174 -43.69 -47.47 87.62
N GLU I 175 -43.22 -48.67 87.28
CA GLU I 175 -41.79 -48.93 87.14
C GLU I 175 -41.10 -47.89 86.26
N THR I 176 -41.85 -47.33 85.31
CA THR I 176 -41.32 -46.33 84.40
C THR I 176 -40.89 -45.08 85.16
N MET I 177 -41.77 -44.57 86.00
CA MET I 177 -41.50 -43.37 86.79
C MET I 177 -40.81 -43.73 88.10
N GLY I 178 -41.41 -44.67 88.82
CA GLY I 178 -40.86 -45.09 90.09
C GLY I 178 -41.76 -44.62 91.22
N LEU I 179 -43.05 -44.92 91.11
CA LEU I 179 -44.01 -44.53 92.13
C LEU I 179 -44.38 -45.70 93.04
N ASN I 180 -44.22 -45.50 94.34
CA ASN I 180 -44.54 -46.52 95.33
C ASN I 180 -45.62 -46.00 96.26
N THR I 181 -46.44 -46.92 96.77
CA THR I 181 -47.54 -46.60 97.67
C THR I 181 -47.48 -45.24 98.36
N ALA I 182 -46.35 -44.94 99.02
CA ALA I 182 -46.20 -43.68 99.73
C ALA I 182 -45.59 -42.58 98.87
N ASP I 183 -46.12 -42.40 97.67
CA ASP I 183 -45.62 -41.37 96.77
C ASP I 183 -46.74 -40.56 96.14
N THR I 184 -46.39 -39.37 95.67
CA THR I 184 -47.35 -38.47 95.04
C THR I 184 -46.88 -38.11 93.63
N ALA I 185 -47.81 -38.12 92.70
CA ALA I 185 -47.51 -37.79 91.31
C ALA I 185 -48.17 -36.48 90.92
N ARG I 186 -47.38 -35.59 90.31
CA ARG I 186 -47.88 -34.30 89.89
C ARG I 186 -48.24 -34.32 88.42
N LEU I 187 -49.45 -33.87 88.11
CA LEU I 187 -49.94 -33.82 86.74
C LEU I 187 -49.73 -32.42 86.17
N ASN I 188 -49.61 -32.35 84.85
CA ASN I 188 -49.41 -31.09 84.17
C ASN I 188 -49.81 -31.32 82.72
N ALA I 189 -50.32 -30.28 82.05
CA ALA I 189 -50.73 -30.44 80.66
C ALA I 189 -50.85 -29.11 79.93
N ASN I 190 -51.00 -29.19 78.62
CA ASN I 190 -51.16 -28.02 77.77
C ASN I 190 -52.55 -28.08 77.18
N ILE I 191 -53.39 -27.12 77.54
CA ILE I 191 -54.75 -27.10 77.04
C ILE I 191 -55.07 -25.78 76.39
N ARG I 192 -56.11 -25.79 75.56
CA ARG I 192 -56.56 -24.61 74.84
C ARG I 192 -58.07 -24.51 74.81
N TYR I 193 -58.58 -23.32 75.15
CA TYR I 193 -60.01 -23.10 75.14
C TYR I 193 -60.37 -23.00 73.67
N VAL I 194 -61.56 -23.45 73.31
CA VAL I 194 -62.00 -23.38 71.92
C VAL I 194 -63.50 -23.22 71.84
N ASN I 195 -63.92 -22.17 71.15
CA ASN I 195 -65.33 -21.87 70.98
C ASN I 195 -65.93 -22.65 69.83
N THR I 196 -67.12 -23.19 70.06
CA THR I 196 -67.80 -23.99 69.04
C THR I 196 -69.15 -23.42 68.64
N GLY I 197 -69.64 -22.47 69.43
CA GLY I 197 -70.93 -21.88 69.15
C GLY I 197 -71.11 -21.01 67.92
N THR I 198 -71.74 -19.86 68.12
CA THR I 198 -72.02 -18.91 67.05
C THR I 198 -71.69 -17.48 67.44
N ALA I 199 -71.34 -17.27 68.71
CA ALA I 199 -70.99 -15.95 69.21
C ALA I 199 -69.60 -15.98 69.84
N PRO I 200 -68.96 -14.81 69.96
CA PRO I 200 -67.62 -14.75 70.57
C PRO I 200 -67.61 -14.23 72.00
N ILE I 201 -66.54 -14.53 72.74
CA ILE I 201 -66.39 -14.04 74.11
C ILE I 201 -65.20 -13.10 74.09
N TYR I 202 -65.36 -11.91 74.65
CA TYR I 202 -64.27 -10.93 74.61
C TYR I 202 -63.34 -10.77 75.81
N ASN I 203 -63.62 -11.43 76.92
CA ASN I 203 -62.74 -11.29 78.09
C ASN I 203 -62.62 -12.50 79.01
N VAL I 204 -63.43 -12.53 80.07
CA VAL I 204 -63.37 -13.63 81.03
C VAL I 204 -63.68 -14.99 80.43
N LEU I 205 -62.73 -15.91 80.48
CA LEU I 205 -62.92 -17.26 79.97
C LEU I 205 -63.65 -18.09 81.02
N PRO I 206 -64.10 -19.29 80.65
CA PRO I 206 -64.83 -20.18 81.56
C PRO I 206 -63.98 -20.82 82.65
N THR I 207 -64.65 -21.26 83.71
CA THR I 207 -64.02 -21.90 84.85
C THR I 207 -64.15 -23.40 84.71
N THR I 208 -63.32 -24.01 83.87
CA THR I 208 -63.39 -25.45 83.66
C THR I 208 -62.68 -26.24 84.74
N SER I 209 -63.30 -27.34 85.15
CA SER I 209 -62.76 -28.21 86.19
C SER I 209 -62.37 -29.58 85.64
N LEU I 210 -61.14 -30.00 85.92
CA LEU I 210 -60.62 -31.28 85.45
C LEU I 210 -60.99 -32.40 86.42
N VAL I 211 -61.71 -33.40 85.92
CA VAL I 211 -62.13 -34.52 86.75
C VAL I 211 -61.51 -35.84 86.30
N LEU I 212 -61.47 -36.79 87.23
CA LEU I 212 -60.91 -38.11 86.98
C LEU I 212 -61.86 -39.18 87.52
N GLY I 213 -62.52 -39.89 86.62
CA GLY I 213 -63.46 -40.91 87.05
C GLY I 213 -64.87 -40.38 87.12
N LYS I 214 -65.58 -40.66 88.22
CA LYS I 214 -66.95 -40.21 88.37
C LYS I 214 -67.15 -38.99 89.27
N ASN I 215 -66.12 -38.63 90.03
CA ASN I 215 -66.23 -37.47 90.91
C ASN I 215 -64.90 -36.95 91.43
N GLN I 216 -63.85 -37.72 91.25
CA GLN I 216 -62.53 -37.31 91.73
C GLN I 216 -61.98 -36.14 90.92
N THR I 217 -62.14 -34.94 91.47
CA THR I 217 -61.66 -33.73 90.81
C THR I 217 -60.17 -33.58 91.05
N LEU I 218 -59.39 -33.42 89.99
CA LEU I 218 -57.95 -33.28 90.12
C LEU I 218 -57.52 -31.83 90.22
N ALA I 219 -58.42 -30.92 89.86
CA ALA I 219 -58.14 -29.48 89.90
C ALA I 219 -59.26 -28.72 89.23
N THR I 220 -59.19 -27.39 89.31
CA THR I 220 -60.20 -26.54 88.69
C THR I 220 -59.51 -25.34 88.06
N ILE I 221 -59.32 -25.41 86.74
CA ILE I 221 -58.66 -24.34 86.02
C ILE I 221 -59.57 -23.18 85.64
N LYS I 222 -59.14 -21.98 86.01
CA LYS I 222 -59.90 -20.75 85.76
C LYS I 222 -58.95 -19.56 85.66
N ALA I 223 -58.15 -19.51 84.60
CA ALA I 223 -57.19 -18.42 84.40
C ALA I 223 -57.82 -17.06 84.71
N LYS I 224 -57.01 -16.16 85.25
CA LYS I 224 -57.44 -14.82 85.64
C LYS I 224 -58.40 -14.13 84.68
N GLU I 225 -59.28 -13.31 85.25
CA GLU I 225 -60.28 -12.56 84.48
C GLU I 225 -59.71 -11.24 84.00
N ASN I 226 -60.19 -10.77 82.86
CA ASN I 226 -59.72 -9.51 82.28
C ASN I 226 -58.24 -9.58 81.92
N GLN I 227 -57.58 -10.60 82.48
CA GLN I 227 -56.16 -10.81 82.24
C GLN I 227 -55.89 -10.87 80.75
N LEU I 228 -56.86 -11.37 80.00
CA LEU I 228 -56.72 -11.47 78.55
C LEU I 228 -57.69 -10.56 77.83
N SER I 229 -57.26 -10.04 76.69
CA SER I 229 -58.09 -9.16 75.88
C SER I 229 -58.31 -9.83 74.53
N GLN I 230 -57.69 -11.00 74.37
CA GLN I 230 -57.83 -11.76 73.13
C GLN I 230 -59.29 -12.12 72.95
N ILE I 231 -59.67 -12.52 71.75
CA ILE I 231 -61.06 -12.85 71.48
C ILE I 231 -61.25 -14.33 71.20
N LEU I 232 -62.28 -14.90 71.81
CA LEU I 232 -62.61 -16.30 71.64
C LEU I 232 -63.69 -16.43 70.57
N ALA I 233 -63.31 -16.15 69.33
CA ALA I 233 -64.23 -16.22 68.21
C ALA I 233 -64.72 -17.63 67.92
N PRO I 234 -65.78 -17.75 67.10
CA PRO I 234 -66.34 -19.06 66.76
C PRO I 234 -65.29 -19.91 66.03
N ASN I 235 -65.54 -21.22 65.98
CA ASN I 235 -64.62 -22.14 65.33
C ASN I 235 -63.23 -21.54 65.27
N ASN I 236 -62.65 -21.33 66.45
CA ASN I 236 -61.32 -20.75 66.55
C ASN I 236 -60.76 -21.01 67.96
N TYR I 237 -59.77 -21.87 68.04
CA TYR I 237 -59.14 -22.20 69.32
C TYR I 237 -58.63 -20.95 70.02
N TYR I 238 -58.89 -20.82 71.32
CA TYR I 238 -58.45 -19.65 72.07
C TYR I 238 -57.01 -19.27 71.81
N PRO I 239 -56.07 -20.02 72.40
CA PRO I 239 -54.68 -19.65 72.13
C PRO I 239 -54.39 -19.98 70.67
N SER I 240 -54.77 -19.06 69.79
CA SER I 240 -54.58 -19.21 68.35
C SER I 240 -53.65 -20.36 68.00
N LYS I 241 -54.17 -21.34 67.25
CA LYS I 241 -53.39 -22.50 66.84
C LYS I 241 -51.96 -22.12 66.44
N ASN I 242 -51.77 -20.85 66.08
CA ASN I 242 -50.46 -20.35 65.67
C ASN I 242 -49.72 -19.70 66.83
N LEU I 243 -49.98 -20.18 68.04
CA LEU I 243 -49.33 -19.64 69.23
C LEU I 243 -48.95 -20.75 70.21
N ALA I 244 -48.70 -20.37 71.45
CA ALA I 244 -48.31 -21.33 72.48
C ALA I 244 -49.49 -21.75 73.34
N PRO I 245 -49.87 -23.04 73.26
CA PRO I 245 -50.98 -23.58 74.04
C PRO I 245 -50.82 -23.34 75.53
N ILE I 246 -51.90 -22.90 76.18
CA ILE I 246 -51.87 -22.66 77.62
C ILE I 246 -51.50 -23.94 78.34
N ALA I 247 -50.76 -23.81 79.45
CA ALA I 247 -50.34 -24.96 80.23
C ALA I 247 -50.84 -24.92 81.68
N LEU I 248 -51.44 -26.04 82.13
CA LEU I 248 -51.97 -26.14 83.47
C LEU I 248 -50.85 -25.92 84.49
N ASN I 249 -51.23 -25.60 85.73
CA ASN I 249 -50.29 -25.36 86.81
C ASN I 249 -48.83 -25.45 86.39
N ALA I 250 -48.36 -24.41 85.69
CA ALA I 250 -46.98 -24.38 85.21
C ALA I 250 -46.54 -22.95 84.89
N GLN I 251 -47.30 -21.98 85.38
CA GLN I 251 -46.97 -20.58 85.12
C GLN I 251 -47.84 -19.63 85.91
N SER I 255 -48.58 -19.93 90.00
CA SER I 255 -49.10 -21.07 90.75
C SER I 255 -48.18 -21.41 91.94
N SER I 256 -48.76 -21.99 92.99
CA SER I 256 -48.03 -22.36 94.20
C SER I 256 -48.52 -23.73 94.68
N THR I 257 -49.63 -24.17 94.11
CA THR I 257 -50.21 -25.47 94.46
C THR I 257 -50.53 -26.23 93.18
N PRO I 258 -49.65 -27.16 92.78
CA PRO I 258 -49.80 -27.98 91.58
C PRO I 258 -50.99 -28.93 91.61
N ILE I 259 -50.82 -30.10 91.00
CA ILE I 259 -51.87 -31.10 90.93
C ILE I 259 -51.45 -32.37 91.66
N THR I 260 -52.05 -32.59 92.82
CA THR I 260 -51.74 -33.75 93.64
C THR I 260 -52.44 -35.00 93.12
N MET I 261 -51.72 -36.12 93.15
CA MET I 261 -52.26 -37.39 92.70
C MET I 261 -51.52 -38.53 93.41
N ASN I 262 -52.25 -39.26 94.26
CA ASN I 262 -51.66 -40.37 95.01
C ASN I 262 -51.59 -41.65 94.19
N TYR I 263 -50.82 -42.61 94.68
CA TYR I 263 -50.63 -43.89 94.02
C TYR I 263 -51.92 -44.53 93.53
N ASN I 264 -52.92 -44.59 94.40
CA ASN I 264 -54.20 -45.18 94.03
C ASN I 264 -54.83 -44.45 92.85
N GLN I 265 -54.73 -43.12 92.87
CA GLN I 265 -55.29 -42.31 91.78
C GLN I 265 -54.47 -42.54 90.52
N PHE I 266 -53.17 -42.25 90.61
CA PHE I 266 -52.26 -42.43 89.50
C PHE I 266 -52.47 -43.80 88.90
N LEU I 267 -52.94 -44.73 89.71
CA LEU I 267 -53.20 -46.09 89.25
C LEU I 267 -54.41 -46.06 88.33
N GLU I 268 -55.52 -45.51 88.81
CA GLU I 268 -56.75 -45.43 88.01
C GLU I 268 -56.46 -44.79 86.66
N LEU I 269 -55.79 -43.65 86.69
CA LEU I 269 -55.45 -42.93 85.46
C LEU I 269 -54.95 -43.92 84.42
N GLU I 270 -54.02 -44.77 84.82
CA GLU I 270 -53.46 -45.77 83.91
C GLU I 270 -54.52 -46.78 83.49
N LYS I 271 -55.39 -47.15 84.41
CA LYS I 271 -56.44 -48.13 84.12
C LYS I 271 -57.43 -47.70 83.03
N THR I 272 -57.55 -46.39 82.79
CA THR I 272 -58.47 -45.89 81.77
C THR I 272 -57.79 -44.97 80.78
N LYS I 273 -56.69 -44.37 81.20
CA LYS I 273 -55.95 -43.45 80.35
C LYS I 273 -56.85 -42.35 79.80
N GLN I 274 -57.80 -41.90 80.62
CA GLN I 274 -58.71 -40.83 80.20
C GLN I 274 -59.19 -39.94 81.34
N LEU I 275 -59.27 -38.65 81.06
CA LEU I 275 -59.72 -37.65 82.03
C LEU I 275 -60.95 -36.97 81.46
N ARG I 276 -61.65 -36.20 82.28
CA ARG I 276 -62.85 -35.50 81.84
C ARG I 276 -62.70 -33.99 82.09
N LEU I 277 -63.29 -33.18 81.21
CA LEU I 277 -63.23 -31.73 81.36
C LEU I 277 -64.60 -31.08 81.31
N ASP I 278 -65.04 -30.58 82.45
CA ASP I 278 -66.34 -29.91 82.54
C ASP I 278 -66.11 -28.41 82.58
N THR I 279 -66.94 -27.67 81.86
CA THR I 279 -66.80 -26.23 81.79
C THR I 279 -68.10 -25.51 82.09
N ASP I 280 -68.02 -24.46 82.90
CA ASP I 280 -69.20 -23.67 83.26
C ASP I 280 -69.67 -22.87 82.07
N GLN I 281 -70.52 -21.87 82.32
CA GLN I 281 -71.03 -21.04 81.24
C GLN I 281 -70.82 -19.56 81.47
N VAL I 282 -70.16 -19.20 82.56
CA VAL I 282 -69.93 -17.80 82.84
C VAL I 282 -68.95 -17.25 81.81
N TYR I 283 -69.48 -16.53 80.82
CA TYR I 283 -68.63 -15.95 79.80
C TYR I 283 -68.54 -14.47 80.03
N GLY I 284 -67.52 -13.84 79.47
CA GLY I 284 -67.35 -12.41 79.65
C GLY I 284 -68.56 -11.64 79.16
N ASN I 285 -68.55 -10.32 79.32
CA ASN I 285 -69.66 -9.50 78.87
C ASN I 285 -69.80 -9.64 77.37
N ILE I 286 -70.84 -9.02 76.79
CA ILE I 286 -71.06 -9.11 75.36
C ILE I 286 -70.73 -7.87 74.56
N ALA I 287 -70.37 -8.08 73.29
CA ALA I 287 -70.02 -7.00 72.39
C ALA I 287 -71.22 -6.65 71.54
N THR I 288 -71.72 -5.42 71.66
CA THR I 288 -72.89 -4.98 70.90
C THR I 288 -72.60 -3.84 69.92
N TYR I 289 -73.58 -3.55 69.07
CA TYR I 289 -73.47 -2.49 68.07
C TYR I 289 -73.69 -1.11 68.67
N ASN I 290 -73.79 -0.09 67.82
CA ASN I 290 -74.01 1.29 68.27
C ASN I 290 -74.25 2.21 67.08
N PHE I 291 -75.47 2.17 66.55
CA PHE I 291 -75.87 2.98 65.40
C PHE I 291 -75.19 4.35 65.28
N GLU I 292 -75.15 5.11 66.36
CA GLU I 292 -74.55 6.44 66.38
C GLU I 292 -73.32 6.57 65.48
N ASN I 293 -72.24 5.91 65.86
CA ASN I 293 -71.00 5.96 65.09
C ASN I 293 -70.59 4.58 64.63
N GLY I 294 -71.57 3.70 64.48
CA GLY I 294 -71.30 2.34 64.05
C GLY I 294 -70.06 1.73 64.65
N ARG I 295 -70.06 1.56 65.97
CA ARG I 295 -68.91 0.97 66.65
C ARG I 295 -69.29 -0.31 67.42
N VAL I 296 -68.30 -1.17 67.59
CA VAL I 296 -68.50 -2.43 68.31
C VAL I 296 -68.00 -2.23 69.73
N ARG I 297 -68.94 -2.17 70.68
CA ARG I 297 -68.56 -1.98 72.07
C ARG I 297 -68.94 -3.16 72.96
N VAL I 298 -68.23 -3.27 74.07
CA VAL I 298 -68.47 -4.33 75.03
C VAL I 298 -69.24 -3.73 76.20
N ASP I 299 -70.56 -3.92 76.22
CA ASP I 299 -71.38 -3.36 77.29
C ASP I 299 -71.26 -4.12 78.59
N THR I 300 -70.71 -3.47 79.59
CA THR I 300 -70.55 -4.07 80.91
C THR I 300 -71.94 -4.35 81.49
N GLY I 301 -72.97 -3.83 80.84
CA GLY I 301 -74.32 -4.02 81.31
C GLY I 301 -75.01 -5.28 80.82
N SER I 302 -74.42 -5.95 79.83
CA SER I 302 -75.02 -7.15 79.29
C SER I 302 -74.04 -8.32 79.22
N ASN I 303 -74.24 -9.30 80.09
CA ASN I 303 -73.39 -10.48 80.14
C ASN I 303 -74.27 -11.69 79.82
N TRP I 304 -73.74 -12.63 79.05
CA TRP I 304 -74.49 -13.82 78.66
C TRP I 304 -75.24 -14.43 79.82
N SER I 305 -74.59 -14.53 80.98
CA SER I 305 -75.20 -15.11 82.16
C SER I 305 -76.61 -14.58 82.40
N GLU I 306 -76.93 -13.44 81.79
CA GLU I 306 -78.25 -12.85 81.93
C GLU I 306 -79.10 -13.28 80.74
N VAL I 307 -78.61 -12.95 79.55
CA VAL I 307 -79.29 -13.25 78.30
C VAL I 307 -78.69 -14.45 77.60
N LEU I 308 -78.96 -15.63 78.15
CA LEU I 308 -78.49 -16.87 77.58
C LEU I 308 -79.47 -17.96 77.96
N PRO I 309 -79.92 -17.97 79.22
CA PRO I 309 -80.88 -19.00 79.63
C PRO I 309 -82.09 -18.94 78.71
N GLN I 310 -82.53 -17.72 78.40
CA GLN I 310 -83.68 -17.52 77.53
C GLN I 310 -83.54 -18.37 76.28
N ILE I 311 -82.41 -18.23 75.60
CA ILE I 311 -82.15 -19.00 74.39
C ILE I 311 -82.50 -20.46 74.62
N GLN I 312 -81.98 -21.02 75.70
CA GLN I 312 -82.22 -22.42 76.02
C GLN I 312 -83.66 -22.69 76.45
N GLU I 313 -84.39 -21.65 76.81
CA GLU I 313 -85.78 -21.79 77.24
C GLU I 313 -86.79 -21.42 76.17
N THR I 314 -86.30 -21.04 75.00
CA THR I 314 -87.19 -20.66 73.91
C THR I 314 -86.62 -20.99 72.56
N THR I 315 -86.09 -22.19 72.41
CA THR I 315 -85.53 -22.61 71.13
C THR I 315 -85.50 -24.14 71.01
N ALA I 316 -84.98 -24.59 69.87
CA ALA I 316 -84.87 -26.01 69.60
C ALA I 316 -83.37 -26.27 69.47
N ARG I 317 -82.89 -27.29 70.18
CA ARG I 317 -81.48 -27.63 70.12
C ARG I 317 -81.26 -28.83 69.21
N ILE I 318 -80.30 -28.71 68.30
CA ILE I 318 -80.01 -29.80 67.38
C ILE I 318 -78.52 -30.08 67.35
N ILE I 319 -78.15 -31.31 67.68
CA ILE I 319 -76.75 -31.71 67.68
C ILE I 319 -76.45 -32.51 66.43
N PHE I 320 -75.76 -31.89 65.49
CA PHE I 320 -75.42 -32.53 64.22
C PHE I 320 -73.91 -32.63 64.09
N ASN I 321 -73.44 -33.63 63.35
CA ASN I 321 -72.02 -33.81 63.17
C ASN I 321 -71.68 -34.11 61.71
N GLY I 322 -71.79 -33.10 60.87
CA GLY I 322 -71.50 -33.28 59.47
C GLY I 322 -70.17 -32.65 59.09
N LYS I 323 -69.95 -31.42 59.55
CA LYS I 323 -68.71 -30.70 59.26
C LYS I 323 -67.53 -31.60 59.62
N ASP I 324 -67.77 -32.50 60.54
CA ASP I 324 -66.79 -33.48 61.01
C ASP I 324 -67.55 -34.49 61.83
N LEU I 325 -66.88 -35.12 62.78
CA LEU I 325 -67.55 -36.09 63.63
C LEU I 325 -67.72 -35.51 65.03
N ASN I 326 -67.32 -34.25 65.18
CA ASN I 326 -67.42 -33.54 66.45
C ASN I 326 -68.80 -32.92 66.60
N LEU I 327 -69.53 -33.36 67.63
CA LEU I 327 -70.87 -32.87 67.89
C LEU I 327 -70.95 -31.35 67.85
N VAL I 328 -71.70 -30.82 66.90
CA VAL I 328 -71.88 -29.39 66.76
C VAL I 328 -73.26 -29.03 67.29
N GLU I 329 -73.33 -27.97 68.09
CA GLU I 329 -74.62 -27.56 68.64
C GLU I 329 -75.13 -26.28 68.00
N ARG I 330 -76.45 -26.14 67.96
CA ARG I 330 -77.11 -24.98 67.39
C ARG I 330 -78.55 -24.98 67.84
N ARG I 331 -79.08 -23.79 68.10
CA ARG I 331 -80.46 -23.67 68.53
C ARG I 331 -81.23 -22.82 67.54
N ILE I 332 -82.44 -23.26 67.18
CA ILE I 332 -83.27 -22.52 66.25
C ILE I 332 -84.42 -21.88 66.98
N ALA I 333 -84.86 -20.74 66.45
CA ALA I 333 -85.95 -19.99 67.03
C ALA I 333 -87.26 -20.75 66.96
N ALA I 334 -87.42 -21.73 67.84
CA ALA I 334 -88.65 -22.52 67.87
C ALA I 334 -89.74 -21.68 68.51
N VAL I 335 -90.89 -22.30 68.77
CA VAL I 335 -92.00 -21.59 69.38
C VAL I 335 -92.60 -22.40 70.51
N ASN I 336 -93.23 -21.71 71.45
CA ASN I 336 -93.85 -22.37 72.58
C ASN I 336 -95.31 -21.98 72.56
N PRO I 337 -96.21 -22.96 72.72
CA PRO I 337 -97.66 -22.70 72.72
C PRO I 337 -98.17 -21.99 73.96
N SER I 338 -97.62 -22.36 75.12
CA SER I 338 -98.05 -21.77 76.38
C SER I 338 -97.64 -20.30 76.54
N ASP I 339 -96.72 -19.85 75.68
CA ASP I 339 -96.24 -18.48 75.75
C ASP I 339 -96.77 -17.56 74.65
N PRO I 340 -97.63 -16.61 75.02
CA PRO I 340 -98.20 -15.68 74.04
C PRO I 340 -97.08 -15.13 73.17
N LEU I 341 -96.23 -14.32 73.78
CA LEU I 341 -95.11 -13.73 73.07
C LEU I 341 -94.42 -14.74 72.17
N GLU I 342 -93.97 -15.84 72.76
CA GLU I 342 -93.27 -16.87 72.02
C GLU I 342 -94.10 -17.53 70.93
N THR I 343 -95.23 -16.93 70.60
CA THR I 343 -96.09 -17.45 69.55
C THR I 343 -95.94 -16.47 68.41
N THR I 344 -95.43 -15.30 68.73
CA THR I 344 -95.21 -14.24 67.76
C THR I 344 -94.09 -14.69 66.84
N LYS I 345 -93.46 -15.78 67.21
CA LYS I 345 -92.35 -16.33 66.45
C LYS I 345 -92.83 -17.07 65.21
N PRO I 346 -91.97 -17.17 64.19
CA PRO I 346 -92.32 -17.85 62.94
C PRO I 346 -92.36 -19.36 63.18
N ASP I 347 -93.44 -20.02 62.76
CA ASP I 347 -93.55 -21.48 62.92
C ASP I 347 -92.30 -22.15 62.36
N MET I 348 -91.78 -23.14 63.06
CA MET I 348 -90.59 -23.81 62.58
C MET I 348 -90.78 -25.27 62.22
N THR I 349 -90.07 -25.69 61.17
CA THR I 349 -90.13 -27.05 60.66
C THR I 349 -88.74 -27.67 60.74
N LEU I 350 -88.69 -28.94 61.13
CA LEU I 350 -87.43 -29.66 61.26
C LEU I 350 -86.60 -29.46 59.99
N LYS I 351 -87.25 -29.55 58.83
CA LYS I 351 -86.56 -29.37 57.57
C LYS I 351 -85.91 -27.99 57.53
N GLU I 352 -86.73 -26.95 57.37
CA GLU I 352 -86.25 -25.58 57.32
C GLU I 352 -85.12 -25.40 58.33
N ALA I 353 -85.28 -25.99 59.51
CA ALA I 353 -84.27 -25.90 60.55
C ALA I 353 -82.92 -26.38 60.03
N LEU I 354 -82.83 -27.66 59.68
CA LEU I 354 -81.58 -28.23 59.18
C LEU I 354 -80.99 -27.48 57.99
N LYS I 355 -81.76 -26.55 57.43
CA LYS I 355 -81.27 -25.78 56.29
C LYS I 355 -80.44 -24.59 56.75
N ILE I 356 -80.97 -23.84 57.71
CA ILE I 356 -80.28 -22.67 58.24
C ILE I 356 -79.36 -23.02 59.41
N ALA I 357 -79.80 -23.94 60.25
CA ALA I 357 -79.04 -24.36 61.41
C ALA I 357 -77.64 -24.83 61.05
N PHE I 358 -77.53 -25.72 60.06
CA PHE I 358 -76.24 -26.25 59.67
C PHE I 358 -75.89 -25.98 58.21
N GLY I 359 -76.91 -26.01 57.34
CA GLY I 359 -76.65 -25.75 55.94
C GLY I 359 -77.17 -26.78 54.95
N PHE I 360 -78.04 -27.69 55.38
CA PHE I 360 -78.58 -28.70 54.47
C PHE I 360 -79.23 -27.99 53.29
N ASN I 361 -79.14 -28.60 52.12
CA ASN I 361 -79.73 -28.00 50.91
C ASN I 361 -80.50 -29.00 50.06
N GLU I 362 -81.22 -28.48 49.07
CA GLU I 362 -82.00 -29.32 48.16
C GLU I 362 -81.47 -29.19 46.74
N PRO I 363 -80.42 -29.95 46.41
CA PRO I 363 -79.80 -29.92 45.09
C PRO I 363 -80.79 -30.30 43.98
N ASN I 364 -81.26 -31.54 44.01
CA ASN I 364 -82.21 -32.02 43.01
C ASN I 364 -83.53 -32.42 43.65
N GLY I 365 -83.85 -31.82 44.78
CA GLY I 365 -85.09 -32.14 45.46
C GLY I 365 -84.91 -33.03 46.67
N ASN I 366 -83.66 -33.37 46.97
CA ASN I 366 -83.36 -34.22 48.11
C ASN I 366 -82.60 -33.45 49.17
N LEU I 367 -83.19 -33.35 50.35
CA LEU I 367 -82.59 -32.63 51.47
C LEU I 367 -81.32 -33.31 51.94
N GLN I 368 -80.20 -32.96 51.33
CA GLN I 368 -78.92 -33.55 51.69
C GLN I 368 -77.98 -32.55 52.35
N TYR I 369 -76.82 -33.02 52.77
CA TYR I 369 -75.83 -32.17 53.41
C TYR I 369 -74.48 -32.28 52.72
N GLN I 370 -74.13 -31.28 51.94
CA GLN I 370 -72.86 -31.26 51.22
C GLN I 370 -72.58 -32.58 50.52
N GLY I 371 -73.64 -33.33 50.22
CA GLY I 371 -73.48 -34.61 49.56
C GLY I 371 -74.27 -35.73 50.20
N LYS I 372 -74.11 -35.89 51.52
CA LYS I 372 -74.82 -36.94 52.23
C LYS I 372 -76.32 -36.64 52.27
N ASP I 373 -77.13 -37.69 52.15
CA ASP I 373 -78.58 -37.54 52.17
C ASP I 373 -79.11 -37.59 53.60
N ILE I 374 -80.07 -36.72 53.90
CA ILE I 374 -80.67 -36.65 55.24
C ILE I 374 -81.03 -38.03 55.80
N THR I 375 -81.10 -39.02 54.93
CA THR I 375 -81.43 -40.38 55.36
C THR I 375 -80.22 -41.14 55.87
N GLU I 376 -79.04 -40.53 55.76
CA GLU I 376 -77.82 -41.18 56.23
C GLU I 376 -77.51 -40.83 57.68
N PHE I 377 -78.43 -40.17 58.35
CA PHE I 377 -78.23 -39.79 59.74
C PHE I 377 -79.38 -40.26 60.62
N ASP I 378 -79.04 -40.72 61.82
CA ASP I 378 -80.05 -41.20 62.75
C ASP I 378 -80.64 -40.05 63.57
N PHE I 379 -81.96 -40.06 63.74
CA PHE I 379 -82.65 -39.05 64.53
C PHE I 379 -82.95 -39.57 65.92
N ASN I 380 -82.38 -38.92 66.94
CA ASN I 380 -82.59 -39.34 68.32
C ASN I 380 -83.13 -38.17 69.14
N PHE I 381 -84.28 -38.39 69.76
CA PHE I 381 -84.92 -37.35 70.57
C PHE I 381 -84.90 -37.71 72.05
N ASP I 382 -85.27 -36.76 72.89
CA ASP I 382 -85.31 -36.97 74.32
C ASP I 382 -86.71 -37.42 74.73
N GLN I 383 -86.83 -37.86 75.99
CA GLN I 383 -88.10 -38.32 76.51
C GLN I 383 -89.26 -37.42 76.09
N GLN I 384 -89.04 -36.11 76.16
CA GLN I 384 -90.06 -35.14 75.77
C GLN I 384 -90.22 -35.07 74.26
N THR I 385 -89.26 -34.43 73.60
CA THR I 385 -89.28 -34.29 72.15
C THR I 385 -89.79 -35.53 71.42
N SER I 386 -89.54 -36.70 71.99
CA SER I 386 -89.99 -37.95 71.39
C SER I 386 -91.51 -37.88 71.14
N GLN I 387 -92.27 -37.72 72.22
CA GLN I 387 -93.71 -37.63 72.13
C GLN I 387 -94.15 -36.51 71.19
N ASN I 388 -93.73 -35.28 71.51
CA ASN I 388 -94.07 -34.10 70.72
C ASN I 388 -93.97 -34.31 69.22
N ILE I 389 -93.12 -35.25 68.80
CA ILE I 389 -92.95 -35.55 67.39
C ILE I 389 -93.78 -36.78 67.03
N LYS I 390 -93.87 -37.72 67.95
CA LYS I 390 -94.66 -38.93 67.71
C LYS I 390 -96.11 -38.52 67.45
N ASN I 391 -96.61 -37.60 68.26
CA ASN I 391 -97.98 -37.11 68.13
C ASN I 391 -98.21 -36.45 66.77
N GLN I 392 -97.14 -35.97 66.16
CA GLN I 392 -97.24 -35.34 64.85
C GLN I 392 -97.26 -36.41 63.76
N LEU I 393 -96.38 -37.38 63.88
CA LEU I 393 -96.32 -38.47 62.91
C LEU I 393 -97.62 -39.25 62.96
N ALA I 394 -98.39 -39.04 64.03
CA ALA I 394 -99.66 -39.72 64.20
C ALA I 394 -100.74 -39.00 63.40
N GLU I 395 -100.94 -37.72 63.72
CA GLU I 395 -101.95 -36.91 63.02
C GLU I 395 -101.51 -36.58 61.61
N LEU I 396 -100.51 -37.30 61.11
CA LEU I 396 -99.99 -37.11 59.77
C LEU I 396 -99.87 -38.45 59.05
N ASN I 397 -100.36 -39.50 59.70
CA ASN I 397 -100.32 -40.86 59.16
C ASN I 397 -99.06 -41.16 58.36
N ALA I 398 -98.03 -41.63 59.05
CA ALA I 398 -96.77 -41.98 58.43
C ALA I 398 -95.87 -42.69 59.43
N THR I 399 -94.94 -43.50 58.92
CA THR I 399 -94.03 -44.24 59.77
C THR I 399 -92.59 -43.76 59.54
N ASN I 400 -92.38 -43.11 58.41
CA ASN I 400 -91.06 -42.60 58.07
C ASN I 400 -91.02 -41.08 58.21
N ILE I 401 -90.24 -40.60 59.17
CA ILE I 401 -90.13 -39.17 59.43
C ILE I 401 -89.41 -38.44 58.30
N TYR I 402 -88.47 -39.10 57.65
CA TYR I 402 -87.72 -38.51 56.55
C TYR I 402 -88.65 -37.99 55.46
N THR I 403 -89.88 -38.50 55.45
CA THR I 403 -90.89 -38.09 54.47
C THR I 403 -91.61 -36.84 54.96
N VAL I 404 -92.36 -36.99 56.04
CA VAL I 404 -93.11 -35.88 56.62
C VAL I 404 -92.15 -34.92 57.34
N LEU I 405 -90.88 -35.04 57.00
CA LEU I 405 -89.83 -34.21 57.57
C LEU I 405 -90.24 -32.74 57.55
N ASP I 406 -90.49 -32.23 56.35
CA ASP I 406 -90.89 -30.83 56.16
C ASP I 406 -92.27 -30.52 56.72
N LYS I 407 -92.69 -31.28 57.73
CA LYS I 407 -93.99 -31.06 58.33
C LYS I 407 -93.95 -31.33 59.84
N ILE I 408 -92.76 -31.25 60.42
CA ILE I 408 -92.59 -31.47 61.86
C ILE I 408 -92.41 -30.13 62.56
N LYS I 409 -93.33 -29.80 63.46
CA LYS I 409 -93.27 -28.54 64.19
C LYS I 409 -92.30 -28.62 65.36
N LEU I 410 -91.27 -27.78 65.34
CA LEU I 410 -90.29 -27.76 66.43
C LEU I 410 -90.72 -26.78 67.51
N ASN I 411 -90.94 -27.30 68.72
CA ASN I 411 -91.35 -26.45 69.83
C ASN I 411 -90.17 -26.17 70.75
N ALA I 412 -90.17 -25.00 71.39
CA ALA I 412 -89.08 -24.63 72.29
C ALA I 412 -88.79 -25.75 73.27
N LYS I 413 -87.54 -25.83 73.72
CA LYS I 413 -87.11 -26.85 74.67
C LYS I 413 -86.98 -28.22 74.00
N MET I 414 -87.16 -28.24 72.69
CA MET I 414 -87.05 -29.49 71.95
C MET I 414 -85.57 -29.79 71.73
N ASN I 415 -85.19 -31.06 71.86
CA ASN I 415 -83.81 -31.46 71.67
C ASN I 415 -83.72 -32.56 70.61
N ILE I 416 -82.78 -32.41 69.68
CA ILE I 416 -82.61 -33.39 68.61
C ILE I 416 -81.15 -33.70 68.33
N LEU I 417 -80.85 -34.98 68.14
CA LEU I 417 -79.48 -35.42 67.87
C LEU I 417 -79.31 -36.08 66.50
N ILE I 418 -78.81 -35.31 65.54
CA ILE I 418 -78.58 -35.81 64.20
C ILE I 418 -77.14 -36.23 64.05
N ARG I 419 -76.91 -37.54 64.00
CA ARG I 419 -75.56 -38.07 63.86
C ARG I 419 -75.45 -38.99 62.66
N ASP I 420 -74.29 -38.97 62.01
CA ASP I 420 -74.04 -39.82 60.84
C ASP I 420 -74.35 -41.26 61.20
N LYS I 421 -75.14 -41.93 60.36
CA LYS I 421 -75.53 -43.31 60.62
C LYS I 421 -74.44 -44.33 60.28
N ARG I 422 -73.39 -43.88 59.61
CA ARG I 422 -72.30 -44.78 59.22
C ARG I 422 -71.56 -45.43 60.38
N PHE I 423 -70.83 -44.63 61.16
CA PHE I 423 -70.05 -45.14 62.28
C PHE I 423 -70.89 -45.48 63.52
N HIS I 424 -70.30 -46.27 64.42
CA HIS I 424 -70.97 -46.65 65.66
C HIS I 424 -70.75 -45.51 66.65
N TYR I 425 -71.51 -45.51 67.73
CA TYR I 425 -71.37 -44.46 68.73
C TYR I 425 -71.32 -45.02 70.15
N ASP I 426 -70.61 -44.30 71.01
CA ASP I 426 -70.44 -44.70 72.40
C ASP I 426 -71.48 -44.12 73.34
N ARG I 427 -71.06 -43.88 74.58
CA ARG I 427 -71.92 -43.33 75.60
C ARG I 427 -71.93 -41.80 75.54
N ASN I 428 -70.85 -41.22 75.03
CA ASN I 428 -70.72 -39.77 74.92
C ASN I 428 -71.05 -39.25 73.53
N ASN I 429 -71.53 -40.14 72.66
CA ASN I 429 -71.88 -39.78 71.29
C ASN I 429 -70.65 -39.32 70.52
N ILE I 430 -69.65 -40.18 70.46
CA ILE I 430 -68.42 -39.83 69.76
C ILE I 430 -68.13 -40.79 68.62
N ALA I 431 -67.38 -40.31 67.63
CA ALA I 431 -67.01 -41.12 66.49
C ALA I 431 -66.17 -42.28 67.00
N VAL I 432 -66.82 -43.41 67.23
CA VAL I 432 -66.13 -44.58 67.74
C VAL I 432 -65.51 -45.42 66.62
N GLY I 433 -66.34 -46.16 65.90
CA GLY I 433 -65.87 -47.00 64.82
C GLY I 433 -67.02 -47.59 64.02
N ALA I 434 -66.94 -47.50 62.70
CA ALA I 434 -67.99 -48.02 61.83
C ALA I 434 -67.88 -49.52 61.60
N ASP I 435 -68.50 -49.99 60.52
CA ASP I 435 -68.50 -51.41 60.17
C ASP I 435 -67.33 -51.72 59.23
N GLU I 436 -66.86 -52.96 59.27
CA GLU I 436 -65.73 -53.40 58.44
C GLU I 436 -65.87 -52.90 57.01
N SER I 437 -67.10 -52.97 56.50
CA SER I 437 -67.39 -52.52 55.14
C SER I 437 -66.80 -51.14 54.90
N VAL I 438 -67.47 -50.13 55.43
CA VAL I 438 -67.04 -48.75 55.28
C VAL I 438 -65.54 -48.60 55.53
N VAL I 439 -65.05 -49.31 56.55
CA VAL I 439 -63.64 -49.26 56.90
C VAL I 439 -62.76 -49.66 55.70
N LYS I 440 -62.93 -50.90 55.25
CA LYS I 440 -62.14 -51.39 54.12
C LYS I 440 -62.18 -50.40 52.96
N GLU I 441 -63.38 -50.00 52.58
CA GLU I 441 -63.57 -49.06 51.49
C GLU I 441 -62.57 -47.91 51.53
N ALA I 442 -62.53 -47.19 52.65
CA ALA I 442 -61.64 -46.04 52.82
C ALA I 442 -60.18 -46.34 52.52
N HIS I 443 -59.80 -47.61 52.59
CA HIS I 443 -58.42 -47.99 52.33
C HIS I 443 -58.20 -48.57 50.94
N ARG I 444 -59.28 -48.84 50.22
CA ARG I 444 -59.20 -49.40 48.88
C ARG I 444 -58.15 -48.70 48.02
N GLU I 445 -57.88 -47.43 48.34
CA GLU I 445 -56.90 -46.65 47.60
C GLU I 445 -55.47 -46.85 48.09
N VAL I 446 -54.55 -46.98 47.13
CA VAL I 446 -53.13 -47.16 47.43
C VAL I 446 -52.33 -46.17 46.61
N ILE I 447 -51.23 -45.68 47.17
CA ILE I 447 -50.39 -44.71 46.45
C ILE I 447 -48.95 -45.18 46.32
N ASN I 448 -48.45 -45.87 47.32
CA ASN I 448 -47.07 -46.34 47.28
C ASN I 448 -46.81 -47.47 48.28
N SER I 449 -46.48 -48.65 47.75
CA SER I 449 -46.18 -49.81 48.57
C SER I 449 -44.68 -49.94 48.69
N SER I 450 -44.18 -50.10 49.92
CA SER I 450 -42.75 -50.23 50.13
C SER I 450 -42.42 -51.12 51.34
N THR I 451 -41.18 -51.56 51.41
CA THR I 451 -40.73 -52.41 52.51
C THR I 451 -40.54 -51.54 53.73
N GLU I 452 -40.83 -50.24 53.58
CA GLU I 452 -40.70 -49.29 54.66
C GLU I 452 -42.06 -48.94 55.26
N GLY I 453 -42.98 -48.54 54.39
CA GLY I 453 -44.32 -48.18 54.86
C GLY I 453 -45.26 -47.81 53.73
N LEU I 454 -46.54 -48.15 53.91
CA LEU I 454 -47.55 -47.86 52.90
C LEU I 454 -48.00 -46.41 52.94
N LEU I 455 -48.30 -45.87 51.77
CA LEU I 455 -48.77 -44.50 51.66
C LEU I 455 -50.14 -44.52 51.02
N LEU I 456 -51.17 -44.16 51.79
CA LEU I 456 -52.53 -44.17 51.29
C LEU I 456 -53.21 -42.82 51.42
N ASN I 457 -54.40 -42.70 50.82
CA ASN I 457 -55.17 -41.48 50.87
C ASN I 457 -56.47 -41.79 51.60
N ILE I 458 -56.34 -42.46 52.74
CA ILE I 458 -57.48 -42.85 53.56
C ILE I 458 -58.40 -41.67 53.86
N ASP I 459 -59.70 -41.96 53.92
CA ASP I 459 -60.72 -40.94 54.19
C ASP I 459 -60.61 -40.40 55.61
N LYS I 460 -60.66 -39.07 55.74
CA LYS I 460 -60.57 -38.40 57.02
C LYS I 460 -61.65 -38.88 57.98
N ASP I 461 -62.90 -38.77 57.55
CA ASP I 461 -64.04 -39.18 58.36
C ASP I 461 -63.85 -40.59 58.93
N ILE I 462 -63.15 -41.44 58.20
CA ILE I 462 -62.90 -42.81 58.64
C ILE I 462 -61.71 -42.87 59.57
N ARG I 463 -60.55 -42.52 59.04
CA ARG I 463 -59.30 -42.55 59.80
C ARG I 463 -59.50 -42.12 61.25
N LYS I 464 -60.46 -41.23 61.48
CA LYS I 464 -60.73 -40.75 62.82
C LYS I 464 -61.33 -41.80 63.76
N ILE I 465 -61.73 -42.94 63.23
CA ILE I 465 -62.29 -44.00 64.07
C ILE I 465 -61.33 -45.17 64.18
N LEU I 466 -60.07 -44.93 63.83
CA LEU I 466 -59.05 -45.98 63.87
C LEU I 466 -58.01 -45.74 64.94
N SER I 467 -57.77 -46.76 65.76
CA SER I 467 -56.79 -46.71 66.82
C SER I 467 -55.39 -46.92 66.23
N GLY I 468 -55.25 -47.97 65.43
CA GLY I 468 -53.97 -48.27 64.82
C GLY I 468 -54.01 -49.42 63.83
N TYR I 469 -52.83 -49.86 63.41
CA TYR I 469 -52.71 -50.95 62.45
C TYR I 469 -51.73 -52.03 62.95
N ILE I 470 -52.08 -53.29 62.69
CA ILE I 470 -51.24 -54.41 63.09
C ILE I 470 -50.52 -54.98 61.87
N VAL I 471 -49.19 -54.82 61.86
CA VAL I 471 -48.39 -55.32 60.75
C VAL I 471 -47.95 -56.77 60.99
N GLU I 472 -48.30 -57.66 60.07
CA GLU I 472 -47.92 -59.07 60.22
C GLU I 472 -47.50 -59.66 58.88
N ILE I 473 -47.27 -60.97 58.88
CA ILE I 473 -46.86 -61.68 57.67
C ILE I 473 -47.39 -63.12 57.68
N GLU I 474 -48.18 -63.44 56.67
CA GLU I 474 -48.77 -64.78 56.54
C GLU I 474 -47.94 -65.64 55.60
N ASP I 475 -47.49 -66.78 56.11
CA ASP I 475 -46.69 -67.71 55.32
C ASP I 475 -47.55 -68.34 54.22
N THR I 476 -46.91 -68.77 53.14
CA THR I 476 -47.60 -69.38 52.02
C THR I 476 -48.45 -70.58 52.46
N GLU I 477 -48.26 -71.01 53.70
CA GLU I 477 -49.00 -72.15 54.24
C GLU I 477 -50.21 -71.68 55.07
N GLY I 478 -49.95 -70.81 56.03
CA GLY I 478 -51.03 -70.31 56.87
C GLY I 478 -50.55 -69.85 58.24
N LEU I 479 -49.40 -69.17 58.27
CA LEU I 479 -48.84 -68.68 59.51
C LEU I 479 -49.30 -67.26 59.82
N LYS I 480 -49.38 -66.93 61.10
CA LYS I 480 -49.81 -65.61 61.53
C LYS I 480 -48.71 -64.86 62.29
N GLU I 481 -47.57 -64.67 61.64
CA GLU I 481 -46.45 -63.96 62.23
C GLU I 481 -46.76 -62.47 62.23
N VAL I 482 -46.75 -61.84 63.40
CA VAL I 482 -47.05 -60.42 63.50
C VAL I 482 -45.84 -59.61 63.95
N ILE I 483 -45.66 -58.44 63.34
CA ILE I 483 -44.55 -57.56 63.69
C ILE I 483 -44.86 -56.95 65.07
N ASN I 484 -45.36 -55.72 65.06
CA ASN I 484 -45.73 -55.05 66.30
C ASN I 484 -46.88 -55.83 66.92
N ASP I 485 -46.54 -56.81 67.76
CA ASP I 485 -47.54 -57.66 68.39
C ASP I 485 -48.04 -57.18 69.75
N ARG I 486 -47.53 -56.05 70.24
CA ARG I 486 -47.96 -55.53 71.53
C ARG I 486 -49.01 -54.43 71.37
N TYR I 487 -50.06 -54.51 72.19
CA TYR I 487 -51.15 -53.55 72.14
C TYR I 487 -50.67 -52.11 72.03
N ASP I 488 -49.52 -51.84 72.63
CA ASP I 488 -48.95 -50.50 72.61
C ASP I 488 -48.07 -50.23 71.39
N MET I 489 -48.09 -51.15 70.45
CA MET I 489 -47.30 -51.00 69.23
C MET I 489 -48.19 -50.77 68.02
N LEU I 490 -49.35 -50.18 68.27
CA LEU I 490 -50.30 -49.89 67.20
C LEU I 490 -50.02 -48.51 66.62
N ASN I 491 -49.30 -47.70 67.39
CA ASN I 491 -48.96 -46.33 66.98
C ASN I 491 -48.00 -46.33 65.79
N ILE I 492 -48.56 -46.33 64.58
CA ILE I 492 -47.75 -46.33 63.37
C ILE I 492 -48.26 -45.32 62.33
N SER I 493 -49.55 -45.38 62.04
CA SER I 493 -50.16 -44.48 61.06
C SER I 493 -49.79 -43.02 61.26
N SER I 494 -49.08 -42.45 60.30
CA SER I 494 -48.67 -41.06 60.35
C SER I 494 -49.62 -40.28 59.45
N LEU I 495 -49.24 -39.07 59.07
CA LEU I 495 -50.10 -38.26 58.20
C LEU I 495 -49.39 -37.03 57.64
N ARG I 496 -49.06 -37.08 56.35
CA ARG I 496 -48.40 -35.98 55.68
C ARG I 496 -49.39 -34.83 55.54
N GLN I 497 -48.89 -33.60 55.52
CA GLN I 497 -49.76 -32.43 55.40
C GLN I 497 -50.39 -32.35 54.01
N ASP I 498 -50.14 -33.38 53.20
CA ASP I 498 -50.70 -33.42 51.85
C ASP I 498 -52.03 -34.16 51.87
N GLY I 499 -52.41 -34.65 53.05
CA GLY I 499 -53.67 -35.35 53.18
C GLY I 499 -53.59 -36.85 52.98
N LYS I 500 -52.38 -37.38 52.95
CA LYS I 500 -52.20 -38.83 52.76
C LYS I 500 -51.62 -39.50 54.00
N THR I 501 -52.31 -40.53 54.47
CA THR I 501 -51.89 -41.28 55.64
C THR I 501 -50.67 -42.15 55.31
N PHE I 502 -49.56 -41.89 55.99
CA PHE I 502 -48.34 -42.64 55.75
C PHE I 502 -48.06 -43.67 56.85
N ILE I 503 -48.15 -44.94 56.50
CA ILE I 503 -47.89 -46.02 57.45
C ILE I 503 -46.41 -46.36 57.42
N ASP I 504 -45.91 -46.92 58.51
CA ASP I 504 -44.51 -47.31 58.60
C ASP I 504 -44.36 -48.57 59.43
N PHE I 505 -43.72 -49.58 58.84
CA PHE I 505 -43.50 -50.85 59.52
C PHE I 505 -42.22 -50.74 60.34
N LYS I 506 -41.32 -49.88 59.87
CA LYS I 506 -40.02 -49.66 60.51
C LYS I 506 -40.09 -49.14 61.95
N LYS I 507 -41.12 -48.36 62.25
CA LYS I 507 -41.26 -47.80 63.59
C LYS I 507 -41.29 -48.90 64.65
N TYR I 508 -41.49 -50.14 64.20
CA TYR I 508 -41.52 -51.29 65.09
C TYR I 508 -40.83 -52.52 64.49
N ASN I 509 -39.56 -52.35 64.15
CA ASN I 509 -38.74 -53.43 63.58
C ASN I 509 -37.28 -52.97 63.48
N ASP I 510 -36.71 -52.62 64.63
CA ASP I 510 -35.32 -52.17 64.69
C ASP I 510 -35.00 -51.07 63.69
N LYS I 511 -35.97 -50.19 63.46
CA LYS I 511 -35.80 -49.08 62.53
C LYS I 511 -35.36 -49.55 61.14
N LEU I 512 -35.45 -50.85 60.89
CA LEU I 512 -35.07 -51.42 59.61
C LEU I 512 -36.30 -51.86 58.82
N PRO I 513 -36.26 -51.69 57.49
CA PRO I 513 -37.38 -52.09 56.62
C PRO I 513 -37.75 -53.56 56.73
N LEU I 514 -38.83 -53.94 56.04
CA LEU I 514 -39.32 -55.31 56.06
C LEU I 514 -38.26 -56.34 55.72
N TYR I 515 -38.53 -57.58 56.14
CA TYR I 515 -37.64 -58.70 55.91
C TYR I 515 -38.41 -59.76 55.11
N ILE I 516 -38.12 -59.84 53.82
CA ILE I 516 -38.80 -60.79 52.95
C ILE I 516 -37.88 -61.94 52.55
N SER I 517 -37.89 -63.00 53.36
CA SER I 517 -37.07 -64.17 53.08
C SER I 517 -37.60 -64.88 51.84
N ASN I 518 -38.90 -64.75 51.61
CA ASN I 518 -39.56 -65.36 50.47
C ASN I 518 -40.60 -64.39 49.92
N PRO I 519 -40.27 -63.73 48.79
CA PRO I 519 -41.19 -62.76 48.15
C PRO I 519 -42.45 -63.39 47.57
N ASN I 520 -43.13 -64.20 48.38
CA ASN I 520 -44.36 -64.85 47.96
C ASN I 520 -45.34 -64.93 49.14
N TYR I 521 -44.98 -64.25 50.23
CA TYR I 521 -45.81 -64.23 51.43
C TYR I 521 -46.96 -63.25 51.28
N LYS I 522 -47.51 -62.80 52.39
CA LYS I 522 -48.62 -61.86 52.39
C LYS I 522 -48.52 -60.86 53.53
N VAL I 523 -48.01 -59.67 53.24
CA VAL I 523 -47.88 -58.63 54.26
C VAL I 523 -49.27 -58.18 54.67
N ASN I 524 -49.79 -58.79 55.73
CA ASN I 524 -51.13 -58.46 56.22
C ASN I 524 -51.11 -57.34 57.26
N VAL I 525 -51.60 -56.17 56.84
CA VAL I 525 -51.67 -55.00 57.71
C VAL I 525 -53.14 -54.75 58.01
N TYR I 526 -53.52 -54.98 59.27
CA TYR I 526 -54.91 -54.78 59.69
C TYR I 526 -55.15 -53.40 60.27
N ALA I 527 -56.41 -53.11 60.56
CA ALA I 527 -56.80 -51.83 61.14
C ALA I 527 -57.63 -52.12 62.37
N VAL I 528 -57.47 -51.30 63.40
CA VAL I 528 -58.22 -51.50 64.64
C VAL I 528 -58.99 -50.25 65.02
N THR I 529 -60.32 -50.34 64.94
CA THR I 529 -61.17 -49.21 65.29
C THR I 529 -61.03 -48.92 66.78
N LYS I 530 -61.30 -47.69 67.17
CA LYS I 530 -61.21 -47.31 68.57
C LYS I 530 -62.05 -48.25 69.45
N GLU I 531 -63.32 -48.40 69.10
CA GLU I 531 -64.22 -49.26 69.85
C GLU I 531 -63.61 -50.62 70.21
N ASN I 532 -62.76 -51.14 69.33
CA ASN I 532 -62.14 -52.44 69.56
C ASN I 532 -60.81 -52.38 70.30
N THR I 533 -59.93 -51.48 69.87
CA THR I 533 -58.60 -51.36 70.47
C THR I 533 -58.54 -51.50 71.98
N ILE I 534 -57.42 -52.08 72.46
CA ILE I 534 -57.19 -52.28 73.88
C ILE I 534 -56.13 -51.30 74.34
N ILE I 535 -56.08 -51.05 75.64
CA ILE I 535 -55.13 -50.11 76.20
C ILE I 535 -54.27 -50.66 77.34
N ASN I 536 -54.64 -51.81 77.87
CA ASN I 536 -53.90 -52.42 78.96
C ASN I 536 -53.87 -53.95 78.87
N PRO I 537 -52.82 -54.58 79.41
CA PRO I 537 -52.65 -56.03 79.39
C PRO I 537 -53.85 -56.76 80.00
N SER I 538 -53.97 -58.05 79.71
CA SER I 538 -55.07 -58.86 80.23
C SER I 538 -54.85 -59.21 81.70
N GLU I 539 -55.84 -59.87 82.30
CA GLU I 539 -55.77 -60.27 83.70
C GLU I 539 -54.37 -60.75 84.07
N ASN I 540 -53.67 -61.28 83.09
CA ASN I 540 -52.30 -61.78 83.28
C ASN I 540 -51.31 -60.72 82.83
N GLY I 541 -50.60 -60.99 81.75
CA GLY I 541 -49.63 -60.05 81.23
C GLY I 541 -49.57 -60.16 79.72
N ASP I 542 -50.72 -60.49 79.11
CA ASP I 542 -50.81 -60.64 77.68
C ASP I 542 -50.68 -59.31 76.96
N THR I 543 -49.44 -58.94 76.65
CA THR I 543 -49.18 -57.68 75.96
C THR I 543 -49.25 -57.92 74.47
N SER I 544 -49.88 -59.02 74.08
CA SER I 544 -50.00 -59.39 72.67
C SER I 544 -51.28 -58.90 72.01
N THR I 545 -51.33 -59.05 70.68
CA THR I 545 -52.48 -58.64 69.89
C THR I 545 -53.42 -59.83 69.69
N ASN I 546 -53.28 -60.83 70.54
CA ASN I 546 -54.09 -62.03 70.46
C ASN I 546 -55.59 -61.70 70.48
N GLY I 547 -56.09 -61.29 71.63
CA GLY I 547 -57.50 -60.95 71.76
C GLY I 547 -57.86 -59.58 71.23
N ILE I 548 -57.99 -59.47 69.91
CA ILE I 548 -58.34 -58.21 69.27
C ILE I 548 -59.30 -58.46 68.12
N LYS I 549 -60.00 -57.41 67.70
CA LYS I 549 -60.93 -57.52 66.58
C LYS I 549 -60.46 -56.56 65.50
N LYS I 550 -59.39 -56.93 64.80
CA LYS I 550 -58.86 -56.09 63.74
C LYS I 550 -59.61 -56.32 62.43
N ILE I 551 -59.28 -55.51 61.42
CA ILE I 551 -59.92 -55.63 60.12
C ILE I 551 -58.89 -55.60 59.00
N LEU I 552 -59.02 -56.53 58.06
CA LEU I 552 -58.11 -56.63 56.93
C LEU I 552 -58.17 -55.39 56.05
N ILE I 553 -57.04 -54.69 55.96
CA ILE I 553 -56.97 -53.48 55.15
C ILE I 553 -55.97 -53.64 53.99
N PHE I 554 -54.99 -54.51 54.18
CA PHE I 554 -53.97 -54.73 53.16
C PHE I 554 -53.63 -56.22 53.07
N SER I 555 -53.06 -56.62 51.95
CA SER I 555 -52.67 -58.03 51.74
C SER I 555 -52.05 -58.26 50.37
N LYS I 556 -50.86 -57.69 50.16
CA LYS I 556 -50.17 -57.84 48.89
C LYS I 556 -49.05 -58.87 49.02
N LYS I 557 -48.60 -59.40 47.88
CA LYS I 557 -47.54 -60.41 47.87
C LYS I 557 -46.16 -59.76 47.96
N GLY I 558 -45.16 -60.59 48.24
CA GLY I 558 -43.80 -60.09 48.35
C GLY I 558 -43.28 -59.46 47.08
N TYR I 559 -43.70 -60.00 45.93
CA TYR I 559 -43.26 -59.47 44.65
C TYR I 559 -44.17 -58.34 44.18
N GLU I 560 -45.28 -58.13 44.89
CA GLU I 560 -46.22 -57.09 44.53
C GLU I 560 -45.98 -55.83 45.37
N ILE I 561 -44.73 -55.61 45.75
CA ILE I 561 -44.35 -54.46 46.56
C ILE I 561 -42.99 -53.92 46.10
N GLY I 562 -41.93 -54.66 46.45
CA GLY I 562 -40.59 -54.24 46.07
C GLY I 562 -39.52 -54.89 46.92
N SER J 1 -18.98 -78.39 93.45
CA SER J 1 -17.97 -79.23 92.82
C SER J 1 -18.32 -79.46 91.34
N CYS J 2 -18.44 -80.73 90.96
CA CYS J 2 -18.78 -81.09 89.59
C CYS J 2 -20.22 -81.58 89.49
N ARG J 3 -20.77 -81.53 88.29
CA ARG J 3 -22.14 -81.96 88.04
C ARG J 3 -22.25 -82.73 86.73
N ARG J 4 -23.44 -83.28 86.46
CA ARG J 4 -23.65 -84.04 85.23
C ARG J 4 -24.90 -83.57 84.49
N ALA J 5 -25.90 -83.13 85.23
CA ALA J 5 -27.16 -82.67 84.64
C ALA J 5 -27.19 -81.17 84.39
N PHE J 6 -27.14 -80.81 83.10
CA PHE J 6 -27.17 -79.41 82.71
C PHE J 6 -28.43 -79.12 81.90
N ASP J 7 -28.97 -77.91 82.07
CA ASP J 7 -30.16 -77.49 81.35
C ASP J 7 -29.80 -76.27 80.52
N LEU J 8 -29.74 -76.45 79.20
CA LEU J 8 -29.39 -75.36 78.31
C LEU J 8 -30.60 -74.62 77.78
N TYR J 9 -30.60 -73.30 77.95
CA TYR J 9 -31.68 -72.45 77.48
C TYR J 9 -31.21 -71.67 76.25
N PHE J 10 -31.94 -71.79 75.16
CA PHE J 10 -31.57 -71.10 73.92
C PHE J 10 -32.46 -69.92 73.57
N VAL J 11 -32.15 -68.77 74.18
CA VAL J 11 -32.89 -67.54 73.92
C VAL J 11 -32.35 -66.99 72.60
N LEU J 12 -33.21 -66.93 71.59
CA LEU J 12 -32.81 -66.46 70.27
C LEU J 12 -33.45 -65.15 69.83
N ASP J 13 -32.61 -64.21 69.39
CA ASP J 13 -33.06 -62.92 68.92
C ASP J 13 -33.56 -63.05 67.50
N LYS J 14 -34.88 -63.05 67.31
CA LYS J 14 -35.42 -63.16 65.96
C LYS J 14 -35.92 -61.79 65.48
N SER J 15 -35.16 -60.75 65.80
CA SER J 15 -35.52 -59.40 65.39
C SER J 15 -35.01 -59.10 63.98
N GLY J 16 -35.63 -58.12 63.33
CA GLY J 16 -35.25 -57.76 61.98
C GLY J 16 -33.77 -57.41 61.83
N SER J 17 -33.19 -56.82 62.87
CA SER J 17 -31.78 -56.44 62.85
C SER J 17 -30.87 -57.63 62.57
N VAL J 18 -31.28 -58.81 63.02
CA VAL J 18 -30.52 -60.03 62.82
C VAL J 18 -31.25 -60.98 61.88
N ALA J 19 -31.95 -60.42 60.91
CA ALA J 19 -32.71 -61.22 59.96
C ALA J 19 -31.80 -61.80 58.88
N ASN J 20 -30.59 -61.27 58.78
CA ASN J 20 -29.63 -61.72 57.79
C ASN J 20 -28.85 -62.95 58.25
N ASN J 21 -28.27 -62.85 59.44
CA ASN J 21 -27.47 -63.93 60.01
C ASN J 21 -28.25 -64.84 60.95
N TRP J 22 -29.46 -65.24 60.55
CA TRP J 22 -30.26 -66.12 61.39
C TRP J 22 -29.71 -67.54 61.36
N ILE J 23 -29.30 -67.97 60.18
CA ILE J 23 -28.76 -69.31 60.01
C ILE J 23 -27.61 -69.58 60.97
N GLU J 24 -26.68 -68.62 61.10
CA GLU J 24 -25.54 -68.77 61.99
C GLU J 24 -26.05 -69.09 63.39
N ILE J 25 -27.09 -68.37 63.80
CA ILE J 25 -27.69 -68.56 65.11
C ILE J 25 -28.27 -69.96 65.20
N TYR J 26 -28.93 -70.40 64.13
CA TYR J 26 -29.53 -71.72 64.11
C TYR J 26 -28.43 -72.78 64.13
N ASN J 27 -27.36 -72.52 63.39
CA ASN J 27 -26.23 -73.45 63.33
C ASN J 27 -25.64 -73.60 64.72
N PHE J 28 -25.42 -72.48 65.40
CA PHE J 28 -24.87 -72.50 66.74
C PHE J 28 -25.78 -73.27 67.69
N VAL J 29 -27.08 -73.18 67.45
CA VAL J 29 -28.06 -73.87 68.28
C VAL J 29 -28.23 -75.31 67.80
N GLN J 30 -27.69 -75.61 66.63
CA GLN J 30 -27.78 -76.94 66.07
C GLN J 30 -26.47 -77.69 66.36
N GLN J 31 -25.35 -76.97 66.25
CA GLN J 31 -24.03 -77.54 66.51
C GLN J 31 -23.83 -77.75 68.00
N LEU J 32 -24.68 -77.11 68.80
CA LEU J 32 -24.60 -77.21 70.24
C LEU J 32 -25.50 -78.34 70.74
N ALA J 33 -26.68 -78.46 70.12
CA ALA J 33 -27.63 -79.52 70.48
C ALA J 33 -27.10 -80.83 69.94
N GLU J 34 -26.16 -80.72 69.00
CA GLU J 34 -25.53 -81.87 68.36
C GLU J 34 -24.44 -82.41 69.28
N ARG J 35 -23.85 -81.52 70.07
CA ARG J 35 -22.80 -81.89 71.01
C ARG J 35 -23.36 -82.57 72.25
N PHE J 36 -23.89 -81.77 73.18
CA PHE J 36 -24.45 -82.29 74.41
C PHE J 36 -25.64 -83.21 74.11
N VAL J 37 -25.40 -84.51 74.12
CA VAL J 37 -26.45 -85.48 73.84
C VAL J 37 -26.67 -86.41 75.03
N SER J 38 -26.49 -85.87 76.24
CA SER J 38 -26.69 -86.64 77.46
C SER J 38 -28.14 -86.50 77.90
N PRO J 39 -28.79 -87.63 78.27
CA PRO J 39 -30.18 -87.63 78.72
C PRO J 39 -30.45 -86.64 79.86
N GLU J 40 -29.38 -86.13 80.46
CA GLU J 40 -29.50 -85.17 81.55
C GLU J 40 -29.33 -83.75 81.01
N MET J 41 -29.06 -83.65 79.72
CA MET J 41 -28.89 -82.35 79.06
C MET J 41 -30.20 -81.86 78.46
N ARG J 42 -31.15 -81.54 79.33
CA ARG J 42 -32.44 -81.04 78.87
C ARG J 42 -32.28 -79.68 78.19
N LEU J 43 -32.69 -79.61 76.94
CA LEU J 43 -32.59 -78.36 76.18
C LEU J 43 -33.93 -77.65 76.12
N SER J 44 -33.87 -76.35 75.84
CA SER J 44 -35.07 -75.52 75.73
C SER J 44 -34.79 -74.39 74.74
N PHE J 45 -35.72 -74.19 73.81
CA PHE J 45 -35.56 -73.13 72.82
C PHE J 45 -36.51 -71.96 73.06
N ILE J 46 -36.01 -70.75 72.81
CA ILE J 46 -36.79 -69.54 72.98
C ILE J 46 -36.37 -68.50 71.96
N VAL J 47 -37.34 -67.78 71.41
CA VAL J 47 -37.05 -66.75 70.41
C VAL J 47 -37.81 -65.47 70.74
N PHE J 48 -37.08 -64.37 70.87
CA PHE J 48 -37.70 -63.10 71.20
C PHE J 48 -37.56 -62.09 70.06
N SER J 49 -38.29 -60.99 70.20
CA SER J 49 -38.30 -59.91 69.23
C SER J 49 -39.26 -58.86 69.77
N SER J 50 -40.48 -58.86 69.24
CA SER J 50 -41.51 -57.95 69.70
C SER J 50 -42.08 -58.62 70.94
N GLN J 51 -41.75 -59.89 71.09
CA GLN J 51 -42.20 -60.69 72.21
C GLN J 51 -41.63 -62.08 72.02
N ALA J 52 -41.11 -62.66 73.10
CA ALA J 52 -40.51 -63.98 73.05
C ALA J 52 -41.51 -65.12 73.15
N THR J 53 -41.10 -66.29 72.69
CA THR J 53 -41.95 -67.48 72.73
C THR J 53 -41.15 -68.74 73.06
N ILE J 54 -41.81 -69.67 73.73
CA ILE J 54 -41.18 -70.92 74.14
C ILE J 54 -41.29 -71.95 73.01
N ILE J 55 -40.29 -71.96 72.13
CA ILE J 55 -40.27 -72.90 71.01
C ILE J 55 -40.16 -74.33 71.53
N LEU J 56 -39.12 -74.57 72.33
CA LEU J 56 -38.89 -75.89 72.91
C LEU J 56 -38.78 -75.83 74.42
N PRO J 57 -39.71 -76.50 75.14
CA PRO J 57 -39.69 -76.51 76.60
C PRO J 57 -38.37 -77.08 77.12
N LEU J 58 -38.27 -77.24 78.43
CA LEU J 58 -37.06 -77.81 79.01
C LEU J 58 -37.20 -79.31 79.15
N THR J 59 -36.53 -80.06 78.27
CA THR J 59 -36.58 -81.51 78.30
C THR J 59 -35.43 -82.13 77.52
N GLY J 60 -35.18 -83.42 77.76
CA GLY J 60 -34.11 -84.11 77.08
C GLY J 60 -34.61 -85.22 76.17
N ASP J 61 -35.53 -84.87 75.27
CA ASP J 61 -36.09 -85.84 74.33
C ASP J 61 -35.89 -85.35 72.90
N ARG J 62 -34.87 -85.89 72.22
CA ARG J 62 -34.57 -85.48 70.85
C ARG J 62 -35.79 -85.56 69.93
N GLY J 63 -36.80 -86.31 70.34
CA GLY J 63 -38.00 -86.43 69.53
C GLY J 63 -38.62 -85.06 69.36
N LYS J 64 -38.58 -84.26 70.42
CA LYS J 64 -39.13 -82.91 70.39
C LYS J 64 -38.00 -81.91 70.17
N ILE J 65 -36.78 -82.30 70.52
CA ILE J 65 -35.62 -81.44 70.35
C ILE J 65 -35.39 -81.20 68.86
N SER J 66 -35.38 -82.28 68.09
CA SER J 66 -35.19 -82.17 66.65
C SER J 66 -36.36 -81.35 66.13
N LYS J 67 -37.53 -81.59 66.70
CA LYS J 67 -38.75 -80.88 66.33
C LYS J 67 -38.49 -79.37 66.45
N GLY J 68 -37.87 -78.99 67.57
CA GLY J 68 -37.56 -77.59 67.78
C GLY J 68 -36.58 -77.08 66.75
N LEU J 69 -35.51 -77.84 66.52
CA LEU J 69 -34.50 -77.45 65.56
C LEU J 69 -35.13 -77.28 64.17
N GLU J 70 -36.19 -78.02 63.91
CA GLU J 70 -36.88 -77.94 62.63
C GLU J 70 -37.67 -76.63 62.56
N ASP J 71 -38.18 -76.19 63.70
CA ASP J 71 -38.95 -74.96 63.77
C ASP J 71 -38.03 -73.74 63.73
N LEU J 72 -36.94 -73.79 64.50
CA LEU J 72 -35.99 -72.69 64.53
C LEU J 72 -35.38 -72.48 63.14
N LYS J 73 -35.37 -73.55 62.35
CA LYS J 73 -34.85 -73.50 61.00
C LYS J 73 -35.77 -72.65 60.13
N ARG J 74 -37.07 -72.87 60.30
CA ARG J 74 -38.09 -72.14 59.55
C ARG J 74 -38.58 -70.91 60.33
N VAL J 75 -37.66 -69.98 60.58
CA VAL J 75 -38.00 -68.77 61.32
C VAL J 75 -37.66 -67.53 60.50
N SER J 76 -38.53 -66.52 60.58
CA SER J 76 -38.33 -65.27 59.84
C SER J 76 -38.00 -64.16 60.83
N PRO J 77 -36.70 -63.89 61.05
CA PRO J 77 -36.25 -62.84 61.98
C PRO J 77 -36.83 -61.46 61.67
N VAL J 78 -37.78 -61.03 62.49
CA VAL J 78 -38.42 -59.73 62.31
C VAL J 78 -39.11 -59.29 63.59
N GLY J 79 -39.10 -57.98 63.83
CA GLY J 79 -39.73 -57.43 65.02
C GLY J 79 -38.73 -56.67 65.87
N GLU J 80 -39.22 -56.00 66.91
CA GLU J 80 -38.35 -55.23 67.79
C GLU J 80 -37.32 -56.13 68.48
N THR J 81 -36.56 -55.54 69.39
CA THR J 81 -35.52 -56.28 70.11
C THR J 81 -35.80 -56.26 71.61
N TYR J 82 -36.76 -57.07 72.05
CA TYR J 82 -37.10 -57.14 73.46
C TYR J 82 -36.46 -58.39 74.09
N ILE J 83 -35.13 -58.37 74.16
CA ILE J 83 -34.37 -59.47 74.72
C ILE J 83 -34.77 -59.82 76.15
N HIS J 84 -34.89 -58.82 77.00
CA HIS J 84 -35.25 -59.04 78.39
C HIS J 84 -36.42 -60.01 78.50
N GLU J 85 -37.45 -59.80 77.69
CA GLU J 85 -38.62 -60.68 77.71
C GLU J 85 -38.18 -62.12 77.51
N GLY J 86 -37.23 -62.33 76.61
CA GLY J 86 -36.74 -63.67 76.35
C GLY J 86 -36.04 -64.25 77.56
N LEU J 87 -35.04 -63.53 78.06
CA LEU J 87 -34.29 -63.99 79.23
C LEU J 87 -35.26 -64.32 80.35
N LYS J 88 -36.42 -63.67 80.35
CA LYS J 88 -37.44 -63.90 81.36
C LYS J 88 -38.05 -65.29 81.21
N LEU J 89 -38.51 -65.59 79.99
CA LEU J 89 -39.12 -66.89 79.73
C LEU J 89 -38.13 -67.99 80.06
N ALA J 90 -36.88 -67.60 80.26
CA ALA J 90 -35.82 -68.55 80.61
C ALA J 90 -35.87 -68.81 82.10
N ASN J 91 -35.83 -67.74 82.89
CA ASN J 91 -35.87 -67.84 84.34
C ASN J 91 -37.18 -68.46 84.81
N GLU J 92 -38.26 -68.17 84.08
CA GLU J 92 -39.57 -68.70 84.43
C GLU J 92 -39.50 -70.23 84.45
N GLN J 93 -38.74 -70.79 83.51
CA GLN J 93 -38.58 -72.24 83.41
C GLN J 93 -37.71 -72.75 84.54
N ILE J 94 -36.64 -72.01 84.83
CA ILE J 94 -35.71 -72.37 85.89
C ILE J 94 -36.42 -72.41 87.24
N GLN J 95 -36.93 -71.26 87.67
CA GLN J 95 -37.61 -71.16 88.96
C GLN J 95 -38.73 -72.18 89.13
N LYS J 96 -39.20 -72.72 88.02
CA LYS J 96 -40.26 -73.72 88.07
C LYS J 96 -39.65 -75.12 88.18
N ALA J 97 -38.33 -75.19 88.00
CA ALA J 97 -37.61 -76.45 88.07
C ALA J 97 -37.03 -76.67 89.47
N GLY J 98 -36.74 -75.57 90.16
CA GLY J 98 -36.19 -75.67 91.51
C GLY J 98 -35.37 -74.46 91.90
N GLY J 99 -35.21 -73.52 90.97
CA GLY J 99 -34.44 -72.31 91.26
C GLY J 99 -32.97 -72.61 91.38
N LEU J 100 -32.43 -72.47 92.59
CA LEU J 100 -31.03 -72.73 92.83
C LEU J 100 -30.79 -74.23 92.67
N LYS J 101 -31.83 -75.01 92.96
CA LYS J 101 -31.77 -76.47 92.87
C LYS J 101 -31.59 -76.94 91.43
N THR J 102 -31.21 -76.02 90.55
CA THR J 102 -31.02 -76.37 89.13
C THR J 102 -29.80 -75.68 88.55
N SER J 103 -28.98 -76.47 87.85
CA SER J 103 -27.78 -75.94 87.21
C SER J 103 -28.16 -75.64 85.76
N SER J 104 -28.49 -74.39 85.49
CA SER J 104 -28.89 -73.98 84.15
C SER J 104 -27.84 -73.14 83.43
N ILE J 105 -27.90 -73.15 82.10
CA ILE J 105 -26.97 -72.39 81.27
C ILE J 105 -27.73 -71.62 80.19
N ILE J 106 -28.12 -70.39 80.52
CA ILE J 106 -28.86 -69.56 79.58
C ILE J 106 -27.94 -69.05 78.47
N ILE J 107 -28.29 -69.36 77.23
CA ILE J 107 -27.52 -68.95 76.08
C ILE J 107 -28.37 -68.04 75.18
N ALA J 108 -28.14 -66.74 75.26
CA ALA J 108 -28.89 -65.78 74.48
C ALA J 108 -28.17 -65.35 73.21
N LEU J 109 -28.84 -65.55 72.08
CA LEU J 109 -28.29 -65.17 70.78
C LEU J 109 -28.91 -63.85 70.36
N THR J 110 -28.08 -62.83 70.18
CA THR J 110 -28.59 -61.51 69.80
C THR J 110 -27.48 -60.60 69.29
N ASP J 111 -27.88 -59.47 68.74
CA ASP J 111 -26.93 -58.50 68.22
C ASP J 111 -26.46 -57.56 69.32
N GLY J 112 -27.08 -57.66 70.49
CA GLY J 112 -26.70 -56.81 71.61
C GLY J 112 -27.04 -55.35 71.39
N LYS J 113 -27.68 -55.06 70.26
CA LYS J 113 -28.07 -53.68 69.92
C LYS J 113 -29.44 -53.38 70.52
N LEU J 114 -29.49 -53.21 71.84
CA LEU J 114 -30.74 -52.91 72.52
C LEU J 114 -30.99 -51.40 72.50
N ASP J 115 -32.23 -51.00 72.76
CA ASP J 115 -32.59 -49.59 72.77
C ASP J 115 -33.58 -49.22 73.88
N GLY J 116 -33.55 -47.95 74.27
CA GLY J 116 -34.44 -47.47 75.32
C GLY J 116 -34.31 -48.15 76.66
N LEU J 117 -35.42 -48.70 77.16
CA LEU J 117 -35.44 -49.39 78.44
C LEU J 117 -34.95 -50.81 78.34
N VAL J 118 -34.99 -51.37 77.13
CA VAL J 118 -34.54 -52.74 76.92
C VAL J 118 -33.21 -53.00 77.64
N PRO J 119 -32.23 -52.09 77.48
CA PRO J 119 -30.93 -52.25 78.14
C PRO J 119 -31.08 -52.40 79.64
N SER J 120 -31.72 -51.40 80.26
CA SER J 120 -31.94 -51.41 81.69
C SER J 120 -32.59 -52.73 82.14
N TYR J 121 -33.73 -53.05 81.54
CA TYR J 121 -34.45 -54.27 81.88
C TYR J 121 -33.67 -55.54 81.55
N ALA J 122 -32.99 -55.54 80.40
CA ALA J 122 -32.20 -56.69 80.00
C ALA J 122 -31.15 -56.97 81.05
N GLU J 123 -30.34 -55.96 81.35
CA GLU J 123 -29.29 -56.08 82.35
C GLU J 123 -29.87 -56.57 83.66
N LYS J 124 -31.00 -56.00 84.05
CA LYS J 124 -31.66 -56.38 85.29
C LYS J 124 -32.23 -57.80 85.20
N GLU J 125 -33.00 -58.06 84.15
CA GLU J 125 -33.60 -59.37 83.97
C GLU J 125 -32.52 -60.43 83.90
N ALA J 126 -31.33 -60.03 83.46
CA ALA J 126 -30.20 -60.93 83.34
C ALA J 126 -29.67 -61.31 84.73
N LYS J 127 -29.57 -60.31 85.60
CA LYS J 127 -29.09 -60.54 86.96
C LYS J 127 -30.13 -61.41 87.68
N ILE J 128 -31.37 -61.32 87.21
CA ILE J 128 -32.45 -62.11 87.78
C ILE J 128 -32.19 -63.57 87.46
N SER J 129 -31.33 -63.80 86.46
CA SER J 129 -30.97 -65.14 86.05
C SER J 129 -29.89 -65.67 86.99
N ARG J 130 -28.80 -64.92 87.10
CA ARG J 130 -27.69 -65.30 87.96
C ARG J 130 -28.14 -65.36 89.42
N SER J 131 -29.35 -64.91 89.67
CA SER J 131 -29.91 -64.93 91.02
C SER J 131 -30.72 -66.19 91.22
N LEU J 132 -30.59 -67.13 90.27
CA LEU J 132 -31.31 -68.39 90.34
C LEU J 132 -30.36 -69.55 90.09
N GLY J 133 -29.09 -69.36 90.45
CA GLY J 133 -28.10 -70.40 90.26
C GLY J 133 -27.98 -70.77 88.79
N ALA J 134 -27.79 -69.77 87.96
CA ALA J 134 -27.66 -69.99 86.52
C ALA J 134 -26.56 -69.11 85.92
N SER J 135 -26.09 -69.51 84.74
CA SER J 135 -25.05 -68.76 84.04
C SER J 135 -25.60 -68.23 82.72
N VAL J 136 -25.30 -66.97 82.41
CA VAL J 136 -25.78 -66.35 81.19
C VAL J 136 -24.69 -66.26 80.11
N TYR J 137 -25.04 -66.64 78.88
CA TYR J 137 -24.11 -66.60 77.77
C TYR J 137 -24.65 -65.77 76.61
N CYS J 138 -23.94 -64.70 76.28
CA CYS J 138 -24.34 -63.81 75.21
C CYS J 138 -23.56 -64.10 73.92
N VAL J 139 -24.10 -65.00 73.10
CA VAL J 139 -23.45 -65.34 71.84
C VAL J 139 -23.94 -64.38 70.76
N GLY J 140 -23.37 -63.19 70.75
CA GLY J 140 -23.77 -62.17 69.80
C GLY J 140 -23.52 -62.47 68.34
N VAL J 141 -24.17 -61.69 67.48
CA VAL J 141 -24.06 -61.83 66.03
C VAL J 141 -23.66 -60.48 65.44
N LEU J 142 -23.05 -60.49 64.27
CA LEU J 142 -22.63 -59.26 63.61
C LEU J 142 -21.77 -58.44 64.56
N ASP J 143 -21.55 -57.17 64.22
CA ASP J 143 -20.74 -56.29 65.06
C ASP J 143 -21.52 -55.93 66.32
N PHE J 144 -21.98 -56.96 67.02
CA PHE J 144 -22.75 -56.81 68.24
C PHE J 144 -22.11 -55.87 69.26
N GLU J 145 -22.87 -55.53 70.29
CA GLU J 145 -22.39 -54.63 71.34
C GLU J 145 -21.70 -55.41 72.46
N GLN J 146 -20.39 -55.61 72.32
CA GLN J 146 -19.62 -56.33 73.32
C GLN J 146 -19.97 -55.77 74.69
N ALA J 147 -19.97 -54.45 74.80
CA ALA J 147 -20.29 -53.77 76.05
C ALA J 147 -21.56 -54.31 76.69
N GLN J 148 -22.69 -54.12 76.02
CA GLN J 148 -23.97 -54.59 76.54
C GLN J 148 -23.93 -56.05 76.94
N LEU J 149 -23.50 -56.91 76.01
CA LEU J 149 -23.41 -58.34 76.28
C LEU J 149 -22.72 -58.60 77.62
N GLU J 150 -21.64 -57.87 77.86
CA GLU J 150 -20.89 -58.01 79.11
C GLU J 150 -21.81 -57.79 80.30
N ARG J 151 -22.57 -56.71 80.25
CA ARG J 151 -23.49 -56.37 81.33
C ARG J 151 -24.69 -57.31 81.36
N ILE J 152 -24.84 -58.12 80.32
CA ILE J 152 -25.96 -59.06 80.25
C ILE J 152 -25.60 -60.42 80.82
N ALA J 153 -24.44 -60.95 80.43
CA ALA J 153 -23.99 -62.24 80.91
C ALA J 153 -23.25 -62.10 82.24
N ASP J 154 -22.53 -63.15 82.62
CA ASP J 154 -21.78 -63.14 83.87
C ASP J 154 -20.60 -62.18 83.77
N SER J 155 -19.69 -62.46 82.85
CA SER J 155 -18.51 -61.62 82.63
C SER J 155 -18.21 -61.55 81.15
N LYS J 156 -17.18 -60.78 80.78
CA LYS J 156 -16.81 -60.63 79.38
C LYS J 156 -16.36 -61.96 78.78
N GLU J 157 -16.27 -62.99 79.61
CA GLU J 157 -15.86 -64.30 79.15
C GLU J 157 -17.02 -65.05 78.51
N GLN J 158 -18.18 -65.04 79.17
CA GLN J 158 -19.36 -65.71 78.64
C GLN J 158 -19.88 -65.03 77.38
N VAL J 159 -19.01 -64.23 76.77
CA VAL J 159 -19.36 -63.50 75.55
C VAL J 159 -18.51 -64.05 74.40
N PHE J 160 -19.06 -65.00 73.66
CA PHE J 160 -18.35 -65.60 72.53
C PHE J 160 -18.99 -65.26 71.19
N PRO J 161 -18.21 -64.70 70.26
CA PRO J 161 -18.74 -64.35 68.94
C PRO J 161 -18.91 -65.60 68.08
N VAL J 162 -20.14 -65.87 67.66
CA VAL J 162 -20.43 -67.04 66.83
C VAL J 162 -19.41 -67.20 65.71
N LYS J 163 -18.99 -66.07 65.13
CA LYS J 163 -18.01 -66.09 64.05
C LYS J 163 -16.60 -66.30 64.60
N GLY J 164 -15.96 -67.37 64.15
CA GLY J 164 -14.61 -67.68 64.58
C GLY J 164 -14.36 -69.17 64.53
N GLY J 165 -13.11 -69.57 64.77
CA GLY J 165 -12.77 -70.98 64.74
C GLY J 165 -13.37 -71.74 65.90
N PHE J 166 -14.69 -71.90 65.88
CA PHE J 166 -15.41 -72.60 66.94
C PHE J 166 -15.12 -71.97 68.30
N GLN J 167 -14.50 -70.80 68.29
CA GLN J 167 -14.16 -70.09 69.51
C GLN J 167 -15.34 -70.15 70.47
N ALA J 168 -16.55 -70.06 69.92
CA ALA J 168 -17.77 -70.12 70.71
C ALA J 168 -18.02 -71.56 71.17
N LEU J 169 -18.27 -72.44 70.22
CA LEU J 169 -18.52 -73.85 70.52
C LEU J 169 -17.46 -74.37 71.48
N LYS J 170 -16.20 -74.17 71.13
CA LYS J 170 -15.10 -74.62 71.97
C LYS J 170 -15.14 -73.94 73.33
N GLY J 171 -14.78 -72.66 73.36
CA GLY J 171 -14.78 -71.91 74.60
C GLY J 171 -15.98 -72.15 75.50
N ILE J 172 -17.14 -72.37 74.90
CA ILE J 172 -18.37 -72.60 75.66
C ILE J 172 -18.50 -74.04 76.13
N ILE J 173 -18.56 -74.97 75.20
CA ILE J 173 -18.70 -76.39 75.54
C ILE J 173 -17.62 -76.80 76.54
N ASN J 174 -16.43 -76.21 76.39
CA ASN J 174 -15.32 -76.52 77.28
C ASN J 174 -15.43 -75.76 78.60
N SER J 175 -16.28 -74.74 78.62
CA SER J 175 -16.49 -73.94 79.82
C SER J 175 -17.65 -74.55 80.60
N ILE J 176 -18.45 -75.36 79.91
CA ILE J 176 -19.59 -76.04 80.51
C ILE J 176 -19.14 -77.38 81.07
N LEU J 177 -18.22 -78.04 80.37
CA LEU J 177 -17.69 -79.31 80.80
C LEU J 177 -16.68 -79.10 81.92
N ALA J 178 -16.28 -77.84 82.12
CA ALA J 178 -15.33 -77.48 83.16
C ALA J 178 -16.05 -77.49 84.50
N GLN J 179 -17.30 -77.94 84.47
CA GLN J 179 -18.13 -78.02 85.67
C GLN J 179 -18.64 -79.45 85.85
N SER J 180 -18.40 -80.29 84.84
CA SER J 180 -18.81 -81.68 84.88
C SER J 180 -17.73 -82.53 85.55
N CYS J 181 -18.09 -83.76 85.92
CA CYS J 181 -17.15 -84.65 86.58
C CYS J 181 -16.35 -85.42 85.54
N THR K 1 -105.17 7.69 75.32
CA THR K 1 -105.68 8.33 76.57
C THR K 1 -106.53 7.37 77.37
N VAL K 2 -106.46 6.08 77.02
CA VAL K 2 -107.23 5.05 77.71
C VAL K 2 -106.89 5.03 79.20
N PRO K 3 -107.92 5.01 80.06
CA PRO K 3 -107.76 4.99 81.51
C PRO K 3 -106.93 3.81 82.03
N ASP K 4 -105.86 4.11 82.76
CA ASP K 4 -104.99 3.10 83.34
C ASP K 4 -104.11 3.71 84.43
N ARG K 5 -104.58 3.63 85.66
CA ARG K 5 -103.86 4.19 86.80
C ARG K 5 -102.59 3.39 87.07
N ASP K 6 -102.74 2.08 87.22
CA ASP K 6 -101.61 1.19 87.48
C ASP K 6 -100.46 1.50 86.54
N ASN K 7 -100.79 1.91 85.31
CA ASN K 7 -99.79 2.25 84.30
C ASN K 7 -99.06 1.01 83.80
N ASP K 8 -99.61 -0.17 84.08
CA ASP K 8 -98.98 -1.41 83.66
C ASP K 8 -99.18 -1.70 82.19
N GLY K 9 -100.27 -1.20 81.62
CA GLY K 9 -100.53 -1.42 80.21
C GLY K 9 -101.82 -2.16 79.94
N ILE K 10 -102.63 -2.34 80.97
CA ILE K 10 -103.90 -3.03 80.84
C ILE K 10 -105.02 -2.11 81.31
N PRO K 11 -105.71 -1.45 80.38
CA PRO K 11 -106.82 -0.53 80.64
C PRO K 11 -107.73 -0.99 81.77
N ASP K 12 -107.79 -0.20 82.83
CA ASP K 12 -108.61 -0.51 84.00
C ASP K 12 -109.68 -1.55 83.73
N SER K 13 -110.76 -1.12 83.09
CA SER K 13 -111.85 -2.02 82.77
C SER K 13 -111.34 -3.42 82.47
N LEU K 14 -110.61 -3.56 81.37
CA LEU K 14 -110.05 -4.85 80.97
C LEU K 14 -109.54 -5.63 82.16
N GLU K 15 -108.70 -4.99 82.96
CA GLU K 15 -108.11 -5.64 84.12
C GLU K 15 -109.12 -5.92 85.25
N VAL K 16 -110.24 -5.23 85.23
CA VAL K 16 -111.25 -5.44 86.27
C VAL K 16 -112.38 -6.35 85.82
N GLU K 17 -112.89 -6.08 84.62
CA GLU K 17 -113.99 -6.85 84.05
C GLU K 17 -113.53 -8.13 83.34
N GLY K 18 -112.23 -8.40 83.40
CA GLY K 18 -111.70 -9.59 82.77
C GLY K 18 -111.08 -9.34 81.41
N TYR K 19 -109.99 -10.07 81.14
CA TYR K 19 -109.28 -9.93 79.87
C TYR K 19 -108.42 -11.15 79.62
N THR K 20 -107.68 -11.09 78.53
CA THR K 20 -106.77 -12.17 78.14
C THR K 20 -106.09 -11.72 76.87
N VAL K 21 -105.23 -12.57 76.33
CA VAL K 21 -104.52 -12.22 75.11
C VAL K 21 -104.34 -13.38 74.17
N ASP K 22 -104.39 -13.08 72.87
CA ASP K 22 -104.23 -14.07 71.83
C ASP K 22 -103.35 -13.46 70.74
N VAL K 23 -103.17 -14.18 69.63
CA VAL K 23 -102.35 -13.70 68.53
C VAL K 23 -103.02 -13.82 67.17
N LYS K 24 -103.48 -12.68 66.64
CA LYS K 24 -104.15 -12.65 65.34
C LYS K 24 -103.18 -13.16 64.29
N ASN K 25 -102.66 -12.25 63.45
CA ASN K 25 -101.70 -12.64 62.44
C ASN K 25 -100.59 -13.33 63.20
N LYS K 26 -99.68 -12.54 63.73
CA LYS K 26 -98.58 -13.05 64.53
C LYS K 26 -98.30 -12.04 65.60
N ARG K 27 -99.29 -11.17 65.85
CA ARG K 27 -99.16 -10.14 66.86
C ARG K 27 -99.97 -10.52 68.08
N THR K 28 -99.65 -9.92 69.22
CA THR K 28 -100.36 -10.22 70.46
C THR K 28 -101.38 -9.13 70.77
N PHE K 29 -102.64 -9.52 70.83
CA PHE K 29 -103.70 -8.56 71.12
C PHE K 29 -104.29 -8.74 72.51
N LEU K 30 -104.26 -7.69 73.31
CA LEU K 30 -104.82 -7.73 74.65
C LEU K 30 -106.27 -7.28 74.50
N SER K 31 -107.19 -8.23 74.63
CA SER K 31 -108.62 -7.95 74.47
C SER K 31 -109.47 -8.38 75.66
N PRO K 32 -110.64 -7.74 75.84
CA PRO K 32 -111.55 -8.07 76.94
C PRO K 32 -112.11 -9.47 76.79
N TRP K 33 -112.74 -9.98 77.85
CA TRP K 33 -113.29 -11.32 77.84
C TRP K 33 -114.48 -11.49 76.91
N ILE K 34 -114.57 -12.68 76.31
CA ILE K 34 -115.66 -13.02 75.41
C ILE K 34 -115.98 -14.50 75.59
N SER K 35 -116.85 -14.80 76.55
CA SER K 35 -117.26 -16.16 76.86
C SER K 35 -117.38 -17.02 75.61
N ASN K 36 -117.74 -16.38 74.50
CA ASN K 36 -117.89 -17.08 73.24
C ASN K 36 -116.54 -17.49 72.66
N ILE K 37 -116.18 -16.86 71.54
CA ILE K 37 -114.93 -17.13 70.85
C ILE K 37 -113.71 -17.39 71.73
N HIS K 38 -113.62 -16.71 72.85
CA HIS K 38 -112.47 -16.89 73.74
C HIS K 38 -112.44 -18.23 74.46
N GLU K 39 -113.42 -18.46 75.34
CA GLU K 39 -113.48 -19.70 76.11
C GLU K 39 -113.35 -20.95 75.26
N LYS K 40 -113.48 -20.77 73.95
CA LYS K 40 -113.38 -21.88 73.01
C LYS K 40 -111.92 -22.19 72.66
N LYS K 41 -111.20 -21.19 72.17
CA LYS K 41 -109.81 -21.36 71.78
C LYS K 41 -108.91 -21.88 72.91
N GLY K 42 -109.46 -21.96 74.11
CA GLY K 42 -108.69 -22.47 75.24
C GLY K 42 -108.02 -21.45 76.13
N LEU K 43 -108.18 -20.16 75.82
CA LEU K 43 -107.56 -19.11 76.61
C LEU K 43 -108.09 -19.12 78.05
N THR K 44 -107.76 -18.08 78.81
CA THR K 44 -108.20 -17.99 80.20
C THR K 44 -108.72 -16.59 80.50
N LYS K 45 -109.43 -16.46 81.61
CA LYS K 45 -109.98 -15.18 82.02
C LYS K 45 -109.04 -14.55 83.05
N TYR K 46 -108.16 -13.67 82.58
CA TYR K 46 -107.20 -13.01 83.46
C TYR K 46 -107.77 -11.74 84.07
N LYS K 47 -108.41 -11.87 85.23
CA LYS K 47 -108.98 -10.73 85.91
C LYS K 47 -108.01 -10.30 87.01
N SER K 48 -107.33 -9.19 86.81
CA SER K 48 -106.37 -8.71 87.80
C SER K 48 -106.83 -7.42 88.49
N SER K 49 -105.88 -6.64 88.99
CA SER K 49 -106.21 -5.39 89.67
C SER K 49 -105.56 -4.20 88.99
N PRO K 50 -106.32 -3.13 88.80
CA PRO K 50 -105.91 -1.89 88.16
C PRO K 50 -105.08 -0.92 88.98
N GLU K 51 -105.01 -1.10 90.29
CA GLU K 51 -104.22 -0.17 91.08
C GLU K 51 -102.88 -0.70 91.55
N LYS K 52 -102.48 -1.86 91.05
CA LYS K 52 -101.21 -2.45 91.43
C LYS K 52 -100.41 -2.85 90.19
N TRP K 53 -99.14 -2.46 90.16
CA TRP K 53 -98.28 -2.76 89.03
C TRP K 53 -98.18 -4.27 88.85
N SER K 54 -98.35 -4.99 89.95
CA SER K 54 -98.30 -6.44 89.94
C SER K 54 -99.13 -6.88 91.13
N THR K 55 -100.40 -7.18 90.87
CA THR K 55 -101.32 -7.58 91.91
C THR K 55 -100.72 -8.53 92.96
N ALA K 56 -99.77 -9.35 92.54
CA ALA K 56 -99.15 -10.30 93.45
C ALA K 56 -98.07 -9.61 94.29
N SER K 57 -97.64 -8.44 93.82
CA SER K 57 -96.60 -7.62 94.46
C SER K 57 -95.23 -7.95 93.90
N ASP K 58 -95.03 -9.21 93.54
CA ASP K 58 -93.75 -9.65 92.99
C ASP K 58 -93.32 -8.70 91.87
N PRO K 59 -92.03 -8.71 91.53
CA PRO K 59 -91.47 -7.86 90.49
C PRO K 59 -91.86 -8.23 89.07
N TYR K 60 -93.14 -8.21 88.76
CA TYR K 60 -93.60 -8.55 87.43
C TYR K 60 -94.98 -7.96 87.13
N SER K 61 -95.00 -6.89 86.34
CA SER K 61 -96.26 -6.22 85.99
C SER K 61 -97.28 -7.22 85.47
N ASP K 62 -98.50 -7.11 85.97
CA ASP K 62 -99.58 -7.99 85.55
C ASP K 62 -99.42 -8.17 84.06
N PHE K 63 -99.28 -7.05 83.35
CA PHE K 63 -99.12 -7.08 81.92
C PHE K 63 -97.93 -7.96 81.55
N GLU K 64 -96.76 -7.59 82.04
CA GLU K 64 -95.55 -8.34 81.76
C GLU K 64 -95.77 -9.85 81.76
N LYS K 65 -96.62 -10.33 82.66
CA LYS K 65 -96.88 -11.76 82.74
C LYS K 65 -97.74 -12.27 81.57
N VAL K 66 -99.02 -11.91 81.58
CA VAL K 66 -99.92 -12.34 80.53
C VAL K 66 -99.36 -12.12 79.13
N THR K 67 -98.80 -10.94 78.90
CA THR K 67 -98.24 -10.64 77.59
C THR K 67 -97.09 -11.57 77.24
N GLY K 68 -96.41 -12.09 78.27
CA GLY K 68 -95.30 -12.99 78.04
C GLY K 68 -93.96 -12.28 77.99
N ARG K 69 -94.01 -10.96 77.99
CA ARG K 69 -92.80 -10.15 77.95
C ARG K 69 -92.20 -10.11 79.36
N ILE K 70 -91.52 -11.19 79.73
CA ILE K 70 -90.93 -11.31 81.07
C ILE K 70 -89.83 -12.36 81.07
N ASP K 71 -89.05 -12.42 82.14
CA ASP K 71 -87.98 -13.40 82.26
C ASP K 71 -88.57 -14.78 82.01
N LYS K 72 -88.17 -15.39 80.91
CA LYS K 72 -88.69 -16.70 80.53
C LYS K 72 -88.56 -17.81 81.56
N ASN K 73 -87.82 -17.59 82.64
CA ASN K 73 -87.68 -18.64 83.63
C ASN K 73 -88.85 -18.72 84.58
N VAL K 74 -89.55 -17.60 84.77
CA VAL K 74 -90.70 -17.56 85.67
C VAL K 74 -91.63 -18.73 85.42
N SER K 75 -91.92 -19.49 86.49
CA SER K 75 -92.80 -20.64 86.40
C SER K 75 -94.07 -20.30 85.63
N PRO K 76 -94.57 -21.26 84.82
CA PRO K 76 -95.78 -21.01 84.04
C PRO K 76 -96.95 -20.55 84.90
N GLU K 77 -97.38 -21.40 85.83
CA GLU K 77 -98.49 -21.08 86.71
C GLU K 77 -98.35 -19.74 87.41
N ALA K 78 -97.18 -19.13 87.29
CA ALA K 78 -96.94 -17.84 87.92
C ALA K 78 -97.07 -16.75 86.89
N ARG K 79 -97.18 -17.15 85.63
CA ARG K 79 -97.31 -16.20 84.55
C ARG K 79 -98.65 -15.51 84.68
N HIS K 80 -99.48 -15.99 85.61
CA HIS K 80 -100.81 -15.45 85.85
C HIS K 80 -100.79 -14.29 86.86
N PRO K 81 -101.55 -13.23 86.60
CA PRO K 81 -101.65 -12.05 87.44
C PRO K 81 -101.97 -12.24 88.92
N LEU K 82 -102.48 -13.41 89.28
CA LEU K 82 -102.82 -13.65 90.68
C LEU K 82 -102.01 -14.73 91.38
N VAL K 83 -100.94 -15.19 90.75
CA VAL K 83 -100.10 -16.22 91.34
C VAL K 83 -98.72 -15.67 91.66
N ALA K 84 -98.38 -15.69 92.94
CA ALA K 84 -97.09 -15.18 93.40
C ALA K 84 -95.97 -15.71 92.52
N ALA K 85 -95.01 -14.85 92.23
CA ALA K 85 -93.87 -15.25 91.41
C ALA K 85 -92.58 -15.04 92.19
N TYR K 86 -92.51 -15.61 93.39
CA TYR K 86 -91.33 -15.48 94.21
C TYR K 86 -90.55 -16.78 94.27
N PRO K 87 -89.25 -16.72 94.60
CA PRO K 87 -88.41 -17.91 94.69
C PRO K 87 -88.48 -18.54 96.07
N ILE K 88 -88.36 -19.86 96.11
CA ILE K 88 -88.37 -20.57 97.38
C ILE K 88 -87.35 -21.69 97.26
N VAL K 89 -86.28 -21.55 98.04
CA VAL K 89 -85.20 -22.53 97.99
C VAL K 89 -84.94 -23.20 99.33
N HIS K 90 -84.66 -24.49 99.28
CA HIS K 90 -84.36 -25.28 100.45
C HIS K 90 -83.14 -26.13 100.12
N VAL K 91 -82.47 -26.68 101.12
CA VAL K 91 -81.28 -27.48 100.85
C VAL K 91 -81.45 -28.98 100.95
N ASP K 92 -80.97 -29.69 99.94
CA ASP K 92 -81.05 -31.14 99.91
C ASP K 92 -79.67 -31.71 100.16
N MET K 93 -79.59 -32.71 101.02
CA MET K 93 -78.34 -33.37 101.36
C MET K 93 -78.40 -34.81 100.89
N GLU K 94 -77.70 -35.13 99.81
CA GLU K 94 -77.72 -36.48 99.26
C GLU K 94 -77.04 -37.53 100.13
N ASN K 95 -75.85 -37.23 100.64
CA ASN K 95 -75.13 -38.18 101.47
C ASN K 95 -74.09 -37.51 102.35
N ILE K 96 -73.89 -38.05 103.54
CA ILE K 96 -72.92 -37.52 104.47
C ILE K 96 -71.80 -38.52 104.68
N ILE K 97 -70.76 -38.09 105.37
CA ILE K 97 -69.61 -38.95 105.62
C ILE K 97 -68.96 -38.58 106.94
N LEU K 98 -69.19 -39.41 107.95
CA LEU K 98 -68.63 -39.19 109.27
C LEU K 98 -67.29 -39.90 109.41
N SER K 99 -66.31 -39.18 109.96
CA SER K 99 -64.97 -39.75 110.14
C SER K 99 -64.33 -39.20 111.41
N LYS K 100 -63.37 -39.95 111.95
CA LYS K 100 -62.66 -39.55 113.15
C LYS K 100 -61.69 -38.44 112.79
N ASN K 101 -61.82 -37.29 113.47
CA ASN K 101 -60.95 -36.16 113.19
C ASN K 101 -59.48 -36.58 113.22
N GLU K 102 -58.75 -36.23 112.16
CA GLU K 102 -57.34 -36.56 112.04
C GLU K 102 -56.57 -36.28 113.34
N ASP K 110 -53.40 -44.37 107.69
CA ASP K 110 -53.80 -45.75 107.91
C ASP K 110 -55.31 -45.86 108.10
N SER K 111 -55.97 -44.70 108.16
CA SER K 111 -57.42 -44.65 108.34
C SER K 111 -58.14 -44.65 106.99
N GLN K 112 -58.83 -45.74 106.71
CA GLN K 112 -59.57 -45.89 105.45
C GLN K 112 -60.94 -46.51 105.69
N THR K 113 -61.02 -47.45 106.64
CA THR K 113 -62.27 -48.12 106.96
C THR K 113 -62.81 -47.62 108.30
N ARG K 114 -62.11 -46.66 108.89
CA ARG K 114 -62.52 -46.09 110.18
C ARG K 114 -63.51 -44.96 109.90
N THR K 115 -64.13 -45.00 108.71
CA THR K 115 -65.07 -43.97 108.31
C THR K 115 -66.40 -44.53 107.81
N ILE K 116 -67.49 -43.96 108.29
CA ILE K 116 -68.82 -44.38 107.89
C ILE K 116 -69.37 -43.42 106.83
N SER K 117 -69.99 -43.96 105.80
CA SER K 117 -70.55 -43.14 104.73
C SER K 117 -71.93 -43.64 104.34
N LYS K 118 -72.97 -43.03 104.90
CA LYS K 118 -74.34 -43.40 104.61
C LYS K 118 -75.02 -42.37 103.73
N ASN K 119 -76.07 -42.79 103.02
CA ASN K 119 -76.83 -41.89 102.14
C ASN K 119 -77.87 -41.17 102.98
N THR K 120 -78.56 -40.21 102.38
CA THR K 120 -79.57 -39.46 103.10
C THR K 120 -80.78 -39.09 102.26
N SER K 121 -81.90 -38.86 102.94
CA SER K 121 -83.15 -38.49 102.27
C SER K 121 -83.66 -37.16 102.81
N THR K 122 -83.56 -36.12 101.99
CA THR K 122 -84.00 -34.79 102.40
C THR K 122 -85.39 -34.50 101.83
N SER K 123 -86.10 -33.56 102.45
CA SER K 123 -87.44 -33.17 102.00
C SER K 123 -87.94 -31.93 102.72
N ARG K 124 -88.38 -30.93 101.97
CA ARG K 124 -88.88 -29.69 102.58
C ARG K 124 -89.84 -30.07 103.68
N THR K 125 -89.98 -29.22 104.68
CA THR K 125 -90.87 -29.49 105.79
C THR K 125 -91.85 -28.35 106.00
N HIS K 126 -92.62 -28.42 107.08
CA HIS K 126 -93.59 -27.38 107.39
C HIS K 126 -94.13 -27.59 108.80
N THR K 127 -93.23 -27.92 109.72
CA THR K 127 -93.57 -28.16 111.12
C THR K 127 -94.76 -27.36 111.64
N SER K 128 -95.74 -28.06 112.20
CA SER K 128 -96.94 -27.42 112.74
C SER K 128 -96.81 -27.37 114.26
N GLU K 129 -97.94 -27.31 114.96
CA GLU K 129 -97.94 -27.27 116.41
C GLU K 129 -97.96 -28.68 117.01
N VAL K 130 -97.83 -28.76 118.33
CA VAL K 130 -97.83 -30.02 119.03
C VAL K 130 -99.26 -30.52 119.25
N HIS K 131 -99.42 -31.42 120.22
CA HIS K 131 -100.72 -31.98 120.54
C HIS K 131 -101.51 -31.03 121.42
N GLY K 132 -100.98 -30.76 122.61
CA GLY K 132 -101.66 -29.85 123.53
C GLY K 132 -101.23 -30.05 124.97
N ASN K 133 -99.93 -30.00 125.21
CA ASN K 133 -99.40 -30.18 126.56
C ASN K 133 -97.96 -29.66 126.68
N ALA K 134 -97.30 -29.47 125.55
CA ALA K 134 -95.92 -28.98 125.54
C ALA K 134 -95.81 -27.67 126.29
N GLU K 135 -95.15 -27.70 127.44
CA GLU K 135 -94.98 -26.52 128.27
C GLU K 135 -94.33 -25.38 127.50
N VAL K 136 -95.15 -24.40 127.08
CA VAL K 136 -94.65 -23.26 126.35
C VAL K 136 -94.64 -22.02 127.24
N HIS K 137 -93.55 -21.26 127.20
CA HIS K 137 -93.41 -20.06 128.01
C HIS K 137 -94.64 -19.16 127.92
N ALA K 138 -94.90 -18.43 129.02
CA ALA K 138 -96.04 -17.53 129.11
C ALA K 138 -96.17 -16.59 127.92
N SER K 139 -95.04 -16.28 127.28
CA SER K 139 -95.04 -15.38 126.13
C SER K 139 -95.63 -16.05 124.89
N PHE K 140 -96.47 -17.06 125.10
CA PHE K 140 -97.09 -17.77 123.99
C PHE K 140 -98.47 -17.23 123.64
N PHE K 141 -99.19 -16.75 124.65
CA PHE K 141 -100.53 -16.22 124.42
C PHE K 141 -100.54 -14.70 124.34
N ASP K 142 -99.51 -14.14 123.74
CA ASP K 142 -99.39 -12.69 123.58
C ASP K 142 -99.61 -12.32 122.12
N ILE K 143 -99.49 -11.04 121.81
CA ILE K 143 -99.68 -10.57 120.44
C ILE K 143 -98.39 -10.72 119.64
N GLY K 144 -98.42 -11.61 118.64
CA GLY K 144 -97.25 -11.84 117.82
C GLY K 144 -96.20 -12.65 118.55
N GLY K 145 -96.14 -12.47 119.87
CA GLY K 145 -95.17 -13.19 120.67
C GLY K 145 -95.39 -14.69 120.70
N SER K 146 -94.46 -15.44 120.12
CA SER K 146 -94.51 -16.89 120.09
C SER K 146 -95.69 -17.45 119.30
N VAL K 147 -96.64 -16.59 118.95
CA VAL K 147 -97.81 -17.03 118.19
C VAL K 147 -97.41 -17.27 116.74
N SER K 148 -96.66 -18.34 116.52
CA SER K 148 -96.21 -18.70 115.17
C SER K 148 -97.38 -19.17 114.31
N ALA K 149 -98.57 -19.22 114.91
CA ALA K 149 -99.78 -19.66 114.21
C ALA K 149 -99.57 -21.03 113.58
N GLY K 150 -98.75 -21.86 114.22
CA GLY K 150 -98.49 -23.19 113.70
C GLY K 150 -97.33 -23.22 112.74
N PHE K 151 -97.47 -22.51 111.63
CA PHE K 151 -96.43 -22.44 110.61
C PHE K 151 -96.37 -21.07 109.95
N SER K 152 -95.16 -20.61 109.65
CA SER K 152 -94.98 -19.30 109.03
C SER K 152 -93.92 -19.32 107.92
N ASN K 153 -93.48 -18.13 107.52
CA ASN K 153 -92.50 -17.97 106.46
C ASN K 153 -91.07 -18.29 106.88
N SER K 154 -90.50 -19.32 106.25
CA SER K 154 -89.13 -19.75 106.51
C SER K 154 -88.89 -21.15 105.94
N ASN K 155 -87.81 -21.30 105.19
CA ASN K 155 -87.48 -22.59 104.59
C ASN K 155 -86.68 -23.45 105.55
N SER K 156 -87.16 -24.66 105.80
CA SER K 156 -86.47 -25.59 106.69
C SER K 156 -86.61 -27.02 106.20
N SER K 157 -85.55 -27.54 105.59
CA SER K 157 -85.55 -28.90 105.09
C SER K 157 -85.17 -29.86 106.20
N THR K 158 -85.27 -31.16 105.94
CA THR K 158 -84.93 -32.16 106.93
C THR K 158 -84.37 -33.41 106.29
N VAL K 159 -83.20 -33.83 106.75
CA VAL K 159 -82.55 -35.02 106.23
C VAL K 159 -82.61 -36.15 107.23
N ALA K 160 -82.42 -37.37 106.74
CA ALA K 160 -82.42 -38.56 107.57
C ALA K 160 -81.28 -39.40 107.06
N ILE K 161 -80.53 -40.00 107.99
CA ILE K 161 -79.39 -40.81 107.59
C ILE K 161 -79.76 -42.28 107.44
N ASP K 162 -79.36 -42.85 106.31
CA ASP K 162 -79.63 -44.26 106.02
C ASP K 162 -79.28 -45.10 107.25
N HIS K 163 -80.29 -45.68 107.88
CA HIS K 163 -80.08 -46.49 109.08
C HIS K 163 -79.63 -47.90 108.75
N SER K 164 -79.62 -48.25 107.47
CA SER K 164 -79.22 -49.59 107.05
C SER K 164 -77.73 -49.84 107.30
N LEU K 165 -77.20 -50.89 106.67
CA LEU K 165 -75.80 -51.26 106.84
C LEU K 165 -74.92 -50.76 105.71
N SER K 166 -73.61 -50.76 105.95
CA SER K 166 -72.64 -50.32 104.96
C SER K 166 -71.55 -51.38 104.83
N LEU K 167 -71.29 -52.08 105.94
CA LEU K 167 -70.29 -53.13 105.96
C LEU K 167 -70.92 -54.45 106.38
N ALA K 168 -70.12 -55.33 106.97
CA ALA K 168 -70.61 -56.63 107.40
C ALA K 168 -71.41 -56.56 108.69
N GLY K 169 -70.86 -57.16 109.75
CA GLY K 169 -71.55 -57.15 111.03
C GLY K 169 -71.32 -55.90 111.85
N GLU K 170 -71.13 -54.77 111.18
CA GLU K 170 -70.90 -53.51 111.88
C GLU K 170 -71.91 -53.34 113.01
N ARG K 171 -71.53 -52.57 114.02
CA ARG K 171 -72.42 -52.33 115.16
C ARG K 171 -71.95 -51.11 115.94
N THR K 172 -72.85 -50.16 116.15
CA THR K 172 -72.53 -48.93 116.88
C THR K 172 -71.39 -48.20 116.19
N TRP K 173 -71.72 -47.15 115.44
CA TRP K 173 -70.72 -46.38 114.71
C TRP K 173 -69.44 -46.27 115.52
N ALA K 174 -69.59 -46.16 116.84
CA ALA K 174 -68.45 -46.04 117.75
C ALA K 174 -67.36 -47.03 117.36
N GLU K 175 -67.54 -48.29 117.77
CA GLU K 175 -66.56 -49.34 117.48
C GLU K 175 -66.16 -49.36 116.01
N THR K 176 -67.09 -48.97 115.14
CA THR K 176 -66.84 -48.95 113.71
C THR K 176 -65.71 -47.98 113.35
N MET K 177 -65.82 -46.76 113.85
CA MET K 177 -64.82 -45.72 113.61
C MET K 177 -63.70 -45.80 114.62
N GLY K 178 -64.08 -45.81 115.89
CA GLY K 178 -63.10 -45.87 116.96
C GLY K 178 -63.05 -44.55 117.70
N LEU K 179 -64.23 -44.08 118.13
CA LEU K 179 -64.33 -42.82 118.85
C LEU K 179 -64.50 -43.05 120.35
N ASN K 180 -63.62 -42.43 121.13
CA ASN K 180 -63.66 -42.54 122.58
C ASN K 180 -63.87 -41.17 123.19
N THR K 181 -64.52 -41.14 124.36
CA THR K 181 -64.82 -39.92 125.08
C THR K 181 -63.99 -38.68 124.69
N ALA K 182 -62.67 -38.83 124.71
CA ALA K 182 -61.78 -37.72 124.38
C ALA K 182 -61.42 -37.65 122.91
N ASP K 183 -62.43 -37.75 122.05
CA ASP K 183 -62.19 -37.69 120.60
C ASP K 183 -63.17 -36.76 119.90
N THR K 184 -62.78 -36.32 118.70
CA THR K 184 -63.59 -35.42 117.90
C THR K 184 -63.86 -36.03 116.53
N ALA K 185 -65.10 -35.92 116.08
CA ALA K 185 -65.50 -36.46 114.79
C ALA K 185 -65.82 -35.32 113.83
N ARG K 186 -65.25 -35.41 112.64
CA ARG K 186 -65.47 -34.40 111.62
C ARG K 186 -66.55 -34.85 110.64
N LEU K 187 -67.54 -33.98 110.42
CA LEU K 187 -68.64 -34.27 109.50
C LEU K 187 -68.35 -33.65 108.15
N ASN K 188 -68.92 -34.23 107.12
CA ASN K 188 -68.75 -33.75 105.76
C ASN K 188 -69.91 -34.31 104.95
N ALA K 189 -70.34 -33.59 103.92
CA ALA K 189 -71.44 -34.07 103.10
C ALA K 189 -71.54 -33.37 101.75
N ASN K 190 -72.37 -33.93 100.88
CA ASN K 190 -72.58 -33.37 99.55
C ASN K 190 -74.02 -32.88 99.50
N ILE K 191 -74.21 -31.58 99.36
CA ILE K 191 -75.53 -31.03 99.30
C ILE K 191 -75.74 -30.20 98.05
N ARG K 192 -77.01 -29.99 97.72
CA ARG K 192 -77.39 -29.21 96.55
C ARG K 192 -78.57 -28.29 96.83
N TYR K 193 -78.42 -27.03 96.44
CA TYR K 193 -79.50 -26.07 96.63
C TYR K 193 -80.52 -26.43 95.59
N VAL K 194 -81.80 -26.24 95.90
CA VAL K 194 -82.86 -26.54 94.95
C VAL K 194 -84.05 -25.63 95.15
N ASN K 195 -84.43 -24.95 94.07
CA ASN K 195 -85.54 -24.02 94.11
C ASN K 195 -86.86 -24.72 93.92
N THR K 196 -87.85 -24.35 94.72
CA THR K 196 -89.16 -24.98 94.65
C THR K 196 -90.27 -23.98 94.33
N GLY K 197 -89.96 -22.70 94.41
CA GLY K 197 -90.95 -21.68 94.15
C GLY K 197 -91.48 -21.50 92.73
N THR K 198 -91.52 -20.24 92.29
CA THR K 198 -92.03 -19.88 90.98
C THR K 198 -91.12 -18.89 90.27
N ALA K 199 -90.11 -18.39 90.98
CA ALA K 199 -89.16 -17.44 90.41
C ALA K 199 -87.74 -17.96 90.55
N PRO K 200 -86.81 -17.45 89.74
CA PRO K 200 -85.41 -17.89 89.81
C PRO K 200 -84.49 -16.91 90.52
N ILE K 201 -83.34 -17.39 90.99
CA ILE K 201 -82.35 -16.55 91.64
C ILE K 201 -81.13 -16.56 90.73
N TYR K 202 -80.59 -15.39 90.43
CA TYR K 202 -79.45 -15.32 89.51
C TYR K 202 -78.03 -15.20 90.05
N ASN K 203 -77.87 -15.04 91.36
CA ASN K 203 -76.51 -14.93 91.90
C ASN K 203 -76.29 -15.45 93.32
N VAL K 204 -76.38 -14.56 94.30
CA VAL K 204 -76.16 -14.95 95.69
C VAL K 204 -77.14 -16.00 96.21
N LEU K 205 -76.63 -17.16 96.60
CA LEU K 205 -77.47 -18.23 97.13
C LEU K 205 -77.73 -17.95 98.61
N PRO K 206 -78.66 -18.70 99.21
CA PRO K 206 -79.01 -18.54 100.62
C PRO K 206 -77.97 -18.98 101.62
N THR K 207 -78.07 -18.46 102.83
CA THR K 207 -77.16 -18.78 103.93
C THR K 207 -77.80 -19.83 104.82
N THR K 208 -77.77 -21.08 104.39
CA THR K 208 -78.37 -22.16 105.17
C THR K 208 -77.47 -22.64 106.30
N SER K 209 -78.08 -22.89 107.45
CA SER K 209 -77.36 -23.36 108.64
C SER K 209 -77.77 -24.78 109.02
N LEU K 210 -76.77 -25.65 109.19
CA LEU K 210 -77.00 -27.04 109.54
C LEU K 210 -77.12 -27.21 111.05
N VAL K 211 -78.25 -27.73 111.49
CA VAL K 211 -78.49 -27.93 112.92
C VAL K 211 -78.65 -29.41 113.30
N LEU K 212 -78.40 -29.70 114.57
CA LEU K 212 -78.50 -31.05 115.10
C LEU K 212 -79.29 -31.04 116.40
N GLY K 213 -80.50 -31.56 116.37
CA GLY K 213 -81.31 -31.56 117.56
C GLY K 213 -82.25 -30.36 117.61
N LYS K 214 -82.30 -29.70 118.76
CA LYS K 214 -83.18 -28.54 118.92
C LYS K 214 -82.49 -27.19 118.83
N ASN K 215 -81.16 -27.17 118.91
CA ASN K 215 -80.43 -25.91 118.84
C ASN K 215 -78.95 -26.06 118.57
N GLN K 216 -78.44 -27.28 118.68
CA GLN K 216 -77.02 -27.53 118.43
C GLN K 216 -76.65 -27.35 116.96
N THR K 217 -76.13 -26.18 116.64
CA THR K 217 -75.73 -25.87 115.27
C THR K 217 -74.37 -26.50 114.99
N LEU K 218 -74.27 -27.28 113.92
CA LEU K 218 -73.02 -27.94 113.58
C LEU K 218 -72.19 -27.10 112.62
N ALA K 219 -72.82 -26.12 111.98
CA ALA K 219 -72.13 -25.25 111.03
C ALA K 219 -73.15 -24.36 110.32
N THR K 220 -72.65 -23.43 109.52
CA THR K 220 -73.51 -22.53 108.77
C THR K 220 -72.94 -22.34 107.37
N ILE K 221 -73.51 -23.07 106.41
CA ILE K 221 -73.04 -22.99 105.03
C ILE K 221 -73.61 -21.83 104.25
N LYS K 222 -72.71 -21.05 103.64
CA LYS K 222 -73.07 -19.89 102.86
C LYS K 222 -72.01 -19.62 101.79
N ALA K 223 -71.92 -20.49 100.79
CA ALA K 223 -70.94 -20.35 99.72
C ALA K 223 -70.85 -18.90 99.23
N LYS K 224 -69.65 -18.49 98.84
CA LYS K 224 -69.37 -17.12 98.38
C LYS K 224 -70.44 -16.51 97.47
N GLU K 225 -70.60 -15.19 97.58
CA GLU K 225 -71.56 -14.44 96.78
C GLU K 225 -70.96 -14.03 95.44
N ASN K 226 -71.81 -13.92 94.42
CA ASN K 226 -71.37 -13.55 93.09
C ASN K 226 -70.40 -14.58 92.52
N GLN K 227 -69.88 -15.44 93.40
CA GLN K 227 -68.95 -16.48 93.02
C GLN K 227 -69.54 -17.32 91.91
N LEU K 228 -70.87 -17.45 91.92
CA LEU K 228 -71.55 -18.24 90.89
C LEU K 228 -72.43 -17.35 90.02
N SER K 229 -72.52 -17.72 88.74
CA SER K 229 -73.35 -16.99 87.80
C SER K 229 -74.43 -17.92 87.30
N GLN K 230 -74.40 -19.16 87.77
CA GLN K 230 -75.39 -20.16 87.39
C GLN K 230 -76.75 -19.66 87.84
N ILE K 231 -77.81 -20.26 87.31
CA ILE K 231 -79.15 -19.84 87.67
C ILE K 231 -79.91 -20.89 88.46
N LEU K 232 -80.57 -20.43 89.52
CA LEU K 232 -81.34 -21.33 90.37
C LEU K 232 -82.81 -21.27 89.94
N ALA K 233 -83.08 -21.83 88.77
CA ALA K 233 -84.42 -21.86 88.20
C ALA K 233 -85.40 -22.69 89.02
N PRO K 234 -86.70 -22.54 88.76
CA PRO K 234 -87.72 -23.30 89.48
C PRO K 234 -87.54 -24.79 89.24
N ASN K 235 -88.16 -25.61 90.10
CA ASN K 235 -88.06 -27.06 90.00
C ASN K 235 -86.81 -27.43 89.23
N ASN K 236 -85.66 -27.11 89.81
CA ASN K 236 -84.37 -27.40 89.19
C ASN K 236 -83.27 -27.27 90.25
N TYR K 237 -82.69 -28.40 90.62
CA TYR K 237 -81.62 -28.44 91.62
C TYR K 237 -80.46 -27.55 91.20
N TYR K 238 -79.95 -26.75 92.12
CA TYR K 238 -78.84 -25.84 91.82
C TYR K 238 -77.73 -26.50 91.03
N PRO K 239 -76.90 -27.30 91.72
CA PRO K 239 -75.83 -27.93 90.94
C PRO K 239 -76.47 -28.95 90.02
N SER K 240 -76.96 -28.47 88.88
CA SER K 240 -77.62 -29.31 87.88
C SER K 240 -77.42 -30.80 88.13
N LYS K 241 -78.52 -31.51 88.34
CA LYS K 241 -78.47 -32.94 88.59
C LYS K 241 -77.44 -33.66 87.71
N ASN K 242 -77.09 -33.03 86.59
CA ASN K 242 -76.12 -33.59 85.65
C ASN K 242 -74.73 -33.04 85.91
N LEU K 243 -74.44 -32.71 87.16
CA LEU K 243 -73.13 -32.18 87.53
C LEU K 243 -72.65 -32.75 88.85
N ALA K 244 -71.66 -32.08 89.45
CA ALA K 244 -71.10 -32.54 90.72
C ALA K 244 -71.71 -31.80 91.90
N PRO K 245 -72.45 -32.52 92.76
CA PRO K 245 -73.09 -31.95 93.95
C PRO K 245 -72.09 -31.22 94.86
N ILE K 246 -72.47 -30.03 95.30
CA ILE K 246 -71.61 -29.25 96.18
C ILE K 246 -71.32 -30.05 97.45
N ALA K 247 -70.11 -29.90 97.99
CA ALA K 247 -69.70 -30.61 99.19
C ALA K 247 -69.32 -29.68 100.35
N LEU K 248 -69.91 -29.93 101.53
CA LEU K 248 -69.64 -29.12 102.71
C LEU K 248 -68.15 -29.15 103.04
N ASN K 249 -67.70 -28.18 103.83
CA ASN K 249 -66.30 -28.06 104.24
C ASN K 249 -65.40 -29.13 103.63
N ALA K 250 -65.08 -28.97 102.35
CA ALA K 250 -64.23 -29.93 101.65
C ALA K 250 -63.63 -29.30 100.38
N GLN K 251 -63.66 -27.98 100.30
CA GLN K 251 -63.12 -27.29 99.15
C GLN K 251 -63.10 -25.79 99.32
N SER K 255 -61.61 -23.81 102.67
CA SER K 255 -61.97 -24.01 104.08
C SER K 255 -60.71 -24.25 104.94
N SER K 256 -60.80 -23.87 106.21
CA SER K 256 -59.68 -24.02 107.16
C SER K 256 -60.24 -24.50 108.51
N THR K 257 -61.55 -24.44 108.65
CA THR K 257 -62.22 -24.89 109.86
C THR K 257 -63.38 -25.79 109.50
N PRO K 258 -63.17 -27.11 109.58
CA PRO K 258 -64.18 -28.14 109.27
C PRO K 258 -65.40 -28.12 110.19
N ILE K 259 -65.94 -29.31 110.45
CA ILE K 259 -67.11 -29.46 111.29
C ILE K 259 -66.79 -30.27 112.53
N THR K 260 -66.70 -29.58 113.67
CA THR K 260 -66.39 -30.23 114.93
C THR K 260 -67.59 -30.94 115.53
N MET K 261 -67.34 -32.12 116.09
CA MET K 261 -68.39 -32.92 116.70
C MET K 261 -67.78 -33.83 117.77
N ASN K 262 -68.13 -33.56 119.04
CA ASN K 262 -67.60 -34.35 120.15
C ASN K 262 -68.37 -35.65 120.35
N TYR K 263 -67.80 -36.55 121.14
CA TYR K 263 -68.38 -37.85 121.43
C TYR K 263 -69.86 -37.78 121.79
N ASN K 264 -70.21 -36.89 122.71
CA ASN K 264 -71.60 -36.75 123.13
C ASN K 264 -72.50 -36.39 121.95
N GLN K 265 -72.01 -35.50 121.08
CA GLN K 265 -72.78 -35.08 119.92
C GLN K 265 -72.86 -36.26 118.94
N PHE K 266 -71.70 -36.73 118.51
CA PHE K 266 -71.62 -37.85 117.59
C PHE K 266 -72.52 -38.97 118.08
N LEU K 267 -72.74 -39.01 119.39
CA LEU K 267 -73.61 -40.02 119.97
C LEU K 267 -75.05 -39.73 119.58
N GLU K 268 -75.51 -38.50 119.85
CA GLU K 268 -76.87 -38.11 119.52
C GLU K 268 -77.17 -38.40 118.05
N LEU K 269 -76.28 -37.95 117.18
CA LEU K 269 -76.44 -38.16 115.74
C LEU K 269 -76.89 -39.60 115.49
N GLU K 270 -76.21 -40.55 116.11
CA GLU K 270 -76.55 -41.95 115.95
C GLU K 270 -77.92 -42.26 116.53
N LYS K 271 -78.24 -41.64 117.67
CA LYS K 271 -79.52 -41.86 118.33
C LYS K 271 -80.74 -41.48 117.51
N THR K 272 -80.57 -40.59 116.52
CA THR K 272 -81.69 -40.16 115.68
C THR K 272 -81.40 -40.32 114.20
N LYS K 273 -80.12 -40.33 113.86
CA LYS K 273 -79.70 -40.47 112.47
C LYS K 273 -80.37 -39.43 111.58
N GLN K 274 -80.55 -38.22 112.12
CA GLN K 274 -81.17 -37.14 111.35
C GLN K 274 -80.68 -35.74 111.73
N LEU K 275 -80.49 -34.91 110.72
CA LEU K 275 -80.04 -33.54 110.91
C LEU K 275 -81.10 -32.61 110.34
N ARG K 276 -81.00 -31.31 110.63
CA ARG K 276 -81.97 -30.33 110.13
C ARG K 276 -81.26 -29.25 109.33
N LEU K 277 -81.94 -28.73 108.31
CA LEU K 277 -81.37 -27.68 107.48
C LEU K 277 -82.28 -26.47 107.36
N ASP K 278 -81.89 -25.36 107.98
CA ASP K 278 -82.66 -24.14 107.93
C ASP K 278 -81.99 -23.19 106.94
N THR K 279 -82.81 -22.51 106.15
CA THR K 279 -82.30 -21.60 105.14
C THR K 279 -82.95 -20.23 105.21
N ASP K 280 -82.14 -19.18 105.11
CA ASP K 280 -82.64 -17.81 105.16
C ASP K 280 -83.40 -17.49 103.90
N GLN K 281 -83.64 -16.21 103.65
CA GLN K 281 -84.36 -15.81 102.45
C GLN K 281 -83.63 -14.77 101.62
N VAL K 282 -82.42 -14.42 102.02
CA VAL K 282 -81.66 -13.43 101.27
C VAL K 282 -81.27 -14.04 99.94
N TYR K 283 -81.98 -13.66 98.89
CA TYR K 283 -81.68 -14.19 97.56
C TYR K 283 -81.04 -13.07 96.76
N GLY K 284 -80.33 -13.44 95.69
CA GLY K 284 -79.67 -12.46 94.87
C GLY K 284 -80.66 -11.45 94.31
N ASN K 285 -80.16 -10.45 93.59
CA ASN K 285 -81.03 -9.44 93.02
C ASN K 285 -81.98 -10.11 92.03
N ILE K 286 -82.92 -9.34 91.46
CA ILE K 286 -83.89 -9.91 90.54
C ILE K 286 -83.68 -9.56 89.07
N ALA K 287 -84.11 -10.46 88.20
CA ALA K 287 -83.99 -10.27 86.76
C ALA K 287 -85.29 -9.72 86.21
N THR K 288 -85.24 -8.53 85.64
CA THR K 288 -86.44 -7.89 85.08
C THR K 288 -86.38 -7.66 83.58
N TYR K 289 -87.51 -7.29 83.01
CA TYR K 289 -87.65 -7.03 81.56
C TYR K 289 -87.08 -5.66 81.18
N ASN K 290 -87.30 -5.26 79.93
CA ASN K 290 -86.81 -3.98 79.45
C ASN K 290 -87.35 -3.70 78.04
N PHE K 291 -88.61 -3.27 77.97
CA PHE K 291 -89.29 -2.98 76.71
C PHE K 291 -88.40 -2.45 75.58
N GLU K 292 -87.57 -1.46 75.88
CA GLU K 292 -86.68 -0.85 74.89
C GLU K 292 -86.15 -1.84 73.86
N ASN K 293 -85.29 -2.74 74.29
CA ASN K 293 -84.70 -3.73 73.39
C ASN K 293 -85.04 -5.14 73.85
N GLY K 294 -86.16 -5.27 74.54
CA GLY K 294 -86.60 -6.57 75.02
C GLY K 294 -85.47 -7.44 75.56
N ARG K 295 -84.83 -7.00 76.63
CA ARG K 295 -83.73 -7.75 77.22
C ARG K 295 -84.02 -8.11 78.68
N VAL K 296 -83.40 -9.20 79.13
CA VAL K 296 -83.56 -9.67 80.49
C VAL K 296 -82.36 -9.19 81.29
N ARG K 297 -82.57 -8.22 82.17
CA ARG K 297 -81.47 -7.69 82.96
C ARG K 297 -81.66 -7.93 84.46
N VAL K 298 -80.55 -7.93 85.18
CA VAL K 298 -80.55 -8.13 86.62
C VAL K 298 -80.36 -6.76 87.27
N ASP K 299 -81.44 -6.15 87.72
CA ASP K 299 -81.36 -4.83 88.34
C ASP K 299 -80.81 -4.87 89.76
N THR K 300 -79.64 -4.27 89.93
CA THR K 300 -79.01 -4.22 91.23
C THR K 300 -79.87 -3.40 92.18
N GLY K 301 -80.88 -2.73 91.62
CA GLY K 301 -81.76 -1.91 92.42
C GLY K 301 -82.96 -2.62 93.03
N SER K 302 -83.21 -3.85 92.59
CA SER K 302 -84.34 -4.61 93.11
C SER K 302 -83.96 -6.01 93.57
N ASN K 303 -83.94 -6.20 94.88
CA ASN K 303 -83.62 -7.50 95.47
C ASN K 303 -84.84 -8.00 96.22
N TRP K 304 -85.12 -9.29 96.12
CA TRP K 304 -86.27 -9.88 96.79
C TRP K 304 -86.45 -9.39 98.22
N SER K 305 -85.34 -9.32 98.96
CA SER K 305 -85.38 -8.87 100.34
C SER K 305 -86.20 -7.61 100.53
N GLU K 306 -86.44 -6.89 99.43
CA GLU K 306 -87.24 -5.67 99.47
C GLU K 306 -88.66 -6.00 99.08
N VAL K 307 -88.81 -6.58 97.88
CA VAL K 307 -90.10 -6.95 97.33
C VAL K 307 -90.37 -8.43 97.44
N LEU K 308 -90.64 -8.87 98.66
CA LEU K 308 -90.94 -10.26 98.92
C LEU K 308 -91.85 -10.32 100.14
N PRO K 309 -91.54 -9.53 101.17
CA PRO K 309 -92.40 -9.54 102.36
C PRO K 309 -93.82 -9.22 101.95
N GLN K 310 -93.96 -8.24 101.05
CA GLN K 310 -95.27 -7.83 100.57
C GLN K 310 -96.09 -9.06 100.16
N ILE K 311 -95.51 -9.88 99.30
CA ILE K 311 -96.18 -11.08 98.85
C ILE K 311 -96.77 -11.83 100.03
N GLN K 312 -95.96 -12.05 101.05
CA GLN K 312 -96.41 -12.77 102.24
C GLN K 312 -97.40 -11.97 103.08
N GLU K 313 -97.48 -10.66 102.85
CA GLU K 313 -98.39 -9.79 103.60
C GLU K 313 -99.64 -9.43 102.82
N THR K 314 -99.76 -9.94 101.60
CA THR K 314 -100.93 -9.64 100.78
C THR K 314 -101.30 -10.77 99.87
N THR K 315 -101.32 -11.99 100.40
CA THR K 315 -101.68 -13.16 99.60
C THR K 315 -102.18 -14.30 100.48
N ALA K 316 -102.51 -15.40 99.81
CA ALA K 316 -102.99 -16.59 100.49
C ALA K 316 -101.97 -17.66 100.21
N ARG K 317 -101.53 -18.35 101.26
CA ARG K 317 -100.53 -19.40 101.09
C ARG K 317 -101.20 -20.77 101.14
N ILE K 318 -100.90 -21.62 100.16
CA ILE K 318 -101.48 -22.95 100.11
C ILE K 318 -100.40 -23.99 99.91
N ILE K 319 -100.31 -24.93 100.86
CA ILE K 319 -99.32 -25.99 100.78
C ILE K 319 -100.00 -27.27 100.29
N PHE K 320 -99.75 -27.62 99.04
CA PHE K 320 -100.34 -28.81 98.45
C PHE K 320 -99.25 -29.79 98.06
N ASN K 321 -99.58 -31.08 98.04
CA ASN K 321 -98.61 -32.09 97.67
C ASN K 321 -99.20 -33.11 96.73
N GLY K 322 -99.43 -32.70 95.49
CA GLY K 322 -99.99 -33.61 94.50
C GLY K 322 -98.95 -34.06 93.51
N LYS K 323 -98.16 -33.13 93.00
CA LYS K 323 -97.11 -33.44 92.03
C LYS K 323 -96.27 -34.57 92.57
N ASP K 324 -96.24 -34.68 93.90
CA ASP K 324 -95.50 -35.72 94.61
C ASP K 324 -95.98 -35.65 96.05
N LEU K 325 -95.14 -36.05 96.99
CA LEU K 325 -95.51 -36.00 98.39
C LEU K 325 -94.74 -34.89 99.08
N ASN K 326 -93.95 -34.16 98.28
CA ASN K 326 -93.14 -33.05 98.78
C ASN K 326 -93.97 -31.77 98.83
N LEU K 327 -94.14 -31.24 100.04
CA LEU K 327 -94.90 -30.02 100.24
C LEU K 327 -94.53 -28.91 99.27
N VAL K 328 -95.47 -28.54 98.40
CA VAL K 328 -95.24 -27.48 97.43
C VAL K 328 -95.94 -26.23 97.92
N GLU K 329 -95.26 -25.09 97.85
CA GLU K 329 -95.86 -23.85 98.31
C GLU K 329 -96.22 -22.94 97.13
N ARG K 330 -97.24 -22.12 97.34
CA ARG K 330 -97.71 -21.18 96.34
C ARG K 330 -98.61 -20.17 97.02
N ARG K 331 -98.53 -18.92 96.57
CA ARG K 331 -99.36 -17.87 97.15
C ARG K 331 -100.25 -17.26 96.07
N ILE K 332 -101.52 -17.06 96.39
CA ILE K 332 -102.45 -16.48 95.44
C ILE K 332 -102.78 -15.06 95.83
N ALA K 333 -103.06 -14.24 94.82
CA ALA K 333 -103.39 -12.83 95.05
C ALA K 333 -104.70 -12.67 95.79
N ALA K 334 -104.66 -12.90 97.09
CA ALA K 334 -105.85 -12.76 97.91
C ALA K 334 -106.12 -11.28 98.13
N VAL K 335 -107.08 -10.96 98.98
CA VAL K 335 -107.43 -9.57 99.24
C VAL K 335 -107.55 -9.32 100.74
N ASN K 336 -107.33 -8.07 101.13
CA ASN K 336 -107.42 -7.70 102.53
C ASN K 336 -108.47 -6.61 102.62
N PRO K 337 -109.40 -6.72 103.58
CA PRO K 337 -110.47 -5.73 103.76
C PRO K 337 -110.00 -4.40 104.34
N SER K 338 -109.07 -4.48 105.29
CA SER K 338 -108.54 -3.27 105.94
C SER K 338 -107.69 -2.41 105.01
N ASP K 339 -107.29 -2.96 103.87
CA ASP K 339 -106.45 -2.24 102.92
C ASP K 339 -107.18 -1.77 101.67
N PRO K 340 -107.38 -0.45 101.54
CA PRO K 340 -108.06 0.10 100.37
C PRO K 340 -107.48 -0.52 99.11
N LEU K 341 -106.23 -0.16 98.83
CA LEU K 341 -105.54 -0.67 97.66
C LEU K 341 -105.77 -2.16 97.48
N GLU K 342 -105.44 -2.94 98.50
CA GLU K 342 -105.59 -4.39 98.46
C GLU K 342 -107.03 -4.86 98.29
N THR K 343 -107.92 -3.94 97.93
CA THR K 343 -109.31 -4.27 97.71
C THR K 343 -109.51 -4.16 96.22
N THR K 344 -108.57 -3.47 95.58
CA THR K 344 -108.58 -3.27 94.14
C THR K 344 -108.32 -4.62 93.48
N LYS K 345 -107.97 -5.59 94.30
CA LYS K 345 -107.65 -6.92 93.83
C LYS K 345 -108.92 -7.72 93.51
N PRO K 346 -108.81 -8.70 92.62
CA PRO K 346 -109.95 -9.53 92.24
C PRO K 346 -110.32 -10.48 93.37
N ASP K 347 -111.59 -10.51 93.76
CA ASP K 347 -112.03 -11.40 94.84
C ASP K 347 -111.55 -12.82 94.54
N MET K 348 -111.07 -13.52 95.57
CA MET K 348 -110.57 -14.87 95.37
C MET K 348 -111.36 -15.95 96.08
N THR K 349 -111.49 -17.09 95.40
CA THR K 349 -112.22 -18.25 95.93
C THR K 349 -111.26 -19.43 96.05
N LEU K 350 -111.40 -20.17 97.14
CA LEU K 350 -110.56 -21.35 97.37
C LEU K 350 -110.51 -22.22 96.12
N LYS K 351 -111.67 -22.41 95.48
CA LYS K 351 -111.74 -23.21 94.27
C LYS K 351 -110.82 -22.62 93.21
N GLU K 352 -111.24 -21.50 92.64
CA GLU K 352 -110.47 -20.83 91.60
C GLU K 352 -108.98 -20.89 91.95
N ALA K 353 -108.67 -20.71 93.23
CA ALA K 353 -107.30 -20.77 93.68
C ALA K 353 -106.64 -22.08 93.28
N LEU K 354 -107.14 -23.19 93.82
CA LEU K 354 -106.59 -24.51 93.52
C LEU K 354 -106.53 -24.82 92.03
N LYS K 355 -107.15 -23.98 91.20
CA LYS K 355 -107.14 -24.20 89.76
C LYS K 355 -105.88 -23.63 89.14
N ILE K 356 -105.56 -22.39 89.49
CA ILE K 356 -104.37 -21.71 88.97
C ILE K 356 -103.13 -21.98 89.81
N ALA K 357 -103.33 -22.01 91.12
CA ALA K 357 -102.23 -22.24 92.05
C ALA K 357 -101.44 -23.51 91.74
N PHE K 358 -102.15 -24.62 91.58
CA PHE K 358 -101.50 -25.90 91.31
C PHE K 358 -101.92 -26.53 90.00
N GLY K 359 -103.19 -26.36 89.63
CA GLY K 359 -103.66 -26.93 88.37
C GLY K 359 -104.90 -27.80 88.43
N PHE K 360 -105.64 -27.75 89.53
CA PHE K 360 -106.86 -28.56 89.65
C PHE K 360 -107.78 -28.20 88.51
N ASN K 361 -108.52 -29.18 88.00
CA ASN K 361 -109.44 -28.96 86.90
C ASN K 361 -110.81 -29.60 87.10
N GLU K 362 -111.74 -29.26 86.22
CA GLU K 362 -113.09 -29.81 86.29
C GLU K 362 -113.38 -30.63 85.04
N PRO K 363 -112.96 -31.90 85.03
CA PRO K 363 -113.16 -32.80 83.89
C PRO K 363 -114.65 -32.99 83.56
N ASN K 364 -115.39 -33.58 84.49
CA ASN K 364 -116.81 -33.84 84.30
C ASN K 364 -117.65 -33.09 85.34
N GLY K 365 -117.11 -32.00 85.87
CA GLY K 365 -117.83 -31.23 86.87
C GLY K 365 -117.32 -31.45 88.27
N ASN K 366 -116.28 -32.25 88.41
CA ASN K 366 -115.69 -32.53 89.71
C ASN K 366 -114.28 -31.95 89.80
N LEU K 367 -114.10 -31.03 90.74
CA LEU K 367 -112.82 -30.38 90.95
C LEU K 367 -111.77 -31.38 91.42
N GLN K 368 -111.09 -32.01 90.48
CA GLN K 368 -110.07 -32.99 90.83
C GLN K 368 -108.68 -32.53 90.42
N TYR K 369 -107.67 -33.33 90.76
CA TYR K 369 -106.29 -33.01 90.44
C TYR K 369 -105.63 -34.15 89.68
N GLN K 370 -105.45 -33.97 88.37
CA GLN K 370 -104.82 -34.97 87.53
C GLN K 370 -105.38 -36.37 87.80
N GLY K 371 -106.60 -36.43 88.32
CA GLY K 371 -107.21 -37.71 88.61
C GLY K 371 -107.84 -37.78 89.99
N LYS K 372 -107.07 -37.42 91.01
CA LYS K 372 -107.57 -37.45 92.38
C LYS K 372 -108.65 -36.39 92.58
N ASP K 373 -109.67 -36.72 93.36
CA ASP K 373 -110.76 -35.79 93.64
C ASP K 373 -110.43 -34.91 94.84
N ILE K 374 -110.77 -33.63 94.74
CA ILE K 374 -110.52 -32.66 95.80
C ILE K 374 -110.91 -33.20 97.18
N THR K 375 -111.75 -34.24 97.21
CA THR K 375 -112.19 -34.82 98.46
C THR K 375 -111.19 -35.82 99.02
N GLU K 376 -110.13 -36.10 98.28
CA GLU K 376 -109.11 -37.04 98.73
C GLU K 376 -107.99 -36.34 99.49
N PHE K 377 -108.17 -35.06 99.79
CA PHE K 377 -107.16 -34.30 100.51
C PHE K 377 -107.74 -33.61 101.73
N ASP K 378 -106.98 -33.60 102.81
CA ASP K 378 -107.43 -32.98 104.04
C ASP K 378 -107.11 -31.48 104.05
N PHE K 379 -108.06 -30.68 104.51
CA PHE K 379 -107.89 -29.23 104.59
C PHE K 379 -107.55 -28.83 106.03
N ASN K 380 -106.36 -28.26 106.22
CA ASN K 380 -105.92 -27.83 107.54
C ASN K 380 -105.57 -26.35 107.52
N PHE K 381 -106.21 -25.59 108.39
CA PHE K 381 -105.97 -24.15 108.48
C PHE K 381 -105.28 -23.77 109.78
N ASP K 382 -104.83 -22.53 109.86
CA ASP K 382 -104.17 -22.05 111.06
C ASP K 382 -105.20 -21.40 111.99
N GLN K 383 -104.77 -21.09 113.21
CA GLN K 383 -105.63 -20.48 114.20
C GLN K 383 -106.50 -19.39 113.60
N GLN K 384 -105.90 -18.54 112.76
CA GLN K 384 -106.61 -17.46 112.10
C GLN K 384 -107.52 -17.97 111.00
N THR K 385 -106.92 -18.35 109.87
CA THR K 385 -107.66 -18.87 108.72
C THR K 385 -108.83 -19.76 109.11
N SER K 386 -108.67 -20.49 110.21
CA SER K 386 -109.74 -21.37 110.69
C SER K 386 -111.04 -20.58 110.82
N GLN K 387 -111.02 -19.59 111.69
CA GLN K 387 -112.19 -18.73 111.92
C GLN K 387 -112.69 -18.12 110.63
N ASN K 388 -111.81 -17.34 109.97
CA ASN K 388 -112.15 -16.65 108.73
C ASN K 388 -112.93 -17.51 107.73
N ILE K 389 -112.75 -18.83 107.83
CA ILE K 389 -113.47 -19.75 106.95
C ILE K 389 -114.68 -20.31 107.68
N LYS K 390 -114.56 -20.53 108.98
CA LYS K 390 -115.67 -21.04 109.75
C LYS K 390 -116.83 -20.06 109.67
N ASN K 391 -116.52 -18.77 109.78
CA ASN K 391 -117.54 -17.72 109.71
C ASN K 391 -118.23 -17.71 108.35
N GLN K 392 -117.56 -18.24 107.34
CA GLN K 392 -118.15 -18.30 106.01
C GLN K 392 -119.06 -19.51 105.90
N LEU K 393 -118.59 -20.65 106.39
CA LEU K 393 -119.39 -21.86 106.37
C LEU K 393 -120.65 -21.66 107.21
N ALA K 394 -120.61 -20.63 108.05
CA ALA K 394 -121.74 -20.31 108.92
C ALA K 394 -122.79 -19.54 108.13
N GLU K 395 -122.40 -18.39 107.60
CA GLU K 395 -123.31 -17.56 106.82
C GLU K 395 -123.62 -18.18 105.47
N LEU K 396 -123.32 -19.47 105.33
CA LEU K 396 -123.56 -20.21 104.09
C LEU K 396 -124.25 -21.53 104.40
N ASN K 397 -124.61 -21.72 105.67
CA ASN K 397 -125.28 -22.93 106.13
C ASN K 397 -124.79 -24.19 105.43
N ALA K 398 -123.75 -24.81 106.00
CA ALA K 398 -123.19 -26.03 105.45
C ALA K 398 -122.16 -26.60 106.42
N THR K 399 -121.95 -27.90 106.34
CA THR K 399 -120.99 -28.58 107.21
C THR K 399 -119.85 -29.14 106.40
N ASN K 400 -120.07 -29.29 105.09
CA ASN K 400 -119.04 -29.83 104.20
C ASN K 400 -118.48 -28.71 103.33
N ILE K 401 -117.21 -28.40 103.53
CA ILE K 401 -116.55 -27.33 102.77
C ILE K 401 -116.36 -27.70 101.31
N TYR K 402 -116.17 -28.99 101.03
CA TYR K 402 -115.97 -29.46 99.66
C TYR K 402 -117.13 -29.04 98.76
N THR K 403 -118.27 -28.72 99.38
CA THR K 403 -119.45 -28.29 98.66
C THR K 403 -119.38 -26.79 98.38
N VAL K 404 -119.46 -26.01 99.45
CA VAL K 404 -119.40 -24.56 99.35
C VAL K 404 -117.98 -24.11 99.02
N LEU K 405 -117.18 -25.05 98.54
CA LEU K 405 -115.79 -24.80 98.17
C LEU K 405 -115.68 -23.55 97.32
N ASP K 406 -116.36 -23.55 96.17
CA ASP K 406 -116.36 -22.43 95.24
C ASP K 406 -117.05 -21.20 95.79
N LYS K 407 -117.09 -21.06 97.11
CA LYS K 407 -117.72 -19.91 97.73
C LYS K 407 -116.98 -19.48 98.98
N ILE K 408 -115.70 -19.84 99.07
CA ILE K 408 -114.88 -19.46 100.22
C ILE K 408 -113.95 -18.32 99.83
N LYS K 409 -114.10 -17.18 100.49
CA LYS K 409 -113.29 -16.01 100.21
C LYS K 409 -111.92 -16.10 100.88
N LEU K 410 -110.86 -16.09 100.07
CA LEU K 410 -109.50 -16.17 100.62
C LEU K 410 -108.98 -14.76 100.89
N ASN K 411 -108.66 -14.47 102.15
CA ASN K 411 -108.14 -13.17 102.53
C ASN K 411 -106.63 -13.23 102.72
N ALA K 412 -105.94 -12.13 102.45
CA ALA K 412 -104.50 -12.09 102.60
C ALA K 412 -104.08 -12.62 103.97
N LYS K 413 -102.88 -13.18 104.04
CA LYS K 413 -102.34 -13.73 105.28
C LYS K 413 -103.01 -15.06 105.64
N MET K 414 -103.85 -15.54 104.74
CA MET K 414 -104.54 -16.81 104.97
C MET K 414 -103.58 -17.95 104.64
N ASN K 415 -103.60 -19.00 105.45
CA ASN K 415 -102.72 -20.14 105.23
C ASN K 415 -103.54 -21.43 105.15
N ILE K 416 -103.24 -22.25 104.14
CA ILE K 416 -103.98 -23.49 103.94
C ILE K 416 -103.06 -24.66 103.58
N LEU K 417 -103.32 -25.81 104.19
CA LEU K 417 -102.51 -27.00 103.94
C LEU K 417 -103.30 -28.16 103.33
N ILE K 418 -103.18 -28.30 102.02
CA ILE K 418 -103.86 -29.37 101.30
C ILE K 418 -102.93 -30.54 101.11
N ARG K 419 -103.17 -31.62 101.85
CA ARG K 419 -102.33 -32.80 101.76
C ARG K 419 -103.16 -34.04 101.45
N ASP K 420 -102.58 -34.96 100.67
CA ASP K 420 -103.27 -36.20 100.31
C ASP K 420 -103.75 -36.89 101.58
N LYS K 421 -105.03 -37.28 101.58
CA LYS K 421 -105.62 -37.93 102.74
C LYS K 421 -105.25 -39.41 102.89
N ARG K 422 -104.63 -39.97 101.85
CA ARG K 422 -104.25 -41.37 101.87
C ARG K 422 -103.24 -41.75 102.96
N PHE K 423 -102.02 -41.26 102.85
CA PHE K 423 -100.95 -41.57 103.80
C PHE K 423 -101.07 -40.81 105.12
N HIS K 424 -100.36 -41.31 106.14
CA HIS K 424 -100.35 -40.66 107.44
C HIS K 424 -99.31 -39.55 107.39
N TYR K 425 -99.34 -38.65 108.36
CA TYR K 425 -98.38 -37.57 108.39
C TYR K 425 -97.75 -37.37 109.76
N ASP K 426 -96.51 -36.89 109.76
CA ASP K 426 -95.77 -36.67 110.99
C ASP K 426 -95.92 -35.26 111.55
N ARG K 427 -94.86 -34.80 112.20
CA ARG K 427 -94.83 -33.48 112.80
C ARG K 427 -94.40 -32.42 111.79
N ASN K 428 -93.63 -32.84 110.78
CA ASN K 428 -93.15 -31.93 109.74
C ASN K 428 -94.00 -31.99 108.47
N ASN K 429 -95.11 -32.72 108.52
CA ASN K 429 -96.00 -32.86 107.38
C ASN K 429 -95.30 -33.56 106.23
N ILE K 430 -94.79 -34.75 106.48
CA ILE K 430 -94.09 -35.50 105.46
C ILE K 430 -94.75 -36.84 105.17
N ALA K 431 -94.54 -37.34 103.96
CA ALA K 431 -95.10 -38.62 103.56
C ALA K 431 -94.52 -39.69 104.47
N VAL K 432 -95.25 -40.02 105.52
CA VAL K 432 -94.79 -41.02 106.47
C VAL K 432 -95.15 -42.44 106.04
N GLY K 433 -96.42 -42.81 106.19
CA GLY K 433 -96.87 -44.13 105.82
C GLY K 433 -98.39 -44.25 105.90
N ALA K 434 -98.99 -44.80 104.85
CA ALA K 434 -100.44 -44.96 104.80
C ALA K 434 -100.93 -46.19 105.57
N ASP K 435 -102.14 -46.63 105.24
CA ASP K 435 -102.76 -47.79 105.88
C ASP K 435 -102.42 -49.07 105.12
N GLU K 436 -102.40 -50.19 105.83
CA GLU K 436 -102.09 -51.48 105.23
C GLU K 436 -102.81 -51.67 103.90
N SER K 437 -104.07 -51.25 103.87
CA SER K 437 -104.87 -51.37 102.66
C SER K 437 -104.12 -50.83 101.46
N VAL K 438 -104.05 -49.50 101.36
CA VAL K 438 -103.38 -48.84 100.25
C VAL K 438 -102.02 -49.47 99.99
N VAL K 439 -101.30 -49.80 101.07
CA VAL K 439 -99.99 -50.40 100.94
C VAL K 439 -100.05 -51.69 100.12
N LYS K 440 -100.79 -52.67 100.61
CA LYS K 440 -100.92 -53.94 99.92
C LYS K 440 -101.26 -53.72 98.45
N GLU K 441 -102.29 -52.94 98.21
CA GLU K 441 -102.74 -52.64 96.86
C GLU K 441 -101.57 -52.37 95.91
N ALA K 442 -100.74 -51.39 96.26
CA ALA K 442 -99.59 -51.01 95.44
C ALA K 442 -98.68 -52.17 95.05
N HIS K 443 -98.73 -53.25 95.82
CA HIS K 443 -97.88 -54.41 95.54
C HIS K 443 -98.63 -55.54 94.83
N ARG K 444 -99.95 -55.43 94.76
CA ARG K 444 -100.77 -56.46 94.11
C ARG K 444 -100.17 -56.92 92.78
N GLU K 445 -99.41 -56.04 92.13
CA GLU K 445 -98.79 -56.36 90.85
C GLU K 445 -97.46 -57.10 90.99
N VAL K 446 -97.27 -58.11 90.15
CA VAL K 446 -96.06 -58.90 90.15
C VAL K 446 -95.54 -59.01 88.72
N ILE K 447 -94.23 -59.04 88.54
CA ILE K 447 -93.66 -59.13 87.20
C ILE K 447 -92.73 -60.33 87.05
N ASN K 448 -92.00 -60.66 88.10
CA ASN K 448 -91.08 -61.80 88.05
C ASN K 448 -90.69 -62.30 89.43
N SER K 449 -91.07 -63.55 89.72
CA SER K 449 -90.75 -64.17 90.99
C SER K 449 -89.53 -65.06 90.79
N SER K 450 -88.54 -64.92 91.66
CA SER K 450 -87.32 -65.72 91.56
C SER K 450 -86.70 -66.01 92.92
N THR K 451 -85.82 -67.00 92.96
CA THR K 451 -85.13 -67.37 94.19
C THR K 451 -84.07 -66.33 94.48
N GLU K 452 -83.99 -65.32 93.62
CA GLU K 452 -83.02 -64.24 93.77
C GLU K 452 -83.68 -62.98 94.30
N GLY K 453 -84.74 -62.54 93.64
CA GLY K 453 -85.44 -61.35 94.07
C GLY K 453 -86.68 -61.06 93.24
N LEU K 454 -87.69 -60.49 93.90
CA LEU K 454 -88.94 -60.17 93.23
C LEU K 454 -88.84 -58.86 92.45
N LEU K 455 -89.53 -58.82 91.31
CA LEU K 455 -89.54 -57.63 90.46
C LEU K 455 -90.98 -57.16 90.35
N LEU K 456 -91.27 -56.01 90.94
CA LEU K 456 -92.62 -55.46 90.91
C LEU K 456 -92.68 -54.06 90.30
N ASN K 457 -93.90 -53.58 90.08
CA ASN K 457 -94.11 -52.26 89.51
C ASN K 457 -94.85 -51.44 90.57
N ILE K 458 -94.34 -51.49 91.80
CA ILE K 458 -94.93 -50.76 92.92
C ILE K 458 -95.15 -49.29 92.61
N ASP K 459 -96.23 -48.74 93.15
CA ASP K 459 -96.58 -47.33 92.94
C ASP K 459 -95.57 -46.40 93.60
N LYS K 460 -95.16 -45.38 92.86
CA LYS K 460 -94.18 -44.41 93.35
C LYS K 460 -94.68 -43.72 94.61
N ASP K 461 -95.86 -43.12 94.53
CA ASP K 461 -96.47 -42.43 95.67
C ASP K 461 -96.44 -43.28 96.93
N ILE K 462 -96.53 -44.59 96.77
CA ILE K 462 -96.53 -45.50 97.91
C ILE K 462 -95.10 -45.82 98.34
N ARG K 463 -94.35 -46.45 97.45
CA ARG K 463 -92.98 -46.83 97.72
C ARG K 463 -92.24 -45.80 98.55
N LYS K 464 -92.61 -44.53 98.38
CA LYS K 464 -91.96 -43.46 99.12
C LYS K 464 -92.24 -43.46 100.62
N ILE K 465 -93.20 -44.28 101.06
CA ILE K 465 -93.52 -44.34 102.49
C ILE K 465 -93.05 -45.66 103.08
N LEU K 466 -92.17 -46.35 102.36
CA LEU K 466 -91.67 -47.64 102.81
C LEU K 466 -90.19 -47.59 103.19
N SER K 467 -89.89 -48.10 104.39
CA SER K 467 -88.53 -48.14 104.88
C SER K 467 -87.80 -49.33 104.26
N GLY K 468 -88.43 -50.50 104.31
CA GLY K 468 -87.83 -51.70 103.75
C GLY K 468 -88.74 -52.92 103.77
N TYR K 469 -88.16 -54.07 103.45
CA TYR K 469 -88.90 -55.32 103.43
C TYR K 469 -88.19 -56.41 104.23
N ILE K 470 -88.98 -57.23 104.93
CA ILE K 470 -88.46 -58.31 105.75
C ILE K 470 -88.69 -59.64 105.05
N VAL K 471 -87.61 -60.29 104.61
CA VAL K 471 -87.72 -61.56 103.92
C VAL K 471 -87.68 -62.72 104.92
N GLU K 472 -88.71 -63.56 104.90
CA GLU K 472 -88.77 -64.70 105.82
C GLU K 472 -89.31 -65.94 105.12
N ILE K 473 -89.54 -66.99 105.91
CA ILE K 473 -90.06 -68.25 105.38
C ILE K 473 -90.91 -68.97 106.43
N GLU K 474 -92.19 -69.18 106.10
CA GLU K 474 -93.11 -69.86 107.00
C GLU K 474 -93.22 -71.33 106.66
N ASP K 475 -92.94 -72.18 107.66
CA ASP K 475 -93.02 -73.62 107.48
C ASP K 475 -94.46 -74.05 107.28
N THR K 476 -94.66 -75.19 106.62
CA THR K 476 -96.00 -75.71 106.37
C THR K 476 -96.80 -75.89 107.65
N GLU K 477 -96.11 -75.77 108.79
CA GLU K 477 -96.76 -75.92 110.09
C GLU K 477 -97.13 -74.55 110.69
N GLY K 478 -96.15 -73.66 110.78
CA GLY K 478 -96.41 -72.34 111.32
C GLY K 478 -95.17 -71.70 111.91
N LEU K 479 -94.04 -71.85 111.22
CA LEU K 479 -92.78 -71.28 111.68
C LEU K 479 -92.55 -69.89 111.11
N LYS K 480 -91.83 -69.05 111.85
CA LYS K 480 -91.55 -67.69 111.42
C LYS K 480 -90.05 -67.45 111.23
N GLU K 481 -89.44 -68.24 110.36
CA GLU K 481 -88.02 -68.11 110.06
C GLU K 481 -87.82 -66.88 109.18
N VAL K 482 -86.99 -65.95 109.64
CA VAL K 482 -86.74 -64.72 108.88
C VAL K 482 -85.30 -64.63 108.38
N ILE K 483 -85.12 -64.18 107.15
CA ILE K 483 -83.79 -64.02 106.57
C ILE K 483 -83.13 -62.83 107.25
N ASN K 484 -83.15 -61.68 106.60
CA ASN K 484 -82.58 -60.46 107.16
C ASN K 484 -83.40 -60.11 108.39
N ASP K 485 -82.98 -60.61 109.55
CA ASP K 485 -83.70 -60.38 110.78
C ASP K 485 -83.23 -59.18 111.59
N ARG K 486 -82.22 -58.46 111.10
CA ARG K 486 -81.72 -57.29 111.81
C ARG K 486 -82.31 -55.99 111.26
N TYR K 487 -82.72 -55.10 112.15
CA TYR K 487 -83.33 -53.83 111.78
C TYR K 487 -82.57 -53.14 110.65
N ASP K 488 -81.25 -53.33 110.64
CA ASP K 488 -80.41 -52.71 109.63
C ASP K 488 -80.27 -53.54 108.35
N MET K 489 -81.07 -54.60 108.26
CA MET K 489 -81.05 -55.46 107.09
C MET K 489 -82.31 -55.32 106.27
N LEU K 490 -82.93 -54.14 106.36
CA LEU K 490 -84.16 -53.88 105.62
C LEU K 490 -83.82 -53.31 104.24
N ASN K 491 -82.61 -52.80 104.11
CA ASN K 491 -82.13 -52.21 102.86
C ASN K 491 -82.00 -53.25 101.77
N ILE K 492 -83.09 -53.47 101.01
CA ILE K 492 -83.09 -54.44 99.93
C ILE K 492 -83.73 -53.89 98.65
N SER K 493 -84.93 -53.33 98.79
CA SER K 493 -85.66 -52.79 97.65
C SER K 493 -84.81 -51.86 96.78
N SER K 494 -84.59 -52.29 95.54
CA SER K 494 -83.82 -51.51 94.59
C SER K 494 -84.81 -50.81 93.66
N LEU K 495 -84.34 -50.34 92.51
CA LEU K 495 -85.22 -49.67 91.57
C LEU K 495 -84.59 -49.44 90.20
N ARG K 496 -85.05 -50.21 89.22
CA ARG K 496 -84.54 -50.09 87.86
C ARG K 496 -85.05 -48.78 87.27
N GLN K 497 -84.28 -48.21 86.34
CA GLN K 497 -84.68 -46.95 85.71
C GLN K 497 -85.89 -47.14 84.81
N ASP K 498 -86.43 -48.36 84.81
CA ASP K 498 -87.61 -48.66 83.99
C ASP K 498 -88.87 -48.42 84.80
N GLY K 499 -88.70 -48.05 86.06
CA GLY K 499 -89.84 -47.77 86.92
C GLY K 499 -90.34 -48.96 87.71
N LYS K 500 -89.55 -50.03 87.74
CA LYS K 500 -89.96 -51.23 88.48
C LYS K 500 -89.04 -51.50 89.66
N THR K 501 -89.66 -51.64 90.84
CA THR K 501 -88.92 -51.91 92.08
C THR K 501 -88.41 -53.34 92.10
N PHE K 502 -87.09 -53.48 92.15
CA PHE K 502 -86.46 -54.81 92.16
C PHE K 502 -85.98 -55.20 93.55
N ILE K 503 -86.62 -56.21 94.13
CA ILE K 503 -86.24 -56.70 95.44
C ILE K 503 -85.19 -57.79 95.28
N ASP K 504 -84.39 -57.99 96.32
CA ASP K 504 -83.35 -59.01 96.29
C ASP K 504 -83.17 -59.63 97.67
N PHE K 505 -83.28 -60.95 97.73
CA PHE K 505 -83.14 -61.68 98.99
C PHE K 505 -81.65 -61.96 99.20
N LYS K 506 -80.93 -62.07 98.08
CA LYS K 506 -79.50 -62.35 98.09
C LYS K 506 -78.63 -61.33 98.84
N LYS K 507 -79.04 -60.07 98.79
CA LYS K 507 -78.28 -59.02 99.46
C LYS K 507 -78.07 -59.33 100.94
N TYR K 508 -78.85 -60.28 101.46
CA TYR K 508 -78.75 -60.69 102.85
C TYR K 508 -78.89 -62.21 103.03
N ASN K 509 -78.01 -62.95 102.36
CA ASN K 509 -78.00 -64.42 102.43
C ASN K 509 -76.76 -64.95 101.72
N ASP K 510 -75.59 -64.53 102.19
CA ASP K 510 -74.32 -64.96 101.61
C ASP K 510 -74.27 -64.80 100.10
N LYS K 511 -74.88 -63.73 99.61
CA LYS K 511 -74.90 -63.45 98.17
C LYS K 511 -75.43 -64.62 97.36
N LEU K 512 -76.04 -65.60 98.03
CA LEU K 512 -76.58 -66.76 97.36
C LEU K 512 -78.11 -66.74 97.38
N PRO K 513 -78.74 -67.21 96.28
CA PRO K 513 -80.21 -67.24 96.17
C PRO K 513 -80.89 -68.02 97.29
N LEU K 514 -82.22 -67.98 97.29
CA LEU K 514 -83.01 -68.66 98.29
C LEU K 514 -82.67 -70.14 98.46
N TYR K 515 -83.03 -70.68 99.61
CA TYR K 515 -82.79 -72.08 99.95
C TYR K 515 -84.15 -72.74 100.23
N ILE K 516 -84.63 -73.51 99.27
CA ILE K 516 -85.92 -74.18 99.41
C ILE K 516 -85.76 -75.67 99.63
N SER K 517 -85.65 -76.08 100.90
CA SER K 517 -85.50 -77.48 101.24
C SER K 517 -86.80 -78.22 100.92
N ASN K 518 -87.91 -77.49 100.99
CA ASN K 518 -89.22 -78.05 100.71
C ASN K 518 -90.04 -77.02 99.93
N PRO K 519 -90.18 -77.22 98.61
CA PRO K 519 -90.95 -76.31 97.75
C PRO K 519 -92.45 -76.28 98.03
N ASN K 520 -92.80 -76.13 99.30
CA ASN K 520 -94.20 -76.08 99.72
C ASN K 520 -94.36 -75.08 100.86
N TYR K 521 -93.30 -74.34 101.14
CA TYR K 521 -93.31 -73.34 102.20
C TYR K 521 -94.02 -72.07 101.74
N LYS K 522 -93.71 -70.96 102.41
CA LYS K 522 -94.32 -69.67 102.06
C LYS K 522 -93.32 -68.52 102.24
N VAL K 523 -92.71 -68.10 101.14
CA VAL K 523 -91.75 -67.00 101.18
C VAL K 523 -92.49 -65.71 101.54
N ASN K 524 -92.54 -65.40 102.83
CA ASN K 524 -93.23 -64.21 103.29
C ASN K 524 -92.33 -62.97 103.34
N VAL K 525 -92.58 -62.06 102.40
CA VAL K 525 -91.83 -60.82 102.30
C VAL K 525 -92.74 -59.68 102.71
N TYR K 526 -92.46 -59.08 103.88
CA TYR K 526 -93.27 -57.99 104.39
C TYR K 526 -92.74 -56.63 103.99
N ALA K 527 -93.50 -55.59 104.32
CA ALA K 527 -93.11 -54.23 104.01
C ALA K 527 -93.20 -53.42 105.31
N VAL K 528 -92.27 -52.49 105.50
CA VAL K 528 -92.27 -51.68 106.70
C VAL K 528 -92.31 -50.19 106.37
N THR K 529 -93.42 -49.55 106.70
CA THR K 529 -93.56 -48.12 106.44
C THR K 529 -92.59 -47.35 107.31
N LYS K 530 -92.21 -46.15 106.87
CA LYS K 530 -91.28 -45.33 107.63
C LYS K 530 -91.77 -45.15 109.06
N GLU K 531 -93.01 -44.70 109.21
CA GLU K 531 -93.58 -44.47 110.54
C GLU K 531 -93.32 -45.61 111.52
N ASN K 532 -93.28 -46.85 111.01
CA ASN K 532 -93.05 -48.01 111.85
C ASN K 532 -91.59 -48.41 112.03
N THR K 533 -90.85 -48.44 110.93
CA THR K 533 -89.44 -48.84 110.96
C THR K 533 -88.63 -48.33 112.15
N ILE K 534 -87.68 -49.15 112.59
CA ILE K 534 -86.80 -48.81 113.69
C ILE K 534 -85.42 -48.51 113.14
N ILE K 535 -84.62 -47.79 113.92
CA ILE K 535 -83.27 -47.42 113.50
C ILE K 535 -82.16 -47.80 114.47
N ASN K 536 -82.53 -48.18 115.70
CA ASN K 536 -81.54 -48.56 116.69
C ASN K 536 -82.04 -49.69 117.59
N PRO K 537 -81.10 -50.49 118.14
CA PRO K 537 -81.43 -51.61 119.02
C PRO K 537 -82.28 -51.19 120.21
N SER K 538 -82.90 -52.17 120.87
CA SER K 538 -83.75 -51.89 122.02
C SER K 538 -82.91 -51.62 123.26
N GLU K 539 -83.57 -51.28 124.36
CA GLU K 539 -82.89 -51.00 125.62
C GLU K 539 -81.74 -51.96 125.86
N ASN K 540 -81.87 -53.16 125.32
CA ASN K 540 -80.83 -54.19 125.44
C ASN K 540 -79.96 -54.19 124.20
N GLY K 541 -80.05 -55.25 123.41
CA GLY K 541 -79.28 -55.36 122.19
C GLY K 541 -80.07 -56.11 121.14
N ASP K 542 -81.39 -55.96 121.20
CA ASP K 542 -82.28 -56.64 120.27
C ASP K 542 -82.14 -56.09 118.85
N THR K 543 -81.21 -56.65 118.09
CA THR K 543 -80.99 -56.21 116.72
C THR K 543 -81.92 -56.99 115.81
N SER K 544 -82.95 -57.58 116.37
CA SER K 544 -83.90 -58.38 115.62
C SER K 544 -85.12 -57.60 115.13
N THR K 545 -85.91 -58.25 114.27
CA THR K 545 -87.11 -57.66 113.71
C THR K 545 -88.32 -58.07 114.55
N ASN K 546 -88.07 -58.48 115.79
CA ASN K 546 -89.12 -58.90 116.69
C ASN K 546 -90.20 -57.83 116.85
N GLY K 547 -89.85 -56.75 117.56
CA GLY K 547 -90.80 -55.68 117.77
C GLY K 547 -90.95 -54.73 116.61
N ILE K 548 -91.72 -55.15 115.59
CA ILE K 548 -91.95 -54.33 114.41
C ILE K 548 -93.40 -54.48 113.96
N LYS K 549 -93.86 -53.53 113.15
CA LYS K 549 -95.21 -53.56 112.63
C LYS K 549 -95.13 -53.62 111.11
N LYS K 550 -94.77 -54.78 110.58
CA LYS K 550 -94.65 -54.95 109.15
C LYS K 550 -96.01 -55.25 108.52
N ILE K 551 -96.03 -55.31 107.19
CA ILE K 551 -97.27 -55.59 106.46
C ILE K 551 -97.03 -56.63 105.38
N LEU K 552 -97.93 -57.62 105.32
CA LEU K 552 -97.84 -58.69 104.34
C LEU K 552 -97.97 -58.16 102.92
N ILE K 553 -96.92 -58.35 102.13
CA ILE K 553 -96.90 -57.88 100.74
C ILE K 553 -96.79 -59.05 99.77
N PHE K 554 -96.17 -60.13 100.22
CA PHE K 554 -95.98 -61.31 99.37
C PHE K 554 -96.21 -62.58 100.17
N SER K 555 -96.48 -63.68 99.47
CA SER K 555 -96.70 -64.96 100.13
C SER K 555 -97.00 -66.07 99.13
N LYS K 556 -96.01 -66.43 98.32
CA LYS K 556 -96.17 -67.48 97.32
C LYS K 556 -95.53 -68.78 97.80
N LYS K 557 -95.94 -69.89 97.20
CA LYS K 557 -95.42 -71.20 97.57
C LYS K 557 -94.08 -71.48 96.89
N GLY K 558 -93.39 -72.51 97.38
CA GLY K 558 -92.10 -72.87 96.82
C GLY K 558 -92.17 -73.26 95.36
N TYR K 559 -93.27 -73.91 94.97
CA TYR K 559 -93.45 -74.34 93.59
C TYR K 559 -94.08 -73.24 92.74
N GLU K 560 -94.51 -72.16 93.40
CA GLU K 560 -95.12 -71.05 92.70
C GLU K 560 -94.11 -69.93 92.46
N ILE K 561 -92.84 -70.31 92.29
CA ILE K 561 -91.77 -69.35 92.04
C ILE K 561 -90.77 -69.93 91.04
N GLY K 562 -89.98 -70.90 91.50
CA GLY K 562 -88.99 -71.51 90.63
C GLY K 562 -87.89 -72.22 91.41
N SER L 1 -54.11 -80.19 135.39
CA SER L 1 -53.90 -81.62 135.21
C SER L 1 -55.03 -82.24 134.38
N CYS L 2 -55.71 -83.22 134.94
CA CYS L 2 -56.81 -83.89 134.25
C CYS L 2 -58.15 -83.48 134.84
N ARG L 3 -59.21 -83.64 134.06
CA ARG L 3 -60.57 -83.29 134.49
C ARG L 3 -61.58 -84.34 134.06
N ARG L 4 -62.82 -84.17 134.50
CA ARG L 4 -63.87 -85.12 134.14
C ARG L 4 -65.11 -84.42 133.60
N ALA L 5 -65.38 -83.21 134.11
CA ALA L 5 -66.55 -82.44 133.70
C ALA L 5 -66.26 -81.49 132.55
N PHE L 6 -66.78 -81.80 131.37
CA PHE L 6 -66.59 -80.97 130.19
C PHE L 6 -67.92 -80.41 129.72
N ASP L 7 -67.90 -79.18 129.21
CA ASP L 7 -69.10 -78.52 128.70
C ASP L 7 -68.89 -78.24 127.22
N LEU L 8 -69.59 -78.96 126.37
CA LEU L 8 -69.44 -78.77 124.93
C LEU L 8 -70.46 -77.80 124.36
N TYR L 9 -69.97 -76.79 123.65
CA TYR L 9 -70.82 -75.79 123.02
C TYR L 9 -70.86 -76.03 121.52
N PHE L 10 -72.06 -76.17 120.97
CA PHE L 10 -72.21 -76.44 119.55
C PHE L 10 -72.74 -75.26 118.74
N VAL L 11 -71.84 -74.36 118.38
CA VAL L 11 -72.17 -73.19 117.59
C VAL L 11 -72.28 -73.67 116.14
N LEU L 12 -73.48 -73.58 115.57
CA LEU L 12 -73.72 -74.04 114.21
C LEU L 12 -74.07 -72.94 113.21
N ASP L 13 -73.34 -72.95 112.09
CA ASP L 13 -73.55 -71.99 111.03
C ASP L 13 -74.75 -72.41 110.18
N LYS L 14 -75.88 -71.76 110.37
CA LYS L 14 -77.06 -72.11 109.60
C LYS L 14 -77.30 -71.09 108.49
N SER L 15 -76.21 -70.63 107.87
CA SER L 15 -76.30 -69.65 106.79
C SER L 15 -76.56 -70.33 105.45
N GLY L 16 -77.09 -69.58 104.50
CA GLY L 16 -77.40 -70.12 103.19
C GLY L 16 -76.20 -70.77 102.50
N SER L 17 -75.01 -70.22 102.75
CA SER L 17 -73.79 -70.75 102.14
C SER L 17 -73.59 -72.23 102.47
N VAL L 18 -74.02 -72.64 103.66
CA VAL L 18 -73.90 -74.02 104.10
C VAL L 18 -75.26 -74.68 104.21
N ALA L 19 -76.17 -74.31 103.31
CA ALA L 19 -77.51 -74.87 103.32
C ALA L 19 -77.54 -76.25 102.68
N ASN L 20 -76.47 -76.60 101.97
CA ASN L 20 -76.37 -77.89 101.30
C ASN L 20 -75.89 -78.99 102.24
N ASN L 21 -74.76 -78.72 102.90
CA ASN L 21 -74.16 -79.70 103.82
C ASN L 21 -74.55 -79.49 105.27
N TRP L 22 -75.84 -79.26 105.53
CA TRP L 22 -76.31 -79.08 106.90
C TRP L 22 -76.31 -80.40 107.65
N ILE L 23 -76.75 -81.45 106.96
CA ILE L 23 -76.81 -82.77 107.56
C ILE L 23 -75.47 -83.18 108.16
N GLU L 24 -74.39 -82.98 107.41
CA GLU L 24 -73.05 -83.33 107.89
C GLU L 24 -72.80 -82.67 109.23
N ILE L 25 -73.19 -81.40 109.32
CA ILE L 25 -73.03 -80.63 110.55
C ILE L 25 -73.87 -81.24 111.65
N TYR L 26 -75.09 -81.65 111.31
CA TYR L 26 -75.98 -82.27 112.29
C TYR L 26 -75.43 -83.62 112.71
N ASN L 27 -74.88 -84.36 111.74
CA ASN L 27 -74.31 -85.67 112.02
C ASN L 27 -73.15 -85.51 112.99
N PHE L 28 -72.28 -84.55 112.71
CA PHE L 28 -71.12 -84.29 113.57
C PHE L 28 -71.58 -83.90 114.97
N VAL L 29 -72.72 -83.23 115.06
CA VAL L 29 -73.26 -82.80 116.35
C VAL L 29 -74.09 -83.93 116.96
N GLN L 30 -74.38 -84.95 116.16
CA GLN L 30 -75.14 -86.09 116.63
C GLN L 30 -74.18 -87.22 117.00
N GLN L 31 -73.14 -87.39 116.19
CA GLN L 31 -72.12 -88.42 116.42
C GLN L 31 -71.23 -88.02 117.59
N LEU L 32 -71.30 -86.76 117.97
CA LEU L 32 -70.49 -86.25 119.07
C LEU L 32 -71.29 -86.32 120.37
N ALA L 33 -72.59 -86.03 120.28
CA ALA L 33 -73.46 -86.08 121.46
C ALA L 33 -73.73 -87.54 121.77
N GLU L 34 -73.46 -88.39 120.78
CA GLU L 34 -73.65 -89.83 120.90
C GLU L 34 -72.46 -90.43 121.66
N ARG L 35 -71.30 -89.79 121.52
CA ARG L 35 -70.08 -90.23 122.18
C ARG L 35 -70.08 -89.86 123.66
N PHE L 36 -69.77 -88.60 123.95
CA PHE L 36 -69.72 -88.12 125.33
C PHE L 36 -71.09 -88.23 125.98
N VAL L 37 -71.29 -89.28 126.77
CA VAL L 37 -72.56 -89.50 127.44
C VAL L 37 -72.39 -89.51 128.96
N SER L 38 -71.45 -88.71 129.44
CA SER L 38 -71.19 -88.63 130.87
C SER L 38 -72.06 -87.52 131.47
N PRO L 39 -72.71 -87.79 132.61
CA PRO L 39 -73.58 -86.82 133.28
C PRO L 39 -72.89 -85.47 133.54
N GLU L 40 -71.58 -85.45 133.39
CA GLU L 40 -70.79 -84.24 133.59
C GLU L 40 -70.52 -83.55 132.26
N MET L 41 -70.96 -84.20 131.18
CA MET L 41 -70.77 -83.67 129.83
C MET L 41 -71.98 -82.84 129.40
N ARG L 42 -72.19 -81.70 130.06
CA ARG L 42 -73.30 -80.83 129.72
C ARG L 42 -73.12 -80.24 128.32
N LEU L 43 -74.09 -80.51 127.45
CA LEU L 43 -74.03 -80.02 126.08
C LEU L 43 -74.90 -78.79 125.89
N SER L 44 -74.61 -78.02 124.84
CA SER L 44 -75.37 -76.82 124.53
C SER L 44 -75.34 -76.60 123.02
N PHE L 45 -76.49 -76.34 122.44
CA PHE L 45 -76.57 -76.11 121.01
C PHE L 45 -76.84 -74.65 120.66
N ILE L 46 -76.20 -74.19 119.59
CA ILE L 46 -76.36 -72.81 119.12
C ILE L 46 -76.26 -72.77 117.60
N VAL L 47 -77.10 -71.95 116.98
CA VAL L 47 -77.10 -71.82 115.54
C VAL L 47 -77.13 -70.34 115.13
N PHE L 48 -76.14 -69.92 114.35
CA PHE L 48 -76.08 -68.53 113.92
C PHE L 48 -76.26 -68.38 112.42
N SER L 49 -76.43 -67.14 111.99
CA SER L 49 -76.62 -66.79 110.59
C SER L 49 -76.79 -65.28 110.55
N SER L 50 -78.03 -64.83 110.47
CA SER L 50 -78.32 -63.40 110.46
C SER L 50 -78.32 -63.02 111.94
N GLN L 51 -78.36 -64.04 112.77
CA GLN L 51 -78.37 -63.86 114.21
C GLN L 51 -78.44 -65.26 114.84
N ALA L 52 -77.63 -65.48 115.86
CA ALA L 52 -77.58 -66.78 116.52
C ALA L 52 -78.67 -66.96 117.58
N THR L 53 -78.96 -68.23 117.88
CA THR L 53 -79.96 -68.58 118.88
C THR L 53 -79.53 -69.77 119.73
N ILE L 54 -79.98 -69.77 120.98
CA ILE L 54 -79.66 -70.83 121.92
C ILE L 54 -80.65 -71.99 121.77
N ILE L 55 -80.33 -72.94 120.91
CA ILE L 55 -81.18 -74.09 120.68
C ILE L 55 -81.25 -74.94 121.94
N LEU L 56 -80.08 -75.34 122.44
CA LEU L 56 -79.99 -76.16 123.64
C LEU L 56 -79.09 -75.52 124.69
N PRO L 57 -79.65 -75.17 125.86
CA PRO L 57 -78.86 -74.55 126.93
C PRO L 57 -77.73 -75.47 127.35
N LEU L 58 -76.99 -75.08 128.39
CA LEU L 58 -75.89 -75.89 128.87
C LEU L 58 -76.39 -76.82 129.97
N THR L 59 -76.55 -78.10 129.65
CA THR L 59 -77.02 -79.08 130.61
C THR L 59 -76.71 -80.52 130.16
N GLY L 60 -76.78 -81.45 131.10
CA GLY L 60 -76.50 -82.84 130.78
C GLY L 60 -77.72 -83.73 130.95
N ASP L 61 -78.81 -83.37 130.29
CA ASP L 61 -80.05 -84.13 130.36
C ASP L 61 -80.50 -84.52 128.96
N ARG L 62 -80.21 -85.76 128.55
CA ARG L 62 -80.59 -86.24 127.23
C ARG L 62 -82.06 -86.02 126.90
N GLY L 63 -82.86 -85.80 127.93
CA GLY L 63 -84.28 -85.55 127.71
C GLY L 63 -84.44 -84.32 126.85
N LYS L 64 -83.61 -83.32 127.11
CA LYS L 64 -83.65 -82.07 126.36
C LYS L 64 -82.57 -82.10 125.28
N ILE L 65 -81.54 -82.90 125.49
CA ILE L 65 -80.45 -83.02 124.53
C ILE L 65 -80.98 -83.62 123.24
N SER L 66 -81.71 -84.73 123.37
CA SER L 66 -82.29 -85.37 122.20
C SER L 66 -83.24 -84.36 121.57
N LYS L 67 -83.95 -83.63 122.43
CA LYS L 67 -84.88 -82.60 122.00
C LYS L 67 -84.16 -81.64 121.07
N GLY L 68 -82.97 -81.23 121.48
CA GLY L 68 -82.18 -80.32 120.67
C GLY L 68 -81.79 -80.95 119.35
N LEU L 69 -81.29 -82.19 119.41
CA LEU L 69 -80.90 -82.90 118.22
C LEU L 69 -82.06 -83.03 117.25
N GLU L 70 -83.28 -83.07 117.79
CA GLU L 70 -84.48 -83.17 116.97
C GLU L 70 -84.74 -81.84 116.27
N ASP L 71 -84.40 -80.75 116.94
CA ASP L 71 -84.60 -79.42 116.39
C ASP L 71 -83.53 -79.09 115.36
N LEU L 72 -82.27 -79.40 115.69
CA LEU L 72 -81.16 -79.14 114.77
C LEU L 72 -81.36 -79.93 113.49
N LYS L 73 -82.10 -81.03 113.59
CA LYS L 73 -82.38 -81.88 112.44
C LYS L 73 -83.31 -81.14 111.49
N ARG L 74 -84.32 -80.49 112.07
CA ARG L 74 -85.30 -79.73 111.31
C ARG L 74 -84.91 -78.26 111.21
N VAL L 75 -83.77 -78.00 110.59
CA VAL L 75 -83.28 -76.64 110.42
C VAL L 75 -83.06 -76.31 108.94
N SER L 76 -83.40 -75.08 108.56
CA SER L 76 -83.24 -74.63 107.19
C SER L 76 -82.13 -73.60 107.11
N PRO L 77 -80.90 -74.04 106.79
CA PRO L 77 -79.74 -73.15 106.68
C PRO L 77 -79.95 -71.98 105.72
N VAL L 78 -80.13 -70.79 106.27
CA VAL L 78 -80.33 -69.60 105.46
C VAL L 78 -80.07 -68.33 106.28
N GLY L 79 -79.52 -67.32 105.62
CA GLY L 79 -79.24 -66.06 106.28
C GLY L 79 -77.75 -65.72 106.17
N GLU L 80 -77.39 -64.52 106.62
CA GLU L 80 -76.00 -64.08 106.57
C GLU L 80 -75.09 -65.00 107.40
N THR L 81 -73.83 -64.62 107.49
CA THR L 81 -72.86 -65.40 108.24
C THR L 81 -72.27 -64.59 109.39
N TYR L 82 -73.05 -64.43 110.46
CA TYR L 82 -72.59 -63.68 111.62
C TYR L 82 -72.13 -64.64 112.72
N ILE L 83 -71.04 -65.34 112.44
CA ILE L 83 -70.47 -66.32 113.37
C ILE L 83 -70.14 -65.73 114.73
N HIS L 84 -69.47 -64.57 114.73
CA HIS L 84 -69.10 -63.92 115.98
C HIS L 84 -70.26 -63.91 116.96
N GLU L 85 -71.44 -63.53 116.49
CA GLU L 85 -72.61 -63.49 117.35
C GLU L 85 -72.81 -64.84 118.02
N GLY L 86 -72.59 -65.91 117.26
CA GLY L 86 -72.75 -67.24 117.82
C GLY L 86 -71.74 -67.52 118.90
N LEU L 87 -70.46 -67.36 118.57
CA LEU L 87 -69.39 -67.59 119.52
C LEU L 87 -69.67 -66.80 120.79
N LYS L 88 -70.39 -65.69 120.65
CA LYS L 88 -70.73 -64.85 121.79
C LYS L 88 -71.71 -65.55 122.71
N LEU L 89 -72.81 -66.03 122.14
CA LEU L 89 -73.83 -66.72 122.91
C LEU L 89 -73.20 -67.91 123.62
N ALA L 90 -71.98 -68.26 123.21
CA ALA L 90 -71.26 -69.36 123.81
C ALA L 90 -70.57 -68.87 125.09
N ASN L 91 -69.81 -67.80 124.96
CA ASN L 91 -69.10 -67.22 126.10
C ASN L 91 -70.08 -66.71 127.15
N GLU L 92 -71.23 -66.22 126.70
CA GLU L 92 -72.24 -65.72 127.61
C GLU L 92 -72.64 -66.82 128.59
N GLN L 93 -72.72 -68.05 128.08
CA GLN L 93 -73.07 -69.22 128.89
C GLN L 93 -71.94 -69.58 129.83
N ILE L 94 -70.72 -69.52 129.31
CA ILE L 94 -69.54 -69.84 130.09
C ILE L 94 -69.38 -68.89 131.27
N GLN L 95 -69.21 -67.60 130.97
CA GLN L 95 -69.03 -66.58 132.01
C GLN L 95 -70.14 -66.61 133.06
N LYS L 96 -71.27 -67.22 132.72
CA LYS L 96 -72.39 -67.29 133.65
C LYS L 96 -72.27 -68.57 134.47
N ALA L 97 -71.35 -69.45 134.07
CA ALA L 97 -71.11 -70.71 134.76
C ALA L 97 -69.99 -70.58 135.77
N GLY L 98 -69.05 -69.68 135.51
CA GLY L 98 -67.94 -69.47 136.41
C GLY L 98 -66.71 -68.90 135.73
N GLY L 99 -66.79 -68.73 134.41
CA GLY L 99 -65.67 -68.19 133.66
C GLY L 99 -64.52 -69.16 133.58
N LEU L 100 -63.42 -68.84 134.24
CA LEU L 100 -62.26 -69.72 134.25
C LEU L 100 -62.60 -70.97 135.03
N LYS L 101 -63.51 -70.82 135.98
CA LYS L 101 -63.96 -71.92 136.84
C LYS L 101 -64.72 -72.97 136.05
N THR L 102 -64.62 -72.92 134.73
CA THR L 102 -65.31 -73.88 133.87
C THR L 102 -64.45 -74.35 132.70
N SER L 103 -64.40 -75.66 132.51
CA SER L 103 -63.64 -76.24 131.41
C SER L 103 -64.62 -76.44 130.26
N SER L 104 -64.63 -75.48 129.33
CA SER L 104 -65.54 -75.55 128.19
C SER L 104 -64.83 -75.85 126.87
N ILE L 105 -65.60 -76.40 125.92
CA ILE L 105 -65.07 -76.75 124.61
C ILE L 105 -66.01 -76.24 123.52
N ILE L 106 -65.77 -75.02 123.06
CA ILE L 106 -66.59 -74.42 122.02
C ILE L 106 -66.30 -75.06 120.67
N ILE L 107 -67.34 -75.61 120.05
CA ILE L 107 -67.21 -76.26 118.74
C ILE L 107 -68.08 -75.52 117.73
N ALA L 108 -67.45 -74.71 116.90
CA ALA L 108 -68.18 -73.94 115.89
C ALA L 108 -68.15 -74.59 114.51
N LEU L 109 -69.34 -74.84 113.98
CA LEU L 109 -69.48 -75.45 112.65
C LEU L 109 -69.80 -74.35 111.66
N THR L 110 -68.92 -74.16 110.68
CA THR L 110 -69.12 -73.12 109.68
C THR L 110 -68.24 -73.32 108.46
N ASP L 111 -68.50 -72.54 107.42
CA ASP L 111 -67.73 -72.61 106.19
C ASP L 111 -66.48 -71.73 106.28
N GLY L 112 -66.39 -70.95 107.36
CA GLY L 112 -65.24 -70.08 107.53
C GLY L 112 -65.19 -68.95 106.52
N LYS L 113 -66.19 -68.87 105.66
CA LYS L 113 -66.27 -67.83 104.64
C LYS L 113 -66.94 -66.59 105.21
N LEU L 114 -66.22 -65.87 106.07
CA LEU L 114 -66.77 -64.66 106.68
C LEU L 114 -66.51 -63.47 105.77
N ASP L 115 -67.24 -62.38 106.00
CA ASP L 115 -67.09 -61.17 105.19
C ASP L 115 -67.17 -59.89 106.00
N GLY L 116 -66.56 -58.83 105.48
CA GLY L 116 -66.57 -57.54 106.14
C GLY L 116 -65.95 -57.51 107.53
N LEU L 117 -66.74 -57.07 108.51
CA LEU L 117 -66.27 -56.98 109.89
C LEU L 117 -66.37 -58.31 110.60
N VAL L 118 -67.22 -59.20 110.10
CA VAL L 118 -67.39 -60.51 110.71
C VAL L 118 -66.04 -61.13 111.08
N PRO L 119 -65.06 -61.10 110.13
CA PRO L 119 -63.74 -61.66 110.40
C PRO L 119 -63.11 -61.03 111.64
N SER L 120 -62.98 -59.71 111.59
CA SER L 120 -62.40 -58.97 112.71
C SER L 120 -63.08 -59.34 114.03
N TYR L 121 -64.40 -59.18 114.07
CA TYR L 121 -65.15 -59.50 115.28
C TYR L 121 -65.11 -60.98 115.66
N ALA L 122 -65.16 -61.85 114.66
CA ALA L 122 -65.11 -63.28 114.91
C ALA L 122 -63.80 -63.61 115.60
N GLU L 123 -62.69 -63.22 114.97
CA GLU L 123 -61.37 -63.47 115.52
C GLU L 123 -61.28 -62.92 116.94
N LYS L 124 -61.81 -61.71 117.14
CA LYS L 124 -61.78 -61.07 118.45
C LYS L 124 -62.71 -61.78 119.42
N GLU L 125 -63.96 -61.99 119.01
CA GLU L 125 -64.93 -62.67 119.86
C GLU L 125 -64.44 -64.07 120.23
N ALA L 126 -63.60 -64.62 119.36
CA ALA L 126 -63.03 -65.96 119.59
C ALA L 126 -62.00 -65.91 120.70
N LYS L 127 -61.15 -64.90 120.68
CA LYS L 127 -60.13 -64.73 121.69
C LYS L 127 -60.83 -64.46 123.02
N ILE L 128 -62.03 -63.91 122.93
CA ILE L 128 -62.83 -63.60 124.11
C ILE L 128 -63.23 -64.93 124.75
N SER L 129 -63.15 -65.98 123.96
CA SER L 129 -63.50 -67.32 124.43
C SER L 129 -62.30 -67.89 125.18
N ARG L 130 -61.15 -67.93 124.52
CA ARG L 130 -59.94 -68.45 125.13
C ARG L 130 -59.53 -67.61 126.33
N SER L 131 -60.23 -66.50 126.53
CA SER L 131 -59.95 -65.62 127.66
C SER L 131 -60.87 -65.97 128.82
N LEU L 132 -61.56 -67.10 128.69
CA LEU L 132 -62.47 -67.57 129.72
C LEU L 132 -62.20 -69.03 130.05
N GLY L 133 -60.95 -69.44 129.89
CA GLY L 133 -60.59 -70.82 130.17
C GLY L 133 -61.38 -71.78 129.31
N ALA L 134 -61.37 -71.55 128.00
CA ALA L 134 -62.09 -72.40 127.07
C ALA L 134 -61.28 -72.66 125.80
N SER L 135 -61.65 -73.71 125.08
CA SER L 135 -60.97 -74.06 123.84
C SER L 135 -61.95 -73.95 122.67
N VAL L 136 -61.49 -73.37 121.57
CA VAL L 136 -62.33 -73.19 120.39
C VAL L 136 -62.01 -74.20 119.29
N TYR L 137 -63.06 -74.80 118.73
CA TYR L 137 -62.90 -75.78 117.66
C TYR L 137 -63.68 -75.39 116.42
N CYS L 138 -62.96 -75.17 115.32
CA CYS L 138 -63.60 -74.79 114.05
C CYS L 138 -63.74 -75.98 113.12
N VAL L 139 -64.87 -76.68 113.23
CA VAL L 139 -65.13 -77.83 112.37
C VAL L 139 -65.80 -77.34 111.09
N GLY L 140 -64.99 -76.82 110.18
CA GLY L 140 -65.50 -76.29 108.93
C GLY L 140 -66.18 -77.27 107.99
N VAL L 141 -66.91 -76.73 107.02
CA VAL L 141 -67.63 -77.52 106.03
C VAL L 141 -67.22 -77.03 104.63
N LEU L 142 -67.36 -77.90 103.64
CA LEU L 142 -67.01 -77.55 102.27
C LEU L 142 -65.56 -77.04 102.23
N ASP L 143 -65.19 -76.41 101.12
CA ASP L 143 -63.83 -75.88 100.97
C ASP L 143 -63.68 -74.65 101.85
N PHE L 144 -63.98 -74.82 103.14
CA PHE L 144 -63.89 -73.74 104.11
C PHE L 144 -62.55 -73.00 104.10
N GLU L 145 -62.51 -71.89 104.82
CA GLU L 145 -61.30 -71.08 104.90
C GLU L 145 -60.41 -71.53 106.04
N GLN L 146 -59.50 -72.45 105.75
CA GLN L 146 -58.58 -72.97 106.75
C GLN L 146 -57.96 -71.78 107.49
N ALA L 147 -57.51 -70.80 106.71
CA ALA L 147 -56.89 -69.60 107.26
C ALA L 147 -57.71 -68.99 108.38
N GLN L 148 -58.91 -68.52 108.06
CA GLN L 148 -59.80 -67.90 109.04
C GLN L 148 -59.99 -68.79 110.26
N LEU L 149 -60.39 -70.04 110.04
CA LEU L 149 -60.62 -70.98 111.12
C LEU L 149 -59.45 -70.96 112.09
N GLU L 150 -58.23 -70.96 111.54
CA GLU L 150 -57.03 -70.93 112.36
C GLU L 150 -57.06 -69.76 113.31
N ARG L 151 -57.36 -68.58 112.76
CA ARG L 151 -57.41 -67.36 113.55
C ARG L 151 -58.63 -67.33 114.48
N ILE L 152 -59.55 -68.27 114.28
CA ILE L 152 -60.76 -68.34 115.10
C ILE L 152 -60.58 -69.26 116.29
N ALA L 153 -60.03 -70.45 116.06
CA ALA L 153 -59.82 -71.41 117.13
C ALA L 153 -58.49 -71.15 117.83
N ASP L 154 -58.03 -72.12 118.60
CA ASP L 154 -56.77 -72.00 119.33
C ASP L 154 -55.59 -72.03 118.35
N SER L 155 -55.45 -73.14 117.64
CA SER L 155 -54.37 -73.30 116.66
C SER L 155 -54.90 -74.06 115.45
N LYS L 156 -54.05 -74.25 114.45
CA LYS L 156 -54.44 -74.96 113.24
C LYS L 156 -54.81 -76.40 113.54
N GLU L 157 -54.61 -76.83 114.78
CA GLU L 157 -54.93 -78.18 115.19
C GLU L 157 -56.42 -78.33 115.49
N GLN L 158 -56.98 -77.40 116.24
CA GLN L 158 -58.41 -77.43 116.58
C GLN L 158 -59.27 -77.20 115.34
N VAL L 159 -58.67 -77.40 114.17
CA VAL L 159 -59.37 -77.22 112.90
C VAL L 159 -59.47 -78.57 112.20
N PHE L 160 -60.59 -79.25 112.41
CA PHE L 160 -60.80 -80.57 111.80
C PHE L 160 -61.92 -80.55 110.76
N PRO L 161 -61.62 -80.99 109.54
CA PRO L 161 -62.64 -81.02 108.48
C PRO L 161 -63.61 -82.18 108.68
N VAL L 162 -64.89 -81.87 108.85
CA VAL L 162 -65.91 -82.88 109.07
C VAL L 162 -65.75 -84.05 108.09
N LYS L 163 -65.37 -83.75 106.86
CA LYS L 163 -65.18 -84.77 105.84
C LYS L 163 -63.84 -85.48 106.04
N GLY L 164 -63.90 -86.78 106.23
CA GLY L 164 -62.69 -87.56 106.42
C GLY L 164 -62.97 -88.79 107.27
N GLY L 165 -61.97 -89.67 107.40
CA GLY L 165 -62.15 -90.86 108.20
C GLY L 165 -62.24 -90.56 109.68
N PHE L 166 -63.35 -89.94 110.08
CA PHE L 166 -63.57 -89.58 111.48
C PHE L 166 -62.44 -88.71 112.00
N GLN L 167 -61.60 -88.24 111.09
CA GLN L 167 -60.46 -87.39 111.45
C GLN L 167 -60.90 -86.36 112.48
N ALA L 168 -62.11 -85.86 112.31
CA ALA L 168 -62.68 -84.87 113.22
C ALA L 168 -63.07 -85.55 114.54
N LEU L 169 -64.05 -86.45 114.46
CA LEU L 169 -64.51 -87.17 115.65
C LEU L 169 -63.33 -87.71 116.43
N LYS L 170 -62.45 -88.42 115.73
CA LYS L 170 -61.28 -89.01 116.36
C LYS L 170 -60.37 -87.91 116.94
N GLY L 171 -59.69 -87.19 116.05
CA GLY L 171 -58.80 -86.13 116.48
C GLY L 171 -59.35 -85.23 117.57
N ILE L 172 -60.66 -84.99 117.56
CA ILE L 172 -61.29 -84.14 118.56
C ILE L 172 -61.58 -84.88 119.86
N ILE L 173 -62.41 -85.91 119.79
CA ILE L 173 -62.76 -86.69 120.97
C ILE L 173 -61.51 -87.15 121.70
N ASN L 174 -60.46 -87.47 120.94
CA ASN L 174 -59.21 -87.92 121.52
C ASN L 174 -58.36 -86.75 122.01
N SER L 175 -58.72 -85.55 121.58
CA SER L 175 -58.02 -84.34 122.00
C SER L 175 -58.70 -83.79 123.24
N ILE L 176 -59.94 -84.21 123.45
CA ILE L 176 -60.74 -83.79 124.59
C ILE L 176 -60.48 -84.75 125.76
N LEU L 177 -60.33 -86.03 125.43
CA LEU L 177 -60.06 -87.05 126.45
C LEU L 177 -58.60 -86.97 126.87
N ALA L 178 -57.81 -86.22 126.11
CA ALA L 178 -56.40 -86.05 126.41
C ALA L 178 -56.26 -85.07 127.58
N GLN L 179 -57.40 -84.70 128.15
CA GLN L 179 -57.45 -83.77 129.27
C GLN L 179 -58.18 -84.42 130.44
N SER L 180 -58.78 -85.59 130.18
CA SER L 180 -59.52 -86.33 131.20
C SER L 180 -58.56 -87.24 131.97
N CYS L 181 -59.02 -87.74 133.11
CA CYS L 181 -58.20 -88.62 133.94
C CYS L 181 -58.35 -90.07 133.48
N THR M 1 101.81 -5.31 -69.33
CA THR M 1 100.90 -5.27 -68.15
C THR M 1 100.92 -3.89 -67.50
N VAL M 2 101.48 -2.91 -68.21
CA VAL M 2 101.57 -1.54 -67.72
C VAL M 2 100.17 -1.00 -67.39
N PRO M 3 100.01 -0.39 -66.20
CA PRO M 3 98.74 0.18 -65.75
C PRO M 3 98.18 1.24 -66.69
N ASP M 4 96.95 1.03 -67.14
CA ASP M 4 96.26 1.97 -68.02
C ASP M 4 94.76 1.67 -68.06
N ARG M 5 94.02 2.34 -67.19
CA ARG M 5 92.57 2.15 -67.11
C ARG M 5 91.88 2.68 -68.36
N ASP M 6 92.15 3.94 -68.69
CA ASP M 6 91.57 4.57 -69.87
C ASP M 6 91.65 3.65 -71.08
N ASN M 7 92.74 2.87 -71.14
CA ASN M 7 92.95 1.93 -72.23
C ASN M 7 93.27 2.65 -73.54
N ASP M 8 93.62 3.94 -73.44
CA ASP M 8 93.93 4.72 -74.63
C ASP M 8 95.31 4.43 -75.19
N GLY M 9 96.22 3.99 -74.32
CA GLY M 9 97.56 3.67 -74.77
C GLY M 9 98.64 4.52 -74.12
N ILE M 10 98.25 5.28 -73.09
CA ILE M 10 99.20 6.12 -72.38
C ILE M 10 99.17 5.76 -70.91
N PRO M 11 100.15 4.95 -70.46
CA PRO M 11 100.29 4.49 -69.07
C PRO M 11 99.96 5.57 -68.05
N ASP M 12 98.93 5.32 -67.25
CA ASP M 12 98.47 6.24 -66.22
C ASP M 12 99.50 7.30 -65.87
N SER M 13 100.50 6.91 -65.08
CA SER M 13 101.56 7.82 -64.67
C SER M 13 101.86 8.82 -65.77
N LEU M 14 102.41 8.34 -66.88
CA LEU M 14 102.75 9.18 -68.01
C LEU M 14 101.71 10.25 -68.25
N GLU M 15 100.45 9.82 -68.36
CA GLU M 15 99.35 10.73 -68.62
C GLU M 15 99.03 11.66 -67.46
N VAL M 16 99.47 11.30 -66.26
CA VAL M 16 99.20 12.13 -65.09
C VAL M 16 100.38 13.01 -64.71
N GLU M 17 101.56 12.41 -64.67
CA GLU M 17 102.79 13.12 -64.32
C GLU M 17 103.43 13.85 -65.48
N GLY M 18 102.76 13.81 -66.64
CA GLY M 18 103.29 14.48 -67.81
C GLY M 18 104.00 13.57 -68.78
N TYR M 19 103.84 13.86 -70.07
CA TYR M 19 104.48 13.06 -71.12
C TYR M 19 104.52 13.85 -72.41
N THR M 20 105.01 13.19 -73.45
CA THR M 20 105.11 13.78 -74.77
C THR M 20 105.68 12.71 -75.68
N VAL M 21 105.88 13.04 -76.95
CA VAL M 21 106.42 12.07 -77.89
C VAL M 21 107.37 12.68 -78.88
N ASP M 22 108.38 11.90 -79.25
CA ASP M 22 109.39 12.31 -80.22
C ASP M 22 109.68 11.13 -81.14
N VAL M 23 110.65 11.28 -82.02
CA VAL M 23 111.00 10.22 -82.95
C VAL M 23 112.51 9.92 -83.00
N LYS M 24 112.90 8.82 -82.39
CA LYS M 24 114.30 8.40 -82.36
C LYS M 24 114.78 8.20 -83.80
N ASN M 25 114.97 6.94 -84.19
CA ASN M 25 115.40 6.66 -85.56
C ASN M 25 114.36 7.33 -86.43
N LYS M 26 113.26 6.63 -86.64
CA LYS M 26 112.16 7.16 -87.43
C LYS M 26 110.88 6.63 -86.81
N ARG M 27 110.98 6.20 -85.56
CA ARG M 27 109.84 5.66 -84.84
C ARG M 27 109.36 6.68 -83.82
N THR M 28 108.12 6.55 -83.38
CA THR M 28 107.56 7.47 -82.41
C THR M 28 107.57 6.86 -81.02
N PHE M 29 108.27 7.52 -80.10
CA PHE M 29 108.36 7.03 -78.73
C PHE M 29 107.59 7.90 -77.76
N LEU M 30 106.66 7.28 -77.04
CA LEU M 30 105.87 7.99 -76.04
C LEU M 30 106.64 7.86 -74.74
N SER M 31 107.25 8.95 -74.31
CA SER M 31 108.07 8.96 -73.08
C SER M 31 107.64 10.02 -72.07
N PRO M 32 107.96 9.80 -70.79
CA PRO M 32 107.61 10.74 -69.72
C PRO M 32 108.36 12.06 -69.88
N TRP M 33 107.94 13.07 -69.13
CA TRP M 33 108.56 14.38 -69.21
C TRP M 33 109.99 14.43 -68.69
N ILE M 34 110.81 15.26 -69.32
CA ILE M 34 112.21 15.43 -68.93
C ILE M 34 112.59 16.89 -69.19
N SER M 35 112.33 17.74 -68.20
CA SER M 35 112.62 19.17 -68.30
C SER M 35 113.91 19.44 -69.05
N ASN M 36 114.84 18.52 -68.95
CA ASN M 36 116.13 18.65 -69.62
C ASN M 36 115.99 18.47 -71.13
N ILE M 37 116.55 17.38 -71.63
CA ILE M 37 116.54 17.05 -73.04
C ILE M 37 115.24 17.36 -73.79
N HIS M 38 114.10 17.19 -73.13
CA HIS M 38 112.83 17.45 -73.78
C HIS M 38 112.54 18.93 -74.04
N GLU M 39 112.39 19.71 -72.98
CA GLU M 39 112.10 21.14 -73.10
C GLU M 39 113.03 21.87 -74.06
N LYS M 40 114.13 21.21 -74.43
CA LYS M 40 115.10 21.78 -75.33
C LYS M 40 114.69 21.59 -76.79
N LYS M 41 114.47 20.33 -77.18
CA LYS M 41 114.10 20.02 -78.55
C LYS M 41 112.85 20.73 -79.03
N GLY M 42 112.17 21.42 -78.12
CA GLY M 42 110.97 22.15 -78.49
C GLY M 42 109.64 21.45 -78.28
N LEU M 43 109.66 20.22 -77.76
CA LEU M 43 108.43 19.48 -77.51
C LEU M 43 107.54 20.19 -76.51
N THR M 44 106.51 19.51 -76.05
CA THR M 44 105.58 20.09 -75.08
C THR M 44 105.27 19.09 -73.97
N LYS M 45 104.70 19.59 -72.88
CA LYS M 45 104.34 18.73 -71.75
C LYS M 45 102.86 18.39 -71.86
N TYR M 46 102.57 17.22 -72.41
CA TYR M 46 101.19 16.78 -72.58
C TYR M 46 100.68 16.02 -71.36
N LYS M 47 100.11 16.76 -70.41
CA LYS M 47 99.57 16.15 -69.21
C LYS M 47 98.07 16.01 -69.39
N SER M 48 97.60 14.79 -69.58
CA SER M 48 96.17 14.53 -69.77
C SER M 48 95.54 13.79 -68.61
N SER M 49 94.43 13.09 -68.87
CA SER M 49 93.76 12.32 -67.82
C SER M 49 93.69 10.85 -68.16
N PRO M 50 93.99 10.00 -67.18
CA PRO M 50 94.00 8.54 -67.29
C PRO M 50 92.66 7.83 -67.25
N GLU M 51 91.60 8.51 -66.84
CA GLU M 51 90.32 7.83 -66.79
C GLU M 51 89.35 8.19 -67.91
N LYS M 52 89.84 8.91 -68.91
CA LYS M 52 89.00 9.30 -70.03
C LYS M 52 89.69 8.97 -71.35
N TRP M 53 88.96 8.32 -72.25
CA TRP M 53 89.50 7.94 -73.55
C TRP M 53 89.96 9.17 -74.30
N SER M 54 89.32 10.30 -73.99
CA SER M 54 89.65 11.57 -74.61
C SER M 54 89.22 12.63 -73.62
N THR M 55 90.17 13.08 -72.81
CA THR M 55 89.89 14.08 -71.79
C THR M 55 88.96 15.20 -72.23
N ALA M 56 89.00 15.54 -73.51
CA ALA M 56 88.15 16.60 -74.02
C ALA M 56 86.74 16.09 -74.29
N SER M 57 86.62 14.77 -74.36
CA SER M 57 85.36 14.08 -74.62
C SER M 57 85.17 13.82 -76.11
N ASP M 58 85.67 14.74 -76.93
CA ASP M 58 85.55 14.61 -78.38
C ASP M 58 86.01 13.23 -78.81
N PRO M 59 85.61 12.80 -80.01
CA PRO M 59 85.97 11.49 -80.56
C PRO M 59 87.42 11.34 -80.98
N TYR M 60 88.33 11.49 -80.03
CA TYR M 60 89.74 11.35 -80.34
C TYR M 60 90.57 11.02 -79.10
N SER M 61 90.98 9.76 -78.98
CA SER M 61 91.75 9.32 -77.83
C SER M 61 92.96 10.21 -77.59
N ASP M 62 93.16 10.60 -76.35
CA ASP M 62 94.29 11.44 -75.98
C ASP M 62 95.46 10.96 -76.79
N PHE M 63 95.69 9.65 -76.75
CA PHE M 63 96.79 9.07 -77.49
C PHE M 63 96.67 9.43 -78.95
N GLU M 64 95.57 9.03 -79.57
CA GLU M 64 95.34 9.31 -80.98
C GLU M 64 95.82 10.69 -81.40
N LYS M 65 95.65 11.68 -80.53
CA LYS M 65 96.07 13.03 -80.85
C LYS M 65 97.59 13.20 -80.83
N VAL M 66 98.17 13.17 -79.64
CA VAL M 66 99.61 13.34 -79.49
C VAL M 66 100.40 12.45 -80.44
N THR M 67 100.02 11.18 -80.52
CA THR M 67 100.71 10.25 -81.39
C THR M 67 100.62 10.68 -82.86
N GLY M 68 99.56 11.40 -83.19
CA GLY M 68 99.37 11.86 -84.56
C GLY M 68 98.55 10.90 -85.40
N ARG M 69 98.24 9.74 -84.84
CA ARG M 69 97.45 8.74 -85.52
C ARG M 69 95.98 9.13 -85.41
N ILE M 70 95.58 10.09 -86.25
CA ILE M 70 94.21 10.60 -86.24
C ILE M 70 93.88 11.29 -87.56
N ASP M 71 92.60 11.59 -87.78
CA ASP M 71 92.19 12.27 -89.00
C ASP M 71 93.03 13.52 -89.17
N LYS M 72 93.87 13.53 -90.19
CA LYS M 72 94.76 14.65 -90.44
C LYS M 72 94.12 16.01 -90.56
N ASN M 73 92.80 16.09 -90.64
CA ASN M 73 92.17 17.38 -90.78
C ASN M 73 92.02 18.12 -89.46
N VAL M 74 91.97 17.36 -88.36
CA VAL M 74 91.82 17.95 -87.04
C VAL M 74 92.79 19.11 -86.84
N SER M 75 92.26 20.26 -86.47
CA SER M 75 93.07 21.45 -86.25
C SER M 75 94.29 21.12 -85.39
N PRO M 76 95.43 21.76 -85.68
CA PRO M 76 96.65 21.51 -84.90
C PRO M 76 96.45 21.70 -83.41
N GLU M 77 96.12 22.93 -83.02
CA GLU M 77 95.91 23.26 -81.61
C GLU M 77 94.94 22.33 -80.92
N ALA M 78 94.28 21.47 -81.68
CA ALA M 78 93.33 20.54 -81.10
C ALA M 78 93.97 19.18 -80.99
N ARG M 79 95.16 19.05 -81.57
CA ARG M 79 95.88 17.79 -81.53
C ARG M 79 96.32 17.54 -80.09
N HIS M 80 96.10 18.53 -79.23
CA HIS M 80 96.47 18.46 -77.82
C HIS M 80 95.35 17.84 -76.97
N PRO M 81 95.72 16.97 -76.02
CA PRO M 81 94.80 16.28 -75.12
C PRO M 81 93.81 17.13 -74.34
N LEU M 82 94.05 18.43 -74.24
CA LEU M 82 93.14 19.28 -73.47
C LEU M 82 92.42 20.34 -74.29
N VAL M 83 92.48 20.24 -75.61
CA VAL M 83 91.81 21.20 -76.46
C VAL M 83 90.68 20.54 -77.25
N ALA M 84 89.46 20.99 -77.01
CA ALA M 84 88.29 20.45 -77.67
C ALA M 84 88.54 20.29 -79.16
N ALA M 85 88.07 19.20 -79.73
CA ALA M 85 88.25 18.96 -81.15
C ALA M 85 86.88 18.80 -81.82
N TYR M 86 86.00 19.78 -81.60
CA TYR M 86 84.67 19.73 -82.19
C TYR M 86 84.54 20.73 -83.32
N PRO M 87 83.57 20.51 -84.22
CA PRO M 87 83.34 21.41 -85.35
C PRO M 87 82.40 22.53 -84.99
N ILE M 88 82.62 23.69 -85.60
CA ILE M 88 81.78 24.84 -85.34
C ILE M 88 81.59 25.55 -86.67
N VAL M 89 80.37 25.51 -87.19
CA VAL M 89 80.06 26.11 -88.47
C VAL M 89 79.01 27.19 -88.41
N HIS M 90 79.21 28.25 -89.18
CA HIS M 90 78.28 29.35 -89.25
C HIS M 90 78.13 29.69 -90.74
N VAL M 91 77.09 30.44 -91.09
CA VAL M 91 76.87 30.75 -92.50
C VAL M 91 77.23 32.17 -92.92
N ASP M 92 77.99 32.28 -94.01
CA ASP M 92 78.39 33.57 -94.53
C ASP M 92 77.62 33.85 -95.79
N MET M 93 77.11 35.08 -95.90
CA MET M 93 76.32 35.51 -97.06
C MET M 93 77.09 36.61 -97.76
N GLU M 94 77.68 36.28 -98.91
CA GLU M 94 78.47 37.26 -99.66
C GLU M 94 77.66 38.40 -100.29
N ASN M 95 76.54 38.07 -100.92
CA ASN M 95 75.71 39.09 -101.56
C ASN M 95 74.29 38.61 -101.79
N ILE M 96 73.34 39.54 -101.67
CA ILE M 96 71.94 39.22 -101.88
C ILE M 96 71.43 39.93 -103.11
N ILE M 97 70.21 39.60 -103.51
CA ILE M 97 69.61 40.20 -104.68
C ILE M 97 68.10 40.26 -104.53
N LEU M 98 67.60 41.46 -104.27
CA LEU M 98 66.17 41.67 -104.10
C LEU M 98 65.53 42.05 -105.43
N SER M 99 64.40 41.43 -105.72
CA SER M 99 63.67 41.70 -106.96
C SER M 99 62.17 41.58 -106.77
N LYS M 100 61.41 42.24 -107.62
CA LYS M 100 59.96 42.21 -107.55
C LYS M 100 59.48 40.86 -108.05
N ASN M 101 58.71 40.15 -107.22
CA ASN M 101 58.21 38.83 -107.59
C ASN M 101 57.53 38.89 -108.95
N GLU M 102 57.91 37.98 -109.85
CA GLU M 102 57.36 37.91 -111.19
C GLU M 102 55.84 38.01 -111.18
N ASP M 110 60.73 42.16 -119.30
CA ASP M 110 61.09 43.56 -119.44
C ASP M 110 61.75 44.07 -118.16
N SER M 111 61.76 43.22 -117.14
CA SER M 111 62.37 43.58 -115.86
C SER M 111 63.84 43.20 -115.82
N GLN M 112 64.71 44.21 -115.80
CA GLN M 112 66.16 44.00 -115.77
C GLN M 112 66.83 44.95 -114.80
N THR M 113 66.32 46.18 -114.72
CA THR M 113 66.86 47.19 -113.82
C THR M 113 65.94 47.42 -112.62
N ARG M 114 64.86 46.66 -112.58
CA ARG M 114 63.90 46.76 -111.49
C ARG M 114 64.37 45.87 -110.34
N THR M 115 65.66 45.57 -110.35
CA THR M 115 66.25 44.70 -109.32
C THR M 115 67.49 45.30 -108.66
N ILE M 116 67.53 45.23 -107.33
CA ILE M 116 68.66 45.76 -106.58
C ILE M 116 69.56 44.59 -106.18
N SER M 117 70.87 44.80 -106.31
CA SER M 117 71.84 43.77 -105.96
C SER M 117 73.02 44.36 -105.19
N LYS M 118 72.94 44.28 -103.86
CA LYS M 118 73.99 44.81 -103.00
C LYS M 118 74.83 43.68 -102.40
N ASN M 119 76.05 44.01 -101.99
CA ASN M 119 76.94 43.04 -101.37
C ASN M 119 76.64 42.97 -99.88
N THR M 120 77.26 42.04 -99.18
CA THR M 120 77.01 41.89 -97.76
C THR M 120 78.24 41.49 -96.95
N SER M 121 78.23 41.83 -95.67
CA SER M 121 79.34 41.50 -94.77
C SER M 121 78.85 40.66 -93.60
N THR M 122 79.21 39.38 -93.60
CA THR M 122 78.80 38.48 -92.55
C THR M 122 79.91 38.30 -91.53
N SER M 123 79.56 37.88 -90.31
CA SER M 123 80.54 37.66 -89.24
C SER M 123 79.91 36.97 -88.04
N ARG M 124 80.51 35.88 -87.59
CA ARG M 124 79.98 35.15 -86.44
C ARG M 124 79.68 36.16 -85.35
N THR M 125 78.72 35.82 -84.49
CA THR M 125 78.35 36.73 -83.40
C THR M 125 78.42 36.02 -82.07
N HIS M 126 77.96 36.70 -81.02
CA HIS M 126 77.96 36.13 -79.68
C HIS M 126 77.14 37.01 -78.75
N THR M 127 76.00 37.47 -79.23
CA THR M 127 75.09 38.33 -78.48
C THR M 127 75.09 38.10 -76.97
N SER M 128 75.32 39.16 -76.22
CA SER M 128 75.35 39.09 -74.76
C SER M 128 74.03 39.65 -74.22
N GLU M 129 74.04 40.12 -72.98
CA GLU M 129 72.84 40.67 -72.37
C GLU M 129 72.71 42.17 -72.67
N VAL M 130 71.58 42.74 -72.27
CA VAL M 130 71.31 44.16 -72.49
C VAL M 130 71.99 45.02 -71.42
N HIS M 131 71.51 46.24 -71.25
CA HIS M 131 72.07 47.17 -70.28
C HIS M 131 71.53 46.85 -68.89
N GLY M 132 70.22 46.98 -68.72
CA GLY M 132 69.60 46.71 -67.43
C GLY M 132 68.24 47.37 -67.27
N ASN M 133 67.35 47.12 -68.23
CA ASN M 133 66.02 47.70 -68.18
C ASN M 133 65.04 46.98 -69.11
N ALA M 134 65.58 46.19 -70.04
CA ALA M 134 64.75 45.45 -70.97
C ALA M 134 63.76 44.56 -70.22
N GLU M 135 62.47 44.91 -70.31
CA GLU M 135 61.43 44.16 -69.64
C GLU M 135 61.44 42.69 -70.04
N VAL M 136 61.97 41.85 -69.15
CA VAL M 136 62.04 40.42 -69.40
C VAL M 136 61.01 39.69 -68.55
N HIS M 137 60.29 38.75 -69.17
CA HIS M 137 59.26 37.99 -68.46
C HIS M 137 59.75 37.43 -67.13
N ALA M 138 58.83 37.29 -66.19
CA ALA M 138 59.13 36.79 -64.85
C ALA M 138 59.95 35.50 -64.86
N SER M 139 59.80 34.71 -65.91
CA SER M 139 60.52 33.45 -66.03
C SER M 139 62.00 33.67 -66.32
N PHE M 140 62.52 34.84 -65.95
CA PHE M 140 63.93 35.15 -66.19
C PHE M 140 64.81 34.84 -64.98
N PHE M 141 64.25 35.00 -63.78
CA PHE M 141 65.01 34.74 -62.57
C PHE M 141 64.71 33.36 -61.98
N ASP M 142 64.52 32.39 -62.86
CA ASP M 142 64.25 31.02 -62.43
C ASP M 142 65.47 30.15 -62.70
N ILE M 143 65.35 28.85 -62.42
CA ILE M 143 66.46 27.93 -62.63
C ILE M 143 66.47 27.44 -64.09
N GLY M 144 67.50 27.83 -64.82
CA GLY M 144 67.62 27.43 -66.21
C GLY M 144 66.67 28.21 -67.09
N GLY M 145 65.53 28.58 -66.54
CA GLY M 145 64.53 29.32 -67.29
C GLY M 145 64.98 30.71 -67.70
N SER M 146 65.14 30.92 -69.00
CA SER M 146 65.55 32.21 -69.55
C SER M 146 66.95 32.65 -69.12
N VAL M 147 67.52 31.97 -68.15
CA VAL M 147 68.86 32.31 -67.67
C VAL M 147 69.90 31.84 -68.69
N SER M 148 69.95 32.54 -69.82
CA SER M 148 70.88 32.20 -70.88
C SER M 148 72.32 32.53 -70.46
N ALA M 149 72.47 33.09 -69.27
CA ALA M 149 73.77 33.46 -68.74
C ALA M 149 74.51 34.38 -69.70
N GLY M 150 73.76 35.19 -70.45
CA GLY M 150 74.37 36.09 -71.40
C GLY M 150 74.55 35.46 -72.76
N PHE M 151 75.37 34.42 -72.82
CA PHE M 151 75.63 33.71 -74.06
C PHE M 151 75.82 32.20 -73.83
N SER M 152 75.31 31.40 -74.76
CA SER M 152 75.41 29.95 -74.65
C SER M 152 75.76 29.28 -75.98
N ASN M 153 75.58 27.97 -76.03
CA ASN M 153 75.89 27.17 -77.21
C ASN M 153 74.87 27.30 -78.33
N SER M 154 75.33 27.82 -79.47
CA SER M 154 74.51 28.00 -80.66
C SER M 154 75.18 28.96 -81.64
N ASN M 155 75.26 28.54 -82.90
CA ASN M 155 75.88 29.36 -83.93
C ASN M 155 74.89 30.33 -84.54
N SER M 156 75.24 31.61 -84.53
CA SER M 156 74.37 32.64 -85.09
C SER M 156 75.19 33.75 -85.75
N SER M 157 75.25 33.71 -87.08
CA SER M 157 76.00 34.71 -87.82
C SER M 157 75.11 35.93 -88.07
N THR M 158 75.69 36.99 -88.61
CA THR M 158 74.94 38.20 -88.88
C THR M 158 75.48 38.92 -90.10
N VAL M 159 74.58 39.21 -91.03
CA VAL M 159 74.96 39.91 -92.26
C VAL M 159 74.44 41.33 -92.25
N ALA M 160 75.04 42.16 -93.09
CA ALA M 160 74.65 43.55 -93.22
C ALA M 160 74.66 43.84 -94.71
N ILE M 161 73.67 44.57 -95.18
CA ILE M 161 73.57 44.88 -96.60
C ILE M 161 74.24 46.19 -96.95
N ASP M 162 75.10 46.16 -97.97
CA ASP M 162 75.81 47.34 -98.42
C ASP M 162 74.83 48.50 -98.54
N HIS M 163 74.99 49.50 -97.69
CA HIS M 163 74.10 50.64 -97.69
C HIS M 163 74.46 51.67 -98.76
N SER M 164 75.58 51.46 -99.43
CA SER M 164 76.05 52.39 -100.46
C SER M 164 75.13 52.37 -101.68
N LEU M 165 75.61 52.92 -102.79
CA LEU M 165 74.83 53.00 -104.03
C LEU M 165 75.16 51.89 -105.01
N SER M 166 74.28 51.69 -105.98
CA SER M 166 74.47 50.68 -107.01
C SER M 166 74.27 51.32 -108.37
N LEU M 167 73.40 52.33 -108.42
CA LEU M 167 73.10 53.04 -109.64
C LEU M 167 73.40 54.53 -109.48
N ALA M 168 72.71 55.36 -110.26
CA ALA M 168 72.94 56.81 -110.19
C ALA M 168 72.28 57.44 -108.98
N GLY M 169 71.28 58.28 -109.23
CA GLY M 169 70.59 58.95 -108.14
C GLY M 169 69.49 58.13 -107.50
N GLU M 170 69.67 56.80 -107.47
CA GLU M 170 68.67 55.92 -106.88
C GLU M 170 68.25 56.45 -105.52
N ARG M 171 67.03 56.10 -105.10
CA ARG M 171 66.51 56.56 -103.82
C ARG M 171 65.33 55.68 -103.40
N THR M 172 65.40 55.14 -102.19
CA THR M 172 64.35 54.27 -101.66
C THR M 172 64.13 53.08 -102.59
N TRP M 173 64.68 51.93 -102.21
CA TRP M 173 64.56 50.71 -103.02
C TRP M 173 63.19 50.66 -103.69
N ALA M 174 62.17 51.13 -102.98
CA ALA M 174 60.81 51.14 -103.50
C ALA M 174 60.78 51.61 -104.95
N GLU M 175 60.85 52.93 -105.14
CA GLU M 175 60.82 53.51 -106.48
C GLU M 175 61.82 52.85 -107.42
N THR M 176 62.91 52.36 -106.85
CA THR M 176 63.95 51.71 -107.64
C THR M 176 63.43 50.46 -108.32
N MET M 177 62.78 49.59 -107.54
CA MET M 177 62.21 48.36 -108.05
C MET M 177 60.80 48.58 -108.59
N GLY M 178 59.97 49.19 -107.77
CA GLY M 178 58.59 49.45 -108.15
C GLY M 178 57.65 48.57 -107.35
N LEU M 179 57.81 48.60 -106.03
CA LEU M 179 56.97 47.80 -105.15
C LEU M 179 55.89 48.65 -104.49
N ASN M 180 54.64 48.23 -104.65
CA ASN M 180 53.50 48.93 -104.07
C ASN M 180 52.79 48.00 -103.09
N THR M 181 52.17 48.60 -102.08
CA THR M 181 51.44 47.87 -101.04
C THR M 181 51.02 46.44 -101.39
N ALA M 182 50.34 46.27 -102.52
CA ALA M 182 49.88 44.94 -102.95
C ALA M 182 50.89 44.21 -103.82
N ASP M 183 52.14 44.18 -103.39
CA ASP M 183 53.18 43.49 -104.14
C ASP M 183 54.05 42.59 -103.26
N THR M 184 54.71 41.63 -103.90
CA THR M 184 55.58 40.70 -103.19
C THR M 184 56.98 40.75 -103.78
N ALA M 185 57.97 40.74 -102.90
CA ALA M 185 59.37 40.79 -103.32
C ALA M 185 60.05 39.46 -103.00
N ARG M 186 60.75 38.92 -103.99
CA ARG M 186 61.46 37.66 -103.82
C ARG M 186 62.93 37.92 -103.51
N LEU M 187 63.41 37.28 -102.45
CA LEU M 187 64.81 37.41 -102.05
C LEU M 187 65.61 36.25 -102.57
N ASN M 188 66.91 36.48 -102.77
CA ASN M 188 67.80 35.45 -103.27
C ASN M 188 69.20 35.89 -102.87
N ALA M 189 70.10 34.94 -102.66
CA ALA M 189 71.46 35.28 -102.27
C ALA M 189 72.44 34.13 -102.48
N ASN M 190 73.72 34.45 -102.37
CA ASN M 190 74.79 33.48 -102.51
C ASN M 190 75.47 33.34 -101.16
N ILE M 191 75.37 32.18 -100.56
CA ILE M 191 75.98 31.97 -99.26
C ILE M 191 76.90 30.77 -99.27
N ARG M 192 77.79 30.74 -98.28
CA ARG M 192 78.76 29.66 -98.14
C ARG M 192 78.93 29.23 -96.69
N TYR M 193 78.87 27.92 -96.46
CA TYR M 193 79.04 27.40 -95.13
C TYR M 193 80.52 27.53 -94.86
N VAL M 194 80.88 27.77 -93.61
CA VAL M 194 82.29 27.90 -93.25
C VAL M 194 82.53 27.43 -91.83
N ASN M 195 83.45 26.48 -91.68
CA ASN M 195 83.78 25.92 -90.38
C ASN M 195 84.80 26.77 -89.66
N THR M 196 84.58 27.00 -88.37
CA THR M 196 85.47 27.82 -87.57
C THR M 196 86.07 27.06 -86.40
N GLY M 197 85.53 25.88 -86.11
CA GLY M 197 86.03 25.10 -85.00
C GLY M 197 87.41 24.49 -85.08
N THR M 198 87.49 23.21 -84.72
CA THR M 198 88.75 22.47 -84.69
C THR M 198 88.61 21.09 -85.34
N ALA M 199 87.38 20.71 -85.68
CA ALA M 199 87.12 19.42 -86.30
C ALA M 199 86.39 19.62 -87.62
N PRO M 200 86.43 18.62 -88.52
CA PRO M 200 85.75 18.73 -89.81
C PRO M 200 84.45 17.93 -89.88
N ILE M 201 83.58 18.30 -90.83
CA ILE M 201 82.33 17.59 -91.04
C ILE M 201 82.43 16.95 -92.42
N TYR M 202 82.12 15.66 -92.52
CA TYR M 202 82.25 14.98 -93.80
C TYR M 202 81.03 14.78 -94.70
N ASN M 203 79.84 15.12 -94.23
CA ASN M 203 78.67 14.93 -95.07
C ASN M 203 77.52 15.92 -94.88
N VAL M 204 76.55 15.56 -94.05
CA VAL M 204 75.40 16.41 -93.82
C VAL M 204 75.73 17.77 -93.22
N LEU M 205 75.43 18.85 -93.95
CA LEU M 205 75.68 20.20 -93.47
C LEU M 205 74.55 20.62 -92.53
N PRO M 206 74.73 21.73 -91.82
CA PRO M 206 73.72 22.23 -90.89
C PRO M 206 72.47 22.80 -91.52
N THR M 207 71.40 22.86 -90.73
CA THR M 207 70.11 23.37 -91.16
C THR M 207 69.96 24.81 -90.68
N THR M 208 70.60 25.74 -91.39
CA THR M 208 70.54 27.14 -91.00
C THR M 208 69.26 27.83 -91.47
N SER M 209 68.70 28.66 -90.59
CA SER M 209 67.47 29.39 -90.88
C SER M 209 67.72 30.89 -90.97
N LEU M 210 67.25 31.50 -92.04
CA LEU M 210 67.42 32.93 -92.28
C LEU M 210 66.29 33.72 -91.63
N VAL M 211 66.65 34.62 -90.73
CA VAL M 211 65.66 35.43 -90.02
C VAL M 211 65.79 36.91 -90.34
N LEU M 212 64.69 37.65 -90.12
CA LEU M 212 64.64 39.08 -90.38
C LEU M 212 63.98 39.76 -89.18
N GLY M 213 64.77 40.49 -88.40
CA GLY M 213 64.22 41.17 -87.25
C GLY M 213 64.38 40.35 -85.99
N LYS M 214 63.31 40.23 -85.21
CA LYS M 214 63.36 39.47 -83.97
C LYS M 214 62.74 38.08 -84.02
N ASN M 215 61.98 37.80 -85.08
CA ASN M 215 61.35 36.48 -85.20
C ASN M 215 60.83 36.17 -86.59
N GLN M 216 60.77 37.19 -87.45
CA GLN M 216 60.29 36.98 -88.81
C GLN M 216 61.25 36.14 -89.65
N THR M 217 60.97 34.84 -89.75
CA THR M 217 61.81 33.94 -90.52
C THR M 217 61.46 34.07 -91.99
N LEU M 218 62.47 34.31 -92.82
CA LEU M 218 62.25 34.46 -94.25
C LEU M 218 62.40 33.15 -95.00
N ALA M 219 63.01 32.15 -94.35
CA ALA M 219 63.22 30.84 -94.95
C ALA M 219 64.12 30.01 -94.05
N THR M 220 64.29 28.74 -94.43
CA THR M 220 65.13 27.83 -93.66
C THR M 220 65.94 26.98 -94.63
N ILE M 221 67.20 27.35 -94.85
CA ILE M 221 68.06 26.63 -95.76
C ILE M 221 68.72 25.39 -95.15
N LYS M 222 68.55 24.27 -95.84
CA LYS M 222 69.10 22.99 -95.40
C LYS M 222 69.35 22.08 -96.59
N ALA M 223 70.33 22.43 -97.42
CA ALA M 223 70.67 21.64 -98.61
C ALA M 223 70.67 20.13 -98.30
N LYS M 224 70.24 19.35 -99.28
CA LYS M 224 70.16 17.88 -99.15
C LYS M 224 71.31 17.21 -98.41
N GLU M 225 70.99 16.13 -97.71
CA GLU M 225 71.97 15.36 -96.94
C GLU M 225 72.64 14.32 -97.83
N ASN M 226 73.90 14.00 -97.51
CA ASN M 226 74.67 13.03 -98.27
C ASN M 226 74.88 13.49 -99.71
N GLN M 227 74.08 14.48 -100.10
CA GLN M 227 74.16 15.05 -101.44
C GLN M 227 75.59 15.47 -101.74
N LEU M 228 76.30 15.89 -100.71
CA LEU M 228 77.68 16.33 -100.88
C LEU M 228 78.64 15.39 -100.16
N SER M 229 79.82 15.22 -100.75
CA SER M 229 80.85 14.37 -100.17
C SER M 229 82.06 15.24 -99.86
N GLN M 230 81.95 16.52 -100.18
CA GLN M 230 83.02 17.47 -99.93
C GLN M 230 83.24 17.53 -98.43
N ILE M 231 84.37 18.08 -98.01
CA ILE M 231 84.68 18.16 -96.59
C ILE M 231 84.69 19.58 -96.07
N LEU M 232 84.07 19.77 -94.92
CA LEU M 232 83.99 21.08 -94.29
C LEU M 232 85.09 21.18 -93.25
N ALA M 233 86.33 21.26 -93.73
CA ALA M 233 87.49 21.36 -92.86
C ALA M 233 87.55 22.65 -92.06
N PRO M 234 88.40 22.71 -91.03
CA PRO M 234 88.54 23.91 -90.20
C PRO M 234 88.99 25.09 -91.04
N ASN M 235 88.81 26.29 -90.51
CA ASN M 235 89.19 27.51 -91.22
C ASN M 235 89.26 27.25 -92.70
N ASN M 236 88.10 26.94 -93.28
CA ASN M 236 88.00 26.65 -94.70
C ASN M 236 86.53 26.73 -95.13
N TYR M 237 86.19 27.74 -95.91
CA TYR M 237 84.82 27.93 -96.38
C TYR M 237 84.35 26.71 -97.15
N TYR M 238 83.12 26.26 -96.88
CA TYR M 238 82.57 25.09 -97.55
C TYR M 238 82.79 25.09 -99.05
N PRO M 239 82.00 25.90 -99.77
CA PRO M 239 82.21 25.89 -101.21
C PRO M 239 83.55 26.57 -101.47
N SER M 240 84.62 25.80 -101.34
CA SER M 240 85.99 26.28 -101.55
C SER M 240 86.03 27.65 -102.20
N LYS M 241 86.61 28.61 -101.50
CA LYS M 241 86.72 29.98 -102.00
C LYS M 241 87.08 30.02 -103.50
N ASN M 242 87.66 28.93 -103.99
CA ASN M 242 88.05 28.82 -105.39
C ASN M 242 86.98 28.12 -106.21
N LEU M 243 85.72 28.27 -105.80
CA LEU M 243 84.60 27.65 -106.52
C LEU M 243 83.41 28.59 -106.60
N ALA M 244 82.25 28.02 -106.90
CA ALA M 244 81.03 28.81 -107.02
C ALA M 244 80.20 28.78 -105.73
N PRO M 245 80.06 29.93 -105.08
CA PRO M 245 79.29 30.05 -103.83
C PRO M 245 77.85 29.54 -103.99
N ILE M 246 77.39 28.77 -103.02
CA ILE M 246 76.03 28.23 -103.05
C ILE M 246 75.04 29.39 -103.10
N ALA M 247 73.93 29.20 -103.80
CA ALA M 247 72.90 30.23 -103.93
C ALA M 247 71.54 29.78 -103.39
N LEU M 248 70.95 30.62 -102.53
CA LEU M 248 69.64 30.33 -101.95
C LEU M 248 68.60 30.14 -103.04
N ASN M 249 67.48 29.50 -102.70
CA ASN M 249 66.39 29.25 -103.64
C ASN M 249 66.67 29.75 -105.06
N ALA M 250 67.51 29.01 -105.78
CA ALA M 250 67.87 29.37 -107.14
C ALA M 250 68.43 28.18 -107.92
N GLN M 251 68.21 26.98 -107.39
CA GLN M 251 68.69 25.78 -108.03
C GLN M 251 68.18 24.51 -107.37
N SER M 255 64.19 23.80 -106.43
CA SER M 255 63.27 24.61 -105.64
C SER M 255 61.97 24.89 -106.41
N SER M 256 60.88 25.10 -105.68
CA SER M 256 59.56 25.36 -106.26
C SER M 256 58.86 26.45 -105.45
N THR M 257 59.43 26.76 -104.29
CA THR M 257 58.89 27.80 -103.42
C THR M 257 60.02 28.71 -102.97
N PRO M 258 60.15 29.87 -103.63
CA PRO M 258 61.18 30.88 -103.35
C PRO M 258 61.06 31.52 -101.96
N ILE M 259 61.43 32.79 -101.89
CA ILE M 259 61.39 33.53 -100.64
C ILE M 259 60.40 34.68 -100.73
N THR M 260 59.26 34.52 -100.06
CA THR M 260 58.22 35.53 -100.05
C THR M 260 58.54 36.68 -99.10
N MET M 261 58.23 37.89 -99.54
CA MET M 261 58.47 39.08 -98.75
C MET M 261 57.49 40.19 -99.17
N ASN M 262 56.58 40.54 -98.27
CA ASN M 262 55.59 41.57 -98.56
C ASN M 262 56.14 42.98 -98.37
N TYR M 263 55.40 43.97 -98.87
CA TYR M 263 55.79 45.37 -98.79
C TYR M 263 56.25 45.80 -97.40
N ASN M 264 55.47 45.46 -96.38
CA ASN M 264 55.82 45.82 -95.02
C ASN M 264 57.18 45.23 -94.62
N GLN M 265 57.40 43.98 -95.01
CA GLN M 265 58.67 43.31 -94.71
C GLN M 265 59.78 43.97 -95.49
N PHE M 266 59.65 43.94 -96.82
CA PHE M 266 60.63 44.55 -97.71
C PHE M 266 60.97 45.94 -97.21
N LEU M 267 60.02 46.55 -96.50
CA LEU M 267 60.23 47.88 -95.97
C LEU M 267 61.25 47.80 -94.82
N GLU M 268 60.98 46.92 -93.85
CA GLU M 268 61.87 46.74 -92.71
C GLU M 268 63.29 46.48 -93.18
N LEU M 269 63.43 45.52 -94.09
CA LEU M 269 64.74 45.18 -94.63
C LEU M 269 65.52 46.44 -94.94
N GLU M 270 64.89 47.38 -95.62
CA GLU M 270 65.54 48.63 -95.97
C GLU M 270 65.85 49.45 -94.72
N LYS M 271 64.94 49.43 -93.75
CA LYS M 271 65.13 50.19 -92.52
C LYS M 271 66.35 49.79 -91.70
N THR M 272 66.85 48.57 -91.89
CA THR M 272 68.02 48.10 -91.15
C THR M 272 69.12 47.58 -92.05
N LYS M 273 68.73 47.16 -93.26
CA LYS M 273 69.68 46.61 -94.21
C LYS M 273 70.50 45.48 -93.61
N GLN M 274 69.87 44.68 -92.77
CA GLN M 274 70.56 43.55 -92.14
C GLN M 274 69.65 42.36 -91.83
N LEU M 275 70.19 41.16 -92.07
CA LEU M 275 69.46 39.92 -91.81
C LEU M 275 70.26 39.12 -90.80
N ARG M 276 69.65 38.06 -90.26
CA ARG M 276 70.33 37.22 -89.28
C ARG M 276 70.37 35.77 -89.75
N LEU M 277 71.42 35.04 -89.40
CA LEU M 277 71.55 33.65 -89.79
C LEU M 277 71.84 32.74 -88.61
N ASP M 278 70.85 31.93 -88.25
CA ASP M 278 71.01 30.99 -87.14
C ASP M 278 71.25 29.60 -87.71
N THR M 279 72.16 28.86 -87.10
CA THR M 279 72.48 27.53 -87.57
C THR M 279 72.44 26.50 -86.45
N ASP M 280 71.85 25.34 -86.74
CA ASP M 280 71.74 24.26 -85.77
C ASP M 280 73.10 23.64 -85.53
N GLN M 281 73.11 22.45 -84.92
CA GLN M 281 74.38 21.77 -84.67
C GLN M 281 74.42 20.36 -85.19
N VAL M 282 73.37 19.93 -85.88
CA VAL M 282 73.36 18.59 -86.42
C VAL M 282 74.39 18.50 -87.53
N TYR M 283 75.53 17.90 -87.23
CA TYR M 283 76.57 17.74 -88.22
C TYR M 283 76.63 16.29 -88.64
N GLY M 284 77.21 16.03 -89.79
CA GLY M 284 77.31 14.67 -90.28
C GLY M 284 78.04 13.77 -89.30
N ASN M 285 78.12 12.49 -89.61
CA ASN M 285 78.80 11.55 -88.73
C ASN M 285 80.27 11.97 -88.61
N ILE M 286 81.03 11.27 -87.77
CA ILE M 286 82.44 11.61 -87.58
C ILE M 286 83.44 10.66 -88.21
N ALA M 287 84.59 11.20 -88.58
CA ALA M 287 85.66 10.43 -89.20
C ALA M 287 86.67 10.01 -88.13
N THR M 288 86.81 8.71 -87.92
CA THR M 288 87.74 8.20 -86.92
C THR M 288 88.90 7.36 -87.49
N TYR M 289 89.86 7.05 -86.64
CA TYR M 289 91.04 6.27 -87.02
C TYR M 289 90.73 4.78 -87.10
N ASN M 290 91.78 3.97 -87.27
CA ASN M 290 91.62 2.52 -87.36
C ASN M 290 92.98 1.83 -87.39
N PHE M 291 93.59 1.70 -86.21
CA PHE M 291 94.90 1.09 -86.05
C PHE M 291 95.24 -0.04 -87.02
N GLU M 292 94.31 -0.98 -87.19
CA GLU M 292 94.51 -2.13 -88.08
C GLU M 292 95.32 -1.80 -89.34
N ASN M 293 94.73 -1.02 -90.24
CA ASN M 293 95.38 -0.64 -91.47
C ASN M 293 95.53 0.87 -91.58
N GLY M 294 95.59 1.52 -90.42
CA GLY M 294 95.72 2.97 -90.39
C GLY M 294 94.91 3.70 -91.43
N ARG M 295 93.59 3.59 -91.35
CA ARG M 295 92.71 4.26 -92.30
C ARG M 295 91.76 5.23 -91.62
N VAL M 296 91.33 6.24 -92.37
CA VAL M 296 90.41 7.25 -91.86
C VAL M 296 89.02 6.87 -92.34
N ARG M 297 88.18 6.42 -91.42
CA ARG M 297 86.82 6.02 -91.77
C ARG M 297 85.76 6.88 -91.11
N VAL M 298 84.59 6.92 -91.72
CA VAL M 298 83.47 7.68 -91.21
C VAL M 298 82.50 6.69 -90.56
N ASP M 299 82.56 6.59 -89.24
CA ASP M 299 81.68 5.65 -88.53
C ASP M 299 80.26 6.14 -88.41
N THR M 300 79.36 5.42 -89.06
CA THR M 300 77.95 5.75 -89.04
C THR M 300 77.43 5.61 -87.61
N GLY M 301 78.26 5.01 -86.75
CA GLY M 301 77.87 4.81 -85.36
C GLY M 301 78.17 5.96 -84.43
N SER M 302 78.95 6.93 -84.88
CA SER M 302 79.29 8.07 -84.05
C SER M 302 79.06 9.41 -84.74
N ASN M 303 78.03 10.11 -84.28
CA ASN M 303 77.69 11.42 -84.83
C ASN M 303 77.84 12.45 -83.71
N TRP M 304 78.37 13.62 -84.04
CA TRP M 304 78.58 14.67 -83.06
C TRP M 304 77.38 14.85 -82.13
N SER M 305 76.19 14.84 -82.71
CA SER M 305 74.96 15.02 -81.93
C SER M 305 74.94 14.17 -80.68
N GLU M 306 75.79 13.13 -80.65
CA GLU M 306 75.88 12.25 -79.49
C GLU M 306 77.03 12.71 -78.61
N VAL M 307 78.21 12.76 -79.22
CA VAL M 307 79.43 13.16 -78.53
C VAL M 307 79.84 14.57 -78.85
N LEU M 308 79.10 15.52 -78.31
CA LEU M 308 79.37 16.93 -78.51
C LEU M 308 78.87 17.67 -77.29
N PRO M 309 77.67 17.33 -76.79
CA PRO M 309 77.15 18.02 -75.61
C PRO M 309 78.16 17.89 -74.48
N GLN M 310 78.73 16.70 -74.35
CA GLN M 310 79.72 16.43 -73.30
C GLN M 310 80.77 17.54 -73.29
N ILE M 311 81.36 17.79 -74.44
CA ILE M 311 82.38 18.82 -74.56
C ILE M 311 81.91 20.09 -73.88
N GLN M 312 80.70 20.52 -74.22
CA GLN M 312 80.13 21.74 -73.65
C GLN M 312 79.77 21.60 -72.17
N GLU M 313 79.69 20.36 -71.68
CA GLU M 313 79.34 20.12 -70.29
C GLU M 313 80.55 19.75 -69.44
N THR M 314 81.74 19.74 -70.04
CA THR M 314 82.93 19.41 -69.29
C THR M 314 84.16 20.12 -69.82
N THR M 315 84.02 21.42 -70.07
CA THR M 315 85.13 22.22 -70.56
C THR M 315 84.97 23.70 -70.25
N ALA M 316 85.95 24.47 -70.69
CA ALA M 316 85.93 25.91 -70.48
C ALA M 316 85.88 26.51 -71.87
N ARG M 317 84.96 27.44 -72.09
CA ARG M 317 84.83 28.09 -73.39
C ARG M 317 85.47 29.46 -73.36
N ILE M 318 86.31 29.74 -74.34
CA ILE M 318 86.97 31.03 -74.42
C ILE M 318 86.81 31.64 -75.81
N ILE M 319 86.23 32.82 -75.87
CA ILE M 319 86.04 33.51 -77.14
C ILE M 319 87.09 34.60 -77.28
N PHE M 320 88.07 34.34 -78.14
CA PHE M 320 89.15 35.29 -78.37
C PHE M 320 89.13 35.76 -79.82
N ASN M 321 89.63 36.96 -80.07
CA ASN M 321 89.66 37.49 -81.42
C ASN M 321 90.99 38.14 -81.73
N GLY M 322 92.02 37.32 -81.88
CA GLY M 322 93.34 37.85 -82.18
C GLY M 322 93.72 37.62 -83.62
N LYS M 323 93.48 36.40 -84.10
CA LYS M 323 93.80 36.05 -85.49
C LYS M 323 93.19 37.08 -86.42
N ASP M 324 92.13 37.70 -85.94
CA ASP M 324 91.41 38.74 -86.67
C ASP M 324 90.46 39.38 -85.65
N LEU M 325 89.36 39.92 -86.13
CA LEU M 325 88.39 40.53 -85.22
C LEU M 325 87.17 39.65 -85.14
N ASN M 326 87.22 38.51 -85.82
CA ASN M 326 86.13 37.54 -85.83
C ASN M 326 86.21 36.61 -84.63
N LEU M 327 85.18 36.67 -83.78
CA LEU M 327 85.13 35.85 -82.58
C LEU M 327 85.46 34.39 -82.86
N VAL M 328 86.56 33.93 -82.28
CA VAL M 328 86.99 32.55 -82.44
C VAL M 328 86.65 31.79 -81.17
N GLU M 329 86.08 30.60 -81.31
CA GLU M 329 85.73 29.82 -80.13
C GLU M 329 86.64 28.62 -79.95
N ARG M 330 86.81 28.22 -78.69
CA ARG M 330 87.66 27.08 -78.34
C ARG M 330 87.33 26.66 -76.93
N ARG M 331 87.35 25.37 -76.69
CA ARG M 331 87.07 24.86 -75.35
C ARG M 331 88.27 24.08 -74.82
N ILE M 332 88.63 24.32 -73.56
CA ILE M 332 89.75 23.63 -72.96
C ILE M 332 89.26 22.61 -71.95
N ALA M 333 90.02 21.54 -71.81
CA ALA M 333 89.69 20.46 -70.90
C ALA M 333 89.72 20.92 -69.45
N ALA M 334 88.69 21.64 -69.04
CA ALA M 334 88.61 22.12 -67.67
C ALA M 334 88.23 20.94 -66.77
N VAL M 335 87.96 21.23 -65.50
CA VAL M 335 87.58 20.19 -64.56
C VAL M 335 86.37 20.61 -63.75
N ASN M 336 85.63 19.61 -63.28
CA ASN M 336 84.46 19.87 -62.48
C ASN M 336 84.67 19.18 -61.14
N PRO M 337 84.41 19.88 -60.03
CA PRO M 337 84.57 19.32 -58.69
C PRO M 337 83.52 18.27 -58.31
N SER M 338 82.28 18.51 -58.72
CA SER M 338 81.20 17.60 -58.39
C SER M 338 81.30 16.26 -59.12
N ASP M 339 82.15 16.20 -60.14
CA ASP M 339 82.30 14.97 -60.93
C ASP M 339 83.60 14.22 -60.67
N PRO M 340 83.50 13.04 -60.03
CA PRO M 340 84.67 12.24 -59.73
C PRO M 340 85.55 12.14 -60.97
N LEU M 341 85.04 11.43 -61.96
CA LEU M 341 85.75 11.25 -63.21
C LEU M 341 86.38 12.55 -63.69
N GLU M 342 85.55 13.57 -63.86
CA GLU M 342 86.02 14.87 -64.32
C GLU M 342 87.02 15.55 -63.40
N THR M 343 87.56 14.78 -62.45
CA THR M 343 88.55 15.31 -61.53
C THR M 343 89.85 14.65 -61.95
N THR M 344 89.72 13.57 -62.70
CA THR M 344 90.84 12.81 -63.19
C THR M 344 91.57 13.68 -64.21
N LYS M 345 90.95 14.79 -64.56
CA LYS M 345 91.50 15.71 -65.54
C LYS M 345 92.61 16.56 -64.95
N PRO M 346 93.51 17.05 -65.79
CA PRO M 346 94.62 17.89 -65.34
C PRO M 346 94.11 19.27 -64.96
N ASP M 347 94.48 19.75 -63.78
CA ASP M 347 94.04 21.08 -63.32
C ASP M 347 94.37 22.10 -64.40
N MET M 348 93.45 23.02 -64.65
CA MET M 348 93.68 24.03 -65.68
C MET M 348 93.77 25.45 -65.18
N THR M 349 94.67 26.22 -65.79
CA THR M 349 94.90 27.61 -65.45
C THR M 349 94.58 28.49 -66.65
N LEU M 350 93.95 29.63 -66.39
CA LEU M 350 93.59 30.56 -67.44
C LEU M 350 94.80 30.81 -68.35
N LYS M 351 95.97 30.99 -67.75
CA LYS M 351 97.19 31.23 -68.50
C LYS M 351 97.43 30.06 -69.45
N GLU M 352 97.85 28.94 -68.89
CA GLU M 352 98.12 27.74 -69.68
C GLU M 352 97.09 27.61 -70.78
N ALA M 353 95.83 27.90 -70.45
CA ALA M 353 94.75 27.81 -71.41
C ALA M 353 95.05 28.67 -72.64
N LEU M 354 95.14 29.99 -72.44
CA LEU M 354 95.42 30.90 -73.55
C LEU M 354 96.68 30.56 -74.33
N LYS M 355 97.47 29.63 -73.82
CA LYS M 355 98.69 29.23 -74.51
C LYS M 355 98.40 28.18 -75.57
N ILE M 356 97.65 27.15 -75.20
CA ILE M 356 97.30 26.07 -76.12
C ILE M 356 96.03 26.36 -76.89
N ALA M 357 95.06 26.97 -76.22
CA ALA M 357 93.79 27.30 -76.83
C ALA M 357 93.93 28.13 -78.10
N PHE M 358 94.70 29.20 -78.04
CA PHE M 358 94.88 30.07 -79.19
C PHE M 358 96.33 30.20 -79.63
N GLY M 359 97.25 30.18 -78.67
CA GLY M 359 98.67 30.28 -79.02
C GLY M 359 99.47 31.35 -78.33
N PHE M 360 98.95 31.94 -77.25
CA PHE M 360 99.69 32.97 -76.52
C PHE M 360 101.03 32.40 -76.10
N ASN M 361 102.06 33.24 -76.09
CA ASN M 361 103.39 32.80 -75.70
C ASN M 361 104.10 33.76 -74.75
N GLU M 362 105.23 33.31 -74.20
CA GLU M 362 106.01 34.12 -73.28
C GLU M 362 107.38 34.41 -73.88
N PRO M 363 107.47 35.44 -74.74
CA PRO M 363 108.72 35.83 -75.39
C PRO M 363 109.82 36.19 -74.39
N ASN M 364 109.58 37.26 -73.64
CA ASN M 364 110.55 37.73 -72.65
C ASN M 364 109.95 37.69 -71.24
N GLY M 365 108.98 36.82 -71.03
CA GLY M 365 108.36 36.70 -69.72
C GLY M 365 107.00 37.34 -69.65
N ASN M 366 106.53 37.87 -70.78
CA ASN M 366 105.22 38.52 -70.84
C ASN M 366 104.27 37.73 -71.72
N LEU M 367 103.19 37.25 -71.11
CA LEU M 367 102.19 36.46 -71.83
C LEU M 367 101.49 37.30 -72.90
N GLN M 368 102.07 37.34 -74.09
CA GLN M 368 101.49 38.11 -75.17
C GLN M 368 100.97 37.21 -76.30
N TYR M 369 100.37 37.84 -77.30
CA TYR M 369 99.83 37.10 -78.43
C TYR M 369 100.37 37.65 -79.75
N GLN M 370 101.30 36.92 -80.35
CA GLN M 370 101.89 37.33 -81.63
C GLN M 370 102.30 38.81 -81.61
N GLY M 371 102.54 39.35 -80.42
CA GLY M 371 102.93 40.74 -80.31
C GLY M 371 102.14 41.50 -79.26
N LYS M 372 100.82 41.42 -79.33
CA LYS M 372 99.97 42.12 -78.37
C LYS M 372 100.11 41.50 -76.97
N ASP M 373 100.09 42.34 -75.95
CA ASP M 373 100.22 41.88 -74.58
C ASP M 373 98.86 41.52 -74.00
N ILE M 374 98.81 40.42 -73.25
CA ILE M 374 97.56 39.94 -72.63
C ILE M 374 96.78 41.06 -71.96
N THR M 375 97.45 42.17 -71.68
CA THR M 375 96.80 43.31 -71.04
C THR M 375 96.05 44.19 -72.03
N GLU M 376 96.18 43.90 -73.31
CA GLU M 376 95.49 44.68 -74.34
C GLU M 376 94.12 44.12 -74.67
N PHE M 377 93.66 43.15 -73.90
CA PHE M 377 92.36 42.54 -74.12
C PHE M 377 91.50 42.55 -72.87
N ASP M 378 90.21 42.82 -73.04
CA ASP M 378 89.29 42.86 -71.92
C ASP M 378 88.75 41.47 -71.58
N PHE M 379 88.69 41.16 -70.29
CA PHE M 379 88.19 39.88 -69.82
C PHE M 379 86.73 40.03 -69.36
N ASN M 380 85.82 39.33 -70.03
CA ASN M 380 84.42 39.38 -69.68
C ASN M 380 83.88 37.98 -69.39
N PHE M 381 83.32 37.81 -68.19
CA PHE M 381 82.79 36.52 -67.79
C PHE M 381 81.28 36.56 -67.67
N ASP M 382 80.67 35.39 -67.50
CA ASP M 382 79.23 35.29 -67.36
C ASP M 382 78.85 35.33 -65.89
N GLN M 383 77.56 35.46 -65.62
CA GLN M 383 77.05 35.52 -64.26
C GLN M 383 77.73 34.50 -63.35
N GLN M 384 77.90 33.28 -63.86
CA GLN M 384 78.55 32.21 -63.12
C GLN M 384 80.05 32.43 -63.03
N THR M 385 80.75 32.17 -64.13
CA THR M 385 82.20 32.32 -64.20
C THR M 385 82.71 33.54 -63.43
N SER M 386 81.91 34.60 -63.40
CA SER M 386 82.29 35.81 -62.68
C SER M 386 82.67 35.47 -61.25
N GLN M 387 81.71 34.93 -60.51
CA GLN M 387 81.93 34.54 -59.12
C GLN M 387 83.10 33.57 -58.98
N ASN M 388 83.00 32.43 -59.67
CA ASN M 388 84.02 31.39 -59.63
C ASN M 388 85.44 31.93 -59.73
N ILE M 389 85.59 33.09 -60.37
CA ILE M 389 86.90 33.70 -60.51
C ILE M 389 87.10 34.77 -59.43
N LYS M 390 86.01 35.46 -59.09
CA LYS M 390 86.09 36.49 -58.06
C LYS M 390 86.53 35.85 -56.76
N ASN M 391 85.96 34.68 -56.45
CA ASN M 391 86.30 33.95 -55.23
C ASN M 391 87.77 33.55 -55.21
N GLN M 392 88.38 33.46 -56.38
CA GLN M 392 89.78 33.09 -56.48
C GLN M 392 90.64 34.34 -56.25
N LEU M 393 90.27 35.44 -56.88
CA LEU M 393 91.00 36.68 -56.72
C LEU M 393 90.91 37.13 -55.27
N ALA M 394 89.97 36.56 -54.54
CA ALA M 394 89.77 36.88 -53.13
C ALA M 394 90.78 36.12 -52.28
N GLU M 395 90.74 34.80 -52.37
CA GLU M 395 91.65 33.96 -51.60
C GLU M 395 93.07 34.02 -52.16
N LEU M 396 93.32 35.04 -52.97
CA LEU M 396 94.64 35.24 -53.57
C LEU M 396 95.07 36.70 -53.42
N ASN M 397 94.27 37.46 -52.68
CA ASN M 397 94.53 38.87 -52.42
C ASN M 397 95.15 39.59 -53.60
N ALA M 398 94.29 40.13 -54.47
CA ALA M 398 94.74 40.87 -55.64
C ALA M 398 93.55 41.53 -56.32
N THR M 399 93.82 42.61 -57.04
CA THR M 399 92.77 43.34 -57.74
C THR M 399 92.97 43.24 -59.24
N ASN M 400 94.18 42.90 -59.65
CA ASN M 400 94.50 42.78 -61.07
C ASN M 400 94.65 41.30 -61.44
N ILE M 401 93.74 40.82 -62.29
CA ILE M 401 93.76 39.42 -62.70
C ILE M 401 94.95 39.11 -63.61
N TYR M 402 95.38 40.10 -64.40
CA TYR M 402 96.50 39.91 -65.31
C TYR M 402 97.75 39.44 -64.55
N THR M 403 97.76 39.66 -63.24
CA THR M 403 98.88 39.25 -62.40
C THR M 403 98.70 37.81 -61.97
N VAL M 404 97.67 37.56 -61.15
CA VAL M 404 97.38 36.21 -60.66
C VAL M 404 96.79 35.36 -61.79
N LEU M 405 97.00 35.82 -63.02
CA LEU M 405 96.51 35.14 -64.21
C LEU M 405 96.85 33.65 -64.15
N ASP M 406 98.15 33.36 -64.06
CA ASP M 406 98.63 31.99 -64.00
C ASP M 406 98.26 31.27 -62.70
N LYS M 407 97.16 31.70 -62.09
CA LYS M 407 96.72 31.07 -60.86
C LYS M 407 95.20 31.03 -60.78
N ILE M 408 94.53 31.09 -61.94
CA ILE M 408 93.08 31.04 -61.99
C ILE M 408 92.63 29.66 -62.46
N LYS M 409 91.90 28.95 -61.60
CA LYS M 409 91.42 27.61 -61.91
C LYS M 409 90.18 27.66 -62.81
N LEU M 410 90.27 27.08 -64.00
CA LEU M 410 89.14 27.06 -64.92
C LEU M 410 88.31 25.81 -64.68
N ASN M 411 87.04 26.00 -64.32
CA ASN M 411 86.15 24.87 -64.06
C ASN M 411 85.21 24.68 -65.25
N ALA M 412 84.81 23.42 -65.49
CA ALA M 412 83.91 23.12 -66.60
C ALA M 412 82.71 24.05 -66.59
N LYS M 413 82.15 24.30 -67.77
CA LYS M 413 80.99 25.18 -67.92
C LYS M 413 81.37 26.64 -67.75
N MET M 414 82.66 26.90 -67.63
CA MET M 414 83.14 28.27 -67.47
C MET M 414 83.17 28.92 -68.85
N ASN M 415 82.77 30.18 -68.93
CA ASN M 415 82.76 30.91 -70.19
C ASN M 415 83.57 32.20 -70.06
N ILE M 416 84.44 32.45 -71.03
CA ILE M 416 85.28 33.64 -71.01
C ILE M 416 85.38 34.32 -72.37
N LEU M 417 85.29 35.65 -72.38
CA LEU M 417 85.36 36.41 -73.62
C LEU M 417 86.55 37.36 -73.68
N ILE M 418 87.60 36.94 -74.39
CA ILE M 418 88.80 37.74 -74.53
C ILE M 418 88.75 38.50 -75.85
N ARG M 419 88.52 39.80 -75.78
CA ARG M 419 88.45 40.63 -76.97
C ARG M 419 89.43 41.78 -76.92
N ASP M 420 89.99 42.15 -78.07
CA ASP M 420 90.94 43.25 -78.15
C ASP M 420 90.32 44.49 -77.51
N LYS M 421 91.09 45.13 -76.62
CA LYS M 421 90.60 46.31 -75.91
C LYS M 421 90.65 47.59 -76.75
N ARG M 422 91.29 47.53 -77.90
CA ARG M 422 91.41 48.69 -78.78
C ARG M 422 90.10 49.24 -79.30
N PHE M 423 89.43 48.47 -80.16
CA PHE M 423 88.17 48.90 -80.76
C PHE M 423 86.96 48.78 -79.83
N HIS M 424 85.89 49.48 -80.19
CA HIS M 424 84.66 49.44 -79.41
C HIS M 424 83.88 48.19 -79.84
N TYR M 425 82.89 47.80 -79.05
CA TYR M 425 82.11 46.63 -79.40
C TYR M 425 80.62 46.88 -79.28
N ASP M 426 79.84 46.16 -80.09
CA ASP M 426 78.39 46.30 -80.12
C ASP M 426 77.67 45.32 -79.21
N ARG M 427 76.48 44.93 -79.63
CA ARG M 427 75.65 44.00 -78.88
C ARG M 427 76.01 42.56 -79.22
N ASN M 428 76.53 42.35 -80.43
CA ASN M 428 76.91 41.01 -80.89
C ASN M 428 78.40 40.74 -80.73
N ASN M 429 79.11 41.66 -80.10
CA ASN M 429 80.56 41.52 -79.89
C ASN M 429 81.29 41.51 -81.21
N ILE M 430 81.10 42.56 -82.00
CA ILE M 430 81.76 42.64 -83.30
C ILE M 430 82.65 43.86 -83.40
N ALA M 431 83.64 43.76 -84.27
CA ALA M 431 84.58 44.85 -84.49
C ALA M 431 83.80 46.04 -85.02
N VAL M 432 83.40 46.93 -84.12
CA VAL M 432 82.62 48.09 -84.50
C VAL M 432 83.50 49.26 -84.96
N GLY M 433 84.14 49.93 -84.00
CA GLY M 433 85.00 51.05 -84.30
C GLY M 433 85.75 51.54 -83.07
N ALA M 434 87.06 51.74 -83.23
CA ALA M 434 87.89 52.19 -82.12
C ALA M 434 87.81 53.70 -81.89
N ASP M 435 88.82 54.23 -81.21
CA ASP M 435 88.90 55.66 -80.91
C ASP M 435 89.66 56.40 -82.01
N GLU M 436 89.34 57.68 -82.18
CA GLU M 436 89.98 58.51 -83.20
C GLU M 436 91.48 58.30 -83.23
N SER M 437 92.07 58.20 -82.04
CA SER M 437 93.50 58.00 -81.91
C SER M 437 93.96 56.85 -82.81
N VAL M 438 93.69 55.63 -82.37
CA VAL M 438 94.08 54.44 -83.12
C VAL M 438 93.72 54.58 -84.59
N VAL M 439 92.56 55.15 -84.87
CA VAL M 439 92.12 55.34 -86.24
C VAL M 439 93.13 56.15 -87.04
N LYS M 440 93.35 57.39 -86.62
CA LYS M 440 94.29 58.27 -87.31
C LYS M 440 95.61 57.55 -87.55
N GLU M 441 96.17 56.99 -86.48
CA GLU M 441 97.43 56.27 -86.55
C GLU M 441 97.54 55.39 -87.79
N ALA M 442 96.57 54.47 -87.94
CA ALA M 442 96.55 53.55 -89.07
C ALA M 442 96.68 54.21 -90.43
N HIS M 443 96.33 55.49 -90.51
CA HIS M 443 96.39 56.20 -91.78
C HIS M 443 97.63 57.10 -91.90
N ARG M 444 98.36 57.26 -90.81
CA ARG M 444 99.56 58.09 -90.82
C ARG M 444 100.45 57.83 -92.03
N GLU M 445 100.36 56.61 -92.58
CA GLU M 445 101.16 56.25 -93.73
C GLU M 445 100.53 56.65 -95.06
N VAL M 446 101.36 57.16 -95.96
CA VAL M 446 100.91 57.58 -97.29
C VAL M 446 101.85 56.98 -98.33
N ILE M 447 101.30 56.63 -99.49
CA ILE M 447 102.12 56.04 -100.55
C ILE M 447 102.05 56.83 -101.85
N ASN M 448 100.88 57.39 -102.15
CA ASN M 448 100.72 58.15 -103.38
C ASN M 448 99.50 59.07 -103.33
N SER M 449 99.77 60.37 -103.39
CA SER M 449 98.71 61.37 -103.39
C SER M 449 98.45 61.81 -104.83
N SER M 450 97.18 61.82 -105.23
CA SER M 450 96.82 62.21 -106.59
C SER M 450 95.45 62.87 -106.65
N THR M 451 95.19 63.56 -107.76
CA THR M 451 93.92 64.24 -107.96
C THR M 451 92.87 63.18 -108.30
N GLU M 452 93.29 61.93 -108.32
CA GLU M 452 92.41 60.82 -108.63
C GLU M 452 92.01 60.07 -107.36
N GLY M 453 93.01 59.65 -106.59
CA GLY M 453 92.73 58.93 -105.36
C GLY M 453 93.98 58.61 -104.56
N LEU M 454 93.85 58.61 -103.24
CA LEU M 454 94.97 58.34 -102.36
C LEU M 454 95.25 56.85 -102.25
N LEU M 455 96.52 56.50 -102.13
CA LEU M 455 96.94 55.11 -101.99
C LEU M 455 97.67 54.97 -100.67
N LEU M 456 97.07 54.25 -99.73
CA LEU M 456 97.66 54.07 -98.41
C LEU M 456 97.85 52.59 -98.06
N ASN M 457 98.56 52.35 -96.96
CA ASN M 457 98.82 51.01 -96.49
C ASN M 457 98.15 50.87 -95.12
N ILE M 458 96.89 51.30 -95.06
CA ILE M 458 96.11 51.25 -93.83
C ILE M 458 96.12 49.86 -93.18
N ASP M 459 96.11 49.84 -91.86
CA ASP M 459 96.14 48.60 -91.09
C ASP M 459 94.84 47.81 -91.28
N LYS M 460 94.98 46.50 -91.52
CA LYS M 460 93.83 45.62 -91.73
C LYS M 460 92.89 45.64 -90.52
N ASP M 461 93.44 45.36 -89.36
CA ASP M 461 92.66 45.34 -88.12
C ASP M 461 91.82 46.60 -87.96
N ILE M 462 92.32 47.72 -88.47
CA ILE M 462 91.60 48.98 -88.38
C ILE M 462 90.58 49.11 -89.49
N ARG M 463 91.07 49.14 -90.73
CA ARG M 463 90.22 49.28 -91.90
C ARG M 463 88.90 48.53 -91.75
N LYS M 464 88.92 47.42 -91.01
CA LYS M 464 87.72 46.62 -90.82
C LYS M 464 86.65 47.31 -89.96
N ILE M 465 86.99 48.42 -89.32
CA ILE M 465 86.00 49.12 -88.50
C ILE M 465 85.60 50.43 -89.17
N LEU M 466 85.88 50.55 -90.46
CA LEU M 466 85.55 51.76 -91.20
C LEU M 466 84.47 51.54 -92.24
N SER M 467 83.45 52.40 -92.20
CA SER M 467 82.35 52.34 -93.14
C SER M 467 82.76 52.96 -94.46
N GLY M 468 83.32 54.17 -94.39
CA GLY M 468 83.76 54.86 -95.59
C GLY M 468 84.51 56.15 -95.32
N TYR M 469 84.75 56.92 -96.39
CA TYR M 469 85.45 58.19 -96.29
C TYR M 469 84.69 59.32 -96.97
N ILE M 470 84.72 60.50 -96.36
CA ILE M 470 84.04 61.67 -96.89
C ILE M 470 85.06 62.61 -97.52
N VAL M 471 85.01 62.77 -98.83
CA VAL M 471 85.93 63.65 -99.54
C VAL M 471 85.38 65.06 -99.62
N GLU M 472 86.12 66.04 -99.12
CA GLU M 472 85.69 67.43 -99.16
C GLU M 472 86.84 68.36 -99.48
N ILE M 473 86.58 69.66 -99.41
CA ILE M 473 87.57 70.68 -99.68
C ILE M 473 87.33 71.93 -98.83
N GLU M 474 88.33 72.28 -98.02
CA GLU M 474 88.24 73.45 -97.15
C GLU M 474 88.93 74.65 -97.79
N ASP M 475 88.17 75.74 -97.95
CA ASP M 475 88.71 76.95 -98.55
C ASP M 475 89.73 77.58 -97.61
N THR M 476 90.64 78.37 -98.17
CA THR M 476 91.68 79.03 -97.39
C THR M 476 91.08 79.89 -96.28
N GLU M 477 89.77 80.09 -96.32
CA GLU M 477 89.08 80.90 -95.31
C GLU M 477 88.47 80.02 -94.22
N GLY M 478 87.67 79.05 -94.63
CA GLY M 478 87.03 78.16 -93.67
C GLY M 478 85.74 77.55 -94.19
N LEU M 479 85.75 77.14 -95.46
CA LEU M 479 84.59 76.54 -96.08
C LEU M 479 84.60 75.02 -95.95
N LYS M 480 83.42 74.43 -95.90
CA LYS M 480 83.28 72.99 -95.77
C LYS M 480 82.60 72.35 -96.98
N GLU M 481 83.18 72.56 -98.16
CA GLU M 481 82.64 72.00 -99.39
C GLU M 481 82.97 70.50 -99.43
N VAL M 482 81.94 69.67 -99.55
CA VAL M 482 82.13 68.23 -99.57
C VAL M 482 81.76 67.62 -100.92
N ILE M 483 82.57 66.68 -101.39
CA ILE M 483 82.30 66.00 -102.66
C ILE M 483 81.10 65.07 -102.45
N ASN M 484 81.38 63.79 -102.24
CA ASN M 484 80.33 62.81 -101.99
C ASN M 484 79.67 63.18 -100.67
N ASP M 485 78.63 64.01 -100.75
CA ASP M 485 77.93 64.47 -99.55
C ASP M 485 76.74 63.62 -99.13
N ARG M 486 76.45 62.56 -99.87
CA ARG M 486 75.32 61.69 -99.53
C ARG M 486 75.76 60.45 -98.76
N TYR M 487 75.03 60.13 -97.69
CA TYR M 487 75.36 58.99 -96.85
C TYR M 487 75.71 57.75 -97.66
N ASP M 488 75.07 57.62 -98.82
CA ASP M 488 75.31 56.46 -99.68
C ASP M 488 76.48 56.65 -100.64
N MET M 489 77.23 57.72 -100.45
CA MET M 489 78.38 58.00 -101.29
C MET M 489 79.68 57.83 -100.53
N LEU M 490 79.65 56.97 -99.51
CA LEU M 490 80.83 56.72 -98.70
C LEU M 490 81.65 55.57 -99.31
N ASN M 491 80.99 54.79 -100.16
CA ASN M 491 81.62 53.66 -100.83
C ASN M 491 82.71 54.10 -101.80
N ILE M 492 83.93 54.24 -101.31
CA ILE M 492 85.06 54.66 -102.14
C ILE M 492 86.30 53.80 -101.92
N SER M 493 86.69 53.64 -100.65
CA SER M 493 87.86 52.85 -100.30
C SER M 493 87.91 51.49 -100.98
N SER M 494 88.91 51.31 -101.85
CA SER M 494 89.10 50.06 -102.56
C SER M 494 90.21 49.30 -101.85
N LEU M 495 90.78 48.30 -102.52
CA LEU M 495 91.86 47.53 -101.90
C LEU M 495 92.59 46.62 -102.89
N ARG M 496 93.81 47.01 -103.23
CA ARG M 496 94.62 46.23 -104.16
C ARG M 496 95.07 44.95 -103.46
N GLN M 497 95.28 43.89 -104.23
CA GLN M 497 95.69 42.62 -103.67
C GLN M 497 97.12 42.69 -103.12
N ASP M 498 97.70 43.89 -103.15
CA ASP M 498 99.06 44.10 -102.65
C ASP M 498 99.00 44.50 -101.19
N GLY M 499 97.78 44.64 -100.67
CA GLY M 499 97.62 45.01 -99.26
C GLY M 499 97.52 46.50 -99.01
N LYS M 500 97.34 47.28 -100.06
CA LYS M 500 97.24 48.72 -99.91
C LYS M 500 95.85 49.24 -100.29
N THR M 501 95.25 49.98 -99.36
CA THR M 501 93.92 50.55 -99.55
C THR M 501 93.97 51.71 -100.54
N PHE M 502 93.27 51.56 -101.67
CA PHE M 502 93.25 52.59 -102.69
C PHE M 502 91.96 53.40 -102.68
N ILE M 503 92.06 54.67 -102.32
CA ILE M 503 90.92 55.56 -102.28
C ILE M 503 90.76 56.21 -103.65
N ASP M 504 89.53 56.64 -103.97
CA ASP M 504 89.26 57.28 -105.23
C ASP M 504 88.19 58.35 -105.06
N PHE M 505 88.52 59.57 -105.48
CA PHE M 505 87.58 60.69 -105.37
C PHE M 505 86.70 60.69 -106.61
N LYS M 506 87.26 60.17 -107.70
CA LYS M 506 86.57 60.11 -108.99
C LYS M 506 85.27 59.31 -108.99
N LYS M 507 85.20 58.26 -108.16
CA LYS M 507 84.01 57.42 -108.10
C LYS M 507 82.77 58.25 -107.79
N TYR M 508 82.99 59.49 -107.32
CA TYR M 508 81.89 60.39 -107.00
C TYR M 508 82.18 61.84 -107.40
N ASN M 509 82.45 62.03 -108.69
CA ASN M 509 82.73 63.35 -109.27
C ASN M 509 82.80 63.25 -110.79
N ASP M 510 81.71 62.81 -111.39
CA ASP M 510 81.61 62.67 -112.84
C ASP M 510 82.77 61.89 -113.44
N LYS M 511 83.25 60.89 -112.70
CA LYS M 511 84.36 60.06 -113.16
C LYS M 511 85.59 60.88 -113.53
N LEU M 512 85.59 62.16 -113.15
CA LEU M 512 86.70 63.05 -113.44
C LEU M 512 87.49 63.37 -112.17
N PRO M 513 88.82 63.50 -112.28
CA PRO M 513 89.69 63.81 -111.14
C PRO M 513 89.33 65.11 -110.44
N LEU M 514 90.01 65.37 -109.32
CA LEU M 514 89.77 66.57 -108.54
C LEU M 514 89.81 67.87 -109.34
N TYR M 515 89.18 68.90 -108.78
CA TYR M 515 89.12 70.21 -109.40
C TYR M 515 89.76 71.21 -108.44
N ILE M 516 90.99 71.61 -108.74
CA ILE M 516 91.70 72.56 -107.90
C ILE M 516 91.80 73.94 -108.53
N SER M 517 90.81 74.78 -108.26
CA SER M 517 90.78 76.14 -108.80
C SER M 517 91.90 76.95 -108.16
N ASN M 518 92.26 76.58 -106.93
CA ASN M 518 93.31 77.27 -106.19
C ASN M 518 94.12 76.23 -105.43
N PRO M 519 95.32 75.89 -105.93
CA PRO M 519 96.21 74.92 -105.30
C PRO M 519 96.76 75.36 -103.94
N ASN M 520 95.87 75.81 -103.06
CA ASN M 520 96.25 76.25 -101.73
C ASN M 520 95.17 75.87 -100.73
N TYR M 521 94.20 75.09 -101.19
CA TYR M 521 93.10 74.63 -100.35
C TYR M 521 93.54 73.48 -99.45
N LYS M 522 92.57 72.69 -98.99
CA LYS M 522 92.86 71.56 -98.12
C LYS M 522 91.92 70.39 -98.40
N VAL M 523 92.39 69.43 -99.19
CA VAL M 523 91.58 68.25 -99.51
C VAL M 523 91.38 67.43 -98.26
N ASN M 524 90.28 67.68 -97.56
CA ASN M 524 89.97 66.97 -96.33
C ASN M 524 89.17 65.70 -96.56
N VAL M 525 89.84 64.57 -96.37
CA VAL M 525 89.23 63.25 -96.54
C VAL M 525 89.10 62.62 -95.15
N TYR M 526 87.86 62.50 -94.68
CA TYR M 526 87.61 61.93 -93.37
C TYR M 526 87.32 60.44 -93.43
N ALA M 527 87.20 59.83 -92.26
CA ALA M 527 86.91 58.40 -92.16
C ALA M 527 85.72 58.24 -91.24
N VAL M 528 84.85 57.28 -91.55
CA VAL M 528 83.67 57.05 -90.72
C VAL M 528 83.61 55.61 -90.24
N THR M 529 83.76 55.43 -88.94
CA THR M 529 83.71 54.09 -88.35
C THR M 529 82.30 53.53 -88.49
N LYS M 530 82.17 52.22 -88.51
CA LYS M 530 80.87 51.58 -88.63
C LYS M 530 79.90 52.11 -87.57
N GLU M 531 80.33 52.07 -86.32
CA GLU M 531 79.49 52.53 -85.21
C GLU M 531 78.83 53.89 -85.48
N ASN M 532 79.52 54.74 -86.22
CA ASN M 532 79.00 56.07 -86.52
C ASN M 532 78.17 56.16 -87.79
N THR M 533 78.69 55.59 -88.87
CA THR M 533 78.03 55.62 -90.17
C THR M 533 76.51 55.47 -90.15
N ILE M 534 75.85 56.16 -91.07
CA ILE M 534 74.40 56.11 -91.21
C ILE M 534 74.06 55.31 -92.45
N ILE M 535 72.83 54.81 -92.51
CA ILE M 535 72.37 54.00 -93.63
C ILE M 535 71.09 54.48 -94.31
N ASN M 536 70.37 55.39 -93.65
CA ASN M 536 69.13 55.91 -94.20
C ASN M 536 68.93 57.39 -93.88
N PRO M 537 68.19 58.10 -94.73
CA PRO M 537 67.91 59.53 -94.56
C PRO M 537 67.27 59.84 -93.21
N SER M 538 67.31 61.10 -92.81
CA SER M 538 66.75 61.52 -91.53
C SER M 538 65.22 61.61 -91.61
N GLU M 539 64.58 61.90 -90.47
CA GLU M 539 63.13 62.00 -90.41
C GLU M 539 62.56 62.69 -91.64
N ASN M 540 63.37 63.57 -92.24
CA ASN M 540 62.97 64.28 -93.43
C ASN M 540 63.54 63.58 -94.66
N GLY M 541 64.48 64.23 -95.33
CA GLY M 541 65.10 63.65 -96.51
C GLY M 541 66.54 64.07 -96.59
N ASP M 542 67.15 64.27 -95.43
CA ASP M 542 68.54 64.69 -95.35
C ASP M 542 69.49 63.59 -95.82
N THR M 543 69.77 63.56 -97.12
CA THR M 543 70.67 62.57 -97.69
C THR M 543 72.08 63.10 -97.62
N SER M 544 72.30 64.09 -96.76
CA SER M 544 73.62 64.71 -96.61
C SER M 544 74.46 64.09 -95.50
N THR M 545 75.73 64.50 -95.47
CA THR M 545 76.68 64.02 -94.48
C THR M 545 76.73 65.00 -93.30
N ASN M 546 75.69 65.81 -93.17
CA ASN M 546 75.59 66.79 -92.10
C ASN M 546 75.77 66.15 -90.73
N GLY M 547 74.76 65.40 -90.29
CA GLY M 547 74.82 64.76 -89.00
C GLY M 547 75.63 63.48 -88.97
N ILE M 548 76.95 63.61 -88.93
CA ILE M 548 77.85 62.46 -88.90
C ILE M 548 79.01 62.73 -87.95
N LYS M 549 79.67 61.67 -87.51
CA LYS M 549 80.82 61.80 -86.64
C LYS M 549 82.03 61.21 -87.35
N LYS M 550 82.56 61.95 -88.32
CA LYS M 550 83.71 61.48 -89.08
C LYS M 550 85.00 61.80 -88.34
N ILE M 551 86.13 61.32 -88.88
CA ILE M 551 87.42 61.55 -88.28
C ILE M 551 88.45 61.98 -89.33
N LEU M 552 89.19 63.03 -89.02
CA LEU M 552 90.20 63.57 -89.92
C LEU M 552 91.31 62.55 -90.19
N ILE M 553 91.44 62.15 -91.45
CA ILE M 553 92.46 61.17 -91.84
C ILE M 553 93.48 61.78 -92.80
N PHE M 554 93.05 62.79 -93.55
CA PHE M 554 93.93 63.44 -94.52
C PHE M 554 93.69 64.94 -94.52
N SER M 555 94.66 65.70 -95.02
CA SER M 555 94.56 67.15 -95.08
C SER M 555 95.80 67.79 -95.68
N LYS M 556 96.03 67.55 -96.98
CA LYS M 556 97.18 68.12 -97.67
C LYS M 556 96.76 69.32 -98.51
N LYS M 557 97.73 70.15 -98.86
CA LYS M 557 97.47 71.33 -99.66
C LYS M 557 97.40 71.00 -101.15
N GLY M 558 96.88 71.95 -101.93
CA GLY M 558 96.75 71.75 -103.36
C GLY M 558 98.07 71.53 -104.06
N TYR M 559 99.12 72.19 -103.58
CA TYR M 559 100.45 72.05 -104.15
C TYR M 559 101.20 70.87 -103.56
N GLU M 560 100.64 70.29 -102.50
CA GLU M 560 101.26 69.15 -101.84
C GLU M 560 100.66 67.84 -102.32
N ILE M 561 100.22 67.82 -103.58
CA ILE M 561 99.64 66.64 -104.18
C ILE M 561 100.07 66.50 -105.64
N GLY M 562 99.51 67.37 -106.49
CA GLY M 562 99.85 67.34 -107.90
C GLY M 562 98.80 68.02 -108.77
N SER N 1 47.07 85.28 -121.66
CA SER N 1 47.46 86.43 -122.48
C SER N 1 48.88 86.88 -122.14
N CYS N 2 49.02 88.14 -121.74
CA CYS N 2 50.32 88.69 -121.38
C CYS N 2 50.43 88.88 -119.87
N ARG N 3 51.67 88.95 -119.39
CA ARG N 3 51.94 89.11 -117.97
C ARG N 3 53.09 90.10 -117.73
N ARG N 4 53.34 90.42 -116.46
CA ARG N 4 54.41 91.36 -116.13
C ARG N 4 55.32 90.80 -115.04
N ALA N 5 54.76 89.99 -114.14
CA ALA N 5 55.53 89.40 -113.04
C ALA N 5 56.08 88.02 -113.37
N PHE N 6 57.40 87.95 -113.55
CA PHE N 6 58.06 86.69 -113.86
C PHE N 6 59.01 86.30 -112.73
N ASP N 7 59.12 85.00 -112.47
CA ASP N 7 60.01 84.48 -111.43
C ASP N 7 61.03 83.58 -112.10
N LEU N 8 62.27 84.04 -112.16
CA LEU N 8 63.32 83.25 -112.80
C LEU N 8 64.09 82.39 -111.79
N TYR N 9 64.18 81.10 -112.09
CA TYR N 9 64.88 80.15 -111.26
C TYR N 9 66.19 79.77 -111.94
N PHE N 10 67.30 79.94 -111.23
CA PHE N 10 68.62 79.63 -111.79
C PHE N 10 69.26 78.37 -111.21
N VAL N 11 68.86 77.23 -111.75
CA VAL N 11 69.41 75.95 -111.33
C VAL N 11 70.76 75.81 -112.03
N LEU N 12 71.83 75.78 -111.24
CA LEU N 12 73.18 75.68 -111.78
C LEU N 12 73.93 74.38 -111.49
N ASP N 13 74.46 73.77 -112.53
CA ASP N 13 75.20 72.53 -112.41
C ASP N 13 76.62 72.84 -111.95
N LYS N 14 76.90 72.60 -110.67
CA LYS N 14 78.24 72.87 -110.16
C LYS N 14 79.03 71.56 -110.02
N SER N 15 78.86 70.66 -110.98
CA SER N 15 79.54 69.37 -110.96
C SER N 15 80.94 69.49 -111.56
N GLY N 16 81.81 68.55 -111.21
CA GLY N 16 83.17 68.57 -111.73
C GLY N 16 83.26 68.59 -113.24
N SER N 17 82.31 67.94 -113.91
CA SER N 17 82.30 67.89 -115.36
C SER N 17 82.27 69.28 -115.98
N VAL N 18 81.63 70.22 -115.29
CA VAL N 18 81.53 71.60 -115.77
C VAL N 18 82.32 72.54 -114.87
N ALA N 19 83.44 72.05 -114.35
CA ALA N 19 84.27 72.85 -113.47
C ALA N 19 85.13 73.82 -114.26
N ASN N 20 85.24 73.59 -115.56
CA ASN N 20 86.04 74.44 -116.43
C ASN N 20 85.29 75.69 -116.89
N ASN N 21 84.10 75.47 -117.43
CA ASN N 21 83.27 76.57 -117.94
C ASN N 21 82.23 77.07 -116.93
N TRP N 22 82.64 77.26 -115.68
CA TRP N 22 81.72 77.75 -114.67
C TRP N 22 81.44 79.22 -114.88
N ILE N 23 82.48 79.98 -115.22
CA ILE N 23 82.34 81.41 -115.46
C ILE N 23 81.24 81.72 -116.47
N GLU N 24 81.23 80.99 -117.58
CA GLU N 24 80.23 81.19 -118.63
C GLU N 24 78.85 81.09 -118.01
N ILE N 25 78.67 80.09 -117.16
CA ILE N 25 77.40 79.87 -116.48
C ILE N 25 77.09 81.05 -115.58
N TYR N 26 78.11 81.55 -114.88
CA TYR N 26 77.93 82.69 -114.00
C TYR N 26 77.61 83.94 -114.82
N ASN N 27 78.29 84.08 -115.96
CA ASN N 27 78.07 85.23 -116.83
C ASN N 27 76.64 85.21 -117.33
N PHE N 28 76.18 84.04 -117.77
CA PHE N 28 74.82 83.90 -118.27
C PHE N 28 73.81 84.24 -117.17
N VAL N 29 74.18 83.93 -115.92
CA VAL N 29 73.31 84.20 -114.78
C VAL N 29 73.51 85.64 -114.30
N GLN N 30 74.56 86.27 -114.80
CA GLN N 30 74.85 87.66 -114.43
C GLN N 30 74.31 88.58 -115.52
N GLN N 31 74.48 88.17 -116.77
CA GLN N 31 74.00 88.95 -117.92
C GLN N 31 72.48 88.87 -118.02
N LEU N 32 71.90 87.91 -117.30
CA LEU N 32 70.45 87.73 -117.31
C LEU N 32 69.83 88.51 -116.15
N ALA N 33 70.50 88.50 -115.01
CA ALA N 33 70.03 89.22 -113.83
C ALA N 33 70.27 90.71 -114.06
N GLU N 34 71.13 91.00 -115.03
CA GLU N 34 71.47 92.37 -115.40
C GLU N 34 70.38 92.92 -116.31
N ARG N 35 69.73 92.04 -117.05
CA ARG N 35 68.66 92.42 -117.96
C ARG N 35 67.36 92.70 -117.21
N PHE N 36 66.65 91.63 -116.84
CA PHE N 36 65.39 91.75 -116.13
C PHE N 36 65.61 92.42 -114.78
N VAL N 37 65.31 93.72 -114.71
CA VAL N 37 65.49 94.47 -113.48
C VAL N 37 64.16 95.06 -113.01
N SER N 38 63.08 94.34 -113.27
CA SER N 38 61.76 94.78 -112.85
C SER N 38 61.46 94.24 -111.45
N PRO N 39 60.94 95.09 -110.56
CA PRO N 39 60.61 94.70 -109.19
C PRO N 39 59.71 93.46 -109.10
N GLU N 40 59.14 93.08 -110.24
CA GLU N 40 58.27 91.92 -110.32
C GLU N 40 59.06 90.71 -110.81
N MET N 41 60.32 90.94 -111.16
CA MET N 41 61.20 89.88 -111.65
C MET N 41 61.98 89.24 -110.50
N ARG N 42 61.27 88.55 -109.62
CA ARG N 42 61.92 87.89 -108.48
C ARG N 42 62.83 86.78 -108.97
N LEU N 43 64.12 86.87 -108.64
CA LEU N 43 65.08 85.86 -109.06
C LEU N 43 65.40 84.90 -107.92
N SER N 44 65.92 83.73 -108.29
CA SER N 44 66.29 82.70 -107.32
C SER N 44 67.44 81.89 -107.87
N PHE N 45 68.47 81.69 -107.06
CA PHE N 45 69.63 80.92 -107.50
C PHE N 45 69.71 79.55 -106.84
N ILE N 46 70.14 78.56 -107.62
CA ILE N 46 70.26 77.19 -107.12
C ILE N 46 71.44 76.51 -107.81
N VAL N 47 72.19 75.73 -107.05
CA VAL N 47 73.34 75.02 -107.60
C VAL N 47 73.32 73.56 -107.14
N PHE N 48 73.35 72.64 -108.10
CA PHE N 48 73.33 71.23 -107.78
C PHE N 48 74.62 70.52 -108.18
N SER N 49 74.76 69.28 -107.72
CA SER N 49 75.92 68.45 -107.99
C SER N 49 75.68 67.13 -107.28
N SER N 50 76.29 66.98 -106.11
CA SER N 50 76.10 65.78 -105.30
C SER N 50 74.81 66.04 -104.55
N GLN N 51 74.39 67.30 -104.59
CA GLN N 51 73.18 67.73 -103.92
C GLN N 51 73.04 69.23 -104.16
N ALA N 52 71.83 69.66 -104.50
CA ALA N 52 71.59 71.07 -104.77
C ALA N 52 71.33 71.92 -103.53
N THR N 53 71.54 73.22 -103.68
CA THR N 53 71.34 74.16 -102.58
C THR N 53 70.70 75.46 -103.06
N ILE N 54 69.91 76.08 -102.18
CA ILE N 54 69.23 77.32 -102.49
C ILE N 54 70.15 78.51 -102.18
N ILE N 55 70.91 78.92 -103.19
CA ILE N 55 71.83 80.04 -103.03
C ILE N 55 71.04 81.34 -102.80
N LEU N 56 70.12 81.62 -103.71
CA LEU N 56 69.28 82.80 -103.62
C LEU N 56 67.79 82.46 -103.68
N PRO N 57 67.05 82.75 -102.61
CA PRO N 57 65.62 82.46 -102.57
C PRO N 57 64.90 83.19 -103.69
N LEU N 58 63.57 83.10 -103.71
CA LEU N 58 62.79 83.78 -104.75
C LEU N 58 62.37 85.15 -104.25
N THR N 59 63.04 86.19 -104.77
CA THR N 59 62.73 87.56 -104.37
C THR N 59 63.28 88.56 -105.39
N GLY N 60 62.78 89.80 -105.32
CA GLY N 60 63.23 90.84 -106.22
C GLY N 60 63.94 91.97 -105.52
N ASP N 61 64.96 91.62 -104.74
CA ASP N 61 65.74 92.62 -104.01
C ASP N 61 67.21 92.49 -104.36
N ARG N 62 67.69 93.36 -105.25
CA ARG N 62 69.08 93.33 -105.69
C ARG N 62 70.06 93.33 -104.53
N GLY N 63 69.60 93.74 -103.35
CA GLY N 63 70.47 93.76 -102.18
C GLY N 63 70.96 92.35 -101.91
N LYS N 64 70.07 91.38 -102.08
CA LYS N 64 70.40 89.98 -101.86
C LYS N 64 70.73 89.31 -103.20
N ILE N 65 70.20 89.88 -104.28
CA ILE N 65 70.44 89.35 -105.62
C ILE N 65 71.92 89.48 -105.94
N SER N 66 72.47 90.67 -105.74
CA SER N 66 73.88 90.91 -105.99
C SER N 66 74.64 89.97 -105.07
N LYS N 67 74.13 89.83 -103.85
CA LYS N 67 74.74 88.96 -102.85
C LYS N 67 74.88 87.56 -103.44
N GLY N 68 73.82 87.09 -104.09
CA GLY N 68 73.86 85.78 -104.71
C GLY N 68 74.88 85.72 -105.82
N LEU N 69 74.87 86.73 -106.68
CA LEU N 69 75.82 86.78 -107.79
C LEU N 69 77.24 86.77 -107.28
N GLU N 70 77.45 87.30 -106.07
CA GLU N 70 78.77 87.32 -105.47
C GLU N 70 79.16 85.92 -105.01
N ASP N 71 78.16 85.16 -104.58
CA ASP N 71 78.40 83.80 -104.11
C ASP N 71 78.60 82.85 -105.28
N LEU N 72 77.75 82.97 -106.30
CA LEU N 72 77.86 82.11 -107.48
C LEU N 72 79.20 82.33 -108.16
N LYS N 73 79.77 83.53 -107.95
CA LYS N 73 81.06 83.88 -108.53
C LYS N 73 82.14 83.04 -107.85
N ARG N 74 82.04 82.93 -106.54
CA ARG N 74 82.99 82.17 -105.74
C ARG N 74 82.52 80.74 -105.52
N VAL N 75 82.37 79.99 -106.61
CA VAL N 75 81.92 78.61 -106.54
C VAL N 75 82.93 77.67 -107.18
N SER N 76 83.12 76.51 -106.56
CA SER N 76 84.06 75.52 -107.08
C SER N 76 83.28 74.32 -107.62
N PRO N 77 83.01 74.29 -108.93
CA PRO N 77 82.28 73.20 -109.58
C PRO N 77 82.89 71.82 -109.33
N VAL N 78 82.25 71.04 -108.49
CA VAL N 78 82.73 69.70 -108.18
C VAL N 78 81.62 68.86 -107.55
N GLY N 79 81.64 67.56 -107.86
CA GLY N 79 80.64 66.66 -107.33
C GLY N 79 79.87 65.97 -108.45
N GLU N 80 79.02 65.01 -108.09
CA GLU N 80 78.23 64.28 -109.08
C GLU N 80 77.30 65.22 -109.84
N THR N 81 76.47 64.64 -110.69
CA THR N 81 75.53 65.42 -111.49
C THR N 81 74.09 65.03 -111.18
N TYR N 82 73.59 65.50 -110.04
CA TYR N 82 72.21 65.21 -109.64
C TYR N 82 71.31 66.39 -109.96
N ILE N 83 71.14 66.65 -111.25
CA ILE N 83 70.32 67.76 -111.72
C ILE N 83 68.89 67.72 -111.20
N HIS N 84 68.26 66.55 -111.28
CA HIS N 84 66.88 66.40 -110.83
C HIS N 84 66.69 67.05 -109.47
N GLU N 85 67.60 66.78 -108.54
CA GLU N 85 67.51 67.37 -107.20
C GLU N 85 67.38 68.88 -107.30
N GLY N 86 68.15 69.47 -108.22
CA GLY N 86 68.11 70.91 -108.39
C GLY N 86 66.75 71.37 -108.90
N LEU N 87 66.32 70.80 -110.02
CA LEU N 87 65.03 71.15 -110.60
C LEU N 87 63.94 71.02 -109.54
N LYS N 88 64.17 70.15 -108.55
CA LYS N 88 63.21 69.95 -107.48
C LYS N 88 63.15 71.17 -106.57
N LEU N 89 64.31 71.60 -106.09
CA LEU N 89 64.37 72.76 -105.22
C LEU N 89 63.75 73.96 -105.92
N ALA N 90 63.53 73.83 -107.22
CA ALA N 90 62.92 74.88 -108.02
C ALA N 90 61.41 74.81 -107.86
N ASN N 91 60.85 73.63 -108.10
CA ASN N 91 59.41 73.42 -107.99
C ASN N 91 58.95 73.63 -106.56
N GLU N 92 59.80 73.28 -105.60
CA GLU N 92 59.46 73.42 -104.20
C GLU N 92 59.14 74.90 -103.91
N GLN N 93 59.89 75.79 -104.54
CA GLN N 93 59.70 77.23 -104.38
C GLN N 93 58.41 77.67 -105.07
N ILE N 94 58.19 77.14 -106.26
CA ILE N 94 57.01 77.46 -107.05
C ILE N 94 55.73 77.07 -106.31
N GLN N 95 55.58 75.77 -106.06
CA GLN N 95 54.40 75.25 -105.37
C GLN N 95 54.12 75.95 -104.05
N LYS N 96 55.15 76.60 -103.50
CA LYS N 96 54.99 77.31 -102.23
C LYS N 96 54.56 78.74 -102.50
N ALA N 97 54.61 79.14 -103.77
CA ALA N 97 54.24 80.49 -104.18
C ALA N 97 52.79 80.53 -104.65
N GLY N 98 52.30 79.40 -105.15
CA GLY N 98 50.92 79.35 -105.63
C GLY N 98 50.70 78.28 -106.68
N GLY N 99 51.78 77.61 -107.09
CA GLY N 99 51.67 76.57 -108.09
C GLY N 99 51.37 77.14 -109.47
N LEU N 100 50.17 76.88 -109.98
CA LEU N 100 49.77 77.39 -111.28
C LEU N 100 49.61 78.90 -111.16
N LYS N 101 49.28 79.36 -109.97
CA LYS N 101 49.07 80.77 -109.69
C LYS N 101 50.37 81.56 -109.80
N THR N 102 51.38 80.96 -110.41
CA THR N 102 52.68 81.62 -110.57
C THR N 102 53.30 81.36 -111.94
N SER N 103 53.75 82.42 -112.59
CA SER N 103 54.38 82.33 -113.89
C SER N 103 55.88 82.25 -113.64
N SER N 104 56.42 81.04 -113.62
CA SER N 104 57.84 80.85 -113.38
C SER N 104 58.62 80.41 -114.62
N ILE N 105 59.92 80.69 -114.60
CA ILE N 105 60.80 80.33 -115.71
C ILE N 105 62.07 79.66 -115.18
N ILE N 106 62.03 78.34 -115.08
CA ILE N 106 63.16 77.58 -114.59
C ILE N 106 64.27 77.51 -115.64
N ILE N 107 65.45 78.00 -115.26
CA ILE N 107 66.59 78.01 -116.16
C ILE N 107 67.72 77.15 -115.57
N ALA N 108 67.87 75.94 -116.09
CA ALA N 108 68.88 75.02 -115.62
C ALA N 108 70.15 75.03 -116.45
N LEU N 109 71.27 75.31 -115.81
CA LEU N 109 72.57 75.34 -116.47
C LEU N 109 73.28 74.03 -116.18
N THR N 110 73.58 73.27 -117.23
CA THR N 110 74.26 71.98 -117.05
C THR N 110 74.83 71.46 -118.35
N ASP N 111 75.63 70.40 -118.25
CA ASP N 111 76.25 69.80 -119.41
C ASP N 111 75.32 68.77 -120.05
N GLY N 112 74.20 68.49 -119.38
CA GLY N 112 73.24 67.53 -119.91
C GLY N 112 73.76 66.11 -119.91
N LYS N 113 74.98 65.93 -119.40
CA LYS N 113 75.61 64.61 -119.35
C LYS N 113 75.20 63.89 -118.07
N LEU N 114 73.94 63.45 -118.01
CA LEU N 114 73.44 62.74 -116.84
C LEU N 114 73.77 61.26 -116.95
N ASP N 115 73.69 60.56 -115.82
CA ASP N 115 74.00 59.13 -115.79
C ASP N 115 73.06 58.33 -114.88
N GLY N 116 72.91 57.05 -115.18
CA GLY N 116 72.06 56.17 -114.38
C GLY N 116 70.60 56.57 -114.31
N LEU N 117 70.11 56.76 -113.09
CA LEU N 117 68.72 57.14 -112.87
C LEU N 117 68.49 58.63 -113.02
N VAL N 118 69.57 59.40 -112.89
CA VAL N 118 69.48 60.85 -113.02
C VAL N 118 68.61 61.23 -114.23
N PRO N 119 68.87 60.61 -115.40
CA PRO N 119 68.09 60.92 -116.60
C PRO N 119 66.60 60.71 -116.36
N SER N 120 66.25 59.50 -115.96
CA SER N 120 64.86 59.16 -115.68
C SER N 120 64.22 60.18 -114.74
N TYR N 121 64.83 60.36 -113.58
CA TYR N 121 64.32 61.30 -112.58
C TYR N 121 64.35 62.75 -113.05
N ALA N 122 65.41 63.12 -113.77
CA ALA N 122 65.52 64.49 -114.27
C ALA N 122 64.34 64.76 -115.20
N GLU N 123 64.19 63.91 -116.21
CA GLU N 123 63.10 64.05 -117.17
C GLU N 123 61.77 64.12 -116.44
N LYS N 124 61.59 63.25 -115.45
CA LYS N 124 60.36 63.22 -114.69
C LYS N 124 60.21 64.45 -113.80
N GLU N 125 61.25 64.76 -113.03
CA GLU N 125 61.22 65.92 -112.15
C GLU N 125 61.01 67.19 -112.97
N ALA N 126 61.41 67.14 -114.23
CA ALA N 126 61.25 68.28 -115.13
C ALA N 126 59.79 68.47 -115.51
N LYS N 127 59.12 67.36 -115.81
CA LYS N 127 57.71 67.40 -116.17
C LYS N 127 56.93 67.86 -114.94
N ILE N 128 57.50 67.60 -113.77
CA ILE N 128 56.87 67.99 -112.51
C ILE N 128 56.89 69.51 -112.44
N SER N 129 57.75 70.11 -113.25
CA SER N 129 57.86 71.56 -113.31
C SER N 129 56.75 72.11 -114.21
N ARG N 130 56.71 71.61 -115.44
CA ARG N 130 55.70 72.03 -116.41
C ARG N 130 54.30 71.69 -115.91
N SER N 131 54.23 70.95 -114.81
CA SER N 131 52.95 70.56 -114.23
C SER N 131 52.58 71.55 -113.13
N LEU N 132 53.32 72.66 -113.07
CA LEU N 132 53.06 73.70 -112.09
C LEU N 132 53.01 75.06 -112.75
N GLY N 133 52.59 75.08 -114.01
CA GLY N 133 52.49 76.33 -114.74
C GLY N 133 53.84 77.02 -114.83
N ALA N 134 54.85 76.27 -115.28
CA ALA N 134 56.20 76.81 -115.41
C ALA N 134 56.87 76.34 -116.70
N SER N 135 57.90 77.06 -117.12
CA SER N 135 58.65 76.72 -118.32
C SER N 135 60.08 76.37 -117.96
N VAL N 136 60.60 75.31 -118.54
CA VAL N 136 61.96 74.86 -118.27
C VAL N 136 62.94 75.23 -119.38
N TYR N 137 64.09 75.76 -119.00
CA TYR N 137 65.12 76.17 -119.95
C TYR N 137 66.45 75.50 -119.66
N CYS N 138 66.92 74.70 -120.61
CA CYS N 138 68.18 73.98 -120.47
C CYS N 138 69.31 74.69 -121.20
N VAL N 139 69.99 75.60 -120.50
CA VAL N 139 71.10 76.33 -121.10
C VAL N 139 72.38 75.53 -120.87
N GLY N 140 72.57 74.52 -121.71
CA GLY N 140 73.73 73.65 -121.60
C GLY N 140 75.08 74.31 -121.81
N VAL N 141 76.13 73.59 -121.39
CA VAL N 141 77.51 74.05 -121.53
C VAL N 141 78.32 72.96 -122.23
N LEU N 142 79.42 73.36 -122.87
CA LEU N 142 80.26 72.41 -123.59
C LEU N 142 79.42 71.62 -124.58
N ASP N 143 79.98 70.52 -125.10
CA ASP N 143 79.26 69.69 -126.06
C ASP N 143 78.16 68.91 -125.33
N PHE N 144 77.32 69.65 -124.62
CA PHE N 144 76.21 69.09 -123.86
C PHE N 144 75.34 68.12 -124.68
N GLU N 145 74.46 67.41 -123.97
CA GLU N 145 73.57 66.46 -124.61
C GLU N 145 72.27 67.12 -125.05
N GLN N 146 72.27 67.62 -126.29
CA GLN N 146 71.08 68.26 -126.84
C GLN N 146 69.88 67.37 -126.57
N ALA N 147 70.03 66.09 -126.87
CA ALA N 147 68.97 65.10 -126.67
C ALA N 147 68.33 65.22 -125.30
N GLN N 148 69.12 64.93 -124.26
CA GLN N 148 68.64 64.98 -122.89
C GLN N 148 67.96 66.31 -122.59
N LEU N 149 68.65 67.41 -122.84
CA LEU N 149 68.11 68.74 -122.58
C LEU N 149 66.69 68.86 -123.14
N GLU N 150 66.51 68.35 -124.36
CA GLU N 150 65.20 68.39 -125.01
C GLU N 150 64.16 67.74 -124.13
N ARG N 151 64.47 66.55 -123.63
CA ARG N 151 63.56 65.80 -122.78
C ARG N 151 63.45 66.43 -121.40
N ILE N 152 64.32 67.38 -121.09
CA ILE N 152 64.29 68.05 -119.79
C ILE N 152 63.44 69.31 -119.82
N ALA N 153 63.64 70.14 -120.83
CA ALA N 153 62.88 71.38 -120.95
C ALA N 153 61.55 71.13 -121.65
N ASP N 154 60.91 72.21 -122.11
CA ASP N 154 59.62 72.11 -122.79
C ASP N 154 59.81 71.47 -124.17
N SER N 155 60.58 72.12 -125.02
CA SER N 155 60.86 71.63 -126.37
C SER N 155 62.30 71.93 -126.73
N LYS N 156 62.72 71.50 -127.92
CA LYS N 156 64.09 71.72 -128.37
C LYS N 156 64.39 73.21 -128.52
N GLU N 157 63.38 74.04 -128.34
CA GLU N 157 63.53 75.48 -128.45
C GLU N 157 64.11 76.07 -127.17
N GLN N 158 63.56 75.67 -126.03
CA GLN N 158 64.05 76.16 -124.74
C GLN N 158 65.45 75.67 -124.44
N VAL N 159 66.14 75.21 -125.49
CA VAL N 159 67.50 74.71 -125.37
C VAL N 159 68.45 75.65 -126.11
N PHE N 160 69.04 76.59 -125.38
CA PHE N 160 69.95 77.55 -125.97
C PHE N 160 71.38 77.36 -125.47
N PRO N 161 72.33 77.19 -126.40
CA PRO N 161 73.74 77.01 -126.01
C PRO N 161 74.35 78.34 -125.59
N VAL N 162 74.82 78.42 -124.35
CA VAL N 162 75.42 79.64 -123.82
C VAL N 162 76.41 80.25 -124.82
N LYS N 163 77.15 79.39 -125.51
CA LYS N 163 78.13 79.84 -126.50
C LYS N 163 77.43 80.23 -127.80
N GLY N 164 77.61 81.49 -128.20
CA GLY N 164 77.02 81.99 -129.42
C GLY N 164 76.75 83.47 -129.32
N GLY N 165 76.35 84.07 -130.44
CA GLY N 165 76.08 85.50 -130.45
C GLY N 165 74.84 85.86 -129.65
N PHE N 166 74.94 85.72 -128.32
CA PHE N 166 73.84 86.02 -127.43
C PHE N 166 72.60 85.21 -127.80
N GLN N 167 72.79 84.23 -128.68
CA GLN N 167 71.70 83.36 -129.12
C GLN N 167 70.84 82.98 -127.93
N ALA N 168 71.50 82.74 -126.80
CA ALA N 168 70.81 82.36 -125.57
C ALA N 168 70.11 83.58 -124.98
N LEU N 169 70.90 84.56 -124.56
CA LEU N 169 70.34 85.79 -123.98
C LEU N 169 69.21 86.32 -124.85
N LYS N 170 69.50 86.48 -126.14
CA LYS N 170 68.50 86.97 -127.09
C LYS N 170 67.30 86.03 -127.16
N GLY N 171 67.48 84.88 -127.79
CA GLY N 171 66.41 83.91 -127.93
C GLY N 171 65.59 83.69 -126.67
N ILE N 172 66.24 83.77 -125.50
CA ILE N 172 65.54 83.56 -124.23
C ILE N 172 64.81 84.81 -123.75
N ILE N 173 65.56 85.89 -123.51
CA ILE N 173 64.96 87.13 -123.05
C ILE N 173 63.81 87.56 -123.96
N ASN N 174 63.97 87.29 -125.26
CA ASN N 174 62.95 87.63 -126.24
C ASN N 174 61.82 86.61 -126.26
N SER N 175 62.07 85.45 -125.67
CA SER N 175 61.07 84.40 -125.59
C SER N 175 60.28 84.57 -124.30
N ILE N 176 60.87 85.31 -123.36
CA ILE N 176 60.24 85.59 -122.08
C ILE N 176 59.39 86.84 -122.19
N LEU N 177 59.88 87.82 -122.96
CA LEU N 177 59.16 89.06 -123.17
C LEU N 177 58.03 88.83 -124.16
N ALA N 178 58.05 87.69 -124.82
CA ALA N 178 57.02 87.33 -125.80
C ALA N 178 55.77 86.91 -125.03
N GLN N 179 55.81 87.07 -123.72
CA GLN N 179 54.70 86.72 -122.86
C GLN N 179 54.29 87.93 -122.03
N SER N 180 55.09 88.99 -122.11
CA SER N 180 54.82 90.23 -121.39
C SER N 180 53.90 91.13 -122.22
N CYS N 181 53.33 92.15 -121.58
CA CYS N 181 52.43 93.08 -122.26
C CYS N 181 53.24 94.20 -122.90
N THR O 1 88.18 -11.37 -57.19
CA THR O 1 87.12 -12.32 -56.74
C THR O 1 86.22 -11.67 -55.68
N VAL O 2 86.35 -10.36 -55.54
CA VAL O 2 85.56 -9.62 -54.55
C VAL O 2 84.07 -9.81 -54.80
N PRO O 3 83.30 -10.12 -53.74
CA PRO O 3 81.86 -10.35 -53.82
C PRO O 3 81.09 -9.16 -54.38
N ASP O 4 80.32 -9.41 -55.44
CA ASP O 4 79.50 -8.37 -56.08
C ASP O 4 78.47 -9.02 -57.00
N ARG O 5 77.28 -9.26 -56.46
CA ARG O 5 76.20 -9.88 -57.20
C ARG O 5 75.69 -8.94 -58.30
N ASP O 6 75.32 -7.72 -57.90
CA ASP O 6 74.82 -6.71 -58.83
C ASP O 6 75.69 -6.64 -60.07
N ASN O 7 77.00 -6.87 -59.88
CA ASN O 7 77.95 -6.85 -60.97
C ASN O 7 78.17 -5.43 -61.50
N ASP O 8 77.74 -4.44 -60.73
CA ASP O 8 77.88 -3.05 -61.14
C ASP O 8 79.31 -2.54 -60.97
N GLY O 9 80.04 -3.10 -60.02
CA GLY O 9 81.40 -2.67 -59.80
C GLY O 9 81.66 -2.12 -58.41
N ILE O 10 80.68 -2.28 -57.53
CA ILE O 10 80.81 -1.81 -56.16
C ILE O 10 80.60 -2.97 -55.21
N PRO O 11 81.69 -3.55 -54.70
CA PRO O 11 81.68 -4.69 -53.78
C PRO O 11 80.58 -4.60 -52.74
N ASP O 12 79.67 -5.58 -52.76
CA ASP O 12 78.55 -5.64 -51.84
C ASP O 12 78.73 -4.76 -50.61
N SER O 13 79.52 -5.23 -49.67
CA SER O 13 79.78 -4.50 -48.44
C SER O 13 79.78 -3.00 -48.71
N LEU O 14 80.76 -2.54 -49.46
CA LEU O 14 80.89 -1.12 -49.79
C LEU O 14 79.55 -0.49 -50.08
N GLU O 15 78.79 -1.12 -50.98
CA GLU O 15 77.50 -0.61 -51.37
C GLU O 15 76.44 -0.71 -50.27
N VAL O 16 76.67 -1.56 -49.29
CA VAL O 16 75.70 -1.74 -48.22
C VAL O 16 76.09 -0.96 -46.97
N GLU O 17 77.35 -1.08 -46.57
CA GLU O 17 77.87 -0.42 -45.39
C GLU O 17 78.30 1.02 -45.64
N GLY O 18 78.10 1.49 -46.86
CA GLY O 18 78.46 2.86 -47.20
C GLY O 18 79.78 2.97 -47.94
N TYR O 19 79.83 3.91 -48.88
CA TYR O 19 81.03 4.13 -49.66
C TYR O 19 80.99 5.51 -50.30
N THR O 20 82.01 5.78 -51.11
CA THR O 20 82.12 7.05 -51.81
C THR O 20 83.40 6.97 -52.62
N VAL O 21 83.71 8.04 -53.35
CA VAL O 21 84.90 8.04 -54.17
C VAL O 21 85.61 9.38 -54.20
N ASP O 22 86.94 9.32 -54.27
CA ASP O 22 87.78 10.50 -54.31
C ASP O 22 88.88 10.25 -55.34
N VAL O 23 89.82 11.19 -55.44
CA VAL O 23 90.91 11.06 -56.40
C VAL O 23 92.29 11.32 -55.79
N LYS O 24 93.04 10.25 -55.57
CA LYS O 24 94.38 10.33 -55.00
C LYS O 24 95.24 11.19 -55.92
N ASN O 25 96.17 10.54 -56.64
CA ASN O 25 97.02 11.28 -57.55
C ASN O 25 96.05 12.00 -58.48
N LYS O 26 95.59 11.29 -59.49
CA LYS O 26 94.63 11.83 -60.43
C LYS O 26 93.73 10.69 -60.83
N ARG O 27 93.71 9.65 -60.01
CA ARG O 27 92.89 8.48 -60.27
C ARG O 27 91.69 8.49 -59.33
N THR O 28 90.65 7.75 -59.71
CA THR O 28 89.45 7.69 -58.89
C THR O 28 89.42 6.40 -58.07
N PHE O 29 89.39 6.55 -56.76
CA PHE O 29 89.37 5.38 -55.87
C PHE O 29 88.03 5.21 -55.19
N LEU O 30 87.42 4.04 -55.38
CA LEU O 30 86.14 3.74 -54.73
C LEU O 30 86.50 3.08 -53.40
N SER O 31 86.29 3.82 -52.31
CA SER O 31 86.62 3.33 -50.98
C SER O 31 85.45 3.38 -50.00
N PRO O 32 85.49 2.53 -48.96
CA PRO O 32 84.43 2.49 -47.94
C PRO O 32 84.38 3.78 -47.14
N TRP O 33 83.31 3.96 -46.38
CA TRP O 33 83.14 5.17 -45.59
C TRP O 33 84.12 5.31 -44.44
N ILE O 34 84.51 6.54 -44.16
CA ILE O 34 85.44 6.86 -43.08
C ILE O 34 85.03 8.20 -42.48
N SER O 35 84.11 8.16 -41.53
CA SER O 35 83.62 9.36 -40.86
C SER O 35 84.70 10.40 -40.65
N ASN O 36 85.93 9.93 -40.47
CA ASN O 36 87.06 10.81 -40.26
C ASN O 36 87.44 11.54 -41.55
N ILE O 37 88.61 11.20 -42.08
CA ILE O 37 89.15 11.80 -43.29
C ILE O 37 88.13 12.10 -44.39
N HIS O 38 87.12 11.24 -44.55
CA HIS O 38 86.13 11.46 -45.59
C HIS O 38 85.18 12.63 -45.34
N GLU O 39 84.38 12.53 -44.28
CA GLU O 39 83.40 13.56 -43.95
C GLU O 39 84.02 14.96 -43.90
N LYS O 40 85.35 15.00 -43.88
CA LYS O 40 86.06 16.28 -43.82
C LYS O 40 86.22 16.88 -45.22
N LYS O 41 86.83 16.13 -46.13
CA LYS O 41 87.06 16.60 -47.48
C LYS O 41 85.79 17.05 -48.21
N GLY O 42 84.63 16.81 -47.59
CA GLY O 42 83.37 17.23 -48.19
C GLY O 42 82.62 16.19 -49.00
N LEU O 43 83.16 14.98 -49.09
CA LEU O 43 82.50 13.91 -49.84
C LEU O 43 81.14 13.57 -49.25
N THR O 44 80.54 12.48 -49.72
CA THR O 44 79.24 12.06 -49.22
C THR O 44 79.23 10.56 -48.95
N LYS O 45 78.22 10.11 -48.22
CA LYS O 45 78.09 8.69 -47.90
C LYS O 45 77.11 8.06 -48.88
N TYR O 46 77.64 7.44 -49.93
CA TYR O 46 76.80 6.80 -50.94
C TYR O 46 76.47 5.36 -50.59
N LYS O 47 75.37 5.17 -49.87
CA LYS O 47 74.94 3.84 -49.50
C LYS O 47 73.85 3.40 -50.45
N SER O 48 74.18 2.47 -51.34
CA SER O 48 73.21 1.97 -52.32
C SER O 48 72.79 0.53 -52.07
N SER O 49 72.35 -0.16 -53.12
CA SER O 49 71.94 -1.54 -52.98
C SER O 49 72.75 -2.46 -53.89
N PRO O 50 73.19 -3.59 -53.34
CA PRO O 50 74.00 -4.61 -54.01
C PRO O 50 73.28 -5.54 -54.95
N GLU O 51 71.96 -5.60 -54.91
CA GLU O 51 71.29 -6.52 -55.82
C GLU O 51 70.60 -5.86 -57.01
N LYS O 52 70.87 -4.58 -57.21
CA LYS O 52 70.28 -3.86 -58.34
C LYS O 52 71.36 -3.10 -59.11
N TRP O 53 71.34 -3.26 -60.43
CA TRP O 53 72.32 -2.61 -61.28
C TRP O 53 72.24 -1.10 -61.12
N SER O 54 71.05 -0.63 -60.76
CA SER O 54 70.80 0.78 -60.54
C SER O 54 69.63 0.84 -59.57
N THR O 55 69.94 0.96 -58.29
CA THR O 55 68.93 1.00 -57.26
C THR O 55 67.70 1.83 -57.61
N ALA O 56 67.88 2.86 -58.42
CA ALA O 56 66.77 3.72 -58.81
C ALA O 56 65.98 3.07 -59.95
N SER O 57 66.60 2.10 -60.61
CA SER O 57 66.02 1.38 -61.74
C SER O 57 66.39 2.03 -63.06
N ASP O 58 66.51 3.36 -63.04
CA ASP O 58 66.87 4.09 -64.25
C ASP O 58 68.08 3.46 -64.91
N PRO O 59 68.31 3.75 -66.18
CA PRO O 59 69.43 3.22 -66.95
C PRO O 59 70.80 3.78 -66.58
N TYR O 60 71.21 3.59 -65.34
CA TYR O 60 72.50 4.09 -64.90
C TYR O 60 73.02 3.33 -63.68
N SER O 61 73.98 2.45 -63.89
CA SER O 61 74.53 1.65 -62.80
C SER O 61 74.98 2.53 -61.64
N ASP O 62 74.59 2.12 -60.43
CA ASP O 62 74.95 2.86 -59.23
C ASP O 62 76.38 3.35 -59.44
N PHE O 63 77.25 2.41 -59.82
CA PHE O 63 78.63 2.74 -60.05
C PHE O 63 78.73 3.86 -61.07
N GLU O 64 78.22 3.61 -62.27
CA GLU O 64 78.25 4.60 -63.34
C GLU O 64 78.02 6.01 -62.85
N LYS O 65 77.13 6.17 -61.87
CA LYS O 65 76.84 7.50 -61.34
C LYS O 65 77.96 8.06 -60.48
N VAL O 66 78.12 7.49 -59.29
CA VAL O 66 79.16 7.95 -58.37
C VAL O 66 80.52 8.09 -59.04
N THR O 67 80.91 7.09 -59.83
CA THR O 67 82.19 7.13 -60.50
C THR O 67 82.28 8.30 -61.48
N GLY O 68 81.13 8.72 -61.98
CA GLY O 68 81.09 9.83 -62.92
C GLY O 68 81.14 9.38 -64.37
N ARG O 69 81.37 8.09 -64.57
CA ARG O 69 81.46 7.52 -65.91
C ARG O 69 80.03 7.33 -66.42
N ILE O 70 79.41 8.42 -66.88
CA ILE O 70 78.04 8.39 -67.35
C ILE O 70 77.75 9.60 -68.24
N ASP O 71 76.62 9.58 -68.95
CA ASP O 71 76.25 10.69 -69.80
C ASP O 71 76.30 11.97 -68.98
N LYS O 72 77.24 12.83 -69.33
CA LYS O 72 77.43 14.08 -68.59
C LYS O 72 76.23 14.99 -68.45
N ASN O 73 75.15 14.70 -69.17
CA ASN O 73 73.98 15.56 -69.06
C ASN O 73 73.13 15.26 -67.84
N VAL O 74 73.20 14.03 -67.35
CA VAL O 74 72.42 13.63 -66.18
C VAL O 74 72.54 14.65 -65.08
N SER O 75 71.39 15.13 -64.59
CA SER O 75 71.35 16.12 -63.52
C SER O 75 72.28 15.72 -62.38
N PRO O 76 72.95 16.70 -61.75
CA PRO O 76 73.86 16.40 -60.64
C PRO O 76 73.20 15.58 -59.55
N GLU O 77 72.19 16.17 -58.92
CA GLU O 77 71.47 15.51 -57.83
C GLU O 77 71.00 14.11 -58.18
N ALA O 78 71.12 13.74 -59.45
CA ALA O 78 70.70 12.41 -59.88
C ALA O 78 71.91 11.53 -60.02
N ARG O 79 73.09 12.13 -59.90
CA ARG O 79 74.33 11.39 -60.01
C ARG O 79 74.44 10.46 -58.81
N HIS O 80 73.51 10.61 -57.86
CA HIS O 80 73.48 9.82 -56.64
C HIS O 80 72.69 8.52 -56.82
N PRO O 81 73.19 7.41 -56.28
CA PRO O 81 72.59 6.09 -56.35
C PRO O 81 71.13 5.96 -55.92
N LEU O 82 70.61 6.94 -55.19
CA LEU O 82 69.23 6.85 -54.73
C LEU O 82 68.28 7.90 -55.29
N VAL O 83 68.73 8.65 -56.29
CA VAL O 83 67.91 9.67 -56.89
C VAL O 83 67.57 9.31 -58.33
N ALA O 84 66.27 9.15 -58.60
CA ALA O 84 65.80 8.80 -59.92
C ALA O 84 66.47 9.67 -60.97
N ALA O 85 66.82 9.05 -62.10
CA ALA O 85 67.46 9.78 -63.18
C ALA O 85 66.61 9.67 -64.45
N TYR O 86 65.34 10.00 -64.34
CA TYR O 86 64.44 9.93 -65.48
C TYR O 86 64.10 11.31 -66.00
N PRO O 87 63.67 11.41 -67.27
CA PRO O 87 63.32 12.69 -67.88
C PRO O 87 61.86 13.03 -67.62
N ILE O 88 61.58 14.32 -67.49
CA ILE O 88 60.21 14.77 -67.27
C ILE O 88 60.04 16.05 -68.08
N VAL O 89 59.21 15.96 -69.12
CA VAL O 89 58.99 17.10 -70.00
C VAL O 89 57.54 17.55 -70.04
N HIS O 90 57.35 18.85 -70.10
CA HIS O 90 56.03 19.45 -70.18
C HIS O 90 56.11 20.54 -71.24
N VAL O 91 54.98 21.01 -71.73
CA VAL O 91 55.00 22.03 -72.77
C VAL O 91 54.64 23.44 -72.33
N ASP O 92 55.49 24.40 -72.72
CA ASP O 92 55.26 25.79 -72.38
C ASP O 92 54.81 26.53 -73.61
N MET O 93 53.78 27.35 -73.46
CA MET O 93 53.23 28.14 -74.56
C MET O 93 53.45 29.61 -74.26
N GLU O 94 54.39 30.24 -74.94
CA GLU O 94 54.70 31.64 -74.70
C GLU O 94 53.61 32.62 -75.13
N ASN O 95 53.05 32.43 -76.33
CA ASN O 95 52.02 33.33 -76.81
C ASN O 95 51.17 32.69 -77.91
N ILE O 96 49.89 33.03 -77.93
CA ILE O 96 48.98 32.51 -78.94
C ILE O 96 48.52 33.64 -79.84
N ILE O 97 47.82 33.27 -80.90
CA ILE O 97 47.33 34.25 -81.85
C ILE O 97 46.04 33.75 -82.49
N LEU O 98 44.93 34.34 -82.06
CA LEU O 98 43.62 33.97 -82.57
C LEU O 98 43.25 34.86 -83.76
N SER O 99 42.75 34.24 -84.81
CA SER O 99 42.35 34.97 -86.01
C SER O 99 41.14 34.33 -86.68
N LYS O 100 40.40 35.12 -87.46
CA LYS O 100 39.23 34.63 -88.15
C LYS O 100 39.70 33.78 -89.33
N ASN O 101 39.24 32.53 -89.39
CA ASN O 101 39.63 31.63 -90.46
C ASN O 101 39.40 32.29 -91.83
N GLU O 102 40.43 32.26 -92.66
CA GLU O 102 40.37 32.85 -93.99
C GLU O 102 39.08 32.47 -94.72
N ASP O 110 42.96 41.88 -96.65
CA ASP O 110 42.54 43.12 -96.00
C ASP O 110 42.47 42.92 -94.48
N SER O 111 42.67 41.68 -94.05
CA SER O 111 42.62 41.34 -92.63
C SER O 111 44.01 41.47 -91.99
N GLN O 112 44.16 42.47 -91.12
CA GLN O 112 45.43 42.71 -90.44
C GLN O 112 45.21 43.04 -88.97
N THR O 113 44.13 43.76 -88.67
CA THR O 113 43.80 44.13 -87.30
C THR O 113 42.62 43.31 -86.79
N ARG O 114 42.13 42.39 -87.62
CA ARG O 114 41.02 41.53 -87.25
C ARG O 114 41.57 40.32 -86.50
N THR O 115 42.77 40.47 -85.97
CA THR O 115 43.44 39.39 -85.24
C THR O 115 43.95 39.80 -83.87
N ILE O 116 43.66 38.96 -82.86
CA ILE O 116 44.10 39.23 -81.50
C ILE O 116 45.35 38.39 -81.21
N SER O 117 46.32 39.00 -80.55
CA SER O 117 47.56 38.32 -80.21
C SER O 117 47.98 38.63 -78.79
N LYS O 118 47.63 37.75 -77.85
CA LYS O 118 47.96 37.94 -76.44
C LYS O 118 49.07 36.98 -76.02
N ASN O 119 49.78 37.34 -74.95
CA ASN O 119 50.86 36.50 -74.43
C ASN O 119 50.25 35.47 -73.49
N THR O 120 51.07 34.54 -73.02
CA THR O 120 50.58 33.50 -72.13
C THR O 120 51.57 33.09 -71.05
N SER O 121 51.05 32.55 -69.95
CA SER O 121 51.87 32.11 -68.84
C SER O 121 51.62 30.63 -68.55
N THR O 122 52.59 29.79 -68.89
CA THR O 122 52.46 28.36 -68.67
C THR O 122 53.19 27.94 -67.40
N SER O 123 52.81 26.79 -66.84
CA SER O 123 53.44 26.27 -65.62
C SER O 123 52.97 24.85 -65.32
N ARG O 124 53.93 23.94 -65.12
CA ARG O 124 53.58 22.56 -64.82
C ARG O 124 52.52 22.56 -63.73
N THR O 125 51.70 21.51 -63.70
CA THR O 125 50.64 21.43 -62.72
C THR O 125 50.71 20.11 -61.96
N HIS O 126 49.70 19.85 -61.14
CA HIS O 126 49.66 18.62 -60.36
C HIS O 126 48.29 18.47 -59.70
N THR O 127 47.26 18.77 -60.48
CA THR O 127 45.86 18.69 -60.03
C THR O 127 45.60 17.61 -58.98
N SER O 128 45.02 18.01 -57.86
CA SER O 128 44.70 17.10 -56.78
C SER O 128 43.20 16.79 -56.82
N GLU O 129 42.63 16.40 -55.69
CA GLU O 129 41.20 16.10 -55.62
C GLU O 129 40.39 17.34 -55.31
N VAL O 130 39.07 17.20 -55.35
CA VAL O 130 38.16 18.30 -55.07
C VAL O 130 37.98 18.49 -53.57
N HIS O 131 36.89 19.16 -53.19
CA HIS O 131 36.59 19.42 -51.78
C HIS O 131 35.96 18.20 -51.14
N GLY O 132 34.79 17.81 -51.64
CA GLY O 132 34.10 16.65 -51.10
C GLY O 132 32.62 16.64 -51.41
N ASN O 133 32.28 16.78 -52.68
CA ASN O 133 30.88 16.79 -53.10
C ASN O 133 30.72 16.52 -54.59
N ALA O 134 31.81 16.65 -55.34
CA ALA O 134 31.78 16.41 -56.78
C ALA O 134 31.26 15.02 -57.09
N GLU O 135 30.07 14.95 -57.67
CA GLU O 135 29.45 13.69 -58.01
C GLU O 135 30.35 12.84 -58.89
N VAL O 136 30.98 11.83 -58.30
CA VAL O 136 31.87 10.94 -59.05
C VAL O 136 31.20 9.59 -59.22
N HIS O 137 31.29 9.05 -60.44
CA HIS O 137 30.67 7.75 -60.76
C HIS O 137 31.02 6.69 -59.72
N ALA O 138 30.10 5.75 -59.54
CA ALA O 138 30.26 4.66 -58.58
C ALA O 138 31.61 3.94 -58.69
N SER O 139 32.18 3.95 -59.89
CA SER O 139 33.46 3.29 -60.11
C SER O 139 34.62 4.06 -59.48
N PHE O 140 34.32 4.86 -58.47
CA PHE O 140 35.34 5.65 -57.79
C PHE O 140 35.89 4.96 -56.55
N PHE O 141 35.05 4.19 -55.87
CA PHE O 141 35.47 3.48 -54.67
C PHE O 141 35.82 2.02 -54.94
N ASP O 142 36.42 1.77 -56.10
CA ASP O 142 36.82 0.42 -56.48
C ASP O 142 38.33 0.29 -56.41
N ILE O 143 38.85 -0.87 -56.79
CA ILE O 143 40.29 -1.10 -56.75
C ILE O 143 40.93 -0.59 -58.04
N GLY O 144 41.76 0.44 -57.91
CA GLY O 144 42.43 1.02 -59.05
C GLY O 144 41.48 1.85 -59.89
N GLY O 145 40.22 1.45 -59.92
CA GLY O 145 39.22 2.16 -60.69
C GLY O 145 38.95 3.57 -60.20
N SER O 146 39.30 4.55 -61.01
CA SER O 146 39.09 5.96 -60.69
C SER O 146 39.87 6.45 -59.47
N VAL O 147 40.45 5.52 -58.72
CA VAL O 147 41.22 5.88 -57.53
C VAL O 147 42.57 6.45 -57.96
N SER O 148 42.54 7.66 -58.51
CA SER O 148 43.75 8.33 -58.95
C SER O 148 44.61 8.75 -57.77
N ALA O 149 44.12 8.48 -56.57
CA ALA O 149 44.85 8.82 -55.34
C ALA O 149 45.21 10.30 -55.32
N GLY O 150 44.37 11.13 -55.93
CA GLY O 150 44.61 12.56 -55.97
C GLY O 150 45.46 12.96 -57.17
N PHE O 151 46.68 12.46 -57.21
CA PHE O 151 47.60 12.75 -58.30
C PHE O 151 48.48 11.56 -58.64
N SER O 152 48.75 11.37 -59.93
CA SER O 152 49.57 10.26 -60.39
C SER O 152 50.56 10.67 -61.48
N ASN O 153 51.12 9.67 -62.16
CA ASN O 153 52.10 9.88 -63.21
C ASN O 153 51.52 10.35 -64.53
N SER O 154 51.91 11.55 -64.93
CA SER O 154 51.45 12.16 -66.18
C SER O 154 51.76 13.66 -66.18
N ASN O 155 52.36 14.13 -67.26
CA ASN O 155 52.70 15.54 -67.39
C ASN O 155 51.55 16.33 -67.96
N SER O 156 51.14 17.39 -67.25
CA SER O 156 50.04 18.24 -67.70
C SER O 156 50.29 19.70 -67.34
N SER O 157 50.71 20.48 -68.31
CA SER O 157 50.97 21.90 -68.08
C SER O 157 49.67 22.68 -68.22
N THR O 158 49.72 23.97 -67.90
CA THR O 158 48.54 24.81 -68.00
C THR O 158 48.91 26.24 -68.35
N VAL O 159 48.28 26.76 -69.40
CA VAL O 159 48.53 28.12 -69.84
C VAL O 159 47.35 29.02 -69.53
N ALA O 160 47.62 30.31 -69.51
CA ALA O 160 46.60 31.32 -69.24
C ALA O 160 46.85 32.42 -70.24
N ILE O 161 45.78 32.95 -70.82
CA ILE O 161 45.92 34.01 -71.81
C ILE O 161 45.84 35.40 -71.18
N ASP O 162 46.83 36.23 -71.52
CA ASP O 162 46.89 37.60 -71.02
C ASP O 162 45.51 38.24 -71.15
N HIS O 163 44.89 38.51 -70.01
CA HIS O 163 43.55 39.11 -70.00
C HIS O 163 43.58 40.62 -70.20
N SER O 164 44.78 41.19 -70.22
CA SER O 164 44.93 42.64 -70.38
C SER O 164 44.52 43.09 -71.79
N LEU O 165 44.90 44.32 -72.15
CA LEU O 165 44.56 44.87 -73.46
C LEU O 165 45.68 44.74 -74.48
N SER O 166 45.32 44.93 -75.74
CA SER O 166 46.28 44.85 -76.82
C SER O 166 46.14 46.09 -77.70
N LEU O 167 44.91 46.60 -77.77
CA LEU O 167 44.62 47.79 -78.56
C LEU O 167 44.03 48.88 -77.68
N ALA O 168 43.23 49.77 -78.27
CA ALA O 168 42.63 50.86 -77.52
C ALA O 168 41.44 50.41 -76.69
N GLY O 169 40.25 50.89 -77.05
CA GLY O 169 39.06 50.53 -76.31
C GLY O 169 38.45 49.20 -76.72
N GLU O 170 39.28 48.27 -77.16
CA GLU O 170 38.79 46.96 -77.57
C GLU O 170 37.80 46.41 -76.55
N ARG O 171 36.91 45.53 -77.01
CA ARG O 171 35.91 44.95 -76.12
C ARG O 171 35.31 43.71 -76.77
N THR O 172 35.34 42.59 -76.04
CA THR O 172 34.82 41.32 -76.54
C THR O 172 35.52 40.94 -77.83
N TRP O 173 36.47 40.01 -77.74
CA TRP O 173 37.23 39.56 -78.90
C TRP O 173 36.34 39.52 -80.14
N ALA O 174 35.08 39.15 -79.93
CA ALA O 174 34.12 39.07 -81.02
C ALA O 174 34.22 40.28 -81.94
N GLU O 175 33.62 41.39 -81.51
CA GLU O 175 33.64 42.63 -82.29
C GLU O 175 35.04 42.99 -82.75
N THR O 176 36.04 42.60 -81.96
CA THR O 176 37.43 42.90 -82.29
C THR O 176 37.84 42.22 -83.59
N MET O 177 37.57 40.92 -83.68
CA MET O 177 37.92 40.16 -84.87
C MET O 177 36.80 40.22 -85.90
N GLY O 178 35.58 39.94 -85.46
CA GLY O 178 34.45 39.96 -86.36
C GLY O 178 33.94 38.55 -86.60
N LEU O 179 33.71 37.82 -85.51
CA LEU O 179 33.23 36.45 -85.61
C LEU O 179 31.73 36.37 -85.32
N ASN O 180 30.99 35.77 -86.25
CA ASN O 180 29.55 35.61 -86.11
C ASN O 180 29.21 34.13 -86.12
N THR O 181 28.12 33.78 -85.43
CA THR O 181 27.66 32.40 -85.32
C THR O 181 28.17 31.43 -86.38
N ALA O 182 28.01 31.79 -87.65
CA ALA O 182 28.45 30.93 -88.74
C ALA O 182 29.88 31.19 -89.20
N ASP O 183 30.80 31.28 -88.24
CA ASP O 183 32.20 31.53 -88.54
C ASP O 183 33.14 30.59 -87.81
N THR O 184 34.35 30.45 -88.34
CA THR O 184 35.36 29.59 -87.74
C THR O 184 36.62 30.39 -87.44
N ALA O 185 37.19 30.16 -86.27
CA ALA O 185 38.40 30.85 -85.86
C ALA O 185 39.57 29.87 -85.79
N ARG O 186 40.68 30.27 -86.41
CA ARG O 186 41.88 29.44 -86.43
C ARG O 186 42.85 29.87 -85.34
N LEU O 187 43.30 28.91 -84.54
CA LEU O 187 44.23 29.17 -83.47
C LEU O 187 45.65 28.86 -83.94
N ASN O 188 46.61 29.53 -83.32
CA ASN O 188 48.02 29.33 -83.65
C ASN O 188 48.82 29.84 -82.46
N ALA O 189 49.98 29.26 -82.22
CA ALA O 189 50.80 29.68 -81.09
C ALA O 189 52.25 29.24 -81.21
N ASN O 190 53.08 29.79 -80.33
CA ASN O 190 54.50 29.47 -80.30
C ASN O 190 54.77 28.76 -78.97
N ILE O 191 55.15 27.49 -79.04
CA ILE O 191 55.41 26.73 -77.84
C ILE O 191 56.79 26.12 -77.86
N ARG O 192 57.27 25.77 -76.67
CA ARG O 192 58.59 25.17 -76.51
C ARG O 192 58.56 24.02 -75.51
N TYR O 193 59.15 22.90 -75.90
CA TYR O 193 59.23 21.76 -75.02
C TYR O 193 60.28 22.12 -73.99
N VAL O 194 60.11 21.65 -72.76
CA VAL O 194 61.08 21.94 -71.72
C VAL O 194 61.15 20.82 -70.71
N ASN O 195 62.35 20.29 -70.52
CA ASN O 195 62.58 19.20 -69.60
C ASN O 195 62.76 19.69 -68.19
N THR O 196 62.13 19.02 -67.23
CA THR O 196 62.20 19.42 -65.84
C THR O 196 62.78 18.32 -64.95
N GLY O 197 62.89 17.11 -65.50
CA GLY O 197 63.41 16.00 -64.72
C GLY O 197 64.88 16.01 -64.31
N THR O 198 65.53 14.86 -64.52
CA THR O 198 66.93 14.67 -64.17
C THR O 198 67.71 13.99 -65.28
N ALA O 199 67.02 13.56 -66.32
CA ALA O 199 67.65 12.90 -67.45
C ALA O 199 67.30 13.61 -68.75
N PRO O 200 68.10 13.43 -69.80
CA PRO O 200 67.84 14.09 -71.09
C PRO O 200 67.23 13.16 -72.14
N ILE O 201 66.59 13.75 -73.15
CA ILE O 201 66.01 12.97 -74.25
C ILE O 201 66.80 13.36 -75.48
N TYR O 202 67.25 12.37 -76.25
CA TYR O 202 68.06 12.67 -77.43
C TYR O 202 67.42 12.71 -78.81
N ASN O 203 66.15 12.33 -78.93
CA ASN O 203 65.53 12.36 -80.25
C ASN O 203 64.03 12.63 -80.29
N VAL O 204 63.22 11.58 -80.32
CA VAL O 204 61.77 11.73 -80.38
C VAL O 204 61.17 12.49 -79.20
N LEU O 205 60.54 13.63 -79.46
CA LEU O 205 59.90 14.41 -78.42
C LEU O 205 58.53 13.84 -78.13
N PRO O 206 57.89 14.29 -77.05
CA PRO O 206 56.57 13.80 -76.65
C PRO O 206 55.42 14.24 -77.55
N THR O 207 54.32 13.49 -77.47
CA THR O 207 53.12 13.75 -78.26
C THR O 207 52.12 14.49 -77.38
N THR O 208 52.32 15.79 -77.21
CA THR O 208 51.42 16.58 -76.38
C THR O 208 50.15 16.99 -77.10
N SER O 209 49.03 16.92 -76.39
CA SER O 209 47.72 17.28 -76.94
C SER O 209 47.15 18.51 -76.27
N LEU O 210 46.73 19.48 -77.08
CA LEU O 210 46.17 20.73 -76.58
C LEU O 210 44.68 20.60 -76.35
N VAL O 211 44.25 20.82 -75.12
CA VAL O 211 42.84 20.71 -74.77
C VAL O 211 42.23 22.04 -74.32
N LEU O 212 40.91 22.14 -74.44
CA LEU O 212 40.17 23.34 -74.07
C LEU O 212 38.96 22.94 -73.23
N GLY O 213 39.01 23.24 -71.94
CA GLY O 213 37.90 22.88 -71.07
C GLY O 213 38.14 21.56 -70.38
N LYS O 214 37.13 20.69 -70.39
CA LYS O 214 37.26 19.39 -69.73
C LYS O 214 37.50 18.22 -70.66
N ASN O 215 37.32 18.41 -71.96
CA ASN O 215 37.55 17.33 -72.91
C ASN O 215 37.66 17.79 -74.36
N GLN O 216 37.29 19.04 -74.63
CA GLN O 216 37.36 19.56 -75.99
C GLN O 216 38.81 19.72 -76.47
N THR O 217 39.29 18.73 -77.21
CA THR O 217 40.65 18.76 -77.73
C THR O 217 40.69 19.66 -78.96
N LEU O 218 41.60 20.63 -78.97
CA LEU O 218 41.71 21.53 -80.10
C LEU O 218 42.72 21.05 -81.13
N ALA O 219 43.56 20.11 -80.72
CA ALA O 219 44.59 19.55 -81.61
C ALA O 219 45.53 18.66 -80.82
N THR O 220 46.44 17.99 -81.52
CA THR O 220 47.41 17.10 -80.88
C THR O 220 48.76 17.29 -81.54
N ILE O 221 49.62 18.06 -80.92
CA ILE O 221 50.95 18.33 -81.46
C ILE O 221 51.97 17.25 -81.16
N LYS O 222 52.61 16.77 -82.22
CA LYS O 222 53.62 15.72 -82.13
C LYS O 222 54.62 15.84 -83.27
N ALA O 223 55.44 16.88 -83.25
CA ALA O 223 56.44 17.10 -84.30
C ALA O 223 57.17 15.81 -84.68
N LYS O 224 57.50 15.68 -85.95
CA LYS O 224 58.17 14.50 -86.49
C LYS O 224 59.26 13.89 -85.61
N GLU O 225 59.39 12.57 -85.70
CA GLU O 225 60.39 11.83 -84.94
C GLU O 225 61.72 11.79 -85.67
N ASN O 226 62.82 11.73 -84.92
CA ASN O 226 64.16 11.69 -85.49
C ASN O 226 64.45 12.96 -86.28
N GLN O 227 63.40 13.70 -86.59
CA GLN O 227 63.50 14.95 -87.33
C GLN O 227 64.51 15.86 -86.66
N LEU O 228 64.59 15.77 -85.33
CA LEU O 228 65.51 16.58 -84.56
C LEU O 228 66.60 15.75 -83.91
N SER O 229 67.80 16.32 -83.82
CA SER O 229 68.93 15.65 -83.20
C SER O 229 69.35 16.46 -81.99
N GLN O 230 68.67 17.57 -81.77
CA GLN O 230 68.95 18.44 -80.63
C GLN O 230 68.71 17.64 -79.37
N ILE O 231 69.22 18.14 -78.24
CA ILE O 231 69.06 17.44 -76.99
C ILE O 231 68.17 18.17 -76.01
N LEU O 232 67.26 17.44 -75.38
CA LEU O 232 66.35 18.01 -74.42
C LEU O 232 66.91 17.78 -73.01
N ALA O 233 67.99 18.50 -72.71
CA ALA O 233 68.65 18.39 -71.42
C ALA O 233 67.79 18.88 -70.27
N PRO O 234 68.19 18.55 -69.02
CA PRO O 234 67.43 18.99 -67.84
C PRO O 234 67.39 20.50 -67.76
N ASN O 235 66.47 21.03 -66.96
CA ASN O 235 66.31 22.47 -66.80
C ASN O 235 66.90 23.19 -67.99
N ASN O 236 66.28 22.96 -69.15
CA ASN O 236 66.72 23.58 -70.39
C ASN O 236 65.61 23.46 -71.44
N TYR O 237 65.00 24.58 -71.78
CA TYR O 237 63.93 24.60 -72.77
C TYR O 237 64.39 24.02 -74.09
N TYR O 238 63.57 23.16 -74.69
CA TYR O 238 63.93 22.53 -75.96
C TYR O 238 64.50 23.51 -76.98
N PRO O 239 63.61 24.30 -77.61
CA PRO O 239 64.17 25.23 -78.58
C PRO O 239 64.95 26.28 -77.81
N SER O 240 66.20 25.95 -77.49
CA SER O 240 67.10 26.82 -76.74
C SER O 240 66.57 28.25 -76.65
N LYS O 241 66.35 28.72 -75.43
CA LYS O 241 65.84 30.07 -75.19
C LYS O 241 66.50 31.10 -76.13
N ASN O 242 67.67 30.75 -76.64
CA ASN O 242 68.41 31.63 -77.54
C ASN O 242 68.13 31.30 -79.00
N LEU O 243 66.93 30.79 -79.27
CA LEU O 243 66.55 30.44 -80.63
C LEU O 243 65.11 30.82 -80.94
N ALA O 244 64.56 30.24 -81.99
CA ALA O 244 63.19 30.53 -82.39
C ALA O 244 62.20 29.50 -81.86
N PRO O 245 61.29 29.92 -80.96
CA PRO O 245 60.29 29.03 -80.37
C PRO O 245 59.44 28.33 -81.42
N ILE O 246 59.23 27.03 -81.26
CA ILE O 246 58.43 26.26 -82.20
C ILE O 246 57.03 26.85 -82.26
N ALA O 247 56.42 26.80 -83.45
CA ALA O 247 55.08 27.35 -83.66
C ALA O 247 54.08 26.29 -84.13
N LEU O 248 52.93 26.23 -83.45
CA LEU O 248 51.88 25.26 -83.80
C LEU O 248 51.43 25.49 -85.23
N ASN O 249 50.77 24.48 -85.81
CA ASN O 249 50.28 24.54 -87.19
C ASN O 249 50.61 25.83 -87.91
N ALA O 250 51.87 25.98 -88.31
CA ALA O 250 52.32 27.17 -89.02
C ALA O 250 53.61 26.90 -89.79
N GLN O 251 53.93 25.63 -90.00
CA GLN O 251 55.12 25.28 -90.73
C GLN O 251 55.22 23.79 -91.01
N SER O 255 52.13 21.51 -92.65
CA SER O 255 50.75 21.38 -92.19
C SER O 255 49.76 21.66 -93.33
N SER O 256 48.58 21.05 -93.24
CA SER O 256 47.53 21.21 -94.26
C SER O 256 46.17 21.34 -93.56
N THR O 257 46.16 21.03 -92.27
CA THR O 257 44.95 21.12 -91.47
C THR O 257 45.25 21.86 -90.18
N PRO O 258 44.92 23.16 -90.14
CA PRO O 258 45.14 24.04 -88.98
C PRO O 258 44.35 23.64 -87.73
N ILE O 259 43.93 24.65 -86.97
CA ILE O 259 43.18 24.43 -85.75
C ILE O 259 41.79 25.06 -85.85
N THR O 260 40.79 24.19 -85.99
CA THR O 260 39.41 24.64 -86.12
C THR O 260 38.81 25.01 -84.78
N MET O 261 38.04 26.09 -84.77
CA MET O 261 37.39 26.56 -83.56
C MET O 261 36.12 27.36 -83.93
N ASN O 262 34.97 26.81 -83.58
CA ASN O 262 33.69 27.45 -83.89
C ASN O 262 33.35 28.54 -82.88
N TYR O 263 32.36 29.36 -83.24
CA TYR O 263 31.91 30.47 -82.41
C TYR O 263 31.68 30.08 -80.95
N ASN O 264 30.97 28.99 -80.71
CA ASN O 264 30.70 28.54 -79.35
C ASN O 264 32.00 28.26 -78.60
N GLN O 265 32.96 27.64 -79.29
CA GLN O 265 34.24 27.33 -78.68
C GLN O 265 35.00 28.62 -78.43
N PHE O 266 35.24 29.36 -79.51
CA PHE O 266 35.95 30.63 -79.43
C PHE O 266 35.35 31.46 -78.31
N LEU O 267 34.09 31.22 -78.02
CA LEU O 267 33.40 31.94 -76.96
C LEU O 267 33.97 31.48 -75.62
N GLU O 268 33.96 30.17 -75.38
CA GLU O 268 34.48 29.62 -74.13
C GLU O 268 35.88 30.12 -73.86
N LEU O 269 36.74 30.01 -74.86
CA LEU O 269 38.12 30.45 -74.74
C LEU O 269 38.16 31.80 -74.06
N GLU O 270 37.33 32.73 -74.51
CA GLU O 270 37.28 34.06 -73.94
C GLU O 270 36.78 34.01 -72.49
N LYS O 271 35.80 33.14 -72.24
CA LYS O 271 35.21 33.01 -70.91
C LYS O 271 36.20 32.59 -69.82
N THR O 272 37.31 31.95 -70.21
CA THR O 272 38.30 31.49 -69.23
C THR O 272 39.71 31.97 -69.57
N LYS O 273 39.93 32.26 -70.84
CA LYS O 273 41.23 32.72 -71.30
C LYS O 273 42.34 31.76 -70.89
N GLN O 274 42.03 30.47 -70.90
CA GLN O 274 43.02 29.46 -70.53
C GLN O 274 42.85 28.13 -71.25
N LEU O 275 43.97 27.53 -71.64
CA LEU O 275 43.97 26.24 -72.33
C LEU O 275 44.78 25.27 -71.49
N ARG O 276 44.71 23.98 -71.81
CA ARG O 276 45.45 22.96 -71.07
C ARG O 276 46.37 22.18 -72.01
N LEU O 277 47.52 21.75 -71.49
CA LEU O 277 48.47 20.98 -72.29
C LEU O 277 48.87 19.68 -71.63
N ASP O 278 48.42 18.57 -72.18
CA ASP O 278 48.75 17.25 -71.66
C ASP O 278 49.82 16.64 -72.53
N THR O 279 50.79 15.98 -71.89
CA THR O 279 51.89 15.38 -72.63
C THR O 279 52.11 13.92 -72.23
N ASP O 280 52.32 13.07 -73.22
CA ASP O 280 52.55 11.65 -72.99
C ASP O 280 53.92 11.43 -72.37
N GLN O 281 54.40 10.20 -72.39
CA GLN O 281 55.70 9.91 -71.81
C GLN O 281 56.63 9.19 -72.76
N VAL O 282 56.19 8.99 -74.00
CA VAL O 282 57.04 8.30 -74.96
C VAL O 282 58.21 9.20 -75.31
N TYR O 283 59.37 8.91 -74.74
CA TYR O 283 60.55 9.70 -75.00
C TYR O 283 61.47 8.89 -75.88
N GLY O 284 62.39 9.56 -76.57
CA GLY O 284 63.32 8.87 -77.45
C GLY O 284 64.12 7.84 -76.69
N ASN O 285 64.96 7.09 -77.40
CA ASN O 285 65.77 6.07 -76.77
C ASN O 285 66.70 6.73 -75.76
N ILE O 286 67.47 5.93 -75.02
CA ILE O 286 68.37 6.49 -74.01
C ILE O 286 69.85 6.46 -74.36
N ALA O 287 70.59 7.41 -73.82
CA ALA O 287 72.01 7.52 -74.05
C ALA O 287 72.77 6.88 -72.90
N THR O 288 73.53 5.82 -73.21
CA THR O 288 74.29 5.11 -72.17
C THR O 288 75.81 5.18 -72.37
N TYR O 289 76.53 4.72 -71.34
CA TYR O 289 77.99 4.72 -71.34
C TYR O 289 78.56 3.57 -72.17
N ASN O 290 79.87 3.37 -72.10
CA ASN O 290 80.53 2.30 -72.84
C ASN O 290 82.00 2.21 -72.44
N PHE O 291 82.25 1.58 -71.29
CA PHE O 291 83.60 1.42 -70.74
C PHE O 291 84.72 1.26 -71.76
N GLU O 292 84.52 0.39 -72.76
CA GLU O 292 85.52 0.14 -73.80
C GLU O 292 86.33 1.38 -74.19
N ASN O 293 85.67 2.32 -74.85
CA ASN O 293 86.33 3.54 -75.28
C ASN O 293 85.67 4.77 -74.67
N GLY O 294 85.06 4.57 -73.51
CA GLY O 294 84.40 5.67 -72.82
C GLY O 294 83.63 6.60 -73.73
N ARG O 295 82.60 6.08 -74.38
CA ARG O 295 81.79 6.88 -75.29
C ARG O 295 80.32 6.92 -74.86
N VAL O 296 79.64 8.00 -75.24
CA VAL O 296 78.23 8.17 -74.93
C VAL O 296 77.43 7.76 -76.15
N ARG O 297 76.76 6.62 -76.07
CA ARG O 297 75.97 6.16 -77.20
C ARG O 297 74.48 6.07 -76.89
N VAL O 298 73.67 6.13 -77.95
CA VAL O 298 72.23 6.05 -77.82
C VAL O 298 71.82 4.65 -78.23
N ASP O 299 71.56 3.79 -77.26
CA ASP O 299 71.18 2.41 -77.55
C ASP O 299 69.74 2.29 -78.00
N THR O 300 69.57 1.88 -79.24
CA THR O 300 68.25 1.69 -79.81
C THR O 300 67.53 0.58 -79.05
N GLY O 301 68.28 -0.14 -78.23
CA GLY O 301 67.72 -1.24 -77.47
C GLY O 301 67.10 -0.86 -76.13
N SER O 302 67.34 0.37 -75.68
CA SER O 302 66.78 0.80 -74.40
C SER O 302 66.07 2.15 -74.50
N ASN O 303 64.75 2.10 -74.40
CA ASN O 303 63.93 3.29 -74.45
C ASN O 303 63.20 3.42 -73.12
N TRP O 304 63.11 4.65 -72.61
CA TRP O 304 62.45 4.89 -71.33
C TRP O 304 61.15 4.13 -71.18
N SER O 305 60.34 4.12 -72.23
CA SER O 305 59.06 3.43 -72.21
C SER O 305 59.17 2.03 -71.61
N GLU O 306 60.38 1.48 -71.58
CA GLU O 306 60.62 0.16 -71.01
C GLU O 306 61.08 0.32 -69.58
N VAL O 307 62.16 1.07 -69.40
CA VAL O 307 62.75 1.31 -68.09
C VAL O 307 62.41 2.67 -67.54
N LEU O 308 61.17 2.82 -67.14
CA LEU O 308 60.69 4.08 -66.57
C LEU O 308 59.57 3.74 -65.61
N PRO O 309 58.66 2.83 -65.99
CA PRO O 309 57.56 2.48 -65.09
C PRO O 309 58.15 2.01 -63.77
N GLN O 310 59.21 1.20 -63.86
CA GLN O 310 59.87 0.67 -62.67
C GLN O 310 60.14 1.79 -61.67
N ILE O 311 60.77 2.85 -62.13
CA ILE O 311 61.08 3.99 -61.27
C ILE O 311 59.84 4.39 -60.49
N GLN O 312 58.73 4.55 -61.19
CA GLN O 312 57.48 4.94 -60.55
C GLN O 312 56.87 3.84 -59.68
N GLU O 313 57.34 2.61 -59.87
CA GLU O 313 56.83 1.48 -59.09
C GLU O 313 57.77 1.06 -57.97
N THR O 314 58.89 1.76 -57.82
CA THR O 314 59.84 1.42 -56.78
C THR O 314 60.57 2.62 -56.26
N THR O 315 59.85 3.70 -55.99
CA THR O 315 60.45 4.92 -55.46
C THR O 315 59.45 5.77 -54.71
N ALA O 316 59.94 6.91 -54.22
CA ALA O 316 59.11 7.84 -53.49
C ALA O 316 59.11 9.11 -54.31
N ARG O 317 57.93 9.66 -54.57
CA ARG O 317 57.82 10.88 -55.36
C ARG O 317 57.60 12.08 -54.45
N ILE O 318 58.38 13.12 -54.64
CA ILE O 318 58.25 14.32 -53.82
C ILE O 318 58.17 15.56 -54.70
N ILE O 319 57.09 16.31 -54.57
CA ILE O 319 56.90 17.52 -55.35
C ILE O 319 57.21 18.72 -54.48
N PHE O 320 58.35 19.34 -54.72
CA PHE O 320 58.78 20.51 -53.95
C PHE O 320 58.91 21.72 -54.86
N ASN O 321 58.72 22.91 -54.30
CA ASN O 321 58.83 24.12 -55.10
C ASN O 321 59.63 25.18 -54.38
N GLY O 322 60.94 24.97 -54.30
CA GLY O 322 61.79 25.92 -53.63
C GLY O 322 62.60 26.74 -54.62
N LYS O 323 63.19 26.05 -55.60
CA LYS O 323 64.00 26.71 -56.62
C LYS O 323 63.20 27.87 -57.22
N ASP O 324 61.87 27.72 -57.15
CA ASP O 324 60.94 28.72 -57.65
C ASP O 324 59.58 28.31 -57.11
N LEU O 325 58.52 28.67 -57.81
CA LEU O 325 57.18 28.30 -57.38
C LEU O 325 56.64 27.23 -58.30
N ASN O 326 57.47 26.80 -59.25
CA ASN O 326 57.10 25.78 -60.22
C ASN O 326 57.34 24.38 -59.65
N LEU O 327 56.27 23.61 -59.51
CA LEU O 327 56.35 22.27 -58.97
C LEU O 327 57.46 21.45 -59.61
N VAL O 328 58.45 21.08 -58.79
CA VAL O 328 59.56 20.28 -59.26
C VAL O 328 59.36 18.85 -58.77
N GLU O 329 59.57 17.88 -59.66
CA GLU O 329 59.39 16.50 -59.28
C GLU O 329 60.72 15.77 -59.15
N ARG O 330 60.75 14.76 -58.29
CA ARG O 330 61.93 13.95 -58.05
C ARG O 330 61.52 12.69 -57.33
N ARG O 331 62.17 11.58 -57.66
CA ARG O 331 61.86 10.32 -57.00
C ARG O 331 63.09 9.78 -56.30
N ILE O 332 62.93 9.31 -55.07
CA ILE O 332 64.04 8.77 -54.32
C ILE O 332 63.93 7.26 -54.24
N ALA O 333 65.08 6.60 -54.16
CA ALA O 333 65.13 5.15 -54.08
C ALA O 333 64.54 4.64 -52.79
N ALA O 334 63.22 4.61 -52.72
CA ALA O 334 62.55 4.12 -51.53
C ALA O 334 62.62 2.61 -51.53
N VAL O 335 61.92 1.98 -50.59
CA VAL O 335 61.92 0.53 -50.49
C VAL O 335 60.51 -0.01 -50.35
N ASN O 336 60.32 -1.26 -50.77
CA ASN O 336 59.02 -1.90 -50.67
C ASN O 336 59.21 -3.14 -49.83
N PRO O 337 58.34 -3.37 -48.84
CA PRO O 337 58.42 -4.55 -47.97
C PRO O 337 58.04 -5.86 -48.65
N SER O 338 57.02 -5.81 -49.49
CA SER O 338 56.54 -7.00 -50.19
C SER O 338 57.53 -7.52 -51.24
N ASP O 339 58.51 -6.70 -51.59
CA ASP O 339 59.48 -7.09 -52.61
C ASP O 339 60.86 -7.44 -52.04
N PRO O 340 61.24 -8.72 -52.10
CA PRO O 340 62.54 -9.15 -51.60
C PRO O 340 63.62 -8.22 -52.12
N LEU O 341 63.85 -8.31 -53.43
CA LEU O 341 64.85 -7.47 -54.07
C LEU O 341 64.78 -6.04 -53.57
N GLU O 342 63.62 -5.42 -53.72
CA GLU O 342 63.43 -4.04 -53.30
C GLU O 342 63.64 -3.79 -51.80
N THR O 343 64.23 -4.77 -51.13
CA THR O 343 64.50 -4.65 -49.71
C THR O 343 66.01 -4.51 -49.62
N THR O 344 66.67 -4.90 -50.70
CA THR O 344 68.12 -4.82 -50.80
C THR O 344 68.51 -3.36 -50.84
N LYS O 345 67.51 -2.51 -50.98
CA LYS O 345 67.72 -1.07 -51.06
C LYS O 345 68.00 -0.47 -49.69
N PRO O 346 68.69 0.67 -49.66
CA PRO O 346 69.02 1.35 -48.40
C PRO O 346 67.77 1.99 -47.82
N ASP O 347 67.51 1.74 -46.54
CA ASP O 347 66.34 2.33 -45.88
C ASP O 347 66.33 3.83 -46.11
N MET O 348 65.16 4.39 -46.40
CA MET O 348 65.09 5.83 -46.64
C MET O 348 64.27 6.61 -45.63
N THR O 349 64.76 7.81 -45.33
CA THR O 349 64.11 8.71 -44.38
C THR O 349 63.70 9.99 -45.09
N LEU O 350 62.51 10.50 -44.75
CA LEU O 350 62.02 11.73 -45.35
C LEU O 350 63.08 12.81 -45.32
N LYS O 351 63.77 12.91 -44.18
CA LYS O 351 64.83 13.91 -44.03
C LYS O 351 65.89 13.69 -45.09
N GLU O 352 66.69 12.64 -44.92
CA GLU O 352 67.75 12.30 -45.86
C GLU O 352 67.27 12.56 -47.28
N ALA O 353 66.02 12.21 -47.55
CA ALA O 353 65.45 12.41 -48.88
C ALA O 353 65.56 13.88 -49.29
N LEU O 354 64.87 14.76 -48.57
CA LEU O 354 64.90 16.18 -48.88
C LEU O 354 66.30 16.78 -48.96
N LYS O 355 67.31 16.00 -48.55
CA LYS O 355 68.68 16.48 -48.61
C LYS O 355 69.29 16.26 -49.98
N ILE O 356 69.13 15.05 -50.51
CA ILE O 356 69.66 14.71 -51.82
C ILE O 356 68.67 15.00 -52.94
N ALA O 357 67.39 14.77 -52.68
CA ALA O 357 66.36 15.00 -53.66
C ALA O 357 66.36 16.42 -54.22
N PHE O 358 66.40 17.41 -53.32
CA PHE O 358 66.39 18.80 -53.75
C PHE O 358 67.60 19.59 -53.28
N GLY O 359 68.10 19.27 -52.10
CA GLY O 359 69.28 19.97 -51.60
C GLY O 359 69.18 20.59 -50.22
N PHE O 360 68.16 20.22 -49.44
CA PHE O 360 68.02 20.77 -48.09
C PHE O 360 69.30 20.48 -47.30
N ASN O 361 69.68 21.40 -46.43
CA ASN O 361 70.88 21.22 -45.63
C ASN O 361 70.69 21.58 -44.15
N GLU O 362 71.69 21.24 -43.35
CA GLU O 362 71.66 21.53 -41.92
C GLU O 362 72.76 22.50 -41.55
N PRO O 363 72.52 23.81 -41.73
CA PRO O 363 73.49 24.86 -41.42
C PRO O 363 73.92 24.85 -39.95
N ASN O 364 72.96 25.13 -39.07
CA ASN O 364 73.23 25.15 -37.64
C ASN O 364 72.40 24.11 -36.89
N GLY O 365 72.03 23.04 -37.60
CA GLY O 365 71.25 21.99 -36.98
C GLY O 365 69.78 22.02 -37.36
N ASN O 366 69.42 22.96 -38.23
CA ASN O 366 68.05 23.10 -38.68
C ASN O 366 67.93 22.75 -40.16
N LEU O 367 67.15 21.72 -40.46
CA LEU O 367 66.95 21.27 -41.83
C LEU O 367 66.22 22.33 -42.65
N GLN O 368 66.98 23.23 -43.25
CA GLN O 368 66.38 24.30 -44.05
C GLN O 368 66.74 24.15 -45.52
N TYR O 369 66.19 25.05 -46.34
CA TYR O 369 66.43 25.03 -47.78
C TYR O 369 66.92 26.38 -48.26
N GLN O 370 68.22 26.48 -48.54
CA GLN O 370 68.82 27.72 -49.02
C GLN O 370 68.36 28.93 -48.20
N GLY O 371 67.96 28.68 -46.96
CA GLY O 371 67.49 29.76 -46.11
C GLY O 371 66.18 29.47 -45.41
N LYS O 372 65.18 29.06 -46.18
CA LYS O 372 63.88 28.75 -45.60
C LYS O 372 63.95 27.50 -44.73
N ASP O 373 63.22 27.50 -43.63
CA ASP O 373 63.21 26.37 -42.70
C ASP O 373 62.15 25.34 -43.13
N ILE O 374 62.50 24.07 -43.03
CA ILE O 374 61.59 22.98 -43.40
C ILE O 374 60.19 23.17 -42.84
N THR O 375 60.06 24.04 -41.84
CA THR O 375 58.76 24.29 -41.22
C THR O 375 57.94 25.32 -41.99
N GLU O 376 58.55 25.91 -43.02
CA GLU O 376 57.84 26.91 -43.82
C GLU O 376 57.13 26.29 -45.01
N PHE O 377 57.08 24.97 -45.05
CA PHE O 377 56.41 24.27 -46.14
C PHE O 377 55.38 23.27 -45.63
N ASP O 378 54.25 23.20 -46.32
CA ASP O 378 53.19 22.28 -45.93
C ASP O 378 53.41 20.90 -46.52
N PHE O 379 53.18 19.87 -45.70
CA PHE O 379 53.33 18.48 -46.13
C PHE O 379 51.97 17.89 -46.47
N ASN O 380 51.77 17.51 -47.72
CA ASN O 380 50.52 16.91 -48.16
C ASN O 380 50.75 15.55 -48.79
N PHE O 381 50.08 14.54 -48.25
CA PHE O 381 50.24 13.17 -48.74
C PHE O 381 48.96 12.69 -49.41
N ASP O 382 49.05 11.55 -50.07
CA ASP O 382 47.91 10.96 -50.75
C ASP O 382 47.20 9.99 -49.82
N GLN O 383 46.01 9.54 -50.22
CA GLN O 383 45.22 8.62 -49.44
C GLN O 383 46.07 7.53 -48.81
N GLN O 384 47.00 6.97 -49.61
CA GLN O 384 47.89 5.92 -49.15
C GLN O 384 48.96 6.47 -48.22
N THR O 385 49.95 7.14 -48.80
CA THR O 385 51.05 7.72 -48.05
C THR O 385 50.61 8.32 -46.72
N SER O 386 49.39 8.84 -46.67
CA SER O 386 48.87 9.43 -45.44
C SER O 386 48.98 8.42 -44.29
N GLN O 387 48.30 7.30 -44.44
CA GLN O 387 48.32 6.24 -43.45
C GLN O 387 49.74 5.79 -43.14
N ASN O 388 50.45 5.32 -44.18
CA ASN O 388 51.81 4.82 -44.04
C ASN O 388 52.70 5.70 -43.17
N ILE O 389 52.37 6.99 -43.10
CA ILE O 389 53.14 7.91 -42.28
C ILE O 389 52.44 8.12 -40.94
N LYS O 390 51.11 8.10 -40.95
CA LYS O 390 50.35 8.27 -39.72
C LYS O 390 50.72 7.14 -38.77
N ASN O 391 50.79 5.92 -39.30
CA ASN O 391 51.13 4.74 -38.50
C ASN O 391 52.52 4.87 -37.90
N GLN O 392 53.37 5.68 -38.51
CA GLN O 392 54.72 5.89 -38.01
C GLN O 392 54.69 6.91 -36.89
N LEU O 393 53.97 8.01 -37.11
CA LEU O 393 53.87 9.06 -36.10
C LEU O 393 53.18 8.49 -34.86
N ALA O 394 52.52 7.34 -35.04
CA ALA O 394 51.83 6.68 -33.95
C ALA O 394 52.82 5.90 -33.09
N GLU O 395 53.50 4.95 -33.71
CA GLU O 395 54.48 4.13 -33.01
C GLU O 395 55.75 4.93 -32.68
N LEU O 396 55.63 6.25 -32.75
CA LEU O 396 56.74 7.16 -32.44
C LEU O 396 56.27 8.26 -31.50
N ASN O 397 55.02 8.15 -31.05
CA ASN O 397 54.42 9.13 -30.14
C ASN O 397 54.85 10.56 -30.42
N ALA O 398 54.09 11.23 -31.29
CA ALA O 398 54.37 12.61 -31.66
C ALA O 398 53.23 13.16 -32.51
N THR O 399 53.07 14.47 -32.48
CA THR O 399 52.01 15.12 -33.25
C THR O 399 52.62 16.02 -34.32
N ASN O 400 53.90 16.36 -34.14
CA ASN O 400 54.59 17.22 -35.09
C ASN O 400 55.58 16.39 -35.90
N ILE O 401 55.33 16.28 -37.20
CA ILE O 401 56.20 15.51 -38.08
C ILE O 401 57.56 16.16 -38.27
N TYR O 402 57.59 17.50 -38.25
CA TYR O 402 58.83 18.24 -38.43
C TYR O 402 59.89 17.79 -37.42
N THR O 403 59.44 17.17 -36.33
CA THR O 403 60.32 16.69 -35.28
C THR O 403 60.84 15.31 -35.65
N VAL O 404 59.94 14.33 -35.65
CA VAL O 404 60.29 12.95 -35.99
C VAL O 404 60.56 12.82 -37.48
N LEU O 405 60.81 13.97 -38.12
CA LEU O 405 61.08 14.03 -39.55
C LEU O 405 62.13 12.99 -39.93
N ASP O 406 63.31 13.10 -39.32
CA ASP O 406 64.41 12.18 -39.59
C ASP O 406 64.16 10.77 -39.10
N LYS O 407 62.88 10.38 -39.01
CA LYS O 407 62.52 9.05 -38.57
C LYS O 407 61.31 8.51 -39.32
N ILE O 408 61.05 9.07 -40.50
CA ILE O 408 59.91 8.64 -41.31
C ILE O 408 60.41 7.77 -42.45
N LYS O 409 59.97 6.52 -42.47
CA LYS O 409 60.38 5.57 -43.50
C LYS O 409 59.59 5.77 -44.80
N LEU O 410 60.29 6.09 -45.89
CA LEU O 410 59.63 6.30 -47.17
C LEU O 410 59.56 4.98 -47.93
N ASN O 411 58.34 4.52 -48.22
CA ASN O 411 58.15 3.28 -48.96
C ASN O 411 57.81 3.57 -50.42
N ALA O 412 58.21 2.67 -51.30
CA ALA O 412 57.94 2.84 -52.74
C ALA O 412 56.47 3.17 -52.97
N LYS O 413 56.21 3.91 -54.04
CA LYS O 413 54.84 4.30 -54.39
C LYS O 413 54.33 5.40 -53.47
N MET O 414 55.20 5.90 -52.61
CA MET O 414 54.82 6.96 -51.69
C MET O 414 54.86 8.29 -52.44
N ASN O 415 53.88 9.15 -52.19
CA ASN O 415 53.82 10.45 -52.85
C ASN O 415 53.76 11.57 -51.81
N ILE O 416 54.57 12.60 -52.00
CA ILE O 416 54.62 13.71 -51.06
C ILE O 416 54.69 15.06 -51.76
N LEU O 417 53.92 16.03 -51.27
CA LEU O 417 53.88 17.36 -51.86
C LEU O 417 54.36 18.46 -50.91
N ILE O 418 55.62 18.87 -51.07
CA ILE O 418 56.19 19.91 -50.24
C ILE O 418 56.10 21.25 -50.95
N ARG O 419 55.20 22.10 -50.48
CA ARG O 419 55.02 23.41 -51.08
C ARG O 419 55.19 24.53 -50.07
N ASP O 420 55.73 25.66 -50.50
CA ASP O 420 55.94 26.81 -49.62
C ASP O 420 54.62 27.16 -48.94
N LYS O 421 54.66 27.32 -47.63
CA LYS O 421 53.45 27.63 -46.86
C LYS O 421 53.03 29.09 -46.94
N ARG O 422 53.89 29.94 -47.50
CA ARG O 422 53.59 31.36 -47.63
C ARG O 422 52.38 31.70 -48.48
N PHE O 423 52.47 31.44 -49.79
CA PHE O 423 51.39 31.76 -50.72
C PHE O 423 50.23 30.76 -50.68
N HIS O 424 49.09 31.16 -51.21
CA HIS O 424 47.92 30.31 -51.27
C HIS O 424 48.06 29.43 -52.50
N TYR O 425 47.27 28.37 -52.59
CA TYR O 425 47.35 27.47 -53.73
C TYR O 425 45.98 27.14 -54.30
N ASP O 426 45.96 26.89 -55.60
CA ASP O 426 44.72 26.57 -56.31
C ASP O 426 44.42 25.08 -56.39
N ARG O 427 43.78 24.69 -57.49
CA ARG O 427 43.41 23.30 -57.73
C ARG O 427 44.56 22.55 -58.39
N ASN O 428 45.41 23.27 -59.12
CA ASN O 428 46.53 22.67 -59.82
C ASN O 428 47.85 22.81 -59.04
N ASN O 429 47.77 23.32 -57.82
CA ASN O 429 48.95 23.51 -56.98
C ASN O 429 49.89 24.52 -57.60
N ILE O 430 49.39 25.72 -57.87
CA ILE O 430 50.20 26.75 -58.48
C ILE O 430 50.31 27.98 -57.59
N ALA O 431 51.39 28.73 -57.78
CA ALA O 431 51.63 29.94 -57.01
C ALA O 431 50.50 30.91 -57.33
N VAL O 432 49.48 30.91 -56.50
CA VAL O 432 48.33 31.78 -56.71
C VAL O 432 48.53 33.18 -56.13
N GLY O 433 48.44 33.28 -54.81
CA GLY O 433 48.61 34.56 -54.14
C GLY O 433 48.65 34.40 -52.62
N ALA O 434 49.63 35.03 -51.98
CA ALA O 434 49.78 34.94 -50.54
C ALA O 434 48.85 35.89 -49.79
N ASP O 435 49.21 36.18 -48.54
CA ASP O 435 48.43 37.08 -47.69
C ASP O 435 48.93 38.51 -47.82
N GLU O 436 48.04 39.47 -47.60
CA GLU O 436 48.37 40.89 -47.70
C GLU O 436 49.71 41.19 -47.03
N SER O 437 49.92 40.58 -45.88
CA SER O 437 51.15 40.77 -45.13
C SER O 437 52.36 40.61 -46.03
N VAL O 438 52.68 39.35 -46.34
CA VAL O 438 53.82 39.03 -47.19
C VAL O 438 53.85 39.91 -48.43
N VAL O 439 52.68 40.16 -49.01
CA VAL O 439 52.58 41.00 -50.19
C VAL O 439 53.17 42.38 -49.94
N LYS O 440 52.59 43.12 -49.00
CA LYS O 440 53.06 44.46 -48.68
C LYS O 440 54.57 44.46 -48.47
N GLU O 441 55.03 43.56 -47.61
CA GLU O 441 56.46 43.44 -47.30
C GLU O 441 57.32 43.56 -48.56
N ALA O 442 57.08 42.69 -49.53
CA ALA O 442 57.85 42.68 -50.77
C ALA O 442 57.95 44.02 -51.47
N HIS O 443 57.01 44.92 -51.18
CA HIS O 443 57.02 46.23 -51.81
C HIS O 443 57.58 47.33 -50.91
N ARG O 444 57.79 47.01 -49.64
CA ARG O 444 58.31 47.99 -48.69
C ARG O 444 59.49 48.78 -49.26
N GLU O 445 60.20 48.18 -50.20
CA GLU O 445 61.35 48.83 -50.82
C GLU O 445 60.98 49.74 -51.98
N VAL O 446 61.61 50.92 -52.03
CA VAL O 446 61.38 51.90 -53.08
C VAL O 446 62.71 52.35 -53.63
N ILE O 447 62.77 52.63 -54.93
CA ILE O 447 64.01 53.06 -55.55
C ILE O 447 63.88 54.42 -56.25
N ASN O 448 62.73 54.67 -56.85
CA ASN O 448 62.51 55.93 -57.55
C ASN O 448 61.04 56.23 -57.76
N SER O 449 60.57 57.32 -57.14
CA SER O 449 59.18 57.74 -57.27
C SER O 449 59.12 58.85 -58.32
N SER O 450 58.19 58.73 -59.26
CA SER O 450 58.06 59.73 -60.31
C SER O 450 56.61 59.85 -60.80
N THR O 451 56.33 60.95 -61.48
CA THR O 451 55.00 61.21 -62.02
C THR O 451 54.80 60.33 -63.24
N GLU O 452 55.81 59.53 -63.55
CA GLU O 452 55.78 58.63 -64.69
C GLU O 452 55.51 57.19 -64.25
N GLY O 453 56.34 56.71 -63.32
CA GLY O 453 56.18 55.35 -62.83
C GLY O 453 57.14 55.01 -61.72
N LEU O 454 56.69 54.17 -60.79
CA LEU O 454 57.52 53.77 -59.65
C LEU O 454 58.50 52.67 -60.04
N LEU O 455 59.68 52.71 -59.43
CA LEU O 455 60.72 51.72 -59.68
C LEU O 455 61.03 51.04 -58.37
N LEU O 456 60.68 49.76 -58.26
CA LEU O 456 60.92 49.01 -57.04
C LEU O 456 61.76 47.76 -57.28
N ASN O 457 62.17 47.13 -56.18
CA ASN O 457 62.97 45.92 -56.24
C ASN O 457 62.14 44.79 -55.62
N ILE O 458 60.88 44.71 -56.03
CA ILE O 458 59.97 43.70 -55.53
C ILE O 458 60.53 42.29 -55.61
N ASP O 459 60.20 41.47 -54.61
CA ASP O 459 60.67 40.09 -54.53
C ASP O 459 60.10 39.23 -55.66
N LYS O 460 60.96 38.46 -56.30
CA LYS O 460 60.56 37.59 -57.40
C LYS O 460 59.48 36.61 -56.98
N ASP O 461 59.76 35.84 -55.93
CA ASP O 461 58.83 34.86 -55.40
C ASP O 461 57.44 35.45 -55.21
N ILE O 462 57.37 36.74 -54.88
CA ILE O 462 56.10 37.42 -54.66
C ILE O 462 55.50 37.87 -55.98
N ARG O 463 56.20 38.78 -56.64
CA ARG O 463 55.76 39.33 -57.90
C ARG O 463 55.05 38.31 -58.77
N LYS O 464 55.47 37.05 -58.66
CA LYS O 464 54.87 35.98 -59.45
C LYS O 464 53.43 35.66 -59.09
N ILE O 465 52.94 36.20 -57.97
CA ILE O 465 51.55 35.95 -57.58
C ILE O 465 50.70 37.20 -57.75
N LEU O 466 51.21 38.15 -58.53
CA LEU O 466 50.51 39.40 -58.77
C LEU O 466 50.01 39.54 -60.20
N SER O 467 48.72 39.86 -60.33
CA SER O 467 48.11 40.05 -61.64
C SER O 467 48.46 41.43 -62.16
N GLY O 468 48.25 42.44 -61.33
CA GLY O 468 48.55 43.81 -61.73
C GLY O 468 48.40 44.84 -60.62
N TYR O 469 48.46 46.11 -61.00
CA TYR O 469 48.33 47.19 -60.03
C TYR O 469 47.30 48.22 -60.48
N ILE O 470 46.53 48.74 -59.52
CA ILE O 470 45.50 49.74 -59.79
C ILE O 470 45.98 51.11 -59.36
N VAL O 471 46.21 52.00 -60.32
CA VAL O 471 46.67 53.35 -60.02
C VAL O 471 45.49 54.29 -59.79
N GLU O 472 45.45 54.93 -58.62
CA GLU O 472 44.37 55.86 -58.31
C GLU O 472 44.89 57.08 -57.58
N ILE O 473 43.95 57.92 -57.13
CA ILE O 473 44.29 59.15 -56.41
C ILE O 473 43.21 59.50 -55.38
N GLU O 474 43.62 59.55 -54.12
CA GLU O 474 42.69 59.88 -53.03
C GLU O 474 42.78 61.36 -52.67
N ASP O 475 41.64 62.03 -52.73
CA ASP O 475 41.57 63.45 -52.41
C ASP O 475 41.82 63.66 -50.92
N THR O 476 42.29 64.84 -50.55
CA THR O 476 42.56 65.17 -49.16
C THR O 476 41.34 64.97 -48.27
N GLU O 477 40.18 64.76 -48.90
CA GLU O 477 38.93 64.55 -48.17
C GLU O 477 38.62 63.06 -48.02
N GLY O 478 38.60 62.34 -49.14
CA GLY O 478 38.31 60.92 -49.10
C GLY O 478 37.74 60.40 -50.40
N LEU O 479 38.29 60.87 -51.52
CA LEU O 479 37.83 60.45 -52.84
C LEU O 479 38.61 59.25 -53.34
N LYS O 480 37.96 58.43 -54.16
CA LYS O 480 38.59 57.23 -54.73
C LYS O 480 38.69 57.30 -56.24
N GLU O 481 39.36 58.32 -56.75
CA GLU O 481 39.55 58.49 -58.19
C GLU O 481 40.60 57.50 -58.66
N VAL O 482 40.25 56.65 -59.61
CA VAL O 482 41.18 55.66 -60.13
C VAL O 482 41.56 55.91 -61.58
N ILE O 483 42.83 55.73 -61.91
CA ILE O 483 43.31 55.91 -63.27
C ILE O 483 42.79 54.74 -64.11
N ASN O 484 43.63 53.74 -64.33
CA ASN O 484 43.24 52.56 -65.09
C ASN O 484 42.17 51.84 -64.28
N ASP O 485 40.92 52.20 -64.53
CA ASP O 485 39.79 51.62 -63.80
C ASP O 485 39.17 50.39 -64.45
N ARG O 486 39.69 49.96 -65.59
CA ARG O 486 39.15 48.77 -66.25
C ARG O 486 39.97 47.52 -65.96
N TYR O 487 39.27 46.42 -65.66
CA TYR O 487 39.92 45.17 -65.32
C TYR O 487 41.07 44.84 -66.26
N ASP O 488 40.94 45.25 -67.52
CA ASP O 488 41.96 44.98 -68.51
C ASP O 488 43.05 46.03 -68.56
N MET O 489 43.05 46.94 -67.58
CA MET O 489 44.04 48.00 -67.52
C MET O 489 44.97 47.79 -66.35
N LEU O 490 45.15 46.54 -65.95
CA LEU O 490 46.03 46.20 -64.84
C LEU O 490 47.45 45.96 -65.34
N ASN O 491 47.56 45.70 -66.63
CA ASN O 491 48.84 45.44 -67.28
C ASN O 491 49.73 46.68 -67.27
N ILE O 492 50.52 46.84 -66.21
CA ILE O 492 51.42 47.98 -66.09
C ILE O 492 52.82 47.58 -65.63
N SER O 493 52.88 46.81 -64.55
CA SER O 493 54.16 46.36 -64.00
C SER O 493 55.10 45.79 -65.05
N SER O 494 56.23 46.46 -65.25
CA SER O 494 57.23 46.01 -66.20
C SER O 494 58.35 45.34 -65.41
N LEU O 495 59.51 45.17 -66.02
CA LEU O 495 60.63 44.54 -65.33
C LEU O 495 61.95 44.68 -66.07
N ARG O 496 62.83 45.54 -65.54
CA ARG O 496 64.14 45.75 -66.13
C ARG O 496 64.99 44.51 -65.90
N GLN O 497 65.93 44.26 -66.80
CA GLN O 497 66.79 43.09 -66.69
C GLN O 497 67.75 43.24 -65.51
N ASP O 498 67.60 44.32 -64.75
CA ASP O 498 68.44 44.57 -63.59
C ASP O 498 67.80 43.96 -62.35
N GLY O 499 66.61 43.40 -62.52
CA GLY O 499 65.92 42.79 -61.40
C GLY O 499 64.98 43.70 -60.65
N LYS O 500 64.70 44.87 -61.22
CA LYS O 500 63.81 45.82 -60.57
C LYS O 500 62.51 46.02 -61.35
N THR O 501 61.39 45.84 -60.66
CA THR O 501 60.07 45.98 -61.26
C THR O 501 59.76 47.45 -61.51
N PHE O 502 59.57 47.81 -62.77
CA PHE O 502 59.27 49.19 -63.14
C PHE O 502 57.79 49.40 -63.47
N ILE O 503 57.11 50.16 -62.62
CA ILE O 503 55.69 50.46 -62.82
C ILE O 503 55.58 51.72 -63.67
N ASP O 504 54.46 51.86 -64.36
CA ASP O 504 54.23 53.04 -65.19
C ASP O 504 52.75 53.41 -65.17
N PHE O 505 52.47 54.66 -64.82
CA PHE O 505 51.10 55.16 -64.76
C PHE O 505 50.72 55.63 -66.16
N LYS O 506 51.73 56.08 -66.91
CA LYS O 506 51.54 56.60 -68.26
C LYS O 506 50.92 55.62 -69.25
N LYS O 507 51.21 54.33 -69.09
CA LYS O 507 50.67 53.32 -69.99
C LYS O 507 49.15 53.38 -70.05
N TYR O 508 48.55 54.08 -69.09
CA TYR O 508 47.10 54.23 -69.04
C TYR O 508 46.68 55.64 -68.62
N ASN O 509 47.12 56.64 -69.38
CA ASN O 509 46.80 58.04 -69.11
C ASN O 509 47.30 58.91 -70.27
N ASP O 510 46.81 58.62 -71.47
CA ASP O 510 47.19 59.36 -72.67
C ASP O 510 48.70 59.48 -72.83
N LYS O 511 49.43 58.44 -72.44
CA LYS O 511 50.88 58.42 -72.56
C LYS O 511 51.53 59.62 -71.87
N LEU O 512 50.74 60.34 -71.07
CA LEU O 512 51.25 61.50 -70.34
C LEU O 512 51.38 61.20 -68.86
N PRO O 513 52.42 61.76 -68.21
CA PRO O 513 52.65 61.56 -66.77
C PRO O 513 51.48 61.99 -65.89
N LEU O 514 51.60 61.72 -64.59
CA LEU O 514 50.57 62.07 -63.64
C LEU O 514 50.12 63.52 -63.69
N TYR O 515 48.93 63.77 -63.17
CA TYR O 515 48.33 65.10 -63.13
C TYR O 515 48.07 65.45 -61.67
N ILE O 516 48.92 66.30 -61.10
CA ILE O 516 48.78 66.69 -59.71
C ILE O 516 48.28 68.13 -59.58
N SER O 517 46.97 68.30 -59.54
CA SER O 517 46.37 69.63 -59.41
C SER O 517 46.68 70.18 -58.02
N ASN O 518 46.83 69.27 -57.07
CA ASN O 518 47.13 69.64 -55.69
C ASN O 518 48.13 68.65 -55.11
N PRO O 519 49.41 69.06 -55.01
CA PRO O 519 50.47 68.20 -54.47
C PRO O 519 50.33 67.88 -52.99
N ASN O 520 49.14 67.42 -52.60
CA ASN O 520 48.86 67.06 -51.21
C ASN O 520 47.93 65.86 -51.18
N TYR O 521 47.69 65.27 -52.35
CA TYR O 521 46.82 64.10 -52.45
C TYR O 521 47.56 62.83 -52.03
N LYS O 522 47.07 61.69 -52.49
CA LYS O 522 47.68 60.41 -52.15
C LYS O 522 47.62 59.44 -53.32
N VAL O 523 48.72 59.33 -54.07
CA VAL O 523 48.77 58.42 -55.21
C VAL O 523 48.71 56.99 -54.69
N ASN O 524 47.51 56.44 -54.64
CA ASN O 524 47.31 55.07 -54.16
C ASN O 524 47.41 54.04 -55.26
N VAL O 525 48.50 53.28 -55.24
CA VAL O 525 48.75 52.23 -56.21
C VAL O 525 48.62 50.89 -55.50
N TYR O 526 47.56 50.15 -55.82
CA TYR O 526 47.31 48.85 -55.20
C TYR O 526 47.90 47.70 -56.00
N ALA O 527 47.82 46.50 -55.43
CA ALA O 527 48.31 45.30 -56.08
C ALA O 527 47.19 44.28 -56.06
N VAL O 528 47.09 43.50 -57.14
CA VAL O 528 46.04 42.49 -57.22
C VAL O 528 46.63 41.10 -57.48
N THR O 529 46.51 40.22 -56.49
CA THR O 529 47.02 38.87 -56.62
C THR O 529 46.22 38.14 -57.68
N LYS O 530 46.83 37.12 -58.28
CA LYS O 530 46.15 36.34 -59.31
C LYS O 530 44.81 35.81 -58.78
N GLU O 531 44.84 35.15 -57.64
CA GLU O 531 43.64 34.57 -57.04
C GLU O 531 42.45 35.54 -57.04
N ASN O 532 42.74 36.84 -56.89
CA ASN O 532 41.69 37.85 -56.85
C ASN O 532 41.31 38.45 -58.20
N THR O 533 42.33 38.82 -58.98
CA THR O 533 42.11 39.43 -60.29
C THR O 533 40.96 38.86 -61.11
N ILE O 534 40.31 39.73 -61.87
CA ILE O 534 39.20 39.35 -62.73
C ILE O 534 39.67 39.40 -64.17
N ILE O 535 38.96 38.70 -65.05
CA ILE O 535 39.32 38.65 -66.46
C ILE O 535 38.21 39.03 -67.43
N ASN O 536 36.98 39.10 -66.94
CA ASN O 536 35.84 39.45 -67.78
C ASN O 536 34.82 40.30 -67.04
N PRO O 537 34.06 41.13 -67.77
CA PRO O 537 33.03 42.00 -67.21
C PRO O 537 32.00 41.23 -66.37
N SER O 538 31.26 41.94 -65.55
CA SER O 538 30.23 41.32 -64.71
C SER O 538 28.99 40.98 -65.52
N GLU O 539 28.02 40.33 -64.87
CA GLU O 539 26.78 39.93 -65.52
C GLU O 539 26.28 41.02 -66.46
N ASN O 540 26.62 42.26 -66.14
CA ASN O 540 26.24 43.40 -66.96
C ASN O 540 27.39 43.79 -67.88
N GLY O 541 27.98 44.95 -67.63
CA GLY O 541 29.09 45.41 -68.44
C GLY O 541 30.05 46.20 -67.59
N ASP O 542 30.14 45.83 -66.32
CA ASP O 542 31.02 46.49 -65.36
C ASP O 542 32.48 46.24 -65.68
N THR O 543 33.06 47.08 -66.53
CA THR O 543 34.46 46.95 -66.90
C THR O 543 35.30 47.71 -65.91
N SER O 544 34.72 48.00 -64.74
CA SER O 544 35.43 48.76 -63.71
C SER O 544 36.13 47.88 -62.68
N THR O 545 36.93 48.53 -61.84
CA THR O 545 37.68 47.86 -60.79
C THR O 545 36.91 47.89 -59.49
N ASN O 546 35.60 48.11 -59.59
CA ASN O 546 34.72 48.18 -58.44
C ASN O 546 34.85 46.92 -57.57
N GLY O 547 34.31 45.81 -58.06
CA GLY O 547 34.36 44.57 -57.32
C GLY O 547 35.69 43.84 -57.40
N ILE O 548 36.67 44.30 -56.64
CA ILE O 548 38.00 43.69 -56.62
C ILE O 548 38.54 43.65 -55.20
N LYS O 549 39.53 42.81 -54.97
CA LYS O 549 40.15 42.71 -53.66
C LYS O 549 41.63 43.06 -53.81
N LYS O 550 41.92 44.35 -53.98
CA LYS O 550 43.29 44.79 -54.14
C LYS O 550 43.97 44.97 -52.79
N ILE O 551 45.26 45.27 -52.83
CA ILE O 551 46.04 45.46 -51.60
C ILE O 551 46.90 46.71 -51.70
N LEU O 552 46.87 47.52 -50.65
CA LEU O 552 47.63 48.76 -50.59
C LEU O 552 49.13 48.49 -50.65
N ILE O 553 49.78 48.99 -51.69
CA ILE O 553 51.23 48.80 -51.85
C ILE O 553 51.97 50.13 -51.81
N PHE O 554 51.29 51.20 -52.19
CA PHE O 554 51.90 52.52 -52.20
C PHE O 554 50.92 53.57 -51.70
N SER O 555 51.44 54.72 -51.28
CA SER O 555 50.59 55.81 -50.79
C SER O 555 51.41 57.01 -50.34
N LYS O 556 52.06 57.68 -51.29
CA LYS O 556 52.87 58.84 -50.99
C LYS O 556 52.11 60.12 -51.35
N LYS O 557 52.55 61.24 -50.78
CA LYS O 557 51.92 62.53 -51.03
C LYS O 557 52.42 63.16 -52.33
N GLY O 558 51.70 64.17 -52.80
CA GLY O 558 52.09 64.85 -54.03
C GLY O 558 53.46 65.49 -53.96
N TYR O 559 53.81 65.99 -52.79
CA TYR O 559 55.11 66.63 -52.61
C TYR O 559 56.19 65.62 -52.24
N GLU O 560 55.77 64.38 -51.98
CA GLU O 560 56.70 63.33 -51.62
C GLU O 560 57.04 62.47 -52.83
N ILE O 561 57.03 63.09 -54.01
CA ILE O 561 57.35 62.39 -55.25
C ILE O 561 58.14 63.31 -56.19
N GLY O 562 57.45 64.29 -56.76
CA GLY O 562 58.10 65.22 -57.66
C GLY O 562 57.13 65.94 -58.58
N SER P 1 9.67 71.31 -87.86
CA SER P 1 9.58 72.77 -87.81
C SER P 1 10.40 73.32 -86.63
N CYS P 2 9.73 74.06 -85.76
CA CYS P 2 10.39 74.63 -84.59
C CYS P 2 9.99 73.89 -83.32
N ARG P 3 10.83 74.02 -82.29
CA ARG P 3 10.58 73.36 -81.01
C ARG P 3 10.91 74.29 -79.84
N ARG P 4 10.62 73.84 -78.62
CA ARG P 4 10.90 74.64 -77.44
C ARG P 4 11.66 73.84 -76.38
N ALA P 5 11.38 72.54 -76.31
CA ALA P 5 12.03 71.67 -75.33
C ALA P 5 13.29 71.00 -75.86
N PHE P 6 14.44 71.44 -75.34
CA PHE P 6 15.72 70.88 -75.75
C PHE P 6 16.40 70.19 -74.56
N ASP P 7 17.12 69.11 -74.85
CA ASP P 7 17.82 68.36 -73.82
C ASP P 7 19.31 68.40 -74.16
N LEU P 8 20.08 69.13 -73.39
CA LEU P 8 21.51 69.24 -73.64
C LEU P 8 22.32 68.23 -72.85
N TYR P 9 23.16 67.48 -73.56
CA TYR P 9 24.02 66.48 -72.94
C TYR P 9 25.45 66.98 -72.94
N PHE P 10 26.07 67.02 -71.77
CA PHE P 10 27.44 67.50 -71.65
C PHE P 10 28.47 66.42 -71.39
N VAL P 11 28.91 65.77 -72.47
CA VAL P 11 29.91 64.73 -72.39
C VAL P 11 31.26 65.45 -72.28
N LEU P 12 31.94 65.26 -71.14
CA LEU P 12 33.21 65.91 -70.90
C LEU P 12 34.42 64.98 -70.82
N ASP P 13 35.45 65.31 -71.58
CA ASP P 13 36.69 64.54 -71.62
C ASP P 13 37.54 64.91 -70.41
N LYS P 14 37.56 64.04 -69.40
CA LYS P 14 38.36 64.33 -68.23
C LYS P 14 39.65 63.50 -68.24
N SER P 15 40.25 63.36 -69.43
CA SER P 15 41.48 62.59 -69.57
C SER P 15 42.70 63.46 -69.27
N GLY P 16 43.81 62.81 -68.94
CA GLY P 16 45.02 63.53 -68.61
C GLY P 16 45.48 64.48 -69.71
N SER P 17 45.24 64.12 -70.95
CA SER P 17 45.63 64.95 -72.10
C SER P 17 45.04 66.35 -72.00
N VAL P 18 43.84 66.44 -71.44
CA VAL P 18 43.16 67.73 -71.28
C VAL P 18 43.06 68.12 -69.81
N ALA P 19 44.07 67.77 -69.05
CA ALA P 19 44.10 68.08 -67.62
C ALA P 19 44.48 69.53 -67.37
N ASN P 20 45.03 70.18 -68.40
CA ASN P 20 45.45 71.57 -68.29
C ASN P 20 44.30 72.55 -68.52
N ASN P 21 43.60 72.36 -69.63
CA ASN P 21 42.48 73.23 -69.99
C ASN P 21 41.12 72.70 -69.56
N TRP P 22 41.03 72.21 -68.33
CA TRP P 22 39.75 71.70 -67.84
C TRP P 22 38.79 72.84 -67.54
N ILE P 23 39.32 73.91 -66.96
CA ILE P 23 38.51 75.06 -66.62
C ILE P 23 37.73 75.59 -67.83
N GLU P 24 38.41 75.71 -68.97
CA GLU P 24 37.76 76.19 -70.19
C GLU P 24 36.53 75.34 -70.49
N ILE P 25 36.70 74.03 -70.33
CA ILE P 25 35.62 73.08 -70.56
C ILE P 25 34.51 73.34 -69.56
N TYR P 26 34.87 73.58 -68.31
CA TYR P 26 33.89 73.84 -67.27
C TYR P 26 33.19 75.17 -67.55
N ASN P 27 33.96 76.15 -67.99
CA ASN P 27 33.41 77.47 -68.30
C ASN P 27 32.39 77.34 -69.41
N PHE P 28 32.75 76.60 -70.46
CA PHE P 28 31.86 76.39 -71.59
C PHE P 28 30.58 75.69 -71.14
N VAL P 29 30.71 74.82 -70.14
CA VAL P 29 29.57 74.07 -69.61
C VAL P 29 28.85 74.91 -68.57
N GLN P 30 29.48 76.00 -68.14
CA GLN P 30 28.89 76.89 -67.15
C GLN P 30 28.25 78.07 -67.88
N GLN P 31 28.92 78.57 -68.91
CA GLN P 31 28.44 79.70 -69.69
C GLN P 31 27.28 79.25 -70.59
N LEU P 32 27.13 77.94 -70.74
CA LEU P 32 26.06 77.38 -71.55
C LEU P 32 24.84 77.08 -70.68
N ALA P 33 25.09 76.58 -69.48
CA ALA P 33 24.01 76.27 -68.55
C ALA P 33 23.47 77.58 -67.99
N GLU P 34 24.27 78.64 -68.15
CA GLU P 34 23.92 79.97 -67.70
C GLU P 34 22.98 80.62 -68.71
N ARG P 35 23.12 80.21 -69.97
CA ARG P 35 22.30 80.73 -71.05
C ARG P 35 20.90 80.11 -71.05
N PHE P 36 20.81 78.88 -71.57
CA PHE P 36 19.53 78.17 -71.64
C PHE P 36 19.00 77.92 -70.23
N VAL P 37 18.07 78.76 -69.80
CA VAL P 37 17.47 78.63 -68.46
C VAL P 37 15.97 78.39 -68.56
N SER P 38 15.55 77.69 -69.60
CA SER P 38 14.14 77.38 -69.79
C SER P 38 13.83 76.05 -69.10
N PRO P 39 12.71 75.99 -68.35
CA PRO P 39 12.30 74.78 -67.65
C PRO P 39 12.21 73.54 -68.55
N GLU P 40 12.26 73.78 -69.86
CA GLU P 40 12.18 72.70 -70.84
C GLU P 40 13.59 72.33 -71.30
N MET P 41 14.58 73.08 -70.82
CA MET P 41 15.97 72.85 -71.17
C MET P 41 16.65 71.92 -70.15
N ARG P 42 16.21 70.66 -70.13
CA ARG P 42 16.79 69.69 -69.21
C ARG P 42 18.24 69.42 -69.58
N LEU P 43 19.14 69.67 -68.63
CA LEU P 43 20.56 69.44 -68.85
C LEU P 43 21.03 68.15 -68.23
N SER P 44 22.16 67.65 -68.71
CA SER P 44 22.75 66.41 -68.21
C SER P 44 24.27 66.48 -68.37
N PHE P 45 24.99 66.14 -67.31
CA PHE P 45 26.44 66.18 -67.36
C PHE P 45 27.06 64.79 -67.37
N ILE P 46 28.13 64.64 -68.14
CA ILE P 46 28.83 63.37 -68.27
C ILE P 46 30.33 63.62 -68.45
N VAL P 47 31.15 62.81 -67.82
CA VAL P 47 32.60 62.94 -67.92
C VAL P 47 33.24 61.59 -68.19
N PHE P 48 34.00 61.49 -69.27
CA PHE P 48 34.66 60.23 -69.61
C PHE P 48 36.17 60.33 -69.54
N SER P 49 36.82 59.18 -69.62
CA SER P 49 38.27 59.07 -69.58
C SER P 49 38.59 57.59 -69.71
N SER P 50 38.85 56.95 -68.57
CA SER P 50 39.13 55.52 -68.55
C SER P 50 37.75 54.88 -68.54
N GLN P 51 36.75 55.71 -68.26
CA GLN P 51 35.37 55.27 -68.20
C GLN P 51 34.53 56.48 -67.85
N ALA P 52 33.41 56.66 -68.55
CA ALA P 52 32.54 57.80 -68.31
C ALA P 52 31.56 57.60 -67.16
N THR P 53 31.07 58.72 -66.63
CA THR P 53 30.12 58.70 -65.52
C THR P 53 29.05 59.77 -65.69
N ILE P 54 27.85 59.46 -65.17
CA ILE P 54 26.72 60.37 -65.25
C ILE P 54 26.75 61.34 -64.07
N ILE P 55 27.41 62.48 -64.26
CA ILE P 55 27.51 63.49 -63.21
C ILE P 55 26.13 64.06 -62.92
N LEU P 56 25.47 64.56 -63.97
CA LEU P 56 24.14 65.14 -63.84
C LEU P 56 23.15 64.48 -64.79
N PRO P 57 22.11 63.83 -64.24
CA PRO P 57 21.10 63.18 -65.07
C PRO P 57 20.42 64.18 -65.98
N LEU P 58 19.42 63.74 -66.73
CA LEU P 58 18.70 64.62 -67.63
C LEU P 58 17.50 65.23 -66.91
N THR P 59 17.62 66.50 -66.53
CA THR P 59 16.54 67.20 -65.83
C THR P 59 16.72 68.72 -65.91
N GLY P 60 15.64 69.44 -65.61
CA GLY P 60 15.69 70.89 -65.65
C GLY P 60 15.47 71.52 -64.28
N ASP P 61 16.27 71.10 -63.31
CA ASP P 61 16.17 71.61 -61.95
C ASP P 61 17.54 72.17 -61.51
N ARG P 62 17.69 73.49 -61.59
CA ARG P 62 18.93 74.15 -61.22
C ARG P 62 19.43 73.73 -59.83
N GLY P 63 18.52 73.19 -59.01
CA GLY P 63 18.91 72.75 -57.68
C GLY P 63 19.98 71.69 -57.79
N LYS P 64 19.82 70.81 -58.78
CA LYS P 64 20.78 69.74 -59.01
C LYS P 64 21.74 70.15 -60.13
N ILE P 65 21.30 71.06 -60.99
CA ILE P 65 22.12 71.54 -62.08
C ILE P 65 23.34 72.27 -61.52
N SER P 66 23.09 73.19 -60.60
CA SER P 66 24.17 73.94 -59.97
C SER P 66 25.05 72.92 -59.25
N LYS P 67 24.38 71.92 -58.65
CA LYS P 67 25.08 70.85 -57.94
C LYS P 67 26.08 70.21 -58.89
N GLY P 68 25.65 69.95 -60.11
CA GLY P 68 26.54 69.35 -61.10
C GLY P 68 27.69 70.28 -61.42
N LEU P 69 27.37 71.53 -61.68
CA LEU P 69 28.39 72.53 -62.01
C LEU P 69 29.42 72.63 -60.89
N GLU P 70 28.98 72.36 -59.66
CA GLU P 70 29.87 72.40 -58.52
C GLU P 70 30.81 71.20 -58.54
N ASP P 71 30.30 70.07 -59.03
CA ASP P 71 31.09 68.86 -59.11
C ASP P 71 32.06 68.91 -60.28
N LEU P 72 31.58 69.37 -61.43
CA LEU P 72 32.43 69.47 -62.62
C LEU P 72 33.58 70.44 -62.36
N LYS P 73 33.35 71.37 -61.43
CA LYS P 73 34.35 72.35 -61.06
C LYS P 73 35.49 71.65 -60.32
N ARG P 74 35.12 70.74 -59.42
CA ARG P 74 36.09 69.98 -58.64
C ARG P 74 36.41 68.63 -59.31
N VAL P 75 36.97 68.70 -60.52
CA VAL P 75 37.32 67.49 -61.25
C VAL P 75 38.81 67.48 -61.61
N SER P 76 39.41 66.31 -61.52
CA SER P 76 40.83 66.15 -61.83
C SER P 76 40.99 65.35 -63.12
N PRO P 77 41.13 66.05 -64.26
CA PRO P 77 41.29 65.41 -65.57
C PRO P 77 42.44 64.43 -65.63
N VAL P 78 42.12 63.14 -65.64
CA VAL P 78 43.14 62.09 -65.71
C VAL P 78 42.53 60.77 -66.15
N GLY P 79 43.31 60.00 -66.91
CA GLY P 79 42.85 58.72 -67.39
C GLY P 79 42.88 58.65 -68.91
N GLU P 80 42.62 57.48 -69.46
CA GLU P 80 42.62 57.30 -70.91
C GLU P 80 41.58 58.18 -71.58
N THR P 81 41.44 58.01 -72.89
CA THR P 81 40.48 58.81 -73.66
C THR P 81 39.45 57.90 -74.32
N TYR P 82 38.50 57.42 -73.53
CA TYR P 82 37.44 56.56 -74.06
C TYR P 82 36.15 57.37 -74.27
N ILE P 83 36.22 58.29 -75.23
CA ILE P 83 35.09 59.15 -75.56
C ILE P 83 33.83 58.38 -75.92
N HIS P 84 33.97 57.39 -76.78
CA HIS P 84 32.82 56.58 -77.20
C HIS P 84 31.96 56.20 -76.01
N GLU P 85 32.59 55.71 -74.95
CA GLU P 85 31.86 55.31 -73.75
C GLU P 85 30.98 56.47 -73.28
N GLY P 86 31.52 57.68 -73.33
CA GLY P 86 30.77 58.84 -72.90
C GLY P 86 29.56 59.08 -73.79
N LEU P 87 29.81 59.20 -75.09
CA LEU P 87 28.74 59.43 -76.04
C LEU P 87 27.65 58.39 -75.85
N LYS P 88 28.05 57.21 -75.35
CA LYS P 88 27.10 56.13 -75.12
C LYS P 88 26.16 56.48 -73.97
N LEU P 89 26.75 56.85 -72.83
CA LEU P 89 25.95 57.20 -71.67
C LEU P 89 24.99 58.34 -72.03
N ALA P 90 25.23 58.95 -73.18
CA ALA P 90 24.39 60.04 -73.65
C ALA P 90 23.16 59.44 -74.35
N ASN P 91 23.40 58.55 -75.30
CA ASN P 91 22.32 57.91 -76.04
C ASN P 91 21.47 57.05 -75.12
N GLU P 92 22.09 56.47 -74.10
CA GLU P 92 21.36 55.64 -73.15
C GLU P 92 20.26 56.45 -72.49
N GLN P 93 20.55 57.73 -72.24
CA GLN P 93 19.59 58.64 -71.62
C GLN P 93 18.50 59.01 -72.61
N ILE P 94 18.91 59.26 -73.85
CA ILE P 94 18.00 59.63 -74.91
C ILE P 94 16.98 58.52 -75.18
N GLN P 95 17.48 57.36 -75.60
CA GLN P 95 16.63 56.21 -75.90
C GLN P 95 15.69 55.85 -74.75
N LYS P 96 16.02 56.31 -73.54
CA LYS P 96 15.19 56.03 -72.39
C LYS P 96 14.15 57.13 -72.22
N ALA P 97 14.32 58.20 -72.99
CA ALA P 97 13.41 59.33 -72.95
C ALA P 97 12.34 59.22 -74.03
N GLY P 98 12.67 58.55 -75.12
CA GLY P 98 11.72 58.38 -76.21
C GLY P 98 12.39 58.15 -77.56
N GLY P 99 13.72 58.22 -77.58
CA GLY P 99 14.44 58.03 -78.82
C GLY P 99 14.26 59.19 -79.77
N LEU P 100 13.56 58.95 -80.88
CA LEU P 100 13.31 59.99 -81.86
C LEU P 100 12.35 61.00 -81.24
N LYS P 101 11.52 60.52 -80.32
CA LYS P 101 10.53 61.34 -79.64
C LYS P 101 11.19 62.39 -78.73
N THR P 102 12.49 62.60 -78.92
CA THR P 102 13.21 63.56 -78.11
C THR P 102 14.21 64.37 -78.93
N SER P 103 14.18 65.69 -78.74
CA SER P 103 15.09 66.58 -79.45
C SER P 103 16.27 66.83 -78.52
N SER P 104 17.34 66.07 -78.72
CA SER P 104 18.53 66.19 -77.89
C SER P 104 19.71 66.85 -78.59
N ILE P 105 20.61 67.42 -77.80
CA ILE P 105 21.80 68.09 -78.33
C ILE P 105 23.02 67.64 -77.55
N ILE P 106 23.67 66.59 -78.04
CA ILE P 106 24.87 66.06 -77.40
C ILE P 106 26.06 66.97 -77.64
N ILE P 107 26.66 67.45 -76.55
CA ILE P 107 27.82 68.33 -76.64
C ILE P 107 29.02 67.67 -75.97
N ALA P 108 29.92 67.13 -76.78
CA ALA P 108 31.10 66.46 -76.27
C ALA P 108 32.34 67.35 -76.25
N LEU P 109 32.93 67.49 -75.07
CA LEU P 109 34.12 68.29 -74.88
C LEU P 109 35.33 67.35 -74.83
N THR P 110 36.25 67.51 -75.78
CA THR P 110 37.42 66.65 -75.83
C THR P 110 38.51 67.22 -76.73
N ASP P 111 39.68 66.60 -76.67
CA ASP P 111 40.81 67.03 -77.48
C ASP P 111 40.76 66.38 -78.86
N GLY P 112 39.84 65.45 -79.04
CA GLY P 112 39.72 64.76 -80.31
C GLY P 112 40.90 63.87 -80.63
N LYS P 113 41.84 63.78 -79.70
CA LYS P 113 43.03 62.95 -79.88
C LYS P 113 42.75 61.52 -79.42
N LEU P 114 41.96 60.80 -80.20
CA LEU P 114 41.62 59.43 -79.86
C LEU P 114 42.70 58.48 -80.38
N ASP P 115 42.72 57.25 -79.86
CA ASP P 115 43.71 56.26 -80.26
C ASP P 115 43.13 54.85 -80.38
N GLY P 116 43.78 54.03 -81.21
CA GLY P 116 43.35 52.66 -81.40
C GLY P 116 41.95 52.48 -81.92
N LEU P 117 41.13 51.73 -81.19
CA LEU P 117 39.75 51.48 -81.58
C LEU P 117 38.82 52.62 -81.20
N VAL P 118 39.24 53.42 -80.24
CA VAL P 118 38.43 54.55 -79.79
C VAL P 118 37.86 55.31 -80.99
N PRO P 119 38.70 55.63 -81.99
CA PRO P 119 38.22 56.35 -83.18
C PRO P 119 37.07 55.62 -83.85
N SER P 120 37.31 54.36 -84.21
CA SER P 120 36.30 53.54 -84.86
C SER P 120 35.00 53.54 -84.06
N TYR P 121 35.09 53.16 -82.79
CA TYR P 121 33.93 53.11 -81.93
C TYR P 121 33.29 54.47 -81.68
N ALA P 122 34.13 55.50 -81.51
CA ALA P 122 33.63 56.84 -81.29
C ALA P 122 32.78 57.26 -82.48
N GLU P 123 33.38 57.19 -83.67
CA GLU P 123 32.68 57.55 -84.90
C GLU P 123 31.38 56.78 -85.00
N LYS P 124 31.43 55.48 -84.70
CA LYS P 124 30.26 54.63 -84.77
C LYS P 124 29.25 54.98 -83.68
N GLU P 125 29.73 55.04 -82.44
CA GLU P 125 28.86 55.37 -81.31
C GLU P 125 28.23 56.74 -81.52
N ALA P 126 28.90 57.58 -82.28
CA ALA P 126 28.41 58.92 -82.57
C ALA P 126 27.23 58.85 -83.54
N LYS P 127 27.36 58.01 -84.56
CA LYS P 127 26.29 57.85 -85.54
C LYS P 127 25.10 57.22 -84.83
N ILE P 128 25.39 56.49 -83.76
CA ILE P 128 24.35 55.84 -82.97
C ILE P 128 23.54 56.93 -82.30
N SER P 129 24.13 58.13 -82.22
CA SER P 129 23.46 59.27 -81.61
C SER P 129 22.51 59.89 -82.64
N ARG P 130 23.07 60.24 -83.79
CA ARG P 130 22.27 60.84 -84.87
C ARG P 130 21.20 59.88 -85.35
N SER P 131 21.25 58.65 -84.85
CA SER P 131 20.27 57.63 -85.23
C SER P 131 19.15 57.60 -84.20
N LEU P 132 19.15 58.60 -83.32
CA LEU P 132 18.14 58.71 -82.28
C LEU P 132 17.54 60.11 -82.26
N GLY P 133 17.52 60.75 -83.42
CA GLY P 133 16.98 62.09 -83.51
C GLY P 133 17.72 63.05 -82.60
N ALA P 134 19.04 63.07 -82.72
CA ALA P 134 19.88 63.94 -81.91
C ALA P 134 21.00 64.56 -82.73
N SER P 135 21.57 65.65 -82.21
CA SER P 135 22.66 66.34 -82.88
C SER P 135 23.91 66.28 -82.00
N VAL P 136 25.05 66.00 -82.62
CA VAL P 136 26.32 65.90 -81.90
C VAL P 136 27.19 67.14 -82.09
N TYR P 137 27.73 67.64 -80.98
CA TYR P 137 28.59 68.81 -81.01
C TYR P 137 29.95 68.53 -80.37
N CYS P 138 31.00 68.65 -81.17
CA CYS P 138 32.36 68.40 -80.71
C CYS P 138 33.09 69.70 -80.39
N VAL P 139 32.97 70.17 -79.15
CA VAL P 139 33.63 71.40 -78.73
C VAL P 139 35.03 71.04 -78.23
N GLY P 140 35.94 70.85 -79.18
CA GLY P 140 37.30 70.47 -78.84
C GLY P 140 38.10 71.48 -78.05
N VAL P 141 39.21 71.01 -77.48
CA VAL P 141 40.11 71.84 -76.68
C VAL P 141 41.53 71.69 -77.25
N LEU P 142 42.37 72.69 -77.00
CA LEU P 142 43.74 72.67 -77.50
C LEU P 142 43.75 72.43 -79.01
N ASP P 143 44.92 72.09 -79.56
CA ASP P 143 45.03 71.84 -80.99
C ASP P 143 44.37 70.50 -81.32
N PHE P 144 43.11 70.37 -80.92
CA PHE P 144 42.32 69.18 -81.14
C PHE P 144 42.35 68.69 -82.59
N GLU P 145 41.83 67.49 -82.81
CA GLU P 145 41.78 66.89 -84.14
C GLU P 145 40.51 67.27 -84.87
N GLN P 146 40.56 68.38 -85.61
CA GLN P 146 39.41 68.84 -86.37
C GLN P 146 38.84 67.67 -87.15
N ALA P 147 39.73 66.94 -87.81
CA ALA P 147 39.34 65.79 -88.61
C ALA P 147 38.41 64.84 -87.85
N GLN P 148 38.92 64.24 -86.78
CA GLN P 148 38.15 63.31 -85.98
C GLN P 148 36.81 63.91 -85.56
N LEU P 149 36.85 65.08 -84.94
CA LEU P 149 35.64 65.76 -84.49
C LEU P 149 34.58 65.77 -85.59
N GLU P 150 35.02 66.07 -86.81
CA GLU P 150 34.11 66.11 -87.95
C GLU P 150 33.39 64.78 -88.09
N ARG P 151 34.15 63.70 -88.05
CA ARG P 151 33.59 62.36 -88.17
C ARG P 151 32.80 61.96 -86.93
N ILE P 152 32.92 62.75 -85.86
CA ILE P 152 32.21 62.45 -84.62
C ILE P 152 30.85 63.15 -84.56
N ALA P 153 30.84 64.44 -84.89
CA ALA P 153 29.59 65.21 -84.87
C ALA P 153 28.84 65.05 -86.18
N ASP P 154 27.87 65.93 -86.41
CA ASP P 154 27.08 65.89 -87.63
C ASP P 154 27.93 66.30 -88.84
N SER P 155 28.42 67.53 -88.81
CA SER P 155 29.26 68.05 -89.89
C SER P 155 30.36 68.92 -89.30
N LYS P 156 31.23 69.43 -90.16
CA LYS P 156 32.34 70.29 -89.70
C LYS P 156 31.83 71.56 -89.05
N GLU P 157 30.52 71.77 -89.11
CA GLU P 157 29.91 72.95 -88.52
C GLU P 157 29.73 72.80 -87.02
N GLN P 158 29.19 71.65 -86.59
CA GLN P 158 28.98 71.38 -85.17
C GLN P 158 30.30 71.24 -84.43
N VAL P 159 31.38 71.74 -85.05
CA VAL P 159 32.71 71.69 -84.47
C VAL P 159 33.17 73.11 -84.16
N PHE P 160 32.95 73.55 -82.92
CA PHE P 160 33.33 74.89 -82.50
C PHE P 160 34.46 74.87 -81.47
N PRO P 161 35.56 75.58 -81.75
CA PRO P 161 36.69 75.62 -80.80
C PRO P 161 36.36 76.54 -79.62
N VAL P 162 36.36 75.98 -78.42
CA VAL P 162 36.06 76.76 -77.22
C VAL P 162 36.80 78.10 -77.21
N LYS P 163 38.03 78.08 -77.71
CA LYS P 163 38.84 79.31 -77.77
C LYS P 163 38.41 80.18 -78.94
N GLY P 164 38.00 81.41 -78.62
CA GLY P 164 37.57 82.33 -79.65
C GLY P 164 36.55 83.31 -79.12
N GLY P 165 36.19 84.30 -79.92
CA GLY P 165 35.22 85.28 -79.49
C GLY P 165 33.83 84.70 -79.38
N PHE P 166 33.63 83.83 -78.38
CA PHE P 166 32.34 83.20 -78.15
C PHE P 166 31.88 82.45 -79.40
N GLN P 167 32.78 82.30 -80.36
CA GLN P 167 32.47 81.61 -81.60
C GLN P 167 31.68 80.35 -81.31
N ALA P 168 32.04 79.69 -80.22
CA ALA P 168 31.36 78.47 -79.79
C ALA P 168 29.99 78.81 -79.21
N LEU P 169 29.99 79.53 -78.09
CA LEU P 169 28.75 79.92 -77.44
C LEU P 169 27.79 80.52 -78.46
N LYS P 170 28.27 81.48 -79.23
CA LYS P 170 27.45 82.13 -80.25
C LYS P 170 27.00 81.12 -81.29
N GLY P 171 27.93 80.70 -82.15
CA GLY P 171 27.62 79.75 -83.20
C GLY P 171 26.74 78.58 -82.76
N ILE P 172 26.91 78.13 -81.52
CA ILE P 172 26.13 77.01 -81.00
C ILE P 172 24.75 77.43 -80.51
N ILE P 173 24.72 78.31 -79.51
CA ILE P 173 23.45 78.78 -78.95
C ILE P 173 22.55 79.31 -80.06
N ASN P 174 23.16 79.93 -81.07
CA ASN P 174 22.40 80.48 -82.19
C ASN P 174 22.04 79.40 -83.21
N SER P 175 22.70 78.25 -83.10
CA SER P 175 22.44 77.13 -84.00
C SER P 175 21.37 76.25 -83.35
N ILE P 176 21.21 76.41 -82.04
CA ILE P 176 20.22 75.65 -81.28
C ILE P 176 18.89 76.41 -81.29
N LEU P 177 18.97 77.73 -81.22
CA LEU P 177 17.79 78.58 -81.23
C LEU P 177 17.25 78.67 -82.66
N ALA P 178 18.06 78.22 -83.62
CA ALA P 178 17.68 78.24 -85.02
C ALA P 178 16.69 77.11 -85.27
N GLN P 179 16.29 76.45 -84.19
CA GLN P 179 15.35 75.33 -84.26
C GLN P 179 14.16 75.62 -83.35
N SER P 180 14.26 76.69 -82.56
CA SER P 180 13.19 77.09 -81.65
C SER P 180 12.20 77.99 -82.38
N CYS P 181 11.03 78.19 -81.78
CA CYS P 181 10.00 79.04 -82.37
C CYS P 181 10.22 80.49 -81.99
N THR Q 1 77.20 -26.59 -57.82
CA THR Q 1 76.77 -27.86 -58.47
C THR Q 1 75.45 -28.34 -57.89
N VAL Q 2 74.78 -27.48 -57.14
CA VAL Q 2 73.51 -27.81 -56.53
C VAL Q 2 72.48 -28.23 -57.58
N PRO Q 3 71.80 -29.36 -57.34
CA PRO Q 3 70.78 -29.90 -58.27
C PRO Q 3 69.64 -28.92 -58.57
N ASP Q 4 69.44 -28.64 -59.85
CA ASP Q 4 68.36 -27.74 -60.29
C ASP Q 4 68.12 -27.91 -61.79
N ARG Q 5 67.18 -28.78 -62.13
CA ARG Q 5 66.84 -29.06 -63.52
C ARG Q 5 66.19 -27.84 -64.16
N ASP Q 6 65.12 -27.35 -63.53
CA ASP Q 6 64.39 -26.19 -64.03
C ASP Q 6 65.35 -25.08 -64.43
N ASN Q 7 66.47 -24.98 -63.71
CA ASN Q 7 67.49 -23.97 -63.99
C ASN Q 7 66.99 -22.57 -63.63
N ASP Q 8 65.91 -22.49 -62.86
CA ASP Q 8 65.36 -21.20 -62.47
C ASP Q 8 66.16 -20.53 -61.37
N GLY Q 9 66.83 -21.32 -60.55
CA GLY Q 9 67.63 -20.76 -59.48
C GLY Q 9 67.19 -21.19 -58.10
N ILE Q 10 66.28 -22.15 -58.04
CA ILE Q 10 65.78 -22.66 -56.77
C ILE Q 10 66.03 -24.16 -56.71
N PRO Q 11 67.11 -24.57 -56.01
CA PRO Q 11 67.50 -25.98 -55.85
C PRO Q 11 66.31 -26.91 -55.63
N ASP Q 12 66.14 -27.85 -56.55
CA ASP Q 12 65.05 -28.82 -56.51
C ASP Q 12 64.41 -28.93 -55.14
N SER Q 13 65.08 -29.64 -54.25
CA SER Q 13 64.58 -29.83 -52.90
C SER Q 13 63.81 -28.60 -52.43
N LEU Q 14 64.53 -27.50 -52.25
CA LEU Q 14 63.92 -26.25 -51.80
C LEU Q 14 62.57 -26.02 -52.44
N GLU Q 15 62.54 -26.11 -53.76
CA GLU Q 15 61.31 -25.87 -54.52
C GLU Q 15 60.26 -26.95 -54.32
N VAL Q 16 60.68 -28.13 -53.87
CA VAL Q 16 59.74 -29.23 -53.67
C VAL Q 16 59.32 -29.37 -52.22
N GLU Q 17 60.30 -29.34 -51.32
CA GLU Q 17 60.05 -29.48 -49.88
C GLU Q 17 59.65 -28.17 -49.22
N GLY Q 18 59.53 -27.11 -50.01
CA GLY Q 18 59.14 -25.82 -49.45
C GLY Q 18 60.31 -24.88 -49.24
N TYR Q 19 60.06 -23.60 -49.49
CA TYR Q 19 61.09 -22.58 -49.32
C TYR Q 19 60.46 -21.20 -49.20
N THR Q 20 61.30 -20.19 -49.12
CA THR Q 20 60.86 -18.82 -49.02
C THR Q 20 62.12 -17.98 -48.98
N VAL Q 21 61.96 -16.66 -48.87
CA VAL Q 21 63.11 -15.78 -48.83
C VAL Q 21 62.93 -14.61 -47.89
N ASP Q 22 64.04 -14.21 -47.26
CA ASP Q 22 64.06 -13.10 -46.32
C ASP Q 22 65.33 -12.29 -46.60
N VAL Q 23 65.58 -11.29 -45.77
CA VAL Q 23 66.76 -10.44 -45.94
C VAL Q 23 67.55 -10.25 -44.65
N LYS Q 24 68.69 -10.92 -44.58
CA LYS Q 24 69.58 -10.83 -43.41
C LYS Q 24 70.02 -9.39 -43.25
N ASN Q 25 71.28 -9.10 -43.55
CA ASN Q 25 71.77 -7.74 -43.45
C ASN Q 25 70.83 -6.93 -44.32
N LYS Q 26 71.12 -6.92 -45.61
CA LYS Q 26 70.27 -6.21 -46.57
C LYS Q 26 70.28 -7.03 -47.83
N ARG Q 27 70.65 -8.29 -47.70
CA ARG Q 27 70.71 -9.19 -48.84
C ARG Q 27 69.53 -10.14 -48.79
N THR Q 28 69.19 -10.73 -49.94
CA THR Q 28 68.07 -11.66 -50.00
C THR Q 28 68.57 -13.09 -49.99
N PHE Q 29 68.14 -13.85 -48.98
CA PHE Q 29 68.55 -15.24 -48.88
C PHE Q 29 67.41 -16.21 -49.15
N LEU Q 30 67.61 -17.09 -50.13
CA LEU Q 30 66.61 -18.09 -50.47
C LEU Q 30 66.93 -19.31 -49.61
N SER Q 31 66.09 -19.55 -48.60
CA SER Q 31 66.30 -20.66 -47.68
C SER Q 31 65.10 -21.59 -47.56
N PRO Q 32 65.35 -22.85 -47.16
CA PRO Q 32 64.28 -23.84 -47.00
C PRO Q 32 63.33 -23.46 -45.88
N TRP Q 33 62.19 -24.14 -45.81
CA TRP Q 33 61.19 -23.85 -44.80
C TRP Q 33 61.63 -24.19 -43.38
N ILE Q 34 61.18 -23.38 -42.43
CA ILE Q 34 61.48 -23.59 -41.02
C ILE Q 34 60.27 -23.14 -40.21
N SER Q 35 59.33 -24.06 -40.01
CA SER Q 35 58.09 -23.79 -39.27
C SER Q 35 58.34 -22.86 -38.08
N ASN Q 36 59.53 -22.95 -37.51
CA ASN Q 36 59.89 -22.12 -36.37
C ASN Q 36 60.10 -20.67 -36.79
N ILE Q 37 61.35 -20.23 -36.70
CA ILE Q 37 61.74 -18.86 -37.03
C ILE Q 37 61.04 -18.24 -38.24
N HIS Q 38 60.75 -19.05 -39.25
CA HIS Q 38 60.09 -18.52 -40.44
C HIS Q 38 58.63 -18.13 -40.25
N GLU Q 39 57.79 -19.12 -39.96
CA GLU Q 39 56.36 -18.89 -39.77
C GLU Q 39 56.06 -17.76 -38.79
N LYS Q 40 57.09 -17.34 -38.05
CA LYS Q 40 56.95 -16.26 -37.08
C LYS Q 40 57.07 -14.90 -37.74
N LYS Q 41 58.19 -14.67 -38.41
CA LYS Q 41 58.44 -13.38 -39.07
C LYS Q 41 57.35 -12.98 -40.07
N GLY Q 42 56.42 -13.88 -40.34
CA GLY Q 42 55.34 -13.58 -41.25
C GLY Q 42 55.51 -14.02 -42.69
N LEU Q 43 56.62 -14.66 -43.01
CA LEU Q 43 56.88 -15.12 -44.37
C LEU Q 43 55.84 -16.15 -44.81
N THR Q 44 56.08 -16.78 -45.95
CA THR Q 44 55.16 -17.78 -46.47
C THR Q 44 55.92 -19.03 -46.94
N LYS Q 45 55.18 -20.11 -47.14
CA LYS Q 45 55.79 -21.36 -47.60
C LYS Q 45 55.59 -21.46 -49.11
N TYR Q 46 56.62 -21.07 -49.86
CA TYR Q 46 56.55 -21.11 -51.31
C TYR Q 46 57.00 -22.46 -51.87
N LYS Q 47 56.05 -23.38 -52.01
CA LYS Q 47 56.36 -24.69 -52.55
C LYS Q 47 55.98 -24.71 -54.01
N SER Q 48 56.97 -24.70 -54.89
CA SER Q 48 56.71 -24.70 -56.34
C SER Q 48 57.11 -26.00 -57.01
N SER Q 49 57.40 -25.95 -58.31
CA SER Q 49 57.81 -27.14 -59.04
C SER Q 49 59.18 -26.96 -59.67
N PRO Q 50 60.02 -27.99 -59.53
CA PRO Q 50 61.39 -28.04 -60.04
C PRO Q 50 61.58 -28.31 -61.52
N GLU Q 51 60.54 -28.77 -62.21
CA GLU Q 51 60.73 -29.02 -63.63
C GLU Q 51 60.12 -28.00 -64.57
N LYS Q 52 59.67 -26.88 -64.01
CA LYS Q 52 59.08 -25.82 -64.83
C LYS Q 52 59.71 -24.47 -64.48
N TRP Q 53 60.11 -23.74 -65.51
CA TRP Q 53 60.74 -22.44 -65.33
C TRP Q 53 59.78 -21.50 -64.60
N SER Q 54 58.50 -21.77 -64.75
CA SER Q 54 57.46 -20.97 -64.10
C SER Q 54 56.26 -21.90 -63.99
N THR Q 55 56.13 -22.54 -62.84
CA THR Q 55 55.04 -23.47 -62.62
C THR Q 55 53.69 -23.03 -63.16
N ALA Q 56 53.46 -21.73 -63.18
CA ALA Q 56 52.20 -21.20 -63.69
C ALA Q 56 52.20 -21.16 -65.21
N SER Q 57 53.40 -21.23 -65.79
CA SER Q 57 53.61 -21.19 -67.24
C SER Q 57 53.86 -19.77 -67.71
N ASP Q 58 53.23 -18.81 -67.05
CA ASP Q 58 53.40 -17.41 -67.42
C ASP Q 58 54.87 -17.07 -67.52
N PRO Q 59 55.21 -15.98 -68.21
CA PRO Q 59 56.58 -15.53 -68.41
C PRO Q 59 57.26 -14.97 -67.17
N TYR Q 60 57.40 -15.78 -66.14
CA TYR Q 60 58.04 -15.33 -64.91
C TYR Q 60 58.56 -16.49 -64.08
N SER Q 61 59.88 -16.70 -64.12
CA SER Q 61 60.49 -17.80 -63.38
C SER Q 61 60.07 -17.80 -61.93
N ASP Q 62 59.71 -18.97 -61.43
CA ASP Q 62 59.29 -19.11 -60.04
C ASP Q 62 60.21 -18.22 -59.23
N PHE Q 63 61.51 -18.38 -59.45
CA PHE Q 63 62.49 -17.59 -58.74
C PHE Q 63 62.20 -16.11 -58.94
N GLU Q 64 62.22 -15.66 -60.19
CA GLU Q 64 61.96 -14.27 -60.51
C GLU Q 64 60.87 -13.66 -59.65
N LYS Q 65 59.84 -14.44 -59.35
CA LYS Q 65 58.73 -13.93 -58.54
C LYS Q 65 59.11 -13.76 -57.07
N VAL Q 66 59.26 -14.87 -56.37
CA VAL Q 66 59.61 -14.83 -54.96
C VAL Q 66 60.77 -13.91 -54.66
N THR Q 67 61.83 -13.99 -55.46
CA THR Q 67 63.00 -13.15 -55.26
C THR Q 67 62.65 -11.67 -55.40
N GLY Q 68 61.63 -11.39 -56.20
CA GLY Q 68 61.20 -10.01 -56.41
C GLY Q 68 61.86 -9.37 -57.62
N ARG Q 69 62.80 -10.09 -58.22
CA ARG Q 69 63.50 -9.61 -59.40
C ARG Q 69 62.61 -9.83 -60.61
N ILE Q 70 61.63 -8.96 -60.78
CA ILE Q 70 60.66 -9.08 -61.88
C ILE Q 70 59.98 -7.74 -62.13
N ASP Q 71 59.27 -7.64 -63.26
CA ASP Q 71 58.56 -6.40 -63.59
C ASP Q 71 57.69 -6.01 -62.40
N LYS Q 72 58.05 -4.90 -61.77
CA LYS Q 72 57.33 -4.44 -60.59
C LYS Q 72 55.83 -4.24 -60.73
N ASN Q 73 55.30 -4.30 -61.95
CA ASN Q 73 53.87 -4.11 -62.11
C ASN Q 73 53.07 -5.35 -61.80
N VAL Q 74 53.68 -6.52 -61.95
CA VAL Q 74 53.00 -7.79 -61.69
C VAL Q 74 52.25 -7.74 -60.37
N SER Q 75 50.96 -8.05 -60.42
CA SER Q 75 50.13 -8.05 -59.23
C SER Q 75 50.82 -8.80 -58.09
N PRO Q 76 50.65 -8.31 -56.85
CA PRO Q 76 51.26 -8.96 -55.69
C PRO Q 76 50.92 -10.44 -55.60
N GLU Q 77 49.63 -10.73 -55.43
CA GLU Q 77 49.17 -12.10 -55.30
C GLU Q 77 49.65 -13.01 -56.43
N ALA Q 78 50.26 -12.42 -57.44
CA ALA Q 78 50.77 -13.20 -58.56
C ALA Q 78 52.26 -13.38 -58.41
N ARG Q 79 52.83 -12.68 -57.44
CA ARG Q 79 54.26 -12.77 -57.19
C ARG Q 79 54.56 -14.17 -56.66
N HIS Q 80 53.51 -14.94 -56.40
CA HIS Q 80 53.62 -16.30 -55.87
C HIS Q 80 53.76 -17.34 -56.99
N PRO Q 81 54.64 -18.32 -56.82
CA PRO Q 81 54.91 -19.39 -57.79
C PRO Q 81 53.73 -20.19 -58.30
N LEU Q 82 52.59 -20.12 -57.61
CA LEU Q 82 51.43 -20.88 -58.05
C LEU Q 82 50.23 -20.05 -58.50
N VAL Q 83 50.42 -18.75 -58.65
CA VAL Q 83 49.34 -17.88 -59.08
C VAL Q 83 49.62 -17.31 -60.46
N ALA Q 84 48.74 -17.64 -61.41
CA ALA Q 84 48.88 -17.17 -62.78
C ALA Q 84 49.19 -15.69 -62.81
N ALA Q 85 50.09 -15.30 -63.70
CA ALA Q 85 50.46 -13.90 -63.83
C ALA Q 85 50.16 -13.42 -65.24
N TYR Q 86 48.93 -13.63 -65.70
CA TYR Q 86 48.54 -13.21 -67.03
C TYR Q 86 47.62 -11.99 -66.98
N PRO Q 87 47.54 -11.23 -68.08
CA PRO Q 87 46.69 -10.04 -68.15
C PRO Q 87 45.28 -10.40 -68.58
N ILE Q 88 44.31 -9.65 -68.08
CA ILE Q 88 42.92 -9.87 -68.43
C ILE Q 88 42.28 -8.50 -68.55
N VAL Q 89 41.92 -8.14 -69.77
CA VAL Q 89 41.32 -6.84 -70.04
C VAL Q 89 39.94 -6.92 -70.64
N HIS Q 90 39.07 -6.01 -70.20
CA HIS Q 90 37.71 -5.93 -70.70
C HIS Q 90 37.43 -4.46 -70.94
N VAL Q 91 36.38 -4.15 -71.70
CA VAL Q 91 36.09 -2.75 -71.99
C VAL Q 91 34.93 -2.14 -71.24
N ASP Q 92 35.16 -0.96 -70.66
CA ASP Q 92 34.12 -0.26 -69.90
C ASP Q 92 33.66 0.93 -70.72
N MET Q 93 32.34 1.10 -70.79
CA MET Q 93 31.73 2.20 -71.53
C MET Q 93 31.02 3.10 -70.55
N GLU Q 94 31.60 4.27 -70.27
CA GLU Q 94 31.00 5.20 -69.32
C GLU Q 94 29.70 5.84 -69.77
N ASN Q 95 29.64 6.31 -71.02
CA ASN Q 95 28.45 6.95 -71.53
C ASN Q 95 28.40 6.97 -73.05
N ILE Q 96 27.19 6.84 -73.60
CA ILE Q 96 27.01 6.85 -75.04
C ILE Q 96 26.23 8.08 -75.44
N ILE Q 97 26.14 8.31 -76.74
CA ILE Q 97 25.43 9.46 -77.26
C ILE Q 97 24.84 9.14 -78.63
N LEU Q 98 23.53 8.95 -78.65
CA LEU Q 98 22.81 8.65 -79.88
C LEU Q 98 22.31 9.91 -80.53
N SER Q 99 22.52 10.02 -81.84
CA SER Q 99 22.08 11.18 -82.60
C SER Q 99 21.64 10.80 -84.01
N LYS Q 100 20.81 11.64 -84.61
CA LYS Q 100 20.32 11.40 -85.96
C LYS Q 100 21.45 11.69 -86.94
N ASN Q 101 21.78 10.71 -87.77
CA ASN Q 101 22.86 10.89 -88.74
C ASN Q 101 22.64 12.15 -89.55
N GLU Q 102 23.69 12.98 -89.64
CA GLU Q 102 23.63 14.24 -90.37
C GLU Q 102 23.00 14.05 -91.75
N ASP Q 110 21.34 23.09 -86.97
CA ASP Q 110 20.16 23.42 -86.16
C ASP Q 110 19.85 22.28 -85.19
N SER Q 111 20.58 21.18 -85.31
CA SER Q 111 20.38 20.02 -84.45
C SER Q 111 21.26 20.12 -83.21
N GLN Q 112 20.62 20.31 -82.06
CA GLN Q 112 21.32 20.41 -80.79
C GLN Q 112 20.61 19.63 -79.68
N THR Q 113 19.28 19.63 -79.73
CA THR Q 113 18.47 18.91 -78.74
C THR Q 113 17.87 17.65 -79.36
N ARG Q 114 18.20 17.40 -80.62
CA ARG Q 114 17.69 16.22 -81.32
C ARG Q 114 18.62 15.05 -81.01
N THR Q 115 19.37 15.16 -79.92
CA THR Q 115 20.32 14.13 -79.52
C THR Q 115 20.16 13.68 -78.07
N ILE Q 116 20.15 12.37 -77.87
CA ILE Q 116 20.02 11.81 -76.53
C ILE Q 116 21.40 11.40 -76.03
N SER Q 117 21.68 11.69 -74.76
CA SER Q 117 22.96 11.34 -74.17
C SER Q 117 22.78 10.78 -72.76
N LYS Q 118 22.75 9.45 -72.67
CA LYS Q 118 22.57 8.79 -71.39
C LYS Q 118 23.88 8.16 -70.91
N ASN Q 119 23.99 7.93 -69.60
CA ASN Q 119 25.18 7.33 -69.01
C ASN Q 119 25.04 5.81 -69.11
N THR Q 120 26.09 5.10 -68.74
CA THR Q 120 26.06 3.64 -68.82
C THR Q 120 26.82 2.96 -67.69
N SER Q 121 26.43 1.71 -67.41
CA SER Q 121 27.06 0.93 -66.36
C SER Q 121 27.61 -0.38 -66.93
N THR Q 122 28.92 -0.47 -67.03
CA THR Q 122 29.56 -1.66 -67.57
C THR Q 122 30.06 -2.56 -66.44
N SER Q 123 30.27 -3.84 -66.75
CA SER Q 123 30.74 -4.81 -65.76
C SER Q 123 31.10 -6.14 -66.41
N ARG Q 124 32.31 -6.63 -66.16
CA ARG Q 124 32.73 -7.91 -66.73
C ARG Q 124 31.63 -8.92 -66.51
N THR Q 125 31.54 -9.92 -67.39
CA THR Q 125 30.50 -10.92 -67.27
C THR Q 125 31.10 -12.31 -67.25
N HIS Q 126 30.25 -13.32 -67.31
CA HIS Q 126 30.70 -14.71 -67.29
C HIS Q 126 29.54 -15.64 -67.62
N THR Q 127 28.73 -15.23 -68.60
CA THR Q 127 27.56 -15.99 -69.04
C THR Q 127 27.69 -17.51 -68.90
N SER Q 128 26.74 -18.12 -68.21
CA SER Q 128 26.72 -19.56 -68.00
C SER Q 128 25.71 -20.18 -68.96
N GLU Q 129 25.20 -21.36 -68.60
CA GLU Q 129 24.22 -22.04 -69.44
C GLU Q 129 22.80 -21.60 -69.10
N VAL Q 130 21.84 -22.07 -69.90
CA VAL Q 130 20.44 -21.73 -69.69
C VAL Q 130 19.81 -22.62 -68.60
N HIS Q 131 18.49 -22.71 -68.62
CA HIS Q 131 17.76 -23.50 -67.64
C HIS Q 131 17.79 -24.98 -68.05
N GLY Q 132 17.19 -25.28 -69.20
CA GLY Q 132 17.16 -26.65 -69.67
C GLY Q 132 16.05 -26.89 -70.69
N ASN Q 133 16.02 -26.08 -71.74
CA ASN Q 133 15.00 -26.21 -72.77
C ASN Q 133 15.39 -25.49 -74.06
N ALA Q 134 16.36 -24.59 -73.96
CA ALA Q 134 16.83 -23.84 -75.12
C ALA Q 134 17.26 -24.79 -76.24
N GLU Q 135 16.48 -24.82 -77.32
CA GLU Q 135 16.78 -25.67 -78.46
C GLU Q 135 18.19 -25.44 -79.00
N VAL Q 136 19.10 -26.34 -78.67
CA VAL Q 136 20.48 -26.24 -79.13
C VAL Q 136 20.74 -27.28 -80.22
N HIS Q 137 21.40 -26.84 -81.30
CA HIS Q 137 21.71 -27.74 -82.41
C HIS Q 137 22.33 -29.05 -81.94
N ALA Q 138 22.07 -30.11 -82.72
CA ALA Q 138 22.57 -31.44 -82.41
C ALA Q 138 24.06 -31.48 -82.10
N SER Q 139 24.81 -30.54 -82.66
CA SER Q 139 26.25 -30.48 -82.43
C SER Q 139 26.58 -30.00 -81.02
N PHE Q 140 25.65 -30.18 -80.09
CA PHE Q 140 25.86 -29.76 -78.71
C PHE Q 140 26.39 -30.88 -77.83
N PHE Q 141 25.99 -32.11 -78.12
CA PHE Q 141 26.42 -33.25 -77.34
C PHE Q 141 27.56 -34.01 -77.99
N ASP Q 142 28.47 -33.26 -78.63
CA ASP Q 142 29.62 -33.86 -79.28
C ASP Q 142 30.88 -33.55 -78.49
N ILE Q 143 32.03 -33.98 -78.99
CA ILE Q 143 33.29 -33.73 -78.32
C ILE Q 143 33.84 -32.35 -78.69
N GLY Q 144 33.89 -31.47 -77.70
CA GLY Q 144 34.38 -30.13 -77.92
C GLY Q 144 33.38 -29.27 -78.67
N GLY Q 145 32.60 -29.92 -79.53
CA GLY Q 145 31.60 -29.21 -80.31
C GLY Q 145 30.48 -28.61 -79.47
N SER Q 146 30.42 -27.29 -79.44
CA SER Q 146 29.38 -26.56 -78.70
C SER Q 146 29.44 -26.77 -77.19
N VAL Q 147 30.23 -27.74 -76.74
CA VAL Q 147 30.35 -28.03 -75.32
C VAL Q 147 31.21 -26.95 -74.66
N SER Q 148 30.66 -25.75 -74.54
CA SER Q 148 31.36 -24.63 -73.94
C SER Q 148 31.53 -24.84 -72.44
N ALA Q 149 30.98 -25.95 -71.94
CA ALA Q 149 31.07 -26.29 -70.52
C ALA Q 149 30.54 -25.15 -69.66
N GLY Q 150 29.56 -24.42 -70.18
CA GLY Q 150 28.98 -23.31 -69.45
C GLY Q 150 29.71 -22.01 -69.70
N PHE Q 151 30.98 -21.97 -69.30
CA PHE Q 151 31.81 -20.79 -69.47
C PHE Q 151 33.26 -21.15 -69.78
N SER Q 152 33.89 -20.38 -70.67
CA SER Q 152 35.27 -20.63 -71.05
C SER Q 152 36.11 -19.34 -71.14
N ASN Q 153 37.27 -19.46 -71.77
CA ASN Q 153 38.20 -18.34 -71.93
C ASN Q 153 37.77 -17.33 -72.99
N SER Q 154 37.52 -16.10 -72.55
CA SER Q 154 37.13 -15.00 -73.43
C SER Q 154 36.54 -13.86 -72.61
N ASN Q 155 37.03 -12.65 -72.86
CA ASN Q 155 36.55 -11.48 -72.15
C ASN Q 155 35.33 -10.88 -72.83
N SER Q 156 34.25 -10.72 -72.07
CA SER Q 156 33.02 -10.15 -72.61
C SER Q 156 32.31 -9.29 -71.57
N SER Q 157 32.44 -7.97 -71.71
CA SER Q 157 31.81 -7.04 -70.78
C SER Q 157 30.38 -6.78 -71.22
N THR Q 158 29.63 -6.06 -70.39
CA THR Q 158 28.25 -5.76 -70.72
C THR Q 158 27.84 -4.41 -70.16
N VAL Q 159 27.30 -3.56 -71.02
CA VAL Q 159 26.86 -2.24 -70.61
C VAL Q 159 25.34 -2.15 -70.60
N ALA Q 160 24.83 -1.16 -69.89
CA ALA Q 160 23.40 -0.93 -69.79
C ALA Q 160 23.23 0.57 -69.90
N ILE Q 161 22.22 1.00 -70.64
CA ILE Q 161 21.99 2.42 -70.82
C ILE Q 161 21.01 2.98 -69.80
N ASP Q 162 21.41 4.08 -69.17
CA ASP Q 162 20.59 4.74 -68.16
C ASP Q 162 19.17 4.87 -68.70
N HIS Q 163 18.23 4.15 -68.09
CA HIS Q 163 16.85 4.17 -68.52
C HIS Q 163 16.08 5.38 -67.99
N SER Q 164 16.72 6.14 -67.11
CA SER Q 164 16.08 7.32 -66.52
C SER Q 164 15.84 8.42 -67.55
N LEU Q 165 15.55 9.63 -67.08
CA LEU Q 165 15.29 10.76 -67.95
C LEU Q 165 16.50 11.66 -68.17
N SER Q 166 16.42 12.50 -69.19
CA SER Q 166 17.50 13.42 -69.50
C SER Q 166 16.90 14.81 -69.68
N LEU Q 167 15.66 14.86 -70.15
CA LEU Q 167 14.97 16.12 -70.36
C LEU Q 167 13.68 16.15 -69.54
N ALA Q 168 12.70 16.92 -70.00
CA ALA Q 168 11.43 17.04 -69.30
C ALA Q 168 10.53 15.83 -69.53
N GLY Q 169 9.40 16.05 -70.19
CA GLY Q 169 8.48 14.97 -70.45
C GLY Q 169 8.82 14.11 -71.66
N GLU Q 170 10.11 13.98 -71.94
CA GLU Q 170 10.55 13.18 -73.08
C GLU Q 170 9.82 11.84 -73.10
N ARG Q 171 9.70 11.26 -74.29
CA ARG Q 171 9.02 9.97 -74.44
C ARG Q 171 9.39 9.34 -75.77
N THR Q 172 9.86 8.09 -75.72
CA THR Q 172 10.25 7.36 -76.91
C THR Q 172 11.35 8.13 -77.65
N TRP Q 173 12.60 7.70 -77.48
CA TRP Q 173 13.73 8.35 -78.12
C TRP Q 173 13.35 8.85 -79.51
N ALA Q 174 12.50 8.08 -80.20
CA ALA Q 174 12.04 8.44 -81.53
C ALA Q 174 11.68 9.92 -81.61
N GLU Q 175 10.49 10.26 -81.12
CA GLU Q 175 10.01 11.63 -81.15
C GLU Q 175 11.03 12.60 -80.58
N THR Q 176 11.84 12.12 -79.64
CA THR Q 176 12.86 12.94 -79.01
C THR Q 176 13.89 13.43 -80.03
N MET Q 177 14.42 12.49 -80.82
CA MET Q 177 15.40 12.81 -81.84
C MET Q 177 14.74 13.19 -83.15
N GLY Q 178 13.81 12.35 -83.60
CA GLY Q 178 13.12 12.60 -84.84
C GLY Q 178 13.55 11.61 -85.90
N LEU Q 179 13.51 10.33 -85.55
CA LEU Q 179 13.90 9.27 -86.48
C LEU Q 179 12.69 8.59 -87.09
N ASN Q 180 12.66 8.56 -88.43
CA ASN Q 180 11.57 7.92 -89.16
C ASN Q 180 12.11 6.78 -90.00
N THR Q 181 11.28 5.78 -90.22
CA THR Q 181 11.64 4.59 -91.00
C THR Q 181 12.86 4.74 -91.92
N ALA Q 182 12.84 5.76 -92.77
CA ALA Q 182 13.94 5.98 -93.72
C ALA Q 182 15.03 6.88 -93.16
N ASP Q 183 15.48 6.60 -91.94
CA ASP Q 183 16.53 7.38 -91.32
C ASP Q 183 17.63 6.52 -90.70
N THR Q 184 18.79 7.13 -90.50
CA THR Q 184 19.92 6.43 -89.92
C THR Q 184 20.41 7.18 -88.68
N ALA Q 185 20.71 6.42 -87.63
CA ALA Q 185 21.19 7.01 -86.38
C ALA Q 185 22.64 6.62 -86.16
N ARG Q 186 23.46 7.62 -85.83
CA ARG Q 186 24.87 7.40 -85.59
C ARG Q 186 25.14 7.29 -84.09
N LEU Q 187 25.84 6.23 -83.70
CA LEU Q 187 26.18 6.00 -82.31
C LEU Q 187 27.59 6.50 -82.02
N ASN Q 188 27.84 6.86 -80.78
CA ASN Q 188 29.14 7.35 -80.37
C ASN Q 188 29.21 7.17 -78.86
N ALA Q 189 30.40 6.95 -78.32
CA ALA Q 189 30.54 6.77 -76.88
C ALA Q 189 31.97 6.96 -76.40
N ASN Q 190 32.12 7.04 -75.08
CA ASN Q 190 33.41 7.19 -74.44
C ASN Q 190 33.69 5.93 -73.66
N ILE Q 191 34.71 5.19 -74.07
CA ILE Q 191 35.05 3.96 -73.38
C ILE Q 191 36.49 3.95 -72.94
N ARG Q 192 36.77 3.08 -71.98
CA ARG Q 192 38.12 2.93 -71.44
C ARG Q 192 38.50 1.47 -71.21
N TYR Q 193 39.68 1.10 -71.68
CA TYR Q 193 40.15 -0.26 -71.50
C TYR Q 193 40.54 -0.34 -70.05
N VAL Q 194 40.36 -1.51 -69.45
CA VAL Q 194 40.72 -1.69 -68.05
C VAL Q 194 41.16 -3.12 -67.78
N ASN Q 195 42.36 -3.25 -67.24
CA ASN Q 195 42.92 -4.55 -66.93
C ASN Q 195 42.45 -5.06 -65.59
N THR Q 196 42.07 -6.34 -65.53
CA THR Q 196 41.58 -6.93 -64.30
C THR Q 196 42.43 -8.11 -63.83
N GLY Q 197 43.33 -8.57 -64.69
CA GLY Q 197 44.16 -9.70 -64.35
C GLY Q 197 45.23 -9.54 -63.28
N THR Q 198 46.43 -10.02 -63.59
CA THR Q 198 47.57 -9.97 -62.68
C THR Q 198 48.84 -9.49 -63.37
N ALA Q 199 48.78 -9.34 -64.68
CA ALA Q 199 49.93 -8.89 -65.46
C ALA Q 199 49.56 -7.65 -66.27
N PRO Q 200 50.57 -6.87 -66.69
CA PRO Q 200 50.30 -5.66 -67.47
C PRO Q 200 50.59 -5.81 -68.96
N ILE Q 201 50.00 -4.94 -69.78
CA ILE Q 201 50.23 -4.96 -71.22
C ILE Q 201 50.95 -3.65 -71.53
N TYR Q 202 52.04 -3.72 -72.28
CA TYR Q 202 52.80 -2.52 -72.58
C TYR Q 202 52.62 -1.79 -73.91
N ASN Q 203 51.85 -2.35 -74.83
CA ASN Q 203 51.66 -1.67 -76.11
C ASN Q 203 50.32 -1.89 -76.81
N VAL Q 204 50.27 -2.85 -77.72
CA VAL Q 204 49.04 -3.13 -78.46
C VAL Q 204 47.86 -3.53 -77.59
N LEU Q 205 46.80 -2.74 -77.62
CA LEU Q 205 45.59 -3.04 -76.85
C LEU Q 205 44.75 -4.05 -77.62
N PRO Q 206 43.72 -4.62 -76.97
CA PRO Q 206 42.84 -5.60 -77.60
C PRO Q 206 41.91 -5.06 -78.66
N THR Q 207 41.43 -5.96 -79.52
CA THR Q 207 40.52 -5.63 -80.61
C THR Q 207 39.10 -5.96 -80.18
N THR Q 208 38.50 -5.10 -79.37
CA THR Q 208 37.15 -5.34 -78.90
C THR Q 208 36.08 -4.95 -79.91
N SER Q 209 35.06 -5.80 -80.03
CA SER Q 209 33.96 -5.57 -80.96
C SER Q 209 32.65 -5.30 -80.23
N LEU Q 210 31.97 -4.21 -80.61
CA LEU Q 210 30.71 -3.81 -79.99
C LEU Q 210 29.54 -4.49 -80.68
N VAL Q 211 28.77 -5.26 -79.91
CA VAL Q 211 27.63 -5.99 -80.45
C VAL Q 211 26.30 -5.50 -79.87
N LEU Q 212 25.23 -5.76 -80.61
CA LEU Q 212 23.88 -5.36 -80.21
C LEU Q 212 22.93 -6.54 -80.40
N GLY Q 213 22.49 -7.14 -79.31
CA GLY Q 213 21.60 -8.27 -79.43
C GLY Q 213 22.35 -9.59 -79.38
N LYS Q 214 22.03 -10.49 -80.31
CA LYS Q 214 22.69 -11.80 -80.33
C LYS Q 214 23.77 -11.96 -81.39
N ASN Q 215 23.83 -11.04 -82.34
CA ASN Q 215 24.84 -11.13 -83.39
C ASN Q 215 25.03 -9.84 -84.19
N GLN Q 216 24.11 -8.89 -84.02
CA GLN Q 216 24.21 -7.62 -84.74
C GLN Q 216 25.39 -6.78 -84.25
N THR Q 217 26.50 -6.86 -84.97
CA THR Q 217 27.68 -6.10 -84.61
C THR Q 217 27.53 -4.66 -85.10
N LEU Q 218 27.72 -3.70 -84.19
CA LEU Q 218 27.58 -2.30 -84.56
C LEU Q 218 28.91 -1.69 -84.98
N ALA Q 219 30.00 -2.36 -84.65
CA ALA Q 219 31.34 -1.89 -85.00
C ALA Q 219 32.39 -2.75 -84.32
N THR Q 220 33.65 -2.50 -84.65
CA THR Q 220 34.75 -3.25 -84.05
C THR Q 220 35.89 -2.29 -83.75
N ILE Q 221 35.99 -1.90 -82.49
CA ILE Q 221 37.04 -0.97 -82.07
C ILE Q 221 38.38 -1.62 -81.78
N LYS Q 222 39.42 -1.09 -82.42
CA LYS Q 222 40.78 -1.60 -82.28
C LYS Q 222 41.79 -0.49 -82.54
N ALA Q 223 41.85 0.49 -81.63
CA ALA Q 223 42.78 1.61 -81.76
C ALA Q 223 44.16 1.16 -82.22
N LYS Q 224 44.81 1.98 -83.03
CA LYS Q 224 46.14 1.69 -83.58
C LYS Q 224 47.13 1.02 -82.64
N GLU Q 225 47.99 0.18 -83.22
CA GLU Q 225 49.01 -0.54 -82.45
C GLU Q 225 50.27 0.30 -82.30
N ASN Q 226 50.99 0.09 -81.21
CA ASN Q 226 52.22 0.82 -80.93
C ASN Q 226 51.94 2.31 -80.79
N GLN Q 227 50.76 2.73 -81.24
CA GLN Q 227 50.34 4.11 -81.17
C GLN Q 227 50.46 4.62 -79.75
N LEU Q 228 50.26 3.73 -78.79
CA LEU Q 228 50.35 4.09 -77.39
C LEU Q 228 51.52 3.40 -76.71
N SER Q 229 52.13 4.10 -75.76
CA SER Q 229 53.25 3.56 -75.00
C SER Q 229 52.85 3.47 -73.54
N GLN Q 230 51.63 3.93 -73.25
CA GLN Q 230 51.09 3.89 -71.90
C GLN Q 230 51.05 2.44 -71.46
N ILE Q 231 50.91 2.22 -70.16
CA ILE Q 231 50.86 0.86 -69.64
C ILE Q 231 49.50 0.50 -69.07
N LEU Q 232 49.04 -0.70 -69.42
CA LEU Q 232 47.76 -1.18 -68.96
C LEU Q 232 47.98 -2.07 -67.75
N ALA Q 233 48.37 -1.45 -66.63
CA ALA Q 233 48.65 -2.17 -65.39
C ALA Q 233 47.40 -2.81 -64.79
N PRO Q 234 47.60 -3.73 -63.83
CA PRO Q 234 46.47 -4.40 -63.18
C PRO Q 234 45.58 -3.40 -62.47
N ASN Q 235 44.35 -3.82 -62.15
CA ASN Q 235 43.40 -2.94 -61.48
C ASN Q 235 43.75 -1.49 -61.72
N ASN Q 236 43.66 -1.08 -62.98
CA ASN Q 236 43.98 0.28 -63.39
C ASN Q 236 43.42 0.53 -64.79
N TYR Q 237 42.39 1.37 -64.86
CA TYR Q 237 41.77 1.71 -66.13
C TYR Q 237 42.79 2.28 -67.11
N TYR Q 238 42.76 1.82 -68.35
CA TYR Q 238 43.70 2.29 -69.37
C TYR Q 238 43.85 3.80 -69.38
N PRO Q 239 42.87 4.50 -69.95
CA PRO Q 239 43.03 5.96 -69.95
C PRO Q 239 42.88 6.44 -68.52
N SER Q 240 43.99 6.36 -67.76
CA SER Q 240 44.03 6.76 -66.37
C SER Q 240 42.80 7.56 -65.95
N LYS Q 241 42.06 7.03 -64.98
CA LYS Q 241 40.86 7.69 -64.48
C LYS Q 241 41.04 9.21 -64.36
N ASN Q 242 42.29 9.65 -64.26
CA ASN Q 242 42.61 11.06 -64.13
C ASN Q 242 42.94 11.69 -65.49
N LEU Q 243 42.33 11.15 -66.55
CA LEU Q 243 42.56 11.66 -67.89
C LEU Q 243 41.26 11.70 -68.70
N ALA Q 244 41.40 11.80 -70.02
CA ALA Q 244 40.24 11.86 -70.90
C ALA Q 244 39.90 10.49 -71.49
N PRO Q 245 38.73 9.96 -71.13
CA PRO Q 245 38.28 8.65 -71.63
C PRO Q 245 38.24 8.59 -73.15
N ILE Q 246 38.76 7.49 -73.72
CA ILE Q 246 38.77 7.32 -75.16
C ILE Q 246 37.35 7.37 -75.69
N ALA Q 247 37.18 7.92 -76.89
CA ALA Q 247 35.86 8.03 -77.52
C ALA Q 247 35.77 7.30 -78.85
N LEU Q 248 34.72 6.48 -79.00
CA LEU Q 248 34.50 5.71 -80.22
C LEU Q 248 34.37 6.66 -81.40
N ASN Q 249 34.56 6.13 -82.61
CA ASN Q 249 34.47 6.90 -83.85
C ASN Q 249 34.18 8.38 -83.63
N ALA Q 250 35.21 9.11 -83.20
CA ALA Q 250 35.08 10.54 -82.94
C ALA Q 250 36.44 11.23 -82.94
N GLN Q 251 37.44 10.56 -83.48
CA GLN Q 251 38.78 11.13 -83.54
C GLN Q 251 39.74 10.29 -84.34
N SER Q 255 38.94 8.83 -88.16
CA SER Q 255 37.81 8.03 -88.62
C SER Q 255 37.14 8.67 -89.84
N SER Q 256 36.52 7.84 -90.68
CA SER Q 256 35.84 8.29 -91.90
C SER Q 256 34.53 7.53 -92.05
N THR Q 257 34.37 6.48 -91.26
CA THR Q 257 33.16 5.67 -91.28
C THR Q 257 32.67 5.45 -89.86
N PRO Q 258 31.68 6.24 -89.43
CA PRO Q 258 31.09 6.19 -88.08
C PRO Q 258 30.37 4.87 -87.77
N ILE Q 259 29.30 4.97 -86.99
CA ILE Q 259 28.52 3.81 -86.60
C ILE Q 259 27.10 3.90 -87.14
N THR Q 260 26.81 3.09 -88.15
CA THR Q 260 25.50 3.08 -88.78
C THR Q 260 24.49 2.30 -87.96
N MET Q 261 23.27 2.84 -87.88
CA MET Q 261 22.19 2.20 -87.14
C MET Q 261 20.84 2.62 -87.73
N ASN Q 262 20.13 1.67 -88.33
CA ASN Q 262 18.84 1.94 -88.94
C ASN Q 262 17.71 1.98 -87.91
N TYR Q 263 16.56 2.49 -88.34
CA TYR Q 263 15.39 2.60 -87.49
C TYR Q 263 15.06 1.32 -86.71
N ASN Q 264 15.05 0.19 -87.40
CA ASN Q 264 14.75 -1.08 -86.76
C ASN Q 264 15.76 -1.38 -85.65
N GLN Q 265 17.03 -1.10 -85.91
CA GLN Q 265 18.08 -1.33 -84.93
C GLN Q 265 17.90 -0.34 -83.78
N PHE Q 266 17.95 0.94 -84.11
CA PHE Q 266 17.79 2.00 -83.12
C PHE Q 266 16.58 1.69 -82.26
N LEU Q 267 15.64 0.96 -82.82
CA LEU Q 267 14.44 0.58 -82.09
C LEU Q 267 14.81 -0.44 -81.02
N GLU Q 268 15.47 -1.52 -81.44
CA GLU Q 268 15.88 -2.56 -80.49
C GLU Q 268 16.66 -1.96 -79.33
N LEU Q 269 17.65 -1.15 -79.65
CA LEU Q 269 18.48 -0.51 -78.64
C LEU Q 269 17.60 0.02 -77.53
N GLU Q 270 16.53 0.72 -77.89
CA GLU Q 270 15.61 1.27 -76.91
C GLU Q 270 14.88 0.17 -76.17
N LYS Q 271 14.52 -0.90 -76.87
CA LYS Q 271 13.80 -2.02 -76.26
C LYS Q 271 14.56 -2.72 -75.14
N THR Q 272 15.89 -2.61 -75.12
CA THR Q 272 16.69 -3.26 -74.09
C THR Q 272 17.63 -2.29 -73.38
N LYS Q 273 17.95 -1.20 -74.06
CA LYS Q 273 18.85 -0.20 -73.51
C LYS Q 273 20.16 -0.81 -73.04
N GLN Q 274 20.64 -1.81 -73.78
CA GLN Q 274 21.90 -2.47 -73.43
C GLN Q 274 22.68 -3.00 -74.63
N LEU Q 275 23.99 -2.84 -74.59
CA LEU Q 275 24.89 -3.30 -75.65
C LEU Q 275 25.86 -4.29 -75.04
N ARG Q 276 26.59 -5.01 -75.88
CA ARG Q 276 27.57 -6.00 -75.40
C ARG Q 276 28.95 -5.67 -75.93
N LEU Q 277 29.98 -5.97 -75.15
CA LEU Q 277 31.36 -5.72 -75.56
C LEU Q 277 32.24 -6.96 -75.43
N ASP Q 278 32.63 -7.52 -76.57
CA ASP Q 278 33.49 -8.68 -76.59
C ASP Q 278 34.91 -8.24 -76.92
N THR Q 279 35.88 -8.83 -76.24
CA THR Q 279 37.26 -8.46 -76.46
C THR Q 279 38.15 -9.68 -76.69
N ASP Q 280 39.04 -9.58 -77.68
CA ASP Q 280 39.94 -10.67 -78.00
C ASP Q 280 41.00 -10.81 -76.93
N GLN Q 281 42.08 -11.53 -77.23
CA GLN Q 281 43.14 -11.72 -76.25
C GLN Q 281 44.51 -11.35 -76.77
N VAL Q 282 44.57 -10.84 -77.99
CA VAL Q 282 45.85 -10.44 -78.54
C VAL Q 282 46.37 -9.23 -77.77
N TYR Q 283 47.32 -9.47 -76.88
CA TYR Q 283 47.88 -8.39 -76.10
C TYR Q 283 49.28 -8.12 -76.61
N GLY Q 284 49.80 -6.94 -76.33
CA GLY Q 284 51.14 -6.59 -76.77
C GLY Q 284 52.17 -7.57 -76.26
N ASN Q 285 53.43 -7.39 -76.66
CA ASN Q 285 54.49 -8.29 -76.22
C ASN Q 285 54.61 -8.18 -74.70
N ILE Q 286 55.48 -9.00 -74.10
CA ILE Q 286 55.64 -8.99 -72.66
C ILE Q 286 56.93 -8.35 -72.14
N ALA Q 287 56.85 -7.81 -70.93
CA ALA Q 287 57.99 -7.15 -70.30
C ALA Q 287 58.66 -8.13 -69.36
N THR Q 288 59.92 -8.45 -69.63
CA THR Q 288 60.67 -9.40 -68.80
C THR Q 288 61.88 -8.78 -68.10
N TYR Q 289 62.47 -9.55 -67.19
CA TYR Q 289 63.64 -9.12 -66.41
C TYR Q 289 64.93 -9.23 -67.22
N ASN Q 290 66.07 -9.03 -66.56
CA ASN Q 290 67.36 -9.12 -67.21
C ASN Q 290 68.49 -9.01 -66.18
N PHE Q 291 68.75 -10.12 -65.49
CA PHE Q 291 69.78 -10.19 -64.46
C PHE Q 291 71.01 -9.31 -64.67
N GLU Q 292 71.58 -9.34 -65.88
CA GLU Q 292 72.76 -8.57 -66.22
C GLU Q 292 72.81 -7.20 -65.54
N ASN Q 293 71.93 -6.30 -65.95
CA ASN Q 293 71.88 -4.96 -65.38
C ASN Q 293 70.53 -4.68 -64.75
N GLY Q 294 69.87 -5.75 -64.30
CA GLY Q 294 68.57 -5.61 -63.67
C GLY Q 294 67.66 -4.60 -64.34
N ARG Q 295 67.29 -4.85 -65.59
CA ARG Q 295 66.42 -3.94 -66.31
C ARG Q 295 65.13 -4.61 -66.77
N VAL Q 296 64.09 -3.82 -66.93
CA VAL Q 296 62.79 -4.31 -67.37
C VAL Q 296 62.67 -4.04 -68.86
N ARG Q 297 62.75 -5.10 -69.66
CA ARG Q 297 62.66 -4.93 -71.10
C ARG Q 297 61.44 -5.63 -71.70
N VAL Q 298 61.03 -5.15 -72.87
CA VAL Q 298 59.89 -5.71 -73.57
C VAL Q 298 60.44 -6.56 -74.70
N ASP Q 299 60.48 -7.87 -74.51
CA ASP Q 299 61.00 -8.77 -75.53
C ASP Q 299 60.03 -9.00 -76.68
N THR Q 300 60.43 -8.53 -77.85
CA THR Q 300 59.62 -8.68 -79.04
C THR Q 300 59.48 -10.17 -79.36
N GLY Q 301 60.28 -10.99 -78.67
CA GLY Q 301 60.25 -12.42 -78.91
C GLY Q 301 59.23 -13.20 -78.11
N SER Q 302 58.63 -12.54 -77.11
CA SER Q 302 57.64 -13.22 -76.28
C SER Q 302 56.34 -12.43 -76.13
N ASN Q 303 55.30 -12.91 -76.79
CA ASN Q 303 53.99 -12.27 -76.73
C ASN Q 303 53.01 -13.26 -76.09
N TRP Q 304 52.13 -12.75 -75.24
CA TRP Q 304 51.16 -13.58 -74.54
C TRP Q 304 50.51 -14.60 -75.45
N SER Q 305 50.14 -14.18 -76.66
CA SER Q 305 49.49 -15.07 -77.62
C SER Q 305 50.21 -16.40 -77.75
N GLU Q 306 51.47 -16.44 -77.32
CA GLU Q 306 52.26 -17.67 -77.37
C GLU Q 306 52.18 -18.35 -76.01
N VAL Q 307 52.58 -17.61 -74.98
CA VAL Q 307 52.61 -18.12 -73.61
C VAL Q 307 51.44 -17.60 -72.79
N LEU Q 308 50.27 -18.12 -73.08
CA LEU Q 308 49.06 -17.74 -72.37
C LEU Q 308 48.11 -18.94 -72.41
N PRO Q 309 47.98 -19.59 -73.57
CA PRO Q 309 47.09 -20.74 -73.65
C PRO Q 309 47.50 -21.76 -72.59
N GLN Q 310 48.81 -21.95 -72.45
CA GLN Q 310 49.34 -22.90 -71.48
C GLN Q 310 48.68 -22.68 -70.12
N ILE Q 311 48.73 -21.44 -69.64
CA ILE Q 311 48.12 -21.09 -68.37
C ILE Q 311 46.73 -21.68 -68.28
N GLN Q 312 45.92 -21.44 -69.31
CA GLN Q 312 44.55 -21.95 -69.33
C GLN Q 312 44.47 -23.46 -69.49
N GLU Q 313 45.57 -24.08 -69.93
CA GLU Q 313 45.59 -25.52 -70.13
C GLU Q 313 46.30 -26.27 -69.01
N THR Q 314 46.77 -25.54 -68.01
CA THR Q 314 47.47 -26.17 -66.90
C THR Q 314 47.25 -25.44 -65.59
N THR Q 315 46.01 -25.07 -65.31
CA THR Q 315 45.69 -24.36 -64.07
C THR Q 315 44.23 -24.54 -63.67
N ALA Q 316 43.87 -23.91 -62.57
CA ALA Q 316 42.52 -23.97 -62.06
C ALA Q 316 42.02 -22.53 -62.09
N ARG Q 317 40.83 -22.33 -62.67
CA ARG Q 317 40.26 -21.00 -62.77
C ARG Q 317 39.20 -20.80 -61.69
N ILE Q 318 39.30 -19.70 -60.95
CA ILE Q 318 38.33 -19.42 -59.91
C ILE Q 318 37.79 -18.00 -60.04
N ILE Q 319 36.48 -17.88 -60.19
CA ILE Q 319 35.85 -16.58 -60.33
C ILE Q 319 35.21 -16.20 -59.00
N PHE Q 320 35.85 -15.27 -58.30
CA PHE Q 320 35.36 -14.81 -57.00
C PHE Q 320 35.01 -13.34 -57.07
N ASN Q 321 34.06 -12.91 -56.23
CA ASN Q 321 33.66 -11.51 -56.22
C ASN Q 321 33.54 -10.98 -54.81
N GLY Q 322 34.68 -10.80 -54.15
CA GLY Q 322 34.66 -10.30 -52.79
C GLY Q 322 35.11 -8.85 -52.72
N LYS Q 323 36.19 -8.53 -53.42
CA LYS Q 323 36.71 -7.17 -53.45
C LYS Q 323 35.59 -6.21 -53.80
N ASP Q 324 34.60 -6.74 -54.52
CA ASP Q 324 33.42 -6.00 -54.93
C ASP Q 324 32.44 -7.04 -55.44
N LEU Q 325 31.56 -6.64 -56.35
CA LEU Q 325 30.60 -7.57 -56.90
C LEU Q 325 30.98 -7.90 -58.34
N ASN Q 326 32.11 -7.33 -58.77
CA ASN Q 326 32.63 -7.55 -60.12
C ASN Q 326 33.44 -8.83 -60.19
N LEU Q 327 32.99 -9.77 -60.99
CA LEU Q 327 33.67 -11.06 -61.16
C LEU Q 327 35.16 -10.90 -61.38
N VAL Q 328 35.95 -11.39 -60.43
CA VAL Q 328 37.39 -11.33 -60.54
C VAL Q 328 37.91 -12.71 -60.93
N GLU Q 329 38.82 -12.77 -61.88
CA GLU Q 329 39.36 -14.05 -62.30
C GLU Q 329 40.79 -14.25 -61.84
N ARG Q 330 41.16 -15.50 -61.64
CA ARG Q 330 42.50 -15.87 -61.19
C ARG Q 330 42.68 -17.35 -61.43
N ARG Q 331 43.90 -17.73 -61.82
CA ARG Q 331 44.19 -19.14 -62.07
C ARG Q 331 45.30 -19.61 -61.14
N ILE Q 332 45.14 -20.78 -60.55
CA ILE Q 332 46.14 -21.33 -59.65
C ILE Q 332 46.86 -22.47 -60.31
N ALA Q 333 48.12 -22.65 -59.94
CA ALA Q 333 48.96 -23.70 -60.49
C ALA Q 333 48.46 -25.07 -60.10
N ALA Q 334 47.39 -25.52 -60.75
CA ALA Q 334 46.84 -26.84 -60.46
C ALA Q 334 47.74 -27.90 -61.08
N VAL Q 335 47.30 -29.14 -61.05
CA VAL Q 335 48.08 -30.24 -61.62
C VAL Q 335 47.23 -31.12 -62.49
N ASN Q 336 47.86 -31.78 -63.45
CA ASN Q 336 47.16 -32.69 -64.34
C ASN Q 336 47.80 -34.05 -64.19
N PRO Q 337 46.98 -35.10 -64.03
CA PRO Q 337 47.49 -36.47 -63.87
C PRO Q 337 48.07 -37.07 -65.14
N SER Q 338 47.45 -36.79 -66.27
CA SER Q 338 47.89 -37.33 -67.55
C SER Q 338 49.22 -36.73 -68.02
N ASP Q 339 49.64 -35.64 -67.39
CA ASP Q 339 50.88 -34.97 -67.79
C ASP Q 339 52.02 -35.17 -66.80
N PRO Q 340 53.05 -35.93 -67.21
CA PRO Q 340 54.20 -36.18 -66.34
C PRO Q 340 54.67 -34.87 -65.75
N LEU Q 341 55.22 -34.01 -66.61
CA LEU Q 341 55.72 -32.72 -66.18
C LEU Q 341 54.75 -32.05 -65.22
N GLU Q 342 53.50 -31.86 -65.68
CA GLU Q 342 52.49 -31.20 -64.86
C GLU Q 342 52.17 -31.93 -63.56
N THR Q 343 53.01 -32.89 -63.19
CA THR Q 343 52.81 -33.63 -61.96
C THR Q 343 53.91 -33.15 -61.04
N THR Q 344 54.91 -32.52 -61.64
CA THR Q 344 56.05 -31.99 -60.91
C THR Q 344 55.56 -30.81 -60.10
N LYS Q 345 54.32 -30.42 -60.35
CA LYS Q 345 53.71 -29.29 -59.67
C LYS Q 345 53.28 -29.66 -58.25
N PRO Q 346 53.19 -28.66 -57.36
CA PRO Q 346 52.77 -28.89 -55.98
C PRO Q 346 51.27 -29.19 -55.93
N ASP Q 347 50.89 -30.26 -55.26
CA ASP Q 347 49.47 -30.62 -55.14
C ASP Q 347 48.68 -29.42 -54.65
N MET Q 348 47.52 -29.17 -55.23
CA MET Q 348 46.72 -28.02 -54.81
C MET Q 348 45.39 -28.36 -54.17
N THR Q 349 45.03 -27.57 -53.17
CA THR Q 349 43.79 -27.73 -52.42
C THR Q 349 42.93 -26.49 -52.59
N LEU Q 350 41.63 -26.70 -52.75
CA LEU Q 350 40.70 -25.59 -52.92
C LEU Q 350 40.93 -24.54 -51.84
N LYS Q 351 41.15 -24.98 -50.61
CA LYS Q 351 41.40 -24.07 -49.50
C LYS Q 351 42.63 -23.23 -49.81
N GLU Q 352 43.80 -23.85 -49.72
CA GLU Q 352 45.06 -23.17 -49.99
C GLU Q 352 44.88 -22.22 -51.17
N ALA Q 353 44.15 -22.65 -52.18
CA ALA Q 353 43.91 -21.83 -53.36
C ALA Q 353 43.29 -20.50 -52.95
N LEU Q 354 42.08 -20.54 -52.40
CA LEU Q 354 41.39 -19.32 -51.98
C LEU Q 354 42.20 -18.44 -51.04
N LYS Q 355 43.32 -18.96 -50.56
CA LYS Q 355 44.16 -18.18 -49.65
C LYS Q 355 45.09 -17.27 -50.43
N ILE Q 356 45.77 -17.83 -51.44
CA ILE Q 356 46.71 -17.07 -52.25
C ILE Q 356 46.04 -16.43 -53.45
N ALA Q 357 45.08 -17.15 -54.05
CA ALA Q 357 44.36 -16.66 -55.21
C ALA Q 357 43.71 -15.29 -54.98
N PHE Q 358 42.99 -15.16 -53.88
CA PHE Q 358 42.30 -13.91 -53.58
C PHE Q 358 42.72 -13.29 -52.25
N GLY Q 359 43.00 -14.13 -51.26
CA GLY Q 359 43.43 -13.61 -49.97
C GLY Q 359 42.68 -14.09 -48.75
N PHE Q 360 41.87 -15.15 -48.88
CA PHE Q 360 41.14 -15.67 -47.74
C PHE Q 360 42.11 -16.00 -46.63
N ASN Q 361 41.69 -15.81 -45.39
CA ASN Q 361 42.56 -16.09 -44.25
C ASN Q 361 41.85 -16.84 -43.12
N GLU Q 362 42.64 -17.30 -42.15
CA GLU Q 362 42.09 -18.03 -41.01
C GLU Q 362 42.34 -17.25 -39.73
N PRO Q 363 41.47 -16.28 -39.42
CA PRO Q 363 41.59 -15.46 -38.21
C PRO Q 363 41.58 -16.28 -36.93
N ASN Q 364 40.45 -16.93 -36.67
CA ASN Q 364 40.29 -17.76 -35.48
C ASN Q 364 40.04 -19.21 -35.83
N GLY Q 365 40.50 -19.62 -37.01
CA GLY Q 365 40.31 -21.00 -37.43
C GLY Q 365 39.22 -21.16 -38.47
N ASN Q 366 38.63 -20.05 -38.88
CA ASN Q 366 37.57 -20.07 -39.88
C ASN Q 366 38.02 -19.39 -41.17
N LEU Q 367 38.06 -20.16 -42.24
CA LEU Q 367 38.48 -19.65 -43.54
C LEU Q 367 37.52 -18.60 -44.07
N GLN Q 368 37.75 -17.34 -43.69
CA GLN Q 368 36.89 -16.26 -44.12
C GLN Q 368 37.61 -15.30 -45.07
N TYR Q 369 36.88 -14.32 -45.56
CA TYR Q 369 37.44 -13.33 -46.48
C TYR Q 369 37.19 -11.91 -45.98
N GLN Q 370 38.23 -11.28 -45.45
CA GLN Q 370 38.14 -9.93 -44.93
C GLN Q 370 36.90 -9.74 -44.06
N GLY Q 371 36.42 -10.83 -43.48
CA GLY Q 371 35.25 -10.74 -42.63
C GLY Q 371 34.20 -11.79 -42.94
N LYS Q 372 33.81 -11.88 -44.20
CA LYS Q 372 32.80 -12.85 -44.62
C LYS Q 372 33.35 -14.27 -44.50
N ASP Q 373 32.49 -15.20 -44.08
CA ASP Q 373 32.88 -16.60 -43.91
C ASP Q 373 32.71 -17.36 -45.23
N ILE Q 374 33.67 -18.22 -45.54
CA ILE Q 374 33.65 -19.02 -46.77
C ILE Q 374 32.28 -19.67 -47.02
N THR Q 375 31.45 -19.73 -45.98
CA THR Q 375 30.14 -20.34 -46.10
C THR Q 375 29.10 -19.35 -46.64
N GLU Q 376 29.49 -18.09 -46.81
CA GLU Q 376 28.59 -17.08 -47.33
C GLU Q 376 28.64 -16.97 -48.84
N PHE Q 377 29.35 -17.90 -49.48
CA PHE Q 377 29.47 -17.88 -50.93
C PHE Q 377 29.08 -19.21 -51.54
N ASP Q 378 28.39 -19.15 -52.68
CA ASP Q 378 27.96 -20.37 -53.35
C ASP Q 378 29.04 -20.90 -54.27
N PHE Q 379 29.23 -22.22 -54.25
CA PHE Q 379 30.23 -22.88 -55.09
C PHE Q 379 29.55 -23.49 -56.32
N ASN Q 380 29.92 -23.00 -57.50
CA ASN Q 380 29.35 -23.51 -58.74
C ASN Q 380 30.46 -24.00 -59.67
N PHE Q 381 30.35 -25.27 -60.08
CA PHE Q 381 31.34 -25.87 -60.96
C PHE Q 381 30.76 -26.15 -62.34
N ASP Q 382 31.63 -26.51 -63.28
CA ASP Q 382 31.21 -26.82 -64.63
C ASP Q 382 30.94 -28.31 -64.75
N GLN Q 383 30.36 -28.72 -65.87
CA GLN Q 383 30.04 -30.12 -66.13
C GLN Q 383 31.18 -31.04 -65.70
N GLN Q 384 32.41 -30.65 -66.03
CA GLN Q 384 33.59 -31.42 -65.69
C GLN Q 384 33.92 -31.32 -64.22
N THR Q 385 34.47 -30.17 -63.81
CA THR Q 385 34.84 -29.92 -62.43
C THR Q 385 33.84 -30.49 -61.43
N SER Q 386 32.56 -30.51 -61.81
CA SER Q 386 31.52 -31.04 -60.93
C SER Q 386 31.90 -32.45 -60.48
N GLN Q 387 32.02 -33.35 -61.45
CA GLN Q 387 32.37 -34.74 -61.18
C GLN Q 387 33.68 -34.84 -60.40
N ASN Q 388 34.75 -34.30 -60.99
CA ASN Q 388 36.08 -34.33 -60.39
C ASN Q 388 36.09 -34.01 -58.90
N ILE Q 389 35.09 -33.24 -58.45
CA ILE Q 389 34.99 -32.89 -57.05
C ILE Q 389 34.00 -33.81 -56.36
N LYS Q 390 32.95 -34.20 -57.07
CA LYS Q 390 31.95 -35.10 -56.51
C LYS Q 390 32.64 -36.41 -56.13
N ASN Q 391 33.50 -36.90 -57.00
CA ASN Q 391 34.23 -38.14 -56.77
C ASN Q 391 35.13 -38.04 -55.53
N GLN Q 392 35.49 -36.82 -55.17
CA GLN Q 392 36.33 -36.60 -54.00
C GLN Q 392 35.47 -36.60 -52.75
N LEU Q 393 34.34 -35.89 -52.81
CA LEU Q 393 33.43 -35.83 -51.68
C LEU Q 393 32.89 -37.24 -51.40
N ALA Q 394 33.06 -38.12 -52.38
CA ALA Q 394 32.60 -39.50 -52.24
C ALA Q 394 33.61 -40.30 -51.44
N GLU Q 395 34.84 -40.37 -51.94
CA GLU Q 395 35.90 -41.11 -51.28
C GLU Q 395 36.37 -40.39 -50.01
N LEU Q 396 35.56 -39.45 -49.54
CA LEU Q 396 35.88 -38.68 -48.34
C LEU Q 396 34.66 -38.64 -47.42
N ASN Q 397 33.61 -39.38 -47.80
CA ASN Q 397 32.37 -39.45 -47.03
C ASN Q 397 31.99 -38.14 -46.38
N ALA Q 398 31.24 -37.32 -47.12
CA ALA Q 398 30.78 -36.03 -46.63
C ALA Q 398 29.78 -35.42 -47.60
N THR Q 399 28.91 -34.57 -47.10
CA THR Q 399 27.90 -33.93 -47.92
C THR Q 399 28.15 -32.42 -47.98
N ASN Q 400 28.92 -31.93 -47.02
CA ASN Q 400 29.23 -30.50 -46.98
C ASN Q 400 30.68 -30.27 -47.40
N ILE Q 401 30.86 -29.60 -48.52
CA ILE Q 401 32.19 -29.31 -49.04
C ILE Q 401 32.97 -28.32 -48.18
N TYR Q 402 32.24 -27.38 -47.57
CA TYR Q 402 32.86 -26.38 -46.70
C TYR Q 402 33.71 -27.03 -45.61
N THR Q 403 33.42 -28.30 -45.33
CA THR Q 403 34.15 -29.06 -44.31
C THR Q 403 35.41 -29.66 -44.91
N VAL Q 404 35.23 -30.61 -45.82
CA VAL Q 404 36.35 -31.27 -46.48
C VAL Q 404 37.00 -30.31 -47.48
N LEU Q 405 36.72 -29.02 -47.32
CA LEU Q 405 37.26 -27.98 -48.17
C LEU Q 405 38.76 -28.15 -48.35
N ASP Q 406 39.49 -28.12 -47.25
CA ASP Q 406 40.94 -28.26 -47.25
C ASP Q 406 41.40 -29.66 -47.66
N LYS Q 407 40.58 -30.35 -48.44
CA LYS Q 407 40.93 -31.70 -48.90
C LYS Q 407 40.44 -31.95 -50.31
N ILE Q 408 40.21 -30.88 -51.06
CA ILE Q 408 39.74 -30.99 -52.44
C ILE Q 408 40.90 -30.73 -53.39
N LYS Q 409 41.25 -31.73 -54.20
CA LYS Q 409 42.35 -31.62 -55.14
C LYS Q 409 41.92 -30.87 -56.40
N LEU Q 410 42.56 -29.75 -56.69
CA LEU Q 410 42.25 -28.96 -57.88
C LEU Q 410 43.11 -29.44 -59.05
N ASN Q 411 42.46 -29.92 -60.11
CA ASN Q 411 43.18 -30.39 -61.28
C ASN Q 411 43.11 -29.35 -62.39
N ALA Q 412 44.14 -29.29 -63.23
CA ALA Q 412 44.18 -28.33 -64.33
C ALA Q 412 42.88 -28.38 -65.12
N LYS Q 413 42.52 -27.25 -65.72
CA LYS Q 413 41.31 -27.14 -66.52
C LYS Q 413 40.05 -27.10 -65.65
N MET Q 414 40.26 -27.05 -64.34
CA MET Q 414 39.15 -27.01 -63.40
C MET Q 414 38.64 -25.57 -63.35
N ASN Q 415 37.32 -25.42 -63.30
CA ASN Q 415 36.71 -24.09 -63.25
C ASN Q 415 35.79 -23.99 -62.04
N ILE Q 416 35.91 -22.89 -61.29
CA ILE Q 416 35.10 -22.70 -60.09
C ILE Q 416 34.58 -21.27 -59.97
N LEU Q 417 33.31 -21.13 -59.60
CA LEU Q 417 32.70 -19.82 -59.45
C LEU Q 417 32.22 -19.52 -58.02
N ILE Q 418 33.04 -18.76 -57.30
CA ILE Q 418 32.71 -18.39 -55.93
C ILE Q 418 32.08 -17.01 -55.91
N ARG Q 419 30.77 -16.98 -55.67
CA ARG Q 419 30.05 -15.71 -55.63
C ARG Q 419 29.31 -15.52 -54.31
N ASP Q 420 29.23 -14.28 -53.84
CA ASP Q 420 28.54 -13.99 -52.58
C ASP Q 420 27.13 -14.55 -52.64
N LYS Q 421 26.75 -15.28 -51.60
CA LYS Q 421 25.44 -15.91 -51.54
C LYS Q 421 24.31 -14.95 -51.17
N ARG Q 422 24.66 -13.74 -50.76
CA ARG Q 422 23.67 -12.74 -50.38
C ARG Q 422 22.72 -12.31 -51.49
N PHE Q 423 23.25 -11.62 -52.50
CA PHE Q 423 22.45 -11.12 -53.61
C PHE Q 423 22.07 -12.20 -54.63
N HIS Q 424 21.06 -11.90 -55.44
CA HIS Q 424 20.62 -12.81 -56.49
C HIS Q 424 21.54 -12.60 -57.70
N TYR Q 425 21.50 -13.53 -58.64
CA TYR Q 425 22.34 -13.41 -59.82
C TYR Q 425 21.57 -13.67 -61.10
N ASP Q 426 22.02 -13.02 -62.18
CA ASP Q 426 21.38 -13.16 -63.48
C ASP Q 426 22.00 -14.24 -64.35
N ARG Q 427 21.96 -14.01 -65.66
CA ARG Q 427 22.49 -14.94 -66.64
C ARG Q 427 23.98 -14.70 -66.85
N ASN Q 428 24.44 -13.48 -66.61
CA ASN Q 428 25.84 -13.12 -66.79
C ASN Q 428 26.62 -13.14 -65.47
N ASN Q 429 25.97 -13.58 -64.40
CA ASN Q 429 26.60 -13.64 -63.08
C ASN Q 429 26.95 -12.25 -62.59
N ILE Q 430 25.95 -11.38 -62.52
CA ILE Q 430 26.17 -10.01 -62.07
C ILE Q 430 25.36 -9.68 -60.84
N ALA Q 431 25.86 -8.72 -60.06
CA ALA Q 431 25.17 -8.28 -58.85
C ALA Q 431 23.82 -7.72 -59.26
N VAL Q 432 22.80 -8.57 -59.20
CA VAL Q 432 21.46 -8.15 -59.58
C VAL Q 432 20.71 -7.48 -58.43
N GLY Q 433 20.25 -8.28 -57.47
CA GLY Q 433 19.52 -7.76 -56.34
C GLY Q 433 19.26 -8.83 -55.28
N ALA Q 434 19.55 -8.52 -54.02
CA ALA Q 434 19.35 -9.47 -52.94
C ALA Q 434 17.91 -9.54 -52.46
N ASP Q 435 17.73 -10.04 -51.25
CA ASP Q 435 16.40 -10.18 -50.64
C ASP Q 435 16.04 -8.93 -49.85
N GLU Q 436 14.75 -8.66 -49.73
CA GLU Q 436 14.25 -7.49 -49.00
C GLU Q 436 14.98 -7.32 -47.68
N SER Q 437 15.21 -8.43 -46.99
CA SER Q 437 15.90 -8.41 -45.71
C SER Q 437 17.18 -7.59 -45.80
N VAL Q 438 18.20 -8.18 -46.41
CA VAL Q 438 19.50 -7.54 -46.57
C VAL Q 438 19.32 -6.10 -47.05
N VAL Q 439 18.41 -5.90 -47.99
CA VAL Q 439 18.14 -4.58 -48.54
C VAL Q 439 17.80 -3.58 -47.43
N LYS Q 440 16.68 -3.83 -46.75
CA LYS Q 440 16.24 -2.96 -45.67
C LYS Q 440 17.39 -2.65 -44.72
N GLU Q 441 18.05 -3.70 -44.24
CA GLU Q 441 19.16 -3.56 -43.32
C GLU Q 441 20.10 -2.42 -43.71
N ALA Q 442 20.62 -2.48 -44.93
CA ALA Q 442 21.55 -1.47 -45.43
C ALA Q 442 21.05 -0.03 -45.30
N HIS Q 443 19.75 0.14 -45.18
CA HIS Q 443 19.17 1.47 -45.07
C HIS Q 443 18.79 1.84 -43.63
N ARG Q 444 18.82 0.85 -42.73
CA ARG Q 444 18.48 1.09 -41.34
C ARG Q 444 19.11 2.36 -40.79
N GLU Q 445 20.23 2.76 -41.36
CA GLU Q 445 20.94 3.95 -40.90
C GLU Q 445 20.42 5.24 -41.55
N VAL Q 446 20.29 6.28 -40.74
CA VAL Q 446 19.81 7.57 -41.19
C VAL Q 446 20.76 8.65 -40.68
N ILE Q 447 20.97 9.70 -41.48
CA ILE Q 447 21.86 10.77 -41.07
C ILE Q 447 21.18 12.14 -41.06
N ASN Q 448 20.26 12.36 -41.99
CA ASN Q 448 19.57 13.63 -42.06
C ASN Q 448 18.28 13.55 -42.86
N SER Q 449 17.16 13.78 -42.19
CA SER Q 449 15.86 13.76 -42.82
C SER Q 449 15.44 15.20 -43.13
N SER Q 450 15.01 15.44 -44.35
CA SER Q 450 14.60 16.79 -44.76
C SER Q 450 13.50 16.76 -45.81
N THR Q 451 12.83 17.90 -45.97
CA THR Q 451 11.76 18.03 -46.96
C THR Q 451 12.39 18.12 -48.33
N GLU Q 452 13.72 18.06 -48.37
CA GLU Q 452 14.46 18.15 -49.62
C GLU Q 452 14.94 16.77 -50.07
N GLY Q 453 15.63 16.08 -49.17
CA GLY Q 453 16.14 14.77 -49.49
C GLY Q 453 16.83 14.09 -48.32
N LEU Q 454 16.70 12.76 -48.26
CA LEU Q 454 17.31 11.99 -47.18
C LEU Q 454 18.80 11.75 -47.42
N LEU Q 455 19.56 11.74 -46.34
CA LEU Q 455 20.99 11.51 -46.41
C LEU Q 455 21.30 10.27 -45.59
N LEU Q 456 21.71 9.20 -46.26
CA LEU Q 456 22.02 7.95 -45.58
C LEU Q 456 23.43 7.46 -45.85
N ASN Q 457 23.84 6.44 -45.12
CA ASN Q 457 25.17 5.85 -45.27
C ASN Q 457 24.98 4.42 -45.75
N ILE Q 458 24.13 4.26 -46.76
CA ILE Q 458 23.82 2.94 -47.32
C ILE Q 458 25.08 2.16 -47.69
N ASP Q 459 25.02 0.85 -47.51
CA ASP Q 459 26.15 -0.03 -47.81
C ASP Q 459 26.44 -0.09 -49.30
N LYS Q 460 27.72 0.03 -49.66
CA LYS Q 460 28.15 0.01 -51.05
C LYS Q 460 27.73 -1.28 -51.74
N ASP Q 461 28.12 -2.41 -51.17
CA ASP Q 461 27.79 -3.72 -51.71
C ASP Q 461 26.31 -3.84 -52.04
N ILE Q 462 25.47 -3.16 -51.28
CA ILE Q 462 24.03 -3.20 -51.49
C ILE Q 462 23.62 -2.20 -52.56
N ARG Q 463 23.83 -0.92 -52.27
CA ARG Q 463 23.47 0.14 -53.19
C ARG Q 463 23.70 -0.23 -54.65
N LYS Q 464 24.70 -1.06 -54.89
CA LYS Q 464 25.01 -1.48 -56.25
C LYS Q 464 23.95 -2.38 -56.89
N ILE Q 465 22.99 -2.86 -56.10
CA ILE Q 465 21.93 -3.70 -56.66
C ILE Q 465 20.60 -2.95 -56.69
N LEU Q 466 20.67 -1.63 -56.56
CA LEU Q 466 19.47 -0.80 -56.57
C LEU Q 466 19.34 0.07 -57.80
N SER Q 467 18.19 0.01 -58.44
CA SER Q 467 17.91 0.79 -59.63
C SER Q 467 17.55 2.22 -59.22
N GLY Q 468 16.62 2.34 -58.27
CA GLY Q 468 16.20 3.65 -57.81
C GLY Q 468 15.24 3.60 -56.63
N TYR Q 469 14.67 4.76 -56.31
CA TYR Q 469 13.74 4.88 -55.20
C TYR Q 469 12.45 5.59 -55.62
N ILE Q 470 11.32 5.12 -55.10
CA ILE Q 470 10.01 5.69 -55.41
C ILE Q 470 9.54 6.52 -54.23
N VAL Q 471 9.45 7.84 -54.42
CA VAL Q 471 9.00 8.73 -53.36
C VAL Q 471 7.48 8.90 -53.41
N GLU Q 472 6.81 8.59 -52.30
CA GLU Q 472 5.36 8.72 -52.24
C GLU Q 472 4.91 9.28 -50.90
N ILE Q 473 3.60 9.30 -50.69
CA ILE Q 473 3.01 9.80 -49.45
C ILE Q 473 1.71 9.08 -49.12
N GLU Q 474 1.68 8.41 -47.96
CA GLU Q 474 0.51 7.67 -47.52
C GLU Q 474 -0.33 8.51 -46.57
N ASP Q 475 -1.60 8.70 -46.91
CA ASP Q 475 -2.51 9.48 -46.09
C ASP Q 475 -2.80 8.74 -44.79
N THR Q 476 -3.17 9.48 -43.75
CA THR Q 476 -3.47 8.89 -42.45
C THR Q 476 -4.56 7.82 -42.55
N GLU Q 477 -5.20 7.73 -43.71
CA GLU Q 477 -6.25 6.75 -43.93
C GLU Q 477 -5.72 5.50 -44.64
N GLY Q 478 -5.07 5.71 -45.78
CA GLY Q 478 -4.52 4.60 -46.53
C GLY Q 478 -4.37 4.91 -48.01
N LEU Q 479 -3.91 6.11 -48.32
CA LEU Q 479 -3.72 6.53 -49.71
C LEU Q 479 -2.31 6.24 -50.19
N LYS Q 480 -2.18 5.99 -51.49
CA LYS Q 480 -0.88 5.69 -52.09
C LYS Q 480 -0.46 6.73 -53.11
N GLU Q 481 -0.38 7.99 -52.66
CA GLU Q 481 0.03 9.08 -53.54
C GLU Q 481 1.54 9.00 -53.75
N VAL Q 482 1.96 8.91 -55.01
CA VAL Q 482 3.37 8.81 -55.33
C VAL Q 482 3.89 10.04 -56.07
N ILE Q 483 5.09 10.49 -55.71
CA ILE Q 483 5.69 11.64 -56.38
C ILE Q 483 6.13 11.20 -57.77
N ASN Q 484 7.42 10.89 -57.92
CA ASN Q 484 7.95 10.42 -59.20
C ASN Q 484 7.28 9.08 -59.50
N ASP Q 485 6.15 9.12 -60.19
CA ASP Q 485 5.41 7.92 -60.51
C ASP Q 485 5.75 7.27 -61.85
N ARG Q 486 6.68 7.86 -62.59
CA ARG Q 486 7.06 7.29 -63.89
C ARG Q 486 8.33 6.45 -63.78
N TYR Q 487 8.32 5.29 -64.41
CA TYR Q 487 9.46 4.37 -64.38
C TYR Q 487 10.78 5.07 -64.60
N ASP Q 488 10.76 6.14 -65.40
CA ASP Q 488 11.97 6.89 -65.70
C ASP Q 488 12.25 7.99 -64.69
N MET Q 489 11.51 8.00 -63.59
CA MET Q 489 11.70 9.00 -62.55
C MET Q 489 12.28 8.37 -61.29
N LEU Q 490 13.01 7.28 -61.47
CA LEU Q 490 13.61 6.58 -60.35
C LEU Q 490 15.01 7.16 -60.07
N ASN Q 491 15.55 7.84 -61.06
CA ASN Q 491 16.87 8.45 -60.96
C ASN Q 491 16.90 9.59 -59.94
N ILE Q 492 17.18 9.25 -58.68
CA ILE Q 492 17.23 10.25 -57.62
C ILE Q 492 18.45 10.08 -56.72
N SER Q 493 18.67 8.86 -56.25
CA SER Q 493 19.79 8.56 -55.36
C SER Q 493 21.13 9.10 -55.88
N SER Q 494 21.69 10.04 -55.14
CA SER Q 494 22.98 10.63 -55.50
C SER Q 494 24.04 9.99 -54.63
N LEU Q 495 25.22 10.60 -54.52
CA LEU Q 495 26.28 10.03 -53.71
C LEU Q 495 27.43 11.00 -53.48
N ARG Q 496 27.53 11.52 -52.26
CA ARG Q 496 28.60 12.45 -51.90
C ARG Q 496 29.90 11.67 -51.83
N GLN Q 497 31.02 12.35 -52.10
CA GLN Q 497 32.32 11.70 -52.07
C GLN Q 497 32.72 11.33 -50.64
N ASP Q 498 31.81 11.56 -49.70
CA ASP Q 498 32.06 11.24 -48.31
C ASP Q 498 31.58 9.82 -48.00
N GLY Q 499 30.99 9.19 -49.00
CA GLY Q 499 30.51 7.82 -48.83
C GLY Q 499 29.07 7.72 -48.39
N LYS Q 500 28.33 8.83 -48.43
CA LYS Q 500 26.94 8.82 -48.01
C LYS Q 500 25.99 9.08 -49.18
N THR Q 501 25.03 8.17 -49.35
CA THR Q 501 24.04 8.27 -50.42
C THR Q 501 23.05 9.38 -50.11
N PHE Q 502 23.00 10.39 -50.98
CA PHE Q 502 22.09 11.51 -50.79
C PHE Q 502 20.88 11.44 -51.72
N ILE Q 503 19.70 11.23 -51.13
CA ILE Q 503 18.47 11.15 -51.90
C ILE Q 503 17.88 12.55 -52.01
N ASP Q 504 17.07 12.78 -53.05
CA ASP Q 504 16.44 14.07 -53.26
C ASP Q 504 15.06 13.88 -53.86
N PHE Q 505 14.05 14.46 -53.21
CA PHE Q 505 12.68 14.36 -53.67
C PHE Q 505 12.45 15.48 -54.67
N LYS Q 506 13.19 16.58 -54.49
CA LYS Q 506 13.08 17.76 -55.34
C LYS Q 506 13.37 17.53 -56.82
N LYS Q 507 14.28 16.59 -57.11
CA LYS Q 507 14.63 16.31 -58.50
C LYS Q 507 13.40 15.95 -59.33
N TYR Q 508 12.30 15.64 -58.64
CA TYR Q 508 11.06 15.29 -59.30
C TYR Q 508 9.83 15.88 -58.59
N ASN Q 509 9.82 17.21 -58.46
CA ASN Q 509 8.72 17.94 -57.83
C ASN Q 509 8.92 19.44 -58.03
N ASP Q 510 8.99 19.85 -59.29
CA ASP Q 510 9.17 21.26 -59.63
C ASP Q 510 10.34 21.91 -58.89
N LYS Q 511 11.40 21.13 -58.68
CA LYS Q 511 12.60 21.63 -58.01
C LYS Q 511 12.28 22.21 -56.63
N LEU Q 512 11.06 21.98 -56.16
CA LEU Q 512 10.65 22.48 -54.85
C LEU Q 512 10.55 21.36 -53.83
N PRO Q 513 10.91 21.64 -52.57
CA PRO Q 513 10.86 20.63 -51.50
C PRO Q 513 9.47 20.03 -51.29
N LEU Q 514 9.40 19.05 -50.40
CA LEU Q 514 8.15 18.37 -50.09
C LEU Q 514 7.00 19.31 -49.72
N TYR Q 515 5.79 18.79 -49.87
CA TYR Q 515 4.57 19.53 -49.57
C TYR Q 515 3.81 18.75 -48.50
N ILE Q 516 3.88 19.24 -47.27
CA ILE Q 516 3.20 18.58 -46.15
C ILE Q 516 1.98 19.37 -45.69
N SER Q 517 0.83 19.08 -46.28
CA SER Q 517 -0.41 19.75 -45.92
C SER Q 517 -0.81 19.35 -44.51
N ASN Q 518 -0.42 18.13 -44.13
CA ASN Q 518 -0.72 17.59 -42.81
C ASN Q 518 0.49 16.82 -42.30
N PRO Q 519 1.25 17.42 -41.38
CA PRO Q 519 2.44 16.79 -40.80
C PRO Q 519 2.15 15.56 -39.93
N ASN Q 520 1.35 14.63 -40.48
CA ASN Q 520 0.99 13.41 -39.78
C ASN Q 520 0.91 12.25 -40.77
N TYR Q 521 1.33 12.52 -42.01
CA TYR Q 521 1.32 11.51 -43.07
C TYR Q 521 2.50 10.55 -42.92
N LYS Q 522 2.85 9.90 -44.02
CA LYS Q 522 3.97 8.96 -44.02
C LYS Q 522 4.75 9.01 -45.32
N VAL Q 523 5.86 9.73 -45.33
CA VAL Q 523 6.69 9.85 -46.53
C VAL Q 523 7.31 8.48 -46.82
N ASN Q 524 6.64 7.70 -47.66
CA ASN Q 524 7.12 6.37 -48.01
C ASN Q 524 8.05 6.37 -49.22
N VAL Q 525 9.33 6.14 -48.95
CA VAL Q 525 10.35 6.10 -50.00
C VAL Q 525 10.81 4.65 -50.14
N TYR Q 526 10.45 4.04 -51.25
CA TYR Q 526 10.82 2.65 -51.50
C TYR Q 526 12.12 2.52 -52.28
N ALA Q 527 12.59 1.28 -52.43
CA ALA Q 527 13.80 1.00 -53.17
C ALA Q 527 13.47 -0.07 -54.21
N VAL Q 528 14.09 0.03 -55.38
CA VAL Q 528 13.84 -0.93 -56.44
C VAL Q 528 15.13 -1.57 -56.93
N THR Q 529 15.28 -2.87 -56.65
CA THR Q 529 16.47 -3.58 -57.07
C THR Q 529 16.50 -3.66 -58.60
N LYS Q 530 17.69 -3.81 -59.16
CA LYS Q 530 17.82 -3.90 -60.61
C LYS Q 530 16.93 -5.00 -61.17
N GLU Q 531 17.05 -6.20 -60.61
CA GLU Q 531 16.26 -7.34 -61.07
C GLU Q 531 14.77 -7.00 -61.25
N ASN Q 532 14.26 -6.11 -60.43
CA ASN Q 532 12.84 -5.73 -60.51
C ASN Q 532 12.55 -4.55 -61.42
N THR Q 533 13.34 -3.49 -61.29
CA THR Q 533 13.14 -2.28 -62.08
C THR Q 533 12.75 -2.50 -63.55
N ILE Q 534 11.93 -1.58 -64.06
CA ILE Q 534 11.47 -1.62 -65.44
C ILE Q 534 12.17 -0.52 -66.21
N ILE Q 535 12.20 -0.65 -67.53
CA ILE Q 535 12.86 0.32 -68.39
C ILE Q 535 12.01 0.89 -69.52
N ASN Q 536 10.87 0.25 -69.78
CA ASN Q 536 9.98 0.71 -70.83
C ASN Q 536 8.51 0.53 -70.47
N PRO Q 537 7.63 1.36 -71.03
CA PRO Q 537 6.18 1.31 -70.78
C PRO Q 537 5.60 -0.07 -71.07
N SER Q 538 4.39 -0.32 -70.55
CA SER Q 538 3.73 -1.60 -70.74
C SER Q 538 3.13 -1.70 -72.14
N GLU Q 539 2.56 -2.85 -72.47
CA GLU Q 539 1.95 -3.08 -73.77
C GLU Q 539 1.18 -1.86 -74.24
N ASN Q 540 0.68 -1.08 -73.28
CA ASN Q 540 -0.07 0.13 -73.58
C ASN Q 540 0.87 1.34 -73.48
N GLY Q 541 0.64 2.17 -72.48
CA GLY Q 541 1.46 3.34 -72.27
C GLY Q 541 1.58 3.64 -70.79
N ASP Q 542 1.56 2.59 -69.99
CA ASP Q 542 1.64 2.71 -68.54
C ASP Q 542 3.02 3.16 -68.11
N THR Q 543 3.22 4.47 -68.05
CA THR Q 543 4.50 5.04 -67.64
C THR Q 543 4.51 5.19 -66.13
N SER Q 544 3.61 4.47 -65.46
CA SER Q 544 3.49 4.54 -64.01
C SER Q 544 4.29 3.48 -63.27
N THR Q 545 4.36 3.63 -61.96
CA THR Q 545 5.08 2.70 -61.09
C THR Q 545 4.12 1.65 -60.53
N ASN Q 546 2.99 1.49 -61.22
CA ASN Q 546 1.97 0.53 -60.81
C ASN Q 546 2.55 -0.88 -60.67
N GLY Q 547 2.87 -1.50 -61.80
CA GLY Q 547 3.41 -2.84 -61.78
C GLY Q 547 4.89 -2.90 -61.45
N ILE Q 548 5.23 -2.79 -60.18
CA ILE Q 548 6.62 -2.84 -59.73
C ILE Q 548 6.72 -3.61 -58.43
N LYS Q 549 7.93 -4.07 -58.11
CA LYS Q 549 8.15 -4.80 -56.87
C LYS Q 549 9.17 -4.01 -56.06
N LYS Q 550 8.73 -2.91 -55.46
CA LYS Q 550 9.62 -2.09 -54.65
C LYS Q 550 9.73 -2.63 -53.23
N ILE Q 551 10.60 -2.02 -52.44
CA ILE Q 551 10.81 -2.45 -51.06
C ILE Q 551 10.83 -1.25 -50.12
N LEU Q 552 10.09 -1.35 -49.02
CA LEU Q 552 10.01 -0.28 -48.04
C LEU Q 552 11.37 -0.01 -47.40
N ILE Q 553 11.86 1.21 -47.58
CA ILE Q 553 13.15 1.60 -47.03
C ILE Q 553 13.00 2.74 -46.02
N PHE Q 554 11.95 3.54 -46.19
CA PHE Q 554 11.71 4.66 -45.29
C PHE Q 554 10.23 4.79 -44.98
N SER Q 555 9.90 5.49 -43.90
CA SER Q 555 8.51 5.68 -43.50
C SER Q 555 8.38 6.49 -42.22
N LYS Q 556 8.76 7.76 -42.29
CA LYS Q 556 8.67 8.64 -41.11
C LYS Q 556 7.46 9.56 -41.22
N LYS Q 557 7.04 10.10 -40.08
CA LYS Q 557 5.90 10.99 -40.04
C LYS Q 557 6.26 12.41 -40.43
N GLY Q 558 5.24 13.22 -40.71
CA GLY Q 558 5.47 14.61 -41.09
C GLY Q 558 6.19 15.41 -40.04
N TYR Q 559 5.91 15.13 -38.77
CA TYR Q 559 6.54 15.84 -37.67
C TYR Q 559 7.88 15.21 -37.29
N GLU Q 560 8.15 14.04 -37.86
CA GLU Q 560 9.40 13.34 -37.57
C GLU Q 560 10.45 13.62 -38.65
N ILE Q 561 10.38 14.80 -39.23
CA ILE Q 561 11.32 15.20 -40.28
C ILE Q 561 11.67 16.68 -40.13
N GLY Q 562 10.72 17.55 -40.48
CA GLY Q 562 10.95 18.98 -40.38
C GLY Q 562 9.99 19.78 -41.25
N SER R 1 -23.61 28.42 -85.24
CA SER R 1 -24.49 29.39 -84.61
C SER R 1 -24.44 29.26 -83.09
N CYS R 2 -25.59 29.02 -82.47
CA CYS R 2 -25.67 28.87 -81.02
C CYS R 2 -25.89 27.41 -80.63
N ARG R 3 -25.54 27.09 -79.39
CA ARG R 3 -25.69 25.72 -78.87
C ARG R 3 -26.22 25.72 -77.45
N ARG R 4 -26.51 24.54 -76.92
CA ARG R 4 -27.02 24.43 -75.56
C ARG R 4 -26.23 23.41 -74.74
N ALA R 5 -25.75 22.37 -75.41
CA ALA R 5 -24.99 21.31 -74.73
C ALA R 5 -23.48 21.55 -74.75
N PHE R 6 -22.94 21.87 -73.57
CA PHE R 6 -21.51 22.11 -73.44
C PHE R 6 -20.88 21.06 -72.52
N ASP R 7 -19.65 20.69 -72.82
CA ASP R 7 -18.91 19.71 -72.03
C ASP R 7 -17.67 20.40 -71.49
N LEU R 8 -17.65 20.64 -70.19
CA LEU R 8 -16.51 21.31 -69.57
C LEU R 8 -15.49 20.31 -69.01
N TYR R 9 -14.24 20.48 -69.41
CA TYR R 9 -13.15 19.63 -68.95
C TYR R 9 -12.29 20.42 -67.97
N PHE R 10 -12.11 19.87 -66.77
CA PHE R 10 -11.32 20.54 -65.75
C PHE R 10 -9.95 19.91 -65.49
N VAL R 11 -8.99 20.28 -66.33
CA VAL R 11 -7.62 19.79 -66.20
C VAL R 11 -6.98 20.62 -65.09
N LEU R 12 -6.61 19.95 -63.99
CA LEU R 12 -6.02 20.64 -62.85
C LEU R 12 -4.56 20.28 -62.57
N ASP R 13 -3.74 21.32 -62.43
CA ASP R 13 -2.32 21.16 -62.14
C ASP R 13 -2.14 20.89 -60.65
N LYS R 14 -1.89 19.64 -60.29
CA LYS R 14 -1.69 19.31 -58.89
C LYS R 14 -0.21 19.12 -58.58
N SER R 15 0.63 19.96 -59.18
CA SER R 15 2.08 19.88 -58.99
C SER R 15 2.49 20.66 -57.74
N GLY R 16 3.65 20.31 -57.19
CA GLY R 16 4.15 20.97 -56.00
C GLY R 16 4.25 22.48 -56.12
N SER R 17 4.55 22.95 -57.33
CA SER R 17 4.69 24.39 -57.57
C SER R 17 3.41 25.15 -57.21
N VAL R 18 2.27 24.49 -57.39
CA VAL R 18 0.98 25.10 -57.07
C VAL R 18 0.33 24.40 -55.90
N ALA R 19 1.14 23.96 -54.94
CA ALA R 19 0.63 23.27 -53.77
C ALA R 19 0.08 24.25 -52.75
N ASN R 20 0.41 25.53 -52.91
CA ASN R 20 -0.06 26.57 -52.00
C ASN R 20 -1.45 27.06 -52.35
N ASN R 21 -1.64 27.44 -53.60
CA ASN R 21 -2.92 27.96 -54.07
C ASN R 21 -3.81 26.91 -54.72
N TRP R 22 -3.92 25.74 -54.09
CA TRP R 22 -4.77 24.68 -54.63
C TRP R 22 -6.24 25.02 -54.42
N ILE R 23 -6.55 25.56 -53.25
CA ILE R 23 -7.92 25.91 -52.92
C ILE R 23 -8.53 26.83 -53.98
N GLU R 24 -7.79 27.86 -54.40
CA GLU R 24 -8.27 28.79 -55.41
C GLU R 24 -8.71 28.01 -56.65
N ILE R 25 -7.88 27.04 -57.03
CA ILE R 25 -8.16 26.20 -58.18
C ILE R 25 -9.43 25.40 -57.93
N TYR R 26 -9.58 24.88 -56.72
CA TYR R 26 -10.77 24.11 -56.37
C TYR R 26 -11.99 25.02 -56.36
N ASN R 27 -11.82 26.23 -55.84
CA ASN R 27 -12.90 27.19 -55.78
C ASN R 27 -13.37 27.51 -57.19
N PHE R 28 -12.41 27.78 -58.08
CA PHE R 28 -12.73 28.10 -59.46
C PHE R 28 -13.47 26.92 -60.11
N VAL R 29 -13.12 25.71 -59.71
CA VAL R 29 -13.75 24.51 -60.26
C VAL R 29 -15.05 24.21 -59.51
N GLN R 30 -15.25 24.90 -58.38
CA GLN R 30 -16.45 24.71 -57.59
C GLN R 30 -17.45 25.82 -57.93
N GLN R 31 -16.93 27.03 -58.10
CA GLN R 31 -17.76 28.19 -58.44
C GLN R 31 -18.21 28.11 -59.90
N LEU R 32 -17.57 27.24 -60.66
CA LEU R 32 -17.91 27.06 -62.07
C LEU R 32 -18.92 25.92 -62.21
N ALA R 33 -18.74 24.87 -61.42
CA ALA R 33 -19.65 23.73 -61.45
C ALA R 33 -20.95 24.14 -60.76
N GLU R 34 -20.85 25.23 -60.00
CA GLU R 34 -21.98 25.78 -59.26
C GLU R 34 -22.84 26.60 -60.21
N ARG R 35 -22.20 27.17 -61.23
CA ARG R 35 -22.88 27.99 -62.22
C ARG R 35 -23.64 27.13 -63.23
N PHE R 36 -22.92 26.58 -64.19
CA PHE R 36 -23.52 25.74 -65.22
C PHE R 36 -24.15 24.50 -64.60
N VAL R 37 -25.47 24.54 -64.41
CA VAL R 37 -26.18 23.42 -63.81
C VAL R 37 -27.23 22.86 -64.78
N SER R 38 -26.92 22.92 -66.08
CA SER R 38 -27.82 22.40 -67.09
C SER R 38 -27.51 20.93 -67.35
N PRO R 39 -28.54 20.07 -67.41
CA PRO R 39 -28.37 18.64 -67.66
C PRO R 39 -27.54 18.32 -68.89
N GLU R 40 -27.31 19.35 -69.73
CA GLU R 40 -26.53 19.19 -70.94
C GLU R 40 -25.09 19.65 -70.70
N MET R 41 -24.84 20.15 -69.49
CA MET R 41 -23.52 20.63 -69.11
C MET R 41 -22.72 19.52 -68.44
N ARG R 42 -22.36 18.49 -69.20
CA ARG R 42 -21.60 17.38 -68.66
C ARG R 42 -20.19 17.85 -68.27
N LEU R 43 -19.86 17.68 -66.99
CA LEU R 43 -18.55 18.10 -66.50
C LEU R 43 -17.60 16.91 -66.37
N SER R 44 -16.30 17.20 -66.34
CA SER R 44 -15.28 16.18 -66.21
C SER R 44 -14.08 16.78 -65.49
N PHE R 45 -13.57 16.06 -64.49
CA PHE R 45 -12.42 16.55 -63.75
C PHE R 45 -11.15 15.76 -64.05
N ILE R 46 -10.03 16.47 -64.09
CA ILE R 46 -8.74 15.86 -64.38
C ILE R 46 -7.64 16.59 -63.62
N VAL R 47 -6.69 15.85 -63.07
CA VAL R 47 -5.59 16.44 -62.33
C VAL R 47 -4.26 15.84 -62.77
N PHE R 48 -3.33 16.69 -63.21
CA PHE R 48 -2.04 16.23 -63.66
C PHE R 48 -0.91 16.70 -62.76
N SER R 49 0.27 16.12 -62.99
CA SER R 49 1.47 16.45 -62.23
C SER R 49 2.58 15.57 -62.81
N SER R 50 2.86 14.47 -62.12
CA SER R 50 3.87 13.53 -62.58
C SER R 50 3.13 12.66 -63.60
N GLN R 51 1.81 12.77 -63.55
CA GLN R 51 0.94 12.03 -64.43
C GLN R 51 -0.49 12.41 -64.09
N ALA R 52 -1.31 12.64 -65.11
CA ALA R 52 -2.69 13.04 -64.90
C ALA R 52 -3.64 11.88 -64.66
N THR R 53 -4.78 12.17 -64.05
CA THR R 53 -5.80 11.18 -63.76
C THR R 53 -7.20 11.71 -63.97
N ILE R 54 -8.11 10.82 -64.36
CA ILE R 54 -9.50 11.17 -64.62
C ILE R 54 -10.30 11.10 -63.32
N ILE R 55 -10.35 12.23 -62.61
CA ILE R 55 -11.09 12.30 -61.35
C ILE R 55 -12.58 12.11 -61.61
N LEU R 56 -13.13 12.94 -62.51
CA LEU R 56 -14.53 12.88 -62.87
C LEU R 56 -14.73 12.73 -64.36
N PRO R 57 -15.33 11.61 -64.80
CA PRO R 57 -15.57 11.38 -66.23
C PRO R 57 -16.44 12.49 -66.81
N LEU R 58 -16.81 12.35 -68.07
CA LEU R 58 -17.66 13.35 -68.72
C LEU R 58 -19.12 12.96 -68.56
N THR R 59 -19.83 13.65 -67.67
CA THR R 59 -21.24 13.38 -67.43
C THR R 59 -21.93 14.54 -66.72
N GLY R 60 -23.26 14.55 -66.75
CA GLY R 60 -24.01 15.61 -66.12
C GLY R 60 -24.86 15.11 -64.97
N ASP R 61 -24.23 14.43 -64.02
CA ASP R 61 -24.92 13.89 -62.86
C ASP R 61 -24.26 14.40 -61.58
N ARG R 62 -24.84 15.43 -60.97
CA ARG R 62 -24.31 16.01 -59.75
C ARG R 62 -24.03 14.97 -58.67
N GLY R 63 -24.65 13.80 -58.79
CA GLY R 63 -24.42 12.76 -57.82
C GLY R 63 -22.95 12.39 -57.79
N LYS R 64 -22.35 12.36 -58.98
CA LYS R 64 -20.94 12.03 -59.12
C LYS R 64 -20.12 13.32 -59.24
N ILE R 65 -20.77 14.38 -59.70
CA ILE R 65 -20.12 15.68 -59.83
C ILE R 65 -19.69 16.19 -58.46
N SER R 66 -20.63 16.18 -57.52
CA SER R 66 -20.33 16.61 -56.17
C SER R 66 -19.24 15.69 -55.64
N LYS R 67 -19.36 14.41 -55.99
CA LYS R 67 -18.40 13.40 -55.58
C LYS R 67 -17.01 13.85 -56.00
N GLY R 68 -16.91 14.33 -57.25
CA GLY R 68 -15.64 14.79 -57.76
C GLY R 68 -15.14 16.00 -56.98
N LEU R 69 -16.04 16.96 -56.78
CA LEU R 69 -15.70 18.17 -56.04
C LEU R 69 -15.21 17.83 -54.64
N GLU R 70 -15.70 16.71 -54.10
CA GLU R 70 -15.29 16.27 -52.77
C GLU R 70 -13.88 15.72 -52.82
N ASP R 71 -13.54 15.08 -53.94
CA ASP R 71 -12.21 14.51 -54.13
C ASP R 71 -11.19 15.59 -54.43
N LEU R 72 -11.54 16.52 -55.33
CA LEU R 72 -10.63 17.60 -55.69
C LEU R 72 -10.33 18.45 -54.46
N LYS R 73 -11.24 18.44 -53.51
CA LYS R 73 -11.09 19.19 -52.27
C LYS R 73 -9.97 18.56 -51.46
N ARG R 74 -9.97 17.24 -51.39
CA ARG R 74 -8.97 16.48 -50.64
C ARG R 74 -7.82 16.06 -51.55
N VAL R 75 -7.11 17.03 -52.10
CA VAL R 75 -5.98 16.77 -52.98
C VAL R 75 -4.70 17.42 -52.45
N SER R 76 -3.59 16.71 -52.59
CA SER R 76 -2.31 17.22 -52.13
C SER R 76 -1.42 17.53 -53.33
N PRO R 77 -1.42 18.80 -53.78
CA PRO R 77 -0.63 19.23 -54.94
C PRO R 77 0.86 18.93 -54.80
N VAL R 78 1.32 17.92 -55.55
CA VAL R 78 2.73 17.54 -55.51
C VAL R 78 3.09 16.69 -56.74
N GLY R 79 4.31 16.87 -57.21
CA GLY R 79 4.78 16.13 -58.37
C GLY R 79 5.21 17.08 -59.48
N GLU R 80 5.79 16.53 -60.54
CA GLU R 80 6.24 17.33 -61.67
C GLU R 80 5.08 18.08 -62.32
N THR R 81 5.39 18.77 -63.42
CA THR R 81 4.38 19.53 -64.13
C THR R 81 4.21 19.02 -65.56
N TYR R 82 3.53 17.89 -65.71
CA TYR R 82 3.29 17.30 -67.03
C TYR R 82 1.88 17.63 -67.50
N ILE R 83 1.66 18.92 -67.76
CA ILE R 83 0.36 19.41 -68.20
C ILE R 83 -0.13 18.72 -69.48
N HIS R 84 0.73 18.62 -70.47
CA HIS R 84 0.37 17.99 -71.74
C HIS R 84 -0.39 16.69 -71.50
N GLU R 85 0.13 15.85 -70.61
CA GLU R 85 -0.53 14.58 -70.31
C GLU R 85 -1.98 14.83 -69.91
N GLY R 86 -2.21 15.87 -69.13
CA GLY R 86 -3.56 16.20 -68.71
C GLY R 86 -4.44 16.59 -69.88
N LEU R 87 -3.99 17.58 -70.64
CA LEU R 87 -4.73 18.05 -71.80
C LEU R 87 -5.07 16.86 -72.70
N LYS R 88 -4.23 15.83 -72.65
CA LYS R 88 -4.44 14.63 -73.45
C LYS R 88 -5.65 13.85 -72.95
N LEU R 89 -5.68 13.56 -71.66
CA LEU R 89 -6.79 12.83 -71.08
C LEU R 89 -8.09 13.58 -71.36
N ALA R 90 -7.96 14.83 -71.79
CA ALA R 90 -9.11 15.65 -72.11
C ALA R 90 -9.59 15.31 -73.52
N ASN R 91 -8.67 15.37 -74.48
CA ASN R 91 -9.00 15.08 -75.86
C ASN R 91 -9.43 13.62 -76.02
N GLU R 92 -8.85 12.74 -75.21
CA GLU R 92 -9.20 11.33 -75.27
C GLU R 92 -10.70 11.16 -75.02
N GLN R 93 -11.24 11.97 -74.11
CA GLN R 93 -12.65 11.94 -73.77
C GLN R 93 -13.49 12.53 -74.92
N ILE R 94 -12.99 13.62 -75.49
CA ILE R 94 -13.67 14.29 -76.58
C ILE R 94 -13.79 13.38 -77.79
N GLN R 95 -12.65 12.97 -78.34
CA GLN R 95 -12.62 12.11 -79.52
C GLN R 95 -13.45 10.83 -79.34
N LYS R 96 -13.73 10.48 -78.09
CA LYS R 96 -14.53 9.29 -77.81
C LYS R 96 -16.00 9.66 -77.76
N ALA R 97 -16.27 10.96 -77.76
CA ALA R 97 -17.64 11.47 -77.70
C ALA R 97 -18.16 11.77 -79.10
N GLY R 98 -17.26 12.09 -80.01
CA GLY R 98 -17.66 12.39 -81.39
C GLY R 98 -16.67 13.30 -82.11
N GLY R 99 -15.65 13.75 -81.40
CA GLY R 99 -14.65 14.62 -82.00
C GLY R 99 -15.22 16.00 -82.27
N LEU R 100 -15.36 16.34 -83.55
CA LEU R 100 -15.90 17.63 -83.94
C LEU R 100 -17.38 17.67 -83.55
N LYS R 101 -18.00 16.49 -83.54
CA LYS R 101 -19.41 16.34 -83.19
C LYS R 101 -19.68 16.68 -81.74
N THR R 102 -18.72 17.34 -81.09
CA THR R 102 -18.88 17.72 -79.69
C THR R 102 -18.33 19.12 -79.41
N SER R 103 -19.13 19.91 -78.71
CA SER R 103 -18.73 21.26 -78.35
C SER R 103 -18.15 21.19 -76.95
N SER R 104 -16.82 21.10 -76.86
CA SER R 104 -16.16 21.00 -75.57
C SER R 104 -15.41 22.26 -75.17
N ILE R 105 -15.20 22.43 -73.87
CA ILE R 105 -14.50 23.59 -73.33
C ILE R 105 -13.46 23.14 -72.30
N ILE R 106 -12.24 22.89 -72.78
CA ILE R 106 -11.16 22.46 -71.92
C ILE R 106 -10.65 23.61 -71.06
N ILE R 107 -10.71 23.44 -69.74
CA ILE R 107 -10.26 24.45 -68.80
C ILE R 107 -9.10 23.90 -67.97
N ALA R 108 -7.88 24.31 -68.33
CA ALA R 108 -6.69 23.85 -67.63
C ALA R 108 -6.20 24.84 -66.56
N LEU R 109 -6.11 24.35 -65.33
CA LEU R 109 -5.64 25.15 -64.21
C LEU R 109 -4.18 24.81 -63.96
N THR R 110 -3.30 25.80 -64.09
CA THR R 110 -1.87 25.57 -63.88
C THR R 110 -1.11 26.87 -63.70
N ASP R 111 0.15 26.75 -63.32
CA ASP R 111 1.01 27.91 -63.12
C ASP R 111 1.67 28.31 -64.43
N GLY R 112 1.49 27.50 -65.46
CA GLY R 112 2.09 27.80 -66.76
C GLY R 112 3.60 27.72 -66.76
N LYS R 113 4.17 27.34 -65.61
CA LYS R 113 5.63 27.21 -65.48
C LYS R 113 6.08 25.83 -65.92
N LEU R 114 6.04 25.59 -67.23
CA LEU R 114 6.46 24.29 -67.77
C LEU R 114 7.96 24.27 -67.98
N ASP R 115 8.52 23.08 -68.13
CA ASP R 115 9.96 22.94 -68.34
C ASP R 115 10.33 21.84 -69.35
N GLY R 116 11.49 21.98 -69.97
CA GLY R 116 11.95 21.01 -70.93
C GLY R 116 11.06 20.81 -72.14
N LEU R 117 10.65 19.57 -72.37
CA LEU R 117 9.78 19.24 -73.50
C LEU R 117 8.32 19.52 -73.21
N VAL R 118 7.97 19.59 -71.93
CA VAL R 118 6.59 19.87 -71.54
C VAL R 118 6.01 21.00 -72.39
N PRO R 119 6.75 22.12 -72.53
CA PRO R 119 6.26 23.26 -73.33
C PRO R 119 5.91 22.82 -74.74
N SER R 120 6.89 22.25 -75.42
CA SER R 120 6.70 21.78 -76.80
C SER R 120 5.47 20.88 -76.90
N TYR R 121 5.45 19.83 -76.10
CA TYR R 121 4.33 18.89 -76.11
C TYR R 121 3.01 19.51 -75.66
N ALA R 122 3.08 20.37 -74.65
CA ALA R 122 1.87 21.03 -74.15
C ALA R 122 1.26 21.85 -75.29
N GLU R 123 2.06 22.74 -75.87
CA GLU R 123 1.61 23.57 -76.97
C GLU R 123 1.01 22.70 -78.08
N LYS R 124 1.71 21.61 -78.40
CA LYS R 124 1.27 20.71 -79.45
C LYS R 124 0.01 19.96 -79.03
N GLU R 125 0.05 19.35 -77.85
CA GLU R 125 -1.09 18.60 -77.35
C GLU R 125 -2.31 19.51 -77.23
N ALA R 126 -2.05 20.81 -77.06
CA ALA R 126 -3.12 21.79 -76.94
C ALA R 126 -3.79 22.01 -78.29
N LYS R 127 -2.98 22.12 -79.34
CA LYS R 127 -3.49 22.31 -80.69
C LYS R 127 -4.25 21.06 -81.08
N ILE R 128 -3.88 19.94 -80.47
CA ILE R 128 -4.54 18.67 -80.73
C ILE R 128 -5.97 18.77 -80.19
N SER R 129 -6.18 19.74 -79.30
CA SER R 129 -7.48 19.96 -78.71
C SER R 129 -8.33 20.78 -79.68
N ARG R 130 -7.81 21.93 -80.07
CA ARG R 130 -8.51 22.80 -81.00
C ARG R 130 -8.71 22.13 -82.35
N SER R 131 -8.10 20.95 -82.51
CA SER R 131 -8.23 20.19 -83.74
C SER R 131 -9.36 19.17 -83.59
N LEU R 132 -10.14 19.32 -82.52
CA LEU R 132 -11.25 18.42 -82.25
C LEU R 132 -12.51 19.22 -81.94
N GLY R 133 -12.60 20.41 -82.51
CA GLY R 133 -13.75 21.26 -82.27
C GLY R 133 -13.90 21.57 -80.80
N ALA R 134 -12.84 22.05 -80.18
CA ALA R 134 -12.86 22.39 -78.77
C ALA R 134 -12.10 23.69 -78.49
N SER R 135 -12.38 24.29 -77.34
CA SER R 135 -11.73 25.53 -76.95
C SER R 135 -10.92 25.30 -75.67
N VAL R 136 -9.71 25.84 -75.64
CA VAL R 136 -8.82 25.67 -74.50
C VAL R 136 -8.77 26.92 -73.62
N TYR R 137 -8.88 26.72 -72.31
CA TYR R 137 -8.84 27.83 -71.36
C TYR R 137 -7.75 27.62 -70.31
N CYS R 138 -6.78 28.53 -70.28
CA CYS R 138 -5.68 28.46 -69.33
C CYS R 138 -5.90 29.38 -68.14
N VAL R 139 -6.56 28.88 -67.11
CA VAL R 139 -6.81 29.67 -65.91
C VAL R 139 -5.63 29.51 -64.96
N GLY R 140 -4.57 30.25 -65.25
CA GLY R 140 -3.35 30.17 -64.46
C GLY R 140 -3.47 30.61 -63.01
N VAL R 141 -2.46 30.24 -62.21
CA VAL R 141 -2.40 30.58 -60.80
C VAL R 141 -1.05 31.26 -60.53
N LEU R 142 -1.00 32.06 -59.46
CA LEU R 142 0.23 32.76 -59.11
C LEU R 142 0.74 33.56 -60.30
N ASP R 143 1.98 34.02 -60.23
CA ASP R 143 2.57 34.79 -61.32
C ASP R 143 2.85 33.87 -62.50
N PHE R 144 1.83 33.16 -62.93
CA PHE R 144 1.93 32.21 -64.04
C PHE R 144 2.57 32.81 -65.29
N GLU R 145 2.87 31.95 -66.25
CA GLU R 145 3.49 32.37 -67.50
C GLU R 145 2.44 32.73 -68.54
N GLN R 146 2.05 34.00 -68.56
CA GLN R 146 1.06 34.49 -69.51
C GLN R 146 1.45 33.99 -70.90
N ALA R 147 2.72 34.16 -71.23
CA ALA R 147 3.25 33.74 -72.53
C ALA R 147 2.84 32.32 -72.88
N GLN R 148 3.33 31.36 -72.10
CA GLN R 148 3.02 29.95 -72.33
C GLN R 148 1.53 29.70 -72.47
N LEU R 149 0.76 30.16 -71.48
CA LEU R 149 -0.69 29.99 -71.51
C LEU R 149 -1.27 30.40 -72.85
N GLU R 150 -0.78 31.51 -73.37
CA GLU R 150 -1.25 32.01 -74.67
C GLU R 150 -1.05 30.94 -75.73
N ARG R 151 0.14 30.37 -75.78
CA ARG R 151 0.46 29.34 -76.75
C ARG R 151 -0.25 28.03 -76.45
N ILE R 152 -0.85 27.93 -75.27
CA ILE R 152 -1.55 26.72 -74.87
C ILE R 152 -3.03 26.77 -75.23
N ALA R 153 -3.68 27.90 -74.92
CA ALA R 153 -5.09 28.05 -75.21
C ALA R 153 -5.29 28.57 -76.64
N ASP R 154 -6.50 29.05 -76.93
CA ASP R 154 -6.81 29.58 -78.25
C ASP R 154 -6.07 30.89 -78.50
N SER R 155 -6.36 31.89 -77.67
CA SER R 155 -5.72 33.19 -77.78
C SER R 155 -5.47 33.75 -76.39
N LYS R 156 -4.85 34.94 -76.32
CA LYS R 156 -4.55 35.56 -75.05
C LYS R 156 -5.82 35.90 -74.28
N GLU R 157 -6.97 35.69 -74.91
CA GLU R 157 -8.25 35.97 -74.29
C GLU R 157 -8.68 34.84 -73.37
N GLN R 158 -8.56 33.60 -73.85
CA GLN R 158 -8.94 32.44 -73.05
C GLN R 158 -7.98 32.25 -71.86
N VAL R 159 -7.25 33.32 -71.53
CA VAL R 159 -6.31 33.30 -70.43
C VAL R 159 -6.81 34.24 -69.33
N PHE R 160 -7.52 33.69 -68.36
CA PHE R 160 -8.07 34.48 -67.26
C PHE R 160 -7.41 34.14 -65.93
N PRO R 161 -6.86 35.13 -65.23
CA PRO R 161 -6.22 34.89 -63.94
C PRO R 161 -7.28 34.69 -62.85
N VAL R 162 -7.25 33.52 -62.21
CA VAL R 162 -8.23 33.21 -61.16
C VAL R 162 -8.37 34.36 -60.18
N LYS R 163 -7.27 35.04 -59.89
CA LYS R 163 -7.29 36.17 -58.97
C LYS R 163 -7.82 37.42 -59.66
N GLY R 164 -8.91 37.97 -59.12
CA GLY R 164 -9.51 39.16 -59.69
C GLY R 164 -11.00 39.20 -59.40
N GLY R 165 -11.63 40.31 -59.75
CA GLY R 165 -13.07 40.45 -59.51
C GLY R 165 -13.88 39.54 -60.41
N PHE R 166 -13.79 38.24 -60.18
CA PHE R 166 -14.52 37.26 -60.97
C PHE R 166 -14.17 37.40 -62.45
N GLN R 167 -13.13 38.18 -62.74
CA GLN R 167 -12.70 38.40 -64.11
C GLN R 167 -12.70 37.09 -64.88
N ALA R 168 -12.31 36.02 -64.17
CA ALA R 168 -12.28 34.69 -64.76
C ALA R 168 -13.70 34.15 -64.91
N LEU R 169 -14.37 33.93 -63.78
CA LEU R 169 -15.74 33.43 -63.79
C LEU R 169 -16.58 34.22 -64.78
N LYS R 170 -16.55 35.54 -64.67
CA LYS R 170 -17.31 36.41 -65.55
C LYS R 170 -16.86 36.24 -66.99
N GLY R 171 -15.67 36.77 -67.31
CA GLY R 171 -15.14 36.67 -68.65
C GLY R 171 -15.30 35.31 -69.32
N ILE R 172 -15.21 34.25 -68.52
CA ILE R 172 -15.34 32.89 -69.04
C ILE R 172 -16.80 32.46 -69.23
N ILE R 173 -17.55 32.43 -68.14
CA ILE R 173 -18.95 32.03 -68.20
C ILE R 173 -19.69 32.86 -69.25
N ASN R 174 -19.31 34.12 -69.39
CA ASN R 174 -19.94 35.01 -70.36
C ASN R 174 -19.38 34.79 -71.76
N SER R 175 -18.25 34.10 -71.84
CA SER R 175 -17.62 33.81 -73.13
C SER R 175 -18.13 32.46 -73.61
N ILE R 176 -18.67 31.69 -72.68
CA ILE R 176 -19.22 30.37 -72.97
C ILE R 176 -20.69 30.52 -73.35
N LEU R 177 -21.38 31.43 -72.67
CA LEU R 177 -22.79 31.69 -72.94
C LEU R 177 -22.92 32.52 -74.21
N ALA R 178 -21.80 33.05 -74.69
CA ALA R 178 -21.77 33.85 -75.90
C ALA R 178 -21.87 32.92 -77.10
N GLN R 179 -22.08 31.64 -76.81
CA GLN R 179 -22.19 30.62 -77.84
C GLN R 179 -23.53 29.88 -77.69
N SER R 180 -24.23 30.17 -76.60
CA SER R 180 -25.52 29.55 -76.33
C SER R 180 -26.64 30.36 -76.98
N CYS R 181 -27.82 29.77 -77.08
CA CYS R 181 -28.96 30.44 -77.68
C CYS R 181 -29.69 31.29 -76.65
N THR S 1 77.37 -40.84 -70.92
CA THR S 1 77.84 -41.50 -72.17
C THR S 1 76.88 -42.59 -72.62
N VAL S 2 75.68 -42.58 -72.03
CA VAL S 2 74.67 -43.57 -72.36
C VAL S 2 74.32 -43.52 -73.85
N PRO S 3 74.29 -44.69 -74.51
CA PRO S 3 73.99 -44.80 -75.93
C PRO S 3 72.64 -44.22 -76.32
N ASP S 4 72.64 -43.29 -77.27
CA ASP S 4 71.43 -42.65 -77.76
C ASP S 4 71.71 -41.92 -79.08
N ARG S 5 71.47 -42.62 -80.18
CA ARG S 5 71.70 -42.07 -81.51
C ARG S 5 70.70 -40.96 -81.81
N ASP S 6 69.42 -41.28 -81.67
CA ASP S 6 68.35 -40.32 -81.92
C ASP S 6 68.65 -38.98 -81.26
N ASN S 7 69.32 -39.03 -80.11
CA ASN S 7 69.70 -37.84 -79.36
C ASN S 7 68.48 -37.16 -78.75
N ASP S 8 67.35 -37.87 -78.69
CA ASP S 8 66.14 -37.32 -78.14
C ASP S 8 66.15 -37.26 -76.62
N GLY S 9 66.89 -38.17 -76.00
CA GLY S 9 66.98 -38.18 -74.55
C GLY S 9 66.48 -39.47 -73.93
N ILE S 10 66.24 -40.47 -74.76
CA ILE S 10 65.77 -41.77 -74.28
C ILE S 10 66.73 -42.85 -74.75
N PRO S 11 67.64 -43.27 -73.86
CA PRO S 11 68.64 -44.30 -74.13
C PRO S 11 68.12 -45.46 -74.97
N ASP S 12 68.71 -45.63 -76.15
CA ASP S 12 68.32 -46.68 -77.09
C ASP S 12 67.49 -47.78 -76.44
N SER S 13 68.18 -48.68 -75.73
CA SER S 13 67.52 -49.78 -75.06
C SER S 13 66.13 -49.36 -74.58
N LEU S 14 66.09 -48.47 -73.60
CA LEU S 14 64.83 -47.99 -73.04
C LEU S 14 63.78 -47.79 -74.11
N GLU S 15 64.14 -47.06 -75.16
CA GLU S 15 63.22 -46.77 -76.24
C GLU S 15 62.87 -47.98 -77.11
N VAL S 16 63.71 -49.02 -77.04
CA VAL S 16 63.47 -50.21 -77.84
C VAL S 16 62.82 -51.31 -77.04
N GLU S 17 63.37 -51.57 -75.85
CA GLU S 17 62.87 -52.62 -74.97
C GLU S 17 61.69 -52.18 -74.11
N GLY S 18 61.25 -50.94 -74.31
CA GLY S 18 60.12 -50.43 -73.55
C GLY S 18 60.52 -49.54 -72.40
N TYR S 19 59.71 -48.51 -72.15
CA TYR S 19 59.98 -47.58 -71.07
C TYR S 19 58.72 -46.81 -70.72
N THR S 20 58.86 -45.86 -69.80
CA THR S 20 57.76 -45.04 -69.36
C THR S 20 58.32 -44.09 -68.33
N VAL S 21 57.47 -43.23 -67.77
CA VAL S 21 57.95 -42.28 -66.78
C VAL S 21 56.95 -42.04 -65.67
N ASP S 22 57.49 -41.82 -64.47
CA ASP S 22 56.69 -41.57 -63.28
C ASP S 22 57.36 -40.45 -62.50
N VAL S 23 56.83 -40.14 -61.32
CA VAL S 23 57.39 -39.08 -60.49
C VAL S 23 57.61 -39.50 -59.03
N LYS S 24 58.87 -39.73 -58.68
CA LYS S 24 59.24 -40.14 -57.32
C LYS S 24 58.80 -39.04 -56.36
N ASN S 25 59.76 -38.29 -55.82
CA ASN S 25 59.43 -37.20 -54.91
C ASN S 25 58.46 -36.34 -55.69
N LYS S 26 59.01 -35.46 -56.52
CA LYS S 26 58.21 -34.58 -57.35
C LYS S 26 58.97 -34.41 -58.64
N ARG S 27 59.90 -35.32 -58.90
CA ARG S 27 60.71 -35.27 -60.10
C ARG S 27 60.23 -36.34 -61.08
N THR S 28 60.56 -36.17 -62.35
CA THR S 28 60.14 -37.13 -63.37
C THR S 28 61.29 -38.06 -63.72
N PHE S 29 61.09 -39.35 -63.51
CA PHE S 29 62.12 -40.34 -63.82
C PHE S 29 61.76 -41.20 -65.01
N LEU S 30 62.64 -41.20 -66.01
CA LEU S 30 62.44 -42.00 -67.21
C LEU S 30 63.10 -43.34 -66.92
N SER S 31 62.29 -44.37 -66.69
CA SER S 31 62.78 -45.70 -66.37
C SER S 31 62.27 -46.80 -67.30
N PRO S 32 63.03 -47.91 -67.40
CA PRO S 32 62.64 -49.04 -68.25
C PRO S 32 61.37 -49.71 -67.73
N TRP S 33 60.78 -50.57 -68.56
CA TRP S 33 59.54 -51.25 -68.18
C TRP S 33 59.72 -52.25 -67.05
N ILE S 34 58.68 -52.36 -66.22
CA ILE S 34 58.67 -53.30 -65.10
C ILE S 34 57.24 -53.80 -64.92
N SER S 35 56.91 -54.86 -65.65
CA SER S 35 55.57 -55.46 -65.60
C SER S 35 54.98 -55.43 -64.21
N ASN S 36 55.85 -55.51 -63.20
CA ASN S 36 55.42 -55.51 -61.81
C ASN S 36 54.94 -54.11 -61.39
N ILE S 37 55.71 -53.49 -60.51
CA ILE S 37 55.39 -52.17 -59.98
C ILE S 37 54.81 -51.16 -60.98
N HIS S 38 55.26 -51.22 -62.22
CA HIS S 38 54.76 -50.28 -63.22
C HIS S 38 53.31 -50.53 -63.66
N GLU S 39 53.07 -51.67 -64.30
CA GLU S 39 51.73 -52.01 -64.78
C GLU S 39 50.65 -51.85 -63.72
N LYS S 40 51.08 -51.72 -62.47
CA LYS S 40 50.16 -51.55 -61.35
C LYS S 40 49.71 -50.10 -61.20
N LYS S 41 50.68 -49.21 -61.04
CA LYS S 41 50.39 -47.79 -60.85
C LYS S 41 49.56 -47.17 -61.98
N GLY S 42 49.34 -47.94 -63.04
CA GLY S 42 48.52 -47.46 -64.15
C GLY S 42 49.27 -46.85 -65.33
N LEU S 43 50.59 -46.82 -65.26
CA LEU S 43 51.39 -46.26 -66.34
C LEU S 43 51.19 -47.04 -67.64
N THR S 44 52.01 -46.75 -68.63
CA THR S 44 51.92 -47.43 -69.93
C THR S 44 53.30 -47.84 -70.42
N LYS S 45 53.33 -48.73 -71.41
CA LYS S 45 54.58 -49.20 -71.97
C LYS S 45 54.87 -48.42 -73.24
N TYR S 46 55.69 -47.37 -73.12
CA TYR S 46 56.04 -46.53 -74.26
C TYR S 46 57.25 -47.07 -75.01
N LYS S 47 56.99 -47.92 -76.00
CA LYS S 47 58.07 -48.48 -76.80
C LYS S 47 58.13 -47.70 -78.10
N SER S 48 59.16 -46.87 -78.24
CA SER S 48 59.33 -46.07 -79.45
C SER S 48 60.51 -46.51 -80.30
N SER S 49 61.05 -45.59 -81.11
CA SER S 49 62.19 -45.91 -81.95
C SER S 49 63.38 -45.02 -81.65
N PRO S 50 64.57 -45.62 -81.56
CA PRO S 50 65.84 -44.97 -81.25
C PRO S 50 66.51 -44.21 -82.38
N GLU S 51 66.08 -44.41 -83.62
CA GLU S 51 66.74 -43.68 -84.69
C GLU S 51 65.95 -42.52 -85.27
N LYS S 52 64.85 -42.16 -84.61
CA LYS S 52 64.03 -41.04 -85.06
C LYS S 52 63.76 -40.08 -83.91
N TRP S 53 63.96 -38.79 -84.17
CA TRP S 53 63.75 -37.76 -83.16
C TRP S 53 62.30 -37.79 -82.69
N SER S 54 61.43 -38.24 -83.58
CA SER S 54 60.00 -38.34 -83.29
C SER S 54 59.48 -39.43 -84.21
N THR S 55 59.41 -40.65 -83.69
CA THR S 55 58.96 -41.78 -84.48
C THR S 55 57.77 -41.50 -85.38
N ALA S 56 56.91 -40.58 -84.96
CA ALA S 56 55.73 -40.24 -85.76
C ALA S 56 56.11 -39.27 -86.88
N SER S 57 57.27 -38.64 -86.73
CA SER S 57 57.80 -37.67 -87.69
C SER S 57 57.39 -36.26 -87.30
N ASP S 58 56.21 -36.12 -86.73
CA ASP S 58 55.70 -34.81 -86.32
C ASP S 58 56.76 -34.08 -85.50
N PRO S 59 56.64 -32.77 -85.37
CA PRO S 59 57.57 -31.93 -84.63
C PRO S 59 57.52 -32.08 -83.12
N TYR S 60 57.78 -33.28 -82.63
CA TYR S 60 57.75 -33.51 -81.19
C TYR S 60 58.57 -34.74 -80.80
N SER S 61 59.76 -34.50 -80.25
CA SER S 61 60.65 -35.60 -79.85
C SER S 61 59.92 -36.60 -78.97
N ASP S 62 60.10 -37.88 -79.29
CA ASP S 62 59.48 -38.95 -78.53
C ASP S 62 59.55 -38.53 -77.06
N PHE S 63 60.75 -38.15 -76.65
CA PHE S 63 60.95 -37.72 -75.28
C PHE S 63 60.00 -36.59 -74.94
N GLU S 64 60.11 -35.49 -75.68
CA GLU S 64 59.26 -34.33 -75.45
C GLU S 64 57.83 -34.71 -75.11
N LYS S 65 57.31 -35.75 -75.74
CA LYS S 65 55.94 -36.19 -75.47
C LYS S 65 55.77 -36.85 -74.11
N VAL S 66 56.30 -38.07 -73.98
CA VAL S 66 56.19 -38.81 -72.73
C VAL S 66 56.58 -37.97 -71.53
N THR S 67 57.69 -37.26 -71.62
CA THR S 67 58.15 -36.43 -70.52
C THR S 67 57.14 -35.34 -70.17
N GLY S 68 56.36 -34.94 -71.17
CA GLY S 68 55.37 -33.90 -70.96
C GLY S 68 55.88 -32.51 -71.26
N ARG S 69 57.17 -32.40 -71.54
CA ARG S 69 57.80 -31.13 -71.84
C ARG S 69 57.50 -30.81 -73.31
N ILE S 70 56.29 -30.32 -73.56
CA ILE S 70 55.85 -30.01 -74.92
C ILE S 70 54.66 -29.05 -74.89
N ASP S 71 54.31 -28.49 -76.05
CA ASP S 71 53.19 -27.57 -76.13
C ASP S 71 51.97 -28.25 -75.51
N LYS S 72 51.51 -27.73 -74.39
CA LYS S 72 50.39 -28.30 -73.69
C LYS S 72 49.11 -28.49 -74.47
N ASN S 73 49.02 -27.93 -75.67
CA ASN S 73 47.80 -28.09 -76.44
C ASN S 73 47.70 -29.43 -77.16
N VAL S 74 48.86 -30.03 -77.45
CA VAL S 74 48.89 -31.31 -78.15
C VAL S 74 47.92 -32.29 -77.52
N SER S 75 47.04 -32.85 -78.34
CA SER S 75 46.05 -33.81 -77.88
C SER S 75 46.70 -34.87 -76.99
N PRO S 76 45.99 -35.31 -75.94
CA PRO S 76 46.53 -36.33 -75.04
C PRO S 76 47.00 -37.58 -75.78
N GLU S 77 46.07 -38.26 -76.43
CA GLU S 77 46.37 -39.48 -77.16
C GLU S 77 47.53 -39.33 -78.14
N ALA S 78 47.98 -38.10 -78.34
CA ALA S 78 49.08 -37.86 -79.25
C ALA S 78 50.36 -37.66 -78.45
N ARG S 79 50.21 -37.59 -77.13
CA ARG S 79 51.35 -37.40 -76.26
C ARG S 79 52.19 -38.68 -76.31
N HIS S 80 51.67 -39.70 -76.97
CA HIS S 80 52.33 -40.99 -77.11
C HIS S 80 53.27 -41.04 -78.31
N PRO S 81 54.45 -41.62 -78.15
CA PRO S 81 55.48 -41.76 -79.19
C PRO S 81 55.06 -42.36 -80.52
N LEU S 82 53.93 -43.05 -80.55
CA LEU S 82 53.49 -43.67 -81.81
C LEU S 82 52.20 -43.12 -82.39
N VAL S 83 51.72 -42.01 -81.85
CA VAL S 83 50.49 -41.41 -82.36
C VAL S 83 50.77 -40.06 -83.01
N ALA S 84 50.48 -39.96 -84.30
CA ALA S 84 50.70 -38.74 -85.05
C ALA S 84 50.19 -37.54 -84.28
N ALA S 85 50.95 -36.45 -84.32
CA ALA S 85 50.56 -35.23 -83.64
C ALA S 85 50.43 -34.09 -84.63
N TYR S 86 49.65 -34.31 -85.70
CA TYR S 86 49.46 -33.29 -86.71
C TYR S 86 48.06 -32.68 -86.63
N PRO S 87 47.90 -31.47 -87.17
CA PRO S 87 46.60 -30.79 -87.15
C PRO S 87 45.75 -31.18 -88.35
N ILE S 88 44.45 -31.21 -88.14
CA ILE S 88 43.52 -31.54 -89.21
C ILE S 88 42.31 -30.63 -89.04
N VAL S 89 42.15 -29.72 -89.98
CA VAL S 89 41.06 -28.76 -89.93
C VAL S 89 40.12 -28.83 -91.12
N HIS S 90 38.84 -28.67 -90.85
CA HIS S 90 37.82 -28.69 -91.89
C HIS S 90 36.89 -27.53 -91.57
N VAL S 91 36.06 -27.12 -92.54
CA VAL S 91 35.17 -25.99 -92.31
C VAL S 91 33.71 -26.33 -92.07
N ASP S 92 33.14 -25.75 -91.03
CA ASP S 92 31.74 -25.97 -90.71
C ASP S 92 30.95 -24.73 -91.04
N MET S 93 29.80 -24.93 -91.69
CA MET S 93 28.94 -23.83 -92.09
C MET S 93 27.62 -23.96 -91.34
N GLU S 94 27.42 -23.10 -90.34
CA GLU S 94 26.20 -23.16 -89.54
C GLU S 94 24.92 -22.77 -90.26
N ASN S 95 24.96 -21.68 -91.01
CA ASN S 95 23.78 -21.23 -91.73
C ASN S 95 24.13 -20.30 -92.89
N ILE S 96 23.35 -20.40 -93.97
CA ILE S 96 23.57 -19.56 -95.14
C ILE S 96 22.40 -18.61 -95.31
N ILE S 97 22.55 -17.68 -96.23
CA ILE S 97 21.50 -16.71 -96.49
C ILE S 97 21.54 -16.27 -97.94
N LEU S 98 20.57 -16.76 -98.71
CA LEU S 98 20.47 -16.44 -100.13
C LEU S 98 19.58 -15.23 -100.33
N SER S 99 20.02 -14.30 -101.16
CA SER S 99 19.26 -13.10 -101.45
C SER S 99 19.46 -12.64 -102.89
N LYS S 100 18.50 -11.88 -103.41
CA LYS S 100 18.59 -11.37 -104.77
C LYS S 100 19.60 -10.24 -104.80
N ASN S 101 20.60 -10.37 -105.67
CA ASN S 101 21.64 -9.34 -105.77
C ASN S 101 21.01 -7.96 -105.95
N GLU S 102 21.46 -7.01 -105.12
CA GLU S 102 20.94 -5.64 -105.17
C GLU S 102 20.88 -5.11 -106.59
N ASP S 110 13.58 -1.82 -100.01
CA ASP S 110 12.25 -2.39 -99.88
C ASP S 110 12.33 -3.92 -99.80
N SER S 111 13.54 -4.46 -99.98
CA SER S 111 13.76 -5.89 -99.94
C SER S 111 14.09 -6.34 -98.51
N GLN S 112 13.18 -7.08 -97.90
CA GLN S 112 13.37 -7.59 -96.55
C GLN S 112 12.92 -9.04 -96.43
N THR S 113 11.85 -9.39 -97.13
CA THR S 113 11.31 -10.75 -97.11
C THR S 113 11.63 -11.47 -98.41
N ARG S 114 12.35 -10.80 -99.31
CA ARG S 114 12.73 -11.37 -100.59
C ARG S 114 14.02 -12.17 -100.38
N THR S 115 14.29 -12.55 -99.13
CA THR S 115 15.50 -13.29 -98.79
C THR S 115 15.23 -14.55 -97.99
N ILE S 116 15.85 -15.66 -98.40
CA ILE S 116 15.70 -16.93 -97.69
C ILE S 116 16.90 -17.15 -96.79
N SER S 117 16.65 -17.63 -95.58
CA SER S 117 17.71 -17.89 -94.62
C SER S 117 17.49 -19.22 -93.91
N LYS S 118 18.14 -20.27 -94.42
CA LYS S 118 18.01 -21.60 -93.84
C LYS S 118 19.28 -21.98 -93.08
N ASN S 119 19.14 -22.92 -92.15
CA ASN S 119 20.27 -23.41 -91.36
C ASN S 119 20.97 -24.51 -92.15
N THR S 120 22.11 -24.96 -91.64
CA THR S 120 22.87 -26.01 -92.33
C THR S 120 23.55 -27.00 -91.40
N SER S 121 23.81 -28.20 -91.92
CA SER S 121 24.46 -29.24 -91.14
C SER S 121 25.73 -29.70 -91.85
N THR S 122 26.87 -29.34 -91.29
CA THR S 122 28.15 -29.72 -91.88
C THR S 122 28.73 -30.93 -91.17
N SER S 123 29.64 -31.64 -91.84
CA SER S 123 30.29 -32.81 -91.26
C SER S 123 31.44 -33.31 -92.14
N ARG S 124 32.61 -33.49 -91.54
CA ARG S 124 33.76 -33.97 -92.29
C ARG S 124 33.33 -35.15 -93.13
N THR S 125 34.01 -35.38 -94.25
CA THR S 125 33.66 -36.49 -95.12
C THR S 125 34.88 -37.36 -95.40
N HIS S 126 34.71 -38.32 -96.29
CA HIS S 126 35.80 -39.22 -96.65
C HIS S 126 35.43 -40.04 -97.88
N THR S 127 34.80 -39.36 -98.85
CA THR S 127 34.37 -39.98 -100.10
C THR S 127 35.23 -41.15 -100.57
N SER S 128 34.58 -42.29 -100.81
CA SER S 128 35.27 -43.49 -101.27
C SER S 128 35.02 -43.65 -102.76
N GLU S 129 35.12 -44.87 -103.26
CA GLU S 129 34.89 -45.13 -104.68
C GLU S 129 33.43 -45.42 -104.97
N VAL S 130 33.09 -45.55 -106.24
CA VAL S 130 31.72 -45.81 -106.66
C VAL S 130 31.39 -47.30 -106.55
N HIS S 131 30.36 -47.74 -107.27
CA HIS S 131 29.95 -49.13 -107.26
C HIS S 131 30.84 -49.96 -108.17
N GLY S 132 30.80 -49.64 -109.47
CA GLY S 132 31.60 -50.38 -110.42
C GLY S 132 31.09 -50.24 -111.84
N ASN S 133 30.92 -49.00 -112.31
CA ASN S 133 30.43 -48.76 -113.65
C ASN S 133 30.70 -47.33 -114.11
N ALA S 134 31.01 -46.45 -113.16
CA ALA S 134 31.29 -45.05 -113.48
C ALA S 134 32.42 -44.94 -114.49
N GLU S 135 32.08 -44.52 -115.70
CA GLU S 135 33.06 -44.38 -116.77
C GLU S 135 34.22 -43.48 -116.35
N VAL S 136 35.35 -44.09 -116.02
CA VAL S 136 36.54 -43.34 -115.63
C VAL S 136 37.58 -43.38 -116.74
N HIS S 137 38.17 -42.23 -117.02
CA HIS S 137 39.18 -42.11 -118.08
C HIS S 137 40.24 -43.20 -117.99
N ALA S 138 40.77 -43.58 -119.13
CA ALA S 138 41.80 -44.61 -119.22
C ALA S 138 42.96 -44.42 -118.24
N SER S 139 43.21 -43.17 -117.88
CA SER S 139 44.29 -42.86 -116.96
C SER S 139 43.96 -43.28 -115.52
N PHE S 140 43.05 -44.25 -115.38
CA PHE S 140 42.65 -44.71 -114.06
C PHE S 140 43.43 -45.94 -113.61
N PHE S 141 43.81 -46.78 -114.56
CA PHE S 141 44.56 -47.99 -114.24
C PHE S 141 46.06 -47.82 -114.47
N ASP S 142 46.57 -46.63 -114.17
CA ASP S 142 47.99 -46.34 -114.32
C ASP S 142 48.65 -46.25 -112.95
N ILE S 143 49.94 -45.94 -112.93
CA ILE S 143 50.66 -45.82 -111.67
C ILE S 143 50.48 -44.43 -111.09
N GLY S 144 49.81 -44.36 -109.94
CA GLY S 144 49.57 -43.10 -109.28
C GLY S 144 48.49 -42.28 -109.99
N GLY S 145 48.42 -42.46 -111.31
CA GLY S 145 47.43 -41.74 -112.10
C GLY S 145 46.00 -42.12 -111.79
N SER S 146 45.25 -41.17 -111.23
CA SER S 146 43.85 -41.37 -110.88
C SER S 146 43.61 -42.44 -109.82
N VAL S 147 44.64 -43.21 -109.50
CA VAL S 147 44.52 -44.25 -108.50
C VAL S 147 44.49 -43.62 -107.11
N SER S 148 43.39 -42.96 -106.79
CA SER S 148 43.21 -42.31 -105.51
C SER S 148 43.08 -43.34 -104.39
N ALA S 149 43.08 -44.62 -104.77
CA ALA S 149 42.96 -45.71 -103.80
C ALA S 149 41.71 -45.54 -102.94
N GLY S 150 40.67 -44.95 -103.52
CA GLY S 150 39.43 -44.75 -102.80
C GLY S 150 39.42 -43.43 -102.06
N PHE S 151 40.33 -43.29 -101.10
CA PHE S 151 40.43 -42.07 -100.30
C PHE S 151 41.88 -41.74 -99.94
N SER S 152 42.21 -40.46 -99.96
CA SER S 152 43.57 -40.02 -99.64
C SER S 152 43.60 -38.79 -98.75
N ASN S 153 44.77 -38.16 -98.67
CA ASN S 153 44.98 -36.98 -97.84
C ASN S 153 44.39 -35.70 -98.41
N SER S 154 43.43 -35.13 -97.69
CA SER S 154 42.76 -33.89 -98.08
C SER S 154 41.48 -33.71 -97.28
N ASN S 155 41.31 -32.52 -96.71
CA ASN S 155 40.13 -32.22 -95.91
C ASN S 155 39.00 -31.71 -96.80
N SER S 156 37.85 -32.35 -96.71
CA SER S 156 36.68 -31.95 -97.49
C SER S 156 35.39 -32.14 -96.71
N SER S 157 34.85 -31.05 -96.19
CA SER S 157 33.61 -31.10 -95.42
C SER S 157 32.42 -31.04 -96.36
N THR S 158 31.22 -31.22 -95.83
CA THR S 158 30.03 -31.18 -96.65
C THR S 158 28.85 -30.65 -95.85
N VAL S 159 28.18 -29.64 -96.41
CA VAL S 159 27.04 -29.03 -95.77
C VAL S 159 25.76 -29.40 -96.50
N ALA S 160 24.64 -29.25 -95.80
CA ALA S 160 23.33 -29.54 -96.37
C ALA S 160 22.43 -28.41 -95.89
N ILE S 161 21.59 -27.92 -96.78
CA ILE S 161 20.70 -26.82 -96.43
C ILE S 161 19.35 -27.30 -95.92
N ASP S 162 18.94 -26.76 -94.78
CA ASP S 162 17.67 -27.12 -94.17
C ASP S 162 16.59 -27.09 -95.24
N HIS S 163 16.04 -28.26 -95.56
CA HIS S 163 15.01 -28.36 -96.59
C HIS S 163 13.62 -28.01 -96.06
N SER S 164 13.51 -27.81 -94.75
CA SER S 164 12.24 -27.48 -94.15
C SER S 164 11.74 -26.10 -94.57
N LEU S 165 10.76 -25.57 -93.85
CA LEU S 165 10.17 -24.27 -94.15
C LEU S 165 10.74 -23.15 -93.31
N SER S 166 10.51 -21.91 -93.76
CA SER S 166 10.98 -20.73 -93.05
C SER S 166 9.82 -19.76 -92.88
N LEU S 167 8.91 -19.79 -93.85
CA LEU S 167 7.74 -18.92 -93.83
C LEU S 167 6.46 -19.76 -93.86
N ALA S 168 5.38 -19.18 -94.38
CA ALA S 168 4.11 -19.88 -94.45
C ALA S 168 4.06 -20.89 -95.58
N GLY S 169 3.21 -20.62 -96.57
CA GLY S 169 3.08 -21.52 -97.69
C GLY S 169 4.11 -21.32 -98.79
N GLU S 170 5.31 -20.89 -98.40
CA GLU S 170 6.38 -20.66 -99.37
C GLU S 170 6.49 -21.84 -100.33
N ARG S 171 7.01 -21.58 -101.52
CA ARG S 171 7.15 -22.63 -102.53
C ARG S 171 8.12 -22.18 -103.60
N THR S 172 9.14 -23.01 -103.86
CA THR S 172 10.16 -22.70 -104.86
C THR S 172 10.83 -21.38 -104.53
N TRP S 173 12.04 -21.45 -103.95
CA TRP S 173 12.78 -20.26 -103.58
C TRP S 173 12.56 -19.15 -104.60
N ALA S 174 12.46 -19.54 -105.85
CA ALA S 174 12.25 -18.58 -106.94
C ALA S 174 11.20 -17.54 -106.55
N GLU S 175 9.92 -17.92 -106.66
CA GLU S 175 8.82 -17.02 -106.33
C GLU S 175 9.00 -16.37 -104.96
N THR S 176 9.68 -17.07 -104.06
CA THR S 176 9.92 -16.56 -102.72
C THR S 176 10.77 -15.29 -102.75
N MET S 177 11.88 -15.36 -103.46
CA MET S 177 12.79 -14.22 -103.60
C MET S 177 12.38 -13.32 -104.75
N GLY S 178 12.18 -13.93 -105.92
CA GLY S 178 11.81 -13.17 -107.09
C GLY S 178 12.95 -13.14 -108.08
N LEU S 179 13.49 -14.30 -108.39
CA LEU S 179 14.59 -14.41 -109.33
C LEU S 179 14.13 -14.88 -110.70
N ASN S 180 14.46 -14.11 -111.73
CA ASN S 180 14.09 -14.42 -113.10
C ASN S 180 15.36 -14.60 -113.93
N THR S 181 15.25 -15.45 -114.96
CA THR S 181 16.37 -15.75 -115.85
C THR S 181 17.53 -14.73 -115.87
N ALA S 182 17.20 -13.46 -116.07
CA ALA S 182 18.21 -12.41 -116.13
C ALA S 182 18.50 -11.78 -114.76
N ASP S 183 18.69 -12.62 -113.75
CA ASP S 183 18.98 -12.11 -112.41
C ASP S 183 20.16 -12.83 -111.76
N THR S 184 20.74 -12.17 -110.76
CA THR S 184 21.87 -12.73 -110.04
C THR S 184 21.56 -12.80 -108.55
N ALA S 185 21.92 -13.92 -107.94
CA ALA S 185 21.69 -14.11 -106.51
C ALA S 185 23.01 -14.13 -105.76
N ARG S 186 23.07 -13.37 -104.69
CA ARG S 186 24.27 -13.29 -103.86
C ARG S 186 24.16 -14.21 -102.66
N LEU S 187 25.18 -15.03 -102.46
CA LEU S 187 25.22 -15.96 -101.35
C LEU S 187 26.03 -15.37 -100.21
N ASN S 188 25.73 -15.80 -99.00
CA ASN S 188 26.42 -15.32 -97.82
C ASN S 188 26.18 -16.36 -96.73
N ALA S 189 27.13 -16.53 -95.81
CA ALA S 189 26.97 -17.50 -94.75
C ALA S 189 27.90 -17.26 -93.57
N ASN S 190 27.64 -17.97 -92.48
CA ASN S 190 28.46 -17.88 -91.28
C ASN S 190 29.13 -19.23 -91.09
N ILE S 191 30.45 -19.23 -91.18
CA ILE S 191 31.19 -20.47 -91.03
C ILE S 191 32.25 -20.35 -89.96
N ARG S 192 32.70 -21.50 -89.47
CA ARG S 192 33.72 -21.56 -88.44
C ARG S 192 34.72 -22.67 -88.71
N TYR S 193 36.01 -22.34 -88.60
CA TYR S 193 37.05 -23.31 -88.82
C TYR S 193 37.04 -24.16 -87.57
N VAL S 194 37.35 -25.45 -87.71
CA VAL S 194 37.37 -26.33 -86.55
C VAL S 194 38.40 -27.43 -86.74
N ASN S 195 39.31 -27.53 -85.78
CA ASN S 195 40.37 -28.52 -85.82
C ASN S 195 39.88 -29.86 -85.27
N THR S 196 40.24 -30.93 -85.96
CA THR S 196 39.84 -32.27 -85.56
C THR S 196 41.01 -33.18 -85.26
N GLY S 197 42.20 -32.75 -85.66
CA GLY S 197 43.39 -33.57 -85.45
C GLY S 197 43.89 -33.80 -84.03
N THR S 198 45.20 -33.63 -83.86
CA THR S 198 45.86 -33.84 -82.58
C THR S 198 46.82 -32.72 -82.25
N ALA S 199 47.03 -31.81 -83.19
CA ALA S 199 47.94 -30.68 -82.99
C ALA S 199 47.21 -29.36 -83.26
N PRO S 200 47.73 -28.25 -82.72
CA PRO S 200 47.07 -26.95 -82.93
C PRO S 200 47.79 -26.07 -83.96
N ILE S 201 47.06 -25.09 -84.50
CA ILE S 201 47.63 -24.16 -85.47
C ILE S 201 47.61 -22.79 -84.79
N TYR S 202 48.73 -22.08 -84.81
CA TYR S 202 48.81 -20.79 -84.12
C TYR S 202 48.62 -19.50 -84.91
N ASN S 203 48.52 -19.57 -86.23
CA ASN S 203 48.35 -18.33 -86.99
C ASN S 203 47.55 -18.44 -88.28
N VAL S 204 48.24 -18.61 -89.41
CA VAL S 204 47.59 -18.70 -90.70
C VAL S 204 46.61 -19.86 -90.83
N LEU S 205 45.33 -19.56 -91.05
CA LEU S 205 44.31 -20.59 -91.23
C LEU S 205 44.35 -21.09 -92.66
N PRO S 206 43.64 -22.20 -92.94
CA PRO S 206 43.60 -22.78 -94.27
C PRO S 206 42.84 -21.99 -95.32
N THR S 207 43.14 -22.28 -96.58
CA THR S 207 42.50 -21.62 -97.72
C THR S 207 41.41 -22.51 -98.27
N THR S 208 40.26 -22.54 -97.60
CA THR S 208 39.16 -23.38 -98.04
C THR S 208 38.36 -22.77 -99.17
N SER S 209 38.00 -23.61 -100.14
CA SER S 209 37.22 -23.19 -101.30
C SER S 209 35.83 -23.80 -101.32
N LEU S 210 34.82 -22.95 -101.48
CA LEU S 210 33.42 -23.38 -101.49
C LEU S 210 33.00 -23.79 -102.89
N VAL S 211 32.57 -25.04 -103.04
CA VAL S 211 32.15 -25.57 -104.33
C VAL S 211 30.68 -25.94 -104.36
N LEU S 212 30.12 -25.97 -105.58
CA LEU S 212 28.72 -26.30 -105.79
C LEU S 212 28.62 -27.32 -106.92
N GLY S 213 28.29 -28.55 -106.59
CA GLY S 213 28.17 -29.57 -107.61
C GLY S 213 29.46 -30.36 -107.75
N LYS S 214 29.91 -30.56 -108.99
CA LYS S 214 31.13 -31.33 -109.24
C LYS S 214 32.37 -30.49 -109.55
N ASN S 215 32.18 -29.21 -109.83
CA ASN S 215 33.33 -28.35 -110.14
C ASN S 215 33.01 -26.86 -110.09
N GLN S 216 31.73 -26.52 -110.03
CA GLN S 216 31.34 -25.10 -109.98
C GLN S 216 31.73 -24.46 -108.65
N THR S 217 32.86 -23.76 -108.65
CA THR S 217 33.34 -23.08 -107.46
C THR S 217 32.59 -21.77 -107.28
N LEU S 218 32.01 -21.56 -106.11
CA LEU S 218 31.27 -20.35 -105.86
C LEU S 218 32.13 -19.26 -105.23
N ALA S 219 33.29 -19.65 -104.71
CA ALA S 219 34.22 -18.72 -104.09
C ALA S 219 35.35 -19.48 -103.41
N THR S 220 36.33 -18.74 -102.91
CA THR S 220 37.46 -19.35 -102.23
C THR S 220 37.81 -18.51 -101.00
N ILE S 221 37.37 -18.97 -99.84
CA ILE S 221 37.62 -18.24 -98.60
C ILE S 221 38.98 -18.53 -97.98
N LYS S 222 39.71 -17.46 -97.71
CA LYS S 222 41.05 -17.53 -97.13
C LYS S 222 41.36 -16.27 -96.32
N ALA S 223 40.67 -16.09 -95.20
CA ALA S 223 40.87 -14.92 -94.34
C ALA S 223 42.35 -14.59 -94.18
N LYS S 224 42.67 -13.30 -94.09
CA LYS S 224 44.03 -12.80 -93.97
C LYS S 224 44.94 -13.61 -93.04
N GLU S 225 46.23 -13.63 -93.39
CA GLU S 225 47.24 -14.35 -92.61
C GLU S 225 47.79 -13.47 -91.50
N ASN S 226 48.20 -14.10 -90.39
CA ASN S 226 48.75 -13.38 -89.25
C ASN S 226 47.71 -12.44 -88.66
N GLN S 227 46.64 -12.19 -89.41
CA GLN S 227 45.56 -11.32 -88.99
C GLN S 227 45.04 -11.78 -87.64
N LEU S 228 45.09 -13.09 -87.41
CA LEU S 228 44.61 -13.65 -86.15
C LEU S 228 45.75 -14.25 -85.35
N SER S 229 45.64 -14.15 -84.03
CA SER S 229 46.64 -14.70 -83.13
C SER S 229 45.97 -15.76 -82.28
N GLN S 230 44.67 -15.95 -82.49
CA GLN S 230 43.91 -16.95 -81.76
C GLN S 230 44.50 -18.31 -82.08
N ILE S 231 44.17 -19.31 -81.27
CA ILE S 231 44.70 -20.64 -81.48
C ILE S 231 43.64 -21.64 -81.91
N LEU S 232 43.98 -22.44 -82.92
CA LEU S 232 43.06 -23.44 -83.43
C LEU S 232 43.40 -24.78 -82.79
N ALA S 233 43.10 -24.89 -81.50
CA ALA S 233 43.38 -26.10 -80.73
C ALA S 233 42.55 -27.30 -81.19
N PRO S 234 42.93 -28.50 -80.77
CA PRO S 234 42.20 -29.72 -81.14
C PRO S 234 40.77 -29.65 -80.64
N ASN S 235 39.91 -30.50 -81.19
CA ASN S 235 38.50 -30.54 -80.81
C ASN S 235 38.10 -29.21 -80.20
N ASN S 236 38.14 -28.16 -81.01
CA ASN S 236 37.79 -26.82 -80.57
C ASN S 236 37.56 -25.93 -81.79
N TYR S 237 36.31 -25.55 -82.01
CA TYR S 237 35.96 -24.70 -83.15
C TYR S 237 36.74 -23.40 -83.10
N TYR S 238 37.27 -22.98 -84.25
CA TYR S 238 38.06 -21.75 -84.32
C TYR S 238 37.40 -20.58 -83.61
N PRO S 239 36.39 -19.99 -84.23
CA PRO S 239 35.76 -18.87 -83.54
C PRO S 239 35.02 -19.42 -82.34
N SER S 240 35.76 -19.64 -81.25
CA SER S 240 35.22 -20.19 -80.01
C SER S 240 33.70 -20.19 -79.99
N LYS S 241 33.13 -21.38 -79.86
CA LYS S 241 31.68 -21.54 -79.83
C LYS S 241 31.00 -20.43 -78.99
N ASN S 242 31.77 -19.82 -78.10
CA ASN S 242 31.26 -18.76 -77.24
C ASN S 242 31.55 -17.38 -77.82
N LEU S 243 31.60 -17.30 -79.14
CA LEU S 243 31.87 -16.04 -79.82
C LEU S 243 31.00 -15.87 -81.06
N ALA S 244 31.40 -14.95 -81.94
CA ALA S 244 30.66 -14.70 -83.16
C ALA S 244 31.25 -15.44 -84.36
N PRO S 245 30.49 -16.38 -84.91
CA PRO S 245 30.92 -17.17 -86.07
C PRO S 245 31.32 -16.29 -87.25
N ILE S 246 32.45 -16.62 -87.88
CA ILE S 246 32.94 -15.86 -89.02
C ILE S 246 31.89 -15.90 -90.13
N ALA S 247 31.78 -14.79 -90.87
CA ALA S 247 30.80 -14.70 -91.96
C ALA S 247 31.45 -14.45 -93.33
N LEU S 248 31.07 -15.26 -94.32
CA LEU S 248 31.60 -15.13 -95.66
C LEU S 248 31.31 -13.75 -96.22
N ASN S 249 32.04 -13.35 -97.25
CA ASN S 249 31.89 -12.05 -97.89
C ASN S 249 30.84 -11.16 -97.24
N ALA S 250 31.18 -10.61 -96.08
CA ALA S 250 30.26 -9.74 -95.35
C ALA S 250 31.00 -8.85 -94.36
N GLN S 251 32.32 -8.73 -94.54
CA GLN S 251 33.12 -7.91 -93.65
C GLN S 251 34.55 -7.77 -94.13
N SER S 255 35.65 -6.72 -98.00
CA SER S 255 35.26 -7.35 -99.27
C SER S 255 34.70 -6.32 -100.26
N SER S 256 34.84 -6.60 -101.55
CA SER S 256 34.37 -5.71 -102.61
C SER S 256 33.74 -6.54 -103.73
N THR S 257 33.95 -7.85 -103.66
CA THR S 257 33.39 -8.77 -104.63
C THR S 257 32.74 -9.95 -103.91
N PRO S 258 31.41 -9.90 -103.76
CA PRO S 258 30.61 -10.92 -103.08
C PRO S 258 30.63 -12.28 -103.78
N ILE S 259 29.51 -12.99 -103.70
CA ILE S 259 29.37 -14.31 -104.29
C ILE S 259 28.31 -14.31 -105.38
N THR S 260 28.76 -14.37 -106.63
CA THR S 260 27.86 -14.36 -107.78
C THR S 260 27.22 -15.71 -108.00
N MET S 261 25.94 -15.70 -108.35
CA MET S 261 25.20 -16.93 -108.61
C MET S 261 24.04 -16.64 -109.56
N ASN S 262 24.11 -17.18 -110.77
CA ASN S 262 23.07 -16.95 -111.77
C ASN S 262 21.88 -17.87 -111.58
N TYR S 263 20.78 -17.56 -112.26
CA TYR S 263 19.54 -18.32 -112.17
C TYR S 263 19.75 -19.83 -112.30
N ASN S 264 20.50 -20.24 -113.31
CA ASN S 264 20.75 -21.66 -113.51
C ASN S 264 21.44 -22.28 -112.30
N GLN S 265 22.40 -21.56 -111.73
CA GLN S 265 23.12 -22.05 -110.56
C GLN S 265 22.17 -22.07 -109.37
N PHE S 266 21.63 -20.90 -109.04
CA PHE S 266 20.69 -20.78 -107.93
C PHE S 266 19.64 -21.87 -108.04
N LEU S 267 19.40 -22.33 -109.26
CA LEU S 267 18.42 -23.38 -109.49
C LEU S 267 18.98 -24.69 -108.93
N GLU S 268 20.19 -25.06 -109.36
CA GLU S 268 20.83 -26.29 -108.89
C GLU S 268 20.85 -26.34 -107.38
N LEU S 269 21.32 -25.25 -106.77
CA LEU S 269 21.39 -25.17 -105.31
C LEU S 269 20.10 -25.71 -104.70
N GLU S 270 18.97 -25.26 -105.22
CA GLU S 270 17.69 -25.71 -104.72
C GLU S 270 17.47 -27.19 -105.01
N LYS S 271 17.92 -27.65 -106.17
CA LYS S 271 17.76 -29.05 -106.57
C LYS S 271 18.45 -30.05 -105.64
N THR S 272 19.47 -29.61 -104.89
CA THR S 272 20.19 -30.50 -103.99
C THR S 272 20.27 -29.96 -102.58
N LYS S 273 20.14 -28.64 -102.45
CA LYS S 273 20.20 -27.98 -101.15
C LYS S 273 21.47 -28.37 -100.40
N GLN S 274 22.58 -28.52 -101.13
CA GLN S 274 23.85 -28.87 -100.51
C GLN S 274 25.07 -28.30 -101.24
N LEU S 275 26.05 -27.85 -100.46
CA LEU S 275 27.28 -27.28 -100.99
C LEU S 275 28.44 -28.12 -100.46
N ARG S 276 29.63 -27.94 -101.03
CA ARG S 276 30.80 -28.69 -100.59
C ARG S 276 31.91 -27.74 -100.14
N LEU S 277 32.70 -28.15 -99.15
CA LEU S 277 33.79 -27.33 -98.66
C LEU S 277 35.11 -28.07 -98.64
N ASP S 278 36.02 -27.68 -99.53
CA ASP S 278 37.34 -28.29 -99.60
C ASP S 278 38.34 -27.37 -98.94
N THR S 279 39.26 -27.94 -98.18
CA THR S 279 40.25 -27.16 -97.49
C THR S 279 41.67 -27.67 -97.73
N ASP S 280 42.60 -26.75 -97.97
CA ASP S 280 43.98 -27.09 -98.22
C ASP S 280 44.64 -27.57 -96.94
N GLN S 281 45.97 -27.62 -96.92
CA GLN S 281 46.68 -28.06 -95.73
C GLN S 281 47.74 -27.08 -95.26
N VAL S 282 47.83 -25.94 -95.92
CA VAL S 282 48.81 -24.95 -95.50
C VAL S 282 48.41 -24.39 -94.15
N TYR S 283 49.08 -24.84 -93.10
CA TYR S 283 48.77 -24.36 -91.78
C TYR S 283 49.90 -23.46 -91.32
N GLY S 284 49.63 -22.61 -90.34
CA GLY S 284 50.65 -21.71 -89.84
C GLY S 284 51.87 -22.46 -89.36
N ASN S 285 52.90 -21.74 -88.94
CA ASN S 285 54.12 -22.37 -88.44
C ASN S 285 53.77 -23.19 -87.20
N ILE S 286 54.75 -23.92 -86.67
CA ILE S 286 54.50 -24.75 -85.50
C ILE S 286 55.09 -24.23 -84.19
N ALA S 287 54.43 -24.59 -83.09
CA ALA S 287 54.84 -24.18 -81.77
C ALA S 287 55.66 -25.29 -81.12
N THR S 288 56.93 -25.01 -80.82
CA THR S 288 57.81 -26.01 -80.22
C THR S 288 58.30 -25.65 -78.83
N TYR S 289 58.93 -26.61 -78.16
CA TYR S 289 59.46 -26.45 -76.80
C TYR S 289 60.78 -25.67 -76.81
N ASN S 290 61.42 -25.60 -75.64
CA ASN S 290 62.70 -24.91 -75.51
C ASN S 290 63.29 -25.15 -74.12
N PHE S 291 63.90 -26.31 -73.94
CA PHE S 291 64.51 -26.72 -72.67
C PHE S 291 65.12 -25.59 -71.84
N GLU S 292 65.90 -24.72 -72.46
CA GLU S 292 66.54 -23.60 -71.77
C GLU S 292 65.70 -23.00 -70.66
N ASN S 293 64.62 -22.32 -71.03
CA ASN S 293 63.74 -21.70 -70.06
C ASN S 293 62.33 -22.26 -70.17
N GLY S 294 62.23 -23.49 -70.62
CA GLY S 294 60.94 -24.14 -70.76
C GLY S 294 59.84 -23.24 -71.27
N ARG S 295 60.00 -22.77 -72.51
CA ARG S 295 59.00 -21.89 -73.10
C ARG S 295 58.42 -22.47 -74.39
N VAL S 296 57.19 -22.08 -74.70
CA VAL S 296 56.51 -22.53 -75.90
C VAL S 296 56.66 -21.45 -76.97
N ARG S 297 57.48 -21.73 -77.97
CA ARG S 297 57.70 -20.75 -79.03
C ARG S 297 57.23 -21.23 -80.40
N VAL S 298 56.94 -20.28 -81.27
CA VAL S 298 56.48 -20.58 -82.61
C VAL S 298 57.66 -20.36 -83.55
N ASP S 299 58.33 -21.44 -83.94
CA ASP S 299 59.49 -21.34 -84.82
C ASP S 299 59.12 -21.07 -86.26
N THR S 300 59.50 -19.90 -86.74
CA THR S 300 59.23 -19.51 -88.11
C THR S 300 59.98 -20.45 -89.05
N GLY S 301 60.88 -21.25 -88.49
CA GLY S 301 61.66 -22.17 -89.29
C GLY S 301 61.02 -23.53 -89.53
N SER S 302 59.93 -23.83 -88.82
CA SER S 302 59.26 -25.11 -88.99
C SER S 302 57.76 -24.97 -89.20
N ASN S 303 57.33 -25.23 -90.43
CA ASN S 303 55.92 -25.15 -90.79
C ASN S 303 55.47 -26.54 -91.22
N TRP S 304 54.26 -26.93 -90.81
CA TRP S 304 53.74 -28.24 -91.15
C TRP S 304 53.98 -28.62 -92.60
N SER S 305 53.76 -27.68 -93.50
CA SER S 305 53.95 -27.93 -94.93
C SER S 305 55.26 -28.63 -95.23
N GLU S 306 56.19 -28.58 -94.29
CA GLU S 306 57.49 -29.23 -94.44
C GLU S 306 57.43 -30.60 -93.75
N VAL S 307 57.11 -30.56 -92.46
CA VAL S 307 57.03 -31.76 -91.65
C VAL S 307 55.60 -32.21 -91.41
N LEU S 308 54.99 -32.75 -92.46
CA LEU S 308 53.64 -33.23 -92.38
C LEU S 308 53.48 -34.36 -93.39
N PRO S 309 54.03 -34.17 -94.61
CA PRO S 309 53.91 -35.22 -95.61
C PRO S 309 54.51 -36.51 -95.05
N GLN S 310 55.63 -36.37 -94.35
CA GLN S 310 56.31 -37.53 -93.76
C GLN S 310 55.31 -38.37 -92.98
N ILE S 311 54.58 -37.73 -92.08
CA ILE S 311 53.58 -38.43 -91.28
C ILE S 311 52.73 -39.31 -92.19
N GLN S 312 52.21 -38.74 -93.26
CA GLN S 312 51.36 -39.47 -94.18
C GLN S 312 52.13 -40.51 -95.00
N GLU S 313 53.45 -40.40 -95.03
CA GLU S 313 54.28 -41.34 -95.78
C GLU S 313 54.96 -42.37 -94.90
N THR S 314 54.70 -42.32 -93.60
CA THR S 314 55.31 -43.27 -92.68
C THR S 314 54.41 -43.58 -91.50
N THR S 315 53.13 -43.83 -91.77
CA THR S 315 52.19 -44.16 -90.71
C THR S 315 51.00 -44.94 -91.24
N ALA S 316 50.09 -45.25 -90.32
CA ALA S 316 48.88 -45.97 -90.65
C ALA S 316 47.73 -45.03 -90.33
N ARG S 317 46.82 -44.86 -91.27
CA ARG S 317 45.69 -43.98 -91.06
C ARG S 317 44.44 -44.79 -90.72
N ILE S 318 43.75 -44.40 -89.66
CA ILE S 318 42.55 -45.10 -89.25
C ILE S 318 41.41 -44.12 -89.02
N ILE S 319 40.31 -44.31 -89.75
CA ILE S 319 39.16 -43.44 -89.62
C ILE S 319 38.10 -44.14 -88.78
N PHE S 320 37.95 -43.70 -87.54
CA PHE S 320 36.97 -44.30 -86.63
C PHE S 320 35.94 -43.27 -86.23
N ASN S 321 34.74 -43.72 -85.90
CA ASN S 321 33.68 -42.80 -85.50
C ASN S 321 32.95 -43.32 -84.28
N GLY S 322 33.60 -43.26 -83.13
CA GLY S 322 32.98 -43.74 -81.91
C GLY S 322 32.57 -42.58 -81.02
N LYS S 323 33.47 -41.61 -80.85
CA LYS S 323 33.19 -40.44 -80.02
C LYS S 323 31.87 -39.83 -80.45
N ASP S 324 31.52 -40.06 -81.71
CA ASP S 324 30.28 -39.58 -82.31
C ASP S 324 30.15 -40.32 -83.63
N LEU S 325 29.47 -39.71 -84.59
CA LEU S 325 29.31 -40.33 -85.90
C LEU S 325 30.16 -39.58 -86.91
N ASN S 326 30.90 -38.59 -86.42
CA ASN S 326 31.78 -37.78 -87.26
C ASN S 326 33.13 -38.46 -87.43
N LEU S 327 33.47 -38.79 -88.67
CA LEU S 327 34.72 -39.45 -88.99
C LEU S 327 35.92 -38.78 -88.34
N VAL S 328 36.56 -39.50 -87.44
CA VAL S 328 37.74 -38.99 -86.74
C VAL S 328 38.98 -39.63 -87.36
N GLU S 329 40.00 -38.83 -87.63
CA GLU S 329 41.22 -39.37 -88.22
C GLU S 329 42.36 -39.40 -87.23
N ARG S 330 43.26 -40.36 -87.43
CA ARG S 330 44.42 -40.53 -86.57
C ARG S 330 45.42 -41.42 -87.29
N ARG S 331 46.70 -41.13 -87.12
CA ARG S 331 47.73 -41.94 -87.75
C ARG S 331 48.64 -42.53 -86.69
N ILE S 332 48.96 -43.82 -86.84
CA ILE S 332 49.83 -44.48 -85.88
C ILE S 332 51.19 -44.74 -86.50
N ALA S 333 52.21 -44.74 -85.65
CA ALA S 333 53.57 -44.95 -86.09
C ALA S 333 53.78 -46.35 -86.63
N ALA S 334 53.32 -46.58 -87.85
CA ALA S 334 53.48 -47.88 -88.48
C ALA S 334 54.91 -48.03 -88.94
N VAL S 335 55.21 -49.10 -89.68
CA VAL S 335 56.56 -49.33 -90.16
C VAL S 335 56.55 -49.69 -91.62
N ASN S 336 57.66 -49.43 -92.29
CA ASN S 336 57.79 -49.74 -93.70
C ASN S 336 58.98 -50.67 -93.85
N PRO S 337 58.82 -51.77 -94.60
CA PRO S 337 59.90 -52.73 -94.80
C PRO S 337 61.02 -52.24 -95.71
N SER S 338 60.66 -51.52 -96.76
CA SER S 338 61.63 -51.00 -97.71
C SER S 338 62.52 -49.91 -97.13
N ASP S 339 62.13 -49.36 -95.98
CA ASP S 339 62.89 -48.29 -95.36
C ASP S 339 63.67 -48.71 -94.12
N PRO S 340 65.01 -48.75 -94.23
CA PRO S 340 65.85 -49.14 -93.10
C PRO S 340 65.40 -48.40 -91.86
N LEU S 341 65.63 -47.08 -91.86
CA LEU S 341 65.25 -46.25 -90.74
C LEU S 341 63.85 -46.61 -90.22
N GLU S 342 62.87 -46.54 -91.11
CA GLU S 342 61.49 -46.85 -90.75
C GLU S 342 61.26 -48.27 -90.25
N THR S 343 62.34 -48.96 -89.95
CA THR S 343 62.26 -50.32 -89.45
C THR S 343 62.66 -50.22 -87.99
N THR S 344 63.32 -49.11 -87.66
CA THR S 344 63.77 -48.85 -86.32
C THR S 344 62.55 -48.61 -85.45
N LYS S 345 61.41 -48.51 -86.10
CA LYS S 345 60.14 -48.26 -85.42
C LYS S 345 59.61 -49.52 -84.75
N PRO S 346 58.79 -49.35 -83.71
CA PRO S 346 58.22 -50.48 -82.99
C PRO S 346 57.14 -51.15 -83.84
N ASP S 347 57.21 -52.47 -83.99
CA ASP S 347 56.21 -53.20 -84.78
C ASP S 347 54.82 -52.83 -84.29
N MET S 348 53.89 -52.62 -85.22
CA MET S 348 52.54 -52.24 -84.82
C MET S 348 51.47 -53.26 -85.17
N THR S 349 50.50 -53.38 -84.25
CA THR S 349 49.38 -54.31 -84.41
C THR S 349 48.08 -53.53 -84.45
N LEU S 350 47.17 -53.95 -85.32
CA LEU S 350 45.87 -53.29 -85.45
C LEU S 350 45.25 -53.10 -84.07
N LYS S 351 45.34 -54.12 -83.23
CA LYS S 351 44.78 -54.06 -81.89
C LYS S 351 45.42 -52.90 -81.13
N GLU S 352 46.68 -53.09 -80.73
CA GLU S 352 47.42 -52.07 -80.00
C GLU S 352 47.07 -50.69 -80.56
N ALA S 353 46.98 -50.61 -81.88
CA ALA S 353 46.64 -49.35 -82.53
C ALA S 353 45.34 -48.78 -81.98
N LEU S 354 44.24 -49.49 -82.20
CA LEU S 354 42.94 -49.03 -81.72
C LEU S 354 42.89 -48.73 -80.23
N LYS S 355 43.95 -49.09 -79.51
CA LYS S 355 43.99 -48.83 -78.08
C LYS S 355 44.48 -47.42 -77.80
N ILE S 356 45.59 -47.04 -78.44
CA ILE S 356 46.17 -45.72 -78.25
C ILE S 356 45.59 -44.69 -79.22
N ALA S 357 45.34 -45.13 -80.45
CA ALA S 357 44.80 -44.25 -81.47
C ALA S 357 43.51 -43.56 -81.06
N PHE S 358 42.56 -44.34 -80.55
CA PHE S 358 41.27 -43.79 -80.14
C PHE S 358 40.95 -44.03 -78.67
N GLY S 359 41.36 -45.17 -78.15
CA GLY S 359 41.11 -45.46 -76.75
C GLY S 359 40.42 -46.78 -76.42
N PHE S 360 40.37 -47.70 -77.38
CA PHE S 360 39.74 -49.00 -77.13
C PHE S 360 40.42 -49.65 -75.94
N ASN S 361 39.65 -50.38 -75.15
CA ASN S 361 40.20 -51.05 -73.97
C ASN S 361 39.73 -52.48 -73.81
N GLU S 362 40.36 -53.21 -72.88
CA GLU S 362 40.01 -54.60 -72.62
C GLU S 362 39.47 -54.73 -71.20
N PRO S 363 38.18 -54.45 -71.00
CA PRO S 363 37.53 -54.53 -69.69
C PRO S 363 37.61 -55.94 -69.09
N ASN S 364 36.97 -56.90 -69.75
CA ASN S 364 36.96 -58.28 -69.28
C ASN S 364 37.60 -59.21 -70.30
N GLY S 365 38.50 -58.67 -71.12
CA GLY S 365 39.18 -59.48 -72.12
C GLY S 365 38.64 -59.26 -73.52
N ASN S 366 37.68 -58.36 -73.65
CA ASN S 366 37.09 -58.05 -74.95
C ASN S 366 37.44 -56.64 -75.38
N LEU S 367 38.14 -56.53 -76.51
CA LEU S 367 38.56 -55.25 -77.05
C LEU S 367 37.36 -54.42 -77.47
N GLN S 368 36.81 -53.66 -76.54
CA GLN S 368 35.65 -52.82 -76.84
C GLN S 368 35.99 -51.34 -76.78
N TYR S 369 35.00 -50.51 -77.09
CA TYR S 369 35.18 -49.06 -77.08
C TYR S 369 34.11 -48.40 -76.22
N GLN S 370 34.50 -47.96 -75.02
CA GLN S 370 33.58 -47.29 -74.11
C GLN S 370 32.25 -48.04 -74.00
N GLY S 371 32.28 -49.33 -74.28
CA GLY S 371 31.06 -50.12 -74.21
C GLY S 371 30.83 -51.00 -75.42
N LYS S 372 30.89 -50.39 -76.61
CA LYS S 372 30.68 -51.15 -77.84
C LYS S 372 31.84 -52.12 -78.08
N ASP S 373 31.51 -53.30 -78.60
CA ASP S 373 32.51 -54.32 -78.88
C ASP S 373 33.11 -54.13 -80.26
N ILE S 374 34.42 -54.31 -80.37
CA ILE S 374 35.12 -54.15 -81.64
C ILE S 374 34.42 -54.86 -82.81
N THR S 375 33.51 -55.78 -82.48
CA THR S 375 32.78 -56.51 -83.50
C THR S 375 31.57 -55.75 -84.00
N GLU S 376 31.28 -54.60 -83.39
CA GLU S 376 30.15 -53.79 -83.81
C GLU S 376 30.52 -52.75 -84.87
N PHE S 377 31.75 -52.85 -85.38
CA PHE S 377 32.21 -51.92 -86.40
C PHE S 377 32.75 -52.64 -87.62
N ASP S 378 32.45 -52.11 -88.80
CA ASP S 378 32.91 -52.71 -90.04
C ASP S 378 34.31 -52.24 -90.41
N PHE S 379 35.14 -53.17 -90.85
CA PHE S 379 36.51 -52.87 -91.25
C PHE S 379 36.59 -52.75 -92.77
N ASN S 380 36.95 -51.57 -93.26
CA ASN S 380 37.07 -51.34 -94.69
C ASN S 380 38.46 -50.83 -95.04
N PHE S 381 39.14 -51.54 -95.94
CA PHE S 381 40.49 -51.17 -96.35
C PHE S 381 40.52 -50.70 -97.79
N ASP S 382 41.66 -50.15 -98.20
CA ASP S 382 41.83 -49.67 -99.56
C ASP S 382 42.43 -50.78 -100.42
N GLN S 383 42.44 -50.55 -101.74
CA GLN S 383 42.98 -51.53 -102.68
C GLN S 383 44.28 -52.14 -102.17
N GLN S 384 45.15 -51.31 -101.63
CA GLN S 384 46.44 -51.76 -101.10
C GLN S 384 46.26 -52.49 -99.78
N THR S 385 46.02 -51.74 -98.71
CA THR S 385 45.83 -52.30 -97.38
C THR S 385 45.05 -53.61 -97.39
N SER S 386 44.11 -53.75 -98.33
CA SER S 386 43.32 -54.97 -98.44
C SER S 386 44.24 -56.18 -98.51
N GLN S 387 45.06 -56.23 -99.55
CA GLN S 387 46.00 -57.32 -99.76
C GLN S 387 46.92 -57.50 -98.56
N ASN S 388 47.66 -56.44 -98.22
CA ASN S 388 48.61 -56.47 -97.10
C ASN S 388 48.05 -57.14 -95.85
N ILE S 389 46.73 -57.12 -95.70
CA ILE S 389 46.10 -57.74 -94.55
C ILE S 389 45.60 -59.13 -94.93
N LYS S 390 45.12 -59.27 -96.17
CA LYS S 390 44.64 -60.57 -96.64
C LYS S 390 45.78 -61.57 -96.56
N ASN S 391 46.97 -61.15 -96.99
CA ASN S 391 48.14 -62.02 -96.97
C ASN S 391 48.50 -62.44 -95.55
N GLN S 392 48.08 -61.66 -94.57
CA GLN S 392 48.34 -61.99 -93.17
C GLN S 392 47.31 -62.99 -92.68
N LEU S 393 46.05 -62.75 -93.00
CA LEU S 393 44.98 -63.65 -92.59
C LEU S 393 45.19 -65.01 -93.25
N ALA S 394 46.04 -65.02 -94.27
CA ALA S 394 46.35 -66.25 -95.00
C ALA S 394 47.39 -67.06 -94.22
N GLU S 395 48.56 -66.45 -94.00
CA GLU S 395 49.63 -67.11 -93.27
C GLU S 395 49.32 -67.22 -91.79
N LEU S 396 48.04 -67.04 -91.44
CA LEU S 396 47.59 -67.12 -90.06
C LEU S 396 46.34 -67.99 -89.98
N ASN S 397 45.98 -68.60 -91.11
CA ASN S 397 44.80 -69.46 -91.20
C ASN S 397 43.64 -69.00 -90.35
N ALA S 398 42.79 -68.16 -90.93
CA ALA S 398 41.62 -67.63 -90.25
C ALA S 398 40.74 -66.86 -91.23
N THR S 399 39.46 -66.78 -90.93
CA THR S 399 38.52 -66.08 -91.79
C THR S 399 37.95 -64.86 -91.07
N ASN S 400 38.07 -64.86 -89.75
CA ASN S 400 37.58 -63.75 -88.95
C ASN S 400 38.74 -62.92 -88.42
N ILE S 401 38.82 -61.68 -88.89
CA ILE S 401 39.90 -60.78 -88.48
C ILE S 401 39.78 -60.36 -87.02
N TYR S 402 38.55 -60.25 -86.52
CA TYR S 402 38.31 -59.85 -85.13
C TYR S 402 39.05 -60.78 -84.17
N THR S 403 39.41 -61.97 -84.65
CA THR S 403 40.13 -62.94 -83.83
C THR S 403 41.62 -62.67 -83.89
N VAL S 404 42.21 -62.86 -85.07
CA VAL S 404 43.63 -62.63 -85.28
C VAL S 404 43.93 -61.13 -85.27
N LEU S 405 42.98 -60.36 -84.74
CA LEU S 405 43.09 -58.91 -84.67
C LEU S 405 44.46 -58.51 -84.12
N ASP S 406 44.75 -58.97 -82.90
CA ASP S 406 46.01 -58.67 -82.24
C ASP S 406 47.21 -59.32 -82.90
N LYS S 407 47.11 -59.59 -84.19
CA LYS S 407 48.21 -60.20 -84.91
C LYS S 407 48.30 -59.66 -86.34
N ILE S 408 47.75 -58.47 -86.56
CA ILE S 408 47.79 -57.84 -87.88
C ILE S 408 48.85 -56.73 -87.88
N LYS S 409 49.85 -56.89 -88.73
CA LYS S 409 50.94 -55.92 -88.83
C LYS S 409 50.53 -54.72 -89.68
N LEU S 410 50.53 -53.53 -89.08
CA LEU S 410 50.19 -52.31 -89.80
C LEU S 410 51.43 -51.70 -90.44
N ASN S 411 51.43 -51.60 -91.76
CA ASN S 411 52.56 -51.02 -92.48
C ASN S 411 52.24 -49.59 -92.90
N ALA S 412 53.27 -48.75 -92.97
CA ALA S 412 53.09 -47.35 -93.36
C ALA S 412 52.26 -47.26 -94.64
N LYS S 413 51.53 -46.17 -94.79
CA LYS S 413 50.70 -45.93 -95.97
C LYS S 413 49.44 -46.79 -95.93
N MET S 414 49.25 -47.50 -94.82
CA MET S 414 48.07 -48.34 -94.68
C MET S 414 46.89 -47.46 -94.29
N ASN S 415 45.72 -47.73 -94.85
CA ASN S 415 44.52 -46.96 -94.56
C ASN S 415 43.41 -47.89 -94.08
N ILE S 416 42.74 -47.50 -92.99
CA ILE S 416 41.67 -48.31 -92.43
C ILE S 416 40.47 -47.48 -91.99
N LEU S 417 39.27 -47.96 -92.31
CA LEU S 417 38.06 -47.25 -91.95
C LEU S 417 37.15 -48.03 -91.00
N ILE S 418 37.22 -47.68 -89.72
CA ILE S 418 36.42 -48.33 -88.70
C ILE S 418 35.17 -47.50 -88.43
N ARG S 419 34.03 -47.99 -88.89
CA ARG S 419 32.78 -47.28 -88.69
C ARG S 419 31.73 -48.16 -88.01
N ASP S 420 30.91 -47.56 -87.17
CA ASP S 420 29.87 -48.29 -86.45
C ASP S 420 29.03 -49.07 -87.46
N LYS S 421 28.82 -50.36 -87.18
CA LYS S 421 28.07 -51.22 -88.07
C LYS S 421 26.55 -51.04 -87.97
N ARG S 422 26.10 -50.30 -86.95
CA ARG S 422 24.67 -50.08 -86.75
C ARG S 422 23.97 -49.34 -87.90
N PHE S 423 24.30 -48.07 -88.07
CA PHE S 423 23.67 -47.25 -89.11
C PHE S 423 24.20 -47.52 -90.52
N HIS S 424 23.43 -47.08 -91.51
CA HIS S 424 23.82 -47.24 -92.91
C HIS S 424 24.76 -46.09 -93.25
N TYR S 425 25.46 -46.21 -94.37
CA TYR S 425 26.38 -45.17 -94.77
C TYR S 425 26.23 -44.78 -96.24
N ASP S 426 26.53 -43.52 -96.53
CA ASP S 426 26.42 -43.01 -97.89
C ASP S 426 27.71 -43.11 -98.69
N ARG S 427 27.89 -42.13 -99.59
CA ARG S 427 29.07 -42.08 -100.45
C ARG S 427 30.21 -41.36 -99.74
N ASN S 428 29.88 -40.47 -98.80
CA ASN S 428 30.89 -39.72 -98.07
C ASN S 428 31.19 -40.32 -96.69
N ASN S 429 30.62 -41.48 -96.41
CA ASN S 429 30.82 -42.16 -95.14
C ASN S 429 30.24 -41.33 -93.99
N ILE S 430 28.96 -41.00 -94.09
CA ILE S 430 28.32 -40.21 -93.05
C ILE S 430 27.16 -40.95 -92.41
N ALA S 431 26.86 -40.57 -91.17
CA ALA S 431 25.77 -41.17 -90.42
C ALA S 431 24.49 -40.89 -91.18
N VAL S 432 24.08 -41.83 -92.01
CA VAL S 432 22.87 -41.67 -92.80
C VAL S 432 21.61 -42.08 -92.04
N GLY S 433 21.41 -43.39 -91.90
CA GLY S 433 20.25 -43.91 -91.20
C GLY S 433 20.33 -45.42 -91.00
N ALA S 434 20.07 -45.87 -89.79
CA ALA S 434 20.12 -47.29 -89.48
C ALA S 434 18.86 -48.05 -89.89
N ASP S 435 18.65 -49.21 -89.28
CA ASP S 435 17.49 -50.05 -89.57
C ASP S 435 16.35 -49.72 -88.62
N GLU S 436 15.13 -49.95 -89.08
CA GLU S 436 13.93 -49.67 -88.29
C GLU S 436 14.08 -50.14 -86.86
N SER S 437 14.68 -51.32 -86.71
CA SER S 437 14.90 -51.90 -85.39
C SER S 437 15.53 -50.88 -84.46
N VAL S 438 16.83 -50.66 -84.64
CA VAL S 438 17.59 -49.72 -83.82
C VAL S 438 16.83 -48.41 -83.65
N VAL S 439 16.22 -47.95 -84.74
CA VAL S 439 15.46 -46.71 -84.72
C VAL S 439 14.37 -46.75 -83.65
N LYS S 440 13.42 -47.67 -83.81
CA LYS S 440 12.33 -47.81 -82.86
C LYS S 440 12.85 -47.83 -81.43
N GLU S 441 13.81 -48.72 -81.19
CA GLU S 441 14.41 -48.87 -79.87
C GLU S 441 14.67 -47.52 -79.19
N ALA S 442 15.45 -46.67 -79.87
CA ALA S 442 15.81 -45.35 -79.34
C ALA S 442 14.62 -44.52 -78.88
N HIS S 443 13.44 -44.82 -79.39
CA HIS S 443 12.25 -44.07 -79.02
C HIS S 443 11.37 -44.79 -77.99
N ARG S 444 11.68 -46.04 -77.72
CA ARG S 444 10.91 -46.84 -76.77
C ARG S 444 10.62 -46.05 -75.48
N GLU S 445 11.48 -45.09 -75.16
CA GLU S 445 11.32 -44.29 -73.96
C GLU S 445 10.40 -43.09 -74.16
N VAL S 446 9.53 -42.85 -73.18
CA VAL S 446 8.58 -41.75 -73.20
C VAL S 446 8.67 -41.00 -71.88
N ILE S 447 8.49 -39.68 -71.92
CA ILE S 447 8.56 -38.88 -70.71
C ILE S 447 7.30 -38.08 -70.46
N ASN S 448 6.68 -37.60 -71.53
CA ASN S 448 5.46 -36.80 -71.40
C ASN S 448 4.66 -36.74 -72.69
N SER S 449 3.45 -37.29 -72.65
CA SER S 449 2.57 -37.28 -73.81
C SER S 449 1.56 -36.15 -73.63
N SER S 450 1.40 -35.33 -74.67
CA SER S 450 0.47 -34.20 -74.59
C SER S 450 -0.14 -33.89 -75.96
N THR S 451 -1.23 -33.13 -75.94
CA THR S 451 -1.92 -32.74 -77.16
C THR S 451 -1.10 -31.64 -77.83
N GLU S 452 0.03 -31.29 -77.21
CA GLU S 452 0.90 -30.26 -77.73
C GLU S 452 2.13 -30.86 -78.40
N GLY S 453 2.82 -31.74 -77.67
CA GLY S 453 4.01 -32.38 -78.22
C GLY S 453 4.61 -33.40 -77.28
N LEU S 454 5.19 -34.45 -77.85
CA LEU S 454 5.81 -35.51 -77.08
C LEU S 454 7.20 -35.13 -76.60
N LEU S 455 7.54 -35.58 -75.40
CA LEU S 455 8.85 -35.31 -74.83
C LEU S 455 9.53 -36.65 -74.58
N LEU S 456 10.60 -36.92 -75.33
CA LEU S 456 11.32 -38.17 -75.19
C LEU S 456 12.80 -37.97 -74.88
N ASN S 457 13.47 -39.06 -74.57
CA ASN S 457 14.90 -39.03 -74.25
C ASN S 457 15.62 -39.86 -75.32
N ILE S 458 15.27 -39.60 -76.58
CA ILE S 458 15.85 -40.31 -77.71
C ILE S 458 17.38 -40.30 -77.67
N ASP S 459 17.96 -41.41 -78.13
CA ASP S 459 19.42 -41.56 -78.16
C ASP S 459 20.07 -40.60 -79.15
N LYS S 460 21.14 -39.94 -78.71
CA LYS S 460 21.86 -38.99 -79.54
C LYS S 460 22.37 -39.63 -80.82
N ASP S 461 23.13 -40.71 -80.67
CA ASP S 461 23.68 -41.44 -81.81
C ASP S 461 22.62 -41.74 -82.86
N ILE S 462 21.39 -41.94 -82.42
CA ILE S 462 20.29 -42.23 -83.34
C ILE S 462 19.71 -40.96 -83.92
N ARG S 463 19.16 -40.13 -83.06
CA ARG S 463 18.53 -38.88 -83.46
C ARG S 463 19.29 -38.20 -84.60
N LYS S 464 20.60 -38.40 -84.63
CA LYS S 464 21.43 -37.79 -85.67
C LYS S 464 21.19 -38.35 -87.07
N ILE S 465 20.46 -39.44 -87.17
CA ILE S 465 20.18 -40.03 -88.48
C ILE S 465 18.72 -39.83 -88.86
N LEU S 466 18.05 -38.91 -88.17
CA LEU S 466 16.65 -38.63 -88.44
C LEU S 466 16.41 -37.26 -89.05
N SER S 467 15.66 -37.25 -90.14
CA SER S 467 15.34 -36.00 -90.83
C SER S 467 14.20 -35.31 -90.11
N GLY S 468 13.14 -36.06 -89.82
CA GLY S 468 11.99 -35.49 -89.13
C GLY S 468 10.93 -36.51 -88.76
N TYR S 469 9.78 -36.01 -88.31
CA TYR S 469 8.67 -36.86 -87.92
C TYR S 469 7.36 -36.44 -88.59
N ILE S 470 6.56 -37.42 -88.98
CA ILE S 470 5.27 -37.18 -89.63
C ILE S 470 4.14 -37.41 -88.63
N VAL S 471 3.44 -36.35 -88.26
CA VAL S 471 2.34 -36.46 -87.32
C VAL S 471 1.03 -36.73 -88.05
N GLU S 472 0.35 -37.82 -87.70
CA GLU S 472 -0.92 -38.17 -88.34
C GLU S 472 -1.92 -38.70 -87.33
N ILE S 473 -3.05 -39.17 -87.83
CA ILE S 473 -4.10 -39.73 -86.99
C ILE S 473 -4.88 -40.83 -87.71
N GLU S 474 -4.85 -42.03 -87.15
CA GLU S 474 -5.53 -43.18 -87.73
C GLU S 474 -6.90 -43.38 -87.09
N ASP S 475 -7.94 -43.38 -87.92
CA ASP S 475 -9.31 -43.57 -87.44
C ASP S 475 -9.48 -44.99 -86.93
N THR S 476 -10.44 -45.18 -86.03
CA THR S 476 -10.72 -46.50 -85.46
C THR S 476 -11.01 -47.53 -86.54
N GLU S 477 -11.19 -47.07 -87.78
CA GLU S 477 -11.48 -47.95 -88.89
C GLU S 477 -10.22 -48.29 -89.69
N GLY S 478 -9.50 -47.26 -90.11
CA GLY S 478 -8.28 -47.47 -90.87
C GLY S 478 -7.93 -46.30 -91.77
N LEU S 479 -8.12 -45.09 -91.26
CA LEU S 479 -7.82 -43.88 -92.01
C LEU S 479 -6.39 -43.41 -91.78
N LYS S 480 -5.82 -42.75 -92.78
CA LYS S 480 -4.45 -42.25 -92.70
C LYS S 480 -4.39 -40.72 -92.81
N GLU S 481 -5.09 -40.04 -91.90
CA GLU S 481 -5.11 -38.59 -91.87
C GLU S 481 -3.78 -38.09 -91.30
N VAL S 482 -3.07 -37.27 -92.06
CA VAL S 482 -1.78 -36.76 -91.62
C VAL S 482 -1.80 -35.25 -91.39
N ILE S 483 -1.15 -34.80 -90.32
CA ILE S 483 -1.08 -33.38 -90.02
C ILE S 483 -0.14 -32.73 -91.03
N ASN S 484 1.10 -32.52 -90.62
CA ASN S 484 2.11 -31.93 -91.50
C ASN S 484 2.35 -32.92 -92.63
N ASP S 485 1.58 -32.78 -93.71
CA ASP S 485 1.68 -33.69 -94.84
C ASP S 485 2.64 -33.26 -95.93
N ARG S 486 3.29 -32.10 -95.77
CA ARG S 486 4.24 -31.62 -96.78
C ARG S 486 5.68 -31.95 -96.41
N TYR S 487 6.44 -32.43 -97.40
CA TYR S 487 7.82 -32.82 -97.18
C TYR S 487 8.60 -31.79 -96.37
N ASP S 488 8.23 -30.52 -96.52
CA ASP S 488 8.90 -29.44 -95.81
C ASP S 488 8.30 -29.16 -94.44
N MET S 489 7.40 -30.04 -93.99
CA MET S 489 6.76 -29.88 -92.69
C MET S 489 7.23 -30.96 -91.73
N LEU S 490 8.45 -31.45 -91.95
CA LEU S 490 9.01 -32.48 -91.09
C LEU S 490 9.78 -31.84 -89.94
N ASN S 491 10.13 -30.57 -90.11
CA ASN S 491 10.86 -29.82 -89.09
C ASN S 491 10.02 -29.59 -87.84
N ILE S 492 10.10 -30.53 -86.91
CA ILE S 492 9.35 -30.44 -85.66
C ILE S 492 10.20 -30.76 -84.43
N SER S 493 10.89 -31.90 -84.48
CA SER S 493 11.72 -32.35 -83.38
C SER S 493 12.66 -31.26 -82.86
N SER S 494 12.44 -30.85 -81.61
CA SER S 494 13.27 -29.85 -80.97
C SER S 494 14.25 -30.57 -80.06
N LEU S 495 14.86 -29.84 -79.13
CA LEU S 495 15.80 -30.46 -78.21
C LEU S 495 16.19 -29.57 -77.04
N ARG S 496 15.68 -29.90 -75.86
CA ARG S 496 15.97 -29.13 -74.65
C ARG S 496 17.42 -29.39 -74.26
N GLN S 497 18.04 -28.41 -73.61
CA GLN S 497 19.44 -28.55 -73.19
C GLN S 497 19.58 -29.58 -72.08
N ASP S 498 18.47 -30.25 -71.75
CA ASP S 498 18.49 -31.27 -70.71
C ASP S 498 18.76 -32.63 -71.33
N GLY S 499 18.87 -32.65 -72.66
CA GLY S 499 19.14 -33.90 -73.35
C GLY S 499 17.90 -34.66 -73.79
N LYS S 500 16.75 -34.02 -73.73
CA LYS S 500 15.50 -34.66 -74.14
C LYS S 500 14.90 -34.03 -75.37
N THR S 501 14.64 -34.86 -76.38
CA THR S 501 14.05 -34.41 -77.64
C THR S 501 12.58 -34.05 -77.45
N PHE S 502 12.25 -32.79 -77.69
CA PHE S 502 10.87 -32.32 -77.54
C PHE S 502 10.17 -32.15 -78.88
N ILE S 503 9.17 -32.99 -79.13
CA ILE S 503 8.40 -32.92 -80.37
C ILE S 503 7.22 -31.98 -80.16
N ASP S 504 6.72 -31.41 -81.24
CA ASP S 504 5.59 -30.49 -81.17
C ASP S 504 4.71 -30.65 -82.41
N PHE S 505 3.43 -30.91 -82.18
CA PHE S 505 2.48 -31.08 -83.27
C PHE S 505 1.96 -29.70 -83.66
N LYS S 506 1.95 -28.80 -82.68
CA LYS S 506 1.47 -27.42 -82.87
C LYS S 506 2.21 -26.62 -83.92
N LYS S 507 3.51 -26.86 -84.08
CA LYS S 507 4.30 -26.14 -85.06
C LYS S 507 3.70 -26.25 -86.46
N TYR S 508 2.79 -27.20 -86.64
CA TYR S 508 2.13 -27.40 -87.92
C TYR S 508 0.64 -27.73 -87.76
N ASN S 509 -0.09 -26.84 -87.11
CA ASN S 509 -1.53 -26.99 -86.88
C ASN S 509 -2.09 -25.70 -86.28
N ASP S 510 -1.94 -24.60 -87.01
CA ASP S 510 -2.43 -23.30 -86.57
C ASP S 510 -2.00 -22.95 -85.15
N LYS S 511 -0.79 -23.35 -84.79
CA LYS S 511 -0.25 -23.07 -83.46
C LYS S 511 -1.17 -23.57 -82.35
N LEU S 512 -2.16 -24.38 -82.71
CA LEU S 512 -3.10 -24.90 -81.73
C LEU S 512 -2.87 -26.40 -81.50
N PRO S 513 -3.04 -26.86 -80.25
CA PRO S 513 -2.83 -28.27 -79.90
C PRO S 513 -3.70 -29.24 -80.71
N LEU S 514 -3.48 -30.53 -80.50
CA LEU S 514 -4.22 -31.57 -81.20
C LEU S 514 -5.74 -31.41 -81.12
N TYR S 515 -6.41 -32.05 -82.06
CA TYR S 515 -7.87 -32.02 -82.14
C TYR S 515 -8.37 -33.47 -82.06
N ILE S 516 -8.88 -33.84 -80.90
CA ILE S 516 -9.38 -35.20 -80.69
C ILE S 516 -10.89 -35.23 -80.62
N SER S 517 -11.53 -35.42 -81.79
CA SER S 517 -12.99 -35.48 -81.86
C SER S 517 -13.46 -36.76 -81.19
N ASN S 518 -12.61 -37.78 -81.22
CA ASN S 518 -12.92 -39.08 -80.63
C ASN S 518 -11.67 -39.62 -79.95
N PRO S 519 -11.59 -39.53 -78.60
CA PRO S 519 -10.45 -40.02 -77.84
C PRO S 519 -10.27 -41.54 -77.87
N ASN S 520 -10.30 -42.11 -79.08
CA ASN S 520 -10.12 -43.54 -79.26
C ASN S 520 -9.33 -43.81 -80.54
N TYR S 521 -8.81 -42.74 -81.13
CA TYR S 521 -8.03 -42.85 -82.36
C TYR S 521 -6.61 -43.32 -82.05
N LYS S 522 -5.69 -43.02 -82.97
CA LYS S 522 -4.30 -43.42 -82.80
C LYS S 522 -3.35 -42.36 -83.37
N VAL S 523 -2.82 -41.50 -82.49
CA VAL S 523 -1.90 -40.47 -82.92
C VAL S 523 -0.61 -41.12 -83.40
N ASN S 524 -0.53 -41.38 -84.70
CA ASN S 524 0.65 -42.00 -85.28
C ASN S 524 1.72 -41.00 -85.71
N VAL S 525 2.81 -40.97 -84.96
CA VAL S 525 3.93 -40.09 -85.24
C VAL S 525 5.09 -40.94 -85.72
N TYR S 526 5.42 -40.82 -87.00
CA TYR S 526 6.50 -41.59 -87.59
C TYR S 526 7.83 -40.84 -87.57
N ALA S 527 8.89 -41.54 -87.98
CA ALA S 527 10.22 -40.97 -88.03
C ALA S 527 10.77 -41.21 -89.42
N VAL S 528 11.52 -40.24 -89.94
CA VAL S 528 12.09 -40.37 -91.27
C VAL S 528 13.60 -40.19 -91.25
N THR S 529 14.33 -41.27 -91.51
CA THR S 529 15.78 -41.21 -91.53
C THR S 529 16.24 -40.33 -92.69
N LYS S 530 17.44 -39.77 -92.56
CA LYS S 530 17.96 -38.91 -93.61
C LYS S 530 17.95 -39.64 -94.96
N GLU S 531 18.54 -40.82 -94.99
CA GLU S 531 18.60 -41.61 -96.22
C GLU S 531 17.27 -41.66 -96.97
N ASN S 532 16.16 -41.64 -96.25
CA ASN S 532 14.84 -41.71 -96.86
C ASN S 532 14.22 -40.36 -97.19
N THR S 533 14.28 -39.43 -96.24
CA THR S 533 13.69 -38.10 -96.41
C THR S 533 13.86 -37.48 -97.80
N ILE S 534 12.86 -36.72 -98.21
CA ILE S 534 12.86 -36.03 -99.50
C ILE S 534 13.05 -34.55 -99.25
N ILE S 535 13.49 -33.83 -100.28
CA ILE S 535 13.74 -32.40 -100.15
C ILE S 535 13.04 -31.54 -101.20
N ASN S 536 12.52 -32.16 -102.24
CA ASN S 536 11.82 -31.42 -103.30
C ASN S 536 10.63 -32.19 -103.85
N PRO S 537 9.62 -31.47 -104.37
CA PRO S 537 8.41 -32.06 -104.94
C PRO S 537 8.73 -33.08 -106.03
N SER S 538 7.74 -33.92 -106.36
CA SER S 538 7.92 -34.93 -107.40
C SER S 538 7.83 -34.31 -108.79
N GLU S 539 8.06 -35.13 -109.82
CA GLU S 539 8.02 -34.67 -111.21
C GLU S 539 6.88 -33.68 -111.42
N ASN S 540 5.82 -33.84 -110.63
CA ASN S 540 4.66 -32.96 -110.72
C ASN S 540 4.77 -31.88 -109.65
N GLY S 541 3.88 -31.94 -108.66
CA GLY S 541 3.89 -30.96 -107.58
C GLY S 541 3.45 -31.62 -106.29
N ASP S 542 3.77 -32.90 -106.16
CA ASP S 542 3.40 -33.67 -104.98
C ASP S 542 4.19 -33.22 -103.75
N THR S 543 3.65 -32.22 -103.05
CA THR S 543 4.30 -31.70 -101.85
C THR S 543 3.83 -32.52 -100.66
N SER S 544 3.30 -33.71 -100.93
CA SER S 544 2.78 -34.58 -99.87
C SER S 544 3.80 -35.59 -99.37
N THR S 545 3.43 -36.27 -98.27
CA THR S 545 4.28 -37.28 -97.67
C THR S 545 3.90 -38.66 -98.19
N ASN S 546 3.24 -38.68 -99.34
CA ASN S 546 2.80 -39.93 -99.96
C ASN S 546 3.98 -40.89 -100.16
N GLY S 547 4.84 -40.57 -101.10
CA GLY S 547 5.98 -41.43 -101.39
C GLY S 547 7.14 -41.25 -100.42
N ILE S 548 7.03 -41.86 -99.24
CA ILE S 548 8.07 -41.78 -98.23
C ILE S 548 8.21 -43.13 -97.52
N LYS S 549 9.35 -43.33 -96.87
CA LYS S 549 9.60 -44.55 -96.14
C LYS S 549 9.80 -44.19 -94.67
N LYS S 550 8.72 -43.86 -93.98
CA LYS S 550 8.81 -43.51 -92.57
C LYS S 550 8.81 -44.74 -91.69
N ILE S 551 9.00 -44.53 -90.39
CA ILE S 551 9.03 -45.63 -89.44
C ILE S 551 8.17 -45.31 -88.21
N LEU S 552 7.36 -46.28 -87.82
CA LEU S 552 6.46 -46.12 -86.66
C LEU S 552 7.26 -45.92 -85.38
N ILE S 553 7.09 -44.77 -84.74
CA ILE S 553 7.78 -44.45 -83.50
C ILE S 553 6.81 -44.27 -82.34
N PHE S 554 5.59 -43.87 -82.66
CA PHE S 554 4.57 -43.65 -81.63
C PHE S 554 3.21 -44.16 -82.11
N SER S 555 2.31 -44.40 -81.18
CA SER S 555 0.97 -44.89 -81.50
C SER S 555 0.11 -45.11 -80.26
N LYS S 556 -0.22 -44.02 -79.57
CA LYS S 556 -1.05 -44.11 -78.37
C LYS S 556 -2.48 -43.72 -78.67
N LYS S 557 -3.41 -44.12 -77.81
CA LYS S 557 -4.81 -43.81 -77.98
C LYS S 557 -5.16 -42.42 -77.48
N GLY S 558 -6.34 -41.93 -77.87
CA GLY S 558 -6.77 -40.60 -77.45
C GLY S 558 -6.87 -40.45 -75.95
N TYR S 559 -7.28 -41.52 -75.27
CA TYR S 559 -7.43 -41.48 -73.82
C TYR S 559 -6.11 -41.82 -73.12
N GLU S 560 -5.13 -42.26 -73.90
CA GLU S 560 -3.82 -42.61 -73.35
C GLU S 560 -2.83 -41.45 -73.51
N ILE S 561 -3.36 -40.23 -73.47
CA ILE S 561 -2.53 -39.03 -73.60
C ILE S 561 -3.05 -37.93 -72.69
N GLY S 562 -4.18 -37.34 -73.06
CA GLY S 562 -4.77 -36.28 -72.26
C GLY S 562 -5.74 -35.42 -73.05
N SER T 1 -26.21 -11.47 -119.38
CA SER T 1 -27.59 -11.38 -118.95
C SER T 1 -27.88 -12.40 -117.84
N CYS T 2 -28.85 -13.27 -118.07
CA CYS T 2 -29.21 -14.29 -117.09
C CYS T 2 -28.73 -15.66 -117.52
N ARG T 3 -28.60 -16.57 -116.57
CA ARG T 3 -28.15 -17.93 -116.83
C ARG T 3 -28.95 -18.96 -116.04
N ARG T 4 -28.70 -20.23 -116.29
CA ARG T 4 -29.41 -21.30 -115.58
C ARG T 4 -28.45 -22.33 -115.01
N ALA T 5 -27.33 -22.56 -115.70
CA ALA T 5 -26.35 -23.54 -115.26
C ALA T 5 -25.24 -22.94 -114.40
N PHE T 6 -25.26 -23.27 -113.12
CA PHE T 6 -24.27 -22.78 -112.17
C PHE T 6 -23.45 -23.94 -111.62
N ASP T 7 -22.16 -23.68 -111.37
CA ASP T 7 -21.27 -24.69 -110.82
C ASP T 7 -20.75 -24.17 -109.50
N LEU T 8 -21.20 -24.78 -108.40
CA LEU T 8 -20.78 -24.35 -107.08
C LEU T 8 -19.58 -25.14 -106.56
N TYR T 9 -18.55 -24.42 -106.15
CA TYR T 9 -17.34 -25.02 -105.61
C TYR T 9 -17.30 -24.81 -104.11
N PHE T 10 -17.17 -25.89 -103.36
CA PHE T 10 -17.14 -25.80 -101.90
C PHE T 10 -15.78 -26.04 -101.29
N VAL T 11 -14.96 -24.99 -101.26
CA VAL T 11 -13.63 -25.05 -100.68
C VAL T 11 -13.83 -24.94 -99.16
N LEU T 12 -13.47 -26.00 -98.44
CA LEU T 12 -13.64 -26.03 -96.99
C LEU T 12 -12.34 -26.06 -96.19
N ASP T 13 -12.23 -25.14 -95.23
CA ASP T 13 -11.08 -25.04 -94.35
C ASP T 13 -11.18 -26.11 -93.27
N LYS T 14 -10.42 -27.19 -93.40
CA LYS T 14 -10.45 -28.23 -92.39
C LYS T 14 -9.22 -28.14 -91.49
N SER T 15 -8.82 -26.91 -91.16
CA SER T 15 -7.65 -26.70 -90.30
C SER T 15 -8.05 -26.77 -88.83
N GLY T 16 -7.05 -27.03 -87.97
CA GLY T 16 -7.31 -27.14 -86.55
C GLY T 16 -7.98 -25.92 -85.95
N SER T 17 -7.67 -24.74 -86.48
CA SER T 17 -8.24 -23.50 -85.99
C SER T 17 -9.76 -23.51 -86.04
N VAL T 18 -10.31 -24.21 -87.04
CA VAL T 18 -11.75 -24.30 -87.21
C VAL T 18 -12.22 -25.74 -86.95
N ALA T 19 -11.57 -26.41 -86.01
CA ALA T 19 -11.93 -27.79 -85.69
C ALA T 19 -13.17 -27.84 -84.79
N ASN T 20 -13.52 -26.70 -84.21
CA ASN T 20 -14.67 -26.62 -83.31
C ASN T 20 -15.98 -26.43 -84.08
N ASN T 21 -16.01 -25.43 -84.95
CA ASN T 21 -17.19 -25.12 -85.74
C ASN T 21 -17.21 -25.75 -87.12
N TRP T 22 -16.85 -27.03 -87.20
CA TRP T 22 -16.85 -27.71 -88.49
C TRP T 22 -18.26 -28.01 -88.93
N ILE T 23 -19.11 -28.41 -87.99
CA ILE T 23 -20.50 -28.73 -88.30
C ILE T 23 -21.19 -27.57 -89.01
N GLU T 24 -21.01 -26.36 -88.50
CA GLU T 24 -21.62 -25.18 -89.11
C GLU T 24 -21.26 -25.11 -90.58
N ILE T 25 -19.99 -25.38 -90.86
CA ILE T 25 -19.48 -25.37 -92.23
C ILE T 25 -20.17 -26.46 -93.03
N TYR T 26 -20.32 -27.63 -92.42
CA TYR T 26 -20.98 -28.75 -93.10
C TYR T 26 -22.45 -28.42 -93.33
N ASN T 27 -23.07 -27.80 -92.33
CA ASN T 27 -24.47 -27.43 -92.42
C ASN T 27 -24.66 -26.45 -93.58
N PHE T 28 -23.79 -25.45 -93.65
CA PHE T 28 -23.86 -24.46 -94.71
C PHE T 28 -23.68 -25.12 -96.07
N VAL T 29 -22.86 -26.18 -96.11
CA VAL T 29 -22.61 -26.91 -97.35
C VAL T 29 -23.71 -27.94 -97.58
N GLN T 30 -24.51 -28.19 -96.55
CA GLN T 30 -25.60 -29.14 -96.65
C GLN T 30 -26.90 -28.38 -96.93
N GLN T 31 -27.06 -27.24 -96.28
CA GLN T 31 -28.25 -26.41 -96.46
C GLN T 31 -28.21 -25.70 -97.82
N LEU T 32 -27.03 -25.71 -98.43
CA LEU T 32 -26.85 -25.07 -99.73
C LEU T 32 -27.05 -26.11 -100.84
N ALA T 33 -26.56 -27.32 -100.62
CA ALA T 33 -26.70 -28.40 -101.58
C ALA T 33 -28.14 -28.88 -101.55
N GLU T 34 -28.84 -28.52 -100.47
CA GLU T 34 -30.23 -28.87 -100.26
C GLU T 34 -31.11 -27.91 -101.06
N ARG T 35 -30.62 -26.70 -101.25
CA ARG T 35 -31.35 -25.67 -101.99
C ARG T 35 -31.26 -25.90 -103.50
N PHE T 36 -30.13 -25.52 -104.09
CA PHE T 36 -29.92 -25.68 -105.52
C PHE T 36 -29.95 -27.16 -105.90
N VAL T 37 -31.09 -27.60 -106.42
CA VAL T 37 -31.24 -29.00 -106.81
C VAL T 37 -31.55 -29.11 -108.30
N SER T 38 -30.99 -28.19 -109.09
CA SER T 38 -31.20 -28.21 -110.52
C SER T 38 -30.11 -29.05 -111.19
N PRO T 39 -30.49 -29.92 -112.13
CA PRO T 39 -29.54 -30.80 -112.84
C PRO T 39 -28.38 -30.04 -113.47
N GLU T 40 -28.52 -28.72 -113.54
CA GLU T 40 -27.49 -27.86 -114.12
C GLU T 40 -26.61 -27.27 -113.00
N MET T 41 -26.98 -27.57 -111.76
CA MET T 41 -26.25 -27.08 -110.60
C MET T 41 -25.19 -28.09 -110.15
N ARG T 42 -24.17 -28.29 -110.98
CA ARG T 42 -23.10 -29.22 -110.67
C ARG T 42 -22.32 -28.72 -109.46
N LEU T 43 -22.27 -29.53 -108.41
CA LEU T 43 -21.55 -29.17 -107.19
C LEU T 43 -20.20 -29.86 -107.12
N SER T 44 -19.31 -29.30 -106.31
CA SER T 44 -17.98 -29.85 -106.13
C SER T 44 -17.50 -29.51 -104.72
N PHE T 45 -16.97 -30.51 -104.02
CA PHE T 45 -16.48 -30.29 -102.67
C PHE T 45 -14.96 -30.34 -102.58
N ILE T 46 -14.40 -29.47 -101.75
CA ILE T 46 -12.96 -29.39 -101.56
C ILE T 46 -12.65 -29.00 -100.11
N VAL T 47 -11.62 -29.62 -99.54
CA VAL T 47 -11.23 -29.33 -98.17
C VAL T 47 -9.73 -29.13 -98.08
N PHE T 48 -9.31 -27.98 -97.57
CA PHE T 48 -7.88 -27.69 -97.44
C PHE T 48 -7.45 -27.57 -95.99
N SER T 49 -6.13 -27.54 -95.81
CA SER T 49 -5.51 -27.42 -94.49
C SER T 49 -4.00 -27.41 -94.74
N SER T 50 -3.38 -28.56 -94.55
CA SER T 50 -1.95 -28.69 -94.78
C SER T 50 -1.84 -28.93 -96.28
N GLN T 51 -2.99 -29.24 -96.88
CA GLN T 51 -3.08 -29.49 -98.30
C GLN T 51 -4.53 -29.83 -98.61
N ALA T 52 -5.06 -29.24 -99.68
CA ALA T 52 -6.44 -29.47 -100.06
C ALA T 52 -6.66 -30.74 -100.86
N THR T 53 -7.91 -31.21 -100.87
CA THR T 53 -8.29 -32.42 -101.59
C THR T 53 -9.66 -32.27 -102.25
N ILE T 54 -9.83 -32.95 -103.38
CA ILE T 54 -11.08 -32.92 -104.12
C ILE T 54 -12.03 -33.98 -103.59
N ILE T 55 -12.84 -33.60 -102.61
CA ILE T 55 -13.81 -34.52 -102.02
C ILE T 55 -14.85 -34.92 -103.05
N LEU T 56 -15.50 -33.92 -103.63
CA LEU T 56 -16.52 -34.13 -104.66
C LEU T 56 -16.21 -33.37 -105.94
N PRO T 57 -16.01 -34.11 -107.04
CA PRO T 57 -15.70 -33.47 -108.34
C PRO T 57 -16.84 -32.54 -108.74
N LEU T 58 -16.75 -31.97 -109.93
CA LEU T 58 -17.79 -31.08 -110.42
C LEU T 58 -18.82 -31.87 -111.22
N THR T 59 -19.99 -32.10 -110.61
CA THR T 59 -21.05 -32.84 -111.27
C THR T 59 -22.40 -32.60 -110.59
N GLY T 60 -23.47 -32.94 -111.29
CA GLY T 60 -24.81 -32.76 -110.76
C GLY T 60 -25.54 -34.08 -110.54
N ASP T 61 -24.91 -34.98 -109.80
CA ASP T 61 -25.50 -36.29 -109.51
C ASP T 61 -25.56 -36.51 -108.01
N ARG T 62 -26.72 -36.28 -107.41
CA ARG T 62 -26.91 -36.44 -105.97
C ARG T 62 -26.43 -37.79 -105.47
N GLY T 63 -26.28 -38.76 -106.37
CA GLY T 63 -25.81 -40.07 -105.97
C GLY T 63 -24.43 -39.95 -105.37
N LYS T 64 -23.61 -39.07 -105.96
CA LYS T 64 -22.25 -38.84 -105.48
C LYS T 64 -22.23 -37.60 -104.61
N ILE T 65 -23.20 -36.70 -104.82
CA ILE T 65 -23.30 -35.48 -104.05
C ILE T 65 -23.57 -35.82 -102.58
N SER T 66 -24.58 -36.66 -102.36
CA SER T 66 -24.92 -37.09 -101.01
C SER T 66 -23.68 -37.80 -100.46
N LYS T 67 -23.03 -38.56 -101.32
CA LYS T 67 -21.81 -39.29 -100.96
C LYS T 67 -20.81 -38.30 -100.37
N GLY T 68 -20.65 -37.17 -101.04
CA GLY T 68 -19.73 -36.15 -100.58
C GLY T 68 -20.16 -35.60 -99.24
N LEU T 69 -21.44 -35.26 -99.13
CA LEU T 69 -21.98 -34.72 -97.90
C LEU T 69 -21.76 -35.69 -96.74
N GLU T 70 -21.73 -36.99 -97.06
CA GLU T 70 -21.51 -38.02 -96.05
C GLU T 70 -20.06 -37.99 -95.61
N ASP T 71 -19.16 -37.69 -96.54
CA ASP T 71 -17.74 -37.63 -96.24
C ASP T 71 -17.39 -36.35 -95.48
N LEU T 72 -17.92 -35.22 -95.95
CA LEU T 72 -17.66 -33.94 -95.30
C LEU T 72 -18.17 -33.98 -93.85
N LYS T 73 -19.16 -34.83 -93.61
CA LYS T 73 -19.74 -34.99 -92.28
C LYS T 73 -18.71 -35.64 -91.38
N ARG T 74 -18.04 -36.67 -91.90
CA ARG T 74 -17.03 -37.40 -91.15
C ARG T 74 -15.63 -36.84 -91.42
N VAL T 75 -15.42 -35.58 -91.05
CA VAL T 75 -14.13 -34.93 -91.25
C VAL T 75 -13.58 -34.41 -89.93
N SER T 76 -12.27 -34.54 -89.76
CA SER T 76 -11.60 -34.09 -88.54
C SER T 76 -10.74 -32.87 -88.86
N PRO T 77 -11.27 -31.66 -88.65
CA PRO T 77 -10.56 -30.41 -88.92
C PRO T 77 -9.22 -30.30 -88.20
N VAL T 78 -8.14 -30.46 -88.94
CA VAL T 78 -6.80 -30.38 -88.38
C VAL T 78 -5.75 -30.15 -89.46
N GLY T 79 -4.71 -29.38 -89.11
CA GLY T 79 -3.66 -29.09 -90.06
C GLY T 79 -3.51 -27.59 -90.26
N GLU T 80 -2.48 -27.19 -91.00
CA GLU T 80 -2.24 -25.78 -91.27
C GLU T 80 -3.40 -25.14 -92.02
N THR T 81 -3.23 -23.88 -92.41
CA THR T 81 -4.27 -23.15 -93.13
C THR T 81 -3.77 -22.71 -94.49
N TYR T 82 -3.69 -23.65 -95.43
CA TYR T 82 -3.24 -23.35 -96.78
C TYR T 82 -4.44 -23.20 -97.72
N ILE T 83 -5.22 -22.15 -97.48
CA ILE T 83 -6.41 -21.87 -98.27
C ILE T 83 -6.13 -21.74 -99.77
N HIS T 84 -5.11 -20.96 -100.11
CA HIS T 84 -4.75 -20.77 -101.50
C HIS T 84 -4.76 -22.08 -102.27
N GLU T 85 -4.13 -23.10 -101.70
CA GLU T 85 -4.08 -24.42 -102.34
C GLU T 85 -5.49 -24.88 -102.69
N GLY T 86 -6.44 -24.64 -101.77
CA GLY T 86 -7.80 -25.03 -102.01
C GLY T 86 -8.42 -24.27 -103.16
N LEU T 87 -8.38 -22.95 -103.08
CA LEU T 87 -8.92 -22.11 -104.13
C LEU T 87 -8.34 -22.52 -105.47
N LYS T 88 -7.14 -23.09 -105.44
CA LYS T 88 -6.48 -23.54 -106.67
C LYS T 88 -7.19 -24.75 -107.24
N LEU T 89 -7.39 -25.77 -106.42
CA LEU T 89 -8.07 -26.98 -106.87
C LEU T 89 -9.44 -26.62 -107.41
N ALA T 90 -9.88 -25.39 -107.14
CA ALA T 90 -11.17 -24.92 -107.61
C ALA T 90 -11.01 -24.43 -109.05
N ASN T 91 -10.04 -23.55 -109.27
CA ASN T 91 -9.79 -23.01 -110.60
C ASN T 91 -9.35 -24.11 -111.56
N GLU T 92 -8.63 -25.09 -111.04
CA GLU T 92 -8.17 -26.20 -111.86
C GLU T 92 -9.36 -26.90 -112.51
N GLN T 93 -10.45 -27.00 -111.76
CA GLN T 93 -11.68 -27.62 -112.25
C GLN T 93 -12.37 -26.73 -113.27
N ILE T 94 -12.39 -25.43 -112.98
CA ILE T 94 -13.01 -24.45 -113.86
C ILE T 94 -12.31 -24.42 -115.22
N GLN T 95 -11.03 -24.06 -115.22
CA GLN T 95 -10.25 -23.98 -116.45
C GLN T 95 -10.31 -25.25 -117.28
N LYS T 96 -10.68 -26.36 -116.64
CA LYS T 96 -10.77 -27.64 -117.34
C LYS T 96 -12.19 -27.81 -117.90
N ALA T 97 -13.09 -26.93 -117.48
CA ALA T 97 -14.47 -26.96 -117.93
C ALA T 97 -14.69 -26.03 -119.11
N GLY T 98 -13.89 -24.98 -119.20
CA GLY T 98 -14.02 -24.02 -120.29
C GLY T 98 -13.50 -22.64 -119.95
N GLY T 99 -13.09 -22.45 -118.70
CA GLY T 99 -12.58 -21.17 -118.27
C GLY T 99 -13.68 -20.13 -118.17
N LEU T 100 -13.65 -19.14 -119.05
CA LEU T 100 -14.66 -18.10 -119.07
C LEU T 100 -15.97 -18.72 -119.52
N LYS T 101 -15.87 -19.77 -120.33
CA LYS T 101 -17.03 -20.48 -120.86
C LYS T 101 -17.81 -21.20 -119.76
N THR T 102 -17.53 -20.84 -118.51
CA THR T 102 -18.22 -21.46 -117.38
C THR T 102 -18.58 -20.45 -116.29
N SER T 103 -19.83 -20.51 -115.84
CA SER T 103 -20.29 -19.62 -114.79
C SER T 103 -20.14 -20.38 -113.48
N SER T 104 -19.05 -20.13 -112.77
CA SER T 104 -18.78 -20.81 -111.51
C SER T 104 -18.94 -19.90 -110.29
N ILE T 105 -19.19 -20.53 -109.15
CA ILE T 105 -19.36 -19.80 -107.88
C ILE T 105 -18.55 -20.47 -106.79
N ILE T 106 -17.31 -20.02 -106.63
CA ILE T 106 -16.42 -20.56 -105.61
C ILE T 106 -16.83 -20.09 -104.22
N ILE T 107 -17.12 -21.05 -103.35
CA ILE T 107 -17.53 -20.74 -101.98
C ILE T 107 -16.52 -21.33 -101.00
N ALA T 108 -15.65 -20.48 -100.47
CA ALA T 108 -14.62 -20.91 -99.53
C ALA T 108 -15.01 -20.70 -98.08
N LEU T 109 -14.99 -21.79 -97.31
CA LEU T 109 -15.32 -21.75 -95.90
C LEU T 109 -14.02 -21.75 -95.11
N THR T 110 -13.79 -20.68 -94.33
CA THR T 110 -12.56 -20.59 -93.55
C THR T 110 -12.66 -19.52 -92.48
N ASP T 111 -11.67 -19.50 -91.59
CA ASP T 111 -11.63 -18.53 -90.51
C ASP T 111 -10.97 -17.23 -90.98
N GLY T 112 -10.41 -17.26 -92.18
CA GLY T 112 -9.76 -16.08 -92.72
C GLY T 112 -8.48 -15.71 -91.98
N LYS T 113 -8.11 -16.54 -91.01
CA LYS T 113 -6.90 -16.30 -90.21
C LYS T 113 -5.69 -16.93 -90.90
N LEU T 114 -5.26 -16.33 -92.00
CA LEU T 114 -4.12 -16.83 -92.75
C LEU T 114 -2.82 -16.30 -92.15
N ASP T 115 -1.70 -16.94 -92.48
CA ASP T 115 -0.41 -16.51 -91.97
C ASP T 115 0.71 -16.60 -93.00
N GLY T 116 1.75 -15.79 -92.80
CA GLY T 116 2.89 -15.78 -93.71
C GLY T 116 2.57 -15.45 -95.16
N LEU T 117 2.95 -16.34 -96.06
CA LEU T 117 2.72 -16.14 -97.49
C LEU T 117 1.30 -16.51 -97.90
N VAL T 118 0.65 -17.34 -97.08
CA VAL T 118 -0.71 -17.75 -97.38
C VAL T 118 -1.57 -16.57 -97.82
N PRO T 119 -1.51 -15.45 -97.09
CA PRO T 119 -2.29 -14.26 -97.44
C PRO T 119 -1.99 -13.81 -98.86
N SER T 120 -0.71 -13.54 -99.12
CA SER T 120 -0.27 -13.10 -100.44
C SER T 120 -0.78 -14.04 -101.52
N TYR T 121 -0.46 -15.32 -101.39
CA TYR T 121 -0.87 -16.32 -102.37
C TYR T 121 -2.38 -16.49 -102.44
N ALA T 122 -3.04 -16.46 -101.29
CA ALA T 122 -4.49 -16.61 -101.25
C ALA T 122 -5.12 -15.50 -102.06
N GLU T 123 -4.79 -14.26 -101.71
CA GLU T 123 -5.31 -13.09 -102.41
C GLU T 123 -5.05 -13.20 -103.90
N LYS T 124 -3.84 -13.63 -104.25
CA LYS T 124 -3.45 -13.78 -105.65
C LYS T 124 -4.19 -14.94 -106.30
N GLU T 125 -4.15 -16.10 -105.66
CA GLU T 125 -4.82 -17.29 -106.18
C GLU T 125 -6.31 -17.02 -106.33
N ALA T 126 -6.82 -16.09 -105.52
CA ALA T 126 -8.23 -15.73 -105.56
C ALA T 126 -8.54 -14.93 -106.81
N LYS T 127 -7.66 -13.99 -107.13
CA LYS T 127 -7.83 -13.16 -108.32
C LYS T 127 -7.71 -14.06 -109.53
N ILE T 128 -6.98 -15.16 -109.37
CA ILE T 128 -6.79 -16.13 -110.44
C ILE T 128 -8.14 -16.79 -110.72
N SER T 129 -9.04 -16.66 -109.75
CA SER T 129 -10.37 -17.23 -109.88
C SER T 129 -11.23 -16.27 -110.69
N ARG T 130 -11.32 -15.02 -110.22
CA ARG T 130 -12.09 -14.00 -110.90
C ARG T 130 -11.56 -13.75 -112.30
N SER T 131 -10.41 -14.35 -112.61
CA SER T 131 -9.79 -14.19 -113.93
C SER T 131 -10.22 -15.34 -114.82
N LEU T 132 -11.20 -16.11 -114.36
CA LEU T 132 -11.72 -17.25 -115.11
C LEU T 132 -13.24 -17.20 -115.17
N GLY T 133 -13.78 -16.00 -115.13
CA GLY T 133 -15.22 -15.83 -115.18
C GLY T 133 -15.89 -16.56 -114.03
N ALA T 134 -15.43 -16.27 -112.82
CA ALA T 134 -15.99 -16.90 -111.63
C ALA T 134 -16.13 -15.89 -110.48
N SER T 135 -16.97 -16.23 -109.51
CA SER T 135 -17.18 -15.37 -108.35
C SER T 135 -16.73 -16.10 -107.09
N VAL T 136 -16.02 -15.38 -106.22
CA VAL T 136 -15.52 -15.96 -104.98
C VAL T 136 -16.35 -15.55 -103.76
N TYR T 137 -16.69 -16.54 -102.93
CA TYR T 137 -17.47 -16.28 -101.72
C TYR T 137 -16.75 -16.78 -100.47
N CYS T 138 -16.44 -15.85 -99.57
CA CYS T 138 -15.75 -16.18 -98.33
C CYS T 138 -16.72 -16.28 -97.16
N VAL T 139 -17.26 -17.48 -96.94
CA VAL T 139 -18.20 -17.70 -95.84
C VAL T 139 -17.38 -18.06 -94.59
N GLY T 140 -16.83 -17.04 -93.95
CA GLY T 140 -16.01 -17.25 -92.77
C GLY T 140 -16.71 -17.84 -91.56
N VAL T 141 -15.90 -18.32 -90.61
CA VAL T 141 -16.40 -18.92 -89.37
C VAL T 141 -15.72 -18.21 -88.20
N LEU T 142 -16.36 -18.25 -87.03
CA LEU T 142 -15.83 -17.60 -85.84
C LEU T 142 -15.53 -16.14 -86.14
N ASP T 143 -14.77 -15.49 -85.25
CA ASP T 143 -14.41 -14.10 -85.44
C ASP T 143 -13.39 -13.97 -86.56
N PHE T 144 -13.75 -14.53 -87.72
CA PHE T 144 -12.89 -14.51 -88.90
C PHE T 144 -12.35 -13.13 -89.25
N GLU T 145 -11.41 -13.10 -90.18
CA GLU T 145 -10.80 -11.84 -90.62
C GLU T 145 -11.57 -11.23 -91.77
N GLN T 146 -12.55 -10.39 -91.45
CA GLN T 146 -13.37 -9.73 -92.46
C GLN T 146 -12.42 -9.15 -93.51
N ALA T 147 -11.39 -8.45 -93.04
CA ALA T 147 -10.41 -7.82 -93.91
C ALA T 147 -9.91 -8.78 -94.99
N GLN T 148 -9.22 -9.83 -94.57
CA GLN T 148 -8.68 -10.81 -95.50
C GLN T 148 -9.73 -11.32 -96.47
N LEU T 149 -10.84 -11.81 -95.93
CA LEU T 149 -11.92 -12.33 -96.76
C LEU T 149 -12.27 -11.36 -97.88
N GLU T 150 -12.32 -10.08 -97.56
CA GLU T 150 -12.61 -9.05 -98.54
C GLU T 150 -11.63 -9.13 -99.70
N ARG T 151 -10.35 -9.19 -99.36
CA ARG T 151 -9.29 -9.27 -100.36
C ARG T 151 -9.27 -10.62 -101.06
N ILE T 152 -10.02 -11.59 -100.53
CA ILE T 152 -10.05 -12.92 -101.10
C ILE T 152 -11.21 -13.07 -102.11
N ALA T 153 -12.39 -12.62 -101.73
CA ALA T 153 -13.55 -12.71 -102.60
C ALA T 153 -13.61 -11.51 -103.54
N ASP T 154 -14.76 -11.32 -104.17
CA ASP T 154 -14.95 -10.20 -105.10
C ASP T 154 -14.96 -8.88 -104.34
N SER T 155 -15.93 -8.72 -103.45
CA SER T 155 -16.07 -7.51 -102.65
C SER T 155 -16.51 -7.88 -101.24
N LYS T 156 -16.64 -6.87 -100.38
CA LYS T 156 -17.05 -7.11 -99.00
C LYS T 156 -18.46 -7.69 -98.93
N GLU T 157 -19.13 -7.77 -100.08
CA GLU T 157 -20.47 -8.30 -100.14
C GLU T 157 -20.47 -9.82 -100.16
N GLN T 158 -19.61 -10.42 -100.98
CA GLN T 158 -19.52 -11.87 -101.07
C GLN T 158 -18.94 -12.46 -99.78
N VAL T 159 -19.00 -11.68 -98.71
CA VAL T 159 -18.50 -12.10 -97.41
C VAL T 159 -19.67 -12.21 -96.44
N PHE T 160 -20.23 -13.42 -96.32
CA PHE T 160 -21.36 -13.66 -95.44
C PHE T 160 -21.00 -14.55 -94.25
N PRO T 161 -21.25 -14.08 -93.03
CA PRO T 161 -20.94 -14.87 -91.84
C PRO T 161 -21.97 -15.98 -91.65
N VAL T 162 -21.52 -17.23 -91.65
CA VAL T 162 -22.41 -18.37 -91.50
C VAL T 162 -23.39 -18.16 -90.35
N LYS T 163 -22.91 -17.54 -89.28
CA LYS T 163 -23.77 -17.26 -88.12
C LYS T 163 -24.66 -16.07 -88.38
N GLY T 164 -25.97 -16.30 -88.29
CA GLY T 164 -26.94 -15.23 -88.52
C GLY T 164 -28.24 -15.80 -89.05
N GLY T 165 -29.25 -14.94 -89.16
CA GLY T 165 -30.54 -15.39 -89.65
C GLY T 165 -30.50 -15.72 -91.13
N PHE T 166 -29.82 -16.81 -91.46
CA PHE T 166 -29.69 -17.25 -92.85
C PHE T 166 -29.09 -16.14 -93.71
N GLN T 167 -28.59 -15.10 -93.06
CA GLN T 167 -27.98 -13.97 -93.77
C GLN T 167 -27.10 -14.48 -94.90
N ALA T 168 -26.42 -15.59 -94.64
CA ALA T 168 -25.55 -16.21 -95.63
C ALA T 168 -26.39 -16.91 -96.70
N LEU T 169 -27.10 -17.95 -96.28
CA LEU T 169 -27.96 -18.69 -97.21
C LEU T 169 -28.80 -17.74 -98.04
N LYS T 170 -29.49 -16.82 -97.37
CA LYS T 170 -30.34 -15.85 -98.05
C LYS T 170 -29.50 -14.97 -98.97
N GLY T 171 -28.74 -14.06 -98.37
CA GLY T 171 -27.90 -13.16 -99.15
C GLY T 171 -27.16 -13.80 -100.30
N ILE T 172 -26.73 -15.05 -100.12
CA ILE T 172 -26.00 -15.76 -101.16
C ILE T 172 -26.91 -16.37 -102.22
N ILE T 173 -27.79 -17.28 -101.80
CA ILE T 173 -28.70 -17.92 -102.73
C ILE T 173 -29.46 -16.89 -103.55
N ASN T 174 -29.78 -15.75 -102.92
CA ASN T 174 -30.51 -14.68 -103.58
C ASN T 174 -29.57 -13.83 -104.44
N SER T 175 -28.27 -13.97 -104.20
CA SER T 175 -27.27 -13.22 -104.97
C SER T 175 -26.86 -14.07 -106.17
N ILE T 176 -27.14 -15.36 -106.08
CA ILE T 176 -26.82 -16.31 -107.15
C ILE T 176 -28.00 -16.38 -108.12
N LEU T 177 -29.21 -16.31 -107.56
CA LEU T 177 -30.42 -16.35 -108.37
C LEU T 177 -30.63 -15.00 -109.05
N ALA T 178 -29.88 -14.00 -108.59
CA ALA T 178 -29.96 -12.65 -109.15
C ALA T 178 -29.24 -12.63 -110.49
N GLN T 179 -28.82 -13.81 -110.93
CA GLN T 179 -28.11 -13.97 -112.19
C GLN T 179 -28.86 -14.98 -113.07
N SER T 180 -29.86 -15.64 -112.49
CA SER T 180 -30.66 -16.61 -113.21
C SER T 180 -31.82 -15.92 -113.93
N CYS T 181 -32.45 -16.64 -114.85
CA CYS T 181 -33.58 -16.09 -115.60
C CYS T 181 -34.88 -16.30 -114.84
N THR U 1 87.93 -42.19 -85.64
CA THR U 1 89.01 -41.68 -86.54
C THR U 1 89.01 -42.42 -87.87
N VAL U 2 87.94 -43.18 -88.13
CA VAL U 2 87.82 -43.95 -89.37
C VAL U 2 87.91 -43.03 -90.58
N PRO U 3 88.75 -43.41 -91.57
CA PRO U 3 88.94 -42.62 -92.80
C PRO U 3 87.66 -42.38 -93.58
N ASP U 4 87.36 -41.11 -93.84
CA ASP U 4 86.17 -40.72 -94.60
C ASP U 4 86.31 -39.27 -95.07
N ARG U 5 86.81 -39.09 -96.28
CA ARG U 5 87.01 -37.76 -96.85
C ARG U 5 85.67 -37.10 -97.14
N ASP U 6 84.83 -37.81 -97.91
CA ASP U 6 83.51 -37.31 -98.27
C ASP U 6 82.79 -36.73 -97.06
N ASN U 7 83.05 -37.33 -95.89
CA ASN U 7 82.44 -36.88 -94.64
C ASN U 7 80.94 -37.19 -94.60
N ASP U 8 80.50 -38.06 -95.50
CA ASP U 8 79.08 -38.42 -95.56
C ASP U 8 78.68 -39.38 -94.45
N GLY U 9 79.62 -40.18 -93.99
CA GLY U 9 79.31 -41.13 -92.93
C GLY U 9 79.54 -42.57 -93.32
N ILE U 10 80.15 -42.78 -94.48
CA ILE U 10 80.42 -44.13 -94.96
C ILE U 10 81.91 -44.27 -95.20
N PRO U 11 82.64 -44.88 -94.25
CA PRO U 11 84.09 -45.10 -94.32
C PRO U 11 84.57 -45.49 -95.71
N ASP U 12 85.43 -44.66 -96.28
CA ASP U 12 85.98 -44.88 -97.62
C ASP U 12 85.83 -46.31 -98.10
N SER U 13 86.69 -47.19 -97.59
CA SER U 13 86.66 -48.59 -97.96
C SER U 13 85.23 -49.04 -98.23
N LEU U 14 84.42 -49.08 -97.18
CA LEU U 14 83.03 -49.50 -97.28
C LEU U 14 82.38 -48.98 -98.55
N GLU U 15 82.50 -47.68 -98.77
CA GLU U 15 81.90 -47.04 -99.93
C GLU U 15 82.57 -47.41 -101.24
N VAL U 16 83.81 -47.90 -101.18
CA VAL U 16 84.52 -48.27 -102.40
C VAL U 16 84.47 -49.76 -102.67
N GLU U 17 84.74 -50.56 -101.64
CA GLU U 17 84.75 -52.01 -101.74
C GLU U 17 83.35 -52.63 -101.61
N GLY U 18 82.34 -51.78 -101.47
CA GLY U 18 80.99 -52.28 -101.34
C GLY U 18 80.47 -52.31 -99.92
N TYR U 19 79.18 -52.00 -99.77
CA TYR U 19 78.55 -52.00 -98.45
C TYR U 19 77.05 -52.08 -98.59
N THR U 20 76.37 -52.00 -97.46
CA THR U 20 74.92 -52.06 -97.40
C THR U 20 74.54 -51.92 -95.95
N VAL U 21 73.25 -51.95 -95.67
CA VAL U 21 72.79 -51.81 -94.30
C VAL U 21 71.60 -52.70 -93.97
N ASP U 22 71.58 -53.16 -92.73
CA ASP U 22 70.51 -54.01 -92.22
C ASP U 22 70.17 -53.57 -90.81
N VAL U 23 69.27 -54.29 -90.15
CA VAL U 23 68.87 -53.94 -88.80
C VAL U 23 68.91 -55.12 -87.83
N LYS U 24 69.93 -55.13 -86.96
CA LYS U 24 70.10 -56.20 -85.97
C LYS U 24 68.87 -56.21 -85.07
N ASN U 25 69.03 -55.76 -83.83
CA ASN U 25 67.91 -55.72 -82.91
C ASN U 25 66.85 -54.89 -83.63
N LYS U 26 66.98 -53.59 -83.52
CA LYS U 26 66.06 -52.67 -84.19
C LYS U 26 66.88 -51.47 -84.60
N ARG U 27 68.19 -51.64 -84.65
CA ARG U 27 69.09 -50.58 -85.02
C ARG U 27 69.60 -50.81 -86.43
N THR U 28 70.08 -49.75 -87.08
CA THR U 28 70.59 -49.86 -88.43
C THR U 28 72.10 -49.92 -88.44
N PHE U 29 72.65 -51.02 -88.96
CA PHE U 29 74.09 -51.17 -89.02
C PHE U 29 74.63 -51.08 -90.44
N LEU U 30 75.56 -50.16 -90.64
CA LEU U 30 76.18 -49.98 -91.95
C LEU U 30 77.41 -50.89 -91.94
N SER U 31 77.32 -51.99 -92.69
CA SER U 31 78.41 -52.96 -92.74
C SER U 31 78.90 -53.26 -94.16
N PRO U 32 80.16 -53.73 -94.29
CA PRO U 32 80.74 -54.06 -95.59
C PRO U 32 80.02 -55.25 -96.23
N TRP U 33 80.29 -55.48 -97.50
CA TRP U 33 79.64 -56.55 -98.23
C TRP U 33 80.07 -57.94 -97.77
N ILE U 34 79.13 -58.88 -97.82
CA ILE U 34 79.38 -60.27 -97.43
C ILE U 34 78.53 -61.16 -98.32
N SER U 35 79.08 -61.52 -99.49
CA SER U 35 78.39 -62.36 -100.46
C SER U 35 77.56 -63.45 -99.80
N ASN U 36 78.03 -63.89 -98.63
CA ASN U 36 77.33 -64.94 -97.89
C ASN U 36 76.04 -64.40 -97.27
N ILE U 37 76.04 -64.34 -95.94
CA ILE U 37 74.88 -63.87 -95.18
C ILE U 37 74.10 -62.70 -95.78
N HIS U 38 74.80 -61.78 -96.43
CA HIS U 38 74.12 -60.63 -97.01
C HIS U 38 73.27 -60.94 -98.24
N GLU U 39 73.91 -61.38 -99.32
CA GLU U 39 73.21 -61.70 -100.56
C GLU U 39 72.02 -62.62 -100.36
N LYS U 40 71.94 -63.22 -99.18
CA LYS U 40 70.85 -64.12 -98.84
C LYS U 40 69.62 -63.37 -98.36
N LYS U 41 69.79 -62.57 -97.31
CA LYS U 41 68.70 -61.81 -96.74
C LYS U 41 67.99 -60.90 -97.74
N GLY U 42 68.54 -60.79 -98.94
CA GLY U 42 67.92 -59.97 -99.97
C GLY U 42 68.43 -58.55 -100.12
N LEU U 43 69.42 -58.17 -99.32
CA LEU U 43 69.97 -56.82 -99.39
C LEU U 43 70.61 -56.56 -100.75
N THR U 44 71.34 -55.46 -100.87
CA THR U 44 71.99 -55.10 -102.12
C THR U 44 73.42 -54.65 -101.87
N LYS U 45 74.21 -54.59 -102.93
CA LYS U 45 75.60 -54.17 -102.83
C LYS U 45 75.68 -52.69 -103.22
N TYR U 46 75.67 -51.82 -102.22
CA TYR U 46 75.74 -50.38 -102.47
C TYR U 46 77.17 -49.88 -102.55
N LYS U 47 77.73 -49.90 -103.76
CA LYS U 47 79.09 -49.42 -103.96
C LYS U 47 79.02 -48.00 -104.50
N SER U 48 79.37 -47.02 -103.68
CA SER U 48 79.32 -45.63 -104.09
C SER U 48 80.71 -45.01 -104.21
N SER U 49 80.79 -43.69 -104.08
CA SER U 49 82.08 -43.00 -104.17
C SER U 49 82.39 -42.23 -102.89
N PRO U 50 83.63 -42.34 -102.42
CA PRO U 50 84.14 -41.70 -101.21
C PRO U 50 84.50 -40.23 -101.31
N GLU U 51 84.61 -39.68 -102.51
CA GLU U 51 84.97 -38.28 -102.58
C GLU U 51 83.82 -37.34 -102.93
N LYS U 52 82.60 -37.86 -102.93
CA LYS U 52 81.43 -37.04 -103.23
C LYS U 52 80.36 -37.22 -102.16
N TRP U 53 79.83 -36.10 -101.67
CA TRP U 53 78.80 -36.14 -100.64
C TRP U 53 77.59 -36.90 -101.14
N SER U 54 77.41 -36.89 -102.45
CA SER U 54 76.30 -37.59 -103.09
C SER U 54 76.77 -37.88 -104.50
N THR U 55 77.30 -39.08 -104.70
CA THR U 55 77.82 -39.47 -106.00
C THR U 55 76.97 -39.05 -107.19
N ALA U 56 75.66 -38.95 -106.98
CA ALA U 56 74.76 -38.55 -108.05
C ALA U 56 74.77 -37.03 -108.22
N SER U 57 75.25 -36.34 -107.19
CA SER U 57 75.34 -34.89 -107.14
C SER U 57 74.10 -34.28 -106.50
N ASP U 58 72.95 -34.93 -106.70
CA ASP U 58 71.70 -34.46 -106.14
C ASP U 58 71.87 -34.19 -104.66
N PRO U 59 70.98 -33.39 -104.08
CA PRO U 59 71.02 -33.03 -102.66
C PRO U 59 70.67 -34.15 -101.68
N TYR U 60 71.45 -35.22 -101.71
CA TYR U 60 71.19 -36.33 -100.80
C TYR U 60 72.45 -37.18 -100.60
N SER U 61 73.08 -37.03 -99.44
CA SER U 61 74.29 -37.77 -99.12
C SER U 61 74.10 -39.26 -99.35
N ASP U 62 75.08 -39.88 -100.01
CA ASP U 62 75.03 -41.30 -100.29
C ASP U 62 74.46 -41.96 -99.04
N PHE U 63 75.06 -41.61 -97.90
CA PHE U 63 74.60 -42.16 -96.64
C PHE U 63 73.12 -41.90 -96.46
N GLU U 64 72.75 -40.62 -96.44
CA GLU U 64 71.36 -40.23 -96.26
C GLU U 64 70.39 -41.15 -96.99
N LYS U 65 70.77 -41.61 -98.18
CA LYS U 65 69.91 -42.49 -98.95
C LYS U 65 69.82 -43.90 -98.36
N VAL U 66 70.91 -44.66 -98.50
CA VAL U 66 70.94 -46.02 -97.99
C VAL U 66 70.43 -46.13 -96.56
N THR U 67 70.89 -45.23 -95.69
CA THR U 67 70.48 -45.26 -94.30
C THR U 67 68.98 -45.04 -94.16
N GLY U 68 68.40 -44.35 -95.13
CA GLY U 68 66.96 -44.09 -95.10
C GLY U 68 66.61 -42.77 -94.43
N ARG U 69 67.62 -42.13 -93.84
CA ARG U 69 67.44 -40.86 -93.17
C ARG U 69 67.40 -39.76 -94.23
N ILE U 70 66.24 -39.63 -94.89
CA ILE U 70 66.07 -38.65 -95.95
C ILE U 70 64.59 -38.37 -96.19
N ASP U 71 64.29 -37.33 -96.95
CA ASP U 71 62.90 -36.99 -97.26
C ASP U 71 62.21 -38.23 -97.81
N LYS U 72 61.26 -38.75 -97.04
CA LYS U 72 60.55 -39.95 -97.42
C LYS U 72 59.87 -39.95 -98.78
N ASN U 73 59.80 -38.81 -99.44
CA ASN U 73 59.15 -38.78 -100.74
C ASN U 73 60.05 -39.24 -101.87
N VAL U 74 61.36 -39.12 -101.68
CA VAL U 74 62.32 -39.52 -102.70
C VAL U 74 61.99 -40.90 -103.24
N SER U 75 61.85 -41.01 -104.55
CA SER U 75 61.54 -42.29 -105.19
C SER U 75 62.43 -43.40 -104.65
N PRO U 76 61.88 -44.61 -104.51
CA PRO U 76 62.66 -45.74 -103.99
C PRO U 76 63.95 -45.97 -104.79
N GLU U 77 63.79 -46.29 -106.08
CA GLU U 77 64.93 -46.55 -106.94
C GLU U 77 65.97 -45.46 -106.92
N ALA U 78 65.66 -44.35 -106.27
CA ALA U 78 66.59 -43.24 -106.19
C ALA U 78 67.25 -43.25 -104.82
N ARG U 79 66.75 -44.11 -103.94
CA ARG U 79 67.30 -44.21 -102.61
C ARG U 79 68.70 -44.79 -102.71
N HIS U 80 69.07 -45.22 -103.92
CA HIS U 80 70.38 -45.81 -104.19
C HIS U 80 71.43 -44.76 -104.53
N PRO U 81 72.64 -44.92 -104.00
CA PRO U 81 73.77 -44.01 -104.21
C PRO U 81 74.14 -43.67 -105.66
N LEU U 82 73.68 -44.46 -106.61
CA LEU U 82 74.03 -44.19 -108.00
C LEU U 82 72.87 -43.83 -108.91
N VAL U 83 71.72 -43.56 -108.33
CA VAL U 83 70.55 -43.19 -109.11
C VAL U 83 70.14 -41.75 -108.84
N ALA U 84 70.20 -40.92 -109.87
CA ALA U 84 69.84 -39.52 -109.75
C ALA U 84 68.54 -39.36 -108.98
N ALA U 85 68.50 -38.35 -108.12
CA ALA U 85 67.30 -38.08 -107.34
C ALA U 85 66.80 -36.68 -107.62
N TYR U 86 66.60 -36.37 -108.89
CA TYR U 86 66.11 -35.05 -109.28
C TYR U 86 64.67 -35.12 -109.74
N PRO U 87 63.97 -33.98 -109.71
CA PRO U 87 62.56 -33.91 -110.13
C PRO U 87 62.45 -33.66 -111.62
N ILE U 88 61.41 -34.20 -112.22
CA ILE U 88 61.16 -34.01 -113.64
C ILE U 88 59.66 -33.87 -113.82
N VAL U 89 59.24 -32.66 -114.18
CA VAL U 89 57.83 -32.37 -114.34
C VAL U 89 57.46 -31.91 -115.74
N HIS U 90 56.30 -32.38 -116.21
CA HIS U 90 55.79 -32.02 -117.52
C HIS U 90 54.32 -31.71 -117.33
N VAL U 91 53.70 -31.04 -118.30
CA VAL U 91 52.29 -30.68 -118.15
C VAL U 91 51.31 -31.51 -118.96
N ASP U 92 50.27 -31.98 -118.29
CA ASP U 92 49.23 -32.78 -118.95
C ASP U 92 47.99 -31.94 -119.10
N MET U 93 47.39 -31.99 -120.27
CA MET U 93 46.17 -31.24 -120.58
C MET U 93 45.05 -32.23 -120.85
N GLU U 94 44.14 -32.36 -119.90
CA GLU U 94 43.03 -33.31 -120.03
C GLU U 94 42.00 -32.95 -121.10
N ASN U 95 41.59 -31.68 -121.14
CA ASN U 95 40.60 -31.26 -122.13
C ASN U 95 40.61 -29.75 -122.34
N ILE U 96 40.35 -29.34 -123.58
CA ILE U 96 40.33 -27.92 -123.93
C ILE U 96 38.93 -27.52 -124.29
N ILE U 97 38.72 -26.22 -124.47
CA ILE U 97 37.42 -25.70 -124.82
C ILE U 97 37.56 -24.43 -125.63
N LEU U 98 37.31 -24.55 -126.93
CA LEU U 98 37.41 -23.43 -127.85
C LEU U 98 36.06 -22.74 -127.98
N SER U 99 36.07 -21.41 -127.92
CA SER U 99 34.85 -20.63 -128.03
C SER U 99 35.11 -19.30 -128.73
N LYS U 100 34.06 -18.73 -129.32
CA LYS U 100 34.17 -17.45 -130.02
C LYS U 100 34.30 -16.35 -128.98
N ASN U 101 35.36 -15.55 -129.08
CA ASN U 101 35.58 -14.48 -128.13
C ASN U 101 34.34 -13.60 -128.02
N GLU U 102 33.90 -13.36 -126.77
CA GLU U 102 32.73 -12.55 -126.50
C GLU U 102 32.73 -11.26 -127.32
N ASP U 110 23.51 -15.56 -125.38
CA ASP U 110 22.78 -16.45 -126.28
C ASP U 110 23.73 -17.53 -126.83
N SER U 111 25.01 -17.40 -126.52
CA SER U 111 26.01 -18.35 -126.98
C SER U 111 26.17 -19.49 -125.97
N GLN U 112 25.75 -20.70 -126.37
CA GLN U 112 25.84 -21.88 -125.53
C GLN U 112 26.31 -23.08 -126.32
N THR U 113 25.87 -23.18 -127.57
CA THR U 113 26.25 -24.29 -128.45
C THR U 113 27.26 -23.84 -129.50
N ARG U 114 27.64 -22.57 -129.43
CA ARG U 114 28.61 -22.00 -130.36
C ARG U 114 30.02 -22.29 -129.84
N THR U 115 30.11 -23.29 -128.96
CA THR U 115 31.39 -23.66 -128.36
C THR U 115 31.72 -25.14 -128.48
N ILE U 116 32.95 -25.44 -128.90
CA ILE U 116 33.40 -26.82 -129.04
C ILE U 116 34.23 -27.20 -127.82
N SER U 117 34.00 -28.42 -127.31
CA SER U 117 34.72 -28.90 -126.15
C SER U 117 35.15 -30.35 -126.34
N LYS U 118 36.39 -30.54 -126.78
CA LYS U 118 36.93 -31.87 -127.02
C LYS U 118 37.94 -32.25 -125.94
N ASN U 119 38.14 -33.56 -125.76
CA ASN U 119 39.09 -34.06 -124.77
C ASN U 119 40.48 -34.09 -125.40
N THR U 120 41.49 -34.38 -124.60
CA THR U 120 42.85 -34.42 -125.11
C THR U 120 43.72 -35.51 -124.49
N SER U 121 44.76 -35.91 -125.23
CA SER U 121 45.67 -36.94 -124.76
C SER U 121 47.09 -36.41 -124.75
N THR U 122 47.62 -36.17 -123.55
CA THR U 122 48.97 -35.66 -123.40
C THR U 122 49.96 -36.79 -123.09
N SER U 123 51.23 -36.56 -123.36
CA SER U 123 52.27 -37.55 -123.09
C SER U 123 53.67 -36.96 -123.28
N ARG U 124 54.52 -37.13 -122.27
CA ARG U 124 55.89 -36.60 -122.36
C ARG U 124 56.46 -36.99 -123.70
N THR U 125 57.40 -36.21 -124.21
CA THR U 125 58.01 -36.49 -125.49
C THR U 125 59.53 -36.55 -125.38
N HIS U 126 60.19 -36.66 -126.52
CA HIS U 126 61.65 -36.71 -126.55
C HIS U 126 62.16 -36.57 -127.97
N THR U 127 61.54 -35.66 -128.72
CA THR U 127 61.88 -35.39 -130.11
C THR U 127 63.35 -35.61 -130.46
N SER U 128 63.58 -36.44 -131.48
CA SER U 128 64.93 -36.75 -131.93
C SER U 128 65.21 -35.95 -133.19
N GLU U 129 66.14 -36.43 -134.02
CA GLU U 129 66.48 -35.75 -135.26
C GLU U 129 65.59 -36.20 -136.42
N VAL U 130 65.74 -35.53 -137.56
CA VAL U 130 64.95 -35.87 -138.74
C VAL U 130 65.55 -37.06 -139.48
N HIS U 131 65.20 -37.20 -140.76
CA HIS U 131 65.68 -38.28 -141.58
C HIS U 131 67.09 -37.99 -142.09
N GLY U 132 67.21 -36.93 -142.87
CA GLY U 132 68.51 -36.54 -143.42
C GLY U 132 68.40 -35.68 -144.65
N ASN U 133 67.66 -34.58 -144.54
CA ASN U 133 67.48 -33.66 -145.66
C ASN U 133 66.97 -32.29 -145.22
N ALA U 134 66.45 -32.23 -144.00
CA ALA U 134 65.92 -30.98 -143.45
C ALA U 134 66.99 -29.89 -143.49
N GLU U 135 66.79 -28.90 -144.35
CA GLU U 135 67.74 -27.80 -144.50
C GLU U 135 68.00 -27.10 -143.16
N VAL U 136 69.14 -27.39 -142.56
CA VAL U 136 69.51 -26.78 -141.28
C VAL U 136 70.60 -25.76 -141.51
N HIS U 137 70.47 -24.60 -140.87
CA HIS U 137 71.44 -23.52 -141.00
C HIS U 137 72.87 -24.01 -140.80
N ALA U 138 73.81 -23.34 -141.47
CA ALA U 138 75.22 -23.69 -141.41
C ALA U 138 75.74 -23.85 -139.98
N SER U 139 75.10 -23.15 -139.04
CA SER U 139 75.52 -23.22 -137.64
C SER U 139 75.13 -24.55 -137.01
N PHE U 140 74.97 -25.58 -137.83
CA PHE U 140 74.60 -26.90 -137.33
C PHE U 140 75.80 -27.80 -137.09
N PHE U 141 76.84 -27.64 -137.91
CA PHE U 141 78.04 -28.46 -137.78
C PHE U 141 79.15 -27.74 -137.03
N ASP U 142 78.76 -26.96 -136.01
CA ASP U 142 79.73 -26.23 -135.20
C ASP U 142 79.82 -26.87 -133.83
N ILE U 143 80.63 -26.28 -132.94
CA ILE U 143 80.79 -26.81 -131.60
C ILE U 143 79.68 -26.30 -130.69
N GLY U 144 78.83 -27.21 -130.24
CA GLY U 144 77.74 -26.84 -129.36
C GLY U 144 76.62 -26.14 -130.12
N GLY U 145 77.00 -25.42 -131.16
CA GLY U 145 76.03 -24.71 -131.96
C GLY U 145 75.07 -25.60 -132.72
N SER U 146 73.79 -25.55 -132.34
CA SER U 146 72.74 -26.34 -132.97
C SER U 146 72.91 -27.85 -132.82
N VAL U 147 74.09 -28.27 -132.34
CA VAL U 147 74.35 -29.70 -132.15
C VAL U 147 73.59 -30.19 -130.92
N SER U 148 72.28 -30.28 -131.04
CA SER U 148 71.43 -30.73 -129.94
C SER U 148 71.64 -32.22 -129.67
N ALA U 149 72.49 -32.85 -130.48
CA ALA U 149 72.79 -34.27 -130.34
C ALA U 149 71.51 -35.10 -130.36
N GLY U 150 70.52 -34.63 -131.11
CA GLY U 150 69.26 -35.34 -131.21
C GLY U 150 68.28 -34.93 -130.13
N PHE U 151 68.66 -35.19 -128.87
CA PHE U 151 67.82 -34.85 -127.73
C PHE U 151 68.65 -34.42 -126.53
N SER U 152 68.15 -33.43 -125.79
CA SER U 152 68.86 -32.92 -124.62
C SER U 152 67.92 -32.66 -123.44
N ASN U 153 68.44 -31.92 -122.45
CA ASN U 153 67.70 -31.60 -121.24
C ASN U 153 66.63 -30.52 -121.43
N SER U 154 65.38 -30.90 -121.21
CA SER U 154 64.24 -29.99 -121.33
C SER U 154 62.94 -30.79 -121.42
N ASN U 155 61.97 -30.40 -120.60
CA ASN U 155 60.68 -31.08 -120.58
C ASN U 155 59.74 -30.49 -121.61
N SER U 156 59.20 -31.33 -122.49
CA SER U 156 58.28 -30.90 -123.52
C SER U 156 57.20 -31.94 -123.78
N SER U 157 56.01 -31.69 -123.24
CA SER U 157 54.90 -32.61 -123.42
C SER U 157 54.19 -32.30 -124.73
N THR U 158 53.24 -33.15 -125.11
CA THR U 158 52.49 -32.95 -126.34
C THR U 158 51.08 -33.46 -126.22
N VAL U 159 50.12 -32.59 -126.55
CA VAL U 159 48.71 -32.96 -126.48
C VAL U 159 48.14 -33.12 -127.88
N ALA U 160 47.01 -33.81 -127.96
CA ALA U 160 46.32 -34.04 -129.21
C ALA U 160 44.85 -33.85 -128.89
N ILE U 161 44.14 -33.18 -129.79
CA ILE U 161 42.72 -32.93 -129.57
C ILE U 161 41.84 -34.00 -130.18
N ASP U 162 40.91 -34.52 -129.38
CA ASP U 162 39.98 -35.54 -129.82
C ASP U 162 39.40 -35.16 -131.17
N HIS U 163 39.76 -35.90 -132.21
CA HIS U 163 39.29 -35.61 -133.55
C HIS U 163 37.90 -36.14 -133.82
N SER U 164 37.35 -36.89 -132.87
CA SER U 164 36.02 -37.46 -133.02
C SER U 164 34.93 -36.38 -133.00
N LEU U 165 33.68 -36.80 -132.82
CA LEU U 165 32.55 -35.88 -132.80
C LEU U 165 32.12 -35.49 -131.41
N SER U 166 31.33 -34.42 -131.32
CA SER U 166 30.81 -33.94 -130.05
C SER U 166 29.31 -33.73 -130.18
N LEU U 167 28.87 -33.39 -131.38
CA LEU U 167 27.46 -33.16 -131.66
C LEU U 167 26.99 -34.10 -132.75
N ALA U 168 25.94 -33.69 -133.48
CA ALA U 168 25.40 -34.51 -134.54
C ALA U 168 26.25 -34.46 -135.81
N GLY U 169 25.69 -33.89 -136.87
CA GLY U 169 26.41 -33.81 -138.12
C GLY U 169 27.36 -32.64 -138.22
N GLU U 170 27.93 -32.23 -137.08
CA GLU U 170 28.86 -31.11 -137.07
C GLU U 170 29.89 -31.25 -138.20
N ARG U 171 30.43 -30.13 -138.64
CA ARG U 171 31.42 -30.15 -139.72
C ARG U 171 32.19 -28.82 -139.73
N THR U 172 33.51 -28.92 -139.70
CA THR U 172 34.37 -27.74 -139.69
C THR U 172 34.03 -26.85 -138.50
N TRP U 173 34.85 -26.90 -137.46
CA TRP U 173 34.62 -26.11 -136.26
C TRP U 173 34.06 -24.74 -136.63
N ALA U 174 34.54 -24.21 -137.75
CA ALA U 174 34.09 -22.89 -138.21
C ALA U 174 32.57 -22.76 -138.08
N GLU U 175 31.84 -23.34 -139.04
CA GLU U 175 30.39 -23.27 -139.05
C GLU U 175 29.80 -23.67 -137.69
N THR U 176 30.50 -24.54 -136.99
CA THR U 176 30.03 -25.01 -135.68
C THR U 176 29.95 -23.86 -134.69
N MET U 177 31.03 -23.09 -134.59
CA MET U 177 31.09 -21.95 -133.68
C MET U 177 30.54 -20.69 -134.34
N GLY U 178 31.06 -20.40 -135.53
CA GLY U 178 30.62 -19.22 -136.25
C GLY U 178 31.73 -18.20 -136.29
N LEU U 179 32.92 -18.63 -136.71
CA LEU U 179 34.06 -17.75 -136.79
C LEU U 179 34.34 -17.30 -138.22
N ASN U 180 34.40 -15.98 -138.42
CA ASN U 180 34.66 -15.41 -139.73
C ASN U 180 35.94 -14.60 -139.69
N THR U 181 36.63 -14.53 -140.83
CA THR U 181 37.88 -13.81 -140.97
C THR U 181 38.18 -12.75 -139.89
N ALA U 182 37.23 -11.84 -139.67
CA ALA U 182 37.41 -10.78 -138.69
C ALA U 182 36.91 -11.16 -137.29
N ASP U 183 37.29 -12.34 -136.83
CA ASP U 183 36.88 -12.79 -135.50
C ASP U 183 38.02 -13.36 -134.69
N THR U 184 37.84 -13.39 -133.37
CA THR U 184 38.85 -13.91 -132.47
C THR U 184 38.27 -15.04 -131.61
N ALA U 185 39.04 -16.10 -131.46
CA ALA U 185 38.62 -17.25 -130.67
C ALA U 185 39.46 -17.36 -129.40
N ARG U 186 38.77 -17.51 -128.28
CA ARG U 186 39.44 -17.64 -127.00
C ARG U 186 39.58 -19.10 -126.60
N LEU U 187 40.79 -19.49 -126.25
CA LEU U 187 41.09 -20.86 -125.83
C LEU U 187 41.07 -20.95 -124.32
N ASN U 188 40.78 -22.15 -123.81
CA ASN U 188 40.73 -22.38 -122.39
C ASN U 188 40.88 -23.89 -122.20
N ALA U 189 41.46 -24.32 -121.09
CA ALA U 189 41.64 -25.74 -120.85
C ALA U 189 41.91 -26.06 -119.39
N ASN U 190 41.85 -27.35 -119.07
CA ASN U 190 42.11 -27.85 -117.73
C ASN U 190 43.37 -28.67 -117.79
N ILE U 191 44.42 -28.22 -117.11
CA ILE U 191 45.66 -28.95 -117.12
C ILE U 191 46.14 -29.25 -115.72
N ARG U 192 47.03 -30.22 -115.62
CA ARG U 192 47.59 -30.64 -114.34
C ARG U 192 49.09 -30.92 -114.43
N TYR U 193 49.84 -30.36 -113.50
CA TYR U 193 51.27 -30.58 -113.47
C TYR U 193 51.43 -31.99 -112.97
N VAL U 194 52.46 -32.69 -113.44
CA VAL U 194 52.70 -34.06 -113.00
C VAL U 194 54.19 -34.38 -113.02
N ASN U 195 54.69 -34.80 -111.88
CA ASN U 195 56.10 -35.13 -111.73
C ASN U 195 56.38 -36.56 -112.18
N THR U 196 57.46 -36.73 -112.93
CA THR U 196 57.82 -38.05 -113.46
C THR U 196 59.19 -38.50 -112.98
N GLY U 197 59.95 -37.59 -112.40
CA GLY U 197 61.29 -37.93 -111.93
C GLY U 197 61.44 -38.86 -110.76
N THR U 198 62.31 -38.47 -109.82
CA THR U 198 62.61 -39.25 -108.63
C THR U 198 62.61 -38.41 -107.36
N ALA U 199 62.48 -37.10 -107.53
CA ALA U 199 62.46 -36.18 -106.39
C ALA U 199 61.19 -35.33 -106.43
N PRO U 200 60.80 -34.76 -105.28
CA PRO U 200 59.60 -33.93 -105.24
C PRO U 200 59.88 -32.42 -105.18
N ILE U 201 58.90 -31.61 -105.56
CA ILE U 201 59.03 -30.16 -105.51
C ILE U 201 58.05 -29.68 -104.46
N TYR U 202 58.49 -28.84 -103.53
CA TYR U 202 57.62 -28.38 -102.46
C TYR U 202 56.92 -27.03 -102.56
N ASN U 203 57.22 -26.23 -103.58
CA ASN U 203 56.55 -24.94 -103.69
C ASN U 203 56.33 -24.40 -105.10
N VAL U 204 57.26 -23.57 -105.57
CA VAL U 204 57.14 -22.97 -106.90
C VAL U 204 57.10 -23.98 -108.04
N LEU U 205 56.00 -24.01 -108.78
CA LEU U 205 55.87 -24.92 -109.92
C LEU U 205 56.56 -24.30 -111.12
N PRO U 206 56.73 -25.09 -112.19
CA PRO U 206 57.39 -24.63 -113.42
C PRO U 206 56.61 -23.63 -114.24
N THR U 207 57.32 -22.89 -115.08
CA THR U 207 56.74 -21.87 -115.95
C THR U 207 56.57 -22.47 -117.35
N THR U 208 55.54 -23.27 -117.54
CA THR U 208 55.30 -23.90 -118.82
C THR U 208 54.61 -22.97 -119.82
N SER U 209 55.07 -23.03 -121.06
CA SER U 209 54.53 -22.19 -122.14
C SER U 209 53.82 -23.03 -123.20
N LEU U 210 52.58 -22.65 -123.51
CA LEU U 210 51.77 -23.36 -124.50
C LEU U 210 52.05 -22.85 -125.90
N VAL U 211 52.49 -23.74 -126.78
CA VAL U 211 52.81 -23.37 -128.15
C VAL U 211 51.90 -24.05 -129.17
N LEU U 212 51.81 -23.45 -130.34
CA LEU U 212 50.98 -23.95 -131.44
C LEU U 212 51.79 -23.93 -132.73
N GLY U 213 52.17 -25.10 -133.21
CA GLY U 213 52.95 -25.16 -134.43
C GLY U 213 54.44 -25.22 -134.15
N LYS U 214 55.21 -24.39 -134.85
CA LYS U 214 56.66 -24.39 -134.67
C LYS U 214 57.20 -23.23 -133.82
N ASN U 215 56.38 -22.22 -133.58
CA ASN U 215 56.83 -21.08 -132.79
C ASN U 215 55.71 -20.19 -132.29
N GLN U 216 54.50 -20.38 -132.81
CA GLN U 216 53.36 -19.57 -132.40
C GLN U 216 52.94 -19.88 -130.96
N THR U 217 53.40 -19.06 -130.03
CA THR U 217 53.07 -19.24 -128.62
C THR U 217 51.68 -18.69 -128.37
N LEU U 218 50.81 -19.49 -127.77
CA LEU U 218 49.46 -19.05 -127.48
C LEU U 218 49.32 -18.45 -126.09
N ALA U 219 50.31 -18.71 -125.25
CA ALA U 219 50.31 -18.20 -123.88
C ALA U 219 51.46 -18.82 -123.10
N THR U 220 51.65 -18.35 -121.86
CA THR U 220 52.70 -18.88 -121.01
C THR U 220 52.17 -19.00 -119.59
N ILE U 221 51.79 -20.22 -119.21
CA ILE U 221 51.25 -20.46 -117.88
C ILE U 221 52.30 -20.66 -116.80
N LYS U 222 52.16 -19.88 -115.73
CA LYS U 222 53.08 -19.91 -114.61
C LYS U 222 52.37 -19.48 -113.32
N ALA U 223 51.44 -20.31 -112.84
CA ALA U 223 50.69 -20.01 -111.62
C ALA U 223 51.61 -19.44 -110.53
N LYS U 224 51.05 -18.52 -109.74
CA LYS U 224 51.78 -17.85 -108.66
C LYS U 224 52.72 -18.74 -107.84
N GLU U 225 53.81 -18.13 -107.37
CA GLU U 225 54.81 -18.84 -106.57
C GLU U 225 54.42 -18.79 -105.09
N ASN U 226 54.83 -19.82 -104.35
CA ASN U 226 54.53 -19.93 -102.93
C ASN U 226 53.03 -19.99 -102.68
N GLN U 227 52.27 -19.63 -103.71
CA GLN U 227 50.82 -19.65 -103.65
C GLN U 227 50.34 -21.02 -103.20
N LEU U 228 51.08 -22.05 -103.57
CA LEU U 228 50.73 -23.41 -103.19
C LEU U 228 51.74 -24.01 -102.24
N SER U 229 51.26 -24.85 -101.32
CA SER U 229 52.11 -25.51 -100.36
C SER U 229 52.01 -27.01 -100.59
N GLN U 230 51.18 -27.39 -101.56
CA GLN U 230 50.99 -28.79 -101.90
C GLN U 230 52.33 -29.34 -102.38
N ILE U 231 52.46 -30.66 -102.42
CA ILE U 231 53.69 -31.27 -102.85
C ILE U 231 53.58 -31.99 -104.17
N LEU U 232 54.56 -31.78 -105.04
CA LEU U 232 54.59 -32.41 -106.34
C LEU U 232 55.46 -33.65 -106.28
N ALA U 233 54.97 -34.67 -105.58
CA ALA U 233 55.69 -35.91 -105.40
C ALA U 233 55.87 -36.68 -106.71
N PRO U 234 56.76 -37.68 -106.71
CA PRO U 234 57.01 -38.49 -107.91
C PRO U 234 55.74 -39.21 -108.34
N ASN U 235 55.72 -39.69 -109.58
CA ASN U 235 54.57 -40.39 -110.12
C ASN U 235 53.32 -40.01 -109.34
N ASN U 236 52.95 -38.74 -109.44
CA ASN U 236 51.79 -38.22 -108.75
C ASN U 236 51.40 -36.87 -109.36
N TYR U 237 50.27 -36.83 -110.05
CA TYR U 237 49.79 -35.62 -110.69
C TYR U 237 49.61 -34.51 -109.66
N TYR U 238 50.07 -33.30 -109.98
CA TYR U 238 49.97 -32.17 -109.06
C TYR U 238 48.60 -32.04 -108.43
N PRO U 239 47.63 -31.52 -109.19
CA PRO U 239 46.32 -31.41 -108.57
C PRO U 239 45.77 -32.81 -108.37
N SER U 240 46.18 -33.45 -107.28
CA SER U 240 45.77 -34.81 -106.94
C SER U 240 44.61 -35.29 -107.79
N LYS U 241 44.83 -36.37 -108.54
CA LYS U 241 43.79 -36.94 -109.40
C LYS U 241 42.42 -36.93 -108.72
N ASN U 242 42.42 -36.87 -107.39
CA ASN U 242 41.17 -36.87 -106.62
C ASN U 242 40.74 -35.45 -106.27
N LEU U 243 41.08 -34.50 -107.14
CA LEU U 243 40.72 -33.10 -106.92
C LEU U 243 40.27 -32.43 -108.22
N ALA U 244 40.26 -31.11 -108.22
CA ALA U 244 39.85 -30.35 -109.38
C ALA U 244 41.05 -29.89 -110.22
N PRO U 245 41.16 -30.39 -111.45
CA PRO U 245 42.25 -30.04 -112.36
C PRO U 245 42.35 -28.54 -112.59
N ILE U 246 43.57 -28.00 -112.52
CA ILE U 246 43.78 -26.58 -112.74
C ILE U 246 43.28 -26.19 -114.12
N ALA U 247 42.74 -24.98 -114.24
CA ALA U 247 42.22 -24.49 -115.52
C ALA U 247 42.92 -23.22 -116.01
N LEU U 248 43.36 -23.24 -117.27
CA LEU U 248 44.05 -22.10 -117.87
C LEU U 248 43.14 -20.87 -117.83
N ASN U 249 43.75 -19.69 -117.97
CA ASN U 249 43.02 -18.42 -117.96
C ASN U 249 41.52 -18.56 -117.71
N ALA U 250 41.16 -18.84 -116.46
CA ALA U 250 39.76 -19.01 -116.09
C ALA U 250 39.55 -18.83 -114.59
N GLN U 251 40.54 -18.23 -113.92
CA GLN U 251 40.45 -18.01 -112.49
C GLN U 251 41.59 -17.16 -111.96
N SER U 255 42.82 -13.56 -113.63
CA SER U 255 43.22 -13.27 -115.01
C SER U 255 42.43 -12.07 -115.58
N SER U 256 43.04 -11.37 -116.53
CA SER U 256 42.42 -10.19 -117.16
C SER U 256 42.71 -10.23 -118.67
N THR U 257 43.62 -11.11 -119.06
CA THR U 257 43.99 -11.26 -120.47
C THR U 257 43.99 -12.74 -120.81
N PRO U 258 42.90 -13.22 -121.44
CA PRO U 258 42.72 -14.61 -121.86
C PRO U 258 43.71 -15.07 -122.92
N ILE U 259 43.23 -15.95 -123.80
CA ILE U 259 44.06 -16.50 -124.86
C ILE U 259 43.52 -16.12 -126.23
N THR U 260 44.21 -15.19 -126.88
CA THR U 260 43.81 -14.70 -128.19
C THR U 260 44.19 -15.67 -129.30
N MET U 261 43.28 -15.83 -130.25
CA MET U 261 43.50 -16.73 -131.39
C MET U 261 42.68 -16.24 -132.58
N ASN U 262 43.36 -15.80 -133.63
CA ASN U 262 42.68 -15.30 -134.83
C ASN U 262 42.26 -16.42 -135.75
N TYR U 263 41.41 -16.09 -136.72
CA TYR U 263 40.89 -17.04 -137.68
C TYR U 263 41.96 -17.94 -138.30
N ASN U 264 43.04 -17.32 -138.77
CA ASN U 264 44.12 -18.09 -139.38
C ASN U 264 44.70 -19.10 -138.40
N GLN U 265 44.87 -18.69 -137.16
CA GLN U 265 45.40 -19.58 -136.13
C GLN U 265 44.38 -20.67 -135.83
N PHE U 266 43.19 -20.26 -135.41
CA PHE U 266 42.12 -21.18 -135.10
C PHE U 266 41.98 -22.18 -136.24
N LEU U 267 42.38 -21.76 -137.44
CA LEU U 267 42.31 -22.64 -138.59
C LEU U 267 43.36 -23.73 -138.45
N GLU U 268 44.62 -23.33 -138.22
CA GLU U 268 45.70 -24.29 -138.06
C GLU U 268 45.36 -25.32 -137.00
N LEU U 269 44.93 -24.84 -135.84
CA LEU U 269 44.56 -25.72 -134.74
C LEU U 269 43.74 -26.88 -135.27
N GLU U 270 42.73 -26.58 -136.08
CA GLU U 270 41.88 -27.61 -136.65
C GLU U 270 42.66 -28.51 -137.61
N LYS U 271 43.57 -27.91 -138.37
CA LYS U 271 44.37 -28.66 -139.33
C LYS U 271 45.25 -29.75 -138.73
N THR U 272 45.58 -29.62 -137.44
CA THR U 272 46.43 -30.61 -136.77
C THR U 272 45.80 -31.15 -135.50
N LYS U 273 44.90 -30.37 -134.91
CA LYS U 273 44.23 -30.75 -133.68
C LYS U 273 45.24 -31.14 -132.60
N GLN U 274 46.36 -30.42 -132.56
CA GLN U 274 47.39 -30.69 -131.56
C GLN U 274 48.18 -29.45 -131.14
N LEU U 275 48.46 -29.34 -129.84
CA LEU U 275 49.22 -28.23 -129.29
C LEU U 275 50.46 -28.81 -128.63
N ARG U 276 51.41 -27.95 -128.26
CA ARG U 276 52.65 -28.39 -127.61
C ARG U 276 52.83 -27.70 -126.27
N LEU U 277 53.42 -28.40 -125.30
CA LEU U 277 53.64 -27.83 -123.99
C LEU U 277 55.09 -27.95 -123.55
N ASP U 278 55.78 -26.82 -123.49
CA ASP U 278 57.18 -26.79 -123.07
C ASP U 278 57.23 -26.28 -121.64
N THR U 279 58.09 -26.90 -120.84
CA THR U 279 58.21 -26.52 -119.44
C THR U 279 59.66 -26.28 -119.04
N ASP U 280 59.89 -25.20 -118.29
CA ASP U 280 61.23 -24.86 -117.83
C ASP U 280 61.68 -25.83 -116.75
N GLN U 281 62.72 -25.47 -116.02
CA GLN U 281 63.22 -26.36 -114.96
C GLN U 281 63.34 -25.67 -113.62
N VAL U 282 62.91 -24.42 -113.53
CA VAL U 282 62.98 -23.71 -112.27
C VAL U 282 61.99 -24.34 -111.31
N TYR U 283 62.50 -25.15 -110.39
CA TYR U 283 61.64 -25.79 -109.40
C TYR U 283 61.87 -25.12 -108.07
N GLY U 284 60.92 -25.27 -107.16
CA GLY U 284 61.05 -24.67 -105.85
C GLY U 284 62.29 -25.15 -105.14
N ASN U 285 62.56 -24.60 -103.95
CA ASN U 285 63.73 -25.00 -103.19
C ASN U 285 63.62 -26.48 -102.87
N ILE U 286 64.67 -27.04 -102.25
CA ILE U 286 64.67 -28.46 -101.92
C ILE U 286 64.47 -28.79 -100.44
N ALA U 287 63.90 -29.96 -100.19
CA ALA U 287 63.63 -30.43 -98.84
C ALA U 287 64.76 -31.37 -98.42
N THR U 288 65.48 -30.99 -97.37
CA THR U 288 66.59 -31.80 -96.87
C THR U 288 66.39 -32.33 -95.45
N TYR U 289 67.28 -33.23 -95.04
CA TYR U 289 67.24 -33.86 -93.72
C TYR U 289 67.79 -32.92 -92.64
N ASN U 290 67.96 -33.45 -91.43
CA ASN U 290 68.49 -32.67 -90.32
C ASN U 290 68.72 -33.58 -89.11
N PHE U 291 69.84 -34.32 -89.13
CA PHE U 291 70.21 -35.24 -88.07
C PHE U 291 69.80 -34.84 -86.65
N GLU U 292 70.06 -33.59 -86.28
CA GLU U 292 69.73 -33.08 -84.95
C GLU U 292 68.44 -33.65 -84.38
N ASN U 293 67.30 -33.27 -84.97
CA ASN U 293 66.00 -33.76 -84.51
C ASN U 293 65.28 -34.50 -85.61
N GLY U 294 66.05 -35.08 -86.52
CA GLY U 294 65.47 -35.83 -87.63
C GLY U 294 64.23 -35.19 -88.22
N ARG U 295 64.38 -34.01 -88.80
CA ARG U 295 63.26 -33.32 -89.41
C ARG U 295 63.49 -33.05 -90.90
N VAL U 296 62.39 -32.93 -91.63
CA VAL U 296 62.45 -32.66 -93.06
C VAL U 296 62.21 -31.18 -93.26
N ARG U 297 63.25 -30.44 -93.62
CA ARG U 297 63.11 -29.01 -93.84
C ARG U 297 63.38 -28.59 -95.27
N VAL U 298 62.83 -27.44 -95.64
CA VAL U 298 63.00 -26.89 -96.98
C VAL U 298 64.02 -25.77 -96.87
N ASP U 299 65.26 -26.06 -97.24
CA ASP U 299 66.32 -25.04 -97.16
C ASP U 299 66.25 -24.03 -98.27
N THR U 300 65.99 -22.79 -97.89
CA THR U 300 65.89 -21.70 -98.85
C THR U 300 67.26 -21.49 -99.49
N GLY U 301 68.28 -22.15 -98.93
CA GLY U 301 69.63 -22.02 -99.45
C GLY U 301 69.99 -22.98 -100.57
N SER U 302 69.16 -23.98 -100.80
CA SER U 302 69.43 -24.95 -101.85
C SER U 302 68.24 -25.17 -102.78
N ASN U 303 68.38 -24.67 -104.00
CA ASN U 303 67.35 -24.80 -105.02
C ASN U 303 67.93 -25.61 -106.18
N TRP U 304 67.13 -26.52 -106.73
CA TRP U 304 67.58 -27.36 -107.83
C TRP U 304 68.36 -26.59 -108.89
N SER U 305 67.87 -25.41 -109.24
CA SER U 305 68.52 -24.57 -110.25
C SER U 305 70.03 -24.46 -110.02
N GLU U 306 70.46 -24.78 -108.81
CA GLU U 306 71.88 -24.73 -108.47
C GLU U 306 72.46 -26.13 -108.60
N VAL U 307 71.86 -27.06 -107.86
CA VAL U 307 72.30 -28.45 -107.84
C VAL U 307 71.40 -29.34 -108.67
N LEU U 308 71.52 -29.20 -109.98
CA LEU U 308 70.73 -30.01 -110.90
C LEU U 308 71.55 -30.15 -112.18
N PRO U 309 72.16 -29.05 -112.65
CA PRO U 309 72.95 -29.15 -113.88
C PRO U 309 74.01 -30.23 -113.70
N GLN U 310 74.63 -30.25 -112.52
CA GLN U 310 75.66 -31.23 -112.21
C GLN U 310 75.19 -32.63 -112.59
N ILE U 311 74.03 -33.00 -112.10
CA ILE U 311 73.46 -34.31 -112.40
C ILE U 311 73.56 -34.58 -113.89
N GLN U 312 73.10 -33.63 -114.69
CA GLN U 312 73.12 -33.78 -116.14
C GLN U 312 74.53 -33.72 -116.73
N GLU U 313 75.49 -33.23 -115.95
CA GLU U 313 76.87 -33.13 -116.42
C GLU U 313 77.76 -34.21 -115.86
N THR U 314 77.20 -35.12 -115.07
CA THR U 314 77.99 -36.19 -114.49
C THR U 314 77.18 -37.45 -114.29
N THR U 315 76.42 -37.84 -115.31
CA THR U 315 75.61 -39.04 -115.24
C THR U 315 75.29 -39.60 -116.61
N ALA U 316 74.54 -40.69 -116.61
CA ALA U 316 74.12 -41.34 -117.84
C ALA U 316 72.61 -41.25 -117.85
N ARG U 317 72.05 -40.79 -118.96
CA ARG U 317 70.60 -40.67 -119.07
C ARG U 317 70.03 -41.83 -119.87
N ILE U 318 69.01 -42.47 -119.35
CA ILE U 318 68.38 -43.59 -120.03
C ILE U 318 66.87 -43.41 -120.10
N ILE U 319 66.32 -43.39 -121.31
CA ILE U 319 64.90 -43.23 -121.49
C ILE U 319 64.28 -44.58 -121.81
N PHE U 320 63.59 -45.16 -120.83
CA PHE U 320 62.96 -46.47 -120.99
C PHE U 320 61.46 -46.33 -120.85
N ASN U 321 60.72 -47.22 -121.49
CA ASN U 321 59.26 -47.18 -121.40
C ASN U 321 58.69 -48.57 -121.18
N GLY U 322 58.86 -49.09 -119.98
CA GLY U 322 58.36 -50.40 -119.66
C GLY U 322 57.13 -50.32 -118.78
N LYS U 323 57.20 -49.50 -117.74
CA LYS U 323 56.09 -49.32 -116.81
C LYS U 323 54.83 -49.03 -117.59
N ASP U 324 55.02 -48.45 -118.78
CA ASP U 324 53.95 -48.11 -119.69
C ASP U 324 54.62 -47.78 -121.01
N LEU U 325 53.98 -46.93 -121.81
CA LEU U 325 54.55 -46.55 -123.08
C LEU U 325 55.03 -45.10 -123.01
N ASN U 326 54.90 -44.52 -121.81
CA ASN U 326 55.31 -43.15 -121.56
C ASN U 326 56.79 -43.08 -121.21
N LEU U 327 57.55 -42.39 -122.04
CA LEU U 327 58.99 -42.25 -121.85
C LEU U 327 59.35 -41.86 -120.42
N VAL U 328 60.04 -42.75 -119.72
CA VAL U 328 60.46 -42.50 -118.36
C VAL U 328 61.95 -42.17 -118.37
N GLU U 329 62.32 -41.13 -117.64
CA GLU U 329 63.73 -40.74 -117.60
C GLU U 329 64.38 -41.07 -116.27
N ARG U 330 65.68 -41.32 -116.31
CA ARG U 330 66.46 -41.65 -115.13
C ARG U 330 67.93 -41.49 -115.46
N ARG U 331 68.69 -41.01 -114.49
CA ARG U 331 70.12 -40.83 -114.71
C ARG U 331 70.91 -41.67 -113.70
N ILE U 332 71.93 -42.35 -114.17
CA ILE U 332 72.75 -43.18 -113.29
C ILE U 332 74.10 -42.53 -113.07
N ALA U 333 74.66 -42.78 -111.91
CA ALA U 333 75.95 -42.22 -111.54
C ALA U 333 77.07 -42.76 -112.40
N ALA U 334 77.17 -42.25 -113.62
CA ALA U 334 78.21 -42.69 -114.53
C ALA U 334 79.52 -42.05 -114.10
N VAL U 335 80.56 -42.20 -114.92
CA VAL U 335 81.86 -41.63 -114.60
C VAL U 335 82.44 -40.92 -115.80
N ASN U 336 83.31 -39.96 -115.52
CA ASN U 336 83.95 -39.21 -116.59
C ASN U 336 85.45 -39.38 -116.42
N PRO U 337 86.16 -39.69 -117.50
CA PRO U 337 87.61 -39.89 -117.45
C PRO U 337 88.42 -38.61 -117.25
N SER U 338 87.98 -37.53 -117.88
CA SER U 338 88.67 -36.26 -117.79
C SER U 338 88.58 -35.61 -116.41
N ASP U 339 87.66 -36.12 -115.58
CA ASP U 339 87.44 -35.56 -114.26
C ASP U 339 87.99 -36.43 -113.12
N PRO U 340 89.06 -35.98 -112.46
CA PRO U 340 89.64 -36.74 -111.36
C PRO U 340 88.54 -37.18 -110.42
N LEU U 341 87.94 -36.21 -109.73
CA LEU U 341 86.88 -36.50 -108.80
C LEU U 341 85.89 -37.50 -109.37
N GLU U 342 85.31 -37.17 -110.52
CA GLU U 342 84.33 -38.04 -111.17
C GLU U 342 84.88 -39.42 -111.56
N THR U 343 86.04 -39.76 -111.03
CA THR U 343 86.64 -41.06 -111.31
C THR U 343 86.52 -41.83 -110.01
N THR U 344 86.28 -41.08 -108.94
CA THR U 344 86.13 -41.65 -107.61
C THR U 344 84.83 -42.43 -107.60
N LYS U 345 84.05 -42.28 -108.66
CA LYS U 345 82.77 -42.94 -108.77
C LYS U 345 82.93 -44.41 -109.14
N PRO U 346 81.93 -45.23 -108.80
CA PRO U 346 81.98 -46.66 -109.10
C PRO U 346 81.75 -46.88 -110.59
N ASP U 347 82.62 -47.67 -111.22
CA ASP U 347 82.48 -47.95 -112.66
C ASP U 347 81.07 -48.44 -112.94
N MET U 348 80.47 -47.97 -114.03
CA MET U 348 79.12 -48.38 -114.35
C MET U 348 78.97 -49.18 -115.63
N THR U 349 78.07 -50.15 -115.59
CA THR U 349 77.79 -51.03 -116.72
C THR U 349 76.34 -50.87 -117.15
N LEU U 350 76.12 -50.85 -118.45
CA LEU U 350 74.77 -50.71 -119.00
C LEU U 350 73.82 -51.68 -118.29
N LYS U 351 74.28 -52.92 -118.09
CA LYS U 351 73.46 -53.93 -117.43
C LYS U 351 73.09 -53.44 -116.04
N GLU U 352 74.06 -53.44 -115.14
CA GLU U 352 73.84 -53.01 -113.76
C GLU U 352 72.91 -51.80 -113.76
N ALA U 353 73.12 -50.89 -114.71
CA ALA U 353 72.30 -49.69 -114.81
C ALA U 353 70.83 -50.06 -114.91
N LEU U 354 70.44 -50.73 -116.00
CA LEU U 354 69.06 -51.14 -116.20
C LEU U 354 68.47 -51.93 -115.04
N LYS U 355 69.30 -52.33 -114.10
CA LYS U 355 68.81 -53.09 -112.94
C LYS U 355 68.29 -52.15 -111.86
N ILE U 356 69.09 -51.14 -111.53
CA ILE U 356 68.70 -50.17 -110.51
C ILE U 356 67.92 -49.00 -111.08
N ALA U 357 68.29 -48.57 -112.27
CA ALA U 357 67.62 -47.45 -112.92
C ALA U 357 66.11 -47.65 -113.06
N PHE U 358 65.71 -48.81 -113.57
CA PHE U 358 64.30 -49.09 -113.77
C PHE U 358 63.81 -50.32 -113.02
N GLY U 359 64.67 -51.33 -112.90
CA GLY U 359 64.28 -52.53 -112.18
C GLY U 359 64.44 -53.85 -112.91
N PHE U 360 65.19 -53.87 -114.01
CA PHE U 360 65.40 -55.12 -114.75
C PHE U 360 66.00 -56.15 -113.80
N ASN U 361 65.64 -57.41 -113.99
CA ASN U 361 66.14 -58.48 -113.13
C ASN U 361 66.59 -59.71 -113.90
N GLU U 362 67.25 -60.63 -113.21
CA GLU U 362 67.74 -61.86 -113.81
C GLU U 362 67.04 -63.06 -113.16
N PRO U 363 65.82 -63.39 -113.64
CA PRO U 363 65.04 -64.51 -113.11
C PRO U 363 65.78 -65.85 -113.24
N ASN U 364 66.01 -66.26 -114.49
CA ASN U 364 66.70 -67.52 -114.76
C ASN U 364 68.01 -67.30 -115.51
N GLY U 365 68.58 -66.10 -115.35
CA GLY U 365 69.83 -65.80 -116.03
C GLY U 365 69.65 -64.90 -117.23
N ASN U 366 68.41 -64.47 -117.47
CA ASN U 366 68.12 -63.58 -118.59
C ASN U 366 67.68 -62.22 -118.09
N LEU U 367 68.43 -61.20 -118.44
CA LEU U 367 68.15 -59.83 -118.03
C LEU U 367 66.85 -59.34 -118.66
N GLN U 368 65.73 -59.60 -117.98
CA GLN U 368 64.43 -59.18 -118.49
C GLN U 368 63.80 -58.11 -117.62
N TYR U 369 62.64 -57.62 -118.04
CA TYR U 369 61.93 -56.58 -117.30
C TYR U 369 60.49 -57.01 -117.01
N GLN U 370 60.22 -57.39 -115.77
CA GLN U 370 58.90 -57.82 -115.35
C GLN U 370 58.28 -58.80 -116.35
N GLY U 371 59.14 -59.49 -117.09
CA GLY U 371 58.65 -60.46 -118.06
C GLY U 371 59.29 -60.33 -119.42
N LYS U 372 59.29 -59.12 -119.97
CA LYS U 372 59.88 -58.87 -121.28
C LYS U 372 61.41 -59.04 -121.21
N ASP U 373 61.98 -59.60 -122.26
CA ASP U 373 63.42 -59.81 -122.34
C ASP U 373 64.12 -58.58 -122.90
N ILE U 374 65.27 -58.24 -122.31
CA ILE U 374 66.04 -57.08 -122.74
C ILE U 374 66.22 -57.01 -124.26
N THR U 375 65.97 -58.13 -124.94
CA THR U 375 66.10 -58.19 -126.39
C THR U 375 64.85 -57.69 -127.10
N GLU U 376 63.80 -57.40 -126.34
CA GLU U 376 62.56 -56.91 -126.92
C GLU U 376 62.52 -55.39 -127.02
N PHE U 377 63.65 -54.75 -126.73
CA PHE U 377 63.72 -53.29 -126.78
C PHE U 377 64.86 -52.82 -127.66
N ASP U 378 64.62 -51.76 -128.42
CA ASP U 378 65.64 -51.22 -129.30
C ASP U 378 66.54 -50.23 -128.56
N PHE U 379 67.84 -50.32 -128.81
CA PHE U 379 68.82 -49.42 -128.19
C PHE U 379 69.20 -48.32 -129.17
N ASN U 380 68.91 -47.08 -128.81
CA ASN U 380 69.24 -45.94 -129.65
C ASN U 380 70.10 -44.93 -128.89
N PHE U 381 71.26 -44.63 -129.45
CA PHE U 381 72.19 -43.69 -128.81
C PHE U 381 72.30 -42.40 -129.61
N ASP U 382 72.96 -41.42 -129.02
CA ASP U 382 73.16 -40.14 -129.69
C ASP U 382 74.49 -40.14 -130.43
N GLN U 383 74.70 -39.12 -131.25
CA GLN U 383 75.93 -39.00 -132.03
C GLN U 383 77.16 -39.37 -131.21
N GLN U 384 77.21 -38.88 -129.97
CA GLN U 384 78.32 -39.15 -129.07
C GLN U 384 78.28 -40.59 -128.56
N THR U 385 77.37 -40.85 -127.62
CA THR U 385 77.21 -42.16 -127.02
C THR U 385 77.38 -43.30 -128.03
N SER U 386 76.99 -43.05 -129.28
CA SER U 386 77.12 -44.06 -130.32
C SER U 386 78.57 -44.57 -130.37
N GLN U 387 79.48 -43.65 -130.67
CA GLN U 387 80.90 -43.98 -130.76
C GLN U 387 81.40 -44.62 -129.46
N ASN U 388 81.27 -43.90 -128.35
CA ASN U 388 81.72 -44.35 -127.05
C ASN U 388 81.37 -45.81 -126.76
N ILE U 389 80.30 -46.31 -127.40
CA ILE U 389 79.89 -47.69 -127.21
C ILE U 389 80.41 -48.54 -128.36
N LYS U 390 80.45 -47.96 -129.55
CA LYS U 390 80.95 -48.69 -130.71
C LYS U 390 82.41 -49.08 -130.45
N ASN U 391 83.19 -48.16 -129.90
CA ASN U 391 84.59 -48.41 -129.59
C ASN U 391 84.75 -49.52 -128.58
N GLN U 392 83.71 -49.76 -127.79
CA GLN U 392 83.75 -50.83 -126.79
C GLN U 392 83.42 -52.15 -127.45
N LEU U 393 82.38 -52.16 -128.29
CA LEU U 393 81.99 -53.37 -128.99
C LEU U 393 83.13 -53.80 -129.92
N ALA U 394 84.05 -52.88 -130.17
CA ALA U 394 85.19 -53.16 -131.03
C ALA U 394 86.26 -53.91 -130.25
N GLU U 395 86.74 -53.28 -129.18
CA GLU U 395 87.77 -53.89 -128.34
C GLU U 395 87.22 -55.04 -127.52
N LEU U 396 86.03 -55.53 -127.91
CA LEU U 396 85.38 -56.64 -127.23
C LEU U 396 84.91 -57.68 -128.25
N ASN U 397 85.28 -57.45 -129.51
CA ASN U 397 84.91 -58.34 -130.60
C ASN U 397 83.52 -58.94 -130.46
N ALA U 398 82.53 -58.23 -130.99
CA ALA U 398 81.14 -58.68 -130.94
C ALA U 398 80.28 -57.76 -131.80
N THR U 399 79.16 -58.30 -132.28
CA THR U 399 78.25 -57.54 -133.11
C THR U 399 76.91 -57.36 -132.40
N ASN U 400 76.66 -58.18 -131.40
CA ASN U 400 75.43 -58.11 -130.63
C ASN U 400 75.70 -57.53 -129.25
N ILE U 401 75.16 -56.34 -128.99
CA ILE U 401 75.35 -55.67 -127.72
C ILE U 401 74.64 -56.39 -126.57
N TYR U 402 73.51 -57.01 -126.88
CA TYR U 402 72.74 -57.73 -125.86
C TYR U 402 73.59 -58.78 -125.15
N THR U 403 74.69 -59.16 -125.80
CA THR U 403 75.60 -60.15 -125.25
C THR U 403 76.60 -59.47 -124.32
N VAL U 404 77.47 -58.65 -124.91
CA VAL U 404 78.48 -57.92 -124.15
C VAL U 404 77.83 -56.80 -123.34
N LEU U 405 76.52 -56.91 -123.17
CA LEU U 405 75.73 -55.93 -122.43
C LEU U 405 76.41 -55.61 -121.10
N ASP U 406 76.58 -56.64 -120.27
CA ASP U 406 77.20 -56.49 -118.96
C ASP U 406 78.68 -56.13 -119.04
N LYS U 407 79.09 -55.48 -120.12
CA LYS U 407 80.48 -55.10 -120.28
C LYS U 407 80.61 -53.76 -120.99
N ILE U 408 79.54 -52.96 -120.95
CA ILE U 408 79.54 -51.65 -121.59
C ILE U 408 79.69 -50.57 -120.52
N LYS U 409 80.79 -49.80 -120.61
CA LYS U 409 81.07 -48.74 -119.66
C LYS U 409 80.27 -47.48 -119.97
N LEU U 410 79.43 -47.06 -119.03
CA LEU U 410 78.62 -45.85 -119.22
C LEU U 410 79.38 -44.64 -118.71
N ASN U 411 79.66 -43.69 -119.59
CA ASN U 411 80.37 -42.48 -119.22
C ASN U 411 79.41 -41.32 -119.08
N ALA U 412 79.72 -40.37 -118.18
CA ALA U 412 78.86 -39.22 -117.97
C ALA U 412 78.50 -38.56 -119.30
N LYS U 413 77.34 -37.93 -119.34
CA LYS U 413 76.85 -37.24 -120.54
C LYS U 413 76.38 -38.24 -121.60
N MET U 414 76.37 -39.51 -121.23
CA MET U 414 75.92 -40.56 -122.15
C MET U 414 74.39 -40.56 -122.16
N ASN U 415 73.81 -40.73 -123.34
CA ASN U 415 72.36 -40.76 -123.47
C ASN U 415 71.92 -42.04 -124.16
N ILE U 416 70.91 -42.70 -123.60
CA ILE U 416 70.42 -43.96 -124.15
C ILE U 416 68.89 -44.03 -124.17
N LEU U 417 68.33 -44.53 -125.27
CA LEU U 417 66.88 -44.64 -125.41
C LEU U 417 66.41 -46.08 -125.57
N ILE U 418 65.93 -46.67 -124.48
CA ILE U 418 65.43 -48.04 -124.50
C ILE U 418 63.92 -48.02 -124.65
N ARG U 419 63.44 -48.39 -125.83
CA ARG U 419 62.01 -48.42 -126.10
C ARG U 419 61.56 -49.79 -126.57
N ASP U 420 60.35 -50.18 -126.19
CA ASP U 420 59.80 -51.48 -126.58
C ASP U 420 59.87 -51.60 -128.10
N LYS U 421 60.39 -52.73 -128.57
CA LYS U 421 60.55 -52.97 -130.00
C LYS U 421 59.25 -53.38 -130.70
N ARG U 422 58.21 -53.67 -129.93
CA ARG U 422 56.94 -54.08 -130.49
C ARG U 422 56.25 -53.04 -131.38
N PHE U 423 55.81 -51.94 -130.77
CA PHE U 423 55.11 -50.88 -131.50
C PHE U 423 56.03 -49.99 -132.31
N HIS U 424 55.44 -49.26 -133.26
CA HIS U 424 56.18 -48.33 -134.10
C HIS U 424 56.33 -47.03 -133.32
N TYR U 425 57.23 -46.16 -133.77
CA TYR U 425 57.42 -44.89 -133.07
C TYR U 425 57.46 -43.72 -134.02
N ASP U 426 57.03 -42.56 -133.54
CA ASP U 426 56.98 -41.34 -134.33
C ASP U 426 58.24 -40.48 -134.21
N ARG U 427 58.05 -39.18 -134.33
CA ARG U 427 59.13 -38.21 -134.25
C ARG U 427 59.41 -37.84 -132.79
N ASN U 428 58.39 -37.94 -131.94
CA ASN U 428 58.53 -37.61 -130.53
C ASN U 428 58.76 -38.83 -129.64
N ASN U 429 58.94 -39.99 -130.27
CA ASN U 429 59.16 -41.24 -129.54
C ASN U 429 57.94 -41.60 -128.71
N ILE U 430 56.78 -41.70 -129.36
CA ILE U 430 55.56 -42.04 -128.65
C ILE U 430 54.94 -43.32 -129.15
N ALA U 431 54.17 -43.97 -128.29
CA ALA U 431 53.50 -45.20 -128.63
C ALA U 431 52.53 -44.91 -129.78
N VAL U 432 52.99 -45.13 -130.99
CA VAL U 432 52.17 -44.87 -132.17
C VAL U 432 51.25 -46.03 -132.51
N GLY U 433 51.82 -47.08 -133.09
CA GLY U 433 51.05 -48.25 -133.47
C GLY U 433 51.95 -49.39 -133.93
N ALA U 434 51.70 -50.59 -133.42
CA ALA U 434 52.50 -51.76 -133.78
C ALA U 434 52.08 -52.38 -135.11
N ASP U 435 52.46 -53.65 -135.29
CA ASP U 435 52.12 -54.39 -136.51
C ASP U 435 50.81 -55.13 -136.35
N GLU U 436 50.12 -55.35 -137.47
CA GLU U 436 48.84 -56.05 -137.46
C GLU U 436 48.87 -57.28 -136.56
N SER U 437 49.98 -58.01 -136.63
CA SER U 437 50.15 -59.21 -135.83
C SER U 437 49.79 -58.92 -134.37
N VAL U 438 50.71 -58.26 -133.67
CA VAL U 438 50.53 -57.93 -132.27
C VAL U 438 49.14 -57.37 -132.02
N VAL U 439 48.67 -56.52 -132.93
CA VAL U 439 47.36 -55.92 -132.81
C VAL U 439 46.27 -56.98 -132.68
N LYS U 440 46.12 -57.79 -133.72
CA LYS U 440 45.12 -58.85 -133.73
C LYS U 440 45.17 -59.65 -132.43
N GLU U 441 46.37 -60.13 -132.10
CA GLU U 441 46.57 -60.92 -130.90
C GLU U 441 45.81 -60.35 -129.70
N ALA U 442 46.08 -59.09 -129.37
CA ALA U 442 45.46 -58.43 -128.23
C ALA U 442 43.93 -58.52 -128.21
N HIS U 443 43.33 -58.75 -129.37
CA HIS U 443 41.88 -58.84 -129.46
C HIS U 443 41.36 -60.27 -129.54
N ARG U 444 42.28 -61.23 -129.71
CA ARG U 444 41.90 -62.63 -129.80
C ARG U 444 40.89 -63.03 -128.73
N GLU U 445 40.91 -62.32 -127.60
CA GLU U 445 40.00 -62.62 -126.51
C GLU U 445 38.64 -61.94 -126.66
N VAL U 446 37.59 -62.69 -126.34
CA VAL U 446 36.21 -62.20 -126.42
C VAL U 446 35.50 -62.54 -125.12
N ILE U 447 34.60 -61.66 -124.68
CA ILE U 447 33.87 -61.89 -123.44
C ILE U 447 32.37 -61.89 -123.63
N ASN U 448 31.88 -61.03 -124.54
CA ASN U 448 30.45 -60.95 -124.78
C ASN U 448 30.12 -60.29 -126.11
N SER U 449 29.51 -61.06 -127.01
CA SER U 449 29.13 -60.56 -128.32
C SER U 449 27.64 -60.21 -128.27
N SER U 450 27.30 -59.01 -128.75
CA SER U 450 25.92 -58.56 -128.74
C SER U 450 25.60 -57.63 -129.91
N THR U 451 24.32 -57.46 -130.19
CA THR U 451 23.87 -56.59 -131.27
C THR U 451 24.03 -55.14 -130.80
N GLU U 452 24.53 -54.97 -129.59
CA GLU U 452 24.74 -53.65 -129.02
C GLU U 452 26.21 -53.25 -129.05
N GLY U 453 27.06 -54.13 -128.53
CA GLY U 453 28.49 -53.84 -128.51
C GLY U 453 29.31 -54.98 -127.95
N LEU U 454 30.52 -55.15 -128.49
CA LEU U 454 31.42 -56.20 -128.05
C LEU U 454 32.14 -55.84 -126.76
N LEU U 455 32.36 -56.83 -125.91
CA LEU U 455 33.05 -56.63 -124.65
C LEU U 455 34.31 -57.50 -124.67
N LEU U 456 35.47 -56.87 -124.71
CA LEU U 456 36.74 -57.60 -124.75
C LEU U 456 37.67 -57.21 -123.61
N ASN U 457 38.74 -57.97 -123.48
CA ASN U 457 39.74 -57.73 -122.44
C ASN U 457 41.05 -57.38 -123.14
N ILE U 458 40.95 -56.47 -124.12
CA ILE U 458 42.10 -56.03 -124.89
C ILE U 458 43.26 -55.58 -124.01
N ASP U 459 44.48 -55.86 -124.47
CA ASP U 459 45.70 -55.51 -123.73
C ASP U 459 45.88 -53.99 -123.65
N LYS U 460 46.20 -53.51 -122.46
CA LYS U 460 46.41 -52.08 -122.23
C LYS U 460 47.51 -51.53 -123.13
N ASP U 461 48.69 -52.14 -123.05
CA ASP U 461 49.84 -51.72 -123.85
C ASP U 461 49.47 -51.55 -125.32
N ILE U 462 48.52 -52.36 -125.79
CA ILE U 462 48.10 -52.28 -127.19
C ILE U 462 47.06 -51.19 -127.38
N ARG U 463 45.91 -51.38 -126.72
CA ARG U 463 44.80 -50.43 -126.82
C ARG U 463 45.28 -48.99 -126.90
N LYS U 464 46.40 -48.70 -126.27
CA LYS U 464 46.95 -47.34 -126.28
C LYS U 464 47.46 -46.88 -127.64
N ILE U 465 47.57 -47.79 -128.61
CA ILE U 465 48.03 -47.41 -129.93
C ILE U 465 46.89 -47.46 -130.94
N LEU U 466 45.66 -47.48 -130.43
CA LEU U 466 44.49 -47.55 -131.29
C LEU U 466 43.66 -46.27 -131.26
N SER U 467 43.36 -45.77 -132.46
CA SER U 467 42.55 -44.56 -132.59
C SER U 467 41.08 -44.91 -132.43
N GLY U 468 40.64 -45.93 -133.14
CA GLY U 468 39.24 -46.35 -133.06
C GLY U 468 38.93 -47.62 -133.83
N TYR U 469 37.64 -47.91 -133.95
CA TYR U 469 37.18 -49.11 -134.67
C TYR U 469 36.11 -48.76 -135.68
N ILE U 470 36.16 -49.43 -136.83
CA ILE U 470 35.20 -49.22 -137.91
C ILE U 470 34.22 -50.38 -137.95
N VAL U 471 32.95 -50.11 -137.63
CA VAL U 471 31.93 -51.14 -137.63
C VAL U 471 31.27 -51.25 -139.01
N GLU U 472 31.30 -52.43 -139.61
CA GLU U 472 30.70 -52.63 -140.92
C GLU U 472 29.99 -53.97 -141.00
N ILE U 473 29.52 -54.31 -142.20
CA ILE U 473 28.82 -55.56 -142.44
C ILE U 473 29.06 -56.07 -143.86
N GLU U 474 29.64 -57.27 -143.96
CA GLU U 474 29.94 -57.88 -145.25
C GLU U 474 28.84 -58.85 -145.65
N ASP U 475 28.26 -58.62 -146.82
CA ASP U 475 27.19 -59.48 -147.33
C ASP U 475 27.76 -60.85 -147.69
N THR U 476 26.90 -61.87 -147.67
CA THR U 476 27.32 -63.23 -147.99
C THR U 476 27.98 -63.32 -149.37
N GLU U 477 27.88 -62.23 -150.13
CA GLU U 477 28.47 -62.19 -151.47
C GLU U 477 29.84 -61.53 -151.46
N GLY U 478 29.89 -60.31 -150.91
CA GLY U 478 31.15 -59.58 -150.85
C GLY U 478 30.96 -58.08 -150.78
N LEU U 479 29.98 -57.64 -150.00
CA LEU U 479 29.69 -56.22 -149.86
C LEU U 479 30.45 -55.62 -148.68
N LYS U 480 30.76 -54.32 -148.79
CA LYS U 480 31.49 -53.63 -147.74
C LYS U 480 30.67 -52.49 -147.13
N GLU U 481 29.51 -52.84 -146.59
CA GLU U 481 28.63 -51.86 -145.96
C GLU U 481 29.21 -51.49 -144.59
N VAL U 482 29.48 -50.21 -144.37
CA VAL U 482 30.05 -49.76 -143.12
C VAL U 482 29.10 -48.88 -142.33
N ILE U 483 29.05 -49.08 -141.00
CA ILE U 483 28.19 -48.29 -140.14
C ILE U 483 28.79 -46.89 -140.05
N ASN U 484 29.52 -46.63 -138.96
CA ASN U 484 30.16 -45.34 -138.77
C ASN U 484 31.23 -45.20 -139.85
N ASP U 485 30.83 -44.63 -140.99
CA ASP U 485 31.73 -44.47 -142.13
C ASP U 485 32.50 -43.16 -142.17
N ARG U 486 32.28 -42.28 -141.19
CA ARG U 486 32.98 -41.00 -141.16
C ARG U 486 34.19 -41.03 -140.23
N TYR U 487 35.30 -40.49 -140.70
CA TYR U 487 36.54 -40.46 -139.93
C TYR U 487 36.32 -40.06 -138.49
N ASP U 488 35.33 -39.20 -138.26
CA ASP U 488 35.04 -38.73 -136.91
C ASP U 488 34.06 -39.62 -136.16
N MET U 489 33.77 -40.78 -136.73
CA MET U 489 32.85 -41.73 -136.10
C MET U 489 33.60 -42.96 -135.62
N LEU U 490 34.87 -42.79 -135.30
CA LEU U 490 35.69 -43.90 -134.83
C LEU U 490 35.60 -43.99 -133.31
N ASN U 491 35.18 -42.89 -132.69
CA ASN U 491 35.04 -42.82 -131.24
C ASN U 491 33.94 -43.75 -130.73
N ILE U 492 34.31 -45.00 -130.42
CA ILE U 492 33.35 -45.97 -129.92
C ILE U 492 33.89 -46.75 -128.72
N SER U 493 35.09 -47.29 -128.86
CA SER U 493 35.72 -48.07 -127.80
C SER U 493 35.67 -47.39 -126.44
N SER U 494 34.95 -48.00 -125.51
CA SER U 494 34.82 -47.47 -124.16
C SER U 494 35.76 -48.27 -123.27
N LEU U 495 35.56 -48.21 -121.96
CA LEU U 495 36.42 -48.96 -121.03
C LEU U 495 35.89 -48.99 -119.61
N ARG U 496 35.38 -50.15 -119.21
CA ARG U 496 34.85 -50.34 -117.86
C ARG U 496 36.02 -50.33 -116.88
N GLN U 497 35.76 -49.91 -115.65
CA GLN U 497 36.79 -49.84 -114.64
C GLN U 497 37.24 -51.25 -114.21
N ASP U 498 36.68 -52.26 -114.88
CA ASP U 498 37.03 -53.65 -114.58
C ASP U 498 38.20 -54.08 -115.45
N GLY U 499 38.64 -53.20 -116.33
CA GLY U 499 39.76 -53.50 -117.21
C GLY U 499 39.37 -54.12 -118.54
N LYS U 500 38.08 -54.06 -118.88
CA LYS U 500 37.62 -54.62 -120.13
C LYS U 500 37.09 -53.54 -121.09
N THR U 501 37.63 -53.53 -122.30
CA THR U 501 37.25 -52.57 -123.32
C THR U 501 35.85 -52.89 -123.86
N PHE U 502 34.92 -51.97 -123.68
CA PHE U 502 33.56 -52.17 -124.14
C PHE U 502 33.25 -51.38 -125.42
N ILE U 503 33.04 -52.10 -126.52
CA ILE U 503 32.73 -51.48 -127.79
C ILE U 503 31.22 -51.31 -127.90
N ASP U 504 30.78 -50.35 -128.71
CA ASP U 504 29.35 -50.12 -128.90
C ASP U 504 29.09 -49.67 -130.33
N PHE U 505 28.20 -50.39 -131.01
CA PHE U 505 27.84 -50.07 -132.39
C PHE U 505 26.74 -49.03 -132.37
N LYS U 506 25.95 -49.06 -131.29
CA LYS U 506 24.82 -48.14 -131.10
C LYS U 506 25.19 -46.66 -131.08
N LYS U 507 26.37 -46.35 -130.58
CA LYS U 507 26.81 -44.96 -130.50
C LYS U 507 26.76 -44.28 -131.87
N TYR U 508 26.68 -45.10 -132.92
CA TYR U 508 26.62 -44.60 -134.29
C TYR U 508 25.63 -45.38 -135.16
N ASN U 509 24.36 -45.42 -134.71
CA ASN U 509 23.29 -46.11 -135.44
C ASN U 509 21.95 -45.79 -134.78
N ASP U 510 21.61 -44.50 -134.74
CA ASP U 510 20.36 -44.05 -134.15
C ASP U 510 20.11 -44.62 -132.76
N LYS U 511 21.19 -44.77 -131.99
CA LYS U 511 21.10 -45.29 -130.63
C LYS U 511 20.39 -46.64 -130.57
N LEU U 512 20.20 -47.26 -131.73
CA LEU U 512 19.55 -48.55 -131.80
C LEU U 512 20.54 -49.65 -132.14
N PRO U 513 20.36 -50.86 -131.56
CA PRO U 513 21.26 -51.99 -131.80
C PRO U 513 21.36 -52.39 -133.27
N LEU U 514 22.23 -53.34 -133.55
CA LEU U 514 22.46 -53.82 -134.92
C LEU U 514 21.19 -54.24 -135.64
N TYR U 515 21.27 -54.24 -136.97
CA TYR U 515 20.17 -54.62 -137.83
C TYR U 515 20.61 -55.81 -138.67
N ILE U 516 20.14 -56.99 -138.31
CA ILE U 516 20.50 -58.21 -139.02
C ILE U 516 19.33 -58.74 -139.84
N SER U 517 19.25 -58.30 -141.10
CA SER U 517 18.19 -58.73 -141.99
C SER U 517 18.40 -60.20 -142.34
N ASN U 518 19.67 -60.62 -142.33
CA ASN U 518 20.03 -61.99 -142.64
C ASN U 518 21.14 -62.43 -141.69
N PRO U 519 20.79 -63.24 -140.66
CA PRO U 519 21.78 -63.73 -139.68
C PRO U 519 22.81 -64.70 -140.26
N ASN U 520 23.43 -64.30 -141.36
CA ASN U 520 24.45 -65.12 -142.02
C ASN U 520 25.54 -64.21 -142.58
N TYR U 521 25.47 -62.94 -142.25
CA TYR U 521 26.44 -61.95 -142.72
C TYR U 521 27.73 -62.05 -141.91
N LYS U 522 28.51 -60.96 -141.91
CA LYS U 522 29.76 -60.91 -141.17
C LYS U 522 30.01 -59.53 -140.59
N VAL U 523 29.69 -59.36 -139.30
CA VAL U 523 29.90 -58.08 -138.63
C VAL U 523 31.40 -57.83 -138.52
N ASN U 524 31.94 -57.11 -139.51
CA ASN U 524 33.37 -56.80 -139.53
C ASN U 524 33.71 -55.51 -138.80
N VAL U 525 34.34 -55.66 -137.64
CA VAL U 525 34.76 -54.53 -136.82
C VAL U 525 36.28 -54.44 -136.87
N TYR U 526 36.78 -53.41 -137.54
CA TYR U 526 38.22 -53.22 -137.69
C TYR U 526 38.79 -52.32 -136.60
N ALA U 527 40.11 -52.22 -136.59
CA ALA U 527 40.81 -51.38 -135.61
C ALA U 527 41.74 -50.45 -136.40
N VAL U 528 41.88 -49.22 -135.93
CA VAL U 528 42.74 -48.25 -136.60
C VAL U 528 43.78 -47.70 -135.66
N THR U 529 45.04 -48.04 -135.90
CA THR U 529 46.13 -47.54 -135.07
C THR U 529 46.27 -46.04 -135.25
N LYS U 530 46.82 -45.37 -134.25
CA LYS U 530 46.99 -43.92 -134.32
C LYS U 530 47.75 -43.53 -135.58
N GLU U 531 48.91 -44.15 -135.79
CA GLU U 531 49.73 -43.86 -136.96
C GLU U 531 48.93 -43.80 -138.26
N ASN U 532 47.88 -44.61 -138.36
CA ASN U 532 47.06 -44.64 -139.57
C ASN U 532 45.88 -43.69 -139.57
N THR U 533 45.14 -43.67 -138.47
CA THR U 533 43.96 -42.81 -138.36
C THR U 533 44.08 -41.42 -138.97
N ILE U 534 42.96 -40.94 -139.50
CA ILE U 534 42.90 -39.61 -140.11
C ILE U 534 42.10 -38.69 -139.19
N ILE U 535 42.29 -37.39 -139.36
CA ILE U 535 41.61 -36.41 -138.52
C ILE U 535 40.83 -35.34 -139.28
N ASN U 536 41.06 -35.25 -140.58
CA ASN U 536 40.36 -34.25 -141.39
C ASN U 536 40.04 -34.78 -142.79
N PRO U 537 38.98 -34.25 -143.42
CA PRO U 537 38.54 -34.65 -144.76
C PRO U 537 39.66 -34.52 -145.79
N SER U 538 39.48 -35.17 -146.93
CA SER U 538 40.48 -35.13 -148.00
C SER U 538 40.40 -33.82 -148.76
N GLU U 539 41.33 -33.63 -149.71
CA GLU U 539 41.38 -32.42 -150.52
C GLU U 539 39.98 -31.94 -150.90
N ASN U 540 39.06 -32.89 -150.99
CA ASN U 540 37.67 -32.59 -151.33
C ASN U 540 36.84 -32.52 -150.05
N GLY U 541 35.94 -33.48 -149.88
CA GLY U 541 35.11 -33.51 -148.70
C GLY U 541 34.82 -34.94 -148.32
N ASP U 542 35.78 -35.82 -148.60
CA ASP U 542 35.65 -37.24 -148.29
C ASP U 542 35.67 -37.50 -146.80
N THR U 543 34.49 -37.45 -146.18
CA THR U 543 34.38 -37.69 -144.75
C THR U 543 34.18 -39.18 -144.51
N SER U 544 34.55 -39.97 -145.51
CA SER U 544 34.39 -41.42 -145.43
C SER U 544 35.64 -42.15 -144.94
N THR U 545 35.48 -43.44 -144.67
CA THR U 545 36.56 -44.29 -144.19
C THR U 545 37.22 -45.01 -145.37
N ASN U 546 37.02 -44.46 -146.56
CA ASN U 546 37.57 -45.04 -147.78
C ASN U 546 39.09 -45.21 -147.67
N GLY U 547 39.81 -44.09 -147.71
CA GLY U 547 41.26 -44.15 -147.64
C GLY U 547 41.80 -44.32 -146.23
N ILE U 548 41.76 -45.56 -145.72
CA ILE U 548 42.25 -45.85 -144.38
C ILE U 548 42.98 -47.19 -144.39
N LYS U 549 43.80 -47.42 -143.36
CA LYS U 549 44.52 -48.68 -143.24
C LYS U 549 44.09 -49.33 -141.94
N LYS U 550 42.88 -49.89 -141.92
CA LYS U 550 42.39 -50.55 -140.72
C LYS U 550 42.89 -51.98 -140.63
N ILE U 551 42.57 -52.63 -139.51
CA ILE U 551 43.00 -54.01 -139.29
C ILE U 551 41.85 -54.86 -138.78
N LEU U 552 41.67 -56.03 -139.37
CA LEU U 552 40.60 -56.95 -138.99
C LEU U 552 40.77 -57.42 -137.55
N ILE U 553 39.79 -57.10 -136.71
CA ILE U 553 39.83 -57.49 -135.31
C ILE U 553 38.67 -58.43 -134.96
N PHE U 554 37.58 -58.33 -135.70
CA PHE U 554 36.42 -59.16 -135.45
C PHE U 554 35.79 -59.60 -136.77
N SER U 555 34.99 -60.67 -136.73
CA SER U 555 34.33 -61.19 -137.92
C SER U 555 33.48 -62.42 -137.62
N LYS U 556 32.42 -62.23 -136.86
CA LYS U 556 31.52 -63.34 -136.51
C LYS U 556 30.26 -63.30 -137.37
N LYS U 557 29.58 -64.44 -137.45
CA LYS U 557 28.35 -64.54 -138.23
C LYS U 557 27.15 -64.00 -137.47
N GLY U 558 26.06 -63.78 -138.20
CA GLY U 558 24.84 -63.28 -137.59
C GLY U 558 24.28 -64.20 -136.52
N TYR U 559 24.42 -65.50 -136.72
CA TYR U 559 23.92 -66.47 -135.76
C TYR U 559 24.94 -66.77 -134.68
N GLU U 560 26.16 -66.25 -134.86
CA GLU U 560 27.22 -66.45 -133.89
C GLU U 560 27.35 -65.26 -132.94
N ILE U 561 26.21 -64.60 -132.69
CA ILE U 561 26.19 -63.45 -131.80
C ILE U 561 24.90 -63.45 -130.97
N GLY U 562 23.78 -63.14 -131.63
CA GLY U 562 22.50 -63.12 -130.93
C GLY U 562 21.46 -62.31 -131.67
N SER V 1 3.57 -21.48 -165.62
CA SER V 1 2.35 -22.13 -166.05
C SER V 1 2.44 -23.64 -165.86
N CYS V 2 2.26 -24.39 -166.96
CA CYS V 2 2.33 -25.84 -166.90
C CYS V 2 3.62 -26.35 -167.53
N ARG V 3 4.00 -27.57 -167.17
CA ARG V 3 5.23 -28.19 -167.69
C ARG V 3 5.01 -29.66 -168.02
N ARG V 4 6.01 -30.30 -168.60
CA ARG V 4 5.91 -31.71 -168.97
C ARG V 4 7.10 -32.51 -168.46
N ALA V 5 8.27 -31.87 -168.42
CA ALA V 5 9.50 -32.53 -167.98
C ALA V 5 9.76 -32.35 -166.48
N PHE V 6 9.61 -33.43 -165.73
CA PHE V 6 9.84 -33.41 -164.29
C PHE V 6 11.01 -34.32 -163.93
N ASP V 7 11.79 -33.93 -162.93
CA ASP V 7 12.93 -34.70 -162.47
C ASP V 7 12.68 -35.07 -161.02
N LEU V 8 12.41 -36.34 -160.77
CA LEU V 8 12.15 -36.80 -159.41
C LEU V 8 13.39 -37.32 -158.71
N TYR V 9 13.66 -36.78 -157.52
CA TYR V 9 14.81 -37.18 -156.72
C TYR V 9 14.32 -38.01 -155.55
N PHE V 10 14.87 -39.22 -155.41
CA PHE V 10 14.46 -40.10 -154.32
C PHE V 10 15.49 -40.26 -153.22
N VAL V 11 15.50 -39.32 -152.30
CA VAL V 11 16.40 -39.34 -151.16
C VAL V 11 15.81 -40.32 -150.16
N LEU V 12 16.51 -41.42 -149.89
CA LEU V 12 16.03 -42.44 -148.99
C LEU V 12 16.84 -42.60 -147.70
N ASP V 13 16.12 -42.58 -146.58
CA ASP V 13 16.74 -42.74 -145.26
C ASP V 13 17.01 -44.21 -145.00
N LYS V 14 18.26 -44.63 -145.13
CA LYS V 14 18.58 -46.03 -144.89
C LYS V 14 19.25 -46.19 -143.52
N SER V 15 18.75 -45.45 -142.53
CA SER V 15 19.30 -45.50 -141.18
C SER V 15 18.67 -46.65 -140.39
N GLY V 16 19.35 -47.10 -139.35
CA GLY V 16 18.86 -48.19 -138.52
C GLY V 16 17.48 -47.95 -137.96
N SER V 17 17.16 -46.69 -137.65
CA SER V 17 15.87 -46.33 -137.09
C SER V 17 14.71 -46.77 -138.00
N VAL V 18 14.97 -46.76 -139.31
CA VAL V 18 13.95 -47.15 -140.28
C VAL V 18 14.36 -48.44 -140.98
N ALA V 19 15.02 -49.33 -140.25
CA ALA V 19 15.46 -50.60 -140.80
C ALA V 19 14.32 -51.61 -140.89
N ASN V 20 13.24 -51.31 -140.19
CA ASN V 20 12.07 -52.19 -140.17
C ASN V 20 11.15 -51.96 -141.36
N ASN V 21 10.77 -50.70 -141.56
CA ASN V 21 9.87 -50.34 -142.65
C ASN V 21 10.59 -49.86 -143.91
N TRP V 22 11.63 -50.58 -144.32
CA TRP V 22 12.38 -50.20 -145.52
C TRP V 22 11.57 -50.54 -146.76
N ILE V 23 10.91 -51.69 -146.74
CA ILE V 23 10.11 -52.12 -147.87
C ILE V 23 9.08 -51.07 -148.28
N GLU V 24 8.38 -50.52 -147.29
CA GLU V 24 7.37 -49.49 -147.56
C GLU V 24 7.99 -48.37 -148.37
N ILE V 25 9.19 -47.98 -147.96
CA ILE V 25 9.93 -46.92 -148.63
C ILE V 25 10.25 -47.34 -150.06
N TYR V 26 10.66 -48.60 -150.22
CA TYR V 26 10.98 -49.12 -151.54
C TYR V 26 9.72 -49.19 -152.40
N ASN V 27 8.62 -49.61 -151.77
CA ASN V 27 7.35 -49.71 -152.47
C ASN V 27 6.93 -48.35 -152.97
N PHE V 28 7.03 -47.34 -152.09
CA PHE V 28 6.68 -45.98 -152.46
C PHE V 28 7.55 -45.48 -153.61
N VAL V 29 8.80 -45.94 -153.63
CA VAL V 29 9.74 -45.54 -154.67
C VAL V 29 9.57 -46.43 -155.90
N GLN V 30 8.82 -47.52 -155.73
CA GLN V 30 8.57 -48.44 -156.83
C GLN V 30 7.21 -48.13 -157.43
N GLN V 31 6.24 -47.82 -156.58
CA GLN V 31 4.89 -47.49 -157.01
C GLN V 31 4.86 -46.11 -157.64
N LEU V 32 5.92 -45.34 -157.42
CA LEU V 32 6.02 -43.99 -157.96
C LEU V 32 6.76 -44.03 -159.30
N ALA V 33 7.78 -44.87 -159.37
CA ALA V 33 8.57 -45.01 -160.60
C ALA V 33 7.72 -45.80 -161.59
N GLU V 34 6.70 -46.47 -161.07
CA GLU V 34 5.79 -47.28 -161.87
C GLU V 34 4.76 -46.36 -162.52
N ARG V 35 4.47 -45.25 -161.85
CA ARG V 35 3.50 -44.28 -162.34
C ARG V 35 4.09 -43.41 -163.45
N PHE V 36 4.88 -42.42 -163.07
CA PHE V 36 5.50 -41.52 -164.03
C PHE V 36 6.45 -42.29 -164.95
N VAL V 37 5.97 -42.60 -166.14
CA VAL V 37 6.77 -43.35 -167.12
C VAL V 37 6.98 -42.53 -168.39
N SER V 38 7.07 -41.22 -168.24
CA SER V 38 7.29 -40.33 -169.38
C SER V 38 8.79 -40.14 -169.58
N PRO V 39 9.26 -40.25 -170.84
CA PRO V 39 10.67 -40.09 -171.17
C PRO V 39 11.29 -38.80 -170.64
N GLU V 40 10.42 -37.88 -170.20
CA GLU V 40 10.87 -36.60 -169.66
C GLU V 40 10.90 -36.66 -168.13
N MET V 41 10.47 -37.79 -167.58
CA MET V 41 10.45 -38.01 -166.15
C MET V 41 11.74 -38.68 -165.67
N ARG V 42 12.85 -37.95 -165.77
CA ARG V 42 14.13 -38.48 -165.34
C ARG V 42 14.14 -38.70 -163.83
N LEU V 43 14.38 -39.94 -163.42
CA LEU V 43 14.40 -40.27 -161.99
C LEU V 43 15.83 -40.39 -161.48
N SER V 44 15.98 -40.26 -160.16
CA SER V 44 17.28 -40.36 -159.52
C SER V 44 17.09 -40.90 -158.11
N PHE V 45 17.90 -41.89 -157.75
CA PHE V 45 17.80 -42.48 -156.43
C PHE V 45 18.97 -42.11 -155.52
N ILE V 46 18.67 -41.90 -154.25
CA ILE V 46 19.70 -41.53 -153.27
C ILE V 46 19.33 -42.13 -151.91
N VAL V 47 20.33 -42.62 -151.19
CA VAL V 47 20.11 -43.20 -149.88
C VAL V 47 21.13 -42.67 -148.88
N PHE V 48 20.65 -42.09 -147.79
CA PHE V 48 21.54 -41.53 -146.78
C PHE V 48 21.43 -42.28 -145.46
N SER V 49 22.37 -41.97 -144.57
CA SER V 49 22.44 -42.58 -143.24
C SER V 49 23.65 -41.96 -142.56
N SER V 50 24.76 -42.68 -142.57
CA SER V 50 26.00 -42.18 -141.98
C SER V 50 26.60 -41.32 -143.08
N GLN V 51 26.05 -41.49 -144.28
CA GLN V 51 26.50 -40.75 -145.44
C GLN V 51 25.66 -41.22 -146.62
N ALA V 52 25.20 -40.26 -147.42
CA ALA V 52 24.35 -40.59 -148.57
C ALA V 52 25.13 -41.00 -149.81
N THR V 53 24.45 -41.70 -150.71
CA THR V 53 25.06 -42.16 -151.95
C THR V 53 24.09 -42.05 -153.13
N ILE V 54 24.65 -41.82 -154.31
CA ILE V 54 23.87 -41.69 -155.53
C ILE V 54 23.62 -43.06 -156.15
N ILE V 55 22.52 -43.69 -155.76
CA ILE V 55 22.17 -45.01 -156.27
C ILE V 55 21.86 -44.91 -157.77
N LEU V 56 20.93 -44.03 -158.11
CA LEU V 56 20.53 -43.83 -159.50
C LEU V 56 20.65 -42.36 -159.91
N PRO V 57 21.52 -42.07 -160.88
CA PRO V 57 21.71 -40.69 -161.35
C PRO V 57 20.39 -40.13 -161.88
N LEU V 58 20.44 -38.92 -162.42
CA LEU V 58 19.24 -38.30 -162.96
C LEU V 58 19.12 -38.63 -164.45
N THR V 59 18.21 -39.54 -164.78
CA THR V 59 18.00 -39.94 -166.16
C THR V 59 16.64 -40.64 -166.35
N GLY V 60 16.21 -40.73 -167.59
CA GLY V 60 14.93 -41.38 -167.88
C GLY V 60 15.08 -42.64 -168.71
N ASP V 61 15.90 -43.55 -168.22
CA ASP V 61 16.15 -44.82 -168.91
C ASP V 61 15.85 -45.99 -167.97
N ARG V 62 14.67 -46.58 -168.11
CA ARG V 62 14.25 -47.70 -167.28
C ARG V 62 15.28 -48.82 -167.22
N GLY V 63 16.19 -48.83 -168.19
CA GLY V 63 17.22 -49.85 -168.21
C GLY V 63 18.06 -49.75 -166.95
N LYS V 64 18.32 -48.51 -166.54
CA LYS V 64 19.10 -48.25 -165.33
C LYS V 64 18.16 -47.96 -164.17
N ILE V 65 16.95 -47.51 -164.48
CA ILE V 65 15.95 -47.21 -163.46
C ILE V 65 15.58 -48.49 -162.73
N SER V 66 15.25 -49.52 -163.50
CA SER V 66 14.89 -50.81 -162.93
C SER V 66 16.10 -51.28 -162.15
N LYS V 67 17.29 -51.04 -162.71
CA LYS V 67 18.55 -51.41 -162.09
C LYS V 67 18.59 -50.81 -160.69
N GLY V 68 18.22 -49.55 -160.59
CA GLY V 68 18.22 -48.88 -159.30
C GLY V 68 17.21 -49.51 -158.36
N LEU V 69 16.00 -49.74 -158.86
CA LEU V 69 14.94 -50.36 -158.05
C LEU V 69 15.39 -51.72 -157.54
N GLU V 70 16.25 -52.38 -158.31
CA GLU V 70 16.76 -53.69 -157.92
C GLU V 70 17.76 -53.53 -156.77
N ASP V 71 18.51 -52.42 -156.78
CA ASP V 71 19.49 -52.15 -155.75
C ASP V 71 18.82 -51.67 -154.47
N LEU V 72 17.86 -50.75 -154.61
CA LEU V 72 17.14 -50.23 -153.45
C LEU V 72 16.40 -51.35 -152.73
N LYS V 73 16.08 -52.40 -153.49
CA LYS V 73 15.39 -53.56 -152.95
C LYS V 73 16.33 -54.30 -152.00
N ARG V 74 17.58 -54.45 -152.44
CA ARG V 74 18.59 -55.13 -151.66
C ARG V 74 19.41 -54.16 -150.81
N VAL V 75 18.73 -53.47 -149.90
CA VAL V 75 19.39 -52.50 -149.03
C VAL V 75 19.17 -52.84 -147.57
N SER V 76 20.22 -52.65 -146.76
CA SER V 76 20.15 -52.94 -145.34
C SER V 76 20.18 -51.63 -144.56
N PRO V 77 19.01 -51.10 -144.19
CA PRO V 77 18.89 -49.85 -143.43
C PRO V 77 19.67 -49.85 -142.12
N VAL V 78 20.78 -49.13 -142.11
CA VAL V 78 21.62 -49.05 -140.92
C VAL V 78 22.57 -47.85 -141.00
N GLY V 79 22.82 -47.24 -139.85
CA GLY V 79 23.70 -46.09 -139.79
C GLY V 79 23.00 -44.88 -139.20
N GLU V 80 23.74 -43.81 -138.97
CA GLU V 80 23.16 -42.60 -138.41
C GLU V 80 22.09 -42.01 -139.33
N THR V 81 21.58 -40.84 -138.96
CA THR V 81 20.55 -40.18 -139.74
C THR V 81 21.02 -38.82 -140.23
N TYR V 82 21.87 -38.82 -141.26
CA TYR V 82 22.38 -37.58 -141.82
C TYR V 82 21.62 -37.22 -143.10
N ILE V 83 20.34 -36.90 -142.92
CA ILE V 83 19.46 -36.56 -144.03
C ILE V 83 19.99 -35.39 -144.87
N HIS V 84 20.41 -34.32 -144.21
CA HIS V 84 20.92 -33.15 -144.90
C HIS V 84 21.88 -33.55 -146.01
N GLU V 85 22.82 -34.44 -145.69
CA GLU V 85 23.79 -34.91 -146.68
C GLU V 85 23.06 -35.42 -147.92
N GLY V 86 21.97 -36.15 -147.70
CA GLY V 86 21.21 -36.68 -148.81
C GLY V 86 20.59 -35.57 -149.64
N LEU V 87 19.83 -34.72 -148.99
CA LEU V 87 19.18 -33.61 -149.68
C LEU V 87 20.21 -32.83 -150.48
N LYS V 88 21.46 -32.88 -150.03
CA LYS V 88 22.54 -32.17 -150.71
C LYS V 88 22.86 -32.83 -152.04
N LEU V 89 23.09 -34.14 -152.00
CA LEU V 89 23.39 -34.88 -153.22
C LEU V 89 22.27 -34.69 -154.23
N ALA V 90 21.15 -34.17 -153.75
CA ALA V 90 20.00 -33.92 -154.61
C ALA V 90 20.20 -32.59 -155.33
N ASN V 91 20.47 -31.54 -154.56
CA ASN V 91 20.70 -30.21 -155.13
C ASN V 91 21.92 -30.20 -156.03
N GLU V 92 22.93 -31.01 -155.68
CA GLU V 92 24.15 -31.07 -156.47
C GLU V 92 23.80 -31.48 -157.90
N GLN V 93 22.83 -32.39 -158.03
CA GLN V 93 22.38 -32.87 -159.33
C GLN V 93 21.59 -31.78 -160.06
N ILE V 94 20.74 -31.09 -159.31
CA ILE V 94 19.91 -30.04 -159.86
C ILE V 94 20.78 -28.90 -160.40
N GLN V 95 21.55 -28.27 -159.53
CA GLN V 95 22.41 -27.16 -159.93
C GLN V 95 23.33 -27.50 -161.10
N LYS V 96 23.53 -28.80 -161.32
CA LYS V 96 24.39 -29.23 -162.43
C LYS V 96 23.55 -29.41 -163.68
N ALA V 97 22.23 -29.35 -163.52
CA ALA V 97 21.30 -29.51 -164.63
C ALA V 97 20.89 -28.15 -165.20
N GLY V 98 20.91 -27.13 -164.34
CA GLY V 98 20.54 -25.80 -164.78
C GLY V 98 20.03 -24.91 -163.65
N GLY V 99 19.92 -25.49 -162.46
CA GLY V 99 19.45 -24.74 -161.31
C GLY V 99 17.97 -24.43 -161.43
N LEU V 100 17.64 -23.14 -161.60
CA LEU V 100 16.25 -22.73 -161.74
C LEU V 100 15.72 -23.25 -163.07
N LYS V 101 16.63 -23.41 -164.02
CA LYS V 101 16.29 -23.90 -165.36
C LYS V 101 15.83 -25.36 -165.33
N THR V 102 15.51 -25.85 -164.14
CA THR V 102 15.06 -27.23 -163.99
C THR V 102 13.92 -27.37 -163.00
N SER V 103 12.87 -28.09 -163.40
CA SER V 103 11.72 -28.31 -162.54
C SER V 103 11.94 -29.65 -161.86
N SER V 104 12.46 -29.61 -160.63
CA SER V 104 12.73 -30.82 -159.88
C SER V 104 11.77 -31.06 -158.73
N ILE V 105 11.65 -32.32 -158.33
CA ILE V 105 10.77 -32.71 -157.22
C ILE V 105 11.51 -33.65 -156.27
N ILE V 106 12.16 -33.06 -155.27
CA ILE V 106 12.89 -33.85 -154.29
C ILE V 106 11.95 -34.56 -153.33
N ILE V 107 12.06 -35.89 -153.29
CA ILE V 107 11.22 -36.70 -152.43
C ILE V 107 12.09 -37.44 -151.41
N ALA V 108 12.12 -36.95 -150.19
CA ALA V 108 12.92 -37.55 -149.13
C ALA V 108 12.12 -38.48 -148.24
N LEU V 109 12.58 -39.73 -148.15
CA LEU V 109 11.94 -40.74 -147.32
C LEU V 109 12.73 -40.87 -146.03
N THR V 110 12.10 -40.57 -144.90
CA THR V 110 12.78 -40.66 -143.62
C THR V 110 11.80 -40.67 -142.45
N ASP V 111 12.32 -40.94 -141.27
CA ASP V 111 11.51 -40.96 -140.06
C ASP V 111 11.39 -39.57 -139.46
N GLY V 112 12.13 -38.61 -140.01
CA GLY V 112 12.07 -37.25 -139.51
C GLY V 112 12.66 -37.10 -138.11
N LYS V 113 13.17 -38.20 -137.56
CA LYS V 113 13.76 -38.19 -136.24
C LYS V 113 15.23 -37.81 -136.31
N LEU V 114 15.49 -36.53 -136.58
CA LEU V 114 16.86 -36.05 -136.67
C LEU V 114 17.38 -35.68 -135.29
N ASP V 115 18.70 -35.55 -135.17
CA ASP V 115 19.32 -35.21 -133.89
C ASP V 115 20.49 -34.25 -134.03
N GLY V 116 20.76 -33.51 -132.96
CA GLY V 116 21.87 -32.56 -132.95
C GLY V 116 21.80 -31.46 -134.01
N LEU V 117 22.85 -31.37 -134.82
CA LEU V 117 22.92 -30.36 -135.88
C LEU V 117 22.14 -30.78 -137.12
N VAL V 118 21.92 -32.08 -137.27
CA VAL V 118 21.20 -32.58 -138.43
C VAL V 118 19.96 -31.72 -138.71
N PRO V 119 19.15 -31.43 -137.67
CA PRO V 119 17.95 -30.62 -137.86
C PRO V 119 18.28 -29.28 -138.49
N SER V 120 19.17 -28.54 -137.84
CA SER V 120 19.59 -27.23 -138.33
C SER V 120 20.03 -27.31 -139.79
N TYR V 121 21.00 -28.18 -140.06
CA TYR V 121 21.52 -28.35 -141.41
C TYR V 121 20.47 -28.89 -142.39
N ALA V 122 19.66 -29.82 -141.94
CA ALA V 122 18.62 -30.39 -142.79
C ALA V 122 17.68 -29.27 -143.24
N GLU V 123 17.12 -28.56 -142.27
CA GLU V 123 16.22 -27.45 -142.56
C GLU V 123 16.88 -26.47 -143.51
N LYS V 124 18.15 -26.16 -143.26
CA LYS V 124 18.88 -25.23 -144.09
C LYS V 124 19.17 -25.82 -145.47
N GLU V 125 19.72 -27.03 -145.49
CA GLU V 125 20.03 -27.69 -146.75
C GLU V 125 18.76 -27.86 -147.58
N ALA V 126 17.62 -27.92 -146.90
CA ALA V 126 16.34 -28.08 -147.56
C ALA V 126 15.95 -26.79 -148.27
N LYS V 127 16.15 -25.66 -147.60
CA LYS V 127 15.84 -24.37 -148.18
C LYS V 127 16.78 -24.14 -149.35
N ILE V 128 17.94 -24.79 -149.30
CA ILE V 128 18.93 -24.69 -150.36
C ILE V 128 18.35 -25.35 -151.60
N SER V 129 17.35 -26.19 -151.38
CA SER V 129 16.68 -26.90 -152.46
C SER V 129 15.66 -25.96 -153.11
N ARG V 130 14.75 -25.44 -152.29
CA ARG V 130 13.72 -24.53 -152.76
C ARG V 130 14.35 -23.27 -153.34
N SER V 131 15.66 -23.13 -153.17
CA SER V 131 16.38 -21.97 -153.69
C SER V 131 16.96 -22.30 -155.05
N LEU V 132 16.54 -23.43 -155.60
CA LEU V 132 17.00 -23.87 -156.91
C LEU V 132 15.82 -24.26 -157.80
N GLY V 133 14.68 -23.61 -157.56
CA GLY V 133 13.50 -23.91 -158.35
C GLY V 133 13.10 -25.37 -158.21
N ALA V 134 12.98 -25.83 -156.98
CA ALA V 134 12.61 -27.22 -156.72
C ALA V 134 11.63 -27.33 -155.55
N SER V 135 10.93 -28.46 -155.49
CA SER V 135 9.96 -28.70 -154.42
C SER V 135 10.41 -29.89 -153.59
N VAL V 136 10.31 -29.76 -152.27
CA VAL V 136 10.72 -30.82 -151.36
C VAL V 136 9.54 -31.60 -150.79
N TYR V 137 9.64 -32.94 -150.82
CA TYR V 137 8.58 -33.80 -150.30
C TYR V 137 9.10 -34.74 -149.23
N CYS V 138 8.56 -34.60 -148.02
CA CYS V 138 8.97 -35.44 -146.90
C CYS V 138 7.99 -36.58 -146.66
N VAL V 139 8.21 -37.72 -147.32
CA VAL V 139 7.34 -38.87 -147.16
C VAL V 139 7.86 -39.70 -145.98
N GLY V 140 7.52 -39.25 -144.78
CA GLY V 140 7.97 -39.92 -143.57
C GLY V 140 7.47 -41.34 -143.37
N VAL V 141 8.13 -42.06 -142.45
CA VAL V 141 7.78 -43.43 -142.11
C VAL V 141 7.58 -43.52 -140.59
N LEU V 142 6.81 -44.51 -140.15
CA LEU V 142 6.54 -44.69 -138.73
C LEU V 142 5.99 -43.40 -138.15
N ASP V 143 5.96 -43.31 -136.81
CA ASP V 143 5.47 -42.11 -136.15
C ASP V 143 6.47 -40.98 -136.31
N PHE V 144 6.82 -40.71 -137.56
CA PHE V 144 7.77 -39.66 -137.91
C PHE V 144 7.46 -38.32 -137.27
N GLU V 145 8.40 -37.39 -137.37
CA GLU V 145 8.25 -36.05 -136.80
C GLU V 145 7.60 -35.10 -137.79
N GLN V 146 6.26 -35.04 -137.75
CA GLN V 146 5.52 -34.16 -138.63
C GLN V 146 6.16 -32.78 -138.59
N ALA V 147 6.42 -32.31 -137.38
CA ALA V 147 7.03 -31.00 -137.17
C ALA V 147 8.25 -30.78 -138.06
N GLN V 148 9.29 -31.58 -137.83
CA GLN V 148 10.52 -31.47 -138.60
C GLN V 148 10.27 -31.51 -140.10
N LEU V 149 9.56 -32.53 -140.55
CA LEU V 149 9.25 -32.68 -141.97
C LEU V 149 8.71 -31.37 -142.54
N GLU V 150 7.83 -30.71 -141.79
CA GLU V 150 7.25 -29.44 -142.21
C GLU V 150 8.35 -28.45 -142.50
N ARG V 151 9.28 -28.32 -141.57
CA ARG V 151 10.39 -27.39 -141.72
C ARG V 151 11.39 -27.85 -142.78
N ILE V 152 11.24 -29.10 -143.23
CA ILE V 152 12.14 -29.64 -144.24
C ILE V 152 11.61 -29.42 -145.65
N ALA V 153 10.33 -29.73 -145.86
CA ALA V 153 9.72 -29.57 -147.17
C ALA V 153 9.22 -28.15 -147.36
N ASP V 154 8.37 -27.95 -148.36
CA ASP V 154 7.82 -26.63 -148.65
C ASP V 154 6.84 -26.21 -147.56
N SER V 155 5.77 -26.99 -147.40
CA SER V 155 4.75 -26.72 -146.40
C SER V 155 4.26 -28.05 -145.80
N LYS V 156 3.36 -27.97 -144.84
CA LYS V 156 2.82 -29.17 -144.21
C LYS V 156 2.06 -30.04 -145.20
N GLU V 157 1.90 -29.53 -146.42
CA GLU V 157 1.18 -30.26 -147.45
C GLU V 157 2.08 -31.30 -148.11
N GLN V 158 3.30 -30.89 -148.46
CA GLN V 158 4.25 -31.81 -149.09
C GLN V 158 4.71 -32.90 -148.12
N VAL V 159 3.93 -33.08 -147.06
CA VAL V 159 4.22 -34.08 -146.04
C VAL V 159 3.14 -35.16 -146.07
N PHE V 160 3.39 -36.23 -146.81
CA PHE V 160 2.44 -37.32 -146.93
C PHE V 160 2.94 -38.60 -146.28
N PRO V 161 2.15 -39.18 -145.35
CA PRO V 161 2.55 -40.41 -144.67
C PRO V 161 2.36 -41.61 -145.60
N VAL V 162 3.45 -42.32 -145.89
CA VAL V 162 3.39 -43.48 -146.77
C VAL V 162 2.21 -44.39 -146.42
N LYS V 163 1.93 -44.52 -145.13
CA LYS V 163 0.83 -45.36 -144.66
C LYS V 163 -0.50 -44.64 -144.85
N GLY V 164 -1.39 -45.25 -145.62
CA GLY V 164 -2.69 -44.66 -145.87
C GLY V 164 -3.24 -45.10 -147.21
N GLY V 165 -4.48 -44.75 -147.50
CA GLY V 165 -5.09 -45.12 -148.76
C GLY V 165 -4.48 -44.36 -149.92
N PHE V 166 -3.23 -44.68 -150.24
CA PHE V 166 -2.52 -44.03 -151.34
C PHE V 166 -2.49 -42.52 -151.14
N GLN V 167 -2.88 -42.08 -149.94
CA GLN V 167 -2.89 -40.66 -149.63
C GLN V 167 -1.63 -40.00 -150.15
N ALA V 168 -0.52 -40.72 -150.05
CA ALA V 168 0.77 -40.22 -150.51
C ALA V 168 0.81 -40.26 -152.04
N LEU V 169 0.75 -41.45 -152.61
CA LEU V 169 0.78 -41.62 -154.06
C LEU V 169 -0.21 -40.66 -154.71
N LYS V 170 -1.45 -40.70 -154.24
CA LYS V 170 -2.50 -39.83 -154.77
C LYS V 170 -2.13 -38.36 -154.57
N GLY V 171 -2.23 -37.90 -153.33
CA GLY V 171 -1.93 -36.52 -153.02
C GLY V 171 -0.68 -35.97 -153.68
N ILE V 172 0.33 -36.82 -153.86
CA ILE V 172 1.58 -36.40 -154.49
C ILE V 172 1.51 -36.40 -156.00
N ILE V 173 1.25 -37.56 -156.60
CA ILE V 173 1.17 -37.67 -158.05
C ILE V 173 0.19 -36.64 -158.60
N ASN V 174 -0.88 -36.38 -157.85
CA ASN V 174 -1.89 -35.42 -158.27
C ASN V 174 -1.46 -33.99 -157.99
N SER V 175 -0.43 -33.84 -157.14
CA SER V 175 0.09 -32.53 -156.81
C SER V 175 1.21 -32.19 -157.78
N ILE V 176 1.73 -33.22 -158.43
CA ILE V 176 2.80 -33.07 -159.41
C ILE V 176 2.19 -32.83 -160.79
N LEU V 177 1.07 -33.52 -161.05
CA LEU V 177 0.37 -33.37 -162.32
C LEU V 177 -0.41 -32.06 -162.33
N ALA V 178 -0.53 -31.46 -161.16
CA ALA V 178 -1.24 -30.19 -161.02
C ALA V 178 -0.35 -29.07 -161.55
N GLN V 179 0.77 -29.47 -162.13
CA GLN V 179 1.73 -28.53 -162.69
C GLN V 179 1.98 -28.85 -164.16
N SER V 180 1.45 -30.00 -164.60
CA SER V 180 1.59 -30.44 -165.99
C SER V 180 0.48 -29.85 -166.84
N CYS V 181 0.66 -29.92 -168.16
CA CYS V 181 -0.34 -29.38 -169.09
C CYS V 181 -1.41 -30.43 -169.37
N THR W 1 101.79 -30.31 -91.64
CA THR W 1 102.61 -29.08 -91.56
C THR W 1 103.32 -28.80 -92.88
N VAL W 2 102.91 -29.51 -93.93
CA VAL W 2 103.51 -29.35 -95.25
C VAL W 2 103.40 -27.89 -95.71
N PRO W 3 104.51 -27.32 -96.20
CA PRO W 3 104.57 -25.94 -96.69
C PRO W 3 103.57 -25.65 -97.81
N ASP W 4 102.74 -24.63 -97.60
CA ASP W 4 101.75 -24.22 -98.59
C ASP W 4 101.21 -22.84 -98.24
N ARG W 5 101.82 -21.81 -98.82
CA ARG W 5 101.42 -20.43 -98.56
C ARG W 5 100.06 -20.15 -99.18
N ASP W 6 99.93 -20.43 -100.47
CA ASP W 6 98.67 -20.22 -101.19
C ASP W 6 97.49 -20.75 -100.38
N ASN W 7 97.73 -21.84 -99.65
CA ASN W 7 96.70 -22.46 -98.82
C ASN W 7 95.62 -23.12 -99.67
N ASP W 8 95.92 -23.35 -100.95
CA ASP W 8 94.97 -23.97 -101.85
C ASP W 8 94.87 -25.48 -101.64
N GLY W 9 95.96 -26.08 -101.18
CA GLY W 9 95.94 -27.51 -100.95
C GLY W 9 96.97 -28.27 -101.75
N ILE W 10 97.86 -27.53 -102.41
CA ILE W 10 98.91 -28.15 -103.21
C ILE W 10 100.26 -27.67 -102.72
N PRO W 11 100.94 -28.50 -101.90
CA PRO W 11 102.26 -28.20 -101.33
C PRO W 11 103.19 -27.51 -102.30
N ASP W 12 103.59 -26.28 -101.94
CA ASP W 12 104.49 -25.47 -102.75
C ASP W 12 105.23 -26.26 -103.81
N SER W 13 106.27 -26.96 -103.38
CA SER W 13 107.07 -27.78 -104.29
C SER W 13 106.21 -28.36 -105.40
N LEU W 14 105.31 -29.26 -105.03
CA LEU W 14 104.41 -29.90 -105.99
C LEU W 14 103.92 -28.93 -107.04
N GLU W 15 103.38 -27.81 -106.57
CA GLU W 15 102.84 -26.80 -107.46
C GLU W 15 103.90 -26.06 -108.28
N VAL W 16 105.15 -26.11 -107.82
CA VAL W 16 106.22 -25.43 -108.54
C VAL W 16 107.03 -26.37 -109.42
N GLU W 17 107.41 -27.50 -108.86
CA GLU W 17 108.21 -28.51 -109.56
C GLU W 17 107.36 -29.44 -110.43
N GLY W 18 106.06 -29.20 -110.46
CA GLY W 18 105.17 -30.03 -111.27
C GLY W 18 104.42 -31.07 -110.47
N TYR W 19 103.18 -31.31 -110.86
CA TYR W 19 102.35 -32.29 -110.19
C TYR W 19 101.18 -32.71 -111.08
N THR W 20 100.32 -33.55 -110.54
CA THR W 20 99.16 -34.03 -111.24
C THR W 20 98.41 -34.94 -110.28
N VAL W 21 97.30 -35.51 -110.74
CA VAL W 21 96.52 -36.37 -109.87
C VAL W 21 95.94 -37.56 -110.61
N ASP W 22 95.86 -38.68 -109.90
CA ASP W 22 95.31 -39.92 -110.42
C ASP W 22 94.46 -40.56 -109.33
N VAL W 23 93.94 -41.75 -109.60
CA VAL W 23 93.10 -42.45 -108.64
C VAL W 23 93.52 -43.90 -108.41
N LYS W 24 94.15 -44.16 -107.26
CA LYS W 24 94.60 -45.49 -106.89
C LYS W 24 93.39 -46.42 -106.83
N ASN W 25 92.98 -46.80 -105.63
CA ASN W 25 91.82 -47.66 -105.49
C ASN W 25 90.71 -46.91 -106.19
N LYS W 26 90.10 -45.99 -105.48
CA LYS W 26 89.03 -45.17 -106.04
C LYS W 26 89.16 -43.79 -105.42
N ARG W 27 90.35 -43.52 -104.87
CA ARG W 27 90.61 -42.25 -104.24
C ARG W 27 91.49 -41.41 -105.14
N THR W 28 91.48 -40.09 -104.93
CA THR W 28 92.29 -39.19 -105.73
C THR W 28 93.55 -38.79 -105.01
N PHE W 29 94.70 -39.12 -105.60
CA PHE W 29 95.98 -38.79 -104.99
C PHE W 29 96.71 -37.69 -105.74
N LEU W 30 97.04 -36.62 -105.04
CA LEU W 30 97.78 -35.51 -105.62
C LEU W 30 99.25 -35.83 -105.41
N SER W 31 99.94 -36.20 -106.48
CA SER W 31 101.35 -36.57 -106.40
C SER W 31 102.25 -35.77 -107.35
N PRO W 32 103.55 -35.68 -107.02
CA PRO W 32 104.51 -34.95 -107.85
C PRO W 32 104.70 -35.63 -109.20
N TRP W 33 105.35 -34.93 -110.13
CA TRP W 33 105.56 -35.47 -111.46
C TRP W 33 106.52 -36.64 -111.51
N ILE W 34 106.25 -37.57 -112.42
CA ILE W 34 107.10 -38.75 -112.61
C ILE W 34 107.08 -39.10 -114.09
N SER W 35 107.99 -38.48 -114.84
CA SER W 35 108.11 -38.70 -116.28
C SER W 35 107.84 -40.15 -116.67
N ASN W 36 108.18 -41.06 -115.77
CA ASN W 36 107.97 -42.48 -116.01
C ASN W 36 106.49 -42.85 -115.96
N ILE W 37 106.13 -43.61 -114.93
CA ILE W 37 104.76 -44.07 -114.73
C ILE W 37 103.66 -43.07 -115.07
N HIS W 38 103.89 -41.78 -114.80
CA HIS W 38 102.88 -40.77 -115.07
C HIS W 38 102.64 -40.51 -116.56
N GLU W 39 103.66 -39.97 -117.24
CA GLU W 39 103.56 -39.64 -118.66
C GLU W 39 103.01 -40.78 -119.50
N LYS W 40 102.98 -41.98 -118.92
CA LYS W 40 102.48 -43.16 -119.60
C LYS W 40 100.96 -43.26 -119.53
N LYS W 41 100.43 -43.25 -118.31
CA LYS W 41 98.99 -43.37 -118.10
C LYS W 41 98.17 -42.29 -118.81
N GLY W 42 98.86 -41.30 -119.39
CA GLY W 42 98.17 -40.25 -120.11
C GLY W 42 97.89 -38.97 -119.36
N LEU W 43 98.30 -38.90 -118.09
CA LEU W 43 98.08 -37.72 -117.28
C LEU W 43 98.79 -36.50 -117.87
N THR W 44 98.83 -35.41 -117.11
CA THR W 44 99.48 -34.19 -117.57
C THR W 44 100.36 -33.60 -116.46
N LYS W 45 101.23 -32.68 -116.85
CA LYS W 45 102.12 -32.03 -115.88
C LYS W 45 101.50 -30.69 -115.50
N TYR W 46 100.80 -30.67 -114.37
CA TYR W 46 100.16 -29.44 -113.90
C TYR W 46 101.10 -28.61 -113.03
N LYS W 47 101.85 -27.72 -113.65
CA LYS W 47 102.76 -26.86 -112.92
C LYS W 47 102.09 -25.50 -112.75
N SER W 48 101.66 -25.20 -111.53
CA SER W 48 101.00 -23.93 -111.25
C SER W 48 101.84 -23.00 -110.38
N SER W 49 101.19 -22.09 -109.67
CA SER W 49 101.90 -21.16 -108.79
C SER W 49 101.44 -21.30 -107.35
N PRO W 50 102.41 -21.31 -106.43
CA PRO W 50 102.20 -21.44 -104.99
C PRO W 50 101.74 -20.20 -104.24
N GLU W 51 101.83 -19.03 -104.84
CA GLU W 51 101.40 -17.85 -104.11
C GLU W 51 100.06 -17.28 -104.53
N LYS W 52 99.34 -18.01 -105.37
CA LYS W 52 98.03 -17.56 -105.82
C LYS W 52 96.99 -18.65 -105.64
N TRP W 53 95.86 -18.30 -105.05
CA TRP W 53 94.78 -19.24 -104.80
C TRP W 53 94.30 -19.84 -106.12
N SER W 54 94.47 -19.07 -107.19
CA SER W 54 94.09 -19.51 -108.52
C SER W 54 94.97 -18.72 -109.47
N THR W 55 96.07 -19.33 -109.87
CA THR W 55 97.02 -18.67 -110.76
C THR W 55 96.38 -17.87 -111.89
N ALA W 56 95.22 -18.30 -112.34
CA ALA W 56 94.54 -17.60 -113.42
C ALA W 56 93.78 -16.38 -112.88
N SER W 57 93.57 -16.37 -111.58
CA SER W 57 92.87 -15.30 -110.86
C SER W 57 91.39 -15.62 -110.75
N ASP W 58 90.84 -16.30 -111.75
CA ASP W 58 89.43 -16.65 -111.74
C ASP W 58 89.07 -17.32 -110.42
N PRO W 59 87.78 -17.36 -110.10
CA PRO W 59 87.28 -17.96 -108.86
C PRO W 59 87.35 -19.47 -108.78
N TYR W 60 88.55 -20.02 -108.88
CA TYR W 60 88.71 -21.46 -108.82
C TYR W 60 90.12 -21.87 -108.40
N SER W 61 90.28 -22.29 -107.15
CA SER W 61 91.58 -22.67 -106.63
C SER W 61 92.26 -23.68 -107.54
N ASP W 62 93.54 -23.44 -107.83
CA ASP W 62 94.32 -24.33 -108.67
C ASP W 62 93.89 -25.75 -108.31
N PHE W 63 93.92 -26.02 -107.00
CA PHE W 63 93.53 -27.33 -106.53
C PHE W 63 92.14 -27.68 -107.01
N GLU W 64 91.17 -26.85 -106.63
CA GLU W 64 89.78 -27.08 -107.03
C GLU W 64 89.64 -27.58 -108.46
N LYS W 65 90.49 -27.08 -109.35
CA LYS W 65 90.42 -27.50 -110.75
C LYS W 65 90.96 -28.91 -110.96
N VAL W 66 92.26 -29.08 -110.86
CA VAL W 66 92.88 -30.38 -111.05
C VAL W 66 92.18 -31.49 -110.28
N THR W 67 91.87 -31.24 -109.02
CA THR W 67 91.22 -32.24 -108.19
C THR W 67 89.84 -32.59 -108.75
N GLY W 68 89.23 -31.65 -109.46
CA GLY W 68 87.92 -31.88 -110.03
C GLY W 68 86.78 -31.44 -109.12
N ARG W 69 87.13 -31.03 -107.91
CA ARG W 69 86.15 -30.57 -106.94
C ARG W 69 85.80 -29.13 -107.28
N ILE W 70 84.95 -28.95 -108.29
CA ILE W 70 84.56 -27.63 -108.75
C ILE W 70 83.25 -27.71 -109.55
N ASP W 71 82.65 -26.55 -109.82
CA ASP W 71 81.42 -26.50 -110.59
C ASP W 71 81.63 -27.28 -111.89
N LYS W 72 80.94 -28.40 -112.01
CA LYS W 72 81.09 -29.25 -113.17
C LYS W 72 80.85 -28.61 -114.53
N ASN W 73 80.35 -27.39 -114.56
CA ASN W 73 80.12 -26.75 -115.85
C ASN W 73 81.37 -26.14 -116.44
N VAL W 74 82.33 -25.79 -115.59
CA VAL W 74 83.58 -25.18 -116.07
C VAL W 74 84.16 -25.96 -117.22
N SER W 75 84.41 -25.27 -118.33
CA SER W 75 84.98 -25.89 -119.52
C SER W 75 86.17 -26.78 -119.16
N PRO W 76 86.31 -27.92 -119.85
CA PRO W 76 87.41 -28.83 -119.56
C PRO W 76 88.77 -28.15 -119.62
N GLU W 77 89.13 -27.64 -120.80
CA GLU W 77 90.40 -26.97 -121.00
C GLU W 77 90.68 -25.88 -119.98
N ALA W 78 89.69 -25.56 -119.16
CA ALA W 78 89.85 -24.53 -118.15
C ALA W 78 90.06 -25.19 -116.81
N ARG W 79 89.89 -26.50 -116.78
CA ARG W 79 90.07 -27.25 -115.55
C ARG W 79 91.55 -27.21 -115.18
N HIS W 80 92.37 -26.67 -116.08
CA HIS W 80 93.82 -26.57 -115.89
C HIS W 80 94.20 -25.27 -115.16
N PRO W 81 95.15 -25.37 -114.22
CA PRO W 81 95.65 -24.25 -113.42
C PRO W 81 96.12 -23.01 -114.17
N LEU W 82 96.39 -23.13 -115.46
CA LEU W 82 96.88 -21.98 -116.21
C LEU W 82 95.95 -21.48 -117.31
N VAL W 83 94.72 -21.98 -117.34
CA VAL W 83 93.76 -21.55 -118.34
C VAL W 83 92.61 -20.79 -117.71
N ALA W 84 92.48 -19.53 -118.10
CA ALA W 84 91.42 -18.68 -117.57
C ALA W 84 90.10 -19.40 -117.57
N ALA W 85 89.32 -19.21 -116.52
CA ALA W 85 88.02 -19.83 -116.41
C ALA W 85 86.93 -18.78 -116.27
N TYR W 86 86.92 -17.82 -117.19
CA TYR W 86 85.93 -16.76 -117.15
C TYR W 86 84.90 -16.94 -118.24
N PRO W 87 83.71 -16.32 -118.08
CA PRO W 87 82.65 -16.41 -119.06
C PRO W 87 82.77 -15.34 -120.12
N ILE W 88 82.35 -15.67 -121.33
CA ILE W 88 82.40 -14.72 -122.43
C ILE W 88 81.13 -14.94 -123.25
N VAL W 89 80.24 -13.95 -123.21
CA VAL W 89 78.97 -14.04 -123.91
C VAL W 89 78.78 -12.95 -124.95
N HIS W 90 78.19 -13.33 -126.08
CA HIS W 90 77.90 -12.41 -127.16
C HIS W 90 76.49 -12.72 -127.61
N VAL W 91 75.86 -11.81 -128.36
CA VAL W 91 74.49 -12.04 -128.80
C VAL W 91 74.32 -12.43 -130.25
N ASP W 92 73.55 -13.49 -130.49
CA ASP W 92 73.28 -13.96 -131.84
C ASP W 92 71.86 -13.61 -132.21
N MET W 93 71.69 -13.09 -133.41
CA MET W 93 70.37 -12.70 -133.92
C MET W 93 70.03 -13.58 -135.11
N GLU W 94 69.13 -14.53 -134.91
CA GLU W 94 68.75 -15.45 -135.98
C GLU W 94 67.98 -14.82 -137.14
N ASN W 95 66.99 -14.00 -136.82
CA ASN W 95 66.20 -13.36 -137.87
C ASN W 95 65.48 -12.11 -137.37
N ILE W 96 65.35 -11.13 -138.25
CA ILE W 96 64.68 -9.89 -137.91
C ILE W 96 63.39 -9.76 -138.71
N ILE W 97 62.60 -8.76 -138.37
CA ILE W 97 61.34 -8.53 -139.06
C ILE W 97 61.00 -7.06 -139.05
N LEU W 98 61.17 -6.42 -140.20
CA LEU W 98 60.88 -5.00 -140.35
C LEU W 98 59.45 -4.80 -140.82
N SER W 99 58.75 -3.86 -140.19
CA SER W 99 57.37 -3.57 -140.55
C SER W 99 57.06 -2.09 -140.36
N LYS W 100 56.04 -1.60 -141.08
CA LYS W 100 55.63 -0.21 -140.99
C LYS W 100 54.91 0.00 -139.67
N ASN W 101 55.39 0.94 -138.87
CA ASN W 101 54.78 1.21 -137.58
C ASN W 101 53.28 1.43 -137.72
N GLU W 102 52.49 0.72 -136.91
CA GLU W 102 51.04 0.81 -136.95
C GLU W 102 50.57 2.25 -137.00
N ASP W 110 44.81 -4.73 -142.02
CA ASP W 110 44.90 -5.04 -143.45
C ASP W 110 46.36 -5.22 -143.85
N SER W 111 47.27 -4.96 -142.91
CA SER W 111 48.70 -5.09 -143.18
C SER W 111 49.19 -6.50 -142.85
N GLN W 112 49.56 -7.24 -143.88
CA GLN W 112 50.05 -8.61 -143.71
C GLN W 112 51.26 -8.88 -144.60
N THR W 113 51.25 -8.30 -145.80
CA THR W 113 52.36 -8.46 -146.74
C THR W 113 53.20 -7.19 -146.83
N ARG W 114 52.83 -6.19 -146.03
CA ARG W 114 53.55 -4.92 -146.00
C ARG W 114 54.72 -5.06 -145.04
N THR W 115 55.11 -6.30 -144.77
CA THR W 115 56.21 -6.58 -143.83
C THR W 115 57.28 -7.49 -144.41
N ILE W 116 58.53 -7.11 -144.23
CA ILE W 116 59.66 -7.90 -144.72
C ILE W 116 60.24 -8.70 -143.56
N SER W 117 60.57 -9.96 -143.82
CA SER W 117 61.13 -10.83 -142.80
C SER W 117 62.29 -11.65 -143.35
N LYS W 118 63.51 -11.16 -143.15
CA LYS W 118 64.70 -11.85 -143.64
C LYS W 118 65.46 -12.50 -142.49
N ASN W 119 66.27 -13.50 -142.82
CA ASN W 119 67.07 -14.21 -141.83
C ASN W 119 68.36 -13.44 -141.62
N THR W 120 69.15 -13.87 -140.63
CA THR W 120 70.42 -13.18 -140.35
C THR W 120 71.54 -14.12 -139.94
N SER W 121 72.77 -13.66 -140.14
CA SER W 121 73.95 -14.45 -139.79
C SER W 121 74.83 -13.66 -138.83
N THR W 122 74.85 -14.08 -137.57
CA THR W 122 75.65 -13.40 -136.56
C THR W 122 76.97 -14.14 -136.32
N SER W 123 77.96 -13.44 -135.78
CA SER W 123 79.27 -14.03 -135.50
C SER W 123 80.14 -13.09 -134.68
N ARG W 124 80.68 -13.58 -133.58
CA ARG W 124 81.54 -12.75 -132.73
C ARG W 124 82.54 -12.05 -133.61
N THR W 125 83.03 -10.90 -133.18
CA THR W 125 83.98 -10.14 -133.97
C THR W 125 85.22 -9.81 -133.15
N HIS W 126 86.10 -8.99 -133.71
CA HIS W 126 87.33 -8.60 -133.03
C HIS W 126 88.01 -7.47 -133.79
N THR W 127 87.20 -6.52 -134.26
CA THR W 127 87.69 -5.37 -135.01
C THR W 127 89.09 -4.90 -134.64
N SER W 128 89.96 -4.81 -135.64
CA SER W 128 91.33 -4.37 -135.45
C SER W 128 91.45 -2.92 -135.91
N GLU W 129 92.66 -2.50 -136.27
CA GLU W 129 92.88 -1.13 -136.72
C GLU W 129 92.66 -1.01 -138.23
N VAL W 130 92.72 0.22 -138.73
CA VAL W 130 92.53 0.48 -140.15
C VAL W 130 93.82 0.24 -140.93
N HIS W 131 93.90 0.82 -142.11
CA HIS W 131 95.08 0.67 -142.97
C HIS W 131 96.20 1.60 -142.51
N GLY W 132 95.93 2.91 -142.57
CA GLY W 132 96.92 3.88 -142.17
C GLY W 132 96.68 5.25 -142.77
N ASN W 133 95.47 5.78 -142.58
CA ASN W 133 95.12 7.09 -143.12
C ASN W 133 93.88 7.67 -142.44
N ALA W 134 93.12 6.82 -141.76
CA ALA W 134 91.91 7.25 -141.07
C ALA W 134 92.22 8.38 -140.09
N GLU W 135 91.75 9.58 -140.40
CA GLU W 135 91.98 10.74 -139.56
C GLU W 135 91.51 10.51 -138.13
N VAL W 136 92.45 10.25 -137.24
CA VAL W 136 92.13 10.02 -135.83
C VAL W 136 92.54 11.22 -135.00
N HIS W 137 91.67 11.64 -134.09
CA HIS W 137 91.93 12.79 -133.24
C HIS W 137 93.30 12.72 -132.58
N ALA W 138 93.88 13.89 -132.32
CA ALA W 138 95.20 14.00 -131.71
C ALA W 138 95.37 13.15 -130.46
N SER W 139 94.26 12.90 -129.77
CA SER W 139 94.30 12.10 -128.54
C SER W 139 94.52 10.62 -128.84
N PHE W 140 95.12 10.33 -129.98
CA PHE W 140 95.39 8.95 -130.37
C PHE W 140 96.79 8.48 -129.98
N PHE W 141 97.75 9.41 -130.01
CA PHE W 141 99.12 9.07 -129.66
C PHE W 141 99.47 9.45 -128.23
N ASP W 142 98.51 9.29 -127.33
CA ASP W 142 98.72 9.60 -125.92
C ASP W 142 98.80 8.30 -125.13
N ILE W 143 98.94 8.43 -123.80
CA ILE W 143 99.02 7.26 -122.95
C ILE W 143 97.62 6.76 -122.59
N GLY W 144 97.30 5.56 -123.08
CA GLY W 144 95.99 4.97 -122.81
C GLY W 144 94.91 5.63 -123.63
N GLY W 145 95.08 6.92 -123.90
CA GLY W 145 94.10 7.66 -124.68
C GLY W 145 93.98 7.19 -126.12
N SER W 146 92.82 6.63 -126.45
CA SER W 146 92.53 6.15 -127.79
C SER W 146 93.42 4.99 -128.25
N VAL W 147 94.48 4.72 -127.49
CA VAL W 147 95.39 3.63 -127.84
C VAL W 147 94.73 2.29 -127.49
N SER W 148 93.74 1.93 -128.30
CA SER W 148 93.02 0.67 -128.09
C SER W 148 93.90 -0.52 -128.43
N ALA W 149 95.11 -0.24 -128.88
CA ALA W 149 96.08 -1.28 -129.25
C ALA W 149 95.47 -2.24 -130.27
N GLY W 150 94.59 -1.72 -131.11
CA GLY W 150 93.95 -2.54 -132.12
C GLY W 150 92.67 -3.19 -131.62
N PHE W 151 92.82 -4.05 -130.61
CA PHE W 151 91.68 -4.74 -130.03
C PHE W 151 91.85 -4.93 -128.53
N SER W 152 90.75 -4.79 -127.79
CA SER W 152 90.78 -4.95 -126.34
C SER W 152 89.58 -5.75 -125.81
N ASN W 153 89.38 -5.67 -124.49
CA ASN W 153 88.31 -6.39 -123.82
C ASN W 153 86.93 -5.79 -124.01
N SER W 154 86.05 -6.56 -124.65
CA SER W 154 84.67 -6.15 -124.91
C SER W 154 84.04 -7.05 -125.97
N ASN W 155 82.85 -7.55 -125.67
CA ASN W 155 82.14 -8.43 -126.60
C ASN W 155 81.32 -7.63 -127.59
N SER W 156 81.53 -7.87 -128.88
CA SER W 156 80.80 -7.17 -129.92
C SER W 156 80.52 -8.09 -131.10
N SER W 157 79.29 -8.58 -131.19
CA SER W 157 78.90 -9.45 -132.29
C SER W 157 78.49 -8.63 -133.49
N THR W 158 78.24 -9.29 -134.61
CA THR W 158 77.83 -8.59 -135.81
C THR W 158 76.90 -9.45 -136.66
N VAL W 159 75.75 -8.89 -137.01
CA VAL W 159 74.78 -9.59 -137.83
C VAL W 159 74.72 -9.01 -139.22
N ALA W 160 74.18 -9.80 -140.14
CA ALA W 160 74.04 -9.39 -141.53
C ALA W 160 72.66 -9.86 -141.94
N ILE W 161 71.94 -9.02 -142.68
CA ILE W 161 70.61 -9.38 -143.11
C ILE W 161 70.59 -10.05 -144.47
N ASP W 162 69.91 -11.18 -144.56
CA ASP W 162 69.80 -11.93 -145.80
C ASP W 162 69.45 -10.98 -146.93
N HIS W 163 70.38 -10.79 -147.86
CA HIS W 163 70.17 -9.88 -148.97
C HIS W 163 69.36 -10.50 -150.10
N SER W 164 69.09 -11.80 -149.99
CA SER W 164 68.32 -12.50 -151.01
C SER W 164 66.87 -12.03 -151.08
N LEU W 165 66.03 -12.81 -151.75
CA LEU W 165 64.62 -12.47 -151.90
C LEU W 165 63.72 -13.17 -150.91
N SER W 166 62.50 -12.66 -150.77
CA SER W 166 61.51 -13.23 -149.86
C SER W 166 60.21 -13.43 -150.61
N LEU W 167 59.96 -12.57 -151.59
CA LEU W 167 58.75 -12.64 -152.40
C LEU W 167 59.12 -12.79 -153.87
N ALA W 168 58.24 -12.33 -154.76
CA ALA W 168 58.48 -12.44 -156.19
C ALA W 168 59.44 -11.38 -156.69
N GLY W 169 58.95 -10.47 -157.52
CA GLY W 169 59.80 -9.42 -158.06
C GLY W 169 59.98 -8.23 -157.14
N GLU W 170 59.96 -8.47 -155.83
CA GLU W 170 60.13 -7.38 -154.87
C GLU W 170 61.33 -6.51 -155.26
N ARG W 171 61.29 -5.26 -154.83
CA ARG W 171 62.36 -4.32 -155.14
C ARG W 171 62.30 -3.13 -154.21
N THR W 172 63.42 -2.84 -153.56
CA THR W 172 63.52 -1.73 -152.62
C THR W 172 62.48 -1.90 -151.50
N TRP W 173 62.93 -2.36 -150.34
CA TRP W 173 62.04 -2.58 -149.21
C TRP W 173 60.96 -1.51 -149.16
N ALA W 174 61.33 -0.28 -149.53
CA ALA W 174 60.40 0.83 -149.54
C ALA W 174 59.06 0.42 -150.14
N GLU W 175 58.99 0.37 -151.47
CA GLU W 175 57.77 0.00 -152.17
C GLU W 175 57.16 -1.29 -151.63
N THR W 176 58.02 -2.16 -151.13
CA THR W 176 57.57 -3.44 -150.59
C THR W 176 56.65 -3.24 -149.37
N MET W 177 57.12 -2.42 -148.44
CA MET W 177 56.36 -2.13 -147.22
C MET W 177 55.41 -0.96 -147.45
N GLY W 178 55.96 0.14 -147.96
CA GLY W 178 55.16 1.32 -148.20
C GLY W 178 55.55 2.42 -147.23
N LEU W 179 56.84 2.69 -147.14
CA LEU W 179 57.33 3.72 -146.24
C LEU W 179 57.67 5.01 -146.99
N ASN W 180 57.08 6.11 -146.54
CA ASN W 180 57.31 7.42 -147.15
C ASN W 180 57.92 8.35 -146.11
N THR W 181 58.73 9.30 -146.60
CA THR W 181 59.42 10.28 -145.75
C THR W 181 58.84 10.47 -144.34
N ALA W 182 57.54 10.73 -144.25
CA ALA W 182 56.89 10.96 -142.96
C ALA W 182 56.35 9.68 -142.33
N ASP W 183 57.16 8.63 -142.31
CA ASP W 183 56.73 7.37 -141.72
C ASP W 183 57.78 6.78 -140.78
N THR W 184 57.32 5.89 -139.91
CA THR W 184 58.20 5.24 -138.94
C THR W 184 58.11 3.72 -139.09
N ALA W 185 59.26 3.06 -139.05
CA ALA W 185 59.32 1.62 -139.17
C ALA W 185 59.75 1.00 -137.85
N ARG W 186 59.01 -0.01 -137.42
CA ARG W 186 59.30 -0.71 -136.18
C ARG W 186 60.09 -1.97 -136.45
N LEU W 187 61.20 -2.13 -135.74
CA LEU W 187 62.05 -3.30 -135.88
C LEU W 187 61.73 -4.31 -134.80
N ASN W 188 61.99 -5.58 -135.08
CA ASN W 188 61.74 -6.66 -134.15
C ASN W 188 62.59 -7.83 -134.58
N ALA W 189 63.02 -8.66 -133.64
CA ALA W 189 63.85 -9.80 -133.99
C ALA W 189 63.89 -10.86 -132.91
N ASN W 190 64.43 -12.01 -133.26
CA ASN W 190 64.58 -13.13 -132.34
C ASN W 190 66.07 -13.35 -132.11
N ILE W 191 66.52 -13.13 -130.88
CA ILE W 191 67.91 -13.30 -130.58
C ILE W 191 68.12 -14.24 -129.43
N ARG W 192 69.34 -14.78 -129.34
CA ARG W 192 69.71 -15.70 -128.28
C ARG W 192 71.10 -15.42 -127.73
N TYR W 193 71.20 -15.38 -126.40
CA TYR W 193 72.48 -15.14 -125.76
C TYR W 193 73.23 -16.44 -125.91
N VAL W 194 74.54 -16.37 -126.06
CA VAL W 194 75.35 -17.57 -126.20
C VAL W 194 76.74 -17.37 -125.62
N ASN W 195 77.09 -18.24 -124.69
CA ASN W 195 78.39 -18.17 -124.02
C ASN W 195 79.46 -18.85 -124.84
N THR W 196 80.62 -18.21 -124.94
CA THR W 196 81.72 -18.75 -125.72
C THR W 196 82.97 -18.99 -124.88
N GLY W 197 82.97 -18.45 -123.66
CA GLY W 197 84.12 -18.61 -122.80
C GLY W 197 84.46 -19.98 -122.24
N THR W 198 84.73 -20.02 -120.94
CA THR W 198 85.11 -21.24 -120.24
C THR W 198 84.35 -21.40 -118.93
N ALA W 199 83.61 -20.37 -118.54
CA ALA W 199 82.83 -20.41 -117.30
C ALA W 199 81.36 -20.13 -117.59
N PRO W 200 80.46 -20.52 -116.68
CA PRO W 200 79.03 -20.29 -116.88
C PRO W 200 78.47 -19.13 -116.05
N ILE W 201 77.32 -18.60 -116.47
CA ILE W 201 76.67 -17.53 -115.74
C ILE W 201 75.36 -18.11 -115.24
N TYR W 202 75.07 -17.92 -113.95
CA TYR W 202 73.85 -18.51 -113.39
C TYR W 202 72.60 -17.66 -113.22
N ASN W 203 72.68 -16.35 -113.49
CA ASN W 203 71.47 -15.53 -113.34
C ASN W 203 71.35 -14.33 -114.26
N VAL W 204 71.79 -13.15 -113.80
CA VAL W 204 71.70 -11.94 -114.59
C VAL W 204 72.48 -11.99 -115.90
N LEU W 205 71.77 -11.86 -117.03
CA LEU W 205 72.41 -11.87 -118.33
C LEU W 205 72.95 -10.48 -118.63
N PRO W 206 73.76 -10.34 -119.69
CA PRO W 206 74.35 -9.06 -120.07
C PRO W 206 73.38 -8.04 -120.64
N THR W 207 73.80 -6.78 -120.59
CA THR W 207 73.00 -5.67 -121.10
C THR W 207 73.51 -5.28 -122.49
N THR W 208 73.12 -6.06 -123.49
CA THR W 208 73.57 -5.79 -124.85
C THR W 208 72.76 -4.69 -125.53
N SER W 209 73.46 -3.83 -126.26
CA SER W 209 72.85 -2.72 -126.98
C SER W 209 72.96 -2.88 -128.49
N LEU W 210 71.83 -2.76 -129.18
CA LEU W 210 71.78 -2.91 -130.63
C LEU W 210 72.07 -1.58 -131.32
N VAL W 211 73.12 -1.57 -132.14
CA VAL W 211 73.51 -0.35 -132.85
C VAL W 211 73.37 -0.49 -134.36
N LEU W 212 73.26 0.65 -135.03
CA LEU W 212 73.12 0.72 -136.48
C LEU W 212 74.08 1.76 -137.04
N GLY W 213 75.13 1.30 -137.71
CA GLY W 213 76.08 2.23 -138.27
C GLY W 213 77.26 2.45 -137.34
N LYS W 214 77.63 3.71 -137.11
CA LYS W 214 78.77 4.01 -136.25
C LYS W 214 78.41 4.49 -134.85
N ASN W 215 77.15 4.85 -134.64
CA ASN W 215 76.73 5.32 -133.32
C ASN W 215 75.22 5.34 -133.12
N GLN W 216 74.46 5.20 -134.20
CA GLN W 216 73.01 5.20 -134.10
C GLN W 216 72.48 3.97 -133.38
N THR W 217 72.19 4.13 -132.09
CA THR W 217 71.68 3.03 -131.28
C THR W 217 70.19 2.88 -131.54
N LEU W 218 69.76 1.67 -131.87
CA LEU W 218 68.35 1.44 -132.15
C LEU W 218 67.58 0.97 -130.92
N ALA W 219 68.33 0.55 -129.90
CA ALA W 219 67.73 0.08 -128.65
C ALA W 219 68.80 -0.53 -127.76
N THR W 220 68.42 -0.90 -126.54
CA THR W 220 69.34 -1.50 -125.60
C THR W 220 68.64 -2.62 -124.86
N ILE W 221 68.86 -3.86 -125.30
CA ILE W 221 68.22 -5.02 -124.68
C ILE W 221 68.93 -5.52 -123.43
N LYS W 222 68.16 -5.65 -122.36
CA LYS W 222 68.65 -6.11 -121.07
C LYS W 222 67.53 -6.78 -120.27
N ALA W 223 67.10 -7.95 -120.73
CA ALA W 223 66.03 -8.70 -120.07
C ALA W 223 66.22 -8.70 -118.54
N LYS W 224 65.10 -8.66 -117.83
CA LYS W 224 65.08 -8.62 -116.36
C LYS W 224 66.10 -9.51 -115.67
N GLU W 225 66.57 -9.05 -114.51
CA GLU W 225 67.55 -9.78 -113.71
C GLU W 225 66.87 -10.77 -112.77
N ASN W 226 67.55 -11.86 -112.47
CA ASN W 226 67.02 -12.90 -111.59
C ASN W 226 65.76 -13.53 -112.20
N GLN W 227 65.21 -12.85 -113.19
CA GLN W 227 64.01 -13.31 -113.88
C GLN W 227 64.22 -14.74 -114.37
N LEU W 228 65.46 -15.05 -114.73
CA LEU W 228 65.79 -16.38 -115.21
C LEU W 228 66.71 -17.12 -114.25
N SER W 229 66.53 -18.44 -114.17
CA SER W 229 67.34 -19.27 -113.31
C SER W 229 68.10 -20.25 -114.19
N GLN W 230 67.85 -20.18 -115.49
CA GLN W 230 68.52 -21.04 -116.46
C GLN W 230 70.01 -20.77 -116.38
N ILE W 231 70.81 -21.68 -116.93
CA ILE W 231 72.24 -21.51 -116.89
C ILE W 231 72.84 -21.26 -118.26
N LEU W 232 73.75 -20.28 -118.32
CA LEU W 232 74.41 -19.93 -119.55
C LEU W 232 75.76 -20.63 -119.61
N ALA W 233 75.72 -21.95 -119.78
CA ALA W 233 76.92 -22.76 -119.83
C ALA W 233 77.79 -22.47 -121.05
N PRO W 234 79.05 -22.95 -121.04
CA PRO W 234 79.96 -22.73 -122.16
C PRO W 234 79.40 -23.36 -123.43
N ASN W 235 79.93 -22.95 -124.58
CA ASN W 235 79.49 -23.45 -125.86
C ASN W 235 78.08 -24.02 -125.74
N ASN W 236 77.14 -23.13 -125.45
CA ASN W 236 75.74 -23.50 -125.28
C ASN W 236 74.87 -22.25 -125.35
N TYR W 237 74.10 -22.12 -126.42
CA TYR W 237 73.22 -20.98 -126.61
C TYR W 237 72.25 -20.84 -125.44
N TYR W 238 72.08 -19.63 -124.93
CA TYR W 238 71.17 -19.39 -123.80
C TYR W 238 69.83 -20.08 -123.95
N PRO W 239 68.95 -19.52 -124.79
CA PRO W 239 67.67 -20.19 -124.92
C PRO W 239 67.91 -21.50 -125.67
N SER W 240 68.31 -22.52 -124.92
CA SER W 240 68.61 -23.84 -125.46
C SER W 240 68.10 -24.01 -126.89
N LYS W 241 69.04 -24.27 -127.80
CA LYS W 241 68.70 -24.46 -129.21
C LYS W 241 67.41 -25.27 -129.39
N ASN W 242 67.05 -26.04 -128.37
CA ASN W 242 65.85 -26.87 -128.41
C ASN W 242 64.67 -26.17 -127.74
N LEU W 243 64.66 -24.84 -127.82
CA LEU W 243 63.58 -24.05 -127.23
C LEU W 243 63.18 -22.89 -128.13
N ALA W 244 62.48 -21.92 -127.55
CA ALA W 244 62.03 -20.77 -128.30
C ALA W 244 62.96 -19.56 -128.13
N PRO W 245 63.62 -19.15 -129.22
CA PRO W 245 64.55 -18.01 -129.20
C PRO W 245 63.90 -16.74 -128.66
N ILE W 246 64.60 -16.05 -127.77
CA ILE W 246 64.09 -14.80 -127.21
C ILE W 246 63.81 -13.81 -128.33
N ALA W 247 62.76 -13.00 -128.17
CA ALA W 247 62.38 -12.01 -129.16
C ALA W 247 62.42 -10.57 -128.63
N LEU W 248 63.09 -9.68 -129.37
CA LEU W 248 63.20 -8.28 -128.97
C LEU W 248 61.81 -7.67 -128.86
N ASN W 249 61.72 -6.54 -128.16
CA ASN W 249 60.45 -5.83 -127.95
C ASN W 249 59.26 -6.51 -128.58
N ALA W 250 58.80 -7.58 -127.94
CA ALA W 250 57.66 -8.34 -128.44
C ALA W 250 57.02 -9.19 -127.33
N GLN W 251 57.36 -8.88 -126.09
CA GLN W 251 56.81 -9.62 -124.96
C GLN W 251 57.18 -9.00 -123.63
N SER W 255 56.70 -4.97 -122.70
CA SER W 255 57.21 -3.81 -123.40
C SER W 255 56.08 -2.80 -123.71
N SER W 256 56.44 -1.53 -123.81
CA SER W 256 55.48 -0.45 -124.09
C SER W 256 56.09 0.53 -125.08
N THR W 257 57.40 0.39 -125.29
CA THR W 257 58.11 1.24 -126.24
C THR W 257 58.97 0.38 -127.15
N PRO W 258 58.48 0.11 -128.36
CA PRO W 258 59.16 -0.71 -129.37
C PRO W 258 60.47 -0.12 -129.87
N ILE W 259 60.76 -0.35 -131.15
CA ILE W 259 61.98 0.13 -131.78
C ILE W 259 61.66 1.11 -132.89
N THR W 260 61.90 2.39 -132.64
CA THR W 260 61.64 3.44 -133.60
C THR W 260 62.72 3.52 -134.67
N MET W 261 62.29 3.73 -135.91
CA MET W 261 63.21 3.83 -137.03
C MET W 261 62.58 4.69 -138.13
N ASN W 262 63.15 5.86 -138.38
CA ASN W 262 62.64 6.77 -139.40
C ASN W 262 63.11 6.40 -140.80
N TYR W 263 62.46 6.99 -141.80
CA TYR W 263 62.76 6.73 -143.20
C TYR W 263 64.25 6.78 -143.52
N ASN W 264 64.94 7.82 -143.05
CA ASN W 264 66.37 7.95 -143.31
C ASN W 264 67.13 6.77 -142.73
N GLN W 265 66.75 6.35 -141.53
CA GLN W 265 67.40 5.21 -140.88
C GLN W 265 67.07 3.94 -141.65
N PHE W 266 65.78 3.64 -141.74
CA PHE W 266 65.31 2.46 -142.45
C PHE W 266 65.99 2.39 -143.80
N LEU W 267 66.39 3.54 -144.32
CA LEU W 267 67.07 3.60 -145.60
C LEU W 267 68.47 3.02 -145.44
N GLU W 268 69.23 3.54 -144.48
CA GLU W 268 70.58 3.04 -144.22
C GLU W 268 70.58 1.53 -144.06
N LEU W 269 69.70 1.04 -143.19
CA LEU W 269 69.60 -0.38 -142.93
C LEU W 269 69.66 -1.15 -144.24
N GLU W 270 68.86 -0.71 -145.22
CA GLU W 270 68.86 -1.36 -146.52
C GLU W 270 70.19 -1.20 -147.24
N LYS W 271 70.81 -0.03 -147.09
CA LYS W 271 72.08 0.24 -147.75
C LYS W 271 73.22 -0.68 -147.32
N THR W 272 73.12 -1.29 -146.14
CA THR W 272 74.17 -2.19 -145.64
C THR W 272 73.63 -3.54 -145.24
N LYS W 273 72.34 -3.59 -144.91
CA LYS W 273 71.70 -4.82 -144.50
C LYS W 273 72.45 -5.48 -143.35
N GLN W 274 72.99 -4.66 -142.44
CA GLN W 274 73.73 -5.18 -141.30
C GLN W 274 73.62 -4.30 -140.05
N LEU W 275 73.49 -4.94 -138.89
CA LEU W 275 73.40 -4.25 -137.61
C LEU W 275 74.56 -4.73 -136.74
N ARG W 276 74.80 -4.05 -135.62
CA ARG W 276 75.87 -4.42 -134.72
C ARG W 276 75.33 -4.70 -133.32
N LEU W 277 75.96 -5.63 -132.60
CA LEU W 277 75.52 -5.96 -131.25
C LEU W 277 76.66 -5.91 -130.25
N ASP W 278 76.63 -4.91 -129.38
CA ASP W 278 77.65 -4.75 -128.35
C ASP W 278 77.09 -5.24 -127.02
N THR W 279 77.91 -5.95 -126.26
CA THR W 279 77.47 -6.50 -124.99
C THR W 279 78.43 -6.16 -123.86
N ASP W 280 77.88 -5.76 -122.73
CA ASP W 280 78.68 -5.41 -121.55
C ASP W 280 79.30 -6.66 -120.95
N GLN W 281 79.79 -6.55 -119.73
CA GLN W 281 80.39 -7.70 -119.07
C GLN W 281 79.81 -8.00 -117.71
N VAL W 282 78.78 -7.26 -117.32
CA VAL W 282 78.17 -7.49 -116.02
C VAL W 282 77.45 -8.83 -116.07
N TYR W 283 78.07 -9.85 -115.47
CA TYR W 283 77.46 -11.17 -115.46
C TYR W 283 76.98 -11.44 -114.04
N GLY W 284 76.05 -12.38 -113.91
CA GLY W 284 75.53 -12.71 -112.59
C GLY W 284 76.63 -13.13 -111.65
N ASN W 285 76.27 -13.40 -110.39
CA ASN W 285 77.25 -13.82 -109.41
C ASN W 285 77.87 -15.13 -109.86
N ILE W 286 78.86 -15.63 -109.12
CA ILE W 286 79.53 -16.88 -109.48
C ILE W 286 79.18 -18.09 -108.63
N ALA W 287 79.25 -19.26 -109.24
CA ALA W 287 78.97 -20.51 -108.56
C ALA W 287 80.27 -21.15 -108.08
N THR W 288 80.41 -21.31 -106.77
CA THR W 288 81.62 -21.89 -106.20
C THR W 288 81.39 -23.21 -105.46
N TYR W 289 82.49 -23.87 -105.11
CA TYR W 289 82.46 -25.16 -104.41
C TYR W 289 82.17 -24.98 -102.92
N ASN W 290 82.28 -26.06 -102.16
CA ASN W 290 82.05 -26.03 -100.72
C ASN W 290 82.42 -27.37 -100.09
N PHE W 291 83.72 -27.58 -99.88
CA PHE W 291 84.25 -28.81 -99.29
C PHE W 291 83.36 -29.50 -98.26
N GLU W 292 82.83 -28.74 -97.31
CA GLU W 292 81.96 -29.28 -96.26
C GLU W 292 81.07 -30.43 -96.73
N ASN W 293 80.09 -30.11 -97.57
CA ASN W 293 79.17 -31.11 -98.08
C ASN W 293 79.24 -31.19 -99.59
N GLY W 294 80.39 -30.83 -100.15
CA GLY W 294 80.58 -30.86 -101.58
C GLY W 294 79.37 -30.38 -102.38
N ARG W 295 79.02 -29.12 -102.22
CA ARG W 295 77.89 -28.56 -102.93
C ARG W 295 78.29 -27.38 -103.81
N VAL W 296 77.52 -27.15 -104.86
CA VAL W 296 77.76 -26.05 -105.79
C VAL W 296 76.84 -24.92 -105.41
N ARG W 297 77.39 -23.85 -104.85
CA ARG W 297 76.58 -22.71 -104.45
C ARG W 297 76.93 -21.44 -105.20
N VAL W 298 75.97 -20.53 -105.25
CA VAL W 298 76.15 -19.26 -105.94
C VAL W 298 76.36 -18.20 -104.86
N ASP W 299 77.63 -17.83 -104.64
CA ASP W 299 77.94 -16.84 -103.62
C ASP W 299 77.62 -15.42 -104.04
N THR W 300 76.66 -14.82 -103.35
CA THR W 300 76.25 -13.46 -103.63
C THR W 300 77.42 -12.53 -103.34
N GLY W 301 78.45 -13.06 -102.70
CA GLY W 301 79.61 -12.25 -102.36
C GLY W 301 80.67 -12.17 -103.43
N SER W 302 80.57 -13.01 -104.47
CA SER W 302 81.56 -12.98 -105.54
C SER W 302 80.94 -12.91 -106.92
N ASN W 303 81.08 -11.75 -107.55
CA ASN W 303 80.56 -11.52 -108.89
C ASN W 303 81.73 -11.23 -109.81
N TRP W 304 81.68 -11.78 -111.03
CA TRP W 304 82.76 -11.59 -111.98
C TRP W 304 83.25 -10.15 -112.05
N SER W 305 82.32 -9.20 -112.05
CA SER W 305 82.65 -7.78 -112.11
C SER W 305 83.77 -7.42 -111.15
N GLU W 306 83.99 -8.27 -110.15
CA GLU W 306 85.06 -8.03 -109.17
C GLU W 306 86.29 -8.81 -109.59
N VAL W 307 86.11 -10.13 -109.74
CA VAL W 307 87.19 -11.02 -110.11
C VAL W 307 87.12 -11.43 -111.56
N LEU W 308 87.46 -10.49 -112.43
CA LEU W 308 87.47 -10.73 -113.86
C LEU W 308 88.51 -9.81 -114.48
N PRO W 309 88.56 -8.54 -114.04
CA PRO W 309 89.55 -7.63 -114.60
C PRO W 309 90.94 -8.22 -114.41
N GLN W 310 91.16 -8.80 -113.23
CA GLN W 310 92.44 -9.40 -112.90
C GLN W 310 92.88 -10.33 -114.04
N ILE W 311 92.01 -11.25 -114.41
CA ILE W 311 92.30 -12.19 -115.49
C ILE W 311 92.88 -11.43 -116.67
N GLN W 312 92.20 -10.38 -117.09
CA GLN W 312 92.66 -9.58 -118.23
C GLN W 312 93.91 -8.78 -117.94
N GLU W 313 94.25 -8.62 -116.67
CA GLU W 313 95.43 -7.86 -116.28
C GLU W 313 96.61 -8.75 -115.89
N THR W 314 96.43 -10.06 -115.97
CA THR W 314 97.49 -10.98 -115.60
C THR W 314 97.45 -12.25 -116.42
N THR W 315 97.27 -12.13 -117.73
CA THR W 315 97.22 -13.30 -118.60
C THR W 315 97.58 -12.95 -120.03
N ALA W 316 97.54 -13.96 -120.89
CA ALA W 316 97.83 -13.79 -122.29
C ALA W 316 96.55 -14.16 -123.01
N ARG W 317 96.12 -13.30 -123.93
CA ARG W 317 94.90 -13.55 -124.68
C ARG W 317 95.24 -14.07 -126.07
N ILE W 318 94.60 -15.16 -126.47
CA ILE W 318 94.85 -15.73 -127.78
C ILE W 318 93.54 -16.00 -128.51
N ILE W 319 93.37 -15.39 -129.68
CA ILE W 319 92.17 -15.57 -130.47
C ILE W 319 92.45 -16.55 -131.59
N PHE W 320 91.94 -17.77 -131.45
CA PHE W 320 92.15 -18.80 -132.45
C PHE W 320 90.82 -19.22 -133.04
N ASN W 321 90.84 -19.70 -134.29
CA ASN W 321 89.60 -20.14 -134.93
C ASN W 321 89.80 -21.45 -135.66
N GLY W 322 89.93 -22.53 -134.89
CA GLY W 322 90.12 -23.83 -135.48
C GLY W 322 88.86 -24.67 -135.39
N LYS W 323 88.25 -24.68 -134.22
CA LYS W 323 87.02 -25.45 -133.99
C LYS W 323 86.02 -25.11 -135.10
N ASP W 324 86.16 -23.90 -135.63
CA ASP W 324 85.33 -23.39 -136.71
C ASP W 324 86.02 -22.15 -137.21
N LEU W 325 85.25 -21.21 -137.76
CA LEU W 325 85.83 -19.98 -138.26
C LEU W 325 85.45 -18.84 -137.34
N ASN W 326 84.75 -19.19 -136.26
CA ASN W 326 84.31 -18.21 -135.26
C ASN W 326 85.40 -17.96 -134.23
N LEU W 327 85.86 -16.71 -134.17
CA LEU W 327 86.92 -16.33 -133.25
C LEU W 327 86.65 -16.81 -131.84
N VAL W 328 87.52 -17.70 -131.35
CA VAL W 328 87.40 -18.24 -130.02
C VAL W 328 88.44 -17.56 -129.14
N GLU W 329 88.04 -17.14 -127.95
CA GLU W 329 88.96 -16.47 -127.05
C GLU W 329 89.35 -17.35 -125.87
N ARG W 330 90.56 -17.14 -125.36
CA ARG W 330 91.08 -17.89 -124.23
C ARG W 330 92.27 -17.15 -123.67
N ARG W 331 92.42 -17.17 -122.35
CA ARG W 331 93.54 -16.50 -121.72
C ARG W 331 94.38 -17.51 -120.95
N ILE W 332 95.70 -17.42 -121.08
CA ILE W 332 96.57 -18.34 -120.38
C ILE W 332 97.28 -17.61 -119.25
N ALA W 333 97.59 -18.36 -118.20
CA ALA W 333 98.27 -17.81 -117.04
C ALA W 333 99.67 -17.34 -117.36
N ALA W 334 99.78 -16.20 -118.01
CA ALA W 334 101.08 -15.65 -118.35
C ALA W 334 101.71 -15.07 -117.10
N VAL W 335 102.84 -14.39 -117.26
CA VAL W 335 103.53 -13.80 -116.13
C VAL W 335 103.92 -12.36 -116.42
N ASN W 336 104.06 -11.58 -115.36
CA ASN W 336 104.45 -10.19 -115.51
C ASN W 336 105.73 -9.99 -114.71
N PRO W 337 106.73 -9.34 -115.30
CA PRO W 337 108.02 -9.11 -114.62
C PRO W 337 107.95 -8.06 -113.52
N SER W 338 107.19 -7.00 -113.75
CA SER W 338 107.06 -5.92 -112.77
C SER W 338 106.31 -6.35 -111.51
N ASP W 339 105.62 -7.47 -111.56
CA ASP W 339 104.84 -7.95 -110.43
C ASP W 339 105.45 -9.14 -109.70
N PRO W 340 105.93 -8.91 -108.47
CA PRO W 340 106.54 -9.97 -107.68
C PRO W 340 105.65 -11.20 -107.71
N LEU W 341 104.49 -11.08 -107.07
CA LEU W 341 103.54 -12.17 -107.04
C LEU W 341 103.39 -12.83 -108.39
N GLU W 342 103.04 -12.05 -109.40
CA GLU W 342 102.84 -12.56 -110.75
C GLU W 342 104.10 -13.18 -111.37
N THR W 343 105.10 -13.42 -110.55
CA THR W 343 106.33 -14.03 -111.02
C THR W 343 106.33 -15.43 -110.45
N THR W 344 105.48 -15.61 -109.44
CA THR W 344 105.34 -16.88 -108.77
C THR W 344 104.68 -17.84 -109.74
N LYS W 345 104.23 -17.30 -110.85
CA LYS W 345 103.55 -18.08 -111.88
C LYS W 345 104.54 -18.88 -112.71
N PRO W 346 104.07 -19.98 -113.31
CA PRO W 346 104.92 -20.84 -114.14
C PRO W 346 105.22 -20.14 -115.46
N ASP W 347 106.50 -20.07 -115.84
CA ASP W 347 106.87 -19.44 -117.10
C ASP W 347 106.04 -20.04 -118.24
N MET W 348 105.57 -19.18 -119.14
CA MET W 348 104.75 -19.68 -120.24
C MET W 348 105.37 -19.52 -121.63
N THR W 349 105.13 -20.51 -122.46
CA THR W 349 105.64 -20.53 -123.83
C THR W 349 104.46 -20.57 -124.81
N LEU W 350 104.59 -19.82 -125.89
CA LEU W 350 103.54 -19.77 -126.91
C LEU W 350 103.11 -21.18 -127.28
N LYS W 351 104.07 -22.08 -127.45
CA LYS W 351 103.78 -23.46 -127.79
C LYS W 351 102.87 -24.06 -126.73
N GLU W 352 103.46 -24.36 -125.56
CA GLU W 352 102.71 -24.94 -124.45
C GLU W 352 101.32 -24.32 -124.39
N ALA W 353 101.25 -23.01 -124.60
CA ALA W 353 99.98 -22.31 -124.56
C ALA W 353 98.99 -22.94 -125.54
N LEU W 354 99.30 -22.87 -126.83
CA LEU W 354 98.42 -23.45 -127.86
C LEU W 354 98.07 -24.90 -127.63
N LYS W 355 98.73 -25.55 -126.67
CA LYS W 355 98.46 -26.94 -126.39
C LYS W 355 97.28 -27.08 -125.43
N ILE W 356 97.32 -26.31 -124.35
CA ILE W 356 96.24 -26.34 -123.35
C ILE W 356 95.13 -25.36 -123.67
N ALA W 357 95.49 -24.20 -124.18
CA ALA W 357 94.52 -23.16 -124.52
C ALA W 357 93.43 -23.66 -125.46
N PHE W 358 93.83 -24.32 -126.55
CA PHE W 358 92.86 -24.80 -127.52
C PHE W 358 92.93 -26.30 -127.74
N GLY W 359 94.13 -26.87 -127.66
CA GLY W 359 94.27 -28.31 -127.84
C GLY W 359 95.26 -28.78 -128.88
N PHE W 360 96.16 -27.90 -129.34
CA PHE W 360 97.16 -28.31 -130.32
C PHE W 360 97.96 -29.47 -129.77
N ASN W 361 98.37 -30.38 -130.63
CA ASN W 361 99.13 -31.55 -130.20
C ASN W 361 100.33 -31.85 -131.10
N GLU W 362 101.18 -32.76 -130.64
CA GLU W 362 102.37 -33.16 -131.40
C GLU W 362 102.26 -34.62 -131.78
N PRO W 363 101.57 -34.93 -132.89
CA PRO W 363 101.39 -36.30 -133.37
C PRO W 363 102.72 -36.98 -133.68
N ASN W 364 103.43 -36.46 -134.67
CA ASN W 364 104.71 -37.02 -135.07
C ASN W 364 105.84 -36.01 -134.90
N GLY W 365 105.65 -35.08 -133.97
CA GLY W 365 106.68 -34.08 -133.72
C GLY W 365 106.34 -32.72 -134.31
N ASN W 366 105.17 -32.61 -134.92
CA ASN W 366 104.74 -31.36 -135.53
C ASN W 366 103.54 -30.80 -134.79
N LEU W 367 103.72 -29.61 -134.21
CA LEU W 367 102.66 -28.94 -133.47
C LEU W 367 101.50 -28.57 -134.37
N GLN W 368 100.55 -29.50 -134.53
CA GLN W 368 99.39 -29.25 -135.39
C GLN W 368 98.10 -29.18 -134.57
N TYR W 369 97.00 -28.89 -135.26
CA TYR W 369 95.70 -28.80 -134.62
C TYR W 369 94.68 -29.70 -135.31
N GLN W 370 94.36 -30.82 -134.66
CA GLN W 370 93.40 -31.76 -135.20
C GLN W 370 93.65 -32.06 -136.68
N GLY W 371 94.89 -31.86 -137.12
CA GLY W 371 95.23 -32.11 -138.51
C GLY W 371 96.02 -30.99 -139.15
N LYS W 372 95.51 -29.76 -139.03
CA LYS W 372 96.19 -28.61 -139.61
C LYS W 372 97.50 -28.34 -138.87
N ASP W 373 98.53 -27.92 -139.61
CA ASP W 373 99.83 -27.64 -139.05
C ASP W 373 99.90 -26.18 -138.57
N ILE W 374 100.51 -25.96 -137.42
CA ILE W 374 100.65 -24.62 -136.85
C ILE W 374 101.12 -23.59 -137.87
N THR W 375 101.67 -24.06 -138.98
CA THR W 375 102.15 -23.17 -140.03
C THR W 375 101.04 -22.73 -140.97
N GLU W 376 99.85 -23.28 -140.79
CA GLU W 376 98.71 -22.92 -141.64
C GLU W 376 97.92 -21.76 -141.07
N PHE W 377 98.43 -21.15 -140.01
CA PHE W 377 97.74 -20.02 -139.39
C PHE W 377 98.65 -18.80 -139.26
N ASP W 378 98.08 -17.63 -139.49
CA ASP W 378 98.84 -16.40 -139.41
C ASP W 378 98.88 -15.87 -137.98
N PHE W 379 100.05 -15.41 -137.55
CA PHE W 379 100.24 -14.86 -136.22
C PHE W 379 100.20 -13.34 -136.27
N ASN W 380 99.23 -12.73 -135.60
CA ASN W 380 99.11 -11.28 -135.58
C ASN W 380 99.10 -10.77 -134.14
N PHE W 381 100.02 -9.86 -133.84
CA PHE W 381 100.14 -9.31 -132.50
C PHE W 381 99.75 -7.84 -132.49
N ASP W 382 99.63 -7.29 -131.29
CA ASP W 382 99.28 -5.88 -131.13
C ASP W 382 100.55 -5.04 -131.02
N GLN W 383 100.39 -3.73 -131.09
CA GLN W 383 101.52 -2.81 -131.00
C GLN W 383 102.52 -3.23 -129.93
N GLN W 384 102.00 -3.63 -128.76
CA GLN W 384 102.83 -4.06 -127.66
C GLN W 384 103.42 -5.44 -127.92
N THR W 385 102.60 -6.46 -127.78
CA THR W 385 103.02 -7.86 -127.98
C THR W 385 104.00 -8.01 -129.14
N SER W 386 103.85 -7.17 -130.17
CA SER W 386 104.73 -7.23 -131.32
C SER W 386 106.19 -7.15 -130.86
N GLN W 387 106.54 -6.04 -130.23
CA GLN W 387 107.89 -5.82 -129.73
C GLN W 387 108.31 -6.94 -128.79
N ASN W 388 107.55 -7.14 -127.71
CA ASN W 388 107.85 -8.15 -126.71
C ASN W 388 108.25 -9.50 -127.30
N ILE W 389 107.79 -9.77 -128.51
CA ILE W 389 108.13 -11.02 -129.19
C ILE W 389 109.29 -10.78 -130.16
N LYS W 390 109.30 -9.61 -130.78
CA LYS W 390 110.38 -9.28 -131.71
C LYS W 390 111.70 -9.33 -130.97
N ASN W 391 111.72 -8.76 -129.76
CA ASN W 391 112.93 -8.72 -128.94
C ASN W 391 113.39 -10.13 -128.59
N GLN W 392 112.48 -11.09 -128.62
CA GLN W 392 112.83 -12.48 -128.32
C GLN W 392 113.42 -13.14 -129.55
N LEU W 393 112.78 -12.92 -130.70
CA LEU W 393 113.25 -13.48 -131.95
C LEU W 393 114.63 -12.91 -132.26
N ALA W 394 114.97 -11.81 -131.59
CA ALA W 394 116.25 -11.15 -131.78
C ALA W 394 117.32 -11.88 -130.98
N GLU W 395 117.14 -11.95 -129.67
CA GLU W 395 118.10 -12.61 -128.79
C GLU W 395 118.04 -14.12 -128.96
N LEU W 396 117.42 -14.57 -130.05
CA LEU W 396 117.31 -16.00 -130.35
C LEU W 396 117.71 -16.27 -131.79
N ASN W 397 118.20 -15.22 -132.47
CA ASN W 397 118.63 -15.29 -133.85
C ASN W 397 117.77 -16.22 -134.70
N ALA W 398 116.71 -15.66 -135.29
CA ALA W 398 115.81 -16.42 -136.14
C ALA W 398 114.83 -15.47 -136.82
N THR W 399 114.31 -15.88 -137.97
CA THR W 399 113.37 -15.07 -138.72
C THR W 399 112.01 -15.75 -138.77
N ASN W 400 112.00 -17.06 -138.50
CA ASN W 400 110.76 -17.82 -138.52
C ASN W 400 110.34 -18.17 -137.09
N ILE W 401 109.22 -17.62 -136.66
CA ILE W 401 108.72 -17.86 -135.32
C ILE W 401 108.24 -19.28 -135.12
N TYR W 402 107.70 -19.89 -136.18
CA TYR W 402 107.20 -21.26 -136.12
C TYR W 402 108.29 -22.22 -135.62
N THR W 403 109.54 -21.79 -135.72
CA THR W 403 110.67 -22.59 -135.28
C THR W 403 110.91 -22.38 -133.79
N VAL W 404 111.34 -21.17 -133.44
CA VAL W 404 111.59 -20.81 -132.05
C VAL W 404 110.28 -20.67 -131.28
N LEU W 405 109.22 -21.23 -131.86
CA LEU W 405 107.90 -21.19 -131.27
C LEU W 405 107.94 -21.59 -129.80
N ASP W 406 108.43 -22.81 -129.54
CA ASP W 406 108.54 -23.33 -128.19
C ASP W 406 109.59 -22.60 -127.35
N LYS W 407 109.84 -21.34 -127.67
CA LYS W 407 110.81 -20.55 -126.93
C LYS W 407 110.38 -19.10 -126.82
N ILE W 408 109.09 -18.85 -126.96
CA ILE W 408 108.55 -17.49 -126.87
C ILE W 408 107.87 -17.31 -125.53
N LYS W 409 108.38 -16.38 -124.73
CA LYS W 409 107.82 -16.11 -123.41
C LYS W 409 106.58 -15.22 -123.49
N LEU W 410 105.44 -15.74 -123.02
CA LEU W 410 104.21 -14.96 -123.04
C LEU W 410 104.06 -14.17 -121.75
N ASN W 411 104.02 -12.85 -121.87
CA ASN W 411 103.88 -11.99 -120.69
C ASN W 411 102.44 -11.50 -120.56
N ALA W 412 101.99 -11.28 -119.34
CA ALA W 412 100.63 -10.81 -119.10
C ALA W 412 100.31 -9.61 -119.98
N LYS W 413 99.04 -9.45 -120.32
CA LYS W 413 98.59 -8.34 -121.16
C LYS W 413 98.97 -8.56 -122.63
N MET W 414 99.54 -9.72 -122.92
CA MET W 414 99.94 -10.04 -124.28
C MET W 414 98.70 -10.48 -125.05
N ASN W 415 98.59 -10.04 -126.31
CA ASN W 415 97.45 -10.40 -127.14
C ASN W 415 97.93 -11.05 -128.44
N ILE W 416 97.32 -12.17 -128.81
CA ILE W 416 97.70 -12.88 -130.01
C ILE W 416 96.49 -13.37 -130.82
N LEU W 417 96.57 -13.21 -132.14
CA LEU W 417 95.47 -13.63 -133.01
C LEU W 417 95.87 -14.71 -134.01
N ILE W 418 95.53 -15.95 -133.68
CA ILE W 418 95.84 -17.08 -134.54
C ILE W 418 94.64 -17.42 -135.40
N ARG W 419 94.72 -17.10 -136.68
CA ARG W 419 93.63 -17.36 -137.61
C ARG W 419 94.09 -18.21 -138.79
N ASP W 420 93.22 -19.08 -139.28
CA ASP W 420 93.53 -19.93 -140.41
C ASP W 420 94.03 -19.08 -141.56
N LYS W 421 95.16 -19.46 -142.15
CA LYS W 421 95.75 -18.71 -143.24
C LYS W 421 95.08 -18.94 -144.59
N ARG W 422 94.20 -19.93 -144.66
CA ARG W 422 93.51 -20.25 -145.90
C ARG W 422 92.61 -19.14 -146.45
N PHE W 423 91.53 -18.84 -145.74
CA PHE W 423 90.59 -17.82 -146.17
C PHE W 423 91.06 -16.38 -145.94
N HIS W 424 90.44 -15.44 -146.63
CA HIS W 424 90.75 -14.03 -146.48
C HIS W 424 90.01 -13.51 -145.25
N TYR W 425 90.39 -12.35 -144.76
CA TYR W 425 89.72 -11.79 -143.60
C TYR W 425 89.37 -10.32 -143.78
N ASP W 426 88.30 -9.90 -143.12
CA ASP W 426 87.81 -8.53 -143.20
C ASP W 426 88.36 -7.61 -142.12
N ARG W 427 87.55 -6.64 -141.73
CA ARG W 427 87.91 -5.68 -140.71
C ARG W 427 87.60 -6.22 -139.32
N ASN W 428 86.61 -7.12 -139.24
CA ASN W 428 86.21 -7.70 -137.96
C ASN W 428 86.82 -9.08 -137.72
N ASN W 429 87.71 -9.49 -138.61
CA ASN W 429 88.38 -10.79 -138.50
C ASN W 429 87.37 -11.92 -138.63
N ILE W 430 86.64 -11.92 -139.74
CA ILE W 430 85.64 -12.95 -139.96
C ILE W 430 85.93 -13.76 -141.21
N ALA W 431 85.43 -14.99 -141.23
CA ALA W 431 85.60 -15.88 -142.37
C ALA W 431 84.94 -15.23 -143.57
N VAL W 432 85.72 -14.51 -144.36
CA VAL W 432 85.19 -13.83 -145.52
C VAL W 432 85.13 -14.74 -146.75
N GLY W 433 86.30 -14.98 -147.36
CA GLY W 433 86.37 -15.83 -148.54
C GLY W 433 87.81 -16.12 -148.93
N ALA W 434 88.11 -17.39 -149.19
CA ALA W 434 89.46 -17.80 -149.57
C ALA W 434 89.76 -17.55 -151.05
N ASP W 435 90.77 -18.25 -151.55
CA ASP W 435 91.19 -18.14 -152.94
C ASP W 435 90.46 -19.17 -153.80
N GLU W 436 90.29 -18.84 -155.08
CA GLU W 436 89.59 -19.72 -156.03
C GLU W 436 90.05 -21.17 -155.87
N SER W 437 91.34 -21.35 -155.68
CA SER W 437 91.92 -22.68 -155.51
C SER W 437 91.14 -23.46 -154.47
N VAL W 438 91.37 -23.15 -153.21
CA VAL W 438 90.71 -23.82 -152.10
C VAL W 438 89.21 -23.96 -152.37
N VAL W 439 88.62 -22.91 -152.91
CA VAL W 439 87.19 -22.91 -153.21
C VAL W 439 86.83 -24.08 -154.13
N LYS W 440 87.38 -24.08 -155.33
CA LYS W 440 87.11 -25.14 -156.30
C LYS W 440 87.27 -26.51 -155.66
N GLU W 441 88.41 -26.72 -155.01
CA GLU W 441 88.70 -27.99 -154.36
C GLU W 441 87.50 -28.53 -153.58
N ALA W 442 86.98 -27.73 -152.66
CA ALA W 442 85.84 -28.13 -151.83
C ALA W 442 84.65 -28.64 -152.62
N HIS W 443 84.55 -28.26 -153.89
CA HIS W 443 83.43 -28.69 -154.72
C HIS W 443 83.78 -29.85 -155.65
N ARG W 444 85.07 -30.17 -155.75
CA ARG W 444 85.52 -31.26 -156.62
C ARG W 444 84.64 -32.50 -156.49
N GLU W 445 84.01 -32.67 -155.33
CA GLU W 445 83.15 -33.82 -155.10
C GLU W 445 81.72 -33.63 -155.60
N VAL W 446 81.18 -34.67 -156.21
CA VAL W 446 79.83 -34.65 -156.74
C VAL W 446 79.09 -35.91 -156.27
N ILE W 447 77.80 -35.79 -156.00
CA ILE W 447 77.03 -36.93 -155.54
C ILE W 447 75.84 -37.24 -156.44
N ASN W 448 75.22 -36.20 -156.99
CA ASN W 448 74.06 -36.40 -157.85
C ASN W 448 73.78 -35.19 -158.72
N SER W 449 73.90 -35.37 -160.03
CA SER W 449 73.64 -34.30 -160.99
C SER W 449 72.22 -34.50 -161.55
N SER W 450 71.44 -33.44 -161.54
CA SER W 450 70.07 -33.50 -162.04
C SER W 450 69.61 -32.20 -162.66
N THR W 451 68.54 -32.27 -163.43
CA THR W 451 67.97 -31.08 -164.09
C THR W 451 67.24 -30.26 -163.04
N GLU W 452 67.27 -30.75 -161.80
CA GLU W 452 66.60 -30.08 -160.69
C GLU W 452 67.60 -29.34 -159.82
N GLY W 453 68.63 -30.05 -159.38
CA GLY W 453 69.64 -29.45 -158.53
C GLY W 453 70.78 -30.39 -158.19
N LEU W 454 71.98 -29.84 -158.07
CA LEU W 454 73.16 -30.63 -157.74
C LEU W 454 73.24 -30.94 -156.26
N LEU W 455 73.75 -32.13 -155.95
CA LEU W 455 73.91 -32.56 -154.56
C LEU W 455 75.39 -32.84 -154.33
N LEU W 456 76.02 -32.01 -153.51
CA LEU W 456 77.44 -32.16 -153.23
C LEU W 456 77.72 -32.32 -151.74
N ASN W 457 78.97 -32.64 -151.43
CA ASN W 457 79.40 -32.82 -150.05
C ASN W 457 80.46 -31.75 -149.77
N ILE W 458 80.14 -30.52 -150.15
CA ILE W 458 81.04 -29.39 -149.96
C ILE W 458 81.55 -29.27 -148.53
N ASP W 459 82.80 -28.84 -148.39
CA ASP W 459 83.43 -28.69 -147.08
C ASP W 459 82.77 -27.57 -146.27
N LYS W 460 82.50 -27.86 -145.00
CA LYS W 460 81.86 -26.90 -144.09
C LYS W 460 82.68 -25.62 -143.98
N ASP W 461 83.95 -25.78 -143.60
CA ASP W 461 84.86 -24.65 -143.44
C ASP W 461 84.82 -23.72 -144.66
N ILE W 462 84.59 -24.29 -145.84
CA ILE W 462 84.54 -23.51 -147.06
C ILE W 462 83.16 -22.89 -147.25
N ARG W 463 82.17 -23.75 -147.41
CA ARG W 463 80.80 -23.32 -147.63
C ARG W 463 80.45 -22.07 -146.82
N LYS W 464 81.06 -21.92 -145.66
CA LYS W 464 80.80 -20.78 -144.80
C LYS W 464 81.31 -19.45 -145.36
N ILE W 465 82.10 -19.49 -146.43
CA ILE W 465 82.60 -18.25 -147.03
C ILE W 465 81.94 -18.00 -148.37
N LEU W 466 80.83 -18.68 -148.62
CA LEU W 466 80.10 -18.54 -149.87
C LEU W 466 78.76 -17.85 -149.72
N SER W 467 78.53 -16.84 -150.54
CA SER W 467 77.28 -16.10 -150.51
C SER W 467 76.22 -16.88 -151.27
N GLY W 468 76.56 -17.31 -152.49
CA GLY W 468 75.62 -18.07 -153.30
C GLY W 468 76.22 -18.61 -154.59
N TYR W 469 75.35 -19.13 -155.45
CA TYR W 469 75.76 -19.69 -156.73
C TYR W 469 74.95 -19.12 -157.89
N ILE W 470 75.63 -18.88 -159.01
CA ILE W 470 74.99 -18.34 -160.21
C ILE W 470 74.81 -19.45 -161.23
N VAL W 471 73.55 -19.81 -161.50
CA VAL W 471 73.26 -20.85 -162.47
C VAL W 471 73.11 -20.27 -163.88
N GLU W 472 73.90 -20.76 -164.82
CA GLU W 472 73.82 -20.27 -166.19
C GLU W 472 73.96 -21.41 -167.20
N ILE W 473 74.05 -21.06 -168.47
CA ILE W 473 74.18 -22.03 -169.55
C ILE W 473 75.00 -21.46 -170.71
N GLU W 474 76.12 -22.11 -171.01
CA GLU W 474 76.99 -21.67 -172.10
C GLU W 474 76.70 -22.45 -173.37
N ASP W 475 76.38 -21.73 -174.44
CA ASP W 475 76.09 -22.34 -175.72
C ASP W 475 77.35 -22.97 -176.30
N THR W 476 77.18 -23.97 -177.17
CA THR W 476 78.31 -24.66 -177.79
C THR W 476 79.22 -23.68 -178.53
N GLU W 477 78.77 -22.44 -178.68
CA GLU W 477 79.55 -21.42 -179.37
C GLU W 477 80.31 -20.54 -178.38
N GLY W 478 79.60 -19.97 -177.42
CA GLY W 478 80.22 -19.12 -176.43
C GLY W 478 79.27 -18.11 -175.82
N LEU W 479 78.05 -18.55 -175.54
CA LEU W 479 77.03 -17.69 -174.96
C LEU W 479 77.05 -17.74 -173.43
N LYS W 480 76.66 -16.65 -172.79
CA LYS W 480 76.64 -16.57 -171.33
C LYS W 480 75.24 -16.35 -170.79
N GLU W 481 74.32 -17.28 -171.13
CA GLU W 481 72.94 -17.19 -170.66
C GLU W 481 72.90 -17.60 -169.19
N VAL W 482 72.40 -16.72 -168.34
CA VAL W 482 72.32 -17.00 -166.91
C VAL W 482 70.89 -17.12 -166.42
N ILE W 483 70.64 -18.08 -165.54
CA ILE W 483 69.31 -18.29 -164.97
C ILE W 483 69.05 -17.15 -163.99
N ASN W 484 69.25 -17.42 -162.71
CA ASN W 484 69.06 -16.41 -161.67
C ASN W 484 70.11 -15.33 -161.90
N ASP W 485 69.76 -14.33 -162.69
CA ASP W 485 70.70 -13.25 -163.03
C ASP W 485 70.64 -12.04 -162.11
N ARG W 486 69.77 -12.07 -161.10
CA ARG W 486 69.67 -10.94 -160.17
C ARG W 486 70.44 -11.19 -158.88
N TYR W 487 71.18 -10.18 -158.44
CA TYR W 487 71.99 -10.29 -157.24
C TYR W 487 71.26 -10.95 -156.09
N ASP W 488 69.95 -10.74 -156.04
CA ASP W 488 69.13 -11.30 -154.98
C ASP W 488 68.62 -12.71 -155.30
N MET W 489 69.12 -13.29 -156.37
CA MET W 489 68.72 -14.63 -156.76
C MET W 489 69.86 -15.62 -156.57
N LEU W 490 70.74 -15.33 -155.62
CA LEU W 490 71.87 -16.20 -155.33
C LEU W 490 71.47 -17.22 -154.28
N ASN W 491 70.40 -16.93 -153.55
CA ASN W 491 69.89 -17.81 -152.50
C ASN W 491 69.37 -19.12 -153.07
N ILE W 492 70.24 -20.11 -153.20
CA ILE W 492 69.85 -21.42 -153.73
C ILE W 492 70.40 -22.57 -152.90
N SER W 493 71.71 -22.54 -152.63
CA SER W 493 72.37 -23.58 -151.87
C SER W 493 71.64 -23.94 -150.58
N SER W 494 71.14 -25.16 -150.51
CA SER W 494 70.44 -25.66 -149.33
C SER W 494 71.42 -26.51 -148.54
N LEU W 495 70.90 -27.33 -147.63
CA LEU W 495 71.77 -28.20 -146.83
C LEU W 495 71.02 -29.26 -146.06
N ARG W 496 71.11 -30.51 -146.51
CA ARG W 496 70.45 -31.62 -145.85
C ARG W 496 71.15 -31.88 -144.53
N GLN W 497 70.42 -32.41 -143.55
CA GLN W 497 71.00 -32.70 -142.24
C GLN W 497 71.99 -33.86 -142.32
N ASP W 498 72.22 -34.35 -143.53
CA ASP W 498 73.16 -35.45 -143.74
C ASP W 498 74.56 -34.90 -144.00
N GLY W 499 74.66 -33.58 -144.06
CA GLY W 499 75.94 -32.95 -144.28
C GLY W 499 76.27 -32.68 -145.74
N LYS W 500 75.28 -32.80 -146.61
CA LYS W 500 75.48 -32.57 -148.04
C LYS W 500 74.73 -31.35 -148.53
N THR W 501 75.46 -30.43 -149.17
CA THR W 501 74.88 -29.21 -149.71
C THR W 501 74.06 -29.51 -150.95
N PHE W 502 72.75 -29.22 -150.88
CA PHE W 502 71.86 -29.46 -152.00
C PHE W 502 71.51 -28.19 -152.75
N ILE W 503 71.97 -28.10 -154.00
CA ILE W 503 71.70 -26.94 -154.83
C ILE W 503 70.41 -27.19 -155.60
N ASP W 504 69.74 -26.12 -156.01
CA ASP W 504 68.50 -26.23 -156.77
C ASP W 504 68.40 -25.09 -157.78
N PHE W 505 68.21 -25.46 -159.05
CA PHE W 505 68.09 -24.48 -160.11
C PHE W 505 66.63 -24.05 -160.19
N LYS W 506 65.75 -24.95 -159.80
CA LYS W 506 64.30 -24.72 -159.83
C LYS W 506 63.82 -23.55 -158.98
N LYS W 507 64.49 -23.28 -157.87
CA LYS W 507 64.10 -22.19 -156.99
C LYS W 507 64.06 -20.87 -157.75
N TYR W 508 64.66 -20.84 -158.93
CA TYR W 508 64.68 -19.64 -159.77
C TYR W 508 64.49 -19.97 -161.25
N ASN W 509 63.37 -20.62 -161.57
CA ASN W 509 63.03 -20.99 -162.94
C ASN W 509 61.61 -21.55 -162.99
N ASP W 510 60.65 -20.73 -162.57
CA ASP W 510 59.25 -21.12 -162.56
C ASP W 510 59.00 -22.46 -161.87
N LYS W 511 59.77 -22.74 -160.83
CA LYS W 511 59.65 -23.99 -160.08
C LYS W 511 59.76 -25.21 -160.98
N LEU W 512 60.21 -25.01 -162.21
CA LEU W 512 60.37 -26.11 -163.15
C LEU W 512 61.84 -26.42 -163.39
N PRO W 513 62.18 -27.70 -163.58
CA PRO W 513 63.56 -28.14 -163.81
C PRO W 513 64.21 -27.49 -165.02
N LEU W 514 65.50 -27.76 -165.21
CA LEU W 514 66.25 -27.20 -166.32
C LEU W 514 65.60 -27.43 -167.69
N TYR W 515 66.00 -26.59 -168.64
CA TYR W 515 65.50 -26.66 -170.01
C TYR W 515 66.69 -26.88 -170.94
N ILE W 516 66.83 -28.11 -171.41
CA ILE W 516 67.94 -28.46 -172.29
C ILE W 516 67.47 -28.67 -173.72
N SER W 517 67.46 -27.60 -174.50
CA SER W 517 67.05 -27.67 -175.91
C SER W 517 68.07 -28.47 -176.69
N ASN W 518 69.32 -28.42 -176.23
CA ASN W 518 70.41 -29.14 -176.88
C ASN W 518 71.32 -29.73 -175.81
N PRO W 519 71.21 -31.05 -175.56
CA PRO W 519 72.03 -31.74 -174.55
C PRO W 519 73.52 -31.79 -174.89
N ASN W 520 74.08 -30.64 -175.23
CA ASN W 520 75.50 -30.54 -175.56
C ASN W 520 76.06 -29.22 -175.06
N TYR W 521 75.25 -28.50 -174.28
CA TYR W 521 75.65 -27.22 -173.73
C TYR W 521 76.56 -27.42 -172.51
N LYS W 522 76.62 -26.40 -171.65
CA LYS W 522 77.45 -26.46 -170.46
C LYS W 522 76.79 -25.74 -169.28
N VAL W 523 76.13 -26.49 -168.41
CA VAL W 523 75.46 -25.91 -167.25
C VAL W 523 76.53 -25.36 -166.31
N ASN W 524 76.84 -24.08 -166.46
CA ASN W 524 77.85 -23.43 -165.63
C ASN W 524 77.29 -22.83 -164.36
N VAL W 525 77.59 -23.47 -163.23
CA VAL W 525 77.14 -23.03 -161.92
C VAL W 525 78.35 -22.50 -161.17
N TYR W 526 78.38 -21.19 -160.96
CA TYR W 526 79.49 -20.55 -160.27
C TYR W 526 79.23 -20.39 -158.78
N ALA W 527 80.25 -19.94 -158.06
CA ALA W 527 80.15 -19.72 -156.62
C ALA W 527 80.62 -18.31 -156.34
N VAL W 528 79.96 -17.64 -155.38
CA VAL W 528 80.34 -16.29 -155.03
C VAL W 528 80.66 -16.15 -153.56
N THR W 529 81.93 -15.89 -153.26
CA THR W 529 82.37 -15.73 -151.88
C THR W 529 81.73 -14.48 -151.30
N LYS W 530 81.58 -14.45 -149.98
CA LYS W 530 80.99 -13.30 -149.32
C LYS W 530 81.71 -12.01 -149.72
N GLU W 531 83.03 -12.01 -149.56
CA GLU W 531 83.83 -10.83 -149.90
C GLU W 531 83.46 -10.21 -151.25
N ASN W 532 83.06 -11.05 -152.20
CA ASN W 532 82.71 -10.57 -153.53
C ASN W 532 81.24 -10.20 -153.71
N THR W 533 80.35 -11.07 -153.24
CA THR W 533 78.91 -10.86 -153.37
C THR W 533 78.43 -9.43 -153.18
N ILE W 534 77.39 -9.06 -153.92
CA ILE W 534 76.79 -7.73 -153.83
C ILE W 534 75.44 -7.86 -153.14
N ILE W 535 74.95 -6.75 -152.60
CA ILE W 535 73.69 -6.74 -151.89
C ILE W 535 72.67 -5.71 -152.38
N ASN W 536 73.12 -4.77 -153.20
CA ASN W 536 72.23 -3.74 -153.73
C ASN W 536 72.58 -3.36 -155.16
N PRO W 537 71.58 -2.89 -155.93
CA PRO W 537 71.76 -2.48 -157.33
C PRO W 537 72.86 -1.43 -157.49
N SER W 538 73.33 -1.25 -158.71
CA SER W 538 74.39 -0.28 -159.00
C SER W 538 73.82 1.14 -159.03
N GLU W 539 74.70 2.12 -159.20
CA GLU W 539 74.30 3.52 -159.25
C GLU W 539 73.00 3.70 -160.02
N ASN W 540 72.77 2.81 -160.97
CA ASN W 540 71.56 2.84 -161.79
C ASN W 540 70.54 1.87 -161.22
N GLY W 541 70.27 0.79 -161.95
CA GLY W 541 69.30 -0.20 -161.50
C GLY W 541 69.73 -1.56 -161.99
N ASP W 542 71.05 -1.76 -162.08
CA ASP W 542 71.61 -3.03 -162.55
C ASP W 542 71.40 -4.13 -161.53
N THR W 543 70.26 -4.81 -161.64
CA THR W 543 69.94 -5.90 -160.72
C THR W 543 70.50 -7.19 -161.28
N SER W 544 71.46 -7.06 -162.21
CA SER W 544 72.07 -8.22 -162.85
C SER W 544 73.35 -8.70 -162.17
N THR W 545 73.83 -9.86 -162.61
CA THR W 545 75.04 -10.46 -162.08
C THR W 545 76.24 -10.07 -162.95
N ASN W 546 76.08 -8.99 -163.70
CA ASN W 546 77.13 -8.51 -164.59
C ASN W 546 78.43 -8.27 -163.83
N GLY W 547 78.45 -7.22 -163.02
CA GLY W 547 79.65 -6.90 -162.26
C GLY W 547 79.84 -7.73 -161.00
N ILE W 548 80.33 -8.95 -161.18
CA ILE W 548 80.56 -9.86 -160.06
C ILE W 548 81.85 -10.63 -160.28
N LYS W 549 82.39 -11.19 -159.21
CA LYS W 549 83.61 -11.98 -159.30
C LYS W 549 83.30 -13.39 -158.82
N LYS W 550 82.60 -14.16 -159.66
CA LYS W 550 82.24 -15.52 -159.29
C LYS W 550 83.37 -16.49 -159.60
N ILE W 551 83.20 -17.74 -159.20
CA ILE W 551 84.20 -18.76 -159.42
C ILE W 551 83.58 -20.04 -159.99
N LEU W 552 84.19 -20.58 -161.03
CA LEU W 552 83.71 -21.80 -161.67
C LEU W 552 83.74 -22.99 -160.72
N ILE W 553 82.57 -23.55 -160.43
CA ILE W 553 82.47 -24.69 -159.54
C ILE W 553 81.93 -25.93 -160.26
N PHE W 554 81.15 -25.70 -161.32
CA PHE W 554 80.59 -26.80 -162.08
C PHE W 554 80.62 -26.48 -163.57
N SER W 555 80.51 -27.53 -164.39
CA SER W 555 80.54 -27.36 -165.85
C SER W 555 80.42 -28.69 -166.58
N LYS W 556 79.27 -29.32 -166.47
CA LYS W 556 79.03 -30.60 -167.14
C LYS W 556 78.18 -30.41 -168.39
N LYS W 557 78.24 -31.39 -169.28
CA LYS W 557 77.48 -31.33 -170.53
C LYS W 557 76.03 -31.76 -170.33
N GLY W 558 75.19 -31.46 -171.32
CA GLY W 558 73.79 -31.81 -171.24
C GLY W 558 73.55 -33.30 -171.13
N TYR W 559 74.40 -34.10 -171.79
CA TYR W 559 74.27 -35.55 -171.74
C TYR W 559 75.00 -36.13 -170.54
N GLU W 560 75.76 -35.30 -169.84
CA GLU W 560 76.51 -35.74 -168.67
C GLU W 560 75.75 -35.41 -167.39
N ILE W 561 74.43 -35.41 -167.47
CA ILE W 561 73.58 -35.12 -166.32
C ILE W 561 72.34 -36.00 -166.34
N GLY W 562 71.42 -35.70 -167.26
CA GLY W 562 70.19 -36.47 -167.37
C GLY W 562 69.09 -35.72 -168.09
N SER X 1 41.34 10.03 -184.70
CA SER X 1 40.78 9.48 -185.92
C SER X 1 41.60 8.27 -186.39
N CYS X 2 42.11 8.35 -187.62
CA CYS X 2 42.91 7.28 -188.18
C CYS X 2 44.38 7.66 -188.23
N ARG X 3 45.25 6.65 -188.30
CA ARG X 3 46.69 6.86 -188.34
C ARG X 3 47.37 5.92 -189.34
N ARG X 4 48.67 6.11 -189.55
CA ARG X 4 49.40 5.26 -190.49
C ARG X 4 50.68 4.71 -189.86
N ALA X 5 51.29 5.49 -188.97
CA ALA X 5 52.52 5.08 -188.31
C ALA X 5 52.29 4.37 -186.98
N PHE X 6 52.55 3.06 -186.97
CA PHE X 6 52.38 2.26 -185.76
C PHE X 6 53.73 1.71 -185.31
N ASP X 7 53.91 1.60 -184.00
CA ASP X 7 55.13 1.07 -183.42
C ASP X 7 54.77 -0.16 -182.62
N LEU X 8 55.16 -1.33 -183.12
CA LEU X 8 54.85 -2.58 -182.42
C LEU X 8 55.97 -3.03 -181.50
N TYR X 9 55.62 -3.29 -180.25
CA TYR X 9 56.58 -3.75 -179.25
C TYR X 9 56.33 -5.22 -178.97
N PHE X 10 57.37 -6.04 -179.13
CA PHE X 10 57.24 -7.47 -178.90
C PHE X 10 57.91 -7.98 -177.63
N VAL X 11 57.18 -7.85 -176.52
CA VAL X 11 57.67 -8.31 -175.23
C VAL X 11 57.44 -9.81 -175.20
N LEU X 12 58.54 -10.58 -175.13
CA LEU X 12 58.45 -12.03 -175.13
C LEU X 12 58.88 -12.70 -173.84
N ASP X 13 58.02 -13.59 -173.34
CA ASP X 13 58.29 -14.33 -172.12
C ASP X 13 59.22 -15.50 -172.43
N LYS X 14 60.49 -15.37 -172.09
CA LYS X 14 61.43 -16.46 -172.35
C LYS X 14 61.72 -17.23 -171.06
N SER X 15 60.69 -17.44 -170.25
CA SER X 15 60.84 -18.15 -168.98
C SER X 15 60.74 -19.66 -169.20
N GLY X 16 61.28 -20.44 -168.27
CA GLY X 16 61.24 -21.88 -168.38
C GLY X 16 59.84 -22.45 -168.55
N SER X 17 58.86 -21.81 -167.92
CA SER X 17 57.48 -22.26 -168.00
C SER X 17 56.98 -22.35 -169.43
N VAL X 18 57.49 -21.47 -170.29
CA VAL X 18 57.12 -21.45 -171.70
C VAL X 18 58.29 -21.84 -172.58
N ALA X 19 59.11 -22.77 -172.09
CA ALA X 19 60.28 -23.22 -172.84
C ALA X 19 59.89 -24.23 -173.90
N ASN X 20 58.68 -24.77 -173.79
CA ASN X 20 58.19 -25.75 -174.75
C ASN X 20 57.61 -25.11 -176.00
N ASN X 21 56.68 -24.17 -175.80
CA ASN X 21 56.02 -23.48 -176.90
C ASN X 21 56.66 -22.15 -177.28
N TRP X 22 57.99 -22.13 -177.37
CA TRP X 22 58.68 -20.91 -177.73
C TRP X 22 58.50 -20.60 -179.21
N ILE X 23 58.56 -21.66 -180.03
CA ILE X 23 58.41 -21.51 -181.47
C ILE X 23 57.11 -20.78 -181.82
N GLU X 24 56.00 -21.18 -181.20
CA GLU X 24 54.72 -20.56 -181.46
C GLU X 24 54.83 -19.06 -181.26
N ILE X 25 55.51 -18.68 -180.18
CA ILE X 25 55.72 -17.27 -179.86
C ILE X 25 56.55 -16.62 -180.95
N TYR X 26 57.58 -17.32 -181.41
CA TYR X 26 58.43 -16.79 -182.47
C TYR X 26 57.65 -16.69 -183.78
N ASN X 27 56.82 -17.69 -184.03
CA ASN X 27 56.00 -17.70 -185.25
C ASN X 27 55.07 -16.50 -185.23
N PHE X 28 54.42 -16.28 -184.09
CA PHE X 28 53.50 -15.16 -183.96
C PHE X 28 54.23 -13.84 -184.15
N VAL X 29 55.49 -13.79 -183.75
CA VAL X 29 56.31 -12.60 -183.89
C VAL X 29 56.93 -12.54 -185.27
N GLN X 30 56.84 -13.66 -186.00
CA GLN X 30 57.39 -13.73 -187.34
C GLN X 30 56.26 -13.51 -188.34
N GLN X 31 55.10 -14.09 -188.05
CA GLN X 31 53.93 -13.97 -188.91
C GLN X 31 53.33 -12.57 -188.79
N LEU X 32 53.74 -11.85 -187.76
CA LEU X 32 53.25 -10.50 -187.53
C LEU X 32 54.20 -9.49 -188.18
N ALA X 33 55.50 -9.76 -188.09
CA ALA X 33 56.50 -8.88 -188.68
C ALA X 33 56.47 -9.09 -190.19
N GLU X 34 55.86 -10.20 -190.60
CA GLU X 34 55.73 -10.56 -192.00
C GLU X 34 54.56 -9.79 -192.61
N ARG X 35 53.58 -9.47 -191.76
CA ARG X 35 52.40 -8.72 -192.20
C ARG X 35 52.70 -7.23 -192.36
N PHE X 36 52.74 -6.52 -191.24
CA PHE X 36 53.01 -5.09 -191.25
C PHE X 36 54.40 -4.82 -191.81
N VAL X 37 54.46 -4.44 -193.08
CA VAL X 37 55.74 -4.16 -193.73
C VAL X 37 55.80 -2.72 -194.23
N SER X 38 55.15 -1.82 -193.49
CA SER X 38 55.14 -0.42 -193.86
C SER X 38 56.32 0.28 -193.18
N PRO X 39 57.05 1.12 -193.93
CA PRO X 39 58.22 1.86 -193.40
C PRO X 39 57.90 2.65 -192.14
N GLU X 40 56.62 2.80 -191.84
CA GLU X 40 56.18 3.52 -190.66
C GLU X 40 55.87 2.55 -189.53
N MET X 41 55.99 1.26 -189.83
CA MET X 41 55.73 0.20 -188.85
C MET X 41 57.01 -0.21 -188.14
N ARG X 42 57.57 0.70 -187.34
CA ARG X 42 58.79 0.42 -186.61
C ARG X 42 58.55 -0.67 -185.57
N LEU X 43 59.29 -1.77 -185.68
CA LEU X 43 59.14 -2.88 -184.75
C LEU X 43 60.24 -2.87 -183.69
N SER X 44 59.97 -3.54 -182.58
CA SER X 44 60.93 -3.64 -181.49
C SER X 44 60.73 -4.97 -180.77
N PHE X 45 61.82 -5.69 -180.52
CA PHE X 45 61.72 -6.97 -179.84
C PHE X 45 62.27 -6.91 -178.42
N ILE X 46 61.60 -7.63 -177.52
CA ILE X 46 62.00 -7.67 -176.12
C ILE X 46 61.69 -9.05 -175.55
N VAL X 47 62.59 -9.56 -174.72
CA VAL X 47 62.41 -10.87 -174.09
C VAL X 47 62.72 -10.80 -172.61
N PHE X 48 61.75 -11.18 -171.77
CA PHE X 48 61.95 -11.15 -170.33
C PHE X 48 61.94 -12.54 -169.72
N SER X 49 62.33 -12.60 -168.45
CA SER X 49 62.38 -13.84 -167.69
C SER X 49 62.88 -13.46 -166.29
N SER X 50 64.17 -13.66 -166.06
CA SER X 50 64.78 -13.30 -164.79
C SER X 50 65.08 -11.82 -164.93
N GLN X 51 65.01 -11.36 -166.18
CA GLN X 51 65.27 -9.97 -166.51
C GLN X 51 65.12 -9.83 -168.01
N ALA X 52 64.43 -8.77 -168.43
CA ALA X 52 64.20 -8.54 -169.85
C ALA X 52 65.35 -7.85 -170.57
N THR X 53 65.37 -8.01 -171.89
CA THR X 53 66.41 -7.41 -172.73
C THR X 53 65.85 -6.88 -174.04
N ILE X 54 66.46 -5.82 -174.54
CA ILE X 54 66.05 -5.20 -175.79
C ILE X 54 66.71 -5.89 -176.97
N ILE X 55 66.05 -6.92 -177.51
CA ILE X 55 66.58 -7.66 -178.64
C ILE X 55 66.64 -6.76 -179.87
N LEU X 56 65.50 -6.16 -180.21
CA LEU X 56 65.40 -5.28 -181.35
C LEU X 56 64.84 -3.91 -180.97
N PRO X 57 65.64 -2.84 -181.14
CA PRO X 57 65.17 -1.49 -180.79
C PRO X 57 63.94 -1.13 -181.60
N LEU X 58 63.47 0.10 -181.46
CA LEU X 58 62.30 0.55 -182.20
C LEU X 58 62.73 1.19 -183.52
N THR X 59 62.54 0.46 -184.61
CA THR X 59 62.91 0.96 -185.93
C THR X 59 62.21 0.18 -187.04
N GLY X 60 62.20 0.75 -188.25
CA GLY X 60 61.57 0.09 -189.38
C GLY X 60 62.55 -0.28 -190.47
N ASP X 61 63.59 -1.02 -190.09
CA ASP X 61 64.61 -1.45 -191.03
C ASP X 61 64.75 -2.97 -190.99
N ARG X 62 64.13 -3.65 -191.94
CA ARG X 62 64.17 -5.11 -192.00
C ARG X 62 65.59 -5.67 -191.94
N GLY X 63 66.58 -4.82 -192.22
CA GLY X 63 67.95 -5.26 -192.16
C GLY X 63 68.28 -5.72 -190.75
N LYS X 64 67.74 -5.00 -189.77
CA LYS X 64 67.96 -5.32 -188.37
C LYS X 64 66.75 -6.10 -187.84
N ILE X 65 65.60 -5.92 -188.49
CA ILE X 65 64.38 -6.62 -188.08
C ILE X 65 64.57 -8.11 -188.29
N SER X 66 65.02 -8.49 -189.48
CA SER X 66 65.27 -9.89 -189.79
C SER X 66 66.32 -10.38 -188.80
N LYS X 67 67.29 -9.51 -188.53
CA LYS X 67 68.37 -9.80 -187.60
C LYS X 67 67.76 -10.22 -186.26
N GLY X 68 66.76 -9.46 -185.83
CA GLY X 68 66.09 -9.76 -184.57
C GLY X 68 65.38 -11.10 -184.64
N LEU X 69 64.63 -11.31 -185.72
CA LEU X 69 63.89 -12.54 -185.91
C LEU X 69 64.85 -13.74 -185.90
N GLU X 70 66.09 -13.50 -186.32
CA GLU X 70 67.09 -14.56 -186.34
C GLU X 70 67.55 -14.86 -184.92
N ASP X 71 67.58 -13.83 -184.08
CA ASP X 71 68.00 -13.98 -182.69
C ASP X 71 66.88 -14.61 -181.86
N LEU X 72 65.66 -14.13 -182.04
CA LEU X 72 64.51 -14.66 -181.30
C LEU X 72 64.33 -16.14 -181.63
N LYS X 73 64.79 -16.53 -182.81
CA LYS X 73 64.70 -17.91 -183.25
C LYS X 73 65.62 -18.77 -182.40
N ARG X 74 66.83 -18.26 -182.17
CA ARG X 74 67.84 -18.95 -181.37
C ARG X 74 67.78 -18.52 -179.91
N VAL X 75 66.65 -18.78 -179.26
CA VAL X 75 66.47 -18.40 -177.86
C VAL X 75 66.12 -19.63 -177.02
N SER X 76 66.67 -19.68 -175.81
CA SER X 76 66.42 -20.80 -174.90
C SER X 76 65.58 -20.31 -173.73
N PRO X 77 64.25 -20.48 -173.81
CA PRO X 77 63.32 -20.06 -172.77
C PRO X 77 63.64 -20.65 -171.40
N VAL X 78 64.17 -19.81 -170.52
CA VAL X 78 64.52 -20.25 -169.17
C VAL X 78 64.69 -19.05 -168.23
N GLY X 79 64.31 -19.24 -166.98
CA GLY X 79 64.41 -18.18 -165.99
C GLY X 79 63.05 -17.86 -165.39
N GLU X 80 63.05 -17.00 -164.37
CA GLU X 80 61.81 -16.62 -163.71
C GLU X 80 60.85 -15.93 -164.68
N THR X 81 59.73 -15.45 -164.15
CA THR X 81 58.73 -14.78 -164.96
C THR X 81 58.53 -13.34 -164.51
N TYR X 82 59.47 -12.47 -164.85
CA TYR X 82 59.38 -11.07 -164.48
C TYR X 82 58.87 -10.24 -165.66
N ILE X 83 57.62 -10.48 -166.03
CA ILE X 83 56.99 -9.79 -167.15
C ILE X 83 57.01 -8.26 -167.00
N HIS X 84 56.64 -7.77 -165.84
CA HIS X 84 56.61 -6.34 -165.59
C HIS X 84 57.87 -5.67 -166.11
N GLU X 85 59.03 -6.25 -165.79
CA GLU X 85 60.30 -5.70 -166.24
C GLU X 85 60.27 -5.52 -167.76
N GLY X 86 59.71 -6.50 -168.46
CA GLY X 86 59.63 -6.43 -169.91
C GLY X 86 58.76 -5.28 -170.36
N LEU X 87 57.51 -5.27 -169.88
CA LEU X 87 56.57 -4.22 -170.23
C LEU X 87 57.21 -2.86 -169.99
N LYS X 88 58.14 -2.81 -169.03
CA LYS X 88 58.84 -1.57 -168.70
C LYS X 88 59.76 -1.15 -169.83
N LEU X 89 60.62 -2.06 -170.26
CA LEU X 89 61.55 -1.77 -171.34
C LEU X 89 60.77 -1.33 -172.58
N ALA X 90 59.47 -1.55 -172.54
CA ALA X 90 58.60 -1.17 -173.65
C ALA X 90 58.25 0.31 -173.51
N ASN X 91 57.74 0.68 -172.35
CA ASN X 91 57.37 2.06 -172.08
C ASN X 91 58.58 2.98 -172.14
N GLU X 92 59.73 2.46 -171.73
CA GLU X 92 60.96 3.25 -171.74
C GLU X 92 61.23 3.72 -173.16
N GLN X 93 60.94 2.87 -174.13
CA GLN X 93 61.14 3.19 -175.55
C GLN X 93 60.11 4.21 -176.01
N ILE X 94 58.87 4.01 -175.57
CA ILE X 94 57.77 4.89 -175.93
C ILE X 94 58.02 6.30 -175.43
N GLN X 95 58.11 6.45 -174.11
CA GLN X 95 58.33 7.75 -173.50
C GLN X 95 59.54 8.48 -174.05
N LYS X 96 60.44 7.73 -174.69
CA LYS X 96 61.64 8.34 -175.28
C LYS X 96 61.34 8.74 -176.72
N ALA X 97 60.20 8.30 -177.22
CA ALA X 97 59.79 8.61 -178.60
C ALA X 97 58.88 9.84 -178.63
N GLY X 98 58.16 10.06 -177.54
CA GLY X 98 57.26 11.21 -177.47
C GLY X 98 56.12 11.01 -176.49
N GLY X 99 56.03 9.82 -175.91
CA GLY X 99 54.98 9.54 -174.96
C GLY X 99 53.63 9.41 -175.64
N LEU X 100 52.74 10.36 -175.38
CA LEU X 100 51.41 10.36 -176.00
C LEU X 100 51.58 10.63 -177.49
N LYS X 101 52.64 11.37 -177.82
CA LYS X 101 52.93 11.73 -179.21
C LYS X 101 53.31 10.52 -180.04
N THR X 102 53.03 9.33 -179.53
CA THR X 102 53.34 8.09 -180.25
C THR X 102 52.23 7.05 -180.13
N SER X 103 51.86 6.49 -181.26
CA SER X 103 50.82 5.46 -181.30
C SER X 103 51.54 4.11 -181.25
N SER X 104 51.65 3.54 -180.06
CA SER X 104 52.32 2.27 -179.90
C SER X 104 51.37 1.10 -179.61
N ILE X 105 51.84 -0.11 -179.91
CA ILE X 105 51.06 -1.32 -179.70
C ILE X 105 51.92 -2.38 -179.03
N ILE X 106 51.91 -2.39 -177.70
CA ILE X 106 52.68 -3.35 -176.94
C ILE X 106 52.05 -4.73 -177.01
N ILE X 107 52.83 -5.70 -177.49
CA ILE X 107 52.35 -7.08 -177.62
C ILE X 107 53.21 -8.00 -176.75
N ALA X 108 52.68 -8.37 -175.60
CA ALA X 108 53.39 -9.24 -174.67
C ALA X 108 53.01 -10.70 -174.80
N LEU X 109 54.01 -11.54 -175.05
CA LEU X 109 53.81 -12.98 -175.19
C LEU X 109 54.22 -13.64 -173.88
N THR X 110 53.28 -14.31 -173.22
CA THR X 110 53.57 -14.97 -171.96
C THR X 110 52.49 -15.97 -171.58
N ASP X 111 52.77 -16.74 -170.54
CA ASP X 111 51.82 -17.74 -170.06
C ASP X 111 50.85 -17.12 -169.07
N GLY X 112 51.09 -15.87 -168.69
CA GLY X 112 50.22 -15.20 -167.75
C GLY X 112 50.27 -15.79 -166.36
N LYS X 113 51.14 -16.78 -166.17
CA LYS X 113 51.29 -17.43 -164.87
C LYS X 113 52.31 -16.68 -164.02
N LEU X 114 51.92 -15.51 -163.54
CA LEU X 114 52.81 -14.69 -162.71
C LEU X 114 52.71 -15.12 -161.26
N ASP X 115 53.69 -14.73 -160.45
CA ASP X 115 53.71 -15.10 -159.03
C ASP X 115 54.21 -13.97 -158.13
N GLY X 116 53.78 -14.00 -156.87
CA GLY X 116 54.18 -13.00 -155.91
C GLY X 116 53.81 -11.57 -156.25
N LEU X 117 54.81 -10.69 -156.30
CA LEU X 117 54.59 -9.29 -156.62
C LEU X 117 54.49 -9.04 -158.11
N VAL X 118 55.02 -9.97 -158.91
CA VAL X 118 54.98 -9.83 -160.35
C VAL X 118 53.59 -9.39 -160.81
N PRO X 119 52.52 -10.04 -160.30
CA PRO X 119 51.15 -9.67 -160.69
C PRO X 119 50.87 -8.20 -160.41
N SER X 120 51.05 -7.80 -159.17
CA SER X 120 50.84 -6.43 -158.75
C SER X 120 51.59 -5.47 -159.66
N TYR X 121 52.91 -5.66 -159.76
CA TYR X 121 53.74 -4.79 -160.59
C TYR X 121 53.41 -4.88 -162.07
N ALA X 122 53.11 -6.09 -162.55
CA ALA X 122 52.77 -6.27 -163.96
C ALA X 122 51.54 -5.44 -164.28
N GLU X 123 50.47 -5.68 -163.51
CA GLU X 123 49.22 -4.95 -163.70
C GLU X 123 49.47 -3.45 -163.66
N LYS X 124 50.29 -3.02 -162.70
CA LYS X 124 50.60 -1.60 -162.55
C LYS X 124 51.48 -1.12 -163.70
N GLU X 125 52.56 -1.83 -163.97
CA GLU X 125 53.47 -1.45 -165.05
C GLU X 125 52.73 -1.43 -166.37
N ALA X 126 51.66 -2.21 -166.46
CA ALA X 126 50.86 -2.29 -167.66
C ALA X 126 50.03 -1.01 -167.83
N LYS X 127 49.45 -0.55 -166.73
CA LYS X 127 48.66 0.67 -166.76
C LYS X 127 49.59 1.83 -167.07
N ILE X 128 50.86 1.66 -166.74
CA ILE X 128 51.87 2.67 -166.99
C ILE X 128 52.06 2.78 -168.51
N SER X 129 51.61 1.74 -169.20
CA SER X 129 51.71 1.70 -170.65
C SER X 129 50.54 2.49 -171.24
N ARG X 130 49.33 2.10 -170.85
CA ARG X 130 48.12 2.77 -171.33
C ARG X 130 48.11 4.23 -170.89
N SER X 131 49.07 4.61 -170.06
CA SER X 131 49.17 5.98 -169.58
C SER X 131 50.15 6.74 -170.45
N LEU X 132 50.53 6.14 -171.57
CA LEU X 132 51.46 6.75 -172.50
C LEU X 132 50.91 6.69 -173.93
N GLY X 133 49.58 6.68 -174.04
CA GLY X 133 48.96 6.61 -175.35
C GLY X 133 49.37 5.35 -176.08
N ALA X 134 49.22 4.20 -175.41
CA ALA X 134 49.57 2.92 -176.01
C ALA X 134 48.55 1.85 -175.68
N SER X 135 48.55 0.78 -176.47
CA SER X 135 47.62 -0.34 -176.26
C SER X 135 48.42 -1.61 -175.93
N VAL X 136 47.95 -2.34 -174.94
CA VAL X 136 48.62 -3.56 -174.51
C VAL X 136 47.91 -4.83 -175.02
N TYR X 137 48.70 -5.75 -175.56
CA TYR X 137 48.17 -7.01 -176.08
C TYR X 137 48.82 -8.22 -175.43
N CYS X 138 48.02 -9.02 -174.73
CA CYS X 138 48.52 -10.21 -174.06
C CYS X 138 48.25 -11.47 -174.86
N VAL X 139 49.19 -11.83 -175.73
CA VAL X 139 49.04 -13.02 -176.55
C VAL X 139 49.61 -14.21 -175.77
N GLY X 140 48.81 -14.72 -174.85
CA GLY X 140 49.24 -15.83 -174.02
C GLY X 140 49.52 -17.15 -174.73
N VAL X 141 50.21 -18.04 -174.02
CA VAL X 141 50.56 -19.35 -174.53
C VAL X 141 50.08 -20.41 -173.54
N LEU X 142 49.86 -21.63 -174.02
CA LEU X 142 49.40 -22.72 -173.17
C LEU X 142 48.13 -22.29 -172.45
N ASP X 143 47.74 -23.06 -171.43
CA ASP X 143 46.55 -22.73 -170.65
C ASP X 143 46.81 -21.51 -169.78
N PHE X 144 47.25 -20.44 -170.42
CA PHE X 144 47.56 -19.18 -169.75
C PHE X 144 46.46 -18.69 -168.84
N GLU X 145 46.77 -17.67 -168.04
CA GLU X 145 45.81 -17.09 -167.11
C GLU X 145 45.02 -15.97 -167.77
N GLN X 146 43.88 -16.33 -168.38
CA GLN X 146 43.03 -15.35 -169.03
C GLN X 146 42.82 -14.18 -168.08
N ALA X 147 42.49 -14.50 -166.83
CA ALA X 147 42.26 -13.50 -165.81
C ALA X 147 43.36 -12.45 -165.76
N GLN X 148 44.57 -12.87 -165.42
CA GLN X 148 45.71 -11.97 -165.33
C GLN X 148 45.88 -11.14 -166.60
N LEU X 149 45.94 -11.82 -167.74
CA LEU X 149 46.11 -11.14 -169.02
C LEU X 149 45.12 -9.98 -169.14
N GLU X 150 43.88 -10.22 -168.74
CA GLU X 150 42.85 -9.20 -168.80
C GLU X 150 43.29 -7.96 -168.02
N ARG X 151 43.77 -8.18 -166.80
CA ARG X 151 44.22 -7.09 -165.96
C ARG X 151 45.53 -6.49 -166.46
N ILE X 152 46.17 -7.16 -167.41
CA ILE X 152 47.43 -6.68 -167.95
C ILE X 152 47.23 -5.80 -169.19
N ALA X 153 46.40 -6.27 -170.11
CA ALA X 153 46.13 -5.52 -171.33
C ALA X 153 45.02 -4.50 -171.10
N ASP X 154 44.46 -3.97 -172.18
CA ASP X 154 43.40 -2.99 -172.10
C ASP X 154 42.11 -3.65 -171.59
N SER X 155 41.61 -4.61 -172.35
CA SER X 155 40.39 -5.34 -172.00
C SER X 155 40.54 -6.81 -172.37
N LYS X 156 39.53 -7.60 -172.06
CA LYS X 156 39.56 -9.03 -172.38
C LYS X 156 39.63 -9.27 -173.88
N GLU X 157 39.52 -8.20 -174.66
CA GLU X 157 39.58 -8.30 -176.11
C GLU X 157 41.02 -8.39 -176.60
N GLN X 158 41.89 -7.53 -176.08
CA GLN X 158 43.30 -7.54 -176.48
C GLN X 158 44.00 -8.80 -175.99
N VAL X 159 43.21 -9.82 -175.67
CA VAL X 159 43.73 -11.09 -175.19
C VAL X 159 43.41 -12.18 -176.22
N PHE X 160 44.36 -12.44 -177.12
CA PHE X 160 44.17 -13.44 -178.16
C PHE X 160 45.09 -14.64 -177.97
N PRO X 161 44.52 -15.85 -177.92
CA PRO X 161 45.33 -17.06 -177.76
C PRO X 161 46.03 -17.42 -179.06
N VAL X 162 47.36 -17.45 -179.05
CA VAL X 162 48.12 -17.78 -180.24
C VAL X 162 47.56 -19.00 -180.96
N LYS X 163 47.09 -19.98 -180.19
CA LYS X 163 46.51 -21.18 -180.76
C LYS X 163 45.09 -20.94 -181.25
N GLY X 164 44.87 -21.16 -182.54
CA GLY X 164 43.56 -20.94 -183.12
C GLY X 164 43.67 -20.59 -184.59
N GLY X 165 42.54 -20.51 -185.27
CA GLY X 165 42.54 -20.17 -186.68
C GLY X 165 42.92 -18.73 -186.92
N PHE X 166 44.19 -18.41 -186.67
CA PHE X 166 44.70 -17.05 -186.85
C PHE X 166 43.88 -16.06 -186.03
N GLN X 167 43.04 -16.59 -185.14
CA GLN X 167 42.21 -15.75 -184.29
C GLN X 167 43.02 -14.57 -183.76
N ALA X 168 44.28 -14.84 -183.45
CA ALA X 168 45.19 -13.82 -182.94
C ALA X 168 45.60 -12.90 -184.07
N LEU X 169 46.32 -13.44 -185.05
CA LEU X 169 46.78 -12.66 -186.19
C LEU X 169 45.63 -11.85 -186.77
N LYS X 170 44.52 -12.51 -187.04
CA LYS X 170 43.34 -11.85 -187.59
C LYS X 170 42.82 -10.80 -186.63
N GLY X 171 42.20 -11.25 -185.54
CA GLY X 171 41.65 -10.34 -184.55
C GLY X 171 42.55 -9.17 -184.19
N ILE X 172 43.86 -9.40 -184.19
CA ILE X 172 44.82 -8.35 -183.85
C ILE X 172 45.12 -7.43 -185.02
N ILE X 173 45.67 -7.99 -186.09
CA ILE X 173 46.00 -7.19 -187.27
C ILE X 173 44.80 -6.38 -187.73
N ASN X 174 43.61 -6.96 -187.59
CA ASN X 174 42.38 -6.29 -187.99
C ASN X 174 41.91 -5.29 -186.94
N SER X 175 42.48 -5.40 -185.73
CA SER X 175 42.13 -4.50 -184.64
C SER X 175 43.10 -3.33 -184.67
N ILE X 176 44.23 -3.53 -185.34
CA ILE X 176 45.26 -2.52 -185.47
C ILE X 176 44.97 -1.67 -186.71
N LEU X 177 44.49 -2.32 -187.77
CA LEU X 177 44.14 -1.64 -189.01
C LEU X 177 42.83 -0.90 -188.83
N ALA X 178 42.12 -1.21 -187.75
CA ALA X 178 40.84 -0.57 -187.45
C ALA X 178 41.11 0.83 -186.92
N GLN X 179 42.39 1.23 -186.96
CA GLN X 179 42.81 2.54 -186.50
C GLN X 179 43.54 3.27 -187.62
N SER X 180 43.81 2.55 -188.70
CA SER X 180 44.49 3.11 -189.86
C SER X 180 43.48 3.77 -190.80
N CYS X 181 43.97 4.57 -191.73
CA CYS X 181 43.10 5.25 -192.69
C CYS X 181 42.84 4.36 -193.90
N THR Y 1 107.80 -13.37 -84.30
CA THR Y 1 107.77 -12.28 -83.29
C THR Y 1 108.51 -11.04 -83.78
N VAL Y 2 108.82 -11.02 -85.07
CA VAL Y 2 109.54 -9.90 -85.67
C VAL Y 2 108.79 -8.60 -85.46
N PRO Y 3 109.49 -7.55 -85.02
CA PRO Y 3 108.90 -6.23 -84.76
C PRO Y 3 108.23 -5.62 -85.98
N ASP Y 4 106.95 -5.27 -85.84
CA ASP Y 4 106.18 -4.65 -86.92
C ASP Y 4 104.91 -4.03 -86.36
N ARG Y 5 104.98 -2.74 -86.03
CA ARG Y 5 103.84 -2.02 -85.46
C ARG Y 5 102.75 -1.85 -86.51
N ASP Y 6 103.12 -1.29 -87.66
CA ASP Y 6 102.18 -1.07 -88.76
C ASP Y 6 101.32 -2.30 -88.99
N ASN Y 7 101.92 -3.48 -88.78
CA ASN Y 7 101.23 -4.75 -88.96
C ASN Y 7 100.95 -5.03 -90.44
N ASP Y 8 101.63 -4.30 -91.32
CA ASP Y 8 101.44 -4.48 -92.75
C ASP Y 8 102.13 -5.74 -93.28
N GLY Y 9 103.21 -6.14 -92.62
CA GLY Y 9 103.92 -7.32 -93.07
C GLY Y 9 105.36 -7.06 -93.46
N ILE Y 10 105.83 -5.85 -93.17
CA ILE Y 10 107.20 -5.48 -93.48
C ILE Y 10 107.91 -5.04 -92.21
N PRO Y 11 108.70 -5.94 -91.60
CA PRO Y 11 109.44 -5.68 -90.37
C PRO Y 11 110.05 -4.29 -90.31
N ASP Y 12 109.62 -3.51 -89.32
CA ASP Y 12 110.09 -2.15 -89.12
C ASP Y 12 111.39 -1.84 -89.85
N SER Y 13 112.50 -2.31 -89.29
CA SER Y 13 113.80 -2.09 -89.89
C SER Y 13 113.70 -2.09 -91.41
N LEU Y 14 113.39 -3.24 -91.98
CA LEU Y 14 113.26 -3.38 -93.43
C LEU Y 14 112.59 -2.17 -94.05
N GLU Y 15 111.44 -1.80 -93.51
CA GLU Y 15 110.67 -0.68 -94.04
C GLU Y 15 111.32 0.68 -93.77
N VAL Y 16 112.24 0.73 -92.82
CA VAL Y 16 112.90 1.99 -92.50
C VAL Y 16 114.28 2.10 -93.13
N GLU Y 17 115.06 1.03 -92.99
CA GLU Y 17 116.42 0.99 -93.53
C GLU Y 17 116.47 0.60 -95.01
N GLY Y 18 115.30 0.40 -95.61
CA GLY Y 18 115.25 0.04 -97.01
C GLY Y 18 115.02 -1.44 -97.25
N TYR Y 19 114.25 -1.75 -98.29
CA TYR Y 19 113.95 -3.13 -98.64
C TYR Y 19 113.47 -3.22 -100.07
N THR Y 20 113.11 -4.43 -100.47
CA THR Y 20 112.61 -4.68 -101.80
C THR Y 20 112.27 -6.16 -101.86
N VAL Y 21 111.81 -6.62 -103.01
CA VAL Y 21 111.45 -8.03 -103.14
C VAL Y 21 111.80 -8.61 -104.49
N ASP Y 22 112.17 -9.89 -104.47
CA ASP Y 22 112.55 -10.62 -105.67
C ASP Y 22 111.93 -12.01 -105.57
N VAL Y 23 112.25 -12.87 -106.55
CA VAL Y 23 111.72 -14.22 -106.55
C VAL Y 23 112.78 -15.29 -106.78
N LYS Y 24 113.13 -16.00 -105.71
CA LYS Y 24 114.14 -17.06 -105.77
C LYS Y 24 113.66 -18.13 -106.74
N ASN Y 25 113.24 -19.28 -106.21
CA ASN Y 25 112.74 -20.34 -107.07
C ASN Y 25 111.63 -19.70 -107.87
N LYS Y 26 110.45 -19.65 -107.26
CA LYS Y 26 109.29 -19.03 -107.88
C LYS Y 26 108.50 -18.38 -106.77
N ARG Y 27 109.16 -18.16 -105.64
CA ARG Y 27 108.51 -17.56 -104.49
C ARG Y 27 108.98 -16.12 -104.35
N THR Y 28 108.20 -15.31 -103.64
CA THR Y 28 108.56 -13.90 -103.45
C THR Y 28 109.18 -13.69 -102.08
N PHE Y 29 110.41 -13.21 -102.07
CA PHE Y 29 111.11 -12.97 -100.81
C PHE Y 29 111.28 -11.49 -100.53
N LEU Y 30 110.78 -11.05 -99.37
CA LEU Y 30 110.91 -9.66 -98.96
C LEU Y 30 112.21 -9.58 -98.17
N SER Y 31 113.24 -8.99 -98.77
CA SER Y 31 114.55 -8.87 -98.13
C SER Y 31 115.06 -7.44 -98.04
N PRO Y 32 115.97 -7.18 -97.08
CA PRO Y 32 116.55 -5.84 -96.89
C PRO Y 32 117.42 -5.45 -98.08
N TRP Y 33 117.77 -4.18 -98.14
CA TRP Y 33 118.57 -3.66 -99.25
C TRP Y 33 120.00 -4.20 -99.28
N ILE Y 34 120.52 -4.39 -100.49
CA ILE Y 34 121.88 -4.87 -100.70
C ILE Y 34 122.43 -4.22 -101.95
N SER Y 35 123.01 -3.03 -101.77
CA SER Y 35 123.58 -2.25 -102.87
C SER Y 35 124.25 -3.14 -103.91
N ASN Y 36 124.79 -4.26 -103.45
CA ASN Y 36 125.46 -5.20 -104.34
C ASN Y 36 124.47 -5.94 -105.21
N ILE Y 37 124.33 -7.24 -104.97
CA ILE Y 37 123.44 -8.12 -105.72
C ILE Y 37 122.09 -7.51 -106.13
N HIS Y 38 121.52 -6.68 -105.26
CA HIS Y 38 120.23 -6.07 -105.56
C HIS Y 38 120.26 -5.02 -106.68
N GLU Y 39 120.95 -3.92 -106.42
CA GLU Y 39 121.04 -2.82 -107.40
C GLU Y 39 121.44 -3.30 -108.79
N LYS Y 40 121.92 -4.54 -108.88
CA LYS Y 40 122.34 -5.11 -110.15
C LYS Y 40 121.16 -5.69 -110.92
N LYS Y 41 120.42 -6.61 -110.29
CA LYS Y 41 119.28 -7.25 -110.92
C LYS Y 41 118.22 -6.27 -111.42
N GLY Y 42 118.38 -4.99 -111.07
CA GLY Y 42 117.43 -3.99 -111.53
C GLY Y 42 116.32 -3.62 -110.57
N LEU Y 43 116.30 -4.23 -109.39
CA LEU Y 43 115.26 -3.93 -108.40
C LEU Y 43 115.32 -2.47 -107.96
N THR Y 44 114.57 -2.14 -106.92
CA THR Y 44 114.53 -0.79 -106.41
C THR Y 44 114.64 -0.77 -104.89
N LYS Y 45 114.94 0.38 -104.32
CA LYS Y 45 115.05 0.53 -102.88
C LYS Y 45 113.73 1.08 -102.34
N TYR Y 46 112.87 0.18 -101.86
CA TYR Y 46 111.58 0.59 -101.33
C TYR Y 46 111.65 0.93 -99.84
N LYS Y 47 111.92 2.19 -99.54
CA LYS Y 47 112.01 2.63 -98.16
C LYS Y 47 110.68 3.31 -97.80
N SER Y 48 109.88 2.64 -96.99
CA SER Y 48 108.59 3.19 -96.60
C SER Y 48 108.53 3.57 -95.12
N SER Y 49 107.33 3.59 -94.55
CA SER Y 49 107.18 3.94 -93.14
C SER Y 49 106.52 2.81 -92.36
N PRO Y 50 107.07 2.51 -91.18
CA PRO Y 50 106.61 1.47 -90.27
C PRO Y 50 105.40 1.76 -89.43
N GLU Y 51 104.98 3.01 -89.33
CA GLU Y 51 103.80 3.28 -88.52
C GLU Y 51 102.53 3.56 -89.29
N LYS Y 52 102.56 3.32 -90.59
CA LYS Y 52 101.37 3.55 -91.42
C LYS Y 52 101.09 2.32 -92.28
N TRP Y 53 99.84 1.88 -92.28
CA TRP Y 53 99.45 0.72 -93.05
C TRP Y 53 99.71 0.95 -94.53
N SER Y 54 99.70 2.22 -94.92
CA SER Y 54 99.96 2.62 -96.29
C SER Y 54 100.47 4.04 -96.21
N THR Y 55 101.79 4.19 -96.19
CA THR Y 55 102.41 5.50 -96.08
C THR Y 55 101.74 6.59 -96.91
N ALA Y 56 101.16 6.21 -98.04
CA ALA Y 56 100.49 7.18 -98.90
C ALA Y 56 99.09 7.50 -98.38
N SER Y 57 98.59 6.63 -97.51
CA SER Y 57 97.27 6.75 -96.90
C SER Y 57 96.23 6.00 -97.72
N ASP Y 58 96.41 5.98 -99.02
CA ASP Y 58 95.48 5.28 -99.90
C ASP Y 58 95.22 3.87 -99.38
N PRO Y 59 94.13 3.26 -99.83
CA PRO Y 59 93.74 1.91 -99.42
C PRO Y 59 94.61 0.79 -99.97
N TYR Y 60 95.89 0.81 -99.65
CA TYR Y 60 96.79 -0.24 -100.13
C TYR Y 60 98.04 -0.35 -99.26
N SER Y 61 98.07 -1.39 -98.42
CA SER Y 61 99.21 -1.59 -97.52
C SER Y 61 100.52 -1.57 -98.27
N ASP Y 62 101.48 -0.83 -97.72
CA ASP Y 62 102.80 -0.72 -98.32
C ASP Y 62 103.14 -2.09 -98.85
N PHE Y 63 103.00 -3.09 -98.00
CA PHE Y 63 103.28 -4.46 -98.39
C PHE Y 63 102.47 -4.82 -99.62
N GLU Y 64 101.15 -4.76 -99.50
CA GLU Y 64 100.27 -5.08 -100.60
C GLU Y 64 100.79 -4.61 -101.95
N LYS Y 65 101.41 -3.44 -101.97
CA LYS Y 65 101.94 -2.89 -103.22
C LYS Y 65 103.18 -3.62 -103.71
N VAL Y 66 104.30 -3.41 -103.01
CA VAL Y 66 105.55 -4.05 -103.38
C VAL Y 66 105.41 -5.54 -103.64
N THR Y 67 104.71 -6.24 -102.75
CA THR Y 67 104.51 -7.67 -102.90
C THR Y 67 103.75 -7.99 -104.17
N GLY Y 68 102.93 -7.06 -104.62
CA GLY Y 68 102.15 -7.27 -105.84
C GLY Y 68 100.77 -7.84 -105.56
N ARG Y 69 100.53 -8.20 -104.30
CA ARG Y 69 99.24 -8.77 -103.90
C ARG Y 69 98.26 -7.60 -103.72
N ILE Y 70 97.74 -7.11 -104.84
CA ILE Y 70 96.82 -5.98 -104.83
C ILE Y 70 96.01 -5.94 -106.13
N ASP Y 71 94.97 -5.11 -106.16
CA ASP Y 71 94.15 -4.97 -107.36
C ASP Y 71 95.06 -4.67 -108.53
N LYS Y 72 95.15 -5.61 -109.46
CA LYS Y 72 96.03 -5.46 -110.61
C LYS Y 72 95.83 -4.22 -111.46
N ASN Y 73 94.76 -3.47 -111.23
CA ASN Y 73 94.55 -2.28 -112.04
C ASN Y 73 95.38 -1.09 -111.58
N VAL Y 74 95.74 -1.07 -110.30
CA VAL Y 74 96.51 0.03 -109.75
C VAL Y 74 97.70 0.36 -110.64
N SER Y 75 97.80 1.63 -111.03
CA SER Y 75 98.89 2.08 -111.89
C SER Y 75 100.24 1.56 -111.37
N PRO Y 76 101.15 1.21 -112.29
CA PRO Y 76 102.46 0.71 -111.90
C PRO Y 76 103.19 1.65 -110.94
N GLU Y 77 103.48 2.85 -111.42
CA GLU Y 77 104.20 3.84 -110.63
C GLU Y 77 103.57 4.08 -109.26
N ALA Y 78 102.39 3.51 -109.04
CA ALA Y 78 101.70 3.69 -107.77
C ALA Y 78 101.90 2.43 -106.93
N ARG Y 79 102.48 1.41 -107.55
CA ARG Y 79 102.72 0.16 -106.86
C ARG Y 79 103.79 0.41 -105.80
N HIS Y 80 104.37 1.60 -105.83
CA HIS Y 80 105.42 2.00 -104.88
C HIS Y 80 104.86 2.60 -103.60
N PRO Y 81 105.43 2.22 -102.45
CA PRO Y 81 105.00 2.69 -101.13
C PRO Y 81 104.90 4.19 -100.91
N LEU Y 82 105.50 4.99 -101.78
CA LEU Y 82 105.45 6.44 -101.59
C LEU Y 82 104.72 7.21 -102.69
N VAL Y 83 104.01 6.48 -103.55
CA VAL Y 83 103.27 7.13 -104.62
C VAL Y 83 101.77 6.95 -104.43
N ALA Y 84 101.06 8.06 -104.26
CA ALA Y 84 99.63 8.04 -104.06
C ALA Y 84 98.96 7.12 -105.06
N ALA Y 85 97.97 6.37 -104.58
CA ALA Y 85 97.25 5.45 -105.45
C ALA Y 85 95.77 5.81 -105.46
N TYR Y 86 95.47 7.07 -105.74
CA TYR Y 86 94.08 7.51 -105.77
C TYR Y 86 93.62 7.76 -107.20
N PRO Y 87 92.30 7.74 -107.44
CA PRO Y 87 91.74 7.96 -108.77
C PRO Y 87 91.51 9.43 -109.04
N ILE Y 88 91.66 9.82 -110.30
CA ILE Y 88 91.45 11.20 -110.69
C ILE Y 88 90.77 11.17 -112.04
N VAL Y 89 89.51 11.60 -112.06
CA VAL Y 89 88.72 11.59 -113.27
C VAL Y 89 88.23 12.97 -113.69
N HIS Y 90 88.25 13.20 -115.00
CA HIS Y 90 87.77 14.46 -115.56
C HIS Y 90 86.93 14.10 -116.76
N VAL Y 91 86.12 15.02 -117.26
CA VAL Y 91 85.26 14.72 -118.40
C VAL Y 91 85.70 15.29 -119.73
N ASP Y 92 85.71 14.43 -120.74
CA ASP Y 92 86.10 14.85 -122.08
C ASP Y 92 84.85 14.90 -122.95
N MET Y 93 84.73 15.97 -123.73
CA MET Y 93 83.60 16.18 -124.61
C MET Y 93 84.11 16.17 -126.05
N GLU Y 94 83.84 15.09 -126.77
CA GLU Y 94 84.32 14.97 -128.15
C GLU Y 94 83.64 15.91 -129.15
N ASN Y 95 82.32 16.02 -129.08
CA ASN Y 95 81.61 16.90 -130.00
C ASN Y 95 80.22 17.27 -129.47
N ILE Y 96 79.80 18.50 -129.78
CA ILE Y 96 78.50 18.98 -129.36
C ILE Y 96 77.61 19.18 -130.57
N ILE Y 97 76.34 19.46 -130.30
CA ILE Y 97 75.38 19.67 -131.37
C ILE Y 97 74.29 20.63 -130.92
N LEU Y 98 74.37 21.86 -131.42
CA LEU Y 98 73.41 22.89 -131.08
C LEU Y 98 72.27 22.90 -132.09
N SER Y 99 71.04 22.98 -131.59
CA SER Y 99 69.86 23.00 -132.45
C SER Y 99 68.77 23.86 -131.85
N LYS Y 100 67.87 24.35 -132.71
CA LYS Y 100 66.76 25.18 -132.26
C LYS Y 100 65.74 24.29 -131.56
N ASN Y 101 65.41 24.63 -130.32
CA ASN Y 101 64.44 23.84 -129.56
C ASN Y 101 63.15 23.64 -130.37
N GLU Y 102 62.72 22.38 -130.47
CA GLU Y 102 61.52 22.03 -131.21
C GLU Y 102 60.36 22.97 -130.88
N ASP Y 110 60.82 19.29 -140.56
CA ASP Y 110 61.41 19.98 -141.69
C ASP Y 110 62.78 20.54 -141.31
N SER Y 111 63.13 20.43 -140.03
CA SER Y 111 64.41 20.92 -139.54
C SER Y 111 65.49 19.84 -139.63
N GLN Y 112 66.45 20.06 -140.53
CA GLN Y 112 67.55 19.11 -140.73
C GLN Y 112 68.89 19.83 -140.87
N THR Y 113 68.86 21.00 -141.52
CA THR Y 113 70.06 21.79 -141.71
C THR Y 113 70.07 23.02 -140.82
N ARG Y 114 69.03 23.14 -139.99
CA ARG Y 114 68.91 24.25 -139.07
C ARG Y 114 69.68 23.91 -137.79
N THR Y 115 70.61 22.97 -137.91
CA THR Y 115 71.40 22.51 -136.77
C THR Y 115 72.90 22.52 -137.02
N ILE Y 116 73.65 23.07 -136.07
CA ILE Y 116 75.10 23.14 -136.19
C ILE Y 116 75.71 22.01 -135.36
N SER Y 117 76.73 21.36 -135.91
CA SER Y 117 77.40 20.26 -135.22
C SER Y 117 78.91 20.35 -135.39
N LYS Y 118 79.57 20.96 -134.40
CA LYS Y 118 81.02 21.12 -134.43
C LYS Y 118 81.70 20.15 -133.46
N ASN Y 119 82.98 19.88 -133.71
CA ASN Y 119 83.75 18.99 -132.85
C ASN Y 119 84.31 19.81 -131.70
N THR Y 120 84.94 19.14 -130.73
CA THR Y 120 85.50 19.83 -129.59
C THR Y 120 86.81 19.23 -129.08
N SER Y 121 87.59 20.06 -128.41
CA SER Y 121 88.88 19.63 -127.86
C SER Y 121 88.92 19.87 -126.36
N THR Y 122 88.85 18.79 -125.59
CA THR Y 122 88.86 18.89 -124.13
C THR Y 122 90.26 18.61 -123.59
N SER Y 123 90.53 19.08 -122.37
CA SER Y 123 91.83 18.87 -121.74
C SER Y 123 91.82 19.31 -120.27
N ARG Y 124 92.24 18.43 -119.38
CA ARG Y 124 92.26 18.75 -117.96
C ARG Y 124 92.91 20.12 -117.80
N THR Y 125 92.55 20.83 -116.74
CA THR Y 125 93.11 22.16 -116.51
C THR Y 125 93.71 22.26 -115.12
N HIS Y 126 94.11 23.46 -114.74
CA HIS Y 126 94.71 23.69 -113.43
C HIS Y 126 94.83 25.18 -113.17
N THR Y 127 93.78 25.93 -113.53
CA THR Y 127 93.72 27.38 -113.36
C THR Y 127 94.50 27.90 -112.15
N SER Y 128 95.40 28.85 -112.41
CA SER Y 128 96.20 29.46 -111.37
C SER Y 128 95.62 30.83 -111.03
N GLU Y 129 96.45 31.72 -110.50
CA GLU Y 129 95.99 33.07 -110.15
C GLU Y 129 96.14 34.02 -111.32
N VAL Y 130 95.63 35.24 -111.15
CA VAL Y 130 95.69 36.25 -112.20
C VAL Y 130 97.05 36.94 -112.20
N HIS Y 131 97.10 38.13 -112.79
CA HIS Y 131 98.33 38.90 -112.88
C HIS Y 131 98.60 39.64 -111.57
N GLY Y 132 97.70 40.54 -111.21
CA GLY Y 132 97.85 41.29 -109.99
C GLY Y 132 97.06 42.59 -109.98
N ASN Y 133 95.76 42.49 -110.24
CA ASN Y 133 94.90 43.66 -110.26
C ASN Y 133 93.42 43.29 -110.16
N ALA Y 134 93.10 42.03 -110.41
CA ALA Y 134 91.73 41.54 -110.35
C ALA Y 134 91.12 41.84 -108.98
N GLU Y 135 90.16 42.77 -108.95
CA GLU Y 135 89.51 43.15 -107.72
C GLU Y 135 88.90 41.95 -107.00
N VAL Y 136 89.57 41.49 -105.95
CA VAL Y 136 89.09 40.35 -105.18
C VAL Y 136 88.55 40.83 -103.83
N HIS Y 137 87.40 40.32 -103.44
CA HIS Y 137 86.77 40.69 -102.18
C HIS Y 137 87.75 40.65 -101.00
N ALA Y 138 87.50 41.52 -100.03
CA ALA Y 138 88.35 41.62 -98.84
C ALA Y 138 88.63 40.27 -98.18
N SER Y 139 87.71 39.33 -98.34
CA SER Y 139 87.87 38.01 -97.76
C SER Y 139 88.93 37.19 -98.47
N PHE Y 140 89.87 37.86 -99.14
CA PHE Y 140 90.92 37.18 -99.87
C PHE Y 140 92.20 37.03 -99.05
N PHE Y 141 92.47 37.99 -98.18
CA PHE Y 141 93.66 37.95 -97.36
C PHE Y 141 93.39 37.44 -95.95
N ASP Y 142 92.48 36.48 -95.85
CA ASP Y 142 92.12 35.89 -94.56
C ASP Y 142 92.69 34.49 -94.46
N ILE Y 143 92.40 33.79 -93.37
CA ILE Y 143 92.89 32.44 -93.18
C ILE Y 143 91.96 31.43 -93.85
N GLY Y 144 92.47 30.77 -94.88
CA GLY Y 144 91.69 29.80 -95.60
C GLY Y 144 90.66 30.45 -96.50
N GLY Y 145 90.17 31.61 -96.07
CA GLY Y 145 89.18 32.33 -96.85
C GLY Y 145 89.69 32.85 -98.18
N SER Y 146 89.14 32.29 -99.26
CA SER Y 146 89.52 32.70 -100.62
C SER Y 146 90.98 32.40 -100.98
N VAL Y 147 91.79 32.06 -99.98
CA VAL Y 147 93.19 31.75 -100.22
C VAL Y 147 93.31 30.38 -100.88
N SER Y 148 92.90 30.30 -102.15
CA SER Y 148 92.97 29.06 -102.89
C SER Y 148 94.41 28.67 -103.18
N ALA Y 149 95.35 29.52 -102.78
CA ALA Y 149 96.76 29.27 -102.99
C ALA Y 149 97.07 29.03 -104.47
N GLY Y 150 96.28 29.67 -105.33
CA GLY Y 150 96.48 29.52 -106.76
C GLY Y 150 95.69 28.34 -107.32
N PHE Y 151 96.01 27.15 -106.86
CA PHE Y 151 95.34 25.94 -107.31
C PHE Y 151 95.20 24.92 -106.18
N SER Y 152 94.06 24.22 -106.16
CA SER Y 152 93.80 23.22 -105.13
C SER Y 152 93.15 21.96 -105.68
N ASN Y 153 92.63 21.14 -104.78
CA ASN Y 153 91.99 19.87 -105.14
C ASN Y 153 90.60 20.02 -105.74
N SER Y 154 90.49 19.59 -107.00
CA SER Y 154 89.22 19.63 -107.73
C SER Y 154 89.47 19.45 -109.22
N ASN Y 155 88.72 18.55 -109.85
CA ASN Y 155 88.86 18.27 -111.26
C ASN Y 155 88.01 19.22 -112.09
N SER Y 156 88.64 19.90 -113.04
CA SER Y 156 87.93 20.83 -113.90
C SER Y 156 88.50 20.82 -115.32
N SER Y 157 87.80 20.15 -116.23
CA SER Y 157 88.25 20.08 -117.61
C SER Y 157 87.76 21.30 -118.37
N THR Y 158 88.20 21.44 -119.61
CA THR Y 158 87.80 22.57 -120.43
C THR Y 158 87.73 22.20 -121.90
N VAL Y 159 86.60 22.47 -122.51
CA VAL Y 159 86.40 22.18 -123.92
C VAL Y 159 86.39 23.44 -124.75
N ALA Y 160 86.62 23.29 -126.05
CA ALA Y 160 86.62 24.40 -126.98
C ALA Y 160 85.88 23.90 -128.20
N ILE Y 161 85.04 24.75 -128.77
CA ILE Y 161 84.26 24.36 -129.94
C ILE Y 161 84.95 24.72 -131.23
N ASP Y 162 85.05 23.73 -132.13
CA ASP Y 162 85.69 23.93 -133.44
C ASP Y 162 85.16 25.23 -134.05
N HIS Y 163 86.04 26.22 -134.17
CA HIS Y 163 85.65 27.51 -134.73
C HIS Y 163 85.63 27.51 -136.25
N SER Y 164 86.09 26.42 -136.86
CA SER Y 164 86.12 26.31 -138.30
C SER Y 164 84.71 26.26 -138.91
N LEU Y 165 84.63 25.85 -140.17
CA LEU Y 165 83.35 25.77 -140.88
C LEU Y 165 82.76 24.37 -140.90
N SER Y 166 81.48 24.29 -141.22
CA SER Y 166 80.77 23.01 -141.30
C SER Y 166 80.04 22.95 -142.62
N LEU Y 167 79.60 24.11 -143.10
CA LEU Y 167 78.88 24.19 -144.37
C LEU Y 167 79.63 25.11 -145.34
N ALA Y 168 78.88 25.72 -146.25
CA ALA Y 168 79.48 26.60 -147.24
C ALA Y 168 79.82 27.97 -146.67
N GLY Y 169 79.12 29.00 -147.15
CA GLY Y 169 79.37 30.34 -146.68
C GLY Y 169 78.65 30.70 -145.39
N GLU Y 170 78.43 29.71 -144.53
CA GLU Y 170 77.73 29.94 -143.27
C GLU Y 170 78.30 31.18 -142.57
N ARG Y 171 77.48 31.81 -141.74
CA ARG Y 171 77.91 33.01 -141.03
C ARG Y 171 76.98 33.27 -139.86
N THR Y 172 77.56 33.42 -138.66
CA THR Y 172 76.79 33.67 -137.45
C THR Y 172 75.77 32.54 -137.24
N TRP Y 173 76.10 31.63 -136.33
CA TRP Y 173 75.22 30.49 -136.05
C TRP Y 173 73.77 30.91 -136.12
N ALA Y 174 73.49 32.14 -135.69
CA ALA Y 174 72.13 32.67 -135.71
C ALA Y 174 71.43 32.34 -137.02
N GLU Y 175 71.74 33.12 -138.07
CA GLU Y 175 71.13 32.92 -139.38
C GLU Y 175 71.22 31.47 -139.84
N THR Y 176 72.26 30.77 -139.39
CA THR Y 176 72.46 29.38 -139.75
C THR Y 176 71.31 28.50 -139.24
N MET Y 177 71.01 28.65 -137.96
CA MET Y 177 69.94 27.88 -137.33
C MET Y 177 68.60 28.58 -137.49
N GLY Y 178 68.56 29.85 -137.13
CA GLY Y 178 67.35 30.62 -137.23
C GLY Y 178 66.81 30.93 -135.85
N LEU Y 179 67.67 31.46 -134.99
CA LEU Y 179 67.28 31.80 -133.62
C LEU Y 179 67.04 33.29 -133.46
N ASN Y 180 65.86 33.63 -132.97
CA ASN Y 180 65.47 35.02 -132.75
C ASN Y 180 65.20 35.25 -131.27
N THR Y 181 65.44 36.48 -130.81
CA THR Y 181 65.24 36.87 -129.43
C THR Y 181 64.33 35.96 -128.59
N ALA Y 182 63.12 35.71 -129.09
CA ALA Y 182 62.16 34.87 -128.36
C ALA Y 182 62.26 33.40 -128.72
N ASP Y 183 63.48 32.85 -128.72
CA ASP Y 183 63.69 31.46 -129.05
C ASP Y 183 64.61 30.76 -128.05
N THR Y 184 64.51 29.44 -128.01
CA THR Y 184 65.33 28.63 -127.12
C THR Y 184 66.11 27.60 -127.90
N ALA Y 185 67.38 27.44 -127.56
CA ALA Y 185 68.25 26.49 -128.23
C ALA Y 185 68.61 25.35 -127.28
N ARG Y 186 68.45 24.13 -127.77
CA ARG Y 186 68.76 22.94 -126.98
C ARG Y 186 70.16 22.42 -127.32
N LEU Y 187 70.95 22.20 -126.27
CA LEU Y 187 72.31 21.70 -126.44
C LEU Y 187 72.32 20.19 -126.22
N ASN Y 188 73.29 19.54 -126.83
CA ASN Y 188 73.44 18.09 -126.72
C ASN Y 188 74.88 17.78 -127.10
N ALA Y 189 75.45 16.72 -126.52
CA ALA Y 189 76.82 16.36 -126.84
C ALA Y 189 77.16 14.94 -126.45
N ASN Y 190 78.31 14.48 -126.93
CA ASN Y 190 78.81 13.14 -126.63
C ASN Y 190 80.06 13.29 -125.78
N ILE Y 191 79.99 12.83 -124.55
CA ILE Y 191 81.13 12.93 -123.66
C ILE Y 191 81.52 11.59 -123.10
N ARG Y 192 82.76 11.52 -122.61
CA ARG Y 192 83.30 10.30 -122.03
C ARG Y 192 84.12 10.58 -120.78
N TYR Y 193 83.84 9.83 -119.73
CA TYR Y 193 84.58 9.98 -118.49
C TYR Y 193 85.93 9.36 -118.76
N VAL Y 194 86.98 9.90 -118.16
CA VAL Y 194 88.31 9.36 -118.34
C VAL Y 194 89.16 9.56 -117.11
N ASN Y 195 89.70 8.45 -116.60
CA ASN Y 195 90.53 8.49 -115.41
C ASN Y 195 91.97 8.82 -115.74
N THR Y 196 92.57 9.70 -114.95
CA THR Y 196 93.94 10.12 -115.18
C THR Y 196 94.86 9.80 -114.01
N GLY Y 197 94.26 9.43 -112.88
CA GLY Y 197 95.06 9.13 -111.69
C GLY Y 197 95.93 7.89 -111.69
N THR Y 198 95.85 7.14 -110.60
CA THR Y 198 96.64 5.94 -110.40
C THR Y 198 95.79 4.77 -109.88
N ALA Y 199 94.54 5.06 -109.55
CA ALA Y 199 93.64 4.03 -109.04
C ALA Y 199 92.37 3.97 -109.89
N PRO Y 200 91.64 2.85 -109.85
CA PRO Y 200 90.42 2.72 -110.66
C PRO Y 200 89.14 2.87 -109.83
N ILE Y 201 88.03 3.16 -110.52
CA ILE Y 201 86.73 3.30 -109.87
C ILE Y 201 85.88 2.17 -110.41
N TYR Y 202 85.22 1.42 -109.53
CA TYR Y 202 84.42 0.28 -109.98
C TYR Y 202 82.92 0.42 -110.16
N ASN Y 203 82.34 1.55 -109.77
CA ASN Y 203 80.89 1.69 -109.93
C ASN Y 203 80.37 3.10 -110.17
N VAL Y 204 79.97 3.79 -109.11
CA VAL Y 204 79.43 5.14 -109.24
C VAL Y 204 80.40 6.15 -109.82
N LEU Y 205 80.05 6.72 -110.98
CA LEU Y 205 80.88 7.73 -111.62
C LEU Y 205 80.63 9.08 -110.97
N PRO Y 206 81.48 10.07 -111.28
CA PRO Y 206 81.34 11.42 -110.72
C PRO Y 206 80.16 12.22 -111.22
N THR Y 207 79.78 13.23 -110.43
CA THR Y 207 78.66 14.11 -110.76
C THR Y 207 79.21 15.40 -111.37
N THR Y 208 79.57 15.34 -112.64
CA THR Y 208 80.12 16.52 -113.30
C THR Y 208 79.06 17.49 -113.77
N SER Y 209 79.33 18.78 -113.57
CA SER Y 209 78.40 19.85 -113.96
C SER Y 209 78.96 20.70 -115.10
N LEU Y 210 78.16 20.88 -116.15
CA LEU Y 210 78.56 21.65 -117.32
C LEU Y 210 78.25 23.13 -117.11
N VAL Y 211 79.28 23.97 -117.19
CA VAL Y 211 79.12 25.40 -117.00
C VAL Y 211 79.45 26.20 -118.25
N LEU Y 212 78.90 27.41 -118.32
CA LEU Y 212 79.11 28.31 -119.44
C LEU Y 212 79.45 29.70 -118.92
N GLY Y 213 80.70 30.10 -119.08
CA GLY Y 213 81.10 31.41 -118.59
C GLY Y 213 81.70 31.34 -117.20
N LYS Y 214 81.26 32.22 -116.31
CA LYS Y 214 81.78 32.25 -114.95
C LYS Y 214 80.88 31.62 -113.89
N ASN Y 215 79.63 31.38 -114.24
CA ASN Y 215 78.71 30.77 -113.28
C ASN Y 215 77.44 30.22 -113.90
N GLN Y 216 77.19 30.54 -115.16
CA GLN Y 216 75.99 30.06 -115.84
C GLN Y 216 76.05 28.55 -116.10
N THR Y 217 75.43 27.78 -115.22
CA THR Y 217 75.41 26.33 -115.34
C THR Y 217 74.36 25.93 -116.38
N LEU Y 218 74.76 25.13 -117.36
CA LEU Y 218 73.82 24.71 -118.39
C LEU Y 218 73.16 23.38 -118.07
N ALA Y 219 73.74 22.67 -117.11
CA ALA Y 219 73.21 21.37 -116.69
C ALA Y 219 74.18 20.70 -115.72
N THR Y 220 73.76 19.57 -115.17
CA THR Y 220 74.59 18.82 -114.24
C THR Y 220 74.45 17.33 -114.54
N ILE Y 221 75.42 16.78 -115.26
CA ILE Y 221 75.39 15.37 -115.62
C ILE Y 221 75.91 14.44 -114.54
N LYS Y 222 75.09 13.45 -114.20
CA LYS Y 222 75.42 12.47 -113.17
C LYS Y 222 74.70 11.15 -113.45
N ALA Y 223 75.10 10.46 -114.51
CA ALA Y 223 74.49 9.18 -114.89
C ALA Y 223 74.25 8.29 -113.66
N LYS Y 224 73.16 7.54 -113.69
CA LYS Y 224 72.76 6.64 -112.60
C LYS Y 224 73.89 5.89 -111.91
N GLU Y 225 73.73 5.63 -110.62
CA GLU Y 225 74.71 4.91 -109.82
C GLU Y 225 74.46 3.41 -109.90
N ASN Y 226 75.54 2.63 -109.78
CA ASN Y 226 75.46 1.18 -109.84
C ASN Y 226 74.95 0.72 -111.20
N GLN Y 227 74.38 1.66 -111.95
CA GLN Y 227 73.85 1.38 -113.28
C GLN Y 227 74.91 0.73 -114.13
N LEU Y 228 76.17 1.09 -113.89
CA LEU Y 228 77.28 0.53 -114.64
C LEU Y 228 78.18 -0.32 -113.76
N SER Y 229 78.73 -1.38 -114.34
CA SER Y 229 79.62 -2.27 -113.64
C SER Y 229 80.98 -2.22 -114.31
N GLN Y 230 81.06 -1.43 -115.38
CA GLN Y 230 82.31 -1.26 -116.11
C GLN Y 230 83.34 -0.66 -115.17
N ILE Y 231 84.60 -0.73 -115.54
CA ILE Y 231 85.66 -0.21 -114.69
C ILE Y 231 86.34 1.01 -115.29
N LEU Y 232 86.55 2.02 -114.46
CA LEU Y 232 87.19 3.25 -114.89
C LEU Y 232 88.67 3.18 -114.53
N ALA Y 233 89.39 2.32 -115.22
CA ALA Y 233 90.82 2.11 -114.98
C ALA Y 233 91.66 3.35 -115.32
N PRO Y 234 92.91 3.37 -114.86
CA PRO Y 234 93.81 4.50 -115.13
C PRO Y 234 94.02 4.66 -116.63
N ASN Y 235 94.50 5.84 -117.03
CA ASN Y 235 94.75 6.13 -118.43
C ASN Y 235 93.90 5.23 -119.30
N ASN Y 236 92.59 5.40 -119.20
CA ASN Y 236 91.64 4.62 -119.96
C ASN Y 236 90.27 5.29 -119.93
N TYR Y 237 89.85 5.82 -121.08
CA TYR Y 237 88.58 6.50 -121.18
C TYR Y 237 87.42 5.58 -120.77
N TYR Y 238 86.50 6.09 -119.97
CA TYR Y 238 85.37 5.29 -119.49
C TYR Y 238 84.72 4.48 -120.60
N PRO Y 239 83.91 5.14 -121.43
CA PRO Y 239 83.28 4.36 -122.48
C PRO Y 239 84.37 3.95 -123.47
N SER Y 240 85.06 2.87 -123.13
CA SER Y 240 86.16 2.34 -123.94
C SER Y 240 86.20 2.95 -125.33
N LYS Y 241 87.32 3.60 -125.64
CA LYS Y 241 87.50 4.24 -126.94
C LYS Y 241 86.96 3.38 -128.09
N ASN Y 242 86.84 2.08 -127.84
CA ASN Y 242 86.34 1.14 -128.83
C ASN Y 242 84.85 0.89 -128.66
N LEU Y 243 84.12 1.88 -128.16
CA LEU Y 243 82.69 1.76 -127.96
C LEU Y 243 81.96 3.04 -128.34
N ALA Y 244 80.72 3.17 -127.87
CA ALA Y 244 79.92 4.35 -128.17
C ALA Y 244 79.97 5.38 -127.06
N PRO Y 245 80.54 6.56 -127.35
CA PRO Y 245 80.66 7.64 -126.37
C PRO Y 245 79.32 8.05 -125.77
N ILE Y 246 79.27 8.21 -124.46
CA ILE Y 246 78.04 8.60 -123.78
C ILE Y 246 77.56 9.93 -124.34
N ALA Y 247 76.25 10.11 -124.41
CA ALA Y 247 75.64 11.34 -124.94
C ALA Y 247 74.75 12.05 -123.91
N LEU Y 248 74.99 13.36 -123.74
CA LEU Y 248 74.21 14.16 -122.80
C LEU Y 248 72.74 14.11 -123.18
N ASN Y 249 71.87 14.46 -122.22
CA ASN Y 249 70.43 14.48 -122.42
C ASN Y 249 69.99 14.01 -123.81
N ALA Y 250 70.06 12.70 -124.03
CA ALA Y 250 69.68 12.11 -125.30
C ALA Y 250 69.37 10.62 -125.17
N GLN Y 251 69.16 10.18 -123.93
CA GLN Y 251 68.84 8.78 -123.70
C GLN Y 251 68.46 8.51 -122.25
N SER Y 255 65.65 10.70 -120.11
CA SER Y 255 65.59 12.14 -119.89
C SER Y 255 64.22 12.71 -120.28
N SER Y 256 63.83 13.81 -119.63
CA SER Y 256 62.55 14.47 -119.88
C SER Y 256 62.75 15.98 -119.88
N THR Y 257 63.92 16.41 -119.43
CA THR Y 257 64.27 17.82 -119.38
C THR Y 257 65.65 18.03 -119.99
N PRO Y 258 65.72 18.43 -121.26
CA PRO Y 258 66.95 18.67 -122.00
C PRO Y 258 67.80 19.81 -121.45
N ILE Y 259 68.48 20.51 -122.34
CA ILE Y 259 69.34 21.62 -121.98
C ILE Y 259 68.84 22.93 -122.56
N THR Y 260 68.28 23.77 -121.70
CA THR Y 260 67.72 25.05 -122.11
C THR Y 260 68.81 26.10 -122.31
N MET Y 261 68.66 26.90 -123.37
CA MET Y 261 69.62 27.94 -123.68
C MET Y 261 68.93 29.05 -124.46
N ASN Y 262 68.81 30.23 -123.86
CA ASN Y 262 68.15 31.37 -124.50
C ASN Y 262 69.08 32.09 -125.45
N TYR Y 263 68.48 32.95 -126.28
CA TYR Y 263 69.22 33.73 -127.28
C TYR Y 263 70.47 34.40 -126.72
N ASN Y 264 70.34 35.09 -125.58
CA ASN Y 264 71.47 35.76 -124.98
C ASN Y 264 72.58 34.77 -124.64
N GLN Y 265 72.21 33.61 -124.13
CA GLN Y 265 73.18 32.59 -123.78
C GLN Y 265 73.81 32.03 -125.06
N PHE Y 266 72.96 31.49 -125.92
CA PHE Y 266 73.40 30.93 -127.20
C PHE Y 266 74.32 31.93 -127.88
N LEU Y 267 74.13 33.20 -127.57
CA LEU Y 267 74.97 34.24 -128.14
C LEU Y 267 76.37 34.13 -127.55
N GLU Y 268 76.46 34.15 -126.22
CA GLU Y 268 77.75 34.03 -125.54
C GLU Y 268 78.53 32.84 -126.05
N LEU Y 269 77.88 31.69 -126.07
CA LEU Y 269 78.51 30.46 -126.54
C LEU Y 269 79.30 30.74 -127.80
N GLU Y 270 78.67 31.43 -128.75
CA GLU Y 270 79.33 31.75 -130.00
C GLU Y 270 80.50 32.72 -129.77
N LYS Y 271 80.32 33.66 -128.85
CA LYS Y 271 81.35 34.64 -128.56
C LYS Y 271 82.67 34.06 -128.04
N THR Y 272 82.62 32.85 -127.46
CA THR Y 272 83.82 32.21 -126.94
C THR Y 272 84.04 30.81 -127.48
N LYS Y 273 82.95 30.20 -127.93
CA LYS Y 273 83.01 28.85 -128.48
C LYS Y 273 83.68 27.88 -127.50
N GLN Y 274 83.43 28.08 -126.21
CA GLN Y 274 84.02 27.20 -125.19
C GLN Y 274 83.14 27.05 -123.94
N LEU Y 275 83.10 25.82 -123.42
CA LEU Y 275 82.33 25.49 -122.23
C LEU Y 275 83.30 24.96 -121.18
N ARG Y 276 82.84 24.84 -119.95
CA ARG Y 276 83.69 24.33 -118.87
C ARG Y 276 83.05 23.09 -118.22
N LEU Y 277 83.87 22.16 -117.76
CA LEU Y 277 83.38 20.95 -117.12
C LEU Y 277 84.01 20.71 -115.77
N ASP Y 278 83.22 20.88 -114.71
CA ASP Y 278 83.69 20.67 -113.36
C ASP Y 278 83.18 19.32 -112.86
N THR Y 279 84.03 18.58 -112.17
CA THR Y 279 83.67 17.27 -111.68
C THR Y 279 83.97 17.11 -110.21
N ASP Y 280 83.03 16.51 -109.48
CA ASP Y 280 83.19 16.29 -108.04
C ASP Y 280 84.21 15.20 -107.80
N GLN Y 281 84.24 14.66 -106.58
CA GLN Y 281 85.19 13.60 -106.27
C GLN Y 281 84.54 12.36 -105.69
N VAL Y 282 83.22 12.35 -105.61
CA VAL Y 282 82.53 11.19 -105.07
C VAL Y 282 82.70 10.03 -106.04
N TYR Y 283 83.60 9.12 -105.71
CA TYR Y 283 83.83 7.96 -106.56
C TYR Y 283 83.24 6.74 -105.87
N GLY Y 284 82.98 5.70 -106.65
CA GLY Y 284 82.41 4.49 -106.09
C GLY Y 284 83.29 3.92 -104.99
N ASN Y 285 82.83 2.85 -104.36
CA ASN Y 285 83.61 2.23 -103.29
C ASN Y 285 84.93 1.74 -103.86
N ILE Y 286 85.80 1.22 -103.01
CA ILE Y 286 87.11 0.75 -103.46
C ILE Y 286 87.27 -0.77 -103.51
N ALA Y 287 88.13 -1.21 -104.41
CA ALA Y 287 88.42 -2.63 -104.59
C ALA Y 287 89.68 -2.99 -103.83
N THR Y 288 89.55 -3.88 -102.84
CA THR Y 288 90.70 -4.29 -102.04
C THR Y 288 91.06 -5.77 -102.17
N TYR Y 289 92.20 -6.15 -101.61
CA TYR Y 289 92.71 -7.52 -101.65
C TYR Y 289 92.01 -8.41 -100.62
N ASN Y 290 92.51 -9.63 -100.44
CA ASN Y 290 91.94 -10.56 -99.49
C ASN Y 290 92.80 -11.81 -99.39
N PHE Y 291 93.89 -11.71 -98.65
CA PHE Y 291 94.86 -12.79 -98.45
C PHE Y 291 94.26 -14.20 -98.44
N GLU Y 292 93.19 -14.40 -97.69
CA GLU Y 292 92.53 -15.70 -97.58
C GLU Y 292 92.55 -16.52 -98.88
N ASN Y 293 91.81 -16.06 -99.87
CA ASN Y 293 91.75 -16.75 -101.16
C ASN Y 293 92.22 -15.84 -102.29
N GLY Y 294 93.08 -14.90 -101.94
CA GLY Y 294 93.60 -13.97 -102.93
C GLY Y 294 92.59 -13.49 -103.94
N ARG Y 295 91.58 -12.78 -103.47
CA ARG Y 295 90.54 -12.27 -104.36
C ARG Y 295 90.44 -10.75 -104.31
N VAL Y 296 89.96 -10.17 -105.39
CA VAL Y 296 89.78 -8.72 -105.49
C VAL Y 296 88.32 -8.41 -105.22
N ARG Y 297 88.06 -7.83 -104.05
CA ARG Y 297 86.68 -7.50 -103.69
C ARG Y 297 86.46 -6.00 -103.55
N VAL Y 298 85.21 -5.59 -103.70
CA VAL Y 298 84.82 -4.20 -103.57
C VAL Y 298 84.15 -4.03 -102.22
N ASP Y 299 84.89 -3.53 -101.24
CA ASP Y 299 84.35 -3.34 -99.90
C ASP Y 299 83.43 -2.16 -99.78
N THR Y 300 82.16 -2.44 -99.52
CA THR Y 300 81.16 -1.40 -99.36
C THR Y 300 81.51 -0.55 -98.15
N GLY Y 301 82.48 -1.02 -97.36
CA GLY Y 301 82.88 -0.30 -96.17
C GLY Y 301 83.95 0.75 -96.38
N SER Y 302 84.58 0.76 -97.55
CA SER Y 302 85.63 1.73 -97.82
C SER Y 302 85.44 2.46 -99.14
N ASN Y 303 85.07 3.73 -99.05
CA ASN Y 303 84.86 4.56 -100.22
C ASN Y 303 85.87 5.70 -100.17
N TRP Y 304 86.43 6.04 -101.33
CA TRP Y 304 87.43 7.10 -101.41
C TRP Y 304 87.05 8.33 -100.60
N SER Y 305 85.79 8.73 -100.68
CA SER Y 305 85.30 9.90 -99.96
C SER Y 305 85.76 9.91 -98.50
N GLU Y 306 86.15 8.75 -98.00
CA GLU Y 306 86.63 8.61 -96.63
C GLU Y 306 88.15 8.69 -96.62
N VAL Y 307 88.76 7.77 -97.37
CA VAL Y 307 90.20 7.67 -97.47
C VAL Y 307 90.73 8.27 -98.76
N LEU Y 308 90.71 9.59 -98.84
CA LEU Y 308 91.20 10.30 -100.00
C LEU Y 308 91.69 11.66 -99.52
N PRO Y 309 90.92 12.32 -98.65
CA PRO Y 309 91.37 13.64 -98.17
C PRO Y 309 92.75 13.50 -97.55
N GLN Y 310 92.95 12.41 -96.80
CA GLN Y 310 94.23 12.16 -96.15
C GLN Y 310 95.37 12.33 -97.15
N ILE Y 311 95.26 11.63 -98.27
CA ILE Y 311 96.27 11.71 -99.31
C ILE Y 311 96.63 13.16 -99.58
N GLN Y 312 95.60 13.99 -99.79
CA GLN Y 312 95.82 15.40 -100.08
C GLN Y 312 96.32 16.19 -98.86
N GLU Y 313 96.18 15.61 -97.67
CA GLU Y 313 96.62 16.28 -96.45
C GLU Y 313 97.94 15.74 -95.92
N THR Y 314 98.53 14.80 -96.63
CA THR Y 314 99.79 14.22 -96.19
C THR Y 314 100.66 13.78 -97.36
N THR Y 315 100.77 14.63 -98.37
CA THR Y 315 101.59 14.31 -99.54
C THR Y 315 102.04 15.56 -100.27
N ALA Y 316 102.77 15.35 -101.35
CA ALA Y 316 103.27 16.43 -102.17
C ALA Y 316 102.62 16.23 -103.54
N ARG Y 317 102.04 17.29 -104.08
CA ARG Y 317 101.39 17.21 -105.37
C ARG Y 317 102.28 17.80 -106.45
N ILE Y 318 102.47 17.06 -107.54
CA ILE Y 318 103.31 17.53 -108.63
C ILE Y 318 102.58 17.40 -109.95
N ILE Y 319 102.41 18.51 -110.65
CA ILE Y 319 101.74 18.51 -111.94
C ILE Y 319 102.79 18.59 -113.05
N PHE Y 320 103.01 17.46 -113.72
CA PHE Y 320 103.98 17.39 -114.79
C PHE Y 320 103.30 17.06 -116.10
N ASN Y 321 103.88 17.49 -117.22
CA ASN Y 321 103.29 17.20 -118.51
C ASN Y 321 104.35 16.76 -119.51
N GLY Y 322 104.84 15.54 -119.33
CA GLY Y 322 105.86 15.02 -120.22
C GLY Y 322 105.29 13.99 -121.16
N LYS Y 323 104.52 13.06 -120.61
CA LYS Y 323 103.90 12.00 -121.41
C LYS Y 323 103.19 12.62 -122.59
N ASP Y 324 102.78 13.87 -122.41
CA ASP Y 324 102.09 14.66 -123.44
C ASP Y 324 102.09 16.08 -122.92
N LEU Y 325 101.11 16.87 -123.34
CA LEU Y 325 101.03 18.25 -122.89
C LEU Y 325 99.86 18.39 -121.92
N ASN Y 326 99.21 17.25 -121.63
CA ASN Y 326 98.08 17.21 -120.71
C ASN Y 326 98.57 17.09 -119.27
N LEU Y 327 98.25 18.08 -118.47
CA LEU Y 327 98.64 18.11 -117.07
C LEU Y 327 98.35 16.80 -116.35
N VAL Y 328 99.41 16.12 -115.92
CA VAL Y 328 99.27 14.86 -115.21
C VAL Y 328 99.51 15.12 -113.73
N GLU Y 329 98.66 14.56 -112.88
CA GLU Y 329 98.82 14.77 -111.45
C GLU Y 329 99.31 13.51 -110.74
N ARG Y 330 100.03 13.72 -109.65
CA ARG Y 330 100.58 12.63 -108.86
C ARG Y 330 100.99 13.18 -107.50
N ARG Y 331 100.80 12.39 -106.46
CA ARG Y 331 101.17 12.82 -105.12
C ARG Y 331 102.19 11.86 -104.54
N ILE Y 332 103.24 12.40 -103.91
CA ILE Y 332 104.27 11.57 -103.32
C ILE Y 332 104.15 11.61 -101.81
N ALA Y 333 104.55 10.51 -101.18
CA ALA Y 333 104.49 10.39 -99.74
C ALA Y 333 105.45 11.35 -99.05
N ALA Y 334 105.07 12.61 -99.00
CA ALA Y 334 105.89 13.62 -98.35
C ALA Y 334 105.78 13.45 -96.84
N VAL Y 335 106.34 14.38 -96.09
CA VAL Y 335 106.29 14.31 -94.63
C VAL Y 335 105.90 15.65 -94.05
N ASN Y 336 105.32 15.61 -92.86
CA ASN Y 336 104.90 16.82 -92.18
C ASN Y 336 105.62 16.84 -90.84
N PRO Y 337 106.22 17.99 -90.49
CA PRO Y 337 106.95 18.12 -89.22
C PRO Y 337 106.05 18.18 -87.99
N SER Y 338 104.91 18.86 -88.11
CA SER Y 338 103.99 18.99 -86.99
C SER Y 338 103.29 17.68 -86.62
N ASP Y 339 103.38 16.69 -87.50
CA ASP Y 339 102.73 15.41 -87.26
C ASP Y 339 103.69 14.28 -86.89
N PRO Y 340 103.63 13.83 -85.63
CA PRO Y 340 104.51 12.74 -85.18
C PRO Y 340 104.47 11.61 -86.19
N LEU Y 341 103.33 10.95 -86.26
CA LEU Y 341 103.14 9.85 -87.19
C LEU Y 341 103.73 10.16 -88.56
N GLU Y 342 103.26 11.26 -89.16
CA GLU Y 342 103.74 11.67 -90.47
C GLU Y 342 105.22 11.99 -90.55
N THR Y 343 105.95 11.60 -89.52
CA THR Y 343 107.39 11.83 -89.49
C THR Y 343 108.00 10.45 -89.65
N THR Y 344 107.18 9.44 -89.41
CA THR Y 344 107.59 8.05 -89.52
C THR Y 344 107.83 7.76 -91.00
N LYS Y 345 107.45 8.72 -91.84
CA LYS Y 345 107.59 8.58 -93.27
C LYS Y 345 109.02 8.81 -93.72
N PRO Y 346 109.40 8.25 -94.87
CA PRO Y 346 110.75 8.40 -95.41
C PRO Y 346 110.94 9.81 -95.95
N ASP Y 347 112.02 10.48 -95.53
CA ASP Y 347 112.29 11.84 -96.01
C ASP Y 347 112.23 11.86 -97.53
N MET Y 348 111.61 12.90 -98.10
CA MET Y 348 111.51 12.98 -99.54
C MET Y 348 112.25 14.13 -100.18
N THR Y 349 112.82 13.86 -101.36
CA THR Y 349 113.58 14.84 -102.12
C THR Y 349 112.90 15.07 -103.47
N LEU Y 350 112.85 16.33 -103.90
CA LEU Y 350 112.25 16.68 -105.16
C LEU Y 350 112.76 15.76 -106.27
N LYS Y 351 114.06 15.50 -106.26
CA LYS Y 351 114.67 14.63 -107.26
C LYS Y 351 114.02 13.25 -107.19
N GLU Y 352 114.34 12.50 -106.14
CA GLU Y 352 113.80 11.16 -105.95
C GLU Y 352 112.32 11.15 -106.36
N ALA Y 353 111.61 12.21 -106.00
CA ALA Y 353 110.19 12.31 -106.34
C ALA Y 353 109.99 12.17 -107.85
N LEU Y 354 110.53 13.11 -108.62
CA LEU Y 354 110.38 13.07 -110.08
C LEU Y 354 110.85 11.76 -110.71
N LYS Y 355 111.49 10.91 -109.93
CA LYS Y 355 111.97 9.63 -110.45
C LYS Y 355 110.86 8.59 -110.40
N ILE Y 356 110.19 8.49 -109.25
CA ILE Y 356 109.11 7.52 -109.08
C ILE Y 356 107.76 8.08 -109.48
N ALA Y 357 107.55 9.35 -109.18
CA ALA Y 357 106.30 10.02 -109.50
C ALA Y 357 105.92 9.91 -110.98
N PHE Y 358 106.86 10.24 -111.85
CA PHE Y 358 106.60 10.21 -113.29
C PHE Y 358 107.53 9.27 -114.04
N GLY Y 359 108.78 9.18 -113.60
CA GLY Y 359 109.72 8.29 -114.27
C GLY Y 359 111.03 8.89 -114.73
N PHE Y 360 111.37 10.07 -114.24
CA PHE Y 360 112.65 10.70 -114.62
C PHE Y 360 113.78 9.75 -114.28
N ASN Y 361 114.83 9.75 -115.10
CA ASN Y 361 115.97 8.86 -114.87
C ASN Y 361 117.31 9.56 -115.04
N GLU Y 362 118.38 8.88 -114.65
CA GLU Y 362 119.73 9.41 -114.76
C GLU Y 362 120.55 8.55 -115.71
N PRO Y 363 120.42 8.81 -117.03
CA PRO Y 363 121.16 8.07 -118.05
C PRO Y 363 122.66 8.16 -117.89
N ASN Y 364 123.20 9.37 -118.04
CA ASN Y 364 124.63 9.61 -117.90
C ASN Y 364 124.94 10.56 -116.75
N GLY Y 365 124.05 10.61 -115.77
CA GLY Y 365 124.26 11.49 -114.63
C GLY Y 365 123.40 12.74 -114.67
N ASN Y 366 122.56 12.83 -115.69
CA ASN Y 366 121.68 13.99 -115.84
C ASN Y 366 120.22 13.58 -115.67
N LEU Y 367 119.58 14.14 -114.66
CA LEU Y 367 118.18 13.84 -114.36
C LEU Y 367 117.28 14.32 -115.49
N GLN Y 368 117.06 13.46 -116.49
CA GLN Y 368 116.22 13.82 -117.61
C GLN Y 368 114.94 12.98 -117.65
N TYR Y 369 114.08 13.29 -118.62
CA TYR Y 369 112.83 12.57 -118.77
C TYR Y 369 112.67 12.03 -120.19
N GLN Y 370 112.87 10.73 -120.35
CA GLN Y 370 112.75 10.08 -121.65
C GLN Y 370 113.47 10.87 -122.74
N GLY Y 371 114.47 11.65 -122.34
CA GLY Y 371 115.22 12.44 -123.30
C GLY Y 371 115.40 13.89 -122.90
N LYS Y 372 114.30 14.55 -122.56
CA LYS Y 372 114.35 15.94 -122.15
C LYS Y 372 115.07 16.08 -120.80
N ASP Y 373 115.85 17.15 -120.66
CA ASP Y 373 116.59 17.40 -119.43
C ASP Y 373 115.74 18.18 -118.44
N ILE Y 374 115.82 17.79 -117.16
CA ILE Y 374 115.05 18.46 -116.11
C ILE Y 374 115.12 19.98 -116.19
N THR Y 375 116.10 20.49 -116.93
CA THR Y 375 116.27 21.94 -117.07
C THR Y 375 115.37 22.51 -118.16
N GLU Y 376 114.67 21.64 -118.89
CA GLU Y 376 113.78 22.09 -119.96
C GLU Y 376 112.36 22.33 -119.46
N PHE Y 377 112.17 22.28 -118.14
CA PHE Y 377 110.85 22.49 -117.57
C PHE Y 377 110.89 23.57 -116.49
N ASP Y 378 109.85 24.39 -116.46
CA ASP Y 378 109.76 25.47 -115.48
C ASP Y 378 109.14 24.97 -114.17
N PHE Y 379 109.73 25.39 -113.05
CA PHE Y 379 109.24 25.02 -111.73
C PHE Y 379 108.40 26.15 -111.15
N ASN Y 380 107.12 25.87 -110.91
CA ASN Y 380 106.23 26.87 -110.34
C ASN Y 380 105.59 26.36 -109.07
N PHE Y 381 105.76 27.10 -107.98
CA PHE Y 381 105.21 26.71 -106.69
C PHE Y 381 104.10 27.64 -106.25
N ASP Y 382 103.40 27.26 -105.19
CA ASP Y 382 102.31 28.07 -104.66
C ASP Y 382 102.85 29.00 -103.57
N GLN Y 383 102.02 29.94 -103.15
CA GLN Y 383 102.40 30.90 -102.11
C GLN Y 383 103.15 30.22 -100.97
N GLN Y 384 102.67 29.06 -100.54
CA GLN Y 384 103.30 28.31 -99.46
C GLN Y 384 104.59 27.65 -99.93
N THR Y 385 104.45 26.57 -100.70
CA THR Y 385 105.59 25.82 -101.22
C THR Y 385 106.75 26.72 -101.64
N SER Y 386 106.43 27.92 -102.13
CA SER Y 386 107.46 28.86 -102.55
C SER Y 386 108.46 29.07 -101.42
N GLN Y 387 107.98 29.58 -100.30
CA GLN Y 387 108.82 29.84 -99.14
C GLN Y 387 109.54 28.57 -98.68
N ASN Y 388 108.77 27.54 -98.35
CA ASN Y 388 109.31 26.26 -97.88
C ASN Y 388 110.51 25.78 -98.69
N ILE Y 389 110.60 26.20 -99.94
CA ILE Y 389 111.71 25.81 -100.79
C ILE Y 389 112.75 26.93 -100.81
N LYS Y 390 112.29 28.17 -100.77
CA LYS Y 390 113.19 29.31 -100.77
C LYS Y 390 114.10 29.22 -99.55
N ASN Y 391 113.50 28.89 -98.40
CA ASN Y 391 114.24 28.76 -97.15
C ASN Y 391 115.30 27.66 -97.24
N GLN Y 392 115.09 26.71 -98.14
CA GLN Y 392 116.05 25.63 -98.32
C GLN Y 392 117.19 26.10 -99.22
N LEU Y 393 116.84 26.77 -100.31
CA LEU Y 393 117.85 27.28 -101.23
C LEU Y 393 118.71 28.31 -100.51
N ALA Y 394 118.21 28.78 -99.37
CA ALA Y 394 118.93 29.76 -98.56
C ALA Y 394 119.98 29.07 -97.71
N GLU Y 395 119.54 28.15 -96.86
CA GLU Y 395 120.46 27.41 -96.00
C GLU Y 395 121.28 26.40 -96.79
N LEU Y 396 121.31 26.57 -98.11
CA LEU Y 396 122.07 25.69 -98.99
C LEU Y 396 122.88 26.51 -99.97
N ASN Y 397 122.87 27.83 -99.77
CA ASN Y 397 123.61 28.76 -100.61
C ASN Y 397 123.64 28.37 -102.08
N ALA Y 398 122.63 28.81 -102.83
CA ALA Y 398 122.53 28.52 -104.25
C ALA Y 398 121.40 29.34 -104.87
N THR Y 399 121.51 29.59 -106.17
CA THR Y 399 120.49 30.36 -106.86
C THR Y 399 119.79 29.49 -107.90
N ASN Y 400 120.42 28.38 -108.26
CA ASN Y 400 119.86 27.45 -109.23
C ASN Y 400 119.36 26.20 -108.53
N ILE Y 401 118.05 26.00 -108.56
CA ILE Y 401 117.44 24.84 -107.92
C ILE Y 401 117.79 23.53 -108.63
N TYR Y 402 117.96 23.60 -109.95
CA TYR Y 402 118.28 22.42 -110.75
C TYR Y 402 119.55 21.73 -110.21
N THR Y 403 120.35 22.48 -109.46
CA THR Y 403 121.58 21.97 -108.88
C THR Y 403 121.28 21.27 -107.57
N VAL Y 404 120.87 22.06 -106.57
CA VAL Y 404 120.54 21.53 -105.25
C VAL Y 404 119.22 20.77 -105.30
N LEU Y 405 118.82 20.39 -106.52
CA LEU Y 405 117.59 19.66 -106.76
C LEU Y 405 117.48 18.48 -105.79
N ASP Y 406 118.47 17.58 -105.87
CA ASP Y 406 118.51 16.40 -105.03
C ASP Y 406 118.74 16.71 -103.55
N LYS Y 407 118.33 17.91 -103.13
CA LYS Y 407 118.50 18.31 -101.74
C LYS Y 407 117.33 19.16 -101.27
N ILE Y 408 116.19 19.05 -101.94
CA ILE Y 408 115.00 19.82 -101.58
C ILE Y 408 114.01 18.91 -100.86
N LYS Y 409 113.72 19.24 -99.61
CA LYS Y 409 112.81 18.44 -98.79
C LYS Y 409 111.34 18.77 -99.13
N LEU Y 410 110.60 17.77 -99.59
CA LEU Y 410 109.19 17.96 -99.93
C LEU Y 410 108.33 17.69 -98.70
N ASN Y 411 107.60 18.71 -98.25
CA ASN Y 411 106.72 18.56 -97.09
C ASN Y 411 105.28 18.40 -97.54
N ALA Y 412 104.48 17.67 -96.76
CA ALA Y 412 103.08 17.45 -97.09
C ALA Y 412 102.39 18.77 -97.40
N LYS Y 413 101.37 18.71 -98.26
CA LYS Y 413 100.62 19.90 -98.65
C LYS Y 413 101.41 20.77 -99.63
N MET Y 414 102.56 20.28 -100.04
CA MET Y 414 103.40 21.01 -100.98
C MET Y 414 102.84 20.80 -102.38
N ASN Y 415 102.83 21.86 -103.19
CA ASN Y 415 102.32 21.78 -104.56
C ASN Y 415 103.38 22.25 -105.54
N ILE Y 416 103.59 21.49 -106.61
CA ILE Y 416 104.59 21.84 -107.61
C ILE Y 416 104.09 21.62 -109.03
N LEU Y 417 104.38 22.58 -109.91
CA LEU Y 417 103.96 22.49 -111.31
C LEU Y 417 105.12 22.44 -112.30
N ILE Y 418 105.44 21.23 -112.75
CA ILE Y 418 106.52 21.04 -113.71
C ILE Y 418 105.95 20.97 -115.11
N ARG Y 419 106.17 22.03 -115.88
CA ARG Y 419 105.68 22.07 -117.25
C ARG Y 419 106.80 22.34 -118.24
N ASP Y 420 106.69 21.75 -119.43
CA ASP Y 420 107.70 21.93 -120.47
C ASP Y 420 107.91 23.42 -120.71
N LYS Y 421 109.17 23.84 -120.72
CA LYS Y 421 109.51 25.24 -120.90
C LYS Y 421 109.43 25.70 -122.36
N ARG Y 422 109.28 24.77 -123.28
CA ARG Y 422 109.21 25.10 -124.70
C ARG Y 422 108.03 25.97 -125.10
N PHE Y 423 106.83 25.42 -125.01
CA PHE Y 423 105.62 26.16 -125.39
C PHE Y 423 105.16 27.18 -124.36
N HIS Y 424 104.31 28.11 -124.81
CA HIS Y 424 103.76 29.14 -123.93
C HIS Y 424 102.57 28.52 -123.20
N TYR Y 425 102.13 29.17 -122.14
CA TYR Y 425 101.00 28.66 -121.38
C TYR Y 425 99.96 29.72 -121.09
N ASP Y 426 98.71 29.30 -120.98
CA ASP Y 426 97.59 30.21 -120.72
C ASP Y 426 97.26 30.36 -119.23
N ARG Y 427 95.99 30.57 -118.97
CA ARG Y 427 95.50 30.75 -117.61
C ARG Y 427 95.19 29.40 -116.97
N ASN Y 428 94.87 28.41 -117.79
CA ASN Y 428 94.54 27.07 -117.30
C ASN Y 428 95.73 26.11 -117.38
N ASN Y 429 96.90 26.63 -117.74
CA ASN Y 429 98.10 25.82 -117.87
C ASN Y 429 97.95 24.78 -118.96
N ILE Y 430 97.64 25.24 -120.17
CA ILE Y 430 97.46 24.33 -121.29
C ILE Y 430 98.45 24.61 -122.41
N ALA Y 431 98.72 23.57 -123.20
CA ALA Y 431 99.63 23.70 -124.33
C ALA Y 431 99.04 24.71 -125.30
N VAL Y 432 99.48 25.96 -125.18
CA VAL Y 432 98.97 27.01 -126.03
C VAL Y 432 99.73 27.10 -127.35
N GLY Y 433 100.93 27.65 -127.30
CA GLY Y 433 101.75 27.79 -128.50
C GLY Y 433 103.16 28.26 -128.17
N ALA Y 434 104.15 27.59 -128.74
CA ALA Y 434 105.55 27.93 -128.49
C ALA Y 434 106.03 29.12 -129.33
N ASP Y 435 107.35 29.23 -129.48
CA ASP Y 435 107.96 30.30 -130.25
C ASP Y 435 108.16 29.87 -131.70
N GLU Y 436 108.16 30.84 -132.60
CA GLU Y 436 108.32 30.59 -134.04
C GLU Y 436 109.43 29.58 -134.29
N SER Y 437 110.53 29.72 -133.56
CA SER Y 437 111.67 28.83 -133.69
C SER Y 437 111.21 27.38 -133.66
N VAL Y 438 110.91 26.89 -132.47
CA VAL Y 438 110.47 25.52 -132.27
C VAL Y 438 109.42 25.14 -133.30
N VAL Y 439 108.50 26.06 -133.58
CA VAL Y 439 107.43 25.80 -134.55
C VAL Y 439 108.02 25.42 -135.90
N LYS Y 440 108.76 26.34 -136.51
CA LYS Y 440 109.37 26.09 -137.81
C LYS Y 440 110.08 24.74 -137.82
N GLU Y 441 110.94 24.53 -136.85
CA GLU Y 441 111.70 23.29 -136.73
C GLU Y 441 110.84 22.06 -137.02
N ALA Y 442 109.76 21.92 -136.27
CA ALA Y 442 108.86 20.76 -136.41
C ALA Y 442 108.38 20.53 -137.84
N HIS Y 443 108.42 21.56 -138.66
CA HIS Y 443 107.96 21.42 -140.04
C HIS Y 443 109.10 21.27 -141.05
N ARG Y 444 110.34 21.49 -140.59
CA ARG Y 444 111.50 21.37 -141.46
C ARG Y 444 111.45 20.13 -142.34
N GLU Y 445 110.74 19.09 -141.88
CA GLU Y 445 110.63 17.86 -142.62
C GLU Y 445 109.50 17.88 -143.65
N VAL Y 446 109.79 17.34 -144.84
CA VAL Y 446 108.83 17.28 -145.93
C VAL Y 446 108.82 15.86 -146.48
N ILE Y 447 107.65 15.39 -146.91
CA ILE Y 447 107.54 14.04 -147.45
C ILE Y 447 106.98 14.01 -148.86
N ASN Y 448 106.05 14.92 -149.16
CA ASN Y 448 105.44 14.97 -150.49
C ASN Y 448 104.77 16.30 -150.77
N SER Y 449 105.30 17.01 -151.76
CA SER Y 449 104.74 18.30 -152.16
C SER Y 449 103.86 18.08 -153.39
N SER Y 450 102.65 18.62 -153.35
CA SER Y 450 101.71 18.46 -154.46
C SER Y 450 100.79 19.66 -154.60
N THR Y 451 100.16 19.77 -155.77
CA THR Y 451 99.23 20.85 -156.04
C THR Y 451 97.94 20.58 -155.31
N GLU Y 452 97.91 19.47 -154.57
CA GLU Y 452 96.73 19.07 -153.81
C GLU Y 452 96.91 19.36 -152.33
N GLY Y 453 98.02 18.87 -151.76
CA GLY Y 453 98.28 19.09 -150.36
C GLY Y 453 99.62 18.54 -149.91
N LEU Y 454 100.26 19.22 -148.96
CA LEU Y 454 101.55 18.81 -148.44
C LEU Y 454 101.42 17.68 -147.43
N LEU Y 455 102.39 16.78 -147.44
CA LEU Y 455 102.41 15.66 -146.50
C LEU Y 455 103.69 15.76 -145.68
N LEU Y 456 103.53 16.05 -144.39
CA LEU Y 456 104.68 16.18 -143.51
C LEU Y 456 104.63 15.23 -142.32
N ASN Y 457 105.73 15.18 -141.58
CA ASN Y 457 105.82 14.32 -140.40
C ASN Y 457 106.01 15.23 -139.20
N ILE Y 458 105.18 16.27 -139.12
CA ILE Y 458 105.24 17.25 -138.04
C ILE Y 458 105.22 16.60 -136.67
N ASP Y 459 105.96 17.20 -135.73
CA ASP Y 459 106.05 16.69 -134.36
C ASP Y 459 104.71 16.79 -133.63
N LYS Y 460 104.33 15.71 -132.95
CA LYS Y 460 103.08 15.66 -132.21
C LYS Y 460 103.01 16.75 -131.15
N ASP Y 461 104.02 16.79 -130.29
CA ASP Y 461 104.09 17.79 -129.22
C ASP Y 461 103.86 19.20 -129.74
N ILE Y 462 104.27 19.45 -130.98
CA ILE Y 462 104.10 20.76 -131.59
C ILE Y 462 102.72 20.91 -132.18
N ARG Y 463 102.43 20.09 -133.19
CA ARG Y 463 101.15 20.12 -133.88
C ARG Y 463 99.99 20.42 -132.94
N LYS Y 464 100.12 19.99 -131.68
CA LYS Y 464 99.06 20.21 -130.70
C LYS Y 464 98.88 21.68 -130.29
N ILE Y 465 99.80 22.54 -130.69
CA ILE Y 465 99.68 23.96 -130.36
C ILE Y 465 99.36 24.78 -131.60
N LEU Y 466 98.90 24.10 -132.65
CA LEU Y 466 98.55 24.77 -133.90
C LEU Y 466 97.06 24.76 -134.19
N SER Y 467 96.53 25.94 -134.49
CA SER Y 467 95.12 26.10 -134.81
C SER Y 467 94.89 25.68 -136.25
N GLY Y 468 95.70 26.22 -137.16
CA GLY Y 468 95.56 25.89 -138.57
C GLY Y 468 96.65 26.47 -139.44
N TYR Y 469 96.45 26.37 -140.76
CA TYR Y 469 97.42 26.89 -141.73
C TYR Y 469 96.74 27.78 -142.77
N ILE Y 470 97.43 28.85 -143.16
CA ILE Y 470 96.92 29.79 -144.14
C ILE Y 470 97.64 29.57 -145.47
N VAL Y 471 96.90 29.10 -146.47
CA VAL Y 471 97.48 28.85 -147.79
C VAL Y 471 97.38 30.10 -148.66
N GLU Y 472 98.52 30.57 -149.16
CA GLU Y 472 98.54 31.76 -150.02
C GLU Y 472 99.52 31.59 -151.17
N ILE Y 473 99.71 32.67 -151.93
CA ILE Y 473 100.62 32.67 -153.07
C ILE Y 473 101.25 34.05 -153.26
N GLU Y 474 102.57 34.11 -153.18
CA GLU Y 474 103.31 35.35 -153.35
C GLU Y 474 103.81 35.49 -154.78
N ASP Y 475 103.44 36.59 -155.44
CA ASP Y 475 103.85 36.85 -156.81
C ASP Y 475 105.36 37.13 -156.84
N THR Y 476 105.97 36.89 -157.99
CA THR Y 476 107.40 37.13 -158.16
C THR Y 476 107.79 38.56 -157.82
N GLU Y 477 106.79 39.41 -157.65
CA GLU Y 477 107.03 40.82 -157.33
C GLU Y 477 106.92 41.07 -155.83
N GLY Y 478 105.79 40.67 -155.24
CA GLY Y 478 105.59 40.86 -153.82
C GLY Y 478 104.11 40.93 -153.43
N LEU Y 479 103.31 40.07 -154.04
CA LEU Y 479 101.88 40.02 -153.77
C LEU Y 479 101.55 39.04 -152.66
N LYS Y 480 100.48 39.33 -151.92
CA LYS Y 480 100.05 38.47 -150.82
C LYS Y 480 98.68 37.87 -151.06
N GLU Y 481 98.54 37.14 -152.16
CA GLU Y 481 97.27 36.50 -152.49
C GLU Y 481 97.09 35.28 -151.60
N VAL Y 482 95.99 35.23 -150.86
CA VAL Y 482 95.73 34.12 -149.95
C VAL Y 482 94.52 33.30 -150.37
N ILE Y 483 94.64 31.97 -150.26
CA ILE Y 483 93.54 31.08 -150.62
C ILE Y 483 92.47 31.22 -149.54
N ASN Y 484 92.45 30.28 -148.60
CA ASN Y 484 91.48 30.32 -147.50
C ASN Y 484 91.81 31.55 -146.67
N ASP Y 485 91.17 32.67 -147.01
CA ASP Y 485 91.42 33.93 -146.33
C ASP Y 485 90.48 34.23 -145.16
N ARG Y 486 89.55 33.33 -144.88
CA ARG Y 486 88.62 33.53 -143.77
C ARG Y 486 89.06 32.79 -142.51
N TYR Y 487 88.99 33.47 -141.37
CA TYR Y 487 89.39 32.88 -140.09
C TYR Y 487 88.88 31.47 -139.91
N ASP Y 488 87.70 31.19 -140.46
CA ASP Y 488 87.09 29.88 -140.33
C ASP Y 488 87.53 28.91 -141.42
N MET Y 489 88.52 29.30 -142.21
CA MET Y 489 89.03 28.46 -143.28
C MET Y 489 90.42 27.96 -142.96
N LEU Y 490 90.73 27.84 -141.67
CA LEU Y 490 92.04 27.38 -141.23
C LEU Y 490 92.02 25.86 -141.09
N ASN Y 491 90.82 25.30 -140.99
CA ASN Y 491 90.64 23.86 -140.84
C ASN Y 491 91.07 23.11 -142.09
N ILE Y 492 92.34 22.74 -142.14
CA ILE Y 492 92.88 22.01 -143.29
C ILE Y 492 93.75 20.81 -142.88
N SER Y 493 94.71 21.06 -141.99
CA SER Y 493 95.61 20.03 -141.51
C SER Y 493 94.90 18.76 -141.08
N SER Y 494 95.15 17.67 -141.81
CA SER Y 494 94.56 16.38 -141.50
C SER Y 494 95.62 15.56 -140.78
N LEU Y 495 95.42 14.24 -140.71
CA LEU Y 495 96.39 13.38 -140.03
C LEU Y 495 96.17 11.90 -140.29
N ARG Y 496 97.04 11.31 -141.10
CA ARG Y 496 96.96 9.90 -141.43
C ARG Y 496 97.34 9.09 -140.18
N GLN Y 497 96.79 7.89 -140.07
CA GLN Y 497 97.08 7.04 -138.92
C GLN Y 497 98.52 6.55 -138.95
N ASP Y 498 99.28 7.02 -139.93
CA ASP Y 498 100.69 6.63 -140.06
C ASP Y 498 101.57 7.61 -139.30
N GLY Y 499 100.94 8.63 -138.73
CA GLY Y 499 101.69 9.62 -137.97
C GLY Y 499 102.17 10.81 -138.77
N LYS Y 500 101.66 10.96 -139.99
CA LYS Y 500 102.05 12.08 -140.83
C LYS Y 500 100.90 13.05 -141.08
N THR Y 501 101.15 14.33 -140.79
CA THR Y 501 100.14 15.37 -140.98
C THR Y 501 99.96 15.67 -142.46
N PHE Y 502 98.75 15.45 -142.95
CA PHE Y 502 98.45 15.70 -144.36
C PHE Y 502 97.65 16.99 -144.56
N ILE Y 503 98.29 17.96 -145.20
CA ILE Y 503 97.64 19.25 -145.49
C ILE Y 503 96.93 19.14 -146.83
N ASP Y 504 95.93 19.98 -147.03
CA ASP Y 504 95.18 19.99 -148.28
C ASP Y 504 94.73 21.41 -148.61
N PHE Y 505 95.09 21.88 -149.81
CA PHE Y 505 94.73 23.21 -150.24
C PHE Y 505 93.35 23.13 -150.88
N LYS Y 506 93.03 21.96 -151.43
CA LYS Y 506 91.76 21.72 -152.10
C LYS Y 506 90.52 21.91 -151.23
N LYS Y 507 90.65 21.60 -149.94
CA LYS Y 507 89.51 21.74 -149.02
C LYS Y 507 88.94 23.15 -149.06
N TYR Y 508 89.70 24.08 -149.62
CA TYR Y 508 89.27 25.48 -149.73
C TYR Y 508 89.67 26.11 -151.06
N ASN Y 509 89.22 25.50 -152.15
CA ASN Y 509 89.49 25.97 -153.51
C ASN Y 509 88.66 25.17 -154.52
N ASP Y 510 87.34 25.21 -154.35
CA ASP Y 510 86.43 24.50 -155.24
C ASP Y 510 86.80 23.03 -155.42
N LYS Y 511 87.31 22.42 -154.36
CA LYS Y 511 87.70 21.01 -154.39
C LYS Y 511 88.69 20.71 -155.52
N LEU Y 512 89.24 21.76 -156.11
CA LEU Y 512 90.20 21.59 -157.20
C LEU Y 512 91.61 21.96 -156.74
N PRO Y 513 92.62 21.24 -157.24
CA PRO Y 513 94.02 21.49 -156.88
C PRO Y 513 94.49 22.91 -157.18
N LEU Y 514 95.72 23.22 -156.77
CA LEU Y 514 96.30 24.54 -156.97
C LEU Y 514 96.24 25.03 -158.41
N TYR Y 515 96.34 26.34 -158.55
CA TYR Y 515 96.31 26.99 -159.86
C TYR Y 515 97.62 27.76 -160.03
N ILE Y 516 98.53 27.20 -160.83
CA ILE Y 516 99.82 27.84 -161.06
C ILE Y 516 99.91 28.43 -162.46
N SER Y 517 99.52 29.70 -162.58
CA SER Y 517 99.57 30.38 -163.87
C SER Y 517 101.02 30.60 -164.26
N ASN Y 518 101.88 30.72 -163.25
CA ASN Y 518 103.31 30.93 -163.47
C ASN Y 518 104.09 30.11 -162.45
N PRO Y 519 104.66 28.96 -162.88
CA PRO Y 519 105.44 28.09 -161.99
C PRO Y 519 106.75 28.71 -161.49
N ASN Y 520 106.66 29.93 -160.97
CA ASN Y 520 107.82 30.63 -160.44
C ASN Y 520 107.42 31.45 -159.21
N TYR Y 521 106.19 31.24 -158.76
CA TYR Y 521 105.67 31.94 -157.60
C TYR Y 521 106.19 31.32 -156.30
N LYS Y 522 105.48 31.54 -155.21
CA LYS Y 522 105.87 31.00 -153.91
C LYS Y 522 104.66 30.60 -153.08
N VAL Y 523 104.33 29.31 -153.09
CA VAL Y 523 103.20 28.82 -152.32
C VAL Y 523 103.51 28.96 -150.83
N ASN Y 524 103.10 30.07 -150.25
CA ASN Y 524 103.35 30.33 -148.84
C ASN Y 524 102.24 29.80 -147.93
N VAL Y 525 102.56 28.72 -147.21
CA VAL Y 525 101.63 28.10 -146.28
C VAL Y 525 102.11 28.38 -144.87
N TYR Y 526 101.38 29.22 -144.14
CA TYR Y 526 101.75 29.58 -142.78
C TYR Y 526 101.08 28.69 -141.75
N ALA Y 527 101.47 28.88 -140.49
CA ALA Y 527 100.91 28.11 -139.38
C ALA Y 527 100.44 29.11 -138.33
N VAL Y 528 99.33 28.79 -137.68
CA VAL Y 528 98.78 29.68 -136.66
C VAL Y 528 98.61 28.96 -135.33
N THR Y 529 99.41 29.34 -134.35
CA THR Y 529 99.34 28.73 -133.02
C THR Y 529 97.99 29.09 -132.39
N LYS Y 530 97.52 28.24 -131.48
CA LYS Y 530 96.26 28.49 -130.80
C LYS Y 530 96.24 29.89 -130.19
N GLU Y 531 97.25 30.19 -129.39
CA GLU Y 531 97.33 31.49 -128.72
C GLU Y 531 97.04 32.66 -129.66
N ASN Y 532 97.41 32.53 -130.94
CA ASN Y 532 97.19 33.60 -131.90
C ASN Y 532 95.86 33.53 -132.64
N THR Y 533 95.51 32.35 -133.13
CA THR Y 533 94.27 32.15 -133.89
C THR Y 533 93.06 32.91 -133.37
N ILE Y 534 92.21 33.33 -134.32
CA ILE Y 534 90.99 34.05 -134.00
C ILE Y 534 89.81 33.13 -134.24
N ILE Y 535 88.67 33.46 -133.63
CA ILE Y 535 87.48 32.64 -133.75
C ILE Y 535 86.23 33.39 -134.21
N ASN Y 536 86.27 34.71 -134.19
CA ASN Y 536 85.13 35.52 -134.60
C ASN Y 536 85.56 36.79 -135.33
N PRO Y 537 84.70 37.31 -136.21
CA PRO Y 537 84.97 38.52 -137.00
C PRO Y 537 85.32 39.71 -136.10
N SER Y 538 85.90 40.75 -136.70
CA SER Y 538 86.29 41.94 -135.95
C SER Y 538 85.07 42.82 -135.67
N GLU Y 539 85.28 43.90 -134.92
CA GLU Y 539 84.21 44.83 -134.57
C GLU Y 539 83.27 45.05 -135.75
N ASN Y 540 83.80 44.92 -136.95
CA ASN Y 540 83.02 45.08 -138.17
C ASN Y 540 82.59 43.72 -138.69
N GLY Y 541 83.14 43.32 -139.84
CA GLY Y 541 82.81 42.02 -140.41
C GLY Y 541 84.02 41.46 -141.12
N ASP Y 542 85.19 41.79 -140.60
CA ASP Y 542 86.45 41.32 -141.19
C ASP Y 542 86.63 39.83 -141.01
N THR Y 543 86.11 39.05 -141.96
CA THR Y 543 86.23 37.60 -141.91
C THR Y 543 87.53 37.18 -142.58
N SER Y 544 88.45 38.14 -142.71
CA SER Y 544 89.73 37.88 -143.36
C SER Y 544 90.84 37.50 -142.39
N THR Y 545 91.97 37.07 -142.96
CA THR Y 545 93.14 36.68 -142.19
C THR Y 545 94.10 37.85 -142.05
N ASN Y 546 93.57 39.06 -142.24
CA ASN Y 546 94.36 40.27 -142.15
C ASN Y 546 95.08 40.37 -140.80
N GLY Y 547 94.33 40.63 -139.75
CA GLY Y 547 94.92 40.76 -138.43
C GLY Y 547 95.22 39.43 -137.75
N ILE Y 548 96.32 38.80 -138.14
CA ILE Y 548 96.72 37.52 -137.57
C ILE Y 548 98.24 37.49 -137.39
N LYS Y 549 98.70 36.57 -136.55
CA LYS Y 549 100.13 36.43 -136.32
C LYS Y 549 100.52 35.01 -136.72
N LYS Y 550 100.59 34.77 -138.02
CA LYS Y 550 100.95 33.45 -138.51
C LYS Y 550 102.47 33.28 -138.56
N ILE Y 551 102.91 32.07 -138.89
CA ILE Y 551 104.33 31.76 -138.96
C ILE Y 551 104.66 31.00 -140.24
N LEU Y 552 105.72 31.44 -140.92
CA LEU Y 552 106.15 30.81 -142.17
C LEU Y 552 106.59 29.37 -141.94
N ILE Y 553 105.89 28.44 -142.57
CA ILE Y 553 106.21 27.02 -142.44
C ILE Y 553 106.63 26.43 -143.78
N PHE Y 554 106.15 27.00 -144.87
CA PHE Y 554 106.48 26.50 -146.20
C PHE Y 554 106.72 27.67 -147.16
N SER Y 555 107.41 27.39 -148.26
CA SER Y 555 107.69 28.42 -149.26
C SER Y 555 108.51 27.88 -150.43
N LYS Y 556 107.90 26.99 -151.21
CA LYS Y 556 108.58 26.42 -152.37
C LYS Y 556 108.11 27.09 -153.65
N LYS Y 557 108.90 26.94 -154.72
CA LYS Y 557 108.58 27.53 -156.01
C LYS Y 557 107.61 26.67 -156.79
N GLY Y 558 107.02 27.25 -157.84
CA GLY Y 558 106.07 26.52 -158.66
C GLY Y 558 106.66 25.30 -159.32
N TYR Y 559 107.94 25.38 -159.70
CA TYR Y 559 108.61 24.27 -160.35
C TYR Y 559 109.22 23.31 -159.33
N GLU Y 560 109.19 23.72 -158.06
CA GLU Y 560 109.74 22.89 -156.99
C GLU Y 560 108.64 22.11 -156.29
N ILE Y 561 107.60 21.76 -157.04
CA ILE Y 561 106.47 21.01 -156.49
C ILE Y 561 105.97 20.01 -157.54
N GLY Y 562 105.29 20.52 -158.56
CA GLY Y 562 104.77 19.66 -159.60
C GLY Y 562 103.65 20.32 -160.40
N SER Z 1 60.63 55.42 -167.87
CA SER Z 1 60.79 55.61 -169.30
C SER Z 1 62.21 55.28 -169.74
N CYS Z 2 62.89 56.25 -170.35
CA CYS Z 2 64.26 56.06 -170.80
C CYS Z 2 65.24 56.80 -169.91
N ARG Z 3 66.51 56.38 -169.94
CA ARG Z 3 67.55 57.00 -169.14
C ARG Z 3 68.85 57.14 -169.93
N ARG Z 4 69.84 57.79 -169.33
CA ARG Z 4 71.12 57.98 -170.00
C ARG Z 4 72.29 57.58 -169.11
N ALA Z 5 72.13 57.77 -167.79
CA ALA Z 5 73.18 57.44 -166.83
C ALA Z 5 73.05 56.03 -166.27
N PHE Z 6 73.97 55.16 -166.67
CA PHE Z 6 73.97 53.77 -166.20
C PHE Z 6 75.23 53.49 -165.39
N ASP Z 7 75.11 52.65 -164.38
CA ASP Z 7 76.24 52.28 -163.53
C ASP Z 7 76.43 50.78 -163.64
N LEU Z 8 77.49 50.36 -164.30
CA LEU Z 8 77.75 48.94 -164.48
C LEU Z 8 78.67 48.37 -163.41
N TYR Z 9 78.21 47.30 -162.76
CA TYR Z 9 78.99 46.64 -161.71
C TYR Z 9 79.52 45.32 -162.26
N PHE Z 10 80.83 45.13 -162.18
CA PHE Z 10 81.46 43.93 -162.69
C PHE Z 10 81.95 42.97 -161.60
N VAL Z 11 81.03 42.16 -161.09
CA VAL Z 11 81.34 41.17 -160.08
C VAL Z 11 81.97 39.99 -160.81
N LEU Z 12 83.23 39.72 -160.51
CA LEU Z 12 83.97 38.65 -161.17
C LEU Z 12 84.36 37.48 -160.27
N ASP Z 13 84.03 36.28 -160.72
CA ASP Z 13 84.35 35.06 -159.98
C ASP Z 13 85.80 34.69 -160.23
N LYS Z 14 86.67 34.94 -159.25
CA LYS Z 14 88.07 34.60 -159.42
C LYS Z 14 88.41 33.35 -158.63
N SER Z 15 87.49 32.37 -158.65
CA SER Z 15 87.69 31.11 -157.94
C SER Z 15 88.48 30.13 -158.80
N GLY Z 16 89.11 29.15 -158.14
CA GLY Z 16 89.90 28.16 -158.86
C GLY Z 16 89.13 27.43 -159.94
N SER Z 17 87.84 27.22 -159.71
CA SER Z 17 86.99 26.52 -160.68
C SER Z 17 87.01 27.19 -162.05
N VAL Z 18 87.15 28.52 -162.04
CA VAL Z 18 87.18 29.30 -163.28
C VAL Z 18 88.57 29.91 -163.49
N ALA Z 19 89.60 29.18 -163.08
CA ALA Z 19 90.97 29.67 -163.23
C ALA Z 19 91.47 29.48 -164.65
N ASN Z 20 90.77 28.66 -165.43
CA ASN Z 20 91.14 28.39 -166.80
C ASN Z 20 90.64 29.46 -167.76
N ASN Z 21 89.34 29.74 -167.69
CA ASN Z 21 88.71 30.72 -168.57
C ASN Z 21 88.60 32.10 -167.96
N TRP Z 22 89.66 32.58 -167.33
CA TRP Z 22 89.64 33.91 -166.72
C TRP Z 22 89.71 34.98 -167.80
N ILE Z 23 90.54 34.74 -168.81
CA ILE Z 23 90.69 35.70 -169.90
C ILE Z 23 89.34 36.06 -170.54
N GLU Z 24 88.53 35.04 -170.81
CA GLU Z 24 87.21 35.27 -171.41
C GLU Z 24 86.44 36.28 -170.57
N ILE Z 25 86.50 36.09 -169.26
CA ILE Z 25 85.83 36.96 -168.32
C ILE Z 25 86.41 38.37 -168.42
N TYR Z 26 87.73 38.45 -168.53
CA TYR Z 26 88.38 39.75 -168.65
C TYR Z 26 88.03 40.40 -169.97
N ASN Z 27 87.97 39.58 -171.02
CA ASN Z 27 87.62 40.08 -172.35
C ASN Z 27 86.22 40.66 -172.32
N PHE Z 28 85.29 39.91 -171.71
CA PHE Z 28 83.91 40.36 -171.62
C PHE Z 28 83.83 41.67 -170.84
N VAL Z 29 84.72 41.83 -169.85
CA VAL Z 29 84.75 43.02 -169.03
C VAL Z 29 85.56 44.12 -169.72
N GLN Z 30 86.29 43.73 -170.76
CA GLN Z 30 87.09 44.67 -171.51
C GLN Z 30 86.32 45.11 -172.76
N GLN Z 31 85.63 44.16 -173.38
CA GLN Z 31 84.85 44.43 -174.58
C GLN Z 31 83.58 45.19 -174.22
N LEU Z 32 83.25 45.20 -172.93
CA LEU Z 32 82.06 45.88 -172.44
C LEU Z 32 82.44 47.30 -172.01
N ALA Z 33 83.59 47.45 -171.38
CA ALA Z 33 84.07 48.75 -170.94
C ALA Z 33 84.54 49.53 -172.16
N GLU Z 34 84.76 48.79 -173.24
CA GLU Z 34 85.20 49.35 -174.51
C GLU Z 34 83.99 49.94 -175.24
N ARG Z 35 82.82 49.37 -174.99
CA ARG Z 35 81.59 49.81 -175.61
C ARG Z 35 81.05 51.07 -174.95
N PHE Z 36 80.40 50.91 -173.79
CA PHE Z 36 79.85 52.05 -173.06
C PHE Z 36 80.95 53.00 -172.64
N VAL Z 37 81.11 54.08 -173.39
CA VAL Z 37 82.15 55.07 -173.09
C VAL Z 37 81.53 56.44 -172.82
N SER Z 38 80.34 56.44 -172.23
CA SER Z 38 79.65 57.68 -171.91
C SER Z 38 80.05 58.13 -170.51
N PRO Z 39 80.37 59.41 -170.33
CA PRO Z 39 80.77 59.97 -169.03
C PRO Z 39 79.77 59.66 -167.91
N GLU Z 40 78.58 59.20 -168.30
CA GLU Z 40 77.54 58.86 -167.35
C GLU Z 40 77.54 57.36 -167.07
N MET Z 41 78.41 56.65 -167.78
CA MET Z 41 78.54 55.20 -167.63
C MET Z 41 79.61 54.85 -166.61
N ARG Z 42 79.37 55.19 -165.34
CA ARG Z 42 80.32 54.89 -164.28
C ARG Z 42 80.44 53.38 -164.10
N LEU Z 43 81.67 52.87 -164.26
CA LEU Z 43 81.92 51.44 -164.10
C LEU Z 43 82.54 51.13 -162.75
N SER Z 44 82.43 49.87 -162.35
CA SER Z 44 82.97 49.41 -161.08
C SER Z 44 83.35 47.94 -161.20
N PHE Z 45 84.54 47.60 -160.76
CA PHE Z 45 85.00 46.22 -160.84
C PHE Z 45 85.05 45.54 -159.47
N ILE Z 46 84.68 44.26 -159.45
CA ILE Z 46 84.68 43.49 -158.22
C ILE Z 46 85.04 42.03 -158.53
N VAL Z 47 85.84 41.42 -157.66
CA VAL Z 47 86.24 40.03 -157.85
C VAL Z 47 86.09 39.25 -156.55
N PHE Z 48 85.31 38.17 -156.60
CA PHE Z 48 85.09 37.36 -155.41
C PHE Z 48 85.69 35.96 -155.55
N SER Z 49 85.72 35.25 -154.42
CA SER Z 49 86.25 33.89 -154.35
C SER Z 49 86.09 33.46 -152.90
N SER Z 50 87.18 33.55 -152.15
CA SER Z 50 87.15 33.21 -150.74
C SER Z 50 86.62 34.47 -150.06
N GLN Z 51 86.62 35.56 -150.82
CA GLN Z 51 86.16 36.84 -150.35
C GLN Z 51 86.32 37.83 -151.49
N ALA Z 52 85.31 38.66 -151.71
CA ALA Z 52 85.35 39.63 -152.79
C ALA Z 52 86.07 40.92 -152.44
N THR Z 53 86.51 41.63 -153.47
CA THR Z 53 87.21 42.90 -153.30
C THR Z 53 86.81 43.93 -154.35
N ILE Z 54 86.85 45.19 -153.95
CA ILE Z 54 86.49 46.29 -154.83
C ILE Z 54 87.70 46.72 -155.67
N ILE Z 55 87.85 46.12 -156.84
CA ILE Z 55 88.97 46.43 -157.72
C ILE Z 55 88.83 47.86 -158.22
N LEU Z 56 87.68 48.17 -158.82
CA LEU Z 56 87.40 49.49 -159.34
C LEU Z 56 86.10 50.06 -158.77
N PRO Z 57 86.20 51.19 -158.03
CA PRO Z 57 85.01 51.81 -157.45
C PRO Z 57 84.02 52.21 -158.54
N LEU Z 58 82.94 52.87 -158.16
CA LEU Z 58 81.94 53.30 -159.13
C LEU Z 58 82.27 54.71 -159.61
N THR Z 59 82.79 54.81 -160.84
CA THR Z 59 83.15 56.10 -161.41
C THR Z 59 83.29 56.01 -162.93
N GLY Z 60 83.28 57.16 -163.59
CA GLY Z 60 83.40 57.20 -165.03
C GLY Z 60 84.66 57.90 -165.49
N ASP Z 61 85.80 57.45 -164.99
CA ASP Z 61 87.09 58.03 -165.34
C ASP Z 61 88.02 56.94 -165.87
N ARG Z 62 88.14 56.85 -167.20
CA ARG Z 62 88.98 55.85 -167.83
C ARG Z 62 90.40 55.83 -167.28
N GLY Z 63 90.80 56.92 -166.62
CA GLY Z 63 92.13 56.97 -166.05
C GLY Z 63 92.28 55.87 -165.02
N LYS Z 64 91.22 55.61 -164.27
CA LYS Z 64 91.22 54.57 -163.26
C LYS Z 64 90.55 53.32 -163.82
N ILE Z 65 89.70 53.51 -164.81
CA ILE Z 65 88.99 52.40 -165.44
C ILE Z 65 90.01 51.49 -166.13
N SER Z 66 90.88 52.09 -166.93
CA SER Z 66 91.91 51.34 -167.63
C SER Z 66 92.77 50.69 -166.55
N LYS Z 67 93.01 51.44 -165.48
CA LYS Z 67 93.80 50.97 -164.35
C LYS Z 67 93.21 49.66 -163.86
N GLY Z 68 91.88 49.64 -163.72
CA GLY Z 68 91.20 48.44 -163.26
C GLY Z 68 91.38 47.31 -164.25
N LEU Z 69 91.15 47.60 -165.53
CA LEU Z 69 91.30 46.60 -166.57
C LEU Z 69 92.70 46.01 -166.57
N GLU Z 70 93.68 46.81 -166.15
CA GLU Z 70 95.06 46.37 -166.08
C GLU Z 70 95.23 45.40 -164.92
N ASP Z 71 94.49 45.65 -163.84
CA ASP Z 71 94.56 44.79 -162.66
C ASP Z 71 93.80 43.49 -162.89
N LEU Z 72 92.60 43.58 -163.45
CA LEU Z 72 91.79 42.39 -163.73
C LEU Z 72 92.53 41.47 -164.68
N LYS Z 73 93.41 42.05 -165.49
CA LYS Z 73 94.20 41.31 -166.45
C LYS Z 73 95.21 40.43 -165.69
N ARG Z 74 95.84 41.02 -164.68
CA ARG Z 74 96.81 40.32 -163.86
C ARG Z 74 96.16 39.71 -162.62
N VAL Z 75 95.24 38.79 -162.82
CA VAL Z 75 94.55 38.13 -161.73
C VAL Z 75 94.73 36.62 -161.79
N SER Z 76 94.90 36.00 -160.63
CA SER Z 76 95.08 34.55 -160.56
C SER Z 76 93.84 33.92 -159.91
N PRO Z 77 92.89 33.46 -160.74
CA PRO Z 77 91.66 32.82 -160.26
C PRO Z 77 91.90 31.65 -159.32
N VAL Z 78 91.64 31.86 -158.04
CA VAL Z 78 91.82 30.82 -157.04
C VAL Z 78 91.07 31.16 -155.76
N GLY Z 79 90.56 30.12 -155.10
CA GLY Z 79 89.82 30.31 -153.87
C GLY Z 79 88.41 29.76 -153.99
N GLU Z 80 87.68 29.75 -152.88
CA GLU Z 80 86.31 29.25 -152.87
C GLU Z 80 85.41 30.06 -153.80
N THR Z 81 84.12 29.74 -153.79
CA THR Z 81 83.16 30.43 -154.62
C THR Z 81 82.10 31.13 -153.78
N TYR Z 82 82.47 32.25 -153.18
CA TYR Z 82 81.52 33.02 -152.36
C TYR Z 82 80.97 34.19 -153.15
N ILE Z 83 80.19 33.88 -154.17
CA ILE Z 83 79.59 34.88 -155.05
C ILE Z 83 78.74 35.90 -154.29
N HIS Z 84 77.87 35.41 -153.40
CA HIS Z 84 77.01 36.30 -152.63
C HIS Z 84 77.79 37.49 -152.08
N GLU Z 85 78.95 37.21 -151.49
CA GLU Z 85 79.78 38.28 -150.93
C GLU Z 85 80.04 39.34 -152.00
N GLY Z 86 80.30 38.89 -153.23
CA GLY Z 86 80.56 39.81 -154.31
C GLY Z 86 79.34 40.67 -154.62
N LEU Z 87 78.23 40.00 -154.90
CA LEU Z 87 76.99 40.71 -155.21
C LEU Z 87 76.69 41.73 -154.13
N LYS Z 88 77.18 41.45 -152.91
CA LYS Z 88 76.97 42.35 -151.78
C LYS Z 88 77.76 43.63 -151.96
N LEU Z 89 79.05 43.50 -152.22
CA LEU Z 89 79.90 44.66 -152.42
C LEU Z 89 79.36 45.51 -153.55
N ALA Z 90 78.42 44.93 -154.30
CA ALA Z 90 77.80 45.64 -155.41
C ALA Z 90 76.68 46.51 -154.87
N ASN Z 91 75.77 45.91 -154.11
CA ASN Z 91 74.65 46.64 -153.52
C ASN Z 91 75.14 47.70 -152.55
N GLU Z 92 76.24 47.42 -151.87
CA GLU Z 92 76.80 48.36 -150.91
C GLU Z 92 77.12 49.67 -151.62
N GLN Z 93 77.59 49.57 -152.85
CA GLN Z 93 77.92 50.74 -153.67
C GLN Z 93 76.66 51.45 -154.12
N ILE Z 94 75.67 50.67 -154.52
CA ILE Z 94 74.39 51.20 -154.99
C ILE Z 94 73.70 51.98 -153.89
N GLN Z 95 73.36 51.30 -152.79
CA GLN Z 95 72.67 51.93 -151.67
C GLN Z 95 73.39 53.18 -151.16
N LYS Z 96 74.68 53.30 -151.48
CA LYS Z 96 75.45 54.45 -151.04
C LYS Z 96 75.34 55.55 -152.09
N ALA Z 97 74.80 55.20 -153.26
CA ALA Z 97 74.64 56.15 -154.35
C ALA Z 97 73.25 56.79 -154.33
N GLY Z 98 72.28 56.06 -153.81
CA GLY Z 98 70.93 56.57 -153.74
C GLY Z 98 69.87 55.48 -153.69
N GLY Z 99 70.30 54.23 -153.79
CA GLY Z 99 69.38 53.11 -153.76
C GLY Z 99 68.54 53.05 -155.02
N LEU Z 100 67.25 53.30 -154.89
CA LEU Z 100 66.35 53.29 -156.03
C LEU Z 100 66.70 54.46 -156.93
N LYS Z 101 67.23 55.52 -156.33
CA LYS Z 101 67.62 56.73 -157.04
C LYS Z 101 68.78 56.48 -157.99
N THR Z 102 69.07 55.22 -158.26
CA THR Z 102 70.17 54.87 -159.15
C THR Z 102 69.82 53.71 -160.07
N SER Z 103 70.12 53.88 -161.35
CA SER Z 103 69.87 52.85 -162.35
C SER Z 103 71.16 52.07 -162.50
N SER Z 104 71.26 50.94 -161.81
CA SER Z 104 72.47 50.12 -161.86
C SER Z 104 72.27 48.81 -162.64
N ILE Z 105 73.37 48.26 -163.13
CA ILE Z 105 73.36 47.02 -163.89
C ILE Z 105 74.45 46.08 -163.39
N ILE Z 106 74.11 45.25 -162.41
CA ILE Z 106 75.07 44.32 -161.84
C ILE Z 106 75.34 43.17 -162.81
N ILE Z 107 76.60 43.01 -163.18
CA ILE Z 107 77.02 41.95 -164.09
C ILE Z 107 77.98 41.00 -163.39
N ALA Z 108 77.47 39.85 -162.97
CA ALA Z 108 78.29 38.87 -162.27
C ALA Z 108 78.82 37.77 -163.19
N LEU Z 109 80.14 37.62 -163.21
CA LEU Z 109 80.79 36.60 -164.01
C LEU Z 109 81.16 35.44 -163.11
N THR Z 110 80.59 34.26 -163.39
CA THR Z 110 80.87 33.08 -162.58
C THR Z 110 80.46 31.79 -163.28
N ASP Z 111 80.85 30.67 -162.69
CA ASP Z 111 80.53 29.37 -163.24
C ASP Z 111 79.16 28.91 -162.76
N GLY Z 112 78.58 29.66 -161.82
CA GLY Z 112 77.27 29.30 -161.30
C GLY Z 112 77.29 28.02 -160.46
N LYS Z 113 78.48 27.45 -160.30
CA LYS Z 113 78.62 26.21 -159.53
C LYS Z 113 78.83 26.54 -158.06
N LEU Z 114 77.75 26.97 -157.40
CA LEU Z 114 77.82 27.32 -155.99
C LEU Z 114 77.61 26.07 -155.14
N ASP Z 115 77.98 26.15 -153.86
CA ASP Z 115 77.84 25.02 -152.96
C ASP Z 115 77.39 25.42 -151.55
N GLY Z 116 76.76 24.49 -150.85
CA GLY Z 116 76.29 24.74 -149.50
C GLY Z 116 75.30 25.87 -149.35
N LEU Z 117 75.64 26.84 -148.50
CA LEU Z 117 74.77 27.99 -148.25
C LEU Z 117 74.93 29.06 -149.31
N VAL Z 118 76.06 29.05 -150.01
CA VAL Z 118 76.30 30.03 -151.06
C VAL Z 118 75.07 30.22 -151.93
N PRO Z 119 74.44 29.11 -152.38
CA PRO Z 119 73.24 29.21 -153.23
C PRO Z 119 72.16 30.01 -152.54
N SER Z 120 71.77 29.58 -151.35
CA SER Z 120 70.74 30.26 -150.59
C SER Z 120 71.04 31.75 -150.46
N TYR Z 121 72.22 32.06 -149.94
CA TYR Z 121 72.62 33.45 -149.75
C TYR Z 121 72.78 34.21 -151.06
N ALA Z 122 73.32 33.55 -152.08
CA ALA Z 122 73.50 34.18 -153.38
C ALA Z 122 72.14 34.60 -153.90
N GLU Z 123 71.22 33.64 -154.00
CA GLU Z 123 69.87 33.91 -154.47
C GLU Z 123 69.25 35.05 -153.69
N LYS Z 124 69.43 35.01 -152.37
CA LYS Z 124 68.87 36.04 -151.49
C LYS Z 124 69.58 37.36 -151.69
N GLU Z 125 70.91 37.34 -151.62
CA GLU Z 125 71.70 38.56 -151.79
C GLU Z 125 71.42 39.18 -153.16
N ALA Z 126 71.02 38.33 -154.10
CA ALA Z 126 70.72 38.79 -155.46
C ALA Z 126 69.41 39.57 -155.47
N LYS Z 127 68.42 39.05 -154.76
CA LYS Z 127 67.12 39.71 -154.68
C LYS Z 127 67.31 41.03 -153.94
N ILE Z 128 68.34 41.08 -153.10
CA ILE Z 128 68.66 42.27 -152.33
C ILE Z 128 69.13 43.34 -153.32
N SER Z 129 69.51 42.88 -154.50
CA SER Z 129 69.97 43.78 -155.56
C SER Z 129 68.75 44.37 -156.26
N ARG Z 130 67.89 43.48 -156.77
CA ARG Z 130 66.68 43.91 -157.46
C ARG Z 130 65.77 44.69 -156.52
N SER Z 131 66.12 44.73 -155.25
CA SER Z 131 65.34 45.46 -154.27
C SER Z 131 65.92 46.85 -154.08
N LEU Z 132 66.84 47.22 -154.98
CA LEU Z 132 67.47 48.53 -154.94
C LEU Z 132 67.43 49.19 -156.30
N GLY Z 133 66.40 48.86 -157.08
CA GLY Z 133 66.27 49.43 -158.40
C GLY Z 133 67.46 49.10 -159.27
N ALA Z 134 67.80 47.81 -159.33
CA ALA Z 134 68.93 47.35 -160.13
C ALA Z 134 68.61 46.06 -160.87
N SER Z 135 69.40 45.77 -161.90
CA SER Z 135 69.21 44.57 -162.70
C SER Z 135 70.45 43.68 -162.58
N VAL Z 136 70.24 42.39 -162.40
CA VAL Z 136 71.33 41.44 -162.25
C VAL Z 136 71.58 40.63 -163.52
N TYR Z 137 72.85 40.53 -163.91
CA TYR Z 137 73.23 39.78 -165.10
C TYR Z 137 74.26 38.70 -164.78
N CYS Z 138 73.88 37.44 -165.01
CA CYS Z 138 74.75 36.31 -164.75
C CYS Z 138 75.44 35.82 -166.03
N VAL Z 139 76.60 36.38 -166.34
CA VAL Z 139 77.34 35.98 -167.53
C VAL Z 139 78.25 34.81 -167.15
N GLY Z 140 77.66 33.62 -167.10
CA GLY Z 140 78.40 32.43 -166.73
C GLY Z 140 79.51 32.01 -167.66
N VAL Z 141 80.37 31.12 -167.15
CA VAL Z 141 81.51 30.60 -167.91
C VAL Z 141 81.45 29.07 -167.86
N LEU Z 142 82.07 28.42 -168.85
CA LEU Z 142 82.07 26.97 -168.91
C LEU Z 142 80.64 26.44 -168.85
N ASP Z 143 80.49 25.15 -168.62
CA ASP Z 143 79.17 24.54 -168.53
C ASP Z 143 78.49 24.96 -167.23
N PHE Z 144 78.43 26.27 -167.02
CA PHE Z 144 77.83 26.86 -165.84
C PHE Z 144 76.43 26.31 -165.52
N GLU Z 145 75.93 26.65 -164.34
CA GLU Z 145 74.62 26.20 -163.90
C GLU Z 145 73.53 27.19 -164.33
N GLN Z 146 72.98 26.96 -165.52
CA GLN Z 146 71.92 27.82 -166.04
C GLN Z 146 70.88 28.02 -164.95
N ALA Z 147 70.49 26.91 -164.32
CA ALA Z 147 69.49 26.93 -163.26
C ALA Z 147 69.78 28.00 -162.21
N GLN Z 148 70.91 27.84 -161.51
CA GLN Z 148 71.30 28.78 -160.46
C GLN Z 148 71.30 30.22 -160.98
N LEU Z 149 72.01 30.46 -162.07
CA LEU Z 149 72.08 31.79 -162.66
C LEU Z 149 70.69 32.42 -162.77
N GLU Z 150 69.73 31.61 -163.22
CA GLU Z 150 68.36 32.08 -163.37
C GLU Z 150 67.84 32.63 -162.04
N ARG Z 151 68.05 31.86 -160.98
CA ARG Z 151 67.60 32.26 -159.65
C ARG Z 151 68.46 33.40 -159.09
N ILE Z 152 69.56 33.70 -159.75
CA ILE Z 152 70.45 34.76 -159.30
C ILE Z 152 70.12 36.10 -159.95
N ALA Z 153 69.94 36.09 -161.26
CA ALA Z 153 69.61 37.30 -161.99
C ALA Z 153 68.11 37.56 -161.97
N ASP Z 154 67.65 38.45 -162.84
CA ASP Z 154 66.24 38.79 -162.92
C ASP Z 154 65.44 37.62 -163.49
N SER Z 155 65.76 37.23 -164.73
CA SER Z 155 65.09 36.12 -165.39
C SER Z 155 66.10 35.34 -166.21
N LYS Z 156 65.65 34.26 -166.84
CA LYS Z 156 66.54 33.44 -167.66
C LYS Z 156 67.10 34.21 -168.85
N GLU Z 157 66.62 35.44 -169.03
CA GLU Z 157 67.08 36.28 -170.12
C GLU Z 157 68.41 36.95 -169.78
N GLN Z 158 68.50 37.52 -168.57
CA GLN Z 158 69.73 38.18 -168.14
C GLN Z 158 70.86 37.17 -167.95
N VAL Z 159 70.70 35.99 -168.55
CA VAL Z 159 71.69 34.93 -168.46
C VAL Z 159 72.29 34.69 -169.84
N PHE Z 160 73.41 35.34 -170.13
CA PHE Z 160 74.06 35.21 -171.43
C PHE Z 160 75.41 34.50 -171.32
N PRO Z 161 75.60 33.42 -172.08
CA PRO Z 161 76.87 32.68 -172.05
C PRO Z 161 77.95 33.44 -172.81
N VAL Z 162 79.03 33.80 -172.13
CA VAL Z 162 80.12 34.55 -172.75
C VAL Z 162 80.51 33.95 -174.09
N LYS Z 163 80.47 32.61 -174.18
CA LYS Z 163 80.81 31.92 -175.42
C LYS Z 163 79.66 31.98 -176.40
N GLY Z 164 79.93 32.55 -177.58
CA GLY Z 164 78.91 32.67 -178.60
C GLY Z 164 79.17 33.87 -179.48
N GLY Z 165 78.39 34.01 -180.55
CA GLY Z 165 78.57 35.13 -181.46
C GLY Z 165 78.14 36.44 -180.82
N PHE Z 166 78.92 36.90 -179.84
CA PHE Z 166 78.63 38.14 -179.14
C PHE Z 166 77.23 38.11 -178.54
N GLN Z 167 76.62 36.92 -178.53
CA GLN Z 167 75.28 36.75 -177.98
C GLN Z 167 75.16 37.52 -176.68
N ALA Z 168 76.24 37.50 -175.89
CA ALA Z 168 76.28 38.21 -174.62
C ALA Z 168 76.39 39.71 -174.85
N LEU Z 169 77.51 40.14 -175.43
CA LEU Z 169 77.74 41.54 -175.72
C LEU Z 169 76.51 42.15 -176.40
N LYS Z 170 76.05 41.50 -177.46
CA LYS Z 170 74.89 41.97 -178.20
C LYS Z 170 73.66 41.98 -177.30
N GLY Z 171 73.13 40.78 -177.02
CA GLY Z 171 71.95 40.66 -176.18
C GLY Z 171 71.95 41.56 -174.96
N ILE Z 172 73.12 41.78 -174.37
CA ILE Z 172 73.23 42.62 -173.17
C ILE Z 172 73.26 44.11 -173.50
N ILE Z 173 74.27 44.53 -174.25
CA ILE Z 173 74.40 45.94 -174.62
C ILE Z 173 73.11 46.46 -175.25
N ASN Z 174 72.43 45.59 -176.00
CA ASN Z 174 71.19 45.95 -176.66
C ASN Z 174 70.01 45.88 -175.69
N SER Z 175 70.21 45.22 -174.56
CA SER Z 175 69.17 45.10 -173.54
C SER Z 175 69.32 46.25 -172.56
N ILE Z 176 70.51 46.86 -172.57
CA ILE Z 176 70.81 48.00 -171.70
C ILE Z 176 70.43 49.28 -172.42
N LEU Z 177 70.65 49.32 -173.73
CA LEU Z 177 70.32 50.48 -174.54
C LEU Z 177 68.82 50.52 -174.78
N ALA Z 178 68.15 49.40 -174.46
CA ALA Z 178 66.70 49.30 -174.64
C ALA Z 178 66.02 50.07 -173.51
N GLN Z 179 66.83 50.76 -172.72
CA GLN Z 179 66.34 51.54 -171.60
C GLN Z 179 66.81 52.99 -171.74
N SER Z 180 67.68 53.23 -172.73
CA SER Z 180 68.20 54.56 -172.99
C SER Z 180 67.28 55.32 -173.94
N CYS Z 181 67.47 56.63 -174.04
CA CYS Z 181 66.64 57.44 -174.90
C CYS Z 181 67.22 57.47 -176.32
N THR AA 1 -75.91 35.38 63.93
CA THR AA 1 -75.84 34.32 62.89
C THR AA 1 -74.58 34.44 62.06
N VAL AA 2 -73.63 35.24 62.55
CA VAL AA 2 -72.37 35.45 61.85
C VAL AA 2 -71.63 34.13 61.64
N PRO AA 3 -71.16 33.87 60.42
CA PRO AA 3 -70.44 32.65 60.06
C PRO AA 3 -69.19 32.40 60.91
N ASP AA 4 -69.14 31.23 61.54
CA ASP AA 4 -68.00 30.84 62.37
C ASP AA 4 -68.05 29.34 62.65
N ARG AA 5 -67.35 28.57 61.81
CA ARG AA 5 -67.32 27.12 61.94
C ARG AA 5 -66.54 26.72 63.19
N ASP AA 6 -65.31 27.22 63.30
CA ASP AA 6 -64.45 26.93 64.44
C ASP AA 6 -65.23 27.07 65.75
N ASN AA 7 -66.16 28.01 65.77
CA ASN AA 7 -66.98 28.26 66.95
C ASN AA 7 -66.17 28.88 68.09
N ASP AA 8 -64.99 29.39 67.76
CA ASP AA 8 -64.14 30.00 68.76
C ASP AA 8 -64.59 31.39 69.17
N GLY AA 9 -65.27 32.08 68.26
CA GLY AA 9 -65.75 33.42 68.56
C GLY AA 9 -65.19 34.49 67.66
N ILE AA 10 -64.49 34.08 66.61
CA ILE AA 10 -63.92 35.01 65.66
C ILE AA 10 -64.44 34.70 64.27
N PRO AA 11 -65.45 35.46 63.82
CA PRO AA 11 -66.08 35.30 62.50
C PRO AA 11 -65.09 34.99 61.39
N ASP AA 12 -65.27 33.83 60.78
CA ASP AA 12 -64.41 33.36 59.69
C ASP AA 12 -63.58 34.47 59.07
N SER AA 13 -64.23 35.25 58.21
CA SER AA 13 -63.56 36.35 57.53
C SER AA 13 -62.50 36.97 58.43
N LEU AA 14 -62.94 37.60 59.51
CA LEU AA 14 -62.04 38.24 60.45
C LEU AA 14 -60.79 37.42 60.68
N GLU AA 15 -60.99 36.15 61.02
CA GLU AA 15 -59.88 35.25 61.30
C GLU AA 15 -59.05 34.89 60.07
N VAL AA 16 -59.62 35.08 58.88
CA VAL AA 16 -58.90 34.75 57.66
C VAL AA 16 -58.29 35.98 57.00
N GLU AA 17 -59.08 37.04 56.89
CA GLU AA 17 -58.64 38.28 56.26
C GLU AA 17 -57.88 39.21 57.23
N GLY AA 18 -57.68 38.73 58.45
CA GLY AA 18 -56.95 39.53 59.43
C GLY AA 18 -57.86 40.24 60.41
N TYR AA 19 -57.40 40.33 61.66
CA TYR AA 19 -58.16 40.99 62.71
C TYR AA 19 -57.25 41.35 63.88
N THR AA 20 -57.85 41.90 64.92
CA THR AA 20 -57.13 42.29 66.11
C THR AA 20 -58.17 42.84 67.08
N VAL AA 21 -57.72 43.27 68.24
CA VAL AA 21 -58.66 43.80 69.23
C VAL AA 21 -58.09 44.98 69.99
N ASP AA 22 -58.99 45.90 70.33
CA ASP AA 22 -58.64 47.11 71.08
C ASP AA 22 -59.73 47.35 72.10
N VAL AA 23 -59.64 48.46 72.83
CA VAL AA 23 -60.63 48.79 73.84
C VAL AA 23 -61.17 50.22 73.73
N LYS AA 24 -62.40 50.35 73.23
CA LYS AA 24 -63.03 51.66 73.07
C LYS AA 24 -63.14 52.31 74.44
N ASN AA 25 -64.35 52.37 74.99
CA ASN AA 25 -64.54 52.96 76.31
C ASN AA 25 -63.61 52.18 77.21
N LYS AA 26 -64.08 51.03 77.66
CA LYS AA 26 -63.29 50.16 78.51
C LYS AA 26 -63.66 48.74 78.15
N ARG AA 27 -64.25 48.58 76.97
CA ARG AA 27 -64.67 47.28 76.49
C ARG AA 27 -63.72 46.81 75.42
N THR AA 28 -63.69 45.50 75.18
CA THR AA 28 -62.81 44.93 74.17
C THR AA 28 -63.57 44.64 72.89
N PHE AA 29 -63.16 45.28 71.80
CA PHE AA 29 -63.81 45.08 70.52
C PHE AA 29 -62.95 44.30 69.54
N LEU AA 30 -63.48 43.19 69.05
CA LEU AA 30 -62.77 42.37 68.08
C LEU AA 30 -63.18 42.90 66.71
N SER AA 31 -62.27 43.59 66.05
CA SER AA 31 -62.54 44.19 64.74
C SER AA 31 -61.54 43.77 63.65
N PRO AA 32 -61.97 43.85 62.38
CA PRO AA 32 -61.13 43.49 61.24
C PRO AA 32 -59.95 44.45 61.11
N TRP AA 33 -58.97 44.07 60.29
CA TRP AA 33 -57.78 44.88 60.11
C TRP AA 33 -58.04 46.20 59.40
N ILE AA 34 -57.29 47.23 59.80
CA ILE AA 34 -57.39 48.56 59.19
C ILE AA 34 -56.01 49.17 59.19
N SER AA 35 -55.24 48.89 58.14
CA SER AA 35 -53.88 49.40 57.98
C SER AA 35 -53.74 50.82 58.50
N ASN AA 36 -54.82 51.59 58.41
CA ASN AA 36 -54.81 52.97 58.87
C ASN AA 36 -54.80 53.03 60.39
N ILE AA 37 -55.90 53.51 60.97
CA ILE AA 37 -56.04 53.67 62.40
C ILE AA 37 -55.44 52.56 63.27
N HIS AA 38 -55.49 51.33 62.79
CA HIS AA 38 -54.94 50.21 63.57
C HIS AA 38 -53.42 50.19 63.67
N GLU AA 39 -52.76 50.00 62.53
CA GLU AA 39 -51.30 49.94 62.48
C GLU AA 39 -50.62 51.11 63.19
N LYS AA 40 -51.41 52.14 63.50
CA LYS AA 40 -50.90 53.32 64.18
C LYS AA 40 -50.85 53.12 65.68
N LYS AA 41 -52.00 52.78 66.27
CA LYS AA 41 -52.09 52.59 67.72
C LYS AA 41 -51.12 51.54 68.25
N GLY AA 42 -50.44 50.83 67.36
CA GLY AA 42 -49.48 49.83 67.78
C GLY AA 42 -49.97 48.40 67.85
N LEU AA 43 -51.23 48.16 67.51
CA LEU AA 43 -51.79 46.81 67.54
C LEU AA 43 -51.06 45.89 66.58
N THR AA 44 -51.61 44.70 66.36
CA THR AA 44 -51.00 43.73 65.45
C THR AA 44 -52.06 43.10 64.55
N LYS AA 45 -51.60 42.46 63.48
CA LYS AA 45 -52.51 41.80 62.55
C LYS AA 45 -52.58 40.32 62.91
N TYR AA 46 -53.62 39.95 63.66
CA TYR AA 46 -53.80 38.57 64.06
C TYR AA 46 -54.59 37.76 63.04
N LYS AA 47 -53.89 37.16 62.09
CA LYS AA 47 -54.54 36.35 61.07
C LYS AA 47 -54.41 34.90 61.47
N SER AA 48 -55.50 34.28 61.89
CA SER AA 48 -55.48 32.89 62.30
C SER AA 48 -56.24 31.98 61.36
N SER AA 49 -56.72 30.84 61.86
CA SER AA 49 -57.47 29.91 61.04
C SER AA 49 -58.86 29.67 61.59
N PRO AA 50 -59.87 29.69 60.71
CA PRO AA 50 -61.28 29.49 61.02
C PRO AA 50 -61.75 28.07 61.26
N GLU AA 51 -60.95 27.08 60.90
CA GLU AA 51 -61.43 25.71 61.13
C GLU AA 51 -60.78 25.00 62.30
N LYS AA 52 -60.02 25.74 63.11
CA LYS AA 52 -59.37 25.15 64.28
C LYS AA 52 -59.65 25.98 65.52
N TRP AA 53 -60.06 25.31 66.60
CA TRP AA 53 -60.37 25.98 67.85
C TRP AA 53 -59.15 26.73 68.36
N SER AA 54 -57.98 26.23 67.98
CA SER AA 54 -56.72 26.84 68.37
C SER AA 54 -55.72 26.43 67.29
N THR AA 55 -55.54 27.29 66.30
CA THR AA 55 -54.65 27.00 65.20
C THR AA 55 -53.34 26.33 65.59
N ALA AA 56 -52.86 26.62 66.80
CA ALA AA 56 -51.61 26.03 67.27
C ALA AA 56 -51.85 24.62 67.79
N SER AA 57 -53.11 24.31 68.08
CA SER AA 57 -53.55 23.02 68.60
C SER AA 57 -53.58 23.03 70.12
N ASP AA 58 -52.66 23.78 70.73
CA ASP AA 58 -52.61 23.86 72.18
C ASP AA 58 -53.98 24.19 72.74
N PRO AA 59 -54.19 23.92 74.03
CA PRO AA 59 -55.47 24.17 74.70
C PRO AA 59 -55.82 25.62 74.94
N TYR AA 60 -55.93 26.38 73.87
CA TYR AA 60 -56.27 27.80 74.00
C TYR AA 60 -56.88 28.36 72.72
N SER AA 61 -58.19 28.55 72.72
CA SER AA 61 -58.90 29.06 71.55
C SER AA 61 -58.26 30.33 71.03
N ASP AA 62 -58.05 30.39 69.72
CA ASP AA 62 -57.46 31.56 69.09
C ASP AA 62 -58.03 32.76 69.80
N PHE AA 63 -59.35 32.78 69.91
CA PHE AA 63 -60.02 33.88 70.57
C PHE AA 63 -59.48 34.06 71.97
N GLU AA 64 -59.61 33.02 72.78
CA GLU AA 64 -59.13 33.05 74.16
C GLU AA 64 -57.82 33.80 74.31
N LYS AA 65 -56.92 33.64 73.33
CA LYS AA 65 -55.63 34.31 73.40
C LYS AA 65 -55.72 35.80 73.15
N VAL AA 66 -55.98 36.18 71.91
CA VAL AA 66 -56.07 37.58 71.54
C VAL AA 66 -56.97 38.37 72.49
N THR AA 67 -58.13 37.83 72.81
CA THR AA 67 -59.06 38.51 73.71
C THR AA 67 -58.46 38.71 75.09
N GLY AA 68 -57.53 37.83 75.46
CA GLY AA 68 -56.89 37.93 76.75
C GLY AA 68 -57.58 37.11 77.82
N ARG AA 69 -58.73 36.56 77.48
CA ARG AA 69 -59.50 35.75 78.41
C ARG AA 69 -58.88 34.35 78.45
N ILE AA 70 -57.79 34.22 79.18
CA ILE AA 70 -57.05 32.96 79.28
C ILE AA 70 -56.17 32.95 80.53
N ASP AA 71 -55.64 31.79 80.87
CA ASP AA 71 -54.76 31.67 82.03
C ASP AA 71 -53.64 32.71 81.90
N LYS AA 72 -53.67 33.68 82.79
CA LYS AA 72 -52.69 34.76 82.75
C LYS AA 72 -51.22 34.36 82.77
N ASN AA 73 -50.92 33.09 83.01
CA ASN AA 73 -49.53 32.69 83.05
C ASN AA 73 -48.95 32.44 81.66
N VAL AA 74 -49.81 32.11 80.71
CA VAL AA 74 -49.36 31.85 79.35
C VAL AA 74 -48.42 32.94 78.86
N SER AA 75 -47.24 32.53 78.40
CA SER AA 75 -46.24 33.46 77.90
C SER AA 75 -46.87 34.47 76.94
N PRO AA 76 -46.41 35.73 76.98
CA PRO AA 76 -46.95 36.76 76.10
C PRO AA 76 -46.90 36.35 74.63
N GLU AA 77 -45.69 36.15 74.11
CA GLU AA 77 -45.49 35.78 72.72
C GLU AA 77 -46.33 34.58 72.29
N ALA AA 78 -46.96 33.93 73.25
CA ALA AA 78 -47.79 32.77 72.95
C ALA AA 78 -49.25 33.19 72.95
N ARG AA 79 -49.50 34.41 73.37
CA ARG AA 79 -50.85 34.93 73.42
C ARG AA 79 -51.34 35.09 71.98
N HIS AA 80 -50.44 34.89 71.03
CA HIS AA 80 -50.74 35.02 69.60
C HIS AA 80 -51.26 33.71 69.00
N PRO AA 81 -52.29 33.78 68.16
CA PRO AA 81 -52.91 32.65 67.49
C PRO AA 81 -52.01 31.69 66.74
N LEU AA 82 -50.79 32.10 66.42
CA LEU AA 82 -49.90 31.22 65.68
C LEU AA 82 -48.64 30.79 66.43
N VAL AA 83 -48.58 31.05 67.72
CA VAL AA 83 -47.43 30.66 68.51
C VAL AA 83 -47.81 29.59 69.53
N ALA AA 84 -47.19 28.42 69.40
CA ALA AA 84 -47.44 27.31 70.29
C ALA AA 84 -47.45 27.77 71.72
N ALA AA 85 -48.38 27.23 72.51
CA ALA AA 85 -48.48 27.58 73.91
C ALA AA 85 -48.33 26.33 74.77
N TYR AA 86 -47.25 25.59 74.55
CA TYR AA 86 -47.00 24.37 75.31
C TYR AA 86 -45.86 24.57 76.29
N PRO AA 87 -45.81 23.73 77.34
CA PRO AA 87 -44.76 23.82 78.35
C PRO AA 87 -43.54 23.01 77.96
N ILE AA 88 -42.37 23.49 78.35
CA ILE AA 88 -41.13 22.80 78.07
C ILE AA 88 -40.25 22.93 79.29
N VAL AA 89 -40.03 21.81 79.98
CA VAL AA 89 -39.23 21.80 81.19
C VAL AA 89 -38.01 20.92 81.11
N HIS AA 90 -36.92 21.40 81.70
CA HIS AA 90 -35.66 20.66 81.73
C HIS AA 90 -35.14 20.79 83.16
N VAL AA 91 -34.19 19.94 83.54
CA VAL AA 91 -33.68 20.00 84.91
C VAL AA 91 -32.30 20.63 85.07
N ASP AA 92 -32.20 21.55 86.01
CA ASP AA 92 -30.93 22.23 86.29
C ASP AA 92 -30.37 21.71 87.60
N MET AA 93 -29.08 21.40 87.59
CA MET AA 93 -28.39 20.88 88.77
C MET AA 93 -27.35 21.91 89.21
N GLU AA 94 -27.63 22.62 90.30
CA GLU AA 94 -26.72 23.65 90.78
C GLU AA 94 -25.40 23.12 91.35
N ASN AA 95 -25.46 22.08 92.17
CA ASN AA 95 -24.26 21.52 92.76
C ASN AA 95 -24.45 20.10 93.25
N ILE AA 96 -23.40 19.30 93.14
CA ILE AA 96 -23.45 17.91 93.57
C ILE AA 96 -22.52 17.71 94.75
N ILE AA 97 -22.60 16.53 95.35
CA ILE AA 97 -21.76 16.22 96.49
C ILE AA 97 -21.48 14.73 96.55
N LEU AA 98 -20.25 14.37 96.18
CA LEU AA 98 -19.82 12.99 96.17
C LEU AA 98 -19.19 12.63 97.51
N SER AA 99 -19.58 11.46 98.04
CA SER AA 99 -19.04 11.00 99.32
C SER AA 99 -18.92 9.48 99.34
N LYS AA 100 -18.04 8.97 100.19
CA LYS AA 100 -17.84 7.53 100.32
C LYS AA 100 -19.03 6.95 101.07
N ASN AA 101 -19.69 5.97 100.46
CA ASN AA 101 -20.85 5.33 101.08
C ASN AA 101 -20.52 4.89 102.50
N GLU AA 102 -21.37 5.27 103.45
CA GLU AA 102 -21.18 4.93 104.86
C GLU AA 102 -20.83 3.45 105.03
N ASP AA 110 -16.62 10.11 111.76
CA ASP AA 110 -15.30 10.70 111.64
C ASP AA 110 -15.07 11.22 110.22
N SER AA 111 -16.02 10.95 109.33
CA SER AA 111 -15.93 11.39 107.95
C SER AA 111 -16.55 12.77 107.77
N GLN AA 112 -15.71 13.76 107.49
CA GLN AA 112 -16.16 15.14 107.29
C GLN AA 112 -15.46 15.78 106.10
N THR AA 113 -14.18 15.46 105.92
CA THR AA 113 -13.38 16.01 104.83
C THR AA 113 -13.15 14.94 103.76
N ARG AA 114 -13.72 13.76 103.96
CA ARG AA 114 -13.58 12.67 103.01
C ARG AA 114 -14.66 12.83 101.94
N THR AA 115 -15.19 14.04 101.81
CA THR AA 115 -16.26 14.32 100.86
C THR AA 115 -15.96 15.52 99.95
N ILE AA 116 -16.18 15.34 98.65
CA ILE AA 116 -15.95 16.41 97.69
C ILE AA 116 -17.29 17.06 97.34
N SER AA 117 -17.29 18.38 97.25
CA SER AA 117 -18.50 19.12 96.93
C SER AA 117 -18.21 20.24 95.93
N LYS AA 118 -18.43 19.94 94.65
CA LYS AA 118 -18.19 20.91 93.60
C LYS AA 118 -19.51 21.46 93.05
N ASN AA 119 -19.44 22.64 92.44
CA ASN AA 119 -20.62 23.28 91.85
C ASN AA 119 -20.80 22.74 90.43
N THR AA 120 -21.91 23.10 89.80
CA THR AA 120 -22.19 22.61 88.46
C THR AA 120 -22.86 23.64 87.56
N SER AA 121 -22.70 23.46 86.25
CA SER AA 121 -23.30 24.36 85.28
C SER AA 121 -24.18 23.57 84.31
N THR AA 122 -25.49 23.74 84.45
CA THR AA 122 -26.44 23.04 83.60
C THR AA 122 -26.91 23.94 82.46
N SER AA 123 -27.42 23.34 81.39
CA SER AA 123 -27.92 24.10 80.24
C SER AA 123 -28.63 23.19 79.24
N ARG AA 124 -29.85 23.55 78.87
CA ARG AA 124 -30.61 22.74 77.92
C ARG AA 124 -29.72 22.42 76.74
N THR AA 125 -29.98 21.31 76.08
CA THR AA 125 -29.16 20.91 74.94
C THR AA 125 -30.02 20.66 73.72
N HIS AA 126 -29.40 20.15 72.66
CA HIS AA 126 -30.12 19.85 71.42
C HIS AA 126 -29.24 19.04 70.49
N THR AA 127 -28.53 18.07 71.06
CA THR AA 127 -27.63 17.19 70.32
C THR AA 127 -28.04 16.93 68.88
N SER AA 128 -27.13 17.19 67.95
CA SER AA 128 -27.37 16.98 66.53
C SER AA 128 -26.67 15.69 66.10
N GLU AA 129 -26.35 15.58 64.82
CA GLU AA 129 -25.68 14.39 64.31
C GLU AA 129 -24.16 14.53 64.40
N VAL AA 130 -23.46 13.45 64.08
CA VAL AA 130 -22.00 13.44 64.13
C VAL AA 130 -21.41 14.06 62.87
N HIS AA 131 -20.14 13.74 62.60
CA HIS AA 131 -19.45 14.27 61.43
C HIS AA 131 -19.83 13.48 60.18
N GLY AA 132 -19.51 12.19 60.18
CA GLY AA 132 -19.82 11.35 59.05
C GLY AA 132 -18.97 10.11 58.98
N ASN AA 133 -18.95 9.34 60.06
CA ASN AA 133 -18.15 8.12 60.12
C ASN AA 133 -18.59 7.20 61.26
N ALA AA 134 -19.34 7.75 62.21
CA ALA AA 134 -19.82 6.97 63.35
C ALA AA 134 -20.61 5.75 62.87
N GLU AA 135 -20.04 4.58 63.08
CA GLU AA 135 -20.68 3.34 62.67
C GLU AA 135 -22.08 3.20 63.27
N VAL AA 136 -23.10 3.44 62.45
CA VAL AA 136 -24.47 3.34 62.90
C VAL AA 136 -25.12 2.09 62.30
N HIS AA 137 -25.85 1.35 63.13
CA HIS AA 137 -26.51 0.12 62.69
C HIS AA 137 -27.29 0.31 61.40
N ALA AA 138 -27.38 -0.76 60.62
CA ALA AA 138 -28.07 -0.74 59.33
C ALA AA 138 -29.47 -0.14 59.42
N SER AA 139 -30.09 -0.23 60.59
CA SER AA 139 -31.44 0.30 60.78
C SER AA 139 -31.44 1.83 60.83
N PHE AA 140 -30.43 2.44 60.23
CA PHE AA 140 -30.32 3.90 60.22
C PHE AA 140 -30.92 4.53 58.97
N PHE AA 141 -30.82 3.81 57.85
CA PHE AA 141 -31.34 4.33 56.59
C PHE AA 141 -32.71 3.74 56.25
N ASP AA 142 -33.53 3.55 57.28
CA ASP AA 142 -34.87 3.01 57.09
C ASP AA 142 -35.89 4.12 57.32
N ILE AA 143 -37.18 3.77 57.24
CA ILE AA 143 -38.24 4.74 57.44
C ILE AA 143 -38.54 4.90 58.92
N GLY AA 144 -38.26 6.10 59.45
CA GLY AA 144 -38.50 6.37 60.85
C GLY AA 144 -37.47 5.69 61.74
N GLY AA 145 -36.99 4.53 61.29
CA GLY AA 145 -36.01 3.80 62.06
C GLY AA 145 -34.67 4.51 62.20
N SER AA 146 -34.34 4.90 63.42
CA SER AA 146 -33.08 5.57 63.73
C SER AA 146 -32.93 6.94 63.06
N VAL AA 147 -33.82 7.25 62.11
CA VAL AA 147 -33.76 8.52 61.42
C VAL AA 147 -34.28 9.63 62.34
N SER AA 148 -33.47 9.96 63.35
CA SER AA 148 -33.83 10.99 64.31
C SER AA 148 -33.80 12.38 63.67
N ALA AA 149 -33.41 12.41 62.39
CA ALA AA 149 -33.33 13.66 61.64
C ALA AA 149 -32.44 14.67 62.36
N GLY AA 150 -31.44 14.18 63.06
CA GLY AA 150 -30.54 15.05 63.79
C GLY AA 150 -31.03 15.35 65.19
N PHE AA 151 -32.18 16.00 65.29
CA PHE AA 151 -32.77 16.35 66.57
C PHE AA 151 -34.29 16.27 66.53
N SER AA 152 -34.89 15.80 67.63
CA SER AA 152 -36.34 15.66 67.71
C SER AA 152 -36.89 16.12 69.07
N ASN AA 153 -38.14 15.75 69.32
CA ASN AA 153 -38.83 16.11 70.56
C ASN AA 153 -38.40 15.32 71.78
N SER AA 154 -37.84 16.02 72.76
CA SER AA 154 -37.38 15.43 74.01
C SER AA 154 -36.44 16.39 74.73
N ASN AA 155 -36.71 16.60 76.02
CA ASN AA 155 -35.90 17.49 76.83
C ASN AA 155 -34.70 16.76 77.42
N SER AA 156 -33.51 17.29 77.18
CA SER AA 156 -32.30 16.68 77.71
C SER AA 156 -31.27 17.74 78.09
N SER AA 157 -31.16 18.01 79.38
CA SER AA 157 -30.21 19.00 79.87
C SER AA 157 -28.85 18.35 80.05
N THR AA 158 -27.84 19.16 80.36
CA THR AA 158 -26.49 18.66 80.55
C THR AA 158 -25.74 19.48 81.58
N VAL AA 159 -25.19 18.80 82.58
CA VAL AA 159 -24.43 19.45 83.63
C VAL AA 159 -22.95 19.15 83.48
N ALA AA 160 -22.14 19.99 84.11
CA ALA AA 160 -20.70 19.85 84.09
C ALA AA 160 -20.24 20.14 85.51
N ILE AA 161 -19.30 19.33 86.00
CA ILE AA 161 -18.82 19.52 87.36
C ILE AA 161 -17.60 20.42 87.42
N ASP AA 162 -17.66 21.42 88.32
CA ASP AA 162 -16.57 22.36 88.50
C ASP AA 162 -15.25 21.58 88.59
N HIS AA 163 -14.40 21.76 87.58
CA HIS AA 163 -13.12 21.05 87.55
C HIS AA 163 -12.06 21.73 88.39
N SER AA 164 -12.38 22.90 88.92
CA SER AA 164 -11.43 23.64 89.75
C SER AA 164 -11.14 22.94 91.08
N LEU AA 165 -10.55 23.67 92.02
CA LEU AA 165 -10.21 23.11 93.32
C LEU AA 165 -11.22 23.43 94.40
N SER AA 166 -11.15 22.69 95.51
CA SER AA 166 -12.05 22.89 96.63
C SER AA 166 -11.22 22.98 97.90
N LEU AA 167 -10.10 22.29 97.91
CA LEU AA 167 -9.20 22.30 99.06
C LEU AA 167 -7.81 22.80 98.65
N ALA AA 168 -6.79 22.37 99.37
CA ALA AA 168 -5.42 22.79 99.08
C ALA AA 168 -4.84 22.05 97.89
N GLY AA 169 -3.82 21.24 98.15
CA GLY AA 169 -3.18 20.50 97.09
C GLY AA 169 -3.88 19.21 96.72
N GLU AA 170 -5.19 19.17 96.86
CA GLU AA 170 -5.96 17.97 96.54
C GLU AA 170 -5.53 17.42 95.18
N ARG AA 171 -5.73 16.13 94.98
CA ARG AA 171 -5.35 15.48 93.73
C ARG AA 171 -6.05 14.13 93.61
N THR AA 172 -6.74 13.93 92.49
CA THR AA 172 -7.48 12.69 92.24
C THR AA 172 -8.49 12.46 93.35
N TRP AA 173 -9.75 12.75 93.06
CA TRP AA 173 -10.83 12.58 94.06
C TRP AA 173 -10.58 11.34 94.90
N ALA AA 174 -10.02 10.31 94.27
CA ALA AA 174 -9.72 9.07 94.97
C ALA AA 174 -9.08 9.33 96.33
N GLU AA 175 -7.79 9.62 96.31
CA GLU AA 175 -7.05 9.89 97.55
C GLU AA 175 -7.75 10.91 98.43
N THR AA 176 -8.49 11.83 97.80
CA THR AA 176 -9.21 12.87 98.52
C THR AA 176 -10.26 12.27 99.44
N MET AA 177 -11.09 11.38 98.89
CA MET AA 177 -12.15 10.73 99.64
C MET AA 177 -11.63 9.47 100.32
N GLY AA 178 -10.98 8.62 99.54
CA GLY AA 178 -10.46 7.38 100.07
C GLY AA 178 -11.25 6.20 99.54
N LEU AA 179 -11.42 6.15 98.22
CA LEU AA 179 -12.15 5.08 97.59
C LEU AA 179 -11.22 4.05 96.96
N ASN AA 180 -11.41 2.79 97.34
CA ASN AA 180 -10.61 1.68 96.83
C ASN AA 180 -11.50 0.70 96.10
N THR AA 181 -10.93 0.02 95.10
CA THR AA 181 -11.65 -0.96 94.29
C THR AA 181 -12.94 -1.53 94.89
N ALA AA 182 -12.86 -2.03 96.12
CA ALA AA 182 -14.02 -2.62 96.78
C ALA AA 182 -14.81 -1.61 97.60
N ASP AA 183 -15.10 -0.45 97.02
CA ASP AA 183 -15.86 0.57 97.71
C ASP AA 183 -16.99 1.16 96.86
N THR AA 184 -17.96 1.75 97.53
CA THR AA 184 -19.11 2.35 96.86
C THR AA 184 -19.22 3.82 97.24
N ALA AA 185 -19.49 4.66 96.24
CA ALA AA 185 -19.63 6.09 96.47
C ALA AA 185 -21.08 6.51 96.24
N ARG AA 186 -21.61 7.27 97.19
CA ARG AA 186 -22.99 7.74 97.11
C ARG AA 186 -23.02 9.16 96.57
N LEU AA 187 -23.85 9.38 95.55
CA LEU AA 187 -24.00 10.69 94.95
C LEU AA 187 -25.22 11.40 95.53
N ASN AA 188 -25.18 12.71 95.51
CA ASN AA 188 -26.28 13.53 96.03
C ASN AA 188 -26.13 14.89 95.39
N ALA AA 189 -27.25 15.59 95.18
CA ALA AA 189 -27.19 16.92 94.58
C ALA AA 189 -28.44 17.73 94.81
N ASN AA 190 -28.36 19.01 94.49
CA ASN AA 190 -29.48 19.93 94.61
C ASN AA 190 -29.88 20.37 93.22
N ILE AA 191 -31.08 20.00 92.81
CA ILE AA 191 -31.54 20.37 91.49
C ILE AA 191 -32.86 21.09 91.54
N ARG AA 192 -33.16 21.80 90.45
CA ARG AA 192 -34.40 22.56 90.34
C ARG AA 192 -35.01 22.44 88.95
N TYR AA 193 -36.31 22.15 88.92
CA TYR AA 193 -37.02 22.04 87.66
C TYR AA 193 -37.17 23.45 87.18
N VAL AA 194 -37.14 23.66 85.87
CA VAL AA 194 -37.29 24.98 85.31
C VAL AA 194 -37.96 24.93 83.94
N ASN AA 195 -39.07 25.66 83.82
CA ASN AA 195 -39.82 25.69 82.58
C ASN AA 195 -39.24 26.71 81.61
N THR AA 196 -39.14 26.32 80.34
CA THR AA 196 -38.57 27.19 79.33
C THR AA 196 -39.57 27.49 78.20
N GLY AA 197 -40.66 26.74 78.16
CA GLY AA 197 -41.64 26.93 77.12
C GLY AA 197 -42.46 28.21 77.09
N THR AA 198 -43.77 28.03 76.91
CA THR AA 198 -44.71 29.15 76.83
C THR AA 198 -45.96 28.91 77.67
N ALA AA 199 -46.07 27.71 78.22
CA ALA AA 199 -47.23 27.36 79.05
C ALA AA 199 -46.75 26.87 80.42
N PRO AA 200 -47.63 26.91 81.43
CA PRO AA 200 -47.25 26.47 82.77
C PRO AA 200 -47.80 25.09 83.13
N ILE AA 201 -47.20 24.45 84.13
CA ILE AA 201 -47.65 23.14 84.61
C ILE AA 201 -48.13 23.37 86.02
N TYR AA 202 -49.33 22.89 86.36
CA TYR AA 202 -49.87 23.12 87.69
C TYR AA 202 -49.75 22.04 88.76
N ASN AA 203 -49.28 20.86 88.42
CA ASN AA 203 -49.17 19.81 89.44
C ASN AA 203 -48.03 18.81 89.26
N VAL AA 204 -48.31 17.67 88.63
CA VAL AA 204 -47.31 16.64 88.44
C VAL AA 204 -46.11 17.08 87.61
N LEU AA 205 -44.92 17.05 88.21
CA LEU AA 205 -43.70 17.42 87.52
C LEU AA 205 -43.21 16.24 86.69
N PRO AA 206 -42.23 16.46 85.81
CA PRO AA 206 -41.67 15.41 84.96
C PRO AA 206 -40.84 14.37 85.67
N THR AA 207 -40.70 13.21 85.02
CA THR AA 207 -39.92 12.09 85.56
C THR AA 207 -38.55 12.09 84.90
N THR AA 208 -37.67 12.95 85.37
CA THR AA 208 -36.34 13.04 84.81
C THR AA 208 -35.39 11.98 85.34
N SER AA 209 -34.59 11.41 84.44
CA SER AA 209 -33.63 10.37 84.78
C SER AA 209 -32.19 10.84 84.62
N LEU AA 210 -31.39 10.65 85.65
CA LEU AA 210 -29.98 11.06 85.65
C LEU AA 210 -29.10 9.97 85.06
N VAL AA 211 -28.39 10.32 84.00
CA VAL AA 211 -27.52 9.36 83.32
C VAL AA 211 -26.04 9.75 83.41
N LEU AA 212 -25.18 8.76 83.25
CA LEU AA 212 -23.72 8.95 83.29
C LEU AA 212 -23.08 8.23 82.12
N GLY AA 213 -22.61 8.99 81.14
CA GLY AA 213 -21.99 8.37 79.99
C GLY AA 213 -22.97 8.21 78.85
N LYS AA 214 -23.00 7.02 78.24
CA LYS AA 214 -23.89 6.77 77.12
C LYS AA 214 -25.15 5.96 77.47
N ASN AA 215 -25.17 5.34 78.64
CA ASN AA 215 -26.33 4.56 79.03
C ASN AA 215 -26.39 4.22 80.52
N GLN AA 216 -25.28 4.44 81.23
CA GLN AA 216 -25.24 4.15 82.66
C GLN AA 216 -26.13 5.10 83.46
N THR AA 217 -27.33 4.65 83.77
CA THR AA 217 -28.28 5.45 84.55
C THR AA 217 -27.91 5.37 86.02
N LEU AA 218 -27.76 6.52 86.66
CA LEU AA 218 -27.39 6.54 88.07
C LEU AA 218 -28.62 6.61 88.97
N ALA AA 219 -29.76 6.96 88.39
CA ALA AA 219 -31.00 7.06 89.14
C ALA AA 219 -32.08 7.68 88.27
N THR AA 220 -33.31 7.72 88.78
CA THR AA 220 -34.43 8.29 88.05
C THR AA 220 -35.29 9.09 89.01
N ILE AA 221 -35.11 10.41 89.00
CA ILE AA 221 -35.86 11.29 89.89
C ILE AA 221 -37.24 11.66 89.37
N LYS AA 222 -38.23 11.44 90.22
CA LYS AA 222 -39.63 11.71 89.89
C LYS AA 222 -40.42 12.01 91.17
N ALA AA 223 -40.14 13.15 91.80
CA ALA AA 223 -40.83 13.54 93.03
C ALA AA 223 -42.34 13.28 92.94
N LYS AA 224 -42.93 12.90 94.07
CA LYS AA 224 -44.35 12.58 94.16
C LYS AA 224 -45.29 13.48 93.38
N GLU AA 225 -46.39 12.89 92.89
CA GLU AA 225 -47.40 13.62 92.11
C GLU AA 225 -48.42 14.27 93.04
N ASN AA 226 -48.98 15.39 92.60
CA ASN AA 226 -49.98 16.13 93.38
C ASN AA 226 -49.38 16.62 94.69
N GLN AA 227 -48.23 16.06 95.05
CA GLN AA 227 -47.53 16.42 96.27
C GLN AA 227 -47.32 17.92 96.31
N LEU AA 228 -47.15 18.52 95.14
CA LEU AA 228 -46.95 19.96 95.05
C LEU AA 228 -48.10 20.65 94.36
N SER AA 229 -48.40 21.87 94.80
CA SER AA 229 -49.47 22.66 94.21
C SER AA 229 -48.86 23.91 93.62
N GLN AA 230 -47.54 24.05 93.78
CA GLN AA 230 -46.82 25.19 93.24
C GLN AA 230 -46.99 25.19 91.73
N ILE AA 231 -46.69 26.31 91.09
CA ILE AA 231 -46.83 26.40 89.66
C ILE AA 231 -45.50 26.54 88.94
N LEU AA 232 -45.35 25.78 87.86
CA LEU AA 232 -44.14 25.80 87.07
C LEU AA 232 -44.34 26.72 85.88
N ALA AA 233 -44.41 28.02 86.18
CA ALA AA 233 -44.62 29.03 85.16
C ALA AA 233 -43.44 29.15 84.18
N PRO AA 234 -43.67 29.84 83.05
CA PRO AA 234 -42.61 30.01 82.05
C PRO AA 234 -41.43 30.77 82.64
N ASN AA 235 -40.28 30.69 81.97
CA ASN AA 235 -39.07 31.35 82.44
C ASN AA 235 -39.16 31.61 83.93
N ASN AA 236 -39.20 30.52 84.69
CA ASN AA 236 -39.29 30.60 86.14
C ASN AA 236 -38.93 29.25 86.75
N TYR AA 237 -37.78 29.18 87.41
CA TYR AA 237 -37.31 27.96 88.03
C TYR AA 237 -38.33 27.43 89.03
N TYR AA 238 -38.60 26.12 88.99
CA TYR AA 238 -39.59 25.51 89.88
C TYR AA 238 -39.43 25.96 91.33
N PRO AA 239 -38.43 25.42 92.03
CA PRO AA 239 -38.29 25.86 93.41
C PRO AA 239 -37.82 27.30 93.39
N SER AA 240 -38.78 28.21 93.23
CA SER AA 240 -38.51 29.65 93.18
C SER AA 240 -37.10 30.00 93.62
N LYS AA 241 -36.34 30.61 92.72
CA LYS AA 241 -34.96 30.99 93.00
C LYS AA 241 -34.81 31.58 94.40
N ASN AA 242 -35.92 32.06 94.97
CA ASN AA 242 -35.91 32.65 96.30
C ASN AA 242 -36.33 31.62 97.36
N LEU AA 243 -36.02 30.35 97.11
CA LEU AA 243 -36.34 29.29 98.04
C LEU AA 243 -35.22 28.26 98.15
N ALA AA 244 -35.54 27.10 98.68
CA ALA AA 244 -34.56 26.04 98.85
C ALA AA 244 -34.60 25.03 97.71
N PRO AA 245 -33.52 24.95 96.92
CA PRO AA 245 -33.43 24.03 95.79
C PRO AA 245 -33.66 22.58 96.21
N ILE AA 246 -34.46 21.86 95.43
CA ILE AA 246 -34.75 20.46 95.73
C ILE AA 246 -33.45 19.67 95.74
N ALA AA 247 -33.37 18.67 96.60
CA ALA AA 247 -32.17 17.84 96.73
C ALA AA 247 -32.44 16.36 96.44
N LEU AA 248 -31.62 15.76 95.57
CA LEU AA 248 -31.77 14.36 95.21
C LEU AA 248 -31.64 13.48 96.45
N ASN AA 249 -32.12 12.25 96.36
CA ASN AA 249 -32.07 11.29 97.47
C ASN AA 249 -31.47 11.85 98.74
N ALA AA 250 -32.23 12.68 99.44
CA ALA AA 250 -31.78 13.30 100.68
C ALA AA 250 -32.96 13.79 101.52
N GLN AA 251 -34.15 13.31 101.20
CA GLN AA 251 -35.33 13.70 101.95
C GLN AA 251 -36.56 12.91 101.55
N SER AA 255 -36.71 8.76 101.27
CA SER AA 255 -35.85 7.86 100.50
C SER AA 255 -35.27 6.75 101.40
N SER AA 256 -34.97 5.61 100.79
CA SER AA 256 -34.42 4.45 101.51
C SER AA 256 -33.33 3.80 100.66
N THR AA 257 -33.27 4.23 99.39
CA THR AA 257 -32.26 3.71 98.46
C THR AA 257 -31.60 4.88 97.74
N PRO AA 258 -30.42 5.29 98.21
CA PRO AA 258 -29.64 6.40 97.64
C PRO AA 258 -29.16 6.16 96.21
N ILE AA 259 -27.98 6.69 95.91
CA ILE AA 259 -27.39 6.56 94.58
C ILE AA 259 -26.09 5.79 94.64
N THR AA 260 -26.14 4.55 94.16
CA THR AA 260 -24.98 3.68 94.15
C THR AA 260 -24.02 4.00 93.03
N MET AA 261 -22.73 3.96 93.33
CA MET AA 261 -21.70 4.25 92.34
C MET AA 261 -20.40 3.52 92.73
N ASN AA 262 -20.01 2.55 91.92
CA ASN AA 262 -18.80 1.77 92.19
C ASN AA 262 -17.54 2.49 91.73
N TYR AA 263 -16.40 2.00 92.18
CA TYR AA 263 -15.10 2.57 91.85
C TYR AA 263 -14.91 2.86 90.36
N ASN AA 264 -15.24 1.89 89.52
CA ASN AA 264 -15.11 2.08 88.08
C ASN AA 264 -15.96 3.25 87.59
N GLN AA 265 -17.18 3.35 88.13
CA GLN AA 265 -18.07 4.42 87.75
C GLN AA 265 -17.52 5.75 88.27
N PHE AA 266 -17.37 5.82 89.59
CA PHE AA 266 -16.83 7.00 90.25
C PHE AA 266 -15.59 7.46 89.52
N LEU AA 267 -14.92 6.52 88.86
CA LEU AA 267 -13.72 6.84 88.12
C LEU AA 267 -14.11 7.64 86.88
N GLU AA 268 -15.03 7.08 86.08
CA GLU AA 268 -15.49 7.76 84.87
C GLU AA 268 -15.92 9.18 85.17
N LEU AA 269 -16.78 9.32 86.19
CA LEU AA 269 -17.28 10.62 86.59
C LEU AA 269 -16.14 11.63 86.59
N GLU AA 270 -15.03 11.25 87.23
CA GLU AA 270 -13.88 12.13 87.30
C GLU AA 270 -13.27 12.36 85.92
N LYS AA 271 -13.26 11.32 85.09
CA LYS AA 271 -12.69 11.41 83.75
C LYS AA 271 -13.38 12.43 82.84
N THR AA 272 -14.63 12.76 83.13
CA THR AA 272 -15.37 13.72 82.30
C THR AA 272 -15.97 14.85 83.12
N LYS AA 273 -16.17 14.60 84.41
CA LYS AA 273 -16.75 15.60 85.30
C LYS AA 273 -18.06 16.14 84.77
N GLN AA 274 -18.85 15.27 84.13
CA GLN AA 274 -20.14 15.68 83.58
C GLN AA 274 -21.19 14.58 83.58
N LEU AA 275 -22.42 14.95 83.91
CA LEU AA 275 -23.54 14.02 83.94
C LEU AA 275 -24.59 14.52 82.95
N ARG AA 276 -25.58 13.68 82.64
CA ARG AA 276 -26.64 14.07 81.71
C ARG AA 276 -28.01 13.96 82.37
N LEU AA 277 -28.94 14.83 81.99
CA LEU AA 277 -30.28 14.81 82.56
C LEU AA 277 -31.35 14.77 81.49
N ASP AA 278 -32.02 13.64 81.38
CA ASP AA 278 -33.10 13.47 80.41
C ASP AA 278 -34.43 13.59 81.13
N THR AA 279 -35.38 14.27 80.51
CA THR AA 279 -36.68 14.46 81.12
C THR AA 279 -37.82 14.10 80.18
N ASP AA 280 -38.81 13.39 80.70
CA ASP AA 280 -39.97 12.97 79.92
C ASP AA 280 -40.84 14.17 79.59
N GLN AA 281 -42.07 13.91 79.16
CA GLN AA 281 -42.97 15.01 78.83
C GLN AA 281 -44.32 14.92 79.54
N VAL AA 282 -44.46 13.94 80.42
CA VAL AA 282 -45.72 13.81 81.15
C VAL AA 282 -45.84 14.98 82.11
N TYR AA 283 -46.66 15.96 81.74
CA TYR AA 283 -46.87 17.11 82.59
C TYR AA 283 -48.25 17.01 83.20
N GLY AA 284 -48.46 17.72 84.30
CA GLY AA 284 -49.76 17.69 84.96
C GLY AA 284 -50.87 18.12 84.02
N ASN AA 285 -52.11 18.06 84.50
CA ASN AA 285 -53.25 18.45 83.67
C ASN AA 285 -53.10 19.92 83.31
N ILE AA 286 -54.01 20.44 82.48
CA ILE AA 286 -53.93 21.82 82.04
C ILE AA 286 -54.95 22.76 82.67
N ALA AA 287 -54.58 24.02 82.79
CA ALA AA 287 -55.43 25.05 83.36
C ALA AA 287 -56.14 25.80 82.24
N THR AA 288 -57.47 25.73 82.21
CA THR AA 288 -58.24 26.39 81.16
C THR AA 288 -59.18 27.48 81.70
N TYR AA 289 -59.75 28.26 80.77
CA TYR AA 289 -60.66 29.35 81.09
C TYR AA 289 -62.06 28.84 81.43
N ASN AA 290 -63.02 29.76 81.58
CA ASN AA 290 -64.39 29.40 81.88
C ASN AA 290 -65.30 30.64 81.82
N PHE AA 291 -65.65 31.03 80.61
CA PHE AA 291 -66.50 32.20 80.36
C PHE AA 291 -67.55 32.51 81.42
N GLU AA 292 -68.30 31.50 81.85
CA GLU AA 292 -69.34 31.66 82.87
C GLU AA 292 -69.00 32.69 83.93
N ASN AA 293 -68.03 32.36 84.78
CA ASN AA 293 -67.63 33.26 85.86
C ASN AA 293 -66.16 33.64 85.72
N GLY AA 294 -65.67 33.61 84.48
CA GLY AA 294 -64.28 33.96 84.23
C GLY AA 294 -63.31 33.44 85.26
N ARG AA 295 -63.20 32.11 85.37
CA ARG AA 295 -62.29 31.51 86.33
C ARG AA 295 -61.25 30.61 85.65
N VAL AA 296 -60.11 30.46 86.30
CA VAL AA 296 -59.03 29.63 85.79
C VAL AA 296 -59.10 28.29 86.49
N ARG AA 297 -59.53 27.27 85.77
CA ARG AA 297 -59.64 25.94 86.36
C ARG AA 297 -58.69 24.92 85.73
N VAL AA 298 -58.39 23.88 86.49
CA VAL AA 298 -57.51 22.81 86.02
C VAL AA 298 -58.40 21.63 85.66
N ASP AA 299 -58.67 21.46 84.38
CA ASP AA 299 -59.52 20.36 83.93
C ASP AA 299 -58.83 19.02 83.94
N THR AA 300 -59.30 18.14 84.81
CA THR AA 300 -58.74 16.80 84.92
C THR AA 300 -58.97 16.06 83.60
N GLY AA 301 -59.79 16.63 82.73
CA GLY AA 301 -60.08 16.01 81.46
C GLY AA 301 -59.12 16.33 80.34
N SER AA 302 -58.24 17.31 80.54
CA SER AA 302 -57.29 17.68 79.51
C SER AA 302 -55.86 17.76 80.02
N ASN AA 303 -55.05 16.79 79.62
CA ASN AA 303 -53.65 16.73 80.02
C ASN AA 303 -52.80 16.86 78.76
N TRP AA 304 -51.71 17.60 78.84
CA TRP AA 304 -50.83 17.80 77.70
C TRP AA 304 -50.56 16.53 76.93
N SER AA 305 -50.30 15.44 77.66
CA SER AA 305 -50.01 14.15 77.04
C SER AA 305 -51.00 13.82 75.92
N GLU AA 306 -52.15 14.47 75.94
CA GLU AA 306 -53.17 14.25 74.91
C GLU AA 306 -53.01 15.31 73.82
N VAL AA 307 -53.09 16.57 74.26
CA VAL AA 307 -52.99 17.71 73.35
C VAL AA 307 -51.62 18.36 73.42
N LEU AA 308 -50.64 17.69 72.84
CA LEU AA 308 -49.28 18.20 72.81
C LEU AA 308 -48.62 17.63 71.57
N PRO AA 309 -48.82 16.34 71.30
CA PRO AA 309 -48.19 15.75 70.11
C PRO AA 309 -48.62 16.53 68.89
N GLN AA 310 -49.90 16.89 68.85
CA GLN AA 310 -50.45 17.65 67.73
C GLN AA 310 -49.55 18.84 67.41
N ILE AA 311 -49.26 19.65 68.44
CA ILE AA 311 -48.41 20.81 68.26
C ILE AA 311 -47.17 20.43 67.48
N GLN AA 312 -46.50 19.36 67.91
CA GLN AA 312 -45.29 18.90 67.25
C GLN AA 312 -45.54 18.30 65.88
N GLU AA 313 -46.80 17.95 65.59
CA GLU AA 313 -47.15 17.37 64.30
C GLU AA 313 -47.81 18.35 63.35
N THR AA 314 -47.94 19.61 63.79
CA THR AA 314 -48.56 20.62 62.94
C THR AA 314 -48.00 22.00 63.19
N THR AA 315 -46.67 22.09 63.27
CA THR AA 315 -46.02 23.38 63.50
C THR AA 315 -44.59 23.39 63.00
N ALA AA 316 -43.94 24.52 63.18
CA ALA AA 316 -42.55 24.68 62.78
C ALA AA 316 -41.79 24.94 64.07
N ARG AA 317 -40.70 24.22 64.26
CA ARG AA 317 -39.90 24.39 65.47
C ARG AA 317 -38.66 25.22 65.16
N ILE AA 318 -38.40 26.23 65.96
CA ILE AA 318 -37.24 27.08 65.77
C ILE AA 318 -36.46 27.23 67.06
N ILE AA 319 -35.20 26.85 67.03
CA ILE AA 319 -34.34 26.96 68.20
C ILE AA 319 -33.44 28.17 68.05
N PHE AA 320 -33.74 29.22 68.80
CA PHE AA 320 -32.97 30.46 68.75
C PHE AA 320 -32.34 30.73 70.09
N ASN AA 321 -31.22 31.44 70.10
CA ASN AA 321 -30.55 31.76 71.35
C ASN AA 321 -30.09 33.20 71.38
N GLY AA 322 -31.05 34.12 71.51
CA GLY AA 322 -30.72 35.52 71.55
C GLY AA 322 -30.83 36.09 72.95
N LYS AA 323 -31.93 35.75 73.62
CA LYS AA 323 -32.17 36.23 74.98
C LYS AA 323 -30.95 35.93 75.83
N ASP AA 324 -30.21 34.90 75.43
CA ASP AA 324 -28.99 34.47 76.08
C ASP AA 324 -28.33 33.49 75.13
N LEU AA 325 -27.56 32.56 75.67
CA LEU AA 325 -26.90 31.57 74.83
C LEU AA 325 -27.57 30.22 75.03
N ASN AA 326 -28.61 30.21 75.85
CA ASN AA 326 -29.37 29.00 76.15
C ASN AA 326 -30.44 28.76 75.09
N LEU AA 327 -30.32 27.63 74.39
CA LEU AA 327 -31.25 27.27 73.34
C LEU AA 327 -32.71 27.42 73.76
N VAL AA 328 -33.41 28.33 73.12
CA VAL AA 328 -34.81 28.57 73.42
C VAL AA 328 -35.65 27.94 72.32
N GLU AA 329 -36.70 27.22 72.70
CA GLU AA 329 -37.54 26.58 71.71
C GLU AA 329 -38.89 27.26 71.58
N ARG AA 330 -39.47 27.18 70.39
CA ARG AA 330 -40.77 27.78 70.09
C ARG AA 330 -41.28 27.18 68.80
N ARG AA 331 -42.59 26.97 68.75
CA ARG AA 331 -43.19 26.41 67.55
C ARG AA 331 -44.22 27.38 66.97
N ILE AA 332 -44.20 27.56 65.66
CA ILE AA 332 -45.13 28.46 65.01
C ILE AA 332 -46.16 27.68 64.25
N ALA AA 333 -47.36 28.25 64.14
CA ALA AA 333 -48.47 27.61 63.45
C ALA AA 333 -48.20 27.49 61.96
N ALA AA 334 -47.36 26.53 61.60
CA ALA AA 334 -47.04 26.30 60.20
C ALA AA 334 -48.23 25.62 59.53
N VAL AA 335 -48.06 25.20 58.29
CA VAL AA 335 -49.13 24.53 57.56
C VAL AA 335 -48.61 23.28 56.88
N ASN AA 336 -49.53 22.34 56.65
CA ASN AA 336 -49.16 21.10 55.98
C ASN AA 336 -50.04 21.00 54.75
N PRO AA 337 -49.43 20.67 53.60
CA PRO AA 337 -50.17 20.54 52.33
C PRO AA 337 -51.07 19.31 52.25
N SER AA 338 -50.58 18.19 52.79
CA SER AA 338 -51.33 16.95 52.74
C SER AA 338 -52.57 16.95 53.64
N ASP AA 339 -52.65 17.94 54.53
CA ASP AA 339 -53.77 18.04 55.46
C ASP AA 339 -54.76 19.14 55.12
N PRO AA 340 -55.97 18.77 54.69
CA PRO AA 340 -57.00 19.76 54.35
C PRO AA 340 -57.09 20.78 55.46
N LEU AA 341 -57.59 20.34 56.60
CA LEU AA 341 -57.73 21.20 57.75
C LEU AA 341 -56.51 22.08 57.95
N GLU AA 342 -55.35 21.45 58.09
CA GLU AA 342 -54.10 22.18 58.29
C GLU AA 342 -53.71 23.11 57.15
N THR AA 343 -54.67 23.38 56.27
CA THR AA 343 -54.43 24.28 55.15
C THR AA 343 -55.24 25.51 55.47
N THR AA 344 -56.18 25.33 56.39
CA THR AA 344 -57.05 26.41 56.83
C THR AA 344 -56.21 27.41 57.61
N LYS AA 345 -54.98 27.01 57.88
CA LYS AA 345 -54.05 27.84 58.63
C LYS AA 345 -53.48 28.96 57.77
N PRO AA 346 -53.05 30.05 58.41
CA PRO AA 346 -52.47 31.19 57.70
C PRO AA 346 -51.07 30.83 57.20
N ASP AA 347 -50.81 31.07 55.91
CA ASP AA 347 -49.50 30.78 55.34
C ASP AA 347 -48.42 31.41 56.21
N MET AA 348 -47.33 30.68 56.45
CA MET AA 348 -46.27 31.23 57.28
C MET AA 348 -44.95 31.45 56.57
N THR AA 349 -44.28 32.53 56.96
CA THR AA 349 -42.99 32.91 56.39
C THR AA 349 -41.93 32.91 57.48
N LEU AA 350 -40.74 32.43 57.15
CA LEU AA 350 -39.65 32.39 58.10
C LEU AA 350 -39.49 33.74 58.80
N LYS AA 351 -39.58 34.81 58.00
CA LYS AA 351 -39.47 36.16 58.56
C LYS AA 351 -40.53 36.37 59.62
N GLU AA 352 -41.78 36.54 59.17
CA GLU AA 352 -42.90 36.75 60.07
C GLU AA 352 -42.73 35.88 61.32
N ALA AA 353 -42.28 34.65 61.12
CA ALA AA 353 -42.06 33.73 62.22
C ALA AA 353 -41.12 34.35 63.26
N LEU AA 354 -39.88 34.59 62.88
CA LEU AA 354 -38.90 35.18 63.79
C LEU AA 354 -39.35 36.48 64.44
N LYS AA 355 -40.45 37.04 63.97
CA LYS AA 355 -40.97 38.28 64.53
C LYS AA 355 -41.81 38.00 65.76
N ILE AA 356 -42.74 37.06 65.64
CA ILE AA 356 -43.62 36.70 66.74
C ILE AA 356 -43.04 35.61 67.63
N ALA AA 357 -42.35 34.66 67.01
CA ALA AA 357 -41.75 33.55 67.73
C ALA AA 357 -40.81 34.02 68.85
N PHE AA 358 -39.91 34.92 68.53
CA PHE AA 358 -38.94 35.40 69.51
C PHE AA 358 -39.01 36.91 69.73
N GLY AA 359 -39.30 37.66 68.67
CA GLY AA 359 -39.40 39.11 68.81
C GLY AA 359 -38.56 39.95 67.87
N PHE AA 360 -38.04 39.35 66.80
CA PHE AA 360 -37.23 40.11 65.84
C PHE AA 360 -38.07 41.27 65.32
N ASN AA 361 -37.41 42.40 65.04
CA ASN AA 361 -38.12 43.57 64.55
C ASN AA 361 -37.41 44.26 63.39
N GLU AA 362 -38.10 45.21 62.76
CA GLU AA 362 -37.55 45.95 61.64
C GLU AA 362 -37.42 47.43 62.00
N PRO AA 363 -36.33 47.80 62.68
CA PRO AA 363 -36.09 49.19 63.10
C PRO AA 363 -36.03 50.15 61.92
N ASN AA 364 -35.03 49.97 61.06
CA ASN AA 364 -34.85 50.82 59.89
C ASN AA 364 -34.96 50.02 58.60
N GLY AA 365 -35.68 48.90 58.65
CA GLY AA 365 -35.84 48.08 57.46
C GLY AA 365 -34.99 46.82 57.49
N ASN AA 366 -34.26 46.63 58.58
CA ASN AA 366 -33.40 45.46 58.72
C ASN AA 366 -33.91 44.55 59.83
N LEU AA 367 -34.27 43.32 59.45
CA LEU AA 367 -34.78 42.35 60.40
C LEU AA 367 -33.73 41.95 61.41
N GLN AA 368 -33.65 42.70 62.51
CA GLN AA 368 -32.67 42.42 63.54
C GLN AA 368 -33.32 41.96 64.84
N TYR AA 369 -32.50 41.62 65.82
CA TYR AA 369 -32.98 41.15 67.11
C TYR AA 369 -32.38 41.98 68.24
N GLN AA 370 -33.18 42.87 68.81
CA GLN AA 370 -32.73 43.72 69.91
C GLN AA 370 -31.36 44.33 69.65
N GLY AA 371 -31.01 44.45 68.37
CA GLY AA 371 -29.72 45.03 68.00
C GLY AA 371 -28.97 44.20 66.98
N LYS AA 372 -28.82 42.91 67.23
CA LYS AA 372 -28.12 42.04 66.31
C LYS AA 372 -28.91 41.87 65.01
N ASP AA 373 -28.20 41.81 63.89
CA ASP AA 373 -28.82 41.65 62.58
C ASP AA 373 -29.03 40.18 62.26
N ILE AA 374 -30.18 39.86 61.68
CA ILE AA 374 -30.51 38.47 61.33
C ILE AA 374 -29.37 37.76 60.60
N THR AA 375 -28.42 38.54 60.09
CA THR AA 375 -27.28 37.97 59.38
C THR AA 375 -26.17 37.52 60.32
N GLU AA 376 -26.33 37.80 61.61
CA GLU AA 376 -25.32 37.41 62.60
C GLU AA 376 -25.60 36.03 63.19
N PHE AA 377 -26.58 35.33 62.63
CA PHE AA 377 -26.93 34.00 63.12
C PHE AA 377 -26.91 32.97 62.00
N ASP AA 378 -26.42 31.78 62.31
CA ASP AA 378 -26.35 30.71 61.32
C ASP AA 378 -27.66 29.92 61.27
N PHE AA 379 -28.10 29.62 60.05
CA PHE AA 379 -29.34 28.86 59.83
C PHE AA 379 -29.01 27.40 59.57
N ASN AA 380 -29.46 26.51 60.44
CA ASN AA 380 -29.21 25.09 60.28
C ASN AA 380 -30.52 24.31 60.26
N PHE AA 381 -30.74 23.55 59.19
CA PHE AA 381 -31.97 22.77 59.05
C PHE AA 381 -31.68 21.28 59.14
N ASP AA 382 -32.74 20.49 59.22
CA ASP AA 382 -32.61 19.05 59.29
C ASP AA 382 -32.69 18.46 57.89
N GLN AA 383 -32.37 17.16 57.79
CA GLN AA 383 -32.39 16.47 56.51
C GLN AA 383 -33.62 16.85 55.68
N GLN AA 384 -34.78 16.91 56.32
CA GLN AA 384 -36.02 17.27 55.66
C GLN AA 384 -36.08 18.75 55.34
N THR AA 385 -36.32 19.57 56.36
CA THR AA 385 -36.40 21.02 56.21
C THR AA 385 -35.38 21.57 55.22
N SER AA 386 -34.22 20.95 55.13
CA SER AA 386 -33.18 21.38 54.21
C SER AA 386 -33.75 21.48 52.81
N GLN AA 387 -34.20 20.34 52.29
CA GLN AA 387 -34.78 20.29 50.95
C GLN AA 387 -35.94 21.27 50.80
N ASN AA 388 -36.96 21.10 51.64
CA ASN AA 388 -38.16 21.94 51.61
C ASN AA 388 -37.85 23.43 51.44
N ILE AA 389 -36.67 23.84 51.88
CA ILE AA 389 -36.27 25.24 51.76
C ILE AA 389 -35.39 25.41 50.53
N LYS AA 390 -34.57 24.41 50.24
CA LYS AA 390 -33.70 24.46 49.07
C LYS AA 390 -34.56 24.60 47.82
N ASN AA 391 -35.64 23.82 47.76
CA ASN AA 391 -36.55 23.85 46.63
C ASN AA 391 -37.19 25.23 46.46
N GLN AA 392 -37.25 25.99 47.55
CA GLN AA 392 -37.83 27.32 47.50
C GLN AA 392 -36.78 28.31 46.99
N LEU AA 393 -35.56 28.21 47.50
CA LEU AA 393 -34.49 29.09 47.07
C LEU AA 393 -34.21 28.85 45.59
N ALA AA 394 -34.70 27.72 45.09
CA ALA AA 394 -34.51 27.35 43.69
C ALA AA 394 -35.53 28.10 42.82
N GLU AA 395 -36.81 27.87 43.09
CA GLU AA 395 -37.88 28.52 42.34
C GLU AA 395 -37.98 30.00 42.69
N LEU AA 396 -36.94 30.53 43.32
CA LEU AA 396 -36.89 31.93 43.69
C LEU AA 396 -35.56 32.54 43.27
N ASN AA 397 -34.76 31.76 42.54
CA ASN AA 397 -33.45 32.18 42.06
C ASN AA 397 -32.71 33.08 43.04
N ALA AA 398 -31.94 32.47 43.91
CA ALA AA 398 -31.15 33.20 44.91
C ALA AA 398 -30.22 32.23 45.64
N THR AA 399 -29.12 32.76 46.16
CA THR AA 399 -28.15 31.95 46.88
C THR AA 399 -28.10 32.37 48.35
N ASN AA 400 -28.59 33.57 48.63
CA ASN AA 400 -28.60 34.09 49.99
C ASN AA 400 -30.02 34.07 50.54
N ILE AA 401 -30.24 33.25 51.57
CA ILE AA 401 -31.56 33.12 52.17
C ILE AA 401 -31.96 34.38 52.94
N TYR AA 402 -30.97 35.07 53.52
CA TYR AA 402 -31.23 36.28 54.28
C TYR AA 402 -32.00 37.31 53.45
N THR AA 403 -31.94 37.14 52.12
CA THR AA 403 -32.62 38.04 51.20
C THR AA 403 -34.06 37.59 51.01
N VAL AA 404 -34.23 36.43 50.38
CA VAL AA 404 -35.55 35.87 50.14
C VAL AA 404 -36.15 35.34 51.44
N LEU AA 405 -35.59 35.80 52.55
CA LEU AA 405 -36.04 35.41 53.88
C LEU AA 405 -37.55 35.51 53.99
N ASP AA 406 -38.07 36.71 53.77
CA ASP AA 406 -39.50 36.98 53.84
C ASP AA 406 -40.29 36.31 52.73
N LYS AA 407 -39.77 35.20 52.20
CA LYS AA 407 -40.45 34.48 51.15
C LYS AA 407 -40.26 32.97 51.28
N ILE AA 408 -39.94 32.52 52.50
CA ILE AA 408 -39.74 31.11 52.76
C ILE AA 408 -40.96 30.54 53.47
N LYS AA 409 -41.63 29.58 52.83
CA LYS AA 409 -42.82 28.97 53.39
C LYS AA 409 -42.46 27.90 54.44
N LEU AA 410 -42.90 28.10 55.67
CA LEU AA 410 -42.63 27.13 56.73
C LEU AA 410 -43.73 26.09 56.78
N ASN AA 411 -43.38 24.83 56.57
CA ASN AA 411 -44.37 23.75 56.61
C ASN AA 411 -44.26 22.98 57.92
N ALA AA 412 -45.38 22.45 58.39
CA ALA AA 412 -45.40 21.70 59.64
C ALA AA 412 -44.30 20.66 59.66
N LYS AA 413 -43.81 20.34 60.86
CA LYS AA 413 -42.75 19.35 61.03
C LYS AA 413 -41.39 19.92 60.62
N MET AA 414 -41.37 21.20 60.28
CA MET AA 414 -40.13 21.85 59.87
C MET AA 414 -39.33 22.19 61.12
N ASN AA 415 -38.02 21.99 61.07
CA ASN AA 415 -37.15 22.30 62.21
C ASN AA 415 -36.05 23.26 61.79
N ILE AA 416 -35.83 24.30 62.60
CA ILE AA 416 -34.81 25.29 62.29
C ILE AA 416 -34.01 25.69 63.51
N LEU AA 417 -32.69 25.81 63.34
CA LEU AA 417 -31.81 26.18 64.44
C LEU AA 417 -31.07 27.50 64.21
N ILE AA 418 -31.57 28.56 64.81
CA ILE AA 418 -30.97 29.87 64.68
C ILE AA 418 -30.08 30.15 65.88
N ARG AA 419 -28.77 30.10 65.65
CA ARG AA 419 -27.81 30.35 66.71
C ARG AA 419 -26.84 31.47 66.36
N ASP AA 420 -26.43 32.25 67.37
CA ASP AA 420 -25.51 33.35 67.15
C ASP AA 420 -24.28 32.84 66.43
N LYS AA 421 -23.88 33.53 65.37
CA LYS AA 421 -22.73 33.12 64.57
C LYS AA 421 -21.39 33.49 65.20
N ARG AA 422 -21.42 34.30 66.25
CA ARG AA 422 -20.19 34.72 66.93
C ARG AA 422 -19.37 33.59 67.54
N PHE AA 423 -19.91 32.97 68.59
CA PHE AA 423 -19.21 31.88 69.29
C PHE AA 423 -19.23 30.55 68.55
N HIS AA 424 -18.32 29.66 68.95
CA HIS AA 424 -18.26 28.33 68.36
C HIS AA 424 -19.29 27.46 69.06
N TYR AA 425 -19.60 26.30 68.48
CA TYR AA 425 -20.58 25.42 69.09
C TYR AA 425 -20.10 23.98 69.14
N ASP AA 426 -20.57 23.25 70.15
CA ASP AA 426 -20.18 21.86 70.34
C ASP AA 426 -21.13 20.86 69.69
N ARG AA 427 -21.27 19.71 70.32
CA ARG AA 427 -22.12 18.64 69.82
C ARG AA 427 -23.56 18.83 70.33
N ASN AA 428 -23.71 19.50 71.47
CA ASN AA 428 -25.02 19.74 72.06
C ASN AA 428 -25.56 21.13 71.75
N ASN AA 429 -24.86 21.87 70.89
CA ASN AA 429 -25.26 23.22 70.51
C ASN AA 429 -25.23 24.14 71.71
N ILE AA 430 -24.08 24.24 72.37
CA ILE AA 430 -23.95 25.09 73.53
C ILE AA 430 -22.90 26.17 73.34
N ALA AA 431 -23.06 27.26 74.07
CA ALA AA 431 -22.13 28.37 74.00
C ALA AA 431 -20.76 27.86 74.46
N VAL AA 432 -19.94 27.47 73.50
CA VAL AA 432 -18.62 26.94 73.82
C VAL AA 432 -17.57 28.04 73.98
N GLY AA 433 -17.14 28.61 72.86
CA GLY AA 433 -16.15 29.66 72.88
C GLY AA 433 -15.95 30.28 71.51
N ALA AA 434 -15.95 31.61 71.45
CA ALA AA 434 -15.78 32.33 70.19
C ALA AA 434 -14.31 32.43 69.76
N ASP AA 435 -14.04 33.39 68.88
CA ASP AA 435 -12.70 33.63 68.37
C ASP AA 435 -11.97 34.65 69.24
N GLU AA 436 -10.64 34.55 69.28
CA GLU AA 436 -9.82 35.46 70.07
C GLU AA 436 -10.28 36.91 69.92
N SER AA 437 -10.61 37.28 68.69
CA SER AA 437 -11.06 38.63 68.40
C SER AA 437 -12.15 39.05 69.38
N VAL AA 438 -13.35 38.54 69.16
CA VAL AA 438 -14.50 38.85 70.01
C VAL AA 438 -14.12 38.76 71.49
N VAL AA 439 -13.34 37.74 71.83
CA VAL AA 439 -12.92 37.56 73.22
C VAL AA 439 -12.19 38.79 73.74
N LYS AA 440 -11.06 39.13 73.13
CA LYS AA 440 -10.29 40.28 73.54
C LYS AA 440 -11.18 41.51 73.70
N GLU AA 441 -11.96 41.80 72.66
CA GLU AA 441 -12.85 42.93 72.66
C GLU AA 441 -13.59 43.10 73.99
N ALA AA 442 -14.31 42.05 74.40
CA ALA AA 442 -15.08 42.06 75.63
C ALA AA 442 -14.28 42.50 76.87
N HIS AA 443 -12.96 42.36 76.81
CA HIS AA 443 -12.12 42.73 77.94
C HIS AA 443 -11.45 44.09 77.77
N ARG AA 444 -11.54 44.66 76.57
CA ARG AA 444 -10.92 45.95 76.29
C ARG AA 444 -11.19 46.97 77.40
N GLU AA 445 -12.30 46.78 78.12
CA GLU AA 445 -12.66 47.69 79.20
C GLU AA 445 -12.00 47.34 80.53
N VAL AA 446 -11.53 48.37 81.23
CA VAL AA 446 -10.89 48.20 82.53
C VAL AA 446 -11.50 49.18 83.51
N ILE AA 447 -11.62 48.79 84.77
CA ILE AA 447 -12.21 49.66 85.79
C ILE AA 447 -11.27 49.91 86.96
N ASN AA 448 -10.49 48.90 87.33
CA ASN AA 448 -9.56 49.05 88.44
C ASN AA 448 -8.47 48.00 88.45
N SER AA 449 -7.23 48.46 88.28
CA SER AA 449 -6.08 47.57 88.28
C SER AA 449 -5.44 47.61 89.66
N SER AA 450 -5.17 46.43 90.23
CA SER AA 450 -4.57 46.36 91.55
C SER AA 450 -3.68 45.12 91.70
N THR AA 451 -2.83 45.15 92.72
CA THR AA 451 -1.94 44.04 93.00
C THR AA 451 -2.74 42.91 93.62
N GLU AA 452 -4.04 43.14 93.76
CA GLU AA 452 -4.95 42.15 94.34
C GLU AA 452 -5.77 41.45 93.26
N GLY AA 453 -6.42 42.25 92.43
CA GLY AA 453 -7.23 41.68 91.37
C GLY AA 453 -7.85 42.73 90.46
N LEU AA 454 -7.98 42.40 89.19
CA LEU AA 454 -8.55 43.31 88.20
C LEU AA 454 -10.07 43.34 88.26
N LEU AA 455 -10.63 44.51 88.03
CA LEU AA 455 -12.08 44.69 88.04
C LEU AA 455 -12.49 45.18 86.65
N LEU AA 456 -13.21 44.33 85.92
CA LEU AA 456 -13.65 44.68 84.58
C LEU AA 456 -15.16 44.59 84.42
N ASN AA 457 -15.65 45.08 83.27
CA ASN AA 457 -17.07 45.06 82.97
C ASN AA 457 -17.25 44.17 81.74
N ILE AA 458 -16.63 43.00 81.78
CA ILE AA 458 -16.69 42.04 80.69
C ILE AA 458 -18.12 41.74 80.25
N ASP AA 459 -18.30 41.52 78.95
CA ASP AA 459 -19.60 41.24 78.38
C ASP AA 459 -20.15 39.89 78.85
N LYS AA 460 -21.41 39.87 79.25
CA LYS AA 460 -22.06 38.65 79.73
C LYS AA 460 -22.02 37.55 78.69
N ASP AA 461 -22.54 37.85 77.50
CA ASP AA 461 -22.57 36.90 76.39
C ASP AA 461 -21.22 36.24 76.17
N ILE AA 462 -20.14 36.97 76.46
CA ILE AA 462 -18.80 36.44 76.28
C ILE AA 462 -18.37 35.63 77.49
N ARG AA 463 -18.28 36.32 78.63
CA ARG AA 463 -17.86 35.68 79.88
C ARG AA 463 -18.38 34.26 80.02
N LYS AA 464 -19.57 34.01 79.45
CA LYS AA 464 -20.17 32.69 79.52
C LYS AA 464 -19.42 31.61 78.74
N ILE AA 465 -18.47 32.00 77.91
CA ILE AA 465 -17.70 31.02 77.14
C ILE AA 465 -16.28 30.92 77.66
N LEU AA 466 -16.06 31.43 78.87
CA LEU AA 466 -14.73 31.40 79.48
C LEU AA 466 -14.63 30.46 80.67
N SER AA 467 -13.63 29.60 80.65
CA SER AA 467 -13.40 28.65 81.72
C SER AA 467 -12.69 29.36 82.87
N GLY AA 468 -11.63 30.07 82.55
CA GLY AA 468 -10.87 30.79 83.57
C GLY AA 468 -9.77 31.66 83.02
N TYR AA 469 -8.93 32.18 83.93
CA TYR AA 469 -7.82 33.05 83.56
C TYR AA 469 -6.51 32.57 84.17
N ILE AA 470 -5.43 32.69 83.40
CA ILE AA 470 -4.10 32.27 83.84
C ILE AA 470 -3.28 33.51 84.19
N VAL AA 471 -2.96 33.68 85.46
CA VAL AA 471 -2.17 34.83 85.90
C VAL AA 471 -0.68 34.50 85.87
N GLU AA 472 0.09 35.30 85.13
CA GLU AA 472 1.52 35.08 85.03
C GLU AA 472 2.29 36.40 85.06
N ILE AA 473 3.59 36.32 84.83
CA ILE AA 473 4.46 37.50 84.83
C ILE AA 473 5.62 37.32 83.85
N GLU AA 474 5.70 38.21 82.86
CA GLU AA 474 6.75 38.16 81.87
C GLU AA 474 7.89 39.11 82.23
N ASP AA 475 9.10 38.57 82.33
CA ASP AA 475 10.27 39.36 82.67
C ASP AA 475 10.61 40.30 81.52
N THR AA 476 11.29 41.40 81.84
CA THR AA 476 11.67 42.39 80.83
C THR AA 476 12.48 41.76 79.70
N GLU AA 477 12.90 40.51 79.89
CA GLU AA 477 13.69 39.80 78.89
C GLU AA 477 12.80 38.90 78.02
N GLY AA 478 12.03 38.04 78.68
CA GLY AA 478 11.15 37.14 77.94
C GLY AA 478 10.83 35.87 78.72
N LEU AA 479 10.59 36.02 80.01
CA LEU AA 479 10.27 34.89 80.87
C LEU AA 479 8.76 34.65 80.94
N LYS AA 480 8.37 33.40 81.14
CA LYS AA 480 6.96 33.04 81.24
C LYS AA 480 6.60 32.46 82.61
N GLU AA 481 6.85 33.25 83.66
CA GLU AA 481 6.53 32.83 85.02
C GLU AA 481 5.02 32.93 85.23
N VAL AA 482 4.40 31.82 85.60
CA VAL AA 482 2.95 31.80 85.81
C VAL AA 482 2.58 31.56 87.26
N ILE AA 483 1.57 32.28 87.75
CA ILE AA 483 1.11 32.12 89.12
C ILE AA 483 0.38 30.78 89.21
N ASN AA 484 -0.95 30.83 89.15
CA ASN AA 484 -1.76 29.61 89.19
C ASN AA 484 -1.44 28.82 87.93
N ASP AA 485 -0.45 27.94 88.03
CA ASP AA 485 -0.02 27.14 86.88
C ASP AA 485 -0.70 25.79 86.75
N ARG AA 486 -1.61 25.45 87.68
CA ARG AA 486 -2.30 24.16 87.61
C ARG AA 486 -3.68 24.30 86.97
N TYR AA 487 -4.00 23.38 86.07
CA TYR AA 487 -5.27 23.39 85.36
C TYR AA 487 -6.45 23.68 86.28
N ASP AA 488 -6.34 23.22 87.52
CA ASP AA 488 -7.41 23.41 88.50
C ASP AA 488 -7.30 24.73 89.25
N MET AA 489 -6.40 25.60 88.81
CA MET AA 489 -6.21 26.89 89.45
C MET AA 489 -6.69 28.02 88.54
N LEU AA 490 -7.64 27.70 87.69
CA LEU AA 490 -8.20 28.68 86.76
C LEU AA 490 -9.38 29.41 87.41
N ASN AA 491 -9.93 28.78 88.45
CA ASN AA 491 -11.07 29.33 89.18
C ASN AA 491 -10.70 30.61 89.92
N ILE AA 492 -10.83 31.75 89.25
CA ILE AA 492 -10.51 33.04 89.85
C ILE AA 492 -11.58 34.10 89.59
N SER AA 493 -11.96 34.25 88.33
CA SER AA 493 -12.96 35.23 87.92
C SER AA 493 -14.23 35.18 88.78
N SER AA 494 -14.46 36.27 89.52
CA SER AA 494 -15.64 36.38 90.37
C SER AA 494 -16.66 37.23 89.63
N LEU AA 495 -17.66 37.75 90.35
CA LEU AA 495 -18.66 38.59 89.72
C LEU AA 495 -19.55 39.33 90.71
N ARG AA 496 -19.33 40.63 90.83
CA ARG AA 496 -20.12 41.46 91.74
C ARG AA 496 -21.53 41.58 91.17
N GLN AA 497 -22.51 41.77 92.05
CA GLN AA 497 -23.89 41.89 91.62
C GLN AA 497 -24.12 43.20 90.88
N ASP AA 498 -23.05 43.96 90.67
CA ASP AA 498 -23.13 45.23 89.97
C ASP AA 498 -22.91 45.00 88.47
N GLY AA 499 -22.63 43.76 88.10
CA GLY AA 499 -22.41 43.43 86.70
C GLY AA 499 -20.96 43.52 86.26
N LYS AA 500 -20.04 43.63 87.20
CA LYS AA 500 -18.62 43.71 86.87
C LYS AA 500 -17.84 42.49 87.34
N THR AA 501 -17.13 41.87 86.41
CA THR AA 501 -16.32 40.68 86.70
C THR AA 501 -15.09 41.07 87.50
N PHE AA 502 -14.98 40.53 88.71
CA PHE AA 502 -13.84 40.83 89.58
C PHE AA 502 -12.83 39.69 89.63
N ILE AA 503 -11.65 39.92 89.08
CA ILE AA 503 -10.59 38.92 89.07
C ILE AA 503 -9.77 39.07 90.35
N ASP AA 504 -9.11 38.00 90.75
CA ASP AA 504 -8.27 38.03 91.95
C ASP AA 504 -7.07 37.12 91.77
N PHE AA 505 -5.88 37.67 91.96
CA PHE AA 505 -4.65 36.91 91.82
C PHE AA 505 -4.36 36.24 93.15
N LYS AA 506 -4.82 36.88 94.22
CA LYS AA 506 -4.62 36.40 95.59
C LYS AA 506 -5.18 35.01 95.87
N LYS AA 507 -6.29 34.67 95.22
CA LYS AA 507 -6.92 33.37 95.45
C LYS AA 507 -5.94 32.23 95.19
N TYR AA 508 -4.83 32.56 94.53
CA TYR AA 508 -3.79 31.57 94.22
C TYR AA 508 -2.38 32.14 94.38
N ASN AA 509 -2.08 32.62 95.59
CA ASN AA 509 -0.78 33.18 95.92
C ASN AA 509 -0.69 33.47 97.42
N ASP AA 510 -0.88 32.42 98.21
CA ASP AA 510 -0.83 32.54 99.66
C ASP AA 510 -1.71 33.66 100.21
N LYS AA 511 -2.85 33.86 99.57
CA LYS AA 511 -3.80 34.90 99.98
C LYS AA 511 -3.15 36.27 100.06
N LEU AA 512 -1.95 36.40 99.51
CA LEU AA 512 -1.23 37.67 99.52
C LEU AA 512 -1.20 38.28 98.12
N PRO AA 513 -1.28 39.62 98.04
CA PRO AA 513 -1.27 40.33 96.75
C PRO AA 513 -0.02 40.06 95.92
N LEU AA 514 0.00 40.60 94.71
CA LEU AA 514 1.12 40.42 93.79
C LEU AA 514 2.47 40.77 94.39
N TYR AA 515 3.52 40.23 93.78
CA TYR AA 515 4.89 40.46 94.21
C TYR AA 515 5.65 41.07 93.04
N ILE AA 516 5.88 42.38 93.11
CA ILE AA 516 6.58 43.09 92.05
C ILE AA 516 7.99 43.49 92.47
N SER AA 517 8.95 42.60 92.22
CA SER AA 517 10.34 42.87 92.56
C SER AA 517 10.87 43.98 91.67
N ASN AA 518 10.31 44.08 90.46
CA ASN AA 518 10.71 45.09 89.49
C ASN AA 518 9.47 45.61 88.79
N PRO AA 519 9.00 46.81 89.16
CA PRO AA 519 7.82 47.44 88.55
C PRO AA 519 8.00 47.83 87.10
N ASN AA 520 8.48 46.89 86.28
CA ASN AA 520 8.70 47.12 84.86
C ASN AA 520 8.38 45.84 84.08
N TYR AA 521 7.83 44.86 84.78
CA TYR AA 521 7.47 43.58 84.17
C TYR AA 521 6.16 43.70 83.39
N LYS AA 522 5.50 42.57 83.18
CA LYS AA 522 4.24 42.55 82.45
C LYS AA 522 3.29 41.50 83.03
N VAL AA 523 2.36 41.94 83.87
CA VAL AA 523 1.39 41.03 84.46
C VAL AA 523 0.47 40.50 83.37
N ASN AA 524 0.82 39.36 82.80
CA ASN AA 524 0.02 38.76 81.73
C ASN AA 524 -1.07 37.83 82.25
N VAL AA 525 -2.30 38.29 82.14
CA VAL AA 525 -3.46 37.52 82.57
C VAL AA 525 -4.23 37.08 81.32
N TYR AA 526 -4.19 35.79 81.04
CA TYR AA 526 -4.86 35.24 79.88
C TYR AA 526 -6.27 34.75 80.19
N ALA AA 527 -6.99 34.36 79.14
CA ALA AA 527 -8.34 33.85 79.28
C ALA AA 527 -8.41 32.51 78.56
N VAL AA 528 -9.17 31.58 79.12
CA VAL AA 528 -9.30 30.27 78.51
C VAL AA 528 -10.75 29.91 78.25
N THR AA 529 -11.11 29.83 76.98
CA THR AA 529 -12.48 29.50 76.59
C THR AA 529 -12.76 28.05 77.00
N LYS AA 530 -14.04 27.74 77.22
CA LYS AA 530 -14.42 26.39 77.60
C LYS AA 530 -13.87 25.37 76.62
N GLU AA 531 -14.14 25.57 75.34
CA GLU AA 531 -13.67 24.65 74.31
C GLU AA 531 -12.21 24.25 74.47
N ASN AA 532 -11.39 25.16 74.98
CA ASN AA 532 -9.96 24.89 75.15
C ASN AA 532 -9.58 24.31 76.51
N THR AA 533 -10.11 24.89 77.57
CA THR AA 533 -9.81 24.46 78.93
C THR AA 533 -9.71 22.95 79.14
N ILE AA 534 -8.82 22.55 80.04
CA ILE AA 534 -8.61 21.14 80.37
C ILE AA 534 -9.18 20.88 81.75
N ILE AA 535 -9.45 19.62 82.04
CA ILE AA 535 -10.04 19.24 83.31
C ILE AA 535 -9.28 18.16 84.08
N ASN AA 536 -8.34 17.49 83.41
CA ASN AA 536 -7.56 16.44 84.04
C ASN AA 536 -6.12 16.41 83.54
N PRO AA 537 -5.19 15.93 84.38
CA PRO AA 537 -3.77 15.84 84.05
C PRO AA 537 -3.52 15.06 82.76
N SER AA 538 -2.33 15.21 82.19
CA SER AA 538 -1.98 14.53 80.95
C SER AA 538 -1.64 13.06 81.22
N GLU AA 539 -1.38 12.31 80.16
CA GLU AA 539 -1.04 10.89 80.27
C GLU AA 539 -0.13 10.63 81.46
N ASN AA 540 0.67 11.64 81.81
CA ASN AA 540 1.58 11.55 82.94
C ASN AA 540 0.95 12.18 84.17
N GLY AA 541 1.50 13.31 84.60
CA GLY AA 541 0.97 14.01 85.76
C GLY AA 541 1.15 15.50 85.58
N ASP AA 542 1.09 15.94 84.34
CA ASP AA 542 1.27 17.35 84.00
C ASP AA 542 0.09 18.18 84.49
N THR AA 543 0.17 18.65 85.73
CA THR AA 543 -0.89 19.47 86.30
C THR AA 543 -0.62 20.92 85.98
N SER AA 544 0.22 21.15 84.96
CA SER AA 544 0.58 22.51 84.56
C SER AA 544 -0.29 23.07 83.44
N THR AA 545 -0.11 24.35 83.18
CA THR AA 545 -0.85 25.06 82.14
C THR AA 545 -0.04 25.07 80.84
N ASN AA 546 0.91 24.15 80.74
CA ASN AA 546 1.76 24.04 79.57
C ASN AA 546 0.93 23.90 78.29
N GLY AA 547 0.33 22.73 78.11
CA GLY AA 547 -0.47 22.49 76.91
C GLY AA 547 -1.86 23.09 76.97
N ILE AA 548 -1.96 24.40 76.73
CA ILE AA 548 -3.24 25.10 76.73
C ILE AA 548 -3.28 26.11 75.61
N LYS AA 549 -4.48 26.54 75.24
CA LYS AA 549 -4.65 27.54 74.21
C LYS AA 549 -5.34 28.76 74.83
N LYS AA 550 -4.60 29.53 75.61
CA LYS AA 550 -5.17 30.70 76.25
C LYS AA 550 -5.15 31.90 75.32
N ILE AA 551 -5.74 33.00 75.76
CA ILE AA 551 -5.81 34.21 74.96
C ILE AA 551 -5.43 35.44 75.79
N LEU AA 552 -4.57 36.28 75.24
CA LEU AA 552 -4.10 37.48 75.91
C LEU AA 552 -5.26 38.45 76.17
N ILE AA 553 -5.52 38.72 77.44
CA ILE AA 553 -6.60 39.63 77.82
C ILE AA 553 -6.06 40.86 78.54
N PHE AA 554 -4.91 40.70 79.20
CA PHE AA 554 -4.31 41.81 79.94
C PHE AA 554 -2.80 41.82 79.75
N SER AA 555 -2.17 42.96 80.00
CA SER AA 555 -0.72 43.08 79.87
C SER AA 555 -0.23 44.48 80.20
N LYS AA 556 -0.34 44.86 81.47
CA LYS AA 556 0.09 46.18 81.90
C LYS AA 556 1.44 46.08 82.63
N LYS AA 557 2.14 47.22 82.72
CA LYS AA 557 3.44 47.26 83.37
C LYS AA 557 3.30 47.37 84.89
N GLY AA 558 4.41 47.12 85.59
CA GLY AA 558 4.40 47.19 87.04
C GLY AA 558 4.04 48.56 87.57
N TYR AA 559 4.45 49.61 86.86
CA TYR AA 559 4.16 50.97 87.28
C TYR AA 559 2.81 51.43 86.75
N GLU AA 560 2.21 50.64 85.88
CA GLU AA 560 0.92 50.97 85.31
C GLU AA 560 -0.21 50.27 86.05
N ILE AA 561 0.00 50.04 87.34
CA ILE AA 561 -1.00 49.38 88.18
C ILE AA 561 -1.02 50.01 89.57
N GLY AA 562 0.02 49.72 90.36
CA GLY AA 562 0.10 50.27 91.70
C GLY AA 562 1.05 49.48 92.59
N SER BA 1 28.14 3.56 109.78
CA SER BA 1 29.29 4.23 110.37
C SER BA 1 29.47 5.62 109.78
N CYS BA 2 30.63 5.88 109.19
CA CYS BA 2 30.91 7.18 108.59
C CYS BA 2 30.89 7.09 107.06
N ARG BA 3 30.69 8.24 106.41
CA ARG BA 3 30.63 8.29 104.96
C ARG BA 3 31.38 9.52 104.43
N ARG BA 4 31.50 9.62 103.11
CA ARG BA 4 32.20 10.74 102.50
C ARG BA 4 31.37 11.39 101.39
N ALA BA 5 30.58 10.57 100.70
CA ALA BA 5 29.74 11.07 99.60
C ALA BA 5 28.34 11.45 100.04
N PHE BA 6 28.06 12.76 100.06
CA PHE BA 6 26.75 13.27 100.44
C PHE BA 6 26.08 13.96 99.26
N ASP BA 7 24.75 13.84 99.18
CA ASP BA 7 23.98 14.46 98.11
C ASP BA 7 23.01 15.43 98.76
N LEU BA 8 23.25 16.72 98.59
CA LEU BA 8 22.38 17.73 99.17
C LEU BA 8 21.30 18.19 98.22
N TYR BA 9 20.05 18.13 98.68
CA TYR BA 9 18.90 18.56 97.89
C TYR BA 9 18.39 19.88 98.44
N PHE BA 10 18.29 20.88 97.58
CA PHE BA 10 17.83 22.20 98.00
C PHE BA 10 16.43 22.56 97.52
N VAL BA 11 15.44 22.09 98.27
CA VAL BA 11 14.04 22.36 97.96
C VAL BA 11 13.76 23.77 98.48
N LEU BA 12 13.45 24.70 97.57
CA LEU BA 12 13.20 26.08 97.93
C LEU BA 12 11.77 26.56 97.72
N ASP BA 13 11.20 27.16 98.76
CA ASP BA 13 9.85 27.69 98.72
C ASP BA 13 9.86 29.04 98.03
N LYS BA 14 9.43 29.08 96.77
CA LYS BA 14 9.40 30.34 96.05
C LYS BA 14 7.97 30.89 95.99
N SER BA 15 7.23 30.74 97.09
CA SER BA 15 5.85 31.23 97.15
C SER BA 15 5.82 32.70 97.55
N GLY BA 16 4.71 33.36 97.21
CA GLY BA 16 4.55 34.77 97.53
C GLY BA 16 4.74 35.09 99.00
N SER BA 17 4.34 34.17 99.87
CA SER BA 17 4.47 34.38 101.31
C SER BA 17 5.91 34.65 101.73
N VAL BA 18 6.85 34.06 101.01
CA VAL BA 18 8.27 34.24 101.30
C VAL BA 18 8.95 35.02 100.17
N ALA BA 19 8.23 35.95 99.58
CA ALA BA 19 8.77 36.75 98.48
C ALA BA 19 9.67 37.86 99.00
N ASN BA 20 9.58 38.14 100.30
CA ASN BA 20 10.39 39.19 100.92
C ASN BA 20 11.78 38.70 101.29
N ASN BA 21 11.83 37.58 102.02
CA ASN BA 21 13.10 37.02 102.47
C ASN BA 21 13.65 35.93 101.56
N TRP BA 22 13.62 36.16 100.25
CA TRP BA 22 14.13 35.18 99.31
C TRP BA 22 15.66 35.15 99.35
N ILE BA 23 16.25 36.33 99.44
CA ILE BA 23 17.71 36.45 99.47
C ILE BA 23 18.31 35.58 100.57
N GLU BA 24 17.73 35.64 101.77
CA GLU BA 24 18.22 34.84 102.90
C GLU BA 24 18.28 33.39 102.50
N ILE BA 25 17.23 32.93 101.83
CA ILE BA 25 17.14 31.55 101.36
C ILE BA 25 18.25 31.29 100.36
N TYR BA 26 18.49 32.25 99.47
CA TYR BA 26 19.54 32.09 98.46
C TYR BA 26 20.90 32.10 99.14
N ASN BA 27 21.05 32.97 100.13
CA ASN BA 27 22.31 33.06 100.86
C ASN BA 27 22.61 31.74 101.54
N PHE BA 28 21.59 31.18 102.20
CA PHE BA 28 21.74 29.91 102.89
C PHE BA 28 22.11 28.81 101.90
N VAL BA 29 21.60 28.92 100.68
CA VAL BA 29 21.87 27.93 99.63
C VAL BA 29 23.18 28.27 98.94
N GLN BA 30 23.69 29.47 99.20
CA GLN BA 30 24.95 29.91 98.60
C GLN BA 30 26.08 29.68 99.61
N GLN BA 31 25.79 29.97 100.88
CA GLN BA 31 26.77 29.81 101.95
C GLN BA 31 26.96 28.33 102.26
N LEU BA 32 26.04 27.50 101.77
CA LEU BA 32 26.10 26.07 102.00
C LEU BA 32 26.83 25.40 100.84
N ALA BA 33 26.58 25.87 99.63
CA ALA BA 33 27.22 25.33 98.43
C ALA BA 33 28.66 25.81 98.42
N GLU BA 34 28.92 26.85 99.22
CA GLU BA 34 30.24 27.45 99.34
C GLU BA 34 31.08 26.60 100.29
N ARG BA 35 30.41 25.95 101.23
CA ARG BA 35 31.08 25.11 102.22
C ARG BA 35 31.47 23.76 101.63
N PHE BA 36 30.51 22.86 101.51
CA PHE BA 36 30.75 21.53 100.96
C PHE BA 36 31.21 21.63 99.52
N VAL BA 37 32.52 21.53 99.30
CA VAL BA 37 33.08 21.62 97.96
C VAL BA 37 33.82 20.34 97.59
N SER BA 38 33.33 19.21 98.09
CA SER BA 38 33.94 17.92 97.80
C SER BA 38 33.29 17.34 96.55
N PRO BA 39 34.11 16.80 95.62
CA PRO BA 39 33.61 16.21 94.38
C PRO BA 39 32.54 15.14 94.60
N GLU BA 40 32.40 14.71 95.84
CA GLU BA 40 31.42 13.69 96.20
C GLU BA 40 30.16 14.36 96.76
N MET BA 41 30.22 15.68 96.88
CA MET BA 41 29.09 16.46 97.40
C MET BA 41 28.20 16.95 96.26
N ARG BA 42 27.53 16.02 95.58
CA ARG BA 42 26.65 16.38 94.48
C ARG BA 42 25.46 17.18 95.00
N LEU BA 43 25.30 18.39 94.49
CA LEU BA 43 24.20 19.25 94.90
C LEU BA 43 23.07 19.25 93.89
N SER BA 44 21.88 19.64 94.34
CA SER BA 44 20.70 19.68 93.49
C SER BA 44 19.78 20.79 93.99
N PHE BA 45 19.30 21.63 93.08
CA PHE BA 45 18.41 22.71 93.46
C PHE BA 45 16.99 22.48 92.99
N ILE BA 46 16.03 22.87 93.84
CA ILE BA 46 14.61 22.72 93.54
C ILE BA 46 13.83 23.88 94.14
N VAL BA 47 12.85 24.38 93.41
CA VAL BA 47 12.02 25.48 93.89
C VAL BA 47 10.55 25.17 93.65
N PHE BA 48 9.75 25.21 94.73
CA PHE BA 48 8.33 24.94 94.61
C PHE BA 48 7.49 26.16 94.93
N SER BA 49 6.19 26.04 94.64
CA SER BA 49 5.22 27.09 94.87
C SER BA 49 3.88 26.54 94.39
N SER BA 50 3.49 26.94 93.18
CA SER BA 50 2.25 26.45 92.59
C SER BA 50 2.64 25.10 91.99
N GLN BA 51 3.94 24.89 91.89
CA GLN BA 51 4.49 23.67 91.34
C GLN BA 51 6.01 23.78 91.38
N ALA BA 52 6.67 22.72 91.82
CA ALA BA 52 8.13 22.74 91.93
C ALA BA 52 8.85 22.43 90.62
N THR BA 53 10.10 22.84 90.55
CA THR BA 53 10.92 22.61 89.37
C THR BA 53 12.36 22.25 89.74
N ILE BA 54 12.99 21.45 88.89
CA ILE BA 54 14.36 21.01 89.11
C ILE BA 54 15.33 22.03 88.53
N ILE BA 55 15.73 23.00 89.34
CA ILE BA 55 16.66 24.03 88.91
C ILE BA 55 18.02 23.42 88.60
N LEU BA 56 18.57 22.70 89.59
CA LEU BA 56 19.86 22.05 89.44
C LEU BA 56 19.78 20.56 89.74
N PRO BA 57 20.06 19.70 88.75
CA PRO BA 57 20.01 18.25 88.95
C PRO BA 57 20.98 17.83 90.04
N LEU BA 58 21.11 16.53 90.26
CA LEU BA 58 22.02 16.04 91.28
C LEU BA 58 23.39 15.75 90.66
N THR BA 59 24.35 16.63 90.92
CA THR BA 59 25.69 16.48 90.39
C THR BA 59 26.71 17.32 91.16
N GLY BA 60 27.99 17.00 90.99
CA GLY BA 60 29.03 17.73 91.67
C GLY BA 60 29.94 18.48 90.72
N ASP BA 61 29.34 19.31 89.87
CA ASP BA 61 30.10 20.10 88.90
C ASP BA 61 29.77 21.59 89.06
N ARG BA 62 30.64 22.31 89.76
CA ARG BA 62 30.43 23.74 90.00
C ARG BA 62 30.13 24.52 88.72
N GLY BA 63 30.47 23.94 87.58
CA GLY BA 63 30.21 24.61 86.32
C GLY BA 63 28.71 24.83 86.18
N LYS BA 64 27.93 23.85 86.61
CA LYS BA 64 26.48 23.93 86.55
C LYS BA 64 25.93 24.36 87.91
N ILE BA 65 26.71 24.09 88.96
CA ILE BA 65 26.31 24.46 90.31
C ILE BA 65 26.22 25.99 90.41
N SER BA 66 27.27 26.65 89.97
CA SER BA 66 27.30 28.11 89.99
C SER BA 66 26.14 28.58 89.12
N LYS BA 67 25.94 27.87 88.01
CA LYS BA 67 24.87 28.17 87.07
C LYS BA 67 23.55 28.19 87.83
N GLY BA 68 23.35 27.20 88.67
CA GLY BA 68 22.13 27.13 89.46
C GLY BA 68 22.03 28.29 90.42
N LEU BA 69 23.12 28.57 91.13
CA LEU BA 69 23.15 29.67 92.08
C LEU BA 69 22.83 30.99 91.38
N GLU BA 70 23.17 31.07 90.11
CA GLU BA 70 22.91 32.28 89.33
C GLU BA 70 21.42 32.38 89.02
N ASP BA 71 20.78 31.22 88.83
CA ASP BA 71 19.36 31.17 88.54
C ASP BA 71 18.53 31.42 89.80
N LEU BA 72 18.92 30.76 90.90
CA LEU BA 72 18.20 30.92 92.16
C LEU BA 72 18.27 32.38 92.62
N LYS BA 73 19.31 33.07 92.17
CA LYS BA 73 19.52 34.47 92.50
C LYS BA 73 18.44 35.30 91.82
N ARG BA 74 18.19 34.99 90.55
CA ARG BA 74 17.19 35.68 89.75
C ARG BA 74 15.84 34.96 89.80
N VAL BA 75 15.27 34.87 91.00
CA VAL BA 75 13.98 34.22 91.18
C VAL BA 75 12.96 35.17 91.81
N SER BA 76 11.72 35.10 91.35
CA SER BA 76 10.65 35.94 91.87
C SER BA 76 9.67 35.09 92.67
N PRO BA 77 9.85 35.03 93.99
CA PRO BA 77 8.98 34.25 94.89
C PRO BA 77 7.51 34.61 94.76
N VAL BA 78 6.74 33.72 94.12
CA VAL BA 78 5.31 33.95 93.95
C VAL BA 78 4.59 32.64 93.61
N GLY BA 79 3.37 32.51 94.09
CA GLY BA 79 2.58 31.32 93.84
C GLY BA 79 2.17 30.64 95.13
N GLU BA 80 1.33 29.62 95.03
CA GLU BA 80 0.88 28.89 96.21
C GLU BA 80 2.04 28.25 96.95
N THR BA 81 1.72 27.47 97.98
CA THR BA 81 2.73 26.80 98.78
C THR BA 81 2.55 25.29 98.73
N TYR BA 82 2.96 24.69 97.61
CA TYR BA 82 2.86 23.25 97.45
C TYR BA 82 4.21 22.59 97.71
N ILE BA 83 4.64 22.66 98.96
CA ILE BA 83 5.92 22.10 99.38
C ILE BA 83 6.06 20.61 99.07
N HIS BA 84 5.03 19.83 99.40
CA HIS BA 84 5.05 18.40 99.16
C HIS BA 84 5.57 18.09 97.76
N GLU BA 85 5.04 18.79 96.77
CA GLU BA 85 5.47 18.59 95.38
C GLU BA 85 6.99 18.70 95.29
N GLY BA 86 7.55 19.68 95.99
CA GLY BA 86 8.98 19.88 95.97
C GLY BA 86 9.71 18.71 96.58
N LEU BA 87 9.36 18.38 97.81
CA LEU BA 87 9.98 17.26 98.51
C LEU BA 87 9.92 16.01 97.64
N LYS BA 88 8.92 15.95 96.77
CA LYS BA 88 8.75 14.82 95.87
C LYS BA 88 9.84 14.80 94.81
N LEU BA 89 10.02 15.92 94.13
CA LEU BA 89 11.04 16.01 93.09
C LEU BA 89 12.40 15.69 93.69
N ALA BA 90 12.46 15.67 95.02
CA ALA BA 90 13.69 15.35 95.74
C ALA BA 90 13.86 13.84 95.79
N ASN BA 91 12.83 13.15 96.28
CA ASN BA 91 12.85 11.70 96.40
C ASN BA 91 12.95 11.06 95.02
N GLU BA 92 12.35 11.69 94.02
CA GLU BA 92 12.39 11.16 92.66
C GLU BA 92 13.84 11.02 92.22
N GLN BA 93 14.67 11.98 92.62
CA GLN BA 93 16.10 11.98 92.27
C GLN BA 93 16.83 10.90 93.06
N ILE BA 94 16.49 10.79 94.34
CA ILE BA 94 17.10 9.81 95.22
C ILE BA 94 16.83 8.38 94.73
N GLN BA 95 15.56 8.01 94.68
CA GLN BA 95 15.17 6.67 94.25
C GLN BA 95 15.73 6.30 92.89
N LYS BA 96 16.14 7.30 92.11
CA LYS BA 96 16.70 7.06 90.79
C LYS BA 96 18.22 6.90 90.91
N ALA BA 97 18.75 7.21 92.09
CA ALA BA 97 20.18 7.11 92.36
C ALA BA 97 20.52 5.76 93.00
N GLY BA 98 19.56 5.21 93.73
CA GLY BA 98 19.78 3.92 94.38
C GLY BA 98 18.90 3.71 95.60
N GLY BA 99 18.11 4.72 95.95
CA GLY BA 99 17.24 4.62 97.10
C GLY BA 99 18.02 4.63 98.40
N LEU BA 100 18.02 3.50 99.10
CA LEU BA 100 18.74 3.39 100.36
C LEU BA 100 20.23 3.44 100.05
N LYS BA 101 20.59 2.99 98.86
CA LYS BA 101 21.98 2.97 98.41
C LYS BA 101 22.55 4.37 98.23
N THR BA 102 21.85 5.36 98.79
CA THR BA 102 22.31 6.74 98.67
C THR BA 102 22.11 7.52 99.97
N SER BA 103 23.16 8.22 100.39
CA SER BA 103 23.10 9.03 101.59
C SER BA 103 22.75 10.45 101.16
N SER BA 104 21.48 10.79 101.23
CA SER BA 104 21.02 12.11 100.83
C SER BA 104 20.61 13.01 102.01
N ILE BA 105 20.65 14.31 101.77
CA ILE BA 105 20.29 15.30 102.79
C ILE BA 105 19.37 16.35 102.20
N ILE BA 106 18.06 16.10 102.29
CA ILE BA 106 17.07 17.01 101.76
C ILE BA 106 16.95 18.25 102.65
N ILE BA 107 17.17 19.42 102.06
CA ILE BA 107 17.10 20.67 102.78
C ILE BA 107 16.00 21.55 102.17
N ALA BA 108 14.86 21.59 102.83
CA ALA BA 108 13.73 22.38 102.36
C ALA BA 108 13.62 23.75 103.02
N LEU BA 109 13.62 24.79 102.18
CA LEU BA 109 13.52 26.16 102.65
C LEU BA 109 12.08 26.62 102.46
N THR BA 110 11.41 26.96 103.55
CA THR BA 110 10.03 27.40 103.48
C THR BA 110 9.57 28.09 104.75
N ASP BA 111 8.40 28.70 104.69
CA ASP BA 111 7.84 29.39 105.83
C ASP BA 111 7.06 28.43 106.73
N GLY BA 112 6.89 27.19 106.26
CA GLY BA 112 6.18 26.19 107.04
C GLY BA 112 4.70 26.50 107.18
N LYS BA 113 4.25 27.58 106.55
CA LYS BA 113 2.85 27.98 106.59
C LYS BA 113 2.06 27.27 105.50
N LEU BA 114 1.84 25.98 105.67
CA LEU BA 114 1.09 25.20 104.69
C LEU BA 114 -0.40 25.31 104.96
N ASP BA 115 -1.21 24.96 103.97
CA ASP BA 115 -2.66 25.04 104.11
C ASP BA 115 -3.39 23.86 103.45
N GLY BA 116 -4.59 23.58 103.94
CA GLY BA 116 -5.40 22.49 103.40
C GLY BA 116 -4.76 21.12 103.46
N LEU BA 117 -4.65 20.47 102.31
CA LEU BA 117 -4.07 19.13 102.23
C LEU BA 117 -2.55 19.17 102.20
N VAL BA 118 -1.99 20.30 101.81
CA VAL BA 118 -0.54 20.45 101.75
C VAL BA 118 0.11 19.86 103.00
N PRO BA 119 -0.40 20.20 104.20
CA PRO BA 119 0.17 19.67 105.45
C PRO BA 119 0.19 18.15 105.43
N SER BA 120 -0.98 17.55 105.26
CA SER BA 120 -1.11 16.10 105.23
C SER BA 120 -0.12 15.49 104.24
N TYR BA 121 -0.19 15.93 102.99
CA TYR BA 121 0.70 15.42 101.96
C TYR BA 121 2.17 15.73 102.21
N ALA BA 122 2.45 16.93 102.70
CA ALA BA 122 3.82 17.32 103.00
C ALA BA 122 4.40 16.36 104.02
N GLU BA 123 3.71 16.24 105.16
CA GLU BA 123 4.15 15.34 106.23
C GLU BA 123 4.36 13.94 105.69
N LYS BA 124 3.42 13.48 104.86
CA LYS BA 124 3.49 12.15 104.28
C LYS BA 124 4.62 12.06 103.26
N GLU BA 125 4.65 13.00 102.33
CA GLU BA 125 5.69 13.01 101.30
C GLU BA 125 7.06 13.11 101.94
N ALA BA 126 7.11 13.69 103.14
CA ALA BA 126 8.36 13.86 103.88
C ALA BA 126 8.83 12.51 104.42
N LYS BA 127 7.89 11.74 104.96
CA LYS BA 127 8.21 10.43 105.49
C LYS BA 127 8.63 9.54 104.33
N ILE BA 128 8.15 9.87 103.14
CA ILE BA 128 8.49 9.12 101.94
C ILE BA 128 9.97 9.35 101.66
N SER BA 129 10.51 10.41 102.25
CA SER BA 129 11.92 10.74 102.09
C SER BA 129 12.74 9.89 103.04
N ARG BA 130 12.41 9.95 104.32
CA ARG BA 130 13.10 9.19 105.34
C ARG BA 130 12.95 7.69 105.09
N SER BA 131 12.10 7.35 104.13
CA SER BA 131 11.87 5.94 103.78
C SER BA 131 12.78 5.56 102.62
N LEU BA 132 13.73 6.44 102.31
CA LEU BA 132 14.67 6.19 101.23
C LEU BA 132 16.09 6.43 101.70
N GLY BA 133 16.33 6.22 102.99
CA GLY BA 133 17.66 6.43 103.53
C GLY BA 133 18.11 7.86 103.34
N ALA BA 134 17.27 8.81 103.76
CA ALA BA 134 17.58 10.22 103.62
C ALA BA 134 17.16 11.01 104.86
N SER BA 135 17.74 12.19 105.02
CA SER BA 135 17.42 13.05 106.15
C SER BA 135 16.80 14.35 105.65
N VAL BA 136 15.74 14.79 106.32
CA VAL BA 136 15.04 16.01 105.92
C VAL BA 136 15.38 17.19 106.83
N TYR BA 137 15.67 18.33 106.22
CA TYR BA 137 16.00 19.55 106.96
C TYR BA 137 15.08 20.71 106.58
N CYS BA 138 14.34 21.19 107.57
CA CYS BA 138 13.41 22.29 107.36
C CYS BA 138 14.00 23.63 107.82
N VAL BA 139 14.70 24.31 106.92
CA VAL BA 139 15.29 25.59 107.25
C VAL BA 139 14.26 26.69 106.98
N GLY BA 140 13.34 26.86 107.91
CA GLY BA 140 12.29 27.84 107.77
C GLY BA 140 12.72 29.29 107.70
N VAL BA 141 11.80 30.15 107.24
CA VAL BA 141 12.03 31.58 107.13
C VAL BA 141 10.92 32.31 107.87
N LEU BA 142 11.20 33.55 108.29
CA LEU BA 142 10.21 34.35 109.01
C LEU BA 142 9.69 33.57 110.21
N ASP BA 143 8.59 34.03 110.80
CA ASP BA 143 8.00 33.35 111.95
C ASP BA 143 7.35 32.05 111.50
N PHE BA 144 8.13 31.22 110.82
CA PHE BA 144 7.67 29.94 110.30
C PHE BA 144 6.97 29.08 111.35
N GLU BA 145 6.35 28.01 110.89
CA GLU BA 145 5.63 27.08 111.76
C GLU BA 145 6.54 25.99 112.28
N GLN BA 146 7.18 26.25 113.42
CA GLN BA 146 8.08 25.28 114.03
C GLN BA 146 7.37 23.93 114.06
N ALA BA 147 6.13 23.94 114.52
CA ALA BA 147 5.32 22.73 114.61
C ALA BA 147 5.37 21.90 113.32
N GLN BA 148 4.84 22.47 112.24
CA GLN BA 148 4.81 21.78 110.96
C GLN BA 148 6.19 21.27 110.55
N LEU BA 149 7.17 22.15 110.55
CA LEU BA 149 8.54 21.77 110.19
C LEU BA 149 8.96 20.50 110.92
N GLU BA 150 8.63 20.43 112.21
CA GLU BA 150 8.97 19.26 113.01
C GLU BA 150 8.40 18.01 112.38
N ARG BA 151 7.12 18.07 112.03
CA ARG BA 151 6.44 16.93 111.42
C ARG BA 151 6.91 16.70 109.98
N ILE BA 152 7.67 17.65 109.44
CA ILE BA 152 8.17 17.52 108.07
C ILE BA 152 9.55 16.88 108.03
N ALA BA 153 10.45 17.36 108.88
CA ALA BA 153 11.81 16.81 108.93
C ALA BA 153 11.87 15.58 109.82
N ASP BA 154 13.08 15.18 110.20
CA ASP BA 154 13.28 14.03 111.07
C ASP BA 154 12.78 14.33 112.47
N SER BA 155 13.40 15.32 113.12
CA SER BA 155 13.03 15.72 114.47
C SER BA 155 13.12 17.23 114.59
N LYS BA 156 12.77 17.76 115.76
CA LYS BA 156 12.82 19.20 115.99
C LYS BA 156 14.24 19.74 115.88
N GLU BA 157 15.20 18.84 115.72
CA GLU BA 157 16.60 19.23 115.61
C GLU BA 157 16.93 19.68 114.19
N GLN BA 158 16.49 18.91 113.20
CA GLN BA 158 16.75 19.25 111.80
C GLN BA 158 15.98 20.50 111.39
N VAL BA 159 15.55 21.27 112.39
CA VAL BA 159 14.81 22.50 112.15
C VAL BA 159 15.66 23.69 112.62
N PHE BA 160 16.39 24.28 111.69
CA PHE BA 160 17.25 25.41 112.01
C PHE BA 160 16.77 26.71 111.36
N PRO BA 161 16.55 27.76 112.16
CA PRO BA 161 16.09 29.04 111.62
C PRO BA 161 17.25 29.78 110.93
N VAL BA 162 17.10 30.04 109.63
CA VAL BA 162 18.14 30.73 108.87
C VAL BA 162 18.67 31.94 109.63
N LYS BA 163 17.79 32.65 110.32
CA LYS BA 163 18.19 33.81 111.09
C LYS BA 163 18.85 33.40 112.41
N GLY BA 164 20.09 33.83 112.60
CA GLY BA 164 20.82 33.51 113.80
C GLY BA 164 22.31 33.47 113.54
N GLY BA 165 23.10 33.32 114.60
CA GLY BA 165 24.54 33.27 114.45
C GLY BA 165 25.00 32.00 113.77
N PHE BA 166 24.69 31.87 112.48
CA PHE BA 166 25.07 30.69 111.71
C PHE BA 166 24.52 29.42 112.36
N GLN BA 167 23.63 29.60 113.33
CA GLN BA 167 23.02 28.48 114.03
C GLN BA 167 22.64 27.39 113.04
N ALA BA 168 22.17 27.83 111.87
CA ALA BA 168 21.77 26.91 110.81
C ALA BA 168 23.02 26.31 110.16
N LEU BA 169 23.80 27.16 109.50
CA LEU BA 169 25.01 26.72 108.84
C LEU BA 169 25.83 25.82 109.77
N LYS BA 170 26.09 26.32 110.97
CA LYS BA 170 26.85 25.57 111.96
C LYS BA 170 26.14 24.27 112.32
N GLY BA 171 25.05 24.38 113.09
CA GLY BA 171 24.31 23.22 113.50
C GLY BA 171 24.08 22.18 112.41
N ILE BA 172 23.90 22.64 111.17
CA ILE BA 172 23.67 21.74 110.05
C ILE BA 172 24.96 21.12 109.50
N ILE BA 173 25.86 21.98 109.01
CA ILE BA 173 27.12 21.51 108.46
C ILE BA 173 27.84 20.59 109.45
N ASN BA 174 27.70 20.91 110.74
CA ASN BA 174 28.34 20.11 111.79
C ASN BA 174 27.52 18.86 112.10
N SER BA 175 26.27 18.83 111.65
CA SER BA 175 25.40 17.69 111.87
C SER BA 175 25.54 16.75 110.68
N ILE BA 176 26.06 17.29 109.58
CA ILE BA 176 26.28 16.52 108.37
C ILE BA 176 27.67 15.89 108.42
N LEU BA 177 28.62 16.64 108.96
CA LEU BA 177 30.00 16.15 109.09
C LEU BA 177 30.09 15.17 110.24
N ALA BA 178 29.03 15.12 111.06
CA ALA BA 178 28.97 14.22 112.19
C ALA BA 178 28.68 12.81 111.69
N GLN BA 179 28.67 12.68 110.36
CA GLN BA 179 28.42 11.40 109.71
C GLN BA 179 29.58 11.04 108.79
N SER BA 180 30.49 12.00 108.61
CA SER BA 180 31.66 11.79 107.76
C SER BA 180 32.79 11.17 108.57
N CYS BA 181 33.81 10.66 107.87
CA CYS BA 181 34.95 10.04 108.54
C CYS BA 181 35.99 11.09 108.89
#